data_4TNW
#
_entry.id   4TNW
#
_cell.length_a   453.750
_cell.length_b   192.870
_cell.length_c   196.140
_cell.angle_alpha   90.00
_cell.angle_beta   92.27
_cell.angle_gamma   90.00
#
_symmetry.space_group_name_H-M   'C 1 2 1'
#
loop_
_entity.id
_entity.type
_entity.pdbx_description
1 polymer 'Avermectin-sensitive glutamate-gated chloride channel GluCl alpha'
2 polymer 'Mouse monoclonal Fab fragment, heavy chain'
3 polymer 'Mouse monoclonal Fab fragment, light chain'
4 non-polymer 2-acetamido-2-deoxy-beta-D-glucopyranose
5 non-polymer '(2S)-3-(hexadecanoyloxy)-2-[(9Z)-octadec-9-enoyloxy]propyl 2-(trimethylammonio)ethyl phosphate'
6 non-polymer 'CHLORIDE ION'
7 non-polymer GLYCEROL
8 non-polymer DODECYL-BETA-D-MALTOSIDE
#
loop_
_entity_poly.entity_id
_entity_poly.type
_entity_poly.pdbx_seq_one_letter_code
_entity_poly.pdbx_strand_id
1 'polypeptide(L)'
;SDSKILAHLFTSGYDFRVRPPTDNGGPVVVSVNMLLRTISKIDVVNMEYSAQLTLRESWIDKRLSYGVKGDGQPDFVILT
VGHQIWMPDTFFPNEKQAYKHTIDKPNVLIRIHNDGTVLYSVRISLVLSCPMYLQYYPMDVQQCSIDLASYAYTTKDIEY
LWKEHSPLQLKVGLSSSLPSFQLTNTSTTYCTSVTNTGIYSCLRTTIQLKREFSFYLLQLYIPSCMLVIVSWVSFWFDRT
AIPARVTLGVTTLLTMTAQSAGINSQLPPVSYIKAIDVWIGACMTFIFCALLEFALVNHIANAGTTEWNDISKRVDLISR
ALFPVLFFVFNILYWSRFGHHHHHHHH
;
A,B,C,D,E,P,Q,R,S,T
2 'polypeptide(L)'
;EVQLQQSGPELVRPGASMKISCKASGYSFTGYTMNWVKQSHGKNLEWIGLINPYNGGTSYNQKFKGKATLTVDKSSSTAY
MELLSLTSEDSAVYYCARDGDYYRYGRYFDYWGQGTTLTVSSAKTTPPSVYPLAPGSAAQTNSMVTLGCLVKGYFPEPVT
VTWNSGSLSSGVHTFPAVLQSDLYTLSSSVTVPSSTWPSETVTCNVAHPASSTKVDKKIVPRDC
;
F,G,H,I,U,V,W,X,Y,J
3 'polypeptide(L)'
;QAVVTQESALTTSPGETVTLTCRSSTGAVTTINFANWVQEKPDHLFTGLIGGINNRAPGVPARFSGSLIGDKAALTITGA
QTEDEAIYFCALWYSNHWVFGGGTKLTVLGQPKSSPSVTLFPPSSEELETNKATLVCTITDFYPGVVTVDWKVDGTPVTQ
GMETTQPSKQSNNKYMASSYLTLTARAWERHSSYSCQVTHEGHTVEKSLSRADCS
;
K,L,N,O,Z,f,g,h,i,M
#
loop_
_chem_comp.id
_chem_comp.type
_chem_comp.name
_chem_comp.formula
CL non-polymer 'CHLORIDE ION' 'Cl -1'
GOL non-polymer GLYCEROL 'C3 H8 O3'
LMT D-saccharide DODECYL-BETA-D-MALTOSIDE 'C24 H46 O11'
NAG D-saccharide, beta linking 2-acetamido-2-deoxy-beta-D-glucopyranose 'C8 H15 N O6'
POV non-polymer '(2S)-3-(hexadecanoyloxy)-2-[(9Z)-octadec-9-enoyloxy]propyl 2-(trimethylammonio)ethyl phosphate' 'C42 H82 N O8 P'
#
# COMPACT_ATOMS: atom_id res chain seq x y z
N SER A 1 81.55 33.39 -22.30
CA SER A 1 82.22 34.53 -21.68
C SER A 1 82.45 34.26 -20.20
N ASP A 2 81.36 34.11 -19.47
CA ASP A 2 81.39 33.82 -18.03
C ASP A 2 82.07 32.48 -17.73
N SER A 3 81.70 31.44 -18.48
CA SER A 3 82.30 30.12 -18.36
C SER A 3 83.80 30.17 -18.68
N LYS A 4 84.17 31.09 -19.56
CA LYS A 4 85.56 31.29 -19.94
C LYS A 4 86.38 31.86 -18.78
N ILE A 5 85.75 32.68 -17.95
CA ILE A 5 86.40 33.29 -16.79
C ILE A 5 86.52 32.36 -15.58
N LEU A 6 85.41 31.70 -15.23
CA LEU A 6 85.35 30.82 -14.07
C LEU A 6 86.42 29.73 -14.12
N ALA A 7 86.69 29.21 -15.31
CA ALA A 7 87.72 28.20 -15.49
C ALA A 7 89.09 28.77 -15.11
N HIS A 8 89.37 29.99 -15.56
CA HIS A 8 90.66 30.62 -15.32
C HIS A 8 90.97 30.84 -13.84
N LEU A 9 89.92 31.02 -13.04
CA LEU A 9 90.07 31.26 -11.62
C LEU A 9 90.56 30.00 -10.91
N PHE A 10 90.00 28.86 -11.31
CA PHE A 10 90.30 27.60 -10.65
C PHE A 10 91.37 26.76 -11.34
N THR A 11 92.06 27.34 -12.33
CA THR A 11 93.21 26.65 -12.92
C THR A 11 94.43 26.86 -12.04
N SER A 12 94.51 28.03 -11.43
CA SER A 12 95.56 28.30 -10.45
C SER A 12 95.27 27.53 -9.18
N GLY A 13 96.30 27.35 -8.35
CA GLY A 13 96.15 26.63 -7.11
C GLY A 13 95.23 27.36 -6.16
N TYR A 14 93.99 26.92 -6.07
CA TYR A 14 93.01 27.57 -5.21
C TYR A 14 92.45 26.57 -4.21
N ASP A 15 92.23 27.04 -2.99
CA ASP A 15 91.74 26.19 -1.92
C ASP A 15 90.59 26.87 -1.21
N PHE A 16 89.38 26.32 -1.40
CA PHE A 16 88.18 26.88 -0.78
C PHE A 16 88.19 26.64 0.72
N ARG A 17 89.11 25.78 1.16
CA ARG A 17 89.28 25.47 2.57
C ARG A 17 90.13 26.51 3.27
N VAL A 18 90.73 27.41 2.49
CA VAL A 18 91.65 28.40 3.04
C VAL A 18 91.01 29.79 3.06
N ARG A 19 91.12 30.46 4.19
CA ARG A 19 90.59 31.81 4.37
C ARG A 19 91.20 32.78 3.35
N PRO A 20 90.38 33.68 2.79
CA PRO A 20 90.85 34.68 1.82
C PRO A 20 91.93 35.60 2.39
N PRO A 21 92.89 36.00 1.54
CA PRO A 21 94.00 36.87 1.95
C PRO A 21 93.52 38.23 2.43
N THR A 22 94.29 38.85 3.33
CA THR A 22 93.98 40.18 3.81
C THR A 22 95.19 41.10 3.63
N ASP A 23 94.93 42.37 3.38
CA ASP A 23 95.99 43.34 3.11
C ASP A 23 96.94 43.49 4.29
N ASN A 24 96.41 43.36 5.49
CA ASN A 24 97.20 43.54 6.71
C ASN A 24 97.04 42.42 7.72
N GLY A 25 96.66 41.23 7.25
CA GLY A 25 96.52 40.08 8.11
C GLY A 25 95.29 40.10 9.00
N GLY A 26 94.41 41.07 8.76
CA GLY A 26 93.19 41.21 9.55
C GLY A 26 92.17 40.12 9.25
N PRO A 27 90.98 40.24 9.87
CA PRO A 27 89.89 39.27 9.68
C PRO A 27 89.09 39.54 8.42
N VAL A 28 88.38 38.53 7.94
CA VAL A 28 87.50 38.69 6.78
C VAL A 28 86.21 39.38 7.21
N VAL A 29 85.91 40.51 6.58
CA VAL A 29 84.72 41.29 6.91
C VAL A 29 83.53 40.88 6.07
N VAL A 30 82.53 40.27 6.71
CA VAL A 30 81.32 39.84 6.01
C VAL A 30 80.14 40.78 6.25
N SER A 31 79.68 41.46 5.21
CA SER A 31 78.52 42.34 5.31
C SER A 31 77.22 41.55 5.12
N VAL A 32 76.29 41.70 6.05
CA VAL A 32 75.07 40.88 6.07
C VAL A 32 73.78 41.68 5.87
N ASN A 33 72.97 41.23 4.91
CA ASN A 33 71.64 41.77 4.68
C ASN A 33 70.57 40.71 4.92
N MET A 34 69.44 41.11 5.50
CA MET A 34 68.37 40.15 5.82
C MET A 34 67.01 40.56 5.30
N LEU A 35 66.35 39.62 4.63
CA LEU A 35 64.99 39.84 4.12
C LEU A 35 64.02 38.84 4.72
N LEU A 36 63.03 39.33 5.46
CA LEU A 36 62.04 38.46 6.08
C LEU A 36 60.78 38.34 5.22
N ARG A 37 60.46 37.12 4.82
CA ARG A 37 59.30 36.88 3.97
C ARG A 37 58.07 36.61 4.83
N THR A 38 58.18 35.59 5.68
CA THR A 38 57.04 35.20 6.51
C THR A 38 57.40 34.93 7.95
N ILE A 39 56.49 35.30 8.84
CA ILE A 39 56.55 34.91 10.24
C ILE A 39 55.28 34.13 10.54
N SER A 40 55.43 32.91 11.01
CA SER A 40 54.27 32.03 11.21
C SER A 40 54.54 31.02 12.31
N LYS A 41 53.45 30.41 12.77
CA LYS A 41 53.51 29.27 13.68
C LYS A 41 54.24 29.68 14.96
N ILE A 42 53.92 30.87 15.45
CA ILE A 42 54.42 31.32 16.75
C ILE A 42 53.87 30.42 17.84
N ASP A 43 54.76 29.83 18.63
CA ASP A 43 54.34 28.88 19.65
C ASP A 43 54.74 29.41 21.02
N VAL A 44 53.76 29.53 21.89
CA VAL A 44 54.00 30.05 23.23
C VAL A 44 54.27 28.90 24.22
N VAL A 45 53.86 27.71 23.84
CA VAL A 45 54.06 26.53 24.67
C VAL A 45 55.50 26.04 24.57
N ASN A 46 55.99 25.95 23.33
CA ASN A 46 57.33 25.44 23.07
C ASN A 46 58.38 26.54 22.98
N MET A 47 57.93 27.78 23.21
CA MET A 47 58.81 28.95 23.18
C MET A 47 59.60 29.02 21.87
N GLU A 48 58.89 28.98 20.76
CA GLU A 48 59.51 28.99 19.44
C GLU A 48 58.60 29.62 18.40
N TYR A 49 59.19 30.03 17.28
CA TYR A 49 58.42 30.56 16.16
C TYR A 49 59.10 30.20 14.84
N SER A 50 58.31 30.03 13.79
CA SER A 50 58.86 29.71 12.49
C SER A 50 59.03 30.98 11.65
N ALA A 51 60.19 31.11 11.03
CA ALA A 51 60.48 32.28 10.22
C ALA A 51 61.19 31.88 8.95
N GLN A 52 60.69 32.37 7.82
CA GLN A 52 61.32 32.11 6.54
C GLN A 52 61.99 33.38 6.04
N LEU A 53 63.26 33.28 5.62
CA LEU A 53 64.02 34.48 5.29
C LEU A 53 65.07 34.30 4.20
N THR A 54 65.48 35.43 3.60
CA THR A 54 66.54 35.42 2.60
C THR A 54 67.81 36.04 3.18
N LEU A 55 68.87 35.23 3.26
CA LEU A 55 70.13 35.70 3.81
C LEU A 55 71.07 36.18 2.71
N ARG A 56 71.61 37.38 2.89
CA ARG A 56 72.58 37.92 1.95
C ARG A 56 73.89 38.27 2.64
N GLU A 57 74.95 37.56 2.29
CA GLU A 57 76.27 37.82 2.83
C GLU A 57 77.18 38.38 1.75
N SER A 58 78.17 39.17 2.15
CA SER A 58 79.09 39.75 1.19
C SER A 58 80.49 39.93 1.78
N TRP A 59 81.49 39.39 1.08
CA TRP A 59 82.87 39.52 1.49
C TRP A 59 83.76 39.69 0.27
N ILE A 60 85.03 39.99 0.51
CA ILE A 60 85.98 40.22 -0.59
C ILE A 60 87.02 39.10 -0.67
N ASP A 61 87.10 38.45 -1.82
CA ASP A 61 88.08 37.40 -2.05
C ASP A 61 88.96 37.77 -3.24
N LYS A 62 90.13 38.34 -2.97
CA LYS A 62 91.03 38.82 -4.02
C LYS A 62 91.53 37.70 -4.92
N ARG A 63 91.42 36.46 -4.45
CA ARG A 63 91.80 35.31 -5.24
C ARG A 63 90.83 35.11 -6.41
N LEU A 64 89.60 35.59 -6.23
CA LEU A 64 88.55 35.43 -7.23
C LEU A 64 88.45 36.64 -8.16
N SER A 65 89.33 37.60 -7.97
CA SER A 65 89.35 38.82 -8.79
C SER A 65 89.82 38.48 -10.19
N TYR A 66 88.97 38.72 -11.18
CA TYR A 66 89.31 38.35 -12.55
C TYR A 66 89.44 39.53 -13.50
N GLY A 67 89.44 40.75 -12.98
CA GLY A 67 89.46 41.90 -13.86
C GLY A 67 89.58 43.27 -13.21
N VAL A 68 89.85 44.27 -14.03
CA VAL A 68 89.90 45.65 -13.60
C VAL A 68 88.56 46.24 -14.04
N LYS A 69 88.14 47.35 -13.43
CA LYS A 69 86.86 47.98 -13.80
C LYS A 69 86.78 48.45 -15.26
N GLY A 70 87.88 48.93 -15.83
CA GLY A 70 87.81 49.42 -17.18
C GLY A 70 88.25 48.43 -18.24
N ASP A 71 87.61 47.27 -18.21
CA ASP A 71 87.81 46.22 -19.21
C ASP A 71 86.46 45.87 -19.82
N GLY A 72 86.48 45.21 -20.97
CA GLY A 72 85.27 44.72 -21.61
C GLY A 72 84.60 43.55 -20.91
N GLN A 73 85.02 43.24 -19.68
CA GLN A 73 84.48 42.09 -18.97
C GLN A 73 83.37 42.50 -18.00
N PRO A 74 82.34 41.64 -17.84
CA PRO A 74 81.18 41.90 -16.99
C PRO A 74 81.53 42.07 -15.52
N ASP A 75 80.93 43.07 -14.89
CA ASP A 75 81.18 43.39 -13.48
C ASP A 75 81.11 42.16 -12.57
N PHE A 76 80.11 41.32 -12.77
CA PHE A 76 79.96 40.11 -11.96
C PHE A 76 79.68 38.89 -12.81
N VAL A 77 80.06 37.73 -12.29
CA VAL A 77 79.81 36.45 -12.94
C VAL A 77 79.06 35.53 -11.99
N ILE A 78 77.99 34.90 -12.48
CA ILE A 78 77.25 33.94 -11.66
C ILE A 78 78.01 32.63 -11.56
N LEU A 79 78.29 32.21 -10.32
CA LEU A 79 79.04 30.99 -10.10
C LEU A 79 78.24 29.75 -10.46
N THR A 80 78.77 28.95 -11.38
CA THR A 80 78.11 27.73 -11.82
C THR A 80 78.44 26.57 -10.88
N VAL A 81 77.77 25.44 -11.10
CA VAL A 81 77.99 24.26 -10.29
C VAL A 81 79.36 23.65 -10.58
N GLY A 82 79.94 22.99 -9.59
CA GLY A 82 81.21 22.31 -9.77
C GLY A 82 82.42 23.14 -9.35
N HIS A 83 82.17 24.33 -8.84
CA HIS A 83 83.24 25.20 -8.38
C HIS A 83 82.97 25.72 -6.97
N GLN A 84 83.84 25.36 -6.04
CA GLN A 84 83.67 25.78 -4.65
C GLN A 84 84.54 26.98 -4.32
N ILE A 85 83.97 27.95 -3.61
CA ILE A 85 84.72 29.08 -3.10
C ILE A 85 84.64 29.08 -1.58
N TRP A 86 85.62 29.68 -0.92
CA TRP A 86 85.55 29.84 0.53
C TRP A 86 84.29 30.61 0.92
N MET A 87 83.55 30.09 1.89
CA MET A 87 82.37 30.76 2.39
C MET A 87 82.35 30.77 3.92
N PRO A 88 81.83 31.87 4.51
CA PRO A 88 81.71 32.01 5.96
C PRO A 88 80.91 30.88 6.59
N ASP A 89 81.46 30.28 7.64
CA ASP A 89 80.80 29.19 8.35
C ASP A 89 79.68 29.71 9.25
N THR A 90 78.82 30.54 8.68
CA THR A 90 77.75 31.17 9.44
C THR A 90 76.64 30.20 9.81
N PHE A 91 76.06 30.39 10.99
CA PHE A 91 74.94 29.58 11.45
C PHE A 91 74.01 30.42 12.31
N PHE A 92 72.98 29.79 12.86
CA PHE A 92 72.00 30.50 13.69
C PHE A 92 71.94 29.91 15.10
N PRO A 93 72.64 30.54 16.05
CA PRO A 93 72.78 30.09 17.44
C PRO A 93 71.47 29.68 18.11
N ASN A 94 70.40 30.43 17.88
CA ASN A 94 69.13 30.15 18.54
C ASN A 94 68.15 29.40 17.64
N GLU A 95 68.66 28.76 16.60
CA GLU A 95 67.83 27.95 15.71
C GLU A 95 67.66 26.54 16.27
N LYS A 96 66.41 26.09 16.35
CA LYS A 96 66.12 24.74 16.83
C LYS A 96 65.95 23.77 15.67
N GLN A 97 65.43 24.30 14.57
CA GLN A 97 65.22 23.53 13.35
C GLN A 97 65.41 24.47 12.18
N ALA A 98 66.00 23.98 11.10
CA ALA A 98 66.22 24.82 9.93
C ALA A 98 66.40 24.00 8.65
N TYR A 99 65.82 24.49 7.56
CA TYR A 99 65.86 23.79 6.29
C TYR A 99 66.27 24.73 5.16
N LYS A 100 66.94 24.19 4.15
CA LYS A 100 67.18 24.90 2.90
C LYS A 100 66.20 24.44 1.83
N HIS A 101 65.96 25.29 0.84
CA HIS A 101 65.04 24.96 -0.24
C HIS A 101 65.81 24.39 -1.43
N THR A 102 65.46 23.16 -1.83
CA THR A 102 66.21 22.44 -2.86
C THR A 102 65.31 22.08 -4.04
N ILE A 103 64.13 22.71 -4.07
CA ILE A 103 63.13 22.45 -5.09
C ILE A 103 63.63 22.86 -6.47
N ASP A 104 63.50 21.95 -7.44
CA ASP A 104 64.20 22.06 -8.70
C ASP A 104 65.69 22.28 -8.42
N LYS A 105 66.23 23.38 -8.90
CA LYS A 105 67.59 23.79 -8.59
C LYS A 105 67.63 24.36 -7.18
N PRO A 106 68.74 24.14 -6.45
CA PRO A 106 68.81 24.67 -5.09
C PRO A 106 68.75 26.20 -5.10
N ASN A 107 68.15 26.78 -4.07
CA ASN A 107 67.91 28.23 -4.06
C ASN A 107 69.08 29.01 -3.49
N VAL A 108 70.22 28.93 -4.15
CA VAL A 108 71.39 29.72 -3.79
C VAL A 108 71.87 30.57 -4.95
N LEU A 109 72.48 31.70 -4.64
CA LEU A 109 73.05 32.56 -5.67
C LEU A 109 74.38 33.15 -5.22
N ILE A 110 75.42 32.90 -6.00
CA ILE A 110 76.75 33.42 -5.70
C ILE A 110 77.29 34.24 -6.87
N ARG A 111 77.57 35.50 -6.60
CA ARG A 111 78.11 36.40 -7.62
C ARG A 111 79.56 36.77 -7.31
N ILE A 112 80.42 36.63 -8.30
CA ILE A 112 81.81 37.02 -8.16
C ILE A 112 82.10 38.28 -8.97
N HIS A 113 82.23 39.41 -8.30
CA HIS A 113 82.53 40.66 -8.96
C HIS A 113 83.97 40.69 -9.46
N ASN A 114 84.28 41.66 -10.32
CA ASN A 114 85.61 41.76 -10.92
C ASN A 114 86.69 42.07 -9.89
N ASP A 115 86.35 42.90 -8.92
CA ASP A 115 87.31 43.30 -7.88
C ASP A 115 87.58 42.17 -6.90
N GLY A 116 86.73 41.15 -6.92
CA GLY A 116 86.88 40.00 -6.03
C GLY A 116 85.79 39.94 -4.97
N THR A 117 84.88 40.92 -5.00
CA THR A 117 83.78 40.94 -4.06
C THR A 117 82.76 39.85 -4.36
N VAL A 118 82.40 39.07 -3.34
CA VAL A 118 81.44 37.99 -3.51
C VAL A 118 80.10 38.34 -2.89
N LEU A 119 79.03 38.11 -3.65
CA LEU A 119 77.67 38.26 -3.12
C LEU A 119 77.03 36.89 -2.99
N TYR A 120 76.57 36.58 -1.78
CA TYR A 120 75.97 35.27 -1.52
C TYR A 120 74.53 35.42 -1.04
N SER A 121 73.61 34.82 -1.78
CA SER A 121 72.20 34.88 -1.44
C SER A 121 71.63 33.48 -1.28
N VAL A 122 70.81 33.29 -0.25
CA VAL A 122 70.27 31.97 0.03
C VAL A 122 68.91 32.08 0.73
N ARG A 123 67.96 31.25 0.32
CA ARG A 123 66.67 31.19 1.01
C ARG A 123 66.73 30.14 2.11
N ILE A 124 66.35 30.55 3.32
CA ILE A 124 66.41 29.66 4.48
C ILE A 124 65.11 29.71 5.27
N SER A 125 64.65 28.55 5.73
CA SER A 125 63.49 28.46 6.60
C SER A 125 63.92 28.08 8.01
N LEU A 126 63.75 29.00 8.95
CA LEU A 126 64.18 28.77 10.33
C LEU A 126 63.02 28.47 11.27
N VAL A 127 63.33 27.75 12.35
CA VAL A 127 62.42 27.62 13.48
C VAL A 127 63.20 28.02 14.72
N LEU A 128 63.15 29.31 15.04
CA LEU A 128 63.98 29.89 16.08
C LEU A 128 63.32 29.85 17.45
N SER A 129 64.14 29.73 18.50
CA SER A 129 63.63 29.74 19.87
C SER A 129 63.38 31.17 20.33
N CYS A 130 62.24 31.38 20.97
CA CYS A 130 61.88 32.70 21.46
C CYS A 130 61.11 32.56 22.76
N PRO A 131 61.83 32.64 23.90
CA PRO A 131 61.21 32.55 25.22
C PRO A 131 60.17 33.64 25.41
N MET A 132 58.93 33.25 25.67
CA MET A 132 57.84 34.21 25.82
C MET A 132 57.24 34.19 27.21
N TYR A 133 56.66 35.31 27.61
CA TYR A 133 56.13 35.46 28.96
C TYR A 133 54.71 36.03 28.92
N LEU A 134 53.80 35.35 29.61
CA LEU A 134 52.39 35.73 29.53
C LEU A 134 51.85 36.21 30.87
N GLN A 135 52.71 36.81 31.70
CA GLN A 135 52.26 37.37 32.97
C GLN A 135 51.26 38.48 32.74
N TYR A 136 51.44 39.21 31.65
CA TYR A 136 50.52 40.26 31.30
C TYR A 136 49.67 39.76 30.14
N TYR A 137 49.01 38.63 30.33
CA TYR A 137 48.14 38.11 29.29
C TYR A 137 46.76 38.74 29.36
N PRO A 138 46.23 39.20 28.22
CA PRO A 138 46.87 39.14 26.92
C PRO A 138 47.49 40.47 26.49
N MET A 139 47.44 41.49 27.35
CA MET A 139 48.01 42.79 26.99
C MET A 139 49.51 42.78 27.29
N ASP A 140 50.24 41.91 26.59
CA ASP A 140 51.67 41.79 26.77
C ASP A 140 52.42 42.08 25.47
N VAL A 141 53.73 42.07 25.55
CA VAL A 141 54.57 42.32 24.40
C VAL A 141 55.71 41.30 24.40
N GLN A 142 55.98 40.73 23.24
CA GLN A 142 57.03 39.74 23.07
C GLN A 142 58.07 40.24 22.09
N GLN A 143 59.33 39.87 22.32
CA GLN A 143 60.40 40.18 21.38
C GLN A 143 61.18 38.93 21.01
N CYS A 144 61.16 38.61 19.72
CA CYS A 144 61.86 37.44 19.21
C CYS A 144 63.07 37.86 18.39
N SER A 145 64.10 37.01 18.37
CA SER A 145 65.34 37.37 17.73
C SER A 145 65.84 36.31 16.74
N ILE A 146 66.74 36.74 15.85
CA ILE A 146 67.42 35.84 14.93
C ILE A 146 68.92 36.04 15.04
N ASP A 147 69.57 35.25 15.87
CA ASP A 147 71.01 35.37 16.05
C ASP A 147 71.77 34.78 14.88
N LEU A 148 72.89 35.39 14.54
CA LEU A 148 73.68 34.99 13.37
C LEU A 148 75.16 35.13 13.69
N ALA A 149 75.90 34.04 13.56
CA ALA A 149 77.33 34.05 13.90
C ALA A 149 78.09 32.94 13.20
N SER A 150 79.41 32.97 13.34
CA SER A 150 80.28 31.92 12.83
C SER A 150 80.50 30.87 13.90
N TYR A 151 80.71 29.62 13.49
CA TYR A 151 80.83 28.54 14.48
C TYR A 151 82.27 28.21 14.84
N ALA A 152 83.14 28.10 13.84
CA ALA A 152 84.51 27.68 14.07
C ALA A 152 85.49 28.85 14.14
N TYR A 153 85.38 29.77 13.18
CA TYR A 153 86.31 30.89 13.08
C TYR A 153 86.01 31.97 14.12
N THR A 154 87.05 32.40 14.83
CA THR A 154 86.90 33.40 15.88
C THR A 154 86.96 34.82 15.30
N THR A 155 87.12 35.80 16.18
CA THR A 155 87.14 37.21 15.78
C THR A 155 88.38 37.60 14.99
N LYS A 156 89.44 36.80 15.10
CA LYS A 156 90.68 37.13 14.41
C LYS A 156 90.60 36.76 12.93
N ASP A 157 89.65 35.89 12.59
CA ASP A 157 89.52 35.40 11.22
C ASP A 157 88.30 35.98 10.51
N ILE A 158 87.18 36.10 11.22
CA ILE A 158 85.94 36.57 10.61
C ILE A 158 85.22 37.59 11.49
N GLU A 159 84.65 38.61 10.85
CA GLU A 159 83.94 39.67 11.55
C GLU A 159 82.66 40.05 10.80
N TYR A 160 81.52 40.00 11.48
CA TYR A 160 80.23 40.29 10.87
C TYR A 160 79.80 41.74 11.07
N LEU A 161 79.25 42.34 10.01
CA LEU A 161 78.76 43.71 10.07
C LEU A 161 77.46 43.87 9.31
N TRP A 162 76.49 44.55 9.92
CA TRP A 162 75.25 44.88 9.23
C TRP A 162 75.50 45.86 8.09
N LYS A 163 74.79 45.66 6.97
CA LYS A 163 74.90 46.55 5.83
C LYS A 163 74.53 47.98 6.25
N GLU A 164 75.22 48.96 5.67
CA GLU A 164 75.07 50.35 6.07
C GLU A 164 73.66 50.89 5.80
N HIS A 165 73.11 50.53 4.65
CA HIS A 165 71.78 51.01 4.27
C HIS A 165 70.76 49.87 4.27
N SER A 166 69.71 50.04 5.07
CA SER A 166 68.63 49.05 5.20
C SER A 166 69.16 47.64 5.45
N PRO A 167 69.64 47.37 6.67
CA PRO A 167 70.19 46.06 7.02
C PRO A 167 69.10 45.01 7.05
N LEU A 168 67.90 45.41 7.46
CA LEU A 168 66.76 44.52 7.56
C LEU A 168 65.62 44.99 6.66
N GLN A 169 65.09 44.07 5.87
CA GLN A 169 64.00 44.40 4.96
C GLN A 169 62.82 43.45 5.16
N LEU A 170 61.69 43.99 5.59
CA LEU A 170 60.48 43.19 5.75
C LEU A 170 59.75 43.05 4.41
N LYS A 171 58.97 41.99 4.28
CA LYS A 171 58.17 41.79 3.08
C LYS A 171 56.97 42.73 3.15
N VAL A 172 56.34 42.98 2.01
CA VAL A 172 55.28 43.98 1.90
C VAL A 172 54.20 43.89 2.97
N GLY A 173 53.62 42.71 3.16
CA GLY A 173 52.55 42.55 4.13
C GLY A 173 52.89 41.61 5.26
N LEU A 174 53.98 41.89 5.97
CA LEU A 174 54.44 41.00 7.02
C LEU A 174 53.79 41.24 8.37
N SER A 175 53.56 42.51 8.70
CA SER A 175 52.99 42.86 10.00
C SER A 175 51.55 42.36 10.16
N SER A 176 50.84 42.25 9.03
CA SER A 176 49.46 41.78 9.03
C SER A 176 49.39 40.27 8.90
N SER A 177 50.51 39.66 8.54
CA SER A 177 50.60 38.21 8.36
C SER A 177 50.29 37.48 9.64
N LEU A 178 50.63 38.09 10.77
CA LEU A 178 50.41 37.47 12.08
C LEU A 178 48.98 37.70 12.57
N PRO A 179 48.27 36.60 12.87
CA PRO A 179 46.90 36.66 13.38
C PRO A 179 46.82 37.15 14.82
N SER A 180 47.71 36.62 15.67
CA SER A 180 47.68 36.92 17.10
C SER A 180 48.36 38.24 17.45
N PHE A 181 49.46 38.53 16.75
CA PHE A 181 50.30 39.67 17.10
C PHE A 181 50.30 40.74 16.03
N GLN A 182 50.86 41.89 16.38
CA GLN A 182 51.05 42.98 15.43
C GLN A 182 52.51 43.38 15.50
N LEU A 183 53.26 43.17 14.41
CA LEU A 183 54.67 43.50 14.43
C LEU A 183 54.84 45.01 14.47
N THR A 184 55.35 45.49 15.59
CA THR A 184 55.48 46.92 15.83
C THR A 184 56.87 47.49 15.59
N ASN A 185 57.91 46.72 15.91
CA ASN A 185 59.25 47.27 15.90
C ASN A 185 60.29 46.28 15.38
N THR A 186 61.24 46.78 14.59
CA THR A 186 62.38 45.96 14.17
C THR A 186 63.71 46.61 14.50
N SER A 187 64.68 45.81 14.94
CA SER A 187 66.00 46.33 15.27
C SER A 187 67.11 45.36 14.85
N THR A 188 68.23 45.93 14.41
CA THR A 188 69.42 45.14 14.09
C THR A 188 70.57 45.55 14.99
N THR A 189 70.99 44.63 15.85
CA THR A 189 72.05 44.90 16.82
C THR A 189 73.11 43.83 16.77
N TYR A 190 74.18 44.05 17.53
CA TYR A 190 75.29 43.10 17.58
C TYR A 190 75.28 42.33 18.90
N CYS A 191 75.59 41.04 18.82
CA CYS A 191 75.54 40.17 20.00
C CYS A 191 76.84 39.39 20.16
N THR A 192 77.94 40.01 19.74
CA THR A 192 79.26 39.40 19.87
C THR A 192 79.52 39.07 21.34
N SER A 193 79.88 37.83 21.63
CA SER A 193 80.07 37.41 23.02
C SER A 193 81.42 36.74 23.25
N VAL A 194 81.85 36.75 24.51
CA VAL A 194 83.10 36.13 24.90
C VAL A 194 82.84 34.77 25.53
N THR A 195 83.36 33.72 24.90
CA THR A 195 83.15 32.36 25.39
C THR A 195 84.46 31.72 25.84
N ASN A 196 84.37 30.51 26.37
CA ASN A 196 85.53 29.79 26.87
C ASN A 196 86.44 29.35 25.73
N THR A 197 85.90 29.32 24.52
CA THR A 197 86.65 28.91 23.34
C THR A 197 87.18 30.11 22.57
N GLY A 198 86.65 31.29 22.87
CA GLY A 198 87.12 32.51 22.23
C GLY A 198 86.04 33.57 22.07
N ILE A 199 86.39 34.65 21.36
CA ILE A 199 85.46 35.75 21.11
C ILE A 199 84.86 35.63 19.71
N TYR A 200 83.56 35.37 19.63
CA TYR A 200 82.91 35.16 18.34
C TYR A 200 81.97 36.30 17.96
N SER A 201 82.17 36.83 16.76
CA SER A 201 81.32 37.89 16.23
C SER A 201 79.92 37.36 15.95
N CYS A 202 78.92 38.17 16.26
CA CYS A 202 77.53 37.72 16.12
C CYS A 202 76.57 38.87 15.81
N LEU A 203 75.60 38.59 14.95
CA LEU A 203 74.56 39.56 14.60
C LEU A 203 73.21 39.12 15.18
N ARG A 204 72.33 40.08 15.41
CA ARG A 204 71.00 39.76 15.93
C ARG A 204 69.90 40.66 15.38
N THR A 205 68.99 40.05 14.62
CA THR A 205 67.78 40.74 14.18
C THR A 205 66.69 40.53 15.21
N THR A 206 66.03 41.61 15.63
CA THR A 206 65.01 41.50 16.67
C THR A 206 63.68 42.10 16.25
N ILE A 207 62.60 41.34 16.42
CA ILE A 207 61.27 41.83 16.13
C ILE A 207 60.43 41.93 17.40
N GLN A 208 59.65 43.00 17.52
CA GLN A 208 58.80 43.19 18.69
C GLN A 208 57.33 42.97 18.36
N LEU A 209 56.67 42.11 19.12
CA LEU A 209 55.30 41.74 18.84
C LEU A 209 54.35 42.18 19.97
N LYS A 210 53.35 42.97 19.63
CA LYS A 210 52.30 43.32 20.57
C LYS A 210 51.02 42.59 20.20
N ARG A 211 50.30 42.09 21.20
CA ARG A 211 49.07 41.33 20.96
C ARG A 211 47.87 42.27 20.81
N GLU A 212 46.87 41.87 20.03
CA GLU A 212 45.69 42.70 19.80
C GLU A 212 44.77 42.82 21.01
N PHE A 213 44.69 44.03 21.55
CA PHE A 213 43.94 44.32 22.77
C PHE A 213 42.42 44.50 22.59
N SER A 214 41.97 44.86 21.40
CA SER A 214 40.56 45.18 21.17
C SER A 214 39.61 44.01 21.34
N PHE A 215 40.03 42.81 20.95
CA PHE A 215 39.16 41.64 21.05
C PHE A 215 38.82 41.30 22.48
N TYR A 216 39.86 41.07 23.28
CA TYR A 216 39.72 40.69 24.68
C TYR A 216 38.91 41.74 25.43
N LEU A 217 39.06 42.98 24.97
CA LEU A 217 38.29 44.11 25.49
C LEU A 217 36.80 43.93 25.25
N LEU A 218 36.41 43.73 24.00
CA LEU A 218 34.98 43.64 23.68
C LEU A 218 34.41 42.24 23.92
N GLN A 219 35.27 41.24 24.04
CA GLN A 219 34.77 39.88 24.21
C GLN A 219 34.79 39.43 25.67
N LEU A 220 35.70 39.98 26.46
CA LEU A 220 35.77 39.59 27.86
C LEU A 220 35.62 40.78 28.81
N TYR A 221 36.43 41.81 28.63
CA TYR A 221 36.47 42.91 29.59
C TYR A 221 35.17 43.71 29.60
N ILE A 222 34.72 44.16 28.43
CA ILE A 222 33.46 44.92 28.34
C ILE A 222 32.22 44.14 28.81
N PRO A 223 32.01 42.90 28.33
CA PRO A 223 30.78 42.22 28.76
C PRO A 223 30.79 41.87 30.25
N SER A 224 31.96 41.57 30.79
CA SER A 224 32.07 41.21 32.19
C SER A 224 31.86 42.41 33.11
N CYS A 225 32.37 43.57 32.71
CA CYS A 225 32.16 44.80 33.47
C CYS A 225 30.69 45.15 33.55
N MET A 226 29.99 45.04 32.42
CA MET A 226 28.56 45.28 32.36
C MET A 226 27.83 44.22 33.17
N LEU A 227 28.37 43.01 33.18
CA LEU A 227 27.79 41.90 33.92
C LEU A 227 27.86 42.13 35.42
N VAL A 228 29.00 42.62 35.90
CA VAL A 228 29.18 42.93 37.31
C VAL A 228 28.23 44.05 37.76
N ILE A 229 28.06 45.04 36.91
CA ILE A 229 27.15 46.15 37.19
C ILE A 229 25.71 45.66 37.31
N VAL A 230 25.33 44.74 36.42
CA VAL A 230 23.99 44.16 36.44
C VAL A 230 23.74 43.40 37.74
N SER A 231 24.79 42.77 38.26
CA SER A 231 24.69 42.02 39.51
C SER A 231 24.38 42.94 40.69
N TRP A 232 24.69 44.23 40.52
CA TRP A 232 24.49 45.21 41.57
C TRP A 232 23.05 45.69 41.69
N VAL A 233 22.31 45.69 40.57
CA VAL A 233 20.96 46.25 40.57
C VAL A 233 19.96 45.34 41.29
N SER A 234 20.45 44.19 41.79
CA SER A 234 19.63 43.33 42.62
C SER A 234 19.57 43.90 44.03
N PHE A 235 20.52 44.76 44.34
CA PHE A 235 20.56 45.45 45.63
C PHE A 235 19.47 46.50 45.72
N TRP A 236 19.15 47.12 44.57
CA TRP A 236 18.16 48.17 44.52
C TRP A 236 16.75 47.60 44.41
N PHE A 237 16.68 46.28 44.23
CA PHE A 237 15.40 45.57 44.21
C PHE A 237 14.99 45.17 45.63
N ASP A 238 13.69 45.03 45.84
CA ASP A 238 13.15 44.70 47.16
C ASP A 238 13.56 43.28 47.55
N ARG A 239 13.50 43.00 48.85
CA ARG A 239 13.84 41.67 49.35
C ARG A 239 12.76 40.69 48.95
N THR A 240 11.53 41.20 48.91
CA THR A 240 10.34 40.39 48.68
C THR A 240 10.29 39.97 47.21
N ALA A 241 11.02 40.69 46.37
CA ALA A 241 11.08 40.36 44.96
C ALA A 241 12.06 39.23 44.74
N ILE A 242 11.71 38.05 45.25
CA ILE A 242 12.53 36.85 45.10
C ILE A 242 12.73 36.47 43.62
N PRO A 243 11.64 36.44 42.82
CA PRO A 243 11.87 36.09 41.41
C PRO A 243 12.79 37.07 40.69
N ALA A 244 12.82 38.32 41.14
CA ALA A 244 13.67 39.34 40.54
C ALA A 244 15.14 39.14 40.90
N ARG A 245 15.41 38.97 42.19
CA ARG A 245 16.80 38.89 42.67
C ARG A 245 17.43 37.52 42.46
N VAL A 246 16.64 36.46 42.60
CA VAL A 246 17.15 35.11 42.39
C VAL A 246 17.54 34.93 40.94
N THR A 247 16.69 35.40 40.04
CA THR A 247 16.95 35.33 38.62
C THR A 247 18.23 36.07 38.26
N LEU A 248 18.31 37.34 38.65
CA LEU A 248 19.50 38.15 38.38
C LEU A 248 20.79 37.53 38.88
N GLY A 249 20.78 37.04 40.11
CA GLY A 249 21.97 36.44 40.70
C GLY A 249 22.48 35.23 39.94
N VAL A 250 21.58 34.29 39.66
CA VAL A 250 21.95 33.05 38.99
C VAL A 250 22.24 33.27 37.50
N THR A 251 21.37 34.03 36.84
CA THR A 251 21.53 34.32 35.41
C THR A 251 22.85 35.00 35.12
N THR A 252 23.16 36.04 35.90
CA THR A 252 24.40 36.79 35.71
C THR A 252 25.61 35.90 35.95
N LEU A 253 25.54 35.07 36.99
CA LEU A 253 26.64 34.18 37.33
C LEU A 253 26.84 33.09 36.28
N LEU A 254 25.72 32.52 35.82
CA LEU A 254 25.76 31.48 34.79
C LEU A 254 26.32 32.05 33.49
N THR A 255 25.94 33.28 33.18
CA THR A 255 26.43 33.97 31.98
C THR A 255 27.93 34.23 32.08
N MET A 256 28.38 34.59 33.29
CA MET A 256 29.80 34.85 33.54
C MET A 256 30.67 33.60 33.38
N THR A 257 30.15 32.46 33.78
CA THR A 257 30.88 31.21 33.66
C THR A 257 31.18 30.90 32.20
N ALA A 258 30.21 31.17 31.34
CA ALA A 258 30.35 30.95 29.91
C ALA A 258 31.46 31.81 29.33
N GLN A 259 31.57 33.03 29.83
CA GLN A 259 32.60 33.96 29.37
C GLN A 259 34.01 33.42 29.64
N SER A 260 34.20 32.86 30.84
CA SER A 260 35.49 32.33 31.25
C SER A 260 35.91 31.11 30.43
N ALA A 261 34.95 30.26 30.12
CA ALA A 261 35.22 29.04 29.35
C ALA A 261 35.66 29.34 27.92
N GLY A 262 35.03 30.33 27.30
CA GLY A 262 35.37 30.71 25.94
C GLY A 262 36.77 31.29 25.79
N ILE A 263 37.18 32.11 26.76
CA ILE A 263 38.51 32.71 26.74
C ILE A 263 39.60 31.66 26.97
N ASN A 264 39.30 30.65 27.78
CA ASN A 264 40.29 29.63 28.11
C ASN A 264 40.78 28.81 26.92
N SER A 265 39.88 28.46 26.00
CA SER A 265 40.26 27.67 24.84
C SER A 265 41.21 28.45 23.95
N GLN A 266 40.86 29.70 23.71
CA GLN A 266 41.63 30.59 22.83
C GLN A 266 43.06 30.81 23.36
N LEU A 267 43.17 30.91 24.67
CA LEU A 267 44.44 31.15 25.34
C LEU A 267 45.21 29.85 25.49
N PRO A 268 46.50 29.87 25.13
CA PRO A 268 47.35 28.69 25.28
C PRO A 268 47.52 28.25 26.72
N PRO A 269 47.63 26.94 26.94
CA PRO A 269 47.70 26.41 28.30
C PRO A 269 49.01 26.78 28.98
N VAL A 270 48.94 27.40 30.17
CA VAL A 270 50.13 27.78 30.90
C VAL A 270 50.01 27.45 32.39
N SER A 271 51.10 26.94 32.96
CA SER A 271 51.07 26.49 34.36
C SER A 271 51.12 27.65 35.34
N TYR A 272 51.65 28.81 34.94
CA TYR A 272 51.71 29.96 35.85
C TYR A 272 50.51 30.90 35.70
N ILE A 273 50.24 31.67 36.75
CA ILE A 273 49.13 32.64 36.77
C ILE A 273 49.32 33.78 35.78
N LYS A 274 48.29 34.04 34.98
CA LYS A 274 48.31 35.11 34.00
C LYS A 274 47.38 36.25 34.40
N ALA A 275 47.55 37.41 33.77
CA ALA A 275 46.72 38.57 34.06
C ALA A 275 45.25 38.30 33.74
N ILE A 276 45.01 37.45 32.75
CA ILE A 276 43.66 37.12 32.31
C ILE A 276 42.96 36.27 33.37
N ASP A 277 43.74 35.52 34.15
CA ASP A 277 43.21 34.66 35.19
C ASP A 277 42.73 35.48 36.39
N VAL A 278 43.50 36.52 36.71
CA VAL A 278 43.17 37.41 37.81
C VAL A 278 41.85 38.13 37.58
N TRP A 279 41.69 38.69 36.37
CA TRP A 279 40.52 39.48 36.06
C TRP A 279 39.27 38.61 35.90
N ILE A 280 39.48 37.33 35.64
CA ILE A 280 38.37 36.37 35.56
C ILE A 280 37.90 35.98 36.95
N GLY A 281 38.84 35.63 37.83
CA GLY A 281 38.52 35.19 39.18
C GLY A 281 37.86 36.26 40.01
N ALA A 282 38.20 37.52 39.75
CA ALA A 282 37.61 38.64 40.48
C ALA A 282 36.15 38.85 40.10
N CYS A 283 35.90 39.00 38.80
CA CYS A 283 34.55 39.20 38.29
C CYS A 283 33.65 38.03 38.69
N MET A 284 34.24 36.85 38.76
CA MET A 284 33.54 35.66 39.19
C MET A 284 33.12 35.79 40.65
N THR A 285 34.00 36.39 41.45
CA THR A 285 33.75 36.57 42.87
C THR A 285 32.69 37.63 43.16
N PHE A 286 32.85 38.79 42.52
CA PHE A 286 31.91 39.91 42.71
C PHE A 286 30.47 39.53 42.43
N ILE A 287 30.26 38.73 41.40
CA ILE A 287 28.93 38.28 41.03
C ILE A 287 28.43 37.19 41.98
N PHE A 288 29.35 36.33 42.41
CA PHE A 288 29.02 35.26 43.34
C PHE A 288 28.62 35.83 44.70
N CYS A 289 29.34 36.85 45.14
CA CYS A 289 29.08 37.49 46.43
C CYS A 289 27.78 38.29 46.38
N ALA A 290 27.48 38.87 45.22
CA ALA A 290 26.24 39.62 45.02
C ALA A 290 25.04 38.69 45.21
N LEU A 291 25.18 37.45 44.76
CA LEU A 291 24.16 36.43 44.95
C LEU A 291 24.15 35.97 46.40
N LEU A 292 25.35 35.86 46.97
CA LEU A 292 25.51 35.46 48.37
C LEU A 292 24.89 36.48 49.31
N GLU A 293 25.00 37.76 48.95
CA GLU A 293 24.43 38.84 49.74
C GLU A 293 22.93 38.66 49.88
N PHE A 294 22.27 38.28 48.79
CA PHE A 294 20.83 38.06 48.82
C PHE A 294 20.44 36.93 49.77
N ALA A 295 21.25 35.88 49.77
CA ALA A 295 20.99 34.72 50.64
C ALA A 295 21.08 35.12 52.11
N LEU A 296 22.06 35.95 52.44
CA LEU A 296 22.22 36.45 53.80
C LEU A 296 21.07 37.40 54.16
N VAL A 297 20.71 38.25 53.22
CA VAL A 297 19.63 39.21 53.40
C VAL A 297 18.28 38.53 53.54
N ASN A 298 18.00 37.58 52.65
CA ASN A 298 16.73 36.87 52.65
C ASN A 298 16.53 36.01 53.90
N HIS A 299 17.64 35.53 54.47
CA HIS A 299 17.58 34.73 55.68
C HIS A 299 17.10 35.51 56.88
N ILE A 300 17.80 36.60 57.20
CA ILE A 300 17.47 37.40 58.36
C ILE A 300 16.13 38.14 58.19
N ALA A 301 15.73 38.38 56.95
CA ALA A 301 14.47 39.03 56.68
C ALA A 301 13.25 38.14 56.97
N ASN A 302 13.37 36.85 56.67
CA ASN A 302 12.21 35.95 56.67
C ASN A 302 11.47 35.74 58.01
N ALA A 303 12.18 35.79 59.13
CA ALA A 303 11.55 35.59 60.43
C ALA A 303 10.69 36.77 60.86
N GLY A 304 10.54 37.75 59.97
CA GLY A 304 9.67 38.89 60.20
C GLY A 304 9.71 39.56 61.58
N THR A 305 10.91 39.92 62.01
CA THR A 305 11.05 40.71 63.22
C THR A 305 11.56 42.08 62.79
N THR A 306 11.04 43.14 63.41
CA THR A 306 11.33 44.49 62.94
C THR A 306 12.82 44.83 63.01
N GLU A 307 13.50 44.34 64.05
CA GLU A 307 14.94 44.52 64.15
C GLU A 307 15.65 43.86 62.97
N TRP A 308 15.39 42.57 62.74
CA TRP A 308 16.05 41.87 61.65
C TRP A 308 15.75 42.53 60.30
N ASN A 309 14.47 42.84 60.08
CA ASN A 309 14.06 43.65 58.95
C ASN A 309 15.03 44.80 58.70
N ASP A 310 15.07 45.72 59.67
CA ASP A 310 15.99 46.85 59.64
C ASP A 310 17.44 46.48 59.30
N ILE A 311 17.87 45.31 59.76
CA ILE A 311 19.23 44.83 59.47
C ILE A 311 19.36 44.50 57.99
N SER A 312 18.34 43.81 57.47
CA SER A 312 18.30 43.38 56.08
C SER A 312 18.45 44.56 55.12
N LYS A 313 17.70 45.62 55.38
CA LYS A 313 17.74 46.83 54.58
C LYS A 313 19.13 47.45 54.64
N ARG A 314 19.74 47.45 55.82
CA ARG A 314 21.09 47.96 56.03
C ARG A 314 22.11 47.25 55.15
N VAL A 315 22.00 45.92 55.09
CA VAL A 315 22.86 45.11 54.25
C VAL A 315 22.70 45.48 52.78
N ASP A 316 21.45 45.75 52.37
CA ASP A 316 21.18 46.18 51.02
C ASP A 316 21.87 47.51 50.77
N LEU A 317 21.86 48.37 51.79
CA LEU A 317 22.48 49.69 51.72
C LEU A 317 23.99 49.60 51.56
N ILE A 318 24.63 48.71 52.33
CA ILE A 318 26.09 48.64 52.27
C ILE A 318 26.48 48.01 50.93
N SER A 319 25.57 47.22 50.37
CA SER A 319 25.85 46.58 49.08
C SER A 319 25.85 47.56 47.92
N ARG A 320 24.99 48.57 47.99
CA ARG A 320 24.91 49.58 46.93
C ARG A 320 26.10 50.51 46.91
N ALA A 321 26.88 50.53 47.98
CA ALA A 321 28.04 51.41 48.06
C ALA A 321 29.36 50.64 48.10
N LEU A 322 29.41 49.58 48.90
CA LEU A 322 30.64 48.84 49.10
C LEU A 322 31.08 48.16 47.80
N PHE A 323 30.16 47.43 47.17
CA PHE A 323 30.48 46.71 45.93
C PHE A 323 30.96 47.61 44.80
N PRO A 324 30.25 48.73 44.52
CA PRO A 324 30.78 49.57 43.43
C PRO A 324 32.13 50.21 43.78
N VAL A 325 32.32 50.56 45.06
CA VAL A 325 33.57 51.15 45.50
C VAL A 325 34.69 50.11 45.46
N LEU A 326 34.42 48.94 46.01
CA LEU A 326 35.39 47.84 46.02
C LEU A 326 35.79 47.45 44.60
N PHE A 327 34.82 47.47 43.69
CA PHE A 327 35.09 47.16 42.29
C PHE A 327 35.94 48.24 41.64
N PHE A 328 35.70 49.49 42.05
CA PHE A 328 36.49 50.61 41.54
C PHE A 328 37.92 50.54 42.09
N VAL A 329 38.03 50.10 43.34
CA VAL A 329 39.33 49.90 43.98
C VAL A 329 40.09 48.80 43.26
N PHE A 330 39.38 47.71 42.93
CA PHE A 330 39.99 46.60 42.22
C PHE A 330 40.55 47.03 40.87
N ASN A 331 39.75 47.77 40.12
CA ASN A 331 40.17 48.25 38.80
C ASN A 331 41.42 49.11 38.87
N ILE A 332 41.49 49.96 39.89
CA ILE A 332 42.69 50.76 40.12
C ILE A 332 43.90 49.86 40.39
N LEU A 333 43.69 48.86 41.25
CA LEU A 333 44.77 47.93 41.58
C LEU A 333 45.18 47.08 40.37
N TYR A 334 44.18 46.62 39.62
CA TYR A 334 44.44 45.74 38.48
C TYR A 334 45.16 46.45 37.34
N TRP A 335 44.58 47.55 36.87
CA TRP A 335 45.09 48.24 35.68
C TRP A 335 46.37 49.03 35.94
N SER A 336 46.63 49.41 37.18
CA SER A 336 47.89 50.07 37.50
C SER A 336 49.01 49.04 37.58
N ARG A 337 48.62 47.78 37.74
CA ARG A 337 49.58 46.68 37.81
C ARG A 337 49.84 46.13 36.40
N PHE A 338 48.77 45.99 35.63
CA PHE A 338 48.87 45.44 34.28
C PHE A 338 48.59 46.48 33.19
N GLY A 339 48.99 47.73 33.43
CA GLY A 339 48.74 48.76 32.43
C GLY A 339 49.95 49.12 31.58
N HIS A 340 51.11 48.57 31.95
CA HIS A 340 52.36 48.83 31.23
C HIS A 340 53.48 48.11 31.97
N HIS A 341 54.39 47.50 31.19
CA HIS A 341 55.44 46.67 31.74
C HIS A 341 56.80 47.35 31.68
N HIS A 342 57.55 47.26 32.78
CA HIS A 342 58.92 47.78 32.86
C HIS A 342 58.98 49.28 32.59
N SER B 1 99.84 27.99 6.43
CA SER B 1 100.38 27.61 7.73
C SER B 1 99.67 26.39 8.29
N ASP B 2 98.39 26.55 8.61
CA ASP B 2 97.57 25.46 9.12
C ASP B 2 97.41 24.34 8.10
N SER B 3 97.11 24.71 6.86
CA SER B 3 96.99 23.74 5.77
C SER B 3 98.31 23.01 5.53
N LYS B 4 99.41 23.70 5.83
CA LYS B 4 100.74 23.13 5.69
C LYS B 4 100.98 22.03 6.71
N ILE B 5 100.38 22.20 7.89
CA ILE B 5 100.51 21.23 8.98
C ILE B 5 99.62 20.00 8.81
N LEU B 6 98.35 20.24 8.51
CA LEU B 6 97.37 19.17 8.34
C LEU B 6 97.78 18.15 7.29
N ALA B 7 98.39 18.63 6.21
CA ALA B 7 98.86 17.74 5.15
C ALA B 7 99.93 16.78 5.66
N HIS B 8 100.87 17.28 6.45
CA HIS B 8 101.97 16.47 6.97
C HIS B 8 101.51 15.33 7.87
N LEU B 9 100.39 15.53 8.55
CA LEU B 9 99.84 14.52 9.45
C LEU B 9 99.29 13.33 8.68
N PHE B 10 98.60 13.61 7.58
CA PHE B 10 97.88 12.58 6.85
C PHE B 10 98.63 12.01 5.65
N THR B 11 99.89 12.40 5.48
CA THR B 11 100.75 11.77 4.48
C THR B 11 101.38 10.51 5.06
N SER B 12 101.66 10.55 6.36
CA SER B 12 102.17 9.38 7.06
C SER B 12 101.07 8.33 7.16
N GLY B 13 101.45 7.09 7.42
CA GLY B 13 100.47 6.02 7.50
C GLY B 13 99.55 6.25 8.68
N TYR B 14 98.38 6.80 8.40
CA TYR B 14 97.41 7.11 9.45
C TYR B 14 96.07 6.45 9.14
N ASP B 15 95.42 5.94 10.17
CA ASP B 15 94.14 5.27 10.02
C ASP B 15 93.15 5.79 11.06
N PHE B 16 92.15 6.53 10.60
CA PHE B 16 91.15 7.10 11.49
C PHE B 16 90.26 6.01 12.07
N ARG B 17 90.35 4.83 11.47
CA ARG B 17 89.59 3.68 11.91
C ARG B 17 90.26 2.95 13.08
N VAL B 18 91.48 3.37 13.40
CA VAL B 18 92.26 2.73 14.44
C VAL B 18 92.29 3.59 15.70
N ARG B 19 92.03 2.95 16.85
CA ARG B 19 92.05 3.62 18.14
C ARG B 19 93.42 4.23 18.42
N PRO B 20 93.45 5.44 19.00
CA PRO B 20 94.69 6.14 19.35
C PRO B 20 95.54 5.35 20.34
N PRO B 21 96.87 5.44 20.18
CA PRO B 21 97.82 4.75 21.07
C PRO B 21 97.72 5.23 22.51
N THR B 22 98.04 4.35 23.44
CA THR B 22 98.07 4.71 24.86
C THR B 22 99.44 4.35 25.44
N ASP B 23 99.90 5.12 26.41
CA ASP B 23 101.24 4.95 26.98
C ASP B 23 101.42 3.57 27.63
N ASN B 24 100.36 3.00 28.18
CA ASN B 24 100.45 1.73 28.87
C ASN B 24 99.40 0.73 28.43
N GLY B 25 98.88 0.91 27.21
CA GLY B 25 97.89 -0.01 26.66
C GLY B 25 96.51 0.16 27.27
N GLY B 26 96.35 1.22 28.08
CA GLY B 26 95.09 1.50 28.70
C GLY B 26 94.04 2.02 27.74
N PRO B 27 92.87 2.40 28.26
CA PRO B 27 91.77 2.92 27.44
C PRO B 27 91.94 4.39 27.10
N VAL B 28 91.28 4.85 26.05
CA VAL B 28 91.30 6.27 25.70
C VAL B 28 90.37 7.04 26.63
N VAL B 29 90.92 8.02 27.33
CA VAL B 29 90.14 8.80 28.28
C VAL B 29 89.54 10.03 27.62
N VAL B 30 88.21 10.05 27.49
CA VAL B 30 87.51 11.15 26.87
C VAL B 30 86.84 12.06 27.91
N SER B 31 87.32 13.30 28.00
CA SER B 31 86.74 14.29 28.91
C SER B 31 85.55 14.97 28.26
N VAL B 32 84.41 14.98 28.96
CA VAL B 32 83.17 15.47 28.38
C VAL B 32 82.63 16.72 29.07
N ASN B 33 82.36 17.75 28.28
CA ASN B 33 81.70 18.95 28.76
C ASN B 33 80.35 19.12 28.06
N MET B 34 79.33 19.55 28.80
CA MET B 34 77.99 19.65 28.22
C MET B 34 77.35 21.02 28.48
N LEU B 35 76.84 21.63 27.42
CA LEU B 35 76.18 22.92 27.51
C LEU B 35 74.73 22.87 27.01
N LEU B 36 73.78 23.19 27.87
CA LEU B 36 72.35 23.16 27.52
C LEU B 36 71.84 24.51 27.06
N ARG B 37 71.30 24.55 25.84
CA ARG B 37 70.80 25.79 25.26
C ARG B 37 69.31 25.97 25.59
N THR B 38 68.50 25.03 25.15
CA THR B 38 67.05 25.10 25.35
C THR B 38 66.44 23.75 25.73
N ILE B 39 65.42 23.80 26.59
CA ILE B 39 64.60 22.65 26.88
C ILE B 39 63.15 22.99 26.54
N SER B 40 62.51 22.18 25.70
CA SER B 40 61.18 22.52 25.22
C SER B 40 60.31 21.32 24.88
N LYS B 41 59.01 21.56 24.77
CA LYS B 41 58.04 20.59 24.28
C LYS B 41 58.04 19.33 25.15
N ILE B 42 58.07 19.53 26.46
CA ILE B 42 57.94 18.43 27.42
C ILE B 42 56.59 17.74 27.27
N ASP B 43 56.62 16.41 27.08
CA ASP B 43 55.40 15.65 26.85
C ASP B 43 55.21 14.59 27.93
N VAL B 44 54.04 14.60 28.55
CA VAL B 44 53.73 13.63 29.59
C VAL B 44 53.10 12.39 28.97
N VAL B 45 52.56 12.53 27.76
CA VAL B 45 51.93 11.40 27.07
C VAL B 45 52.97 10.46 26.48
N ASN B 46 53.95 11.02 25.78
CA ASN B 46 54.98 10.20 25.13
C ASN B 46 56.21 10.01 26.00
N MET B 47 56.16 10.56 27.22
CA MET B 47 57.26 10.46 28.17
C MET B 47 58.56 10.91 27.52
N GLU B 48 58.57 12.12 26.99
CA GLU B 48 59.73 12.65 26.30
C GLU B 48 59.82 14.17 26.40
N TYR B 49 61.01 14.70 26.15
CA TYR B 49 61.21 16.14 26.11
C TYR B 49 62.30 16.48 25.09
N SER B 50 62.18 17.65 24.48
CA SER B 50 63.16 18.08 23.48
C SER B 50 64.20 19.00 24.13
N ALA B 51 65.47 18.74 23.83
CA ALA B 51 66.56 19.53 24.38
C ALA B 51 67.66 19.77 23.35
N GLN B 52 68.09 21.02 23.24
CA GLN B 52 69.18 21.37 22.34
C GLN B 52 70.43 21.66 23.16
N LEU B 53 71.55 21.06 22.77
CA LEU B 53 72.76 21.16 23.56
C LEU B 53 74.04 21.10 22.74
N THR B 54 75.12 21.60 23.32
CA THR B 54 76.43 21.55 22.68
C THR B 54 77.33 20.54 23.38
N LEU B 55 77.75 19.52 22.65
CA LEU B 55 78.60 18.47 23.21
C LEU B 55 80.08 18.76 22.96
N ARG B 56 80.88 18.70 24.02
CA ARG B 56 82.32 18.90 23.90
C ARG B 56 83.10 17.70 24.42
N GLU B 57 83.83 17.05 23.52
CA GLU B 57 84.66 15.91 23.88
C GLU B 57 86.14 16.28 23.75
N SER B 58 86.98 15.62 24.55
CA SER B 58 88.41 15.89 24.50
C SER B 58 89.22 14.65 24.83
N TRP B 59 90.13 14.29 23.92
CA TRP B 59 91.01 13.15 24.12
C TRP B 59 92.40 13.41 23.56
N ILE B 60 93.32 12.49 23.82
CA ILE B 60 94.70 12.64 23.36
C ILE B 60 95.05 11.62 22.29
N ASP B 61 95.47 12.11 21.13
CA ASP B 61 95.90 11.25 20.02
C ASP B 61 97.33 11.59 19.67
N LYS B 62 98.27 10.80 20.17
CA LYS B 62 99.69 11.07 20.02
C LYS B 62 100.13 11.07 18.55
N ARG B 63 99.33 10.48 17.68
CA ARG B 63 99.60 10.48 16.25
C ARG B 63 99.43 11.86 15.64
N LEU B 64 98.61 12.69 16.27
CA LEU B 64 98.31 14.02 15.74
C LEU B 64 99.22 15.09 16.33
N SER B 65 100.13 14.70 17.20
CA SER B 65 101.05 15.64 17.82
C SER B 65 102.06 16.11 16.79
N TYR B 66 102.04 17.40 16.49
CA TYR B 66 102.93 17.94 15.46
C TYR B 66 103.92 18.98 15.99
N GLY B 67 103.98 19.14 17.31
CA GLY B 67 104.83 20.16 17.89
C GLY B 67 104.88 20.16 19.41
N VAL B 68 105.86 20.86 19.95
CA VAL B 68 105.99 21.05 21.39
C VAL B 68 105.50 22.48 21.66
N LYS B 69 105.17 22.82 22.90
CA LYS B 69 104.68 24.17 23.21
C LYS B 69 105.69 25.27 22.91
N GLY B 70 106.98 25.02 23.10
CA GLY B 70 107.95 26.07 22.88
C GLY B 70 108.59 26.02 21.51
N ASP B 71 107.74 26.05 20.49
CA ASP B 71 108.16 26.11 19.10
C ASP B 71 107.49 27.30 18.40
N GLY B 72 108.04 27.70 17.26
CA GLY B 72 107.42 28.72 16.43
C GLY B 72 106.15 28.29 15.69
N GLN B 73 105.29 27.51 16.34
CA GLN B 73 104.07 26.99 15.70
C GLN B 73 102.79 27.28 16.48
N PRO B 74 101.66 27.45 15.76
CA PRO B 74 100.38 27.75 16.41
C PRO B 74 99.92 26.65 17.35
N ASP B 75 99.46 27.05 18.54
CA ASP B 75 99.05 26.12 19.59
C ASP B 75 98.09 25.03 19.11
N PHE B 76 97.05 25.43 18.36
CA PHE B 76 96.08 24.47 17.83
C PHE B 76 95.76 24.77 16.36
N VAL B 77 95.35 23.74 15.64
CA VAL B 77 94.97 23.89 14.24
C VAL B 77 93.55 23.37 13.99
N ILE B 78 92.74 24.18 13.31
CA ILE B 78 91.38 23.77 12.96
C ILE B 78 91.37 22.81 11.76
N LEU B 79 90.79 21.63 11.97
CA LEU B 79 90.73 20.60 10.94
C LEU B 79 89.76 20.95 9.82
N THR B 80 90.24 20.96 8.59
CA THR B 80 89.41 21.28 7.43
C THR B 80 88.67 20.05 6.91
N VAL B 81 87.77 20.26 5.95
CA VAL B 81 86.98 19.18 5.39
C VAL B 81 87.83 18.26 4.51
N GLY B 82 87.45 16.99 4.42
CA GLY B 82 88.14 16.04 3.58
C GLY B 82 89.20 15.24 4.31
N HIS B 83 89.31 15.50 5.61
CA HIS B 83 90.30 14.82 6.44
C HIS B 83 89.68 14.24 7.71
N GLN B 84 89.74 12.92 7.85
CA GLN B 84 89.15 12.25 8.99
C GLN B 84 90.17 11.87 10.08
N ILE B 85 89.80 12.11 11.33
CA ILE B 85 90.56 11.68 12.49
C ILE B 85 89.71 10.71 13.29
N TRP B 86 90.34 9.84 14.06
CA TRP B 86 89.60 8.94 14.95
C TRP B 86 88.75 9.74 15.93
N MET B 87 87.47 9.37 16.02
CA MET B 87 86.57 9.99 16.98
C MET B 87 85.74 8.92 17.70
N PRO B 88 85.48 9.13 19.00
CA PRO B 88 84.66 8.23 19.81
C PRO B 88 83.26 8.02 19.23
N ASP B 89 82.84 6.77 19.06
CA ASP B 89 81.52 6.46 18.54
C ASP B 89 80.44 6.71 19.59
N THR B 90 80.48 7.89 20.20
CA THR B 90 79.57 8.24 21.27
C THR B 90 78.14 8.44 20.80
N PHE B 91 77.18 8.04 21.63
CA PHE B 91 75.76 8.22 21.32
C PHE B 91 74.95 8.48 22.59
N PHE B 92 73.63 8.59 22.42
CA PHE B 92 72.75 8.88 23.55
C PHE B 92 71.73 7.75 23.74
N PRO B 93 72.01 6.86 24.70
CA PRO B 93 71.21 5.65 25.00
C PRO B 93 69.70 5.91 25.11
N ASN B 94 69.31 7.01 25.75
CA ASN B 94 67.90 7.29 25.97
C ASN B 94 67.33 8.30 24.96
N GLU B 95 68.02 8.46 23.83
CA GLU B 95 67.53 9.33 22.77
C GLU B 95 66.55 8.60 21.88
N LYS B 96 65.39 9.22 21.65
CA LYS B 96 64.38 8.62 20.77
C LYS B 96 64.49 9.21 19.38
N GLN B 97 64.88 10.47 19.30
CA GLN B 97 65.07 11.19 18.05
C GLN B 97 66.19 12.18 18.23
N ALA B 98 67.00 12.37 17.19
CA ALA B 98 68.11 13.31 17.29
C ALA B 98 68.60 13.80 15.92
N TYR B 99 68.93 15.09 15.84
CA TYR B 99 69.37 15.70 14.59
C TYR B 99 70.63 16.54 14.78
N LYS B 100 71.46 16.60 13.74
CA LYS B 100 72.58 17.54 13.71
C LYS B 100 72.23 18.75 12.83
N HIS B 101 72.90 19.87 13.09
CA HIS B 101 72.62 21.12 12.38
C HIS B 101 73.56 21.33 11.19
N THR B 102 72.98 21.47 10.00
CA THR B 102 73.78 21.55 8.77
C THR B 102 73.57 22.81 7.94
N ILE B 103 72.93 23.84 8.49
CA ILE B 103 72.64 25.05 7.72
C ILE B 103 73.90 25.80 7.34
N ASP B 104 74.02 26.12 6.05
CA ASP B 104 75.28 26.56 5.46
C ASP B 104 76.33 25.51 5.81
N LYS B 105 77.39 25.90 6.51
CA LYS B 105 78.34 24.90 7.00
C LYS B 105 77.73 24.12 8.18
N PRO B 106 78.02 22.82 8.25
CA PRO B 106 77.54 22.02 9.39
C PRO B 106 78.18 22.51 10.69
N ASN B 107 77.46 22.39 11.80
CA ASN B 107 77.91 22.97 13.06
C ASN B 107 78.82 22.01 13.83
N VAL B 108 79.97 21.72 13.26
CA VAL B 108 80.98 20.92 13.94
C VAL B 108 82.29 21.70 14.03
N LEU B 109 83.06 21.44 15.09
CA LEU B 109 84.35 22.09 15.27
C LEU B 109 85.37 21.12 15.86
N ILE B 110 86.49 20.94 15.16
CA ILE B 110 87.54 20.06 15.63
C ILE B 110 88.87 20.79 15.74
N ARG B 111 89.42 20.82 16.95
CA ARG B 111 90.71 21.45 17.18
C ARG B 111 91.77 20.41 17.48
N ILE B 112 92.89 20.49 16.79
CA ILE B 112 94.02 19.61 17.03
C ILE B 112 95.16 20.38 17.67
N HIS B 113 95.35 20.21 18.98
CA HIS B 113 96.42 20.88 19.69
C HIS B 113 97.79 20.32 19.32
N ASN B 114 98.84 21.04 19.70
CA ASN B 114 100.21 20.65 19.37
C ASN B 114 100.65 19.36 20.04
N ASP B 115 100.22 19.17 21.29
CA ASP B 115 100.59 17.97 22.04
C ASP B 115 99.86 16.73 21.55
N GLY B 116 98.81 16.95 20.74
CA GLY B 116 98.03 15.85 20.19
C GLY B 116 96.63 15.77 20.78
N THR B 117 96.34 16.67 21.71
CA THR B 117 95.02 16.70 22.33
C THR B 117 93.99 17.23 21.34
N VAL B 118 92.89 16.49 21.20
CA VAL B 118 91.83 16.87 20.28
C VAL B 118 90.64 17.44 21.03
N LEU B 119 90.13 18.57 20.57
CA LEU B 119 88.91 19.14 21.10
C LEU B 119 87.81 19.04 20.06
N TYR B 120 86.69 18.42 20.43
CA TYR B 120 85.59 18.19 19.51
C TYR B 120 84.31 18.85 20.01
N SER B 121 83.77 19.76 19.20
CA SER B 121 82.55 20.47 19.57
C SER B 121 81.46 20.28 18.51
N VAL B 122 80.23 20.05 18.97
CA VAL B 122 79.12 19.78 18.06
C VAL B 122 77.77 20.18 18.67
N ARG B 123 76.92 20.82 17.86
CA ARG B 123 75.56 21.14 18.26
C ARG B 123 74.61 20.01 17.90
N ILE B 124 73.83 19.56 18.88
CA ILE B 124 72.91 18.45 18.68
C ILE B 124 71.51 18.78 19.19
N SER B 125 70.49 18.38 18.43
CA SER B 125 69.11 18.53 18.88
C SER B 125 68.54 17.16 19.24
N LEU B 126 68.27 16.97 20.53
CA LEU B 126 67.79 15.68 21.02
C LEU B 126 66.30 15.69 21.36
N VAL B 127 65.70 14.51 21.29
CA VAL B 127 64.36 14.29 21.85
C VAL B 127 64.47 13.07 22.76
N LEU B 128 64.78 13.34 24.03
CA LEU B 128 65.09 12.28 24.99
C LEU B 128 63.86 11.75 25.71
N SER B 129 63.89 10.46 26.05
CA SER B 129 62.79 9.86 26.80
C SER B 129 62.94 10.15 28.28
N CYS B 130 61.82 10.51 28.91
CA CYS B 130 61.81 10.80 30.34
C CYS B 130 60.48 10.35 30.93
N PRO B 131 60.45 9.12 31.44
CA PRO B 131 59.24 8.57 32.07
C PRO B 131 58.81 9.43 33.25
N MET B 132 57.59 9.96 33.20
CA MET B 132 57.12 10.86 34.23
C MET B 132 55.91 10.29 34.97
N TYR B 133 55.74 10.72 36.22
CA TYR B 133 54.69 10.21 37.08
C TYR B 133 53.93 11.34 37.75
N LEU B 134 52.61 11.32 37.64
CA LEU B 134 51.79 12.45 38.09
C LEU B 134 50.86 12.10 39.26
N GLN B 135 51.27 11.17 40.10
CA GLN B 135 50.47 10.79 41.26
C GLN B 135 50.25 11.97 42.20
N TYR B 136 51.22 12.88 42.23
CA TYR B 136 51.16 14.07 43.08
C TYR B 136 50.84 15.32 42.29
N TYR B 137 49.70 15.32 41.62
CA TYR B 137 49.34 16.45 40.78
C TYR B 137 48.72 17.57 41.62
N PRO B 138 49.24 18.81 41.48
CA PRO B 138 50.36 19.11 40.61
C PRO B 138 51.67 19.30 41.37
N MET B 139 51.66 19.03 42.67
CA MET B 139 52.89 19.16 43.46
C MET B 139 53.78 17.96 43.22
N ASP B 140 54.27 17.85 42.00
CA ASP B 140 55.11 16.73 41.71
C ASP B 140 56.47 17.21 41.33
N VAL B 141 57.36 16.25 41.14
CA VAL B 141 58.72 16.54 40.77
C VAL B 141 59.16 15.47 39.78
N GLN B 142 59.79 15.91 38.71
CA GLN B 142 60.25 15.01 37.68
C GLN B 142 61.75 15.14 37.54
N GLN B 143 62.40 14.03 37.18
CA GLN B 143 63.83 14.06 36.90
C GLN B 143 64.09 13.49 35.52
N CYS B 144 64.60 14.32 34.64
CA CYS B 144 64.91 13.91 33.27
C CYS B 144 66.42 13.85 33.07
N SER B 145 66.86 12.95 32.20
CA SER B 145 68.29 12.72 32.04
C SER B 145 68.78 12.76 30.60
N ILE B 146 70.09 12.92 30.45
CA ILE B 146 70.75 12.84 29.16
C ILE B 146 71.89 11.85 29.26
N ASP B 147 71.62 10.58 28.91
CA ASP B 147 72.64 9.55 28.99
C ASP B 147 73.61 9.66 27.82
N LEU B 148 74.88 9.34 28.07
CA LEU B 148 75.93 9.47 27.07
C LEU B 148 76.95 8.34 27.21
N ALA B 149 77.16 7.58 26.14
CA ALA B 149 78.07 6.45 26.18
C ALA B 149 78.57 6.06 24.78
N SER B 150 79.52 5.14 24.74
CA SER B 150 80.01 4.59 23.47
C SER B 150 79.25 3.33 23.10
N TYR B 151 79.15 3.05 21.81
CA TYR B 151 78.33 1.93 21.35
C TYR B 151 79.12 0.64 21.14
N ALA B 152 80.27 0.75 20.49
CA ALA B 152 81.05 -0.43 20.13
C ALA B 152 82.18 -0.73 21.10
N TYR B 153 82.92 0.31 21.48
CA TYR B 153 84.10 0.16 22.33
C TYR B 153 83.73 -0.04 23.81
N THR B 154 84.34 -1.04 24.43
CA THR B 154 84.08 -1.35 25.83
C THR B 154 84.91 -0.50 26.78
N THR B 155 84.97 -0.90 28.03
CA THR B 155 85.71 -0.15 29.05
C THR B 155 87.22 -0.25 28.87
N LYS B 156 87.67 -1.25 28.13
CA LYS B 156 89.11 -1.45 27.95
C LYS B 156 89.65 -0.50 26.88
N ASP B 157 88.77 0.04 26.04
CA ASP B 157 89.19 0.89 24.94
C ASP B 157 88.86 2.35 25.18
N ILE B 158 87.68 2.62 25.74
CA ILE B 158 87.25 4.00 25.95
C ILE B 158 86.61 4.18 27.34
N GLU B 159 86.90 5.31 27.96
CA GLU B 159 86.38 5.61 29.29
C GLU B 159 85.99 7.08 29.38
N TYR B 160 84.75 7.35 29.77
CA TYR B 160 84.23 8.70 29.83
C TYR B 160 84.37 9.31 31.23
N LEU B 161 84.76 10.58 31.27
CA LEU B 161 84.92 11.32 32.52
C LEU B 161 84.41 12.75 32.38
N TRP B 162 83.62 13.20 33.36
CA TRP B 162 83.19 14.59 33.39
C TRP B 162 84.38 15.50 33.62
N LYS B 163 84.40 16.65 32.94
CA LYS B 163 85.45 17.64 33.16
C LYS B 163 85.46 18.07 34.62
N GLU B 164 86.65 18.30 35.17
CA GLU B 164 86.78 18.59 36.60
C GLU B 164 86.10 19.90 36.99
N HIS B 165 86.26 20.92 36.15
CA HIS B 165 85.69 22.23 36.42
C HIS B 165 84.54 22.58 35.48
N SER B 166 83.37 22.85 36.06
CA SER B 166 82.15 23.17 35.31
C SER B 166 81.85 22.17 34.21
N PRO B 167 81.41 20.96 34.59
CA PRO B 167 81.08 19.89 33.65
C PRO B 167 79.82 20.22 32.85
N LEU B 168 78.88 20.88 33.50
CA LEU B 168 77.61 21.23 32.88
C LEU B 168 77.38 22.74 32.88
N GLN B 169 76.98 23.28 31.74
CA GLN B 169 76.72 24.72 31.61
C GLN B 169 75.32 25.00 31.10
N LEU B 170 74.49 25.61 31.94
CA LEU B 170 73.15 26.02 31.54
C LEU B 170 73.20 27.36 30.82
N LYS B 171 72.21 27.60 29.95
CA LYS B 171 72.14 28.88 29.25
C LYS B 171 71.60 29.95 30.21
N VAL B 172 71.83 31.22 29.88
CA VAL B 172 71.53 32.35 30.74
C VAL B 172 70.11 32.32 31.34
N GLY B 173 69.09 32.18 30.51
CA GLY B 173 67.72 32.22 30.97
C GLY B 173 66.98 30.91 30.72
N LEU B 174 67.51 29.82 31.25
CA LEU B 174 66.97 28.50 30.99
C LEU B 174 65.81 28.12 31.92
N SER B 175 65.90 28.51 33.19
CA SER B 175 64.89 28.15 34.18
C SER B 175 63.52 28.73 33.86
N SER B 176 63.50 29.87 33.17
CA SER B 176 62.25 30.54 32.82
C SER B 176 61.74 30.06 31.46
N SER B 177 62.57 29.35 30.72
CA SER B 177 62.20 28.86 29.39
C SER B 177 61.04 27.88 29.43
N LEU B 178 60.96 27.10 30.51
CA LEU B 178 59.89 26.13 30.67
C LEU B 178 58.62 26.76 31.24
N PRO B 179 57.49 26.63 30.51
CA PRO B 179 56.21 27.16 30.97
C PRO B 179 55.62 26.35 32.13
N SER B 180 55.69 25.02 32.02
CA SER B 180 55.07 24.16 33.01
C SER B 180 55.91 23.95 34.27
N PHE B 181 57.22 23.83 34.10
CA PHE B 181 58.09 23.46 35.21
C PHE B 181 59.10 24.54 35.59
N GLN B 182 59.75 24.34 36.73
CA GLN B 182 60.84 25.19 37.18
C GLN B 182 62.03 24.31 37.57
N LEU B 183 63.12 24.46 36.84
CA LEU B 183 64.32 23.65 37.05
C LEU B 183 64.98 23.99 38.39
N THR B 184 65.03 23.00 39.28
CA THR B 184 65.56 23.24 40.62
C THR B 184 67.03 22.83 40.76
N ASN B 185 67.40 21.71 40.18
CA ASN B 185 68.77 21.22 40.30
C ASN B 185 69.29 20.51 39.06
N THR B 186 70.57 20.68 38.80
CA THR B 186 71.26 19.93 37.75
C THR B 186 72.41 19.15 38.35
N SER B 187 72.60 17.93 37.86
CA SER B 187 73.65 17.06 38.39
C SER B 187 74.36 16.28 37.28
N THR B 188 75.65 16.05 37.49
CA THR B 188 76.44 15.26 36.56
C THR B 188 76.93 13.99 37.26
N THR B 189 76.44 12.85 36.78
CA THR B 189 76.78 11.57 37.39
C THR B 189 77.21 10.54 36.34
N TYR B 190 77.63 9.38 36.83
CA TYR B 190 78.03 8.28 35.95
C TYR B 190 76.97 7.18 35.97
N CYS B 191 76.72 6.59 34.80
CA CYS B 191 75.68 5.57 34.69
C CYS B 191 76.21 4.33 33.98
N THR B 192 77.51 4.06 34.18
CA THR B 192 78.15 2.89 33.60
C THR B 192 77.46 1.61 34.03
N SER B 193 77.05 0.79 33.06
CA SER B 193 76.35 -0.44 33.35
C SER B 193 76.99 -1.62 32.64
N VAL B 194 76.77 -2.81 33.17
CA VAL B 194 77.30 -4.04 32.58
C VAL B 194 76.23 -4.76 31.76
N THR B 195 76.48 -4.91 30.47
CA THR B 195 75.54 -5.56 29.57
C THR B 195 76.06 -6.89 29.06
N ASN B 196 75.25 -7.59 28.27
CA ASN B 196 75.62 -8.89 27.75
C ASN B 196 76.73 -8.82 26.71
N THR B 197 76.97 -7.64 26.16
CA THR B 197 78.02 -7.46 25.17
C THR B 197 79.30 -6.94 25.80
N GLY B 198 79.20 -6.45 27.04
CA GLY B 198 80.36 -5.97 27.76
C GLY B 198 80.05 -4.84 28.72
N ILE B 199 81.11 -4.27 29.31
CA ILE B 199 80.97 -3.16 30.25
C ILE B 199 81.26 -1.82 29.57
N TYR B 200 80.24 -0.98 29.45
CA TYR B 200 80.37 0.29 28.73
C TYR B 200 80.33 1.50 29.64
N SER B 201 81.33 2.36 29.51
CA SER B 201 81.40 3.60 30.28
C SER B 201 80.28 4.55 29.84
N CYS B 202 79.67 5.23 30.80
CA CYS B 202 78.52 6.07 30.51
C CYS B 202 78.41 7.28 31.44
N LEU B 203 78.01 8.41 30.87
CA LEU B 203 77.77 9.63 31.63
C LEU B 203 76.27 9.94 31.66
N ARG B 204 75.83 10.66 32.68
CA ARG B 204 74.42 11.02 32.79
C ARG B 204 74.22 12.41 33.38
N THR B 205 73.70 13.31 32.55
CA THR B 205 73.29 14.63 33.02
C THR B 205 71.85 14.55 33.48
N THR B 206 71.56 15.07 34.67
CA THR B 206 70.21 14.98 35.22
C THR B 206 69.67 16.35 35.59
N ILE B 207 68.46 16.63 35.13
CA ILE B 207 67.77 17.86 35.48
C ILE B 207 66.54 17.54 36.32
N GLN B 208 66.30 18.33 37.36
CA GLN B 208 65.15 18.10 38.22
C GLN B 208 64.11 19.20 38.01
N LEU B 209 62.88 18.78 37.71
CA LEU B 209 61.82 19.72 37.38
C LEU B 209 60.70 19.72 38.41
N LYS B 210 60.43 20.88 38.99
CA LYS B 210 59.30 21.06 39.90
C LYS B 210 58.22 21.87 39.20
N ARG B 211 56.96 21.49 39.40
CA ARG B 211 55.85 22.17 38.73
C ARG B 211 55.41 23.41 39.50
N GLU B 212 54.91 24.40 38.77
CA GLU B 212 54.44 25.65 39.37
C GLU B 212 53.16 25.44 40.17
N PHE B 213 53.27 25.51 41.49
CA PHE B 213 52.16 25.25 42.39
C PHE B 213 51.24 26.45 42.61
N SER B 214 51.76 27.66 42.40
CA SER B 214 51.04 28.88 42.72
C SER B 214 49.72 29.05 41.96
N PHE B 215 49.69 28.60 40.71
CA PHE B 215 48.49 28.72 39.90
C PHE B 215 47.36 27.86 40.45
N TYR B 216 47.61 26.55 40.52
CA TYR B 216 46.62 25.58 40.95
C TYR B 216 46.10 25.93 42.34
N LEU B 217 46.98 26.52 43.14
CA LEU B 217 46.62 27.04 44.46
C LEU B 217 45.58 28.14 44.34
N LEU B 218 45.93 29.20 43.60
CA LEU B 218 45.08 30.37 43.51
C LEU B 218 43.99 30.22 42.44
N GLN B 219 44.13 29.21 41.58
CA GLN B 219 43.14 28.98 40.52
C GLN B 219 42.12 27.91 40.88
N LEU B 220 42.55 26.91 41.66
CA LEU B 220 41.65 25.82 42.02
C LEU B 220 41.46 25.60 43.52
N TYR B 221 42.55 25.45 44.26
CA TYR B 221 42.46 25.06 45.66
C TYR B 221 41.80 26.14 46.53
N ILE B 222 42.27 27.37 46.40
CA ILE B 222 41.70 28.48 47.16
C ILE B 222 40.21 28.75 46.87
N PRO B 223 39.81 28.85 45.59
CA PRO B 223 38.39 29.16 45.38
C PRO B 223 37.43 28.02 45.79
N SER B 224 37.87 26.78 45.61
CA SER B 224 37.05 25.63 45.97
C SER B 224 36.92 25.45 47.48
N CYS B 225 38.00 25.75 48.21
CA CYS B 225 37.95 25.72 49.67
C CYS B 225 36.92 26.72 50.17
N MET B 226 36.93 27.91 49.57
CA MET B 226 35.96 28.94 49.91
C MET B 226 34.56 28.48 49.50
N LEU B 227 34.50 27.70 48.43
CA LEU B 227 33.22 27.18 47.94
C LEU B 227 32.63 26.18 48.93
N VAL B 228 33.48 25.31 49.48
CA VAL B 228 33.05 24.35 50.49
C VAL B 228 32.57 25.06 51.75
N ILE B 229 33.28 26.12 52.13
CA ILE B 229 32.90 26.93 53.29
C ILE B 229 31.54 27.60 53.07
N VAL B 230 31.32 28.12 51.87
CA VAL B 230 30.05 28.76 51.54
C VAL B 230 28.89 27.77 51.62
N SER B 231 29.14 26.51 51.26
CA SER B 231 28.11 25.48 51.32
C SER B 231 27.66 25.22 52.76
N TRP B 232 28.50 25.59 53.72
CA TRP B 232 28.21 25.36 55.13
C TRP B 232 27.22 26.38 55.70
N VAL B 233 27.25 27.61 55.18
CA VAL B 233 26.44 28.67 55.74
C VAL B 233 24.95 28.50 55.43
N SER B 234 24.61 27.46 54.67
CA SER B 234 23.22 27.13 54.43
C SER B 234 22.64 26.39 55.63
N PHE B 235 23.53 25.86 56.46
CA PHE B 235 23.14 25.18 57.68
C PHE B 235 22.65 26.17 58.72
N TRP B 236 23.22 27.37 58.69
CA TRP B 236 22.88 28.41 59.65
C TRP B 236 21.61 29.16 59.25
N PHE B 237 21.11 28.85 58.07
CA PHE B 237 19.85 29.43 57.60
C PHE B 237 18.64 28.61 58.05
N ASP B 238 17.52 29.28 58.25
CA ASP B 238 16.28 28.65 58.70
C ASP B 238 15.72 27.77 57.58
N ARG B 239 14.82 26.86 57.93
CA ARG B 239 14.21 25.95 56.97
C ARG B 239 13.25 26.67 56.02
N THR B 240 12.61 27.72 56.51
CA THR B 240 11.58 28.42 55.74
C THR B 240 12.20 29.24 54.61
N ALA B 241 13.49 29.55 54.74
CA ALA B 241 14.19 30.32 53.72
C ALA B 241 14.63 29.44 52.57
N ILE B 242 13.66 28.93 51.81
CA ILE B 242 13.94 28.08 50.65
C ILE B 242 14.77 28.82 49.58
N PRO B 243 14.39 30.06 49.21
CA PRO B 243 15.22 30.73 48.20
C PRO B 243 16.67 30.94 48.64
N ALA B 244 16.90 31.04 49.95
CA ALA B 244 18.25 31.23 50.46
C ALA B 244 19.08 29.96 50.38
N ARG B 245 18.54 28.85 50.85
CA ARG B 245 19.30 27.60 50.93
C ARG B 245 19.38 26.86 49.60
N VAL B 246 18.29 26.90 48.84
CA VAL B 246 18.26 26.23 47.53
C VAL B 246 19.22 26.89 46.55
N THR B 247 19.21 28.23 46.52
CA THR B 247 20.09 28.97 45.64
C THR B 247 21.55 28.67 45.94
N LEU B 248 21.94 28.84 47.20
CA LEU B 248 23.31 28.56 47.63
C LEU B 248 23.76 27.14 47.29
N GLY B 249 22.89 26.18 47.58
CA GLY B 249 23.20 24.78 47.33
C GLY B 249 23.48 24.46 45.87
N VAL B 250 22.59 24.90 44.99
CA VAL B 250 22.73 24.63 43.57
C VAL B 250 23.86 25.45 42.95
N THR B 251 23.91 26.73 43.30
CA THR B 251 24.93 27.64 42.78
C THR B 251 26.34 27.17 43.12
N THR B 252 26.55 26.79 44.38
CA THR B 252 27.86 26.34 44.84
C THR B 252 28.32 25.09 44.11
N LEU B 253 27.38 24.17 43.89
CA LEU B 253 27.68 22.92 43.20
C LEU B 253 28.00 23.15 41.72
N LEU B 254 27.25 24.04 41.08
CA LEU B 254 27.45 24.35 39.67
C LEU B 254 28.81 25.02 39.42
N THR B 255 29.20 25.91 40.33
CA THR B 255 30.48 26.61 40.21
C THR B 255 31.66 25.65 40.35
N MET B 256 31.52 24.67 41.23
CA MET B 256 32.57 23.68 41.46
C MET B 256 32.81 22.85 40.21
N THR B 257 31.74 22.58 39.46
CA THR B 257 31.83 21.83 38.22
C THR B 257 32.69 22.55 37.19
N ALA B 258 32.51 23.87 37.11
CA ALA B 258 33.26 24.69 36.18
C ALA B 258 34.75 24.65 36.51
N GLN B 259 35.05 24.63 37.80
CA GLN B 259 36.42 24.58 38.27
C GLN B 259 37.11 23.31 37.78
N SER B 260 36.39 22.19 37.86
CA SER B 260 36.91 20.90 37.45
C SER B 260 37.21 20.86 35.95
N ALA B 261 36.34 21.49 35.16
CA ALA B 261 36.50 21.53 33.71
C ALA B 261 37.74 22.30 33.27
N GLY B 262 38.04 23.39 33.97
CA GLY B 262 39.21 24.19 33.65
C GLY B 262 40.50 23.42 33.90
N ILE B 263 40.52 22.65 34.97
CA ILE B 263 41.67 21.83 35.31
C ILE B 263 41.84 20.71 34.29
N ASN B 264 40.72 20.23 33.76
CA ASN B 264 40.74 19.16 32.77
C ASN B 264 41.53 19.61 31.54
N SER B 265 41.34 20.88 31.17
CA SER B 265 42.04 21.46 30.03
C SER B 265 43.55 21.52 30.30
N GLN B 266 43.91 22.01 31.47
CA GLN B 266 45.30 22.15 31.90
C GLN B 266 46.01 20.80 31.94
N LEU B 267 45.28 19.80 32.44
CA LEU B 267 45.82 18.47 32.64
C LEU B 267 45.75 17.57 31.41
N PRO B 268 46.90 16.97 31.05
CA PRO B 268 47.00 15.99 29.97
C PRO B 268 46.25 14.71 30.34
N PRO B 269 45.72 13.98 29.36
CA PRO B 269 44.93 12.79 29.71
C PRO B 269 45.81 11.70 30.31
N VAL B 270 45.48 11.24 31.51
CA VAL B 270 46.25 10.20 32.18
C VAL B 270 45.33 9.16 32.82
N SER B 271 45.69 7.89 32.66
CA SER B 271 44.86 6.79 33.14
C SER B 271 44.95 6.50 34.64
N TYR B 272 46.04 6.90 35.30
CA TYR B 272 46.13 6.61 36.73
C TYR B 272 45.60 7.76 37.60
N ILE B 273 45.19 7.43 38.83
CA ILE B 273 44.66 8.42 39.76
C ILE B 273 45.70 9.45 40.18
N LYS B 274 45.36 10.72 40.05
CA LYS B 274 46.26 11.80 40.42
C LYS B 274 45.76 12.53 41.67
N ALA B 275 46.64 13.30 42.29
CA ALA B 275 46.29 14.06 43.48
C ALA B 275 45.20 15.09 43.19
N ILE B 276 45.18 15.60 41.97
CA ILE B 276 44.19 16.60 41.58
C ILE B 276 42.80 15.98 41.47
N ASP B 277 42.76 14.69 41.17
CA ASP B 277 41.50 13.99 40.98
C ASP B 277 40.83 13.73 42.33
N VAL B 278 41.64 13.40 43.32
CA VAL B 278 41.15 13.14 44.67
C VAL B 278 40.55 14.40 45.28
N TRP B 279 41.28 15.50 45.18
CA TRP B 279 40.88 16.75 45.82
C TRP B 279 39.69 17.40 45.11
N ILE B 280 39.47 17.03 43.85
CA ILE B 280 38.31 17.51 43.11
C ILE B 280 37.08 16.72 43.55
N GLY B 281 37.22 15.40 43.59
CA GLY B 281 36.14 14.52 43.97
C GLY B 281 35.66 14.74 45.39
N ALA B 282 36.58 15.15 46.26
CA ALA B 282 36.25 15.42 47.66
C ALA B 282 35.40 16.66 47.80
N CYS B 283 35.89 17.78 47.27
CA CYS B 283 35.17 19.05 47.33
C CYS B 283 33.81 18.93 46.64
N MET B 284 33.76 18.10 45.60
CA MET B 284 32.51 17.86 44.88
C MET B 284 31.50 17.17 45.78
N THR B 285 31.98 16.26 46.62
CA THR B 285 31.11 15.50 47.52
C THR B 285 30.60 16.36 48.68
N PHE B 286 31.51 17.07 49.33
CA PHE B 286 31.17 17.93 50.47
C PHE B 286 30.10 18.96 50.11
N ILE B 287 30.20 19.53 48.91
CA ILE B 287 29.23 20.50 48.44
C ILE B 287 27.92 19.80 48.07
N PHE B 288 28.04 18.61 47.50
CA PHE B 288 26.87 17.82 47.13
C PHE B 288 26.09 17.36 48.36
N CYS B 289 26.82 16.97 49.40
CA CYS B 289 26.20 16.48 50.62
C CYS B 289 25.52 17.61 51.39
N ALA B 290 26.10 18.80 51.31
CA ALA B 290 25.51 19.98 51.94
C ALA B 290 24.15 20.28 51.32
N LEU B 291 24.05 20.05 50.02
CA LEU B 291 22.79 20.21 49.31
C LEU B 291 21.86 19.04 49.63
N LEU B 292 22.44 17.85 49.72
CA LEU B 292 21.70 16.64 50.07
C LEU B 292 21.14 16.74 51.49
N GLU B 293 21.92 17.34 52.38
CA GLU B 293 21.51 17.53 53.76
C GLU B 293 20.22 18.34 53.85
N PHE B 294 20.14 19.38 53.02
CA PHE B 294 18.96 20.25 52.99
C PHE B 294 17.72 19.47 52.55
N ALA B 295 17.89 18.57 51.58
CA ALA B 295 16.79 17.78 51.07
C ALA B 295 16.22 16.87 52.15
N LEU B 296 17.09 16.31 52.98
CA LEU B 296 16.67 15.48 54.10
C LEU B 296 15.95 16.33 55.14
N VAL B 297 16.50 17.51 55.39
CA VAL B 297 15.93 18.44 56.36
C VAL B 297 14.57 18.96 55.90
N ASN B 298 14.48 19.34 54.63
CA ASN B 298 13.24 19.87 54.06
C ASN B 298 12.13 18.83 54.04
N HIS B 299 12.50 17.56 53.91
CA HIS B 299 11.51 16.48 53.89
C HIS B 299 10.79 16.31 55.22
N ILE B 300 11.56 16.07 56.28
CA ILE B 300 10.96 15.83 57.58
C ILE B 300 10.28 17.08 58.11
N ALA B 301 10.75 18.24 57.69
CA ALA B 301 10.18 19.52 58.10
C ALA B 301 8.77 19.74 57.54
N ASN B 302 8.54 19.27 56.32
CA ASN B 302 7.34 19.61 55.55
C ASN B 302 5.97 19.24 56.14
N ALA B 303 5.88 18.16 56.91
CA ALA B 303 4.58 17.76 57.44
C ALA B 303 4.05 18.69 58.53
N GLY B 304 4.78 19.77 58.80
CA GLY B 304 4.38 20.82 59.73
C GLY B 304 3.73 20.33 61.01
N THR B 305 4.36 19.33 61.62
CA THR B 305 3.97 18.84 62.94
C THR B 305 5.12 19.07 63.90
N THR B 306 4.81 19.32 65.16
CA THR B 306 5.83 19.76 66.13
C THR B 306 7.00 18.80 66.30
N GLU B 307 6.73 17.50 66.27
CA GLU B 307 7.80 16.51 66.37
C GLU B 307 8.84 16.63 65.25
N TRP B 308 8.42 16.36 64.01
CA TRP B 308 9.37 16.35 62.90
C TRP B 308 10.12 17.68 62.80
N ASN B 309 9.40 18.79 62.92
CA ASN B 309 10.01 20.11 63.04
C ASN B 309 11.28 20.07 63.90
N ASP B 310 11.08 19.82 65.19
CA ASP B 310 12.17 19.68 66.17
C ASP B 310 13.33 18.75 65.82
N ILE B 311 13.08 17.66 65.10
CA ILE B 311 14.15 16.72 64.74
C ILE B 311 15.12 17.37 63.75
N SER B 312 14.55 18.06 62.77
CA SER B 312 15.28 18.76 61.73
C SER B 312 16.30 19.75 62.28
N LYS B 313 15.91 20.47 63.33
CA LYS B 313 16.79 21.46 63.95
C LYS B 313 18.14 20.91 64.40
N ARG B 314 18.14 19.79 65.09
CA ARG B 314 19.39 19.15 65.50
C ARG B 314 20.25 18.74 64.30
N VAL B 315 19.60 18.25 63.26
CA VAL B 315 20.27 17.83 62.02
C VAL B 315 21.04 19.03 61.46
N ASP B 316 20.42 20.20 61.50
CA ASP B 316 21.09 21.43 61.09
C ASP B 316 22.25 21.74 62.03
N LEU B 317 22.05 21.51 63.32
CA LEU B 317 23.05 21.79 64.34
C LEU B 317 24.29 20.92 64.17
N ILE B 318 24.08 19.63 63.94
CA ILE B 318 25.19 18.69 63.83
C ILE B 318 25.94 18.88 62.52
N SER B 319 25.25 19.45 61.53
CA SER B 319 25.86 19.73 60.24
C SER B 319 26.90 20.83 60.38
N ARG B 320 26.63 21.76 61.30
CA ARG B 320 27.55 22.87 61.58
C ARG B 320 28.81 22.37 62.26
N ALA B 321 28.79 21.13 62.72
CA ALA B 321 29.94 20.54 63.40
C ALA B 321 30.58 19.43 62.58
N LEU B 322 29.75 18.58 61.99
CA LEU B 322 30.25 17.41 61.25
C LEU B 322 31.04 17.80 60.01
N PHE B 323 30.44 18.62 59.16
CA PHE B 323 31.07 19.04 57.91
C PHE B 323 32.41 19.79 58.09
N PRO B 324 32.47 20.78 58.99
CA PRO B 324 33.77 21.45 59.15
C PRO B 324 34.85 20.52 59.69
N VAL B 325 34.46 19.61 60.58
CA VAL B 325 35.41 18.66 61.16
C VAL B 325 35.87 17.64 60.11
N LEU B 326 34.91 17.05 59.40
CA LEU B 326 35.22 16.06 58.38
C LEU B 326 36.10 16.63 57.27
N PHE B 327 35.83 17.87 56.88
CA PHE B 327 36.62 18.53 55.85
C PHE B 327 38.02 18.83 56.37
N PHE B 328 38.11 19.16 57.65
CA PHE B 328 39.39 19.43 58.29
C PHE B 328 40.21 18.15 58.44
N VAL B 329 39.53 17.04 58.72
CA VAL B 329 40.17 15.74 58.81
C VAL B 329 40.73 15.32 57.46
N PHE B 330 39.96 15.55 56.41
CA PHE B 330 40.37 15.18 55.05
C PHE B 330 41.63 15.92 54.62
N ASN B 331 41.64 17.23 54.84
CA ASN B 331 42.77 18.07 54.46
C ASN B 331 44.07 17.62 55.12
N ILE B 332 43.98 17.25 56.40
CA ILE B 332 45.13 16.71 57.10
C ILE B 332 45.60 15.42 56.42
N LEU B 333 44.64 14.57 56.07
CA LEU B 333 44.94 13.32 55.37
C LEU B 333 45.48 13.58 53.98
N TYR B 334 44.92 14.56 53.28
CA TYR B 334 45.31 14.87 51.91
C TYR B 334 46.73 15.42 51.84
N TRP B 335 47.01 16.48 52.60
CA TRP B 335 48.28 17.17 52.49
C TRP B 335 49.44 16.37 53.10
N SER B 336 49.13 15.49 54.05
CA SER B 336 50.16 14.62 54.61
C SER B 336 50.46 13.48 53.67
N ARG B 337 49.54 13.23 52.75
CA ARG B 337 49.72 12.18 51.75
C ARG B 337 50.44 12.71 50.52
N PHE B 338 50.06 13.91 50.08
CA PHE B 338 50.67 14.47 48.88
C PHE B 338 51.60 15.64 49.23
N GLY B 339 52.14 15.61 50.44
CA GLY B 339 53.10 16.60 50.88
C GLY B 339 54.50 16.04 50.98
N HIS B 340 54.61 14.73 50.75
CA HIS B 340 55.87 14.02 50.91
C HIS B 340 56.28 13.27 49.65
N HIS B 341 57.56 13.34 49.33
CA HIS B 341 58.12 12.69 48.15
C HIS B 341 57.89 11.17 48.18
N SER C 1 96.84 -4.82 14.64
CA SER C 1 96.47 -6.19 14.94
C SER C 1 95.13 -6.55 14.31
N ASP C 2 94.07 -5.90 14.79
CA ASP C 2 92.73 -6.11 14.25
C ASP C 2 92.63 -5.70 12.79
N SER C 3 93.16 -4.51 12.48
CA SER C 3 93.20 -4.02 11.11
C SER C 3 94.05 -4.95 10.22
N LYS C 4 95.02 -5.60 10.84
CA LYS C 4 95.90 -6.53 10.13
C LYS C 4 95.10 -7.76 9.72
N ILE C 5 94.13 -8.12 10.57
CA ILE C 5 93.27 -9.29 10.34
C ILE C 5 92.18 -9.01 9.32
N LEU C 6 91.47 -7.90 9.50
CA LEU C 6 90.38 -7.52 8.61
C LEU C 6 90.82 -7.39 7.16
N ALA C 7 92.03 -6.88 6.95
CA ALA C 7 92.57 -6.77 5.59
C ALA C 7 92.76 -8.15 4.97
N HIS C 8 93.28 -9.08 5.76
CA HIS C 8 93.53 -10.44 5.30
C HIS C 8 92.24 -11.18 4.92
N LEU C 9 91.14 -10.84 5.59
CA LEU C 9 89.86 -11.47 5.30
C LEU C 9 89.30 -11.03 3.96
N PHE C 10 89.40 -9.73 3.67
CA PHE C 10 88.80 -9.16 2.47
C PHE C 10 89.80 -8.98 1.33
N THR C 11 91.03 -9.50 1.50
CA THR C 11 92.01 -9.46 0.41
C THR C 11 91.80 -10.62 -0.56
N SER C 12 91.37 -11.76 -0.04
CA SER C 12 90.99 -12.91 -0.86
C SER C 12 89.68 -12.62 -1.58
N GLY C 13 89.38 -13.39 -2.61
CA GLY C 13 88.17 -13.19 -3.38
C GLY C 13 86.94 -13.44 -2.52
N TYR C 14 86.32 -12.36 -2.08
CA TYR C 14 85.16 -12.41 -1.21
C TYR C 14 83.99 -11.62 -1.80
N ASP C 15 82.78 -12.13 -1.62
CA ASP C 15 81.59 -11.45 -2.13
C ASP C 15 80.50 -11.35 -1.08
N PHE C 16 80.23 -10.13 -0.61
CA PHE C 16 79.20 -9.94 0.41
C PHE C 16 77.83 -10.16 -0.20
N ARG C 17 77.79 -10.25 -1.53
CA ARG C 17 76.55 -10.49 -2.25
C ARG C 17 76.20 -11.98 -2.27
N VAL C 18 77.12 -12.80 -1.78
CA VAL C 18 76.94 -14.25 -1.78
C VAL C 18 76.62 -14.79 -0.38
N ARG C 19 75.58 -15.62 -0.30
CA ARG C 19 75.19 -16.26 0.95
C ARG C 19 76.30 -17.15 1.50
N PRO C 20 76.50 -17.14 2.83
CA PRO C 20 77.53 -17.96 3.50
C PRO C 20 77.35 -19.45 3.28
N PRO C 21 78.47 -20.19 3.18
CA PRO C 21 78.47 -21.64 2.95
C PRO C 21 77.81 -22.41 4.10
N THR C 22 77.24 -23.58 3.76
CA THR C 22 76.64 -24.45 4.75
C THR C 22 77.25 -25.84 4.66
N ASP C 23 77.33 -26.54 5.79
CA ASP C 23 77.97 -27.85 5.85
C ASP C 23 77.29 -28.89 4.96
N ASN C 24 75.97 -28.79 4.83
CA ASN C 24 75.22 -29.76 4.05
C ASN C 24 74.24 -29.10 3.08
N GLY C 25 74.54 -27.87 2.68
CA GLY C 25 73.70 -27.15 1.73
C GLY C 25 72.41 -26.64 2.34
N GLY C 26 72.29 -26.74 3.65
CA GLY C 26 71.11 -26.27 4.35
C GLY C 26 71.02 -24.76 4.40
N PRO C 27 70.02 -24.23 5.11
CA PRO C 27 69.83 -22.78 5.23
C PRO C 27 70.73 -22.16 6.29
N VAL C 28 70.97 -20.85 6.17
CA VAL C 28 71.74 -20.12 7.16
C VAL C 28 70.92 -19.84 8.40
N VAL C 29 71.43 -20.29 9.55
CA VAL C 29 70.72 -20.13 10.81
C VAL C 29 71.07 -18.83 11.53
N VAL C 30 70.09 -17.93 11.62
CA VAL C 30 70.29 -16.65 12.28
C VAL C 30 69.65 -16.63 13.66
N SER C 31 70.48 -16.52 14.69
CA SER C 31 69.98 -16.43 16.06
C SER C 31 69.64 -14.98 16.39
N VAL C 32 68.42 -14.74 16.87
CA VAL C 32 67.95 -13.38 17.09
C VAL C 32 67.68 -13.08 18.55
N ASN C 33 68.28 -12.00 19.05
CA ASN C 33 68.02 -11.52 20.39
C ASN C 33 67.39 -10.13 20.30
N MET C 34 66.41 -9.86 21.16
CA MET C 34 65.70 -8.59 21.10
C MET C 34 65.66 -7.89 22.46
N LEU C 35 66.03 -6.61 22.47
CA LEU C 35 66.02 -5.79 23.67
C LEU C 35 65.08 -4.59 23.52
N LEU C 36 64.08 -4.51 24.39
CA LEU C 36 63.11 -3.42 24.33
C LEU C 36 63.49 -2.29 25.27
N ARG C 37 63.71 -1.10 24.72
CA ARG C 37 64.12 0.05 25.53
C ARG C 37 62.92 0.84 26.03
N THR C 38 62.12 1.34 25.09
CA THR C 38 60.95 2.16 25.43
C THR C 38 59.73 1.78 24.59
N ILE C 39 58.56 1.87 25.21
CA ILE C 39 57.29 1.75 24.50
C ILE C 39 56.54 3.05 24.72
N SER C 40 56.17 3.73 23.65
CA SER C 40 55.55 5.05 23.79
C SER C 40 54.63 5.40 22.63
N LYS C 41 53.79 6.41 22.86
CA LYS C 41 52.99 7.04 21.82
C LYS C 41 52.06 6.01 21.18
N ILE C 42 51.46 5.18 22.03
CA ILE C 42 50.43 4.22 21.61
C ILE C 42 49.19 4.93 21.08
N ASP C 43 48.80 4.58 19.86
CA ASP C 43 47.64 5.22 19.24
C ASP C 43 46.58 4.19 18.90
N VAL C 44 45.37 4.40 19.42
CA VAL C 44 44.26 3.50 19.17
C VAL C 44 43.46 3.93 17.95
N VAL C 45 43.61 5.20 17.57
CA VAL C 45 42.90 5.73 16.41
C VAL C 45 43.54 5.26 15.12
N ASN C 46 44.86 5.38 15.05
CA ASN C 46 45.61 5.00 13.85
C ASN C 46 46.11 3.57 13.92
N MET C 47 45.74 2.88 15.00
CA MET C 47 46.12 1.49 15.23
C MET C 47 47.63 1.27 15.09
N GLU C 48 48.40 2.05 15.84
CA GLU C 48 49.85 1.95 15.80
C GLU C 48 50.48 2.37 17.12
N TYR C 49 51.72 1.95 17.33
CA TYR C 49 52.47 2.34 18.51
C TYR C 49 53.96 2.45 18.18
N SER C 50 54.66 3.36 18.86
CA SER C 50 56.08 3.54 18.64
C SER C 50 56.90 2.75 19.66
N ALA C 51 57.91 2.05 19.18
CA ALA C 51 58.76 1.25 20.06
C ALA C 51 60.22 1.35 19.64
N GLN C 52 61.09 1.61 20.60
CA GLN C 52 62.51 1.64 20.35
C GLN C 52 63.17 0.39 20.91
N LEU C 53 64.00 -0.25 20.10
CA LEU C 53 64.55 -1.54 20.49
C LEU C 53 65.95 -1.78 19.90
N THR C 54 66.68 -2.69 20.53
CA THR C 54 68.00 -3.08 20.05
C THR C 54 67.94 -4.49 19.46
N LEU C 55 68.25 -4.60 18.18
CA LEU C 55 68.22 -5.89 17.50
C LEU C 55 69.59 -6.55 17.49
N ARG C 56 69.63 -7.81 17.91
CA ARG C 56 70.88 -8.57 17.92
C ARG C 56 70.74 -9.84 17.07
N GLU C 57 71.49 -9.89 15.97
CA GLU C 57 71.48 -11.06 15.11
C GLU C 57 72.82 -11.79 15.19
N SER C 58 72.78 -13.10 14.95
CA SER C 58 73.99 -13.90 14.99
C SER C 58 73.93 -15.06 14.01
N TRP C 59 74.95 -15.15 13.15
CA TRP C 59 75.05 -16.25 12.19
C TRP C 59 76.50 -16.64 12.02
N ILE C 60 76.74 -17.74 11.31
CA ILE C 60 78.09 -18.24 11.10
C ILE C 60 78.53 -18.07 9.66
N ASP C 61 79.65 -17.36 9.46
CA ASP C 61 80.22 -17.18 8.14
C ASP C 61 81.65 -17.69 8.16
N LYS C 62 81.84 -18.93 7.72
CA LYS C 62 83.15 -19.58 7.77
C LYS C 62 84.21 -18.89 6.93
N ARG C 63 83.77 -18.04 5.99
CA ARG C 63 84.67 -17.26 5.16
C ARG C 63 85.40 -16.21 5.99
N LEU C 64 84.78 -15.82 7.10
CA LEU C 64 85.34 -14.78 7.97
C LEU C 64 86.16 -15.36 9.11
N SER C 65 86.33 -16.69 9.12
CA SER C 65 87.10 -17.35 10.18
C SER C 65 88.58 -17.02 10.02
N TYR C 66 89.15 -16.37 11.02
CA TYR C 66 90.54 -15.93 10.97
C TYR C 66 91.43 -16.55 12.03
N GLY C 67 90.96 -17.59 12.70
CA GLY C 67 91.70 -18.11 13.85
C GLY C 67 91.25 -19.44 14.42
N VAL C 68 92.07 -19.94 15.33
CA VAL C 68 91.82 -21.21 15.98
C VAL C 68 91.09 -20.92 17.29
N LYS C 69 90.49 -21.95 17.88
CA LYS C 69 89.70 -21.81 19.10
C LYS C 69 90.55 -21.19 20.21
N GLY C 70 91.78 -21.68 20.29
CA GLY C 70 92.80 -21.25 21.23
C GLY C 70 93.94 -20.41 20.68
N ASP C 71 93.70 -19.22 20.13
CA ASP C 71 94.84 -18.49 19.58
C ASP C 71 95.10 -17.13 20.25
N GLY C 72 96.31 -16.62 20.07
CA GLY C 72 96.73 -15.31 20.57
C GLY C 72 96.08 -14.12 19.88
N GLN C 73 95.10 -14.42 19.03
CA GLN C 73 94.36 -13.39 18.32
C GLN C 73 93.08 -13.16 19.10
N PRO C 74 92.57 -11.92 19.12
CA PRO C 74 91.38 -11.63 19.91
C PRO C 74 90.18 -12.44 19.43
N ASP C 75 89.43 -13.01 20.38
CA ASP C 75 88.28 -13.85 20.09
C ASP C 75 87.39 -13.25 19.03
N PHE C 76 87.14 -11.95 19.16
CA PHE C 76 86.33 -11.22 18.20
C PHE C 76 87.02 -9.94 17.76
N VAL C 77 86.71 -9.51 16.54
CA VAL C 77 87.26 -8.27 16.00
C VAL C 77 86.13 -7.35 15.57
N ILE C 78 86.21 -6.08 15.96
CA ILE C 78 85.21 -5.10 15.58
C ILE C 78 85.41 -4.69 14.12
N LEU C 79 84.37 -4.86 13.32
CA LEU C 79 84.43 -4.54 11.90
C LEU C 79 84.50 -3.03 11.68
N THR C 80 85.54 -2.60 10.98
CA THR C 80 85.74 -1.19 10.69
C THR C 80 84.96 -0.77 9.45
N VAL C 81 84.95 0.53 9.17
CA VAL C 81 84.24 1.06 8.02
C VAL C 81 84.95 0.67 6.72
N GLY C 82 84.19 0.51 5.65
CA GLY C 82 84.76 0.20 4.35
C GLY C 82 84.76 -1.27 4.02
N HIS C 83 84.21 -2.09 4.91
CA HIS C 83 84.15 -3.52 4.71
C HIS C 83 82.75 -4.06 4.89
N GLN C 84 82.19 -4.63 3.82
CA GLN C 84 80.83 -5.16 3.86
C GLN C 84 80.83 -6.67 4.07
N ILE C 85 79.92 -7.13 4.91
CA ILE C 85 79.71 -8.55 5.14
C ILE C 85 78.31 -8.93 4.69
N TRP C 86 78.11 -10.18 4.29
CA TRP C 86 76.76 -10.65 4.02
C TRP C 86 75.97 -10.53 5.30
N MET C 87 74.79 -9.91 5.20
CA MET C 87 73.90 -9.79 6.34
C MET C 87 72.47 -10.12 5.93
N PRO C 88 71.71 -10.76 6.83
CA PRO C 88 70.31 -11.11 6.56
C PRO C 88 69.48 -9.89 6.17
N ASP C 89 68.75 -9.98 5.06
CA ASP C 89 67.90 -8.90 4.62
C ASP C 89 66.63 -8.81 5.47
N THR C 90 66.83 -8.81 6.78
CA THR C 90 65.73 -8.82 7.74
C THR C 90 64.97 -7.49 7.76
N PHE C 91 63.66 -7.57 7.96
CA PHE C 91 62.82 -6.38 8.06
C PHE C 91 61.68 -6.62 9.03
N PHE C 92 60.79 -5.64 9.16
CA PHE C 92 59.67 -5.75 10.08
C PHE C 92 58.34 -5.64 9.33
N PRO C 93 57.71 -6.79 9.04
CA PRO C 93 56.47 -6.90 8.26
C PRO C 93 55.38 -5.93 8.68
N ASN C 94 55.20 -5.73 9.98
CA ASN C 94 54.12 -4.86 10.47
C ASN C 94 54.60 -3.47 10.84
N GLU C 95 55.76 -3.07 10.34
CA GLU C 95 56.27 -1.72 10.57
C GLU C 95 55.69 -0.73 9.55
N LYS C 96 55.16 0.38 10.05
CA LYS C 96 54.61 1.41 9.19
C LYS C 96 55.64 2.51 8.96
N GLN C 97 56.46 2.75 9.98
CA GLN C 97 57.52 3.74 9.94
C GLN C 97 58.66 3.24 10.81
N ALA C 98 59.89 3.48 10.38
CA ALA C 98 61.05 3.04 11.13
C ALA C 98 62.31 3.82 10.76
N TYR C 99 63.13 4.12 11.75
CA TYR C 99 64.35 4.90 11.55
C TYR C 99 65.56 4.25 12.20
N LYS C 100 66.73 4.47 11.61
CA LYS C 100 67.99 4.10 12.25
C LYS C 100 68.63 5.31 12.89
N HIS C 101 69.47 5.09 13.89
CA HIS C 101 70.11 6.17 14.61
C HIS C 101 71.50 6.44 14.06
N THR C 102 71.73 7.66 13.57
CA THR C 102 72.99 7.98 12.90
C THR C 102 73.76 9.14 13.53
N ILE C 103 73.36 9.53 14.73
CA ILE C 103 73.98 10.68 15.41
C ILE C 103 75.43 10.41 15.77
N ASP C 104 76.30 11.36 15.42
CA ASP C 104 77.73 11.14 15.37
C ASP C 104 78.01 9.91 14.52
N LYS C 105 78.67 8.92 15.09
CA LYS C 105 78.85 7.65 14.40
C LYS C 105 77.54 6.87 14.41
N PRO C 106 77.27 6.10 13.33
CA PRO C 106 76.04 5.30 13.28
C PRO C 106 76.03 4.24 14.37
N ASN C 107 74.84 3.91 14.88
CA ASN C 107 74.73 3.01 16.03
C ASN C 107 74.63 1.54 15.63
N VAL C 108 75.67 1.03 15.00
CA VAL C 108 75.77 -0.38 14.67
C VAL C 108 77.03 -1.01 15.26
N LEU C 109 76.97 -2.31 15.54
CA LEU C 109 78.12 -3.04 16.04
C LEU C 109 78.19 -4.42 15.40
N ILE C 110 79.31 -4.71 14.74
CA ILE C 110 79.51 -6.00 14.12
C ILE C 110 80.78 -6.66 14.64
N ARG C 111 80.62 -7.83 15.24
CA ARG C 111 81.76 -8.56 15.78
C ARG C 111 82.00 -9.83 14.99
N ILE C 112 83.24 -10.05 14.58
CA ILE C 112 83.61 -11.27 13.87
C ILE C 112 84.45 -12.16 14.76
N HIS C 113 83.85 -13.23 15.27
CA HIS C 113 84.57 -14.17 16.12
C HIS C 113 85.58 -14.97 15.33
N ASN C 114 86.51 -15.62 16.03
CA ASN C 114 87.56 -16.39 15.38
C ASN C 114 87.02 -17.62 14.64
N ASP C 115 86.00 -18.24 15.21
CA ASP C 115 85.40 -19.43 14.61
C ASP C 115 84.56 -19.08 13.38
N GLY C 116 84.28 -17.79 13.21
CA GLY C 116 83.52 -17.33 12.08
C GLY C 116 82.13 -16.84 12.45
N THR C 117 81.81 -16.91 13.75
CA THR C 117 80.52 -16.44 14.23
C THR C 117 80.44 -14.91 14.20
N VAL C 118 79.36 -14.40 13.61
CA VAL C 118 79.17 -12.96 13.49
C VAL C 118 78.11 -12.48 14.48
N LEU C 119 78.43 -11.42 15.21
CA LEU C 119 77.46 -10.77 16.08
C LEU C 119 77.09 -9.40 15.53
N TYR C 120 75.79 -9.20 15.31
CA TYR C 120 75.32 -7.95 14.73
C TYR C 120 74.35 -7.24 15.67
N SER C 121 74.70 -6.03 16.08
CA SER C 121 73.88 -5.25 16.99
C SER C 121 73.51 -3.91 16.37
N VAL C 122 72.25 -3.50 16.52
CA VAL C 122 71.78 -2.26 15.92
C VAL C 122 70.61 -1.67 16.70
N ARG C 123 70.65 -0.35 16.91
CA ARG C 123 69.53 0.35 17.53
C ARG C 123 68.53 0.79 16.48
N ILE C 124 67.26 0.44 16.68
CA ILE C 124 66.21 0.75 15.73
C ILE C 124 65.01 1.38 16.42
N SER C 125 64.42 2.39 15.79
CA SER C 125 63.17 2.98 16.29
C SER C 125 62.02 2.62 15.35
N LEU C 126 61.09 1.82 15.86
CA LEU C 126 59.98 1.36 15.03
C LEU C 126 58.67 2.08 15.35
N VAL C 127 57.78 2.13 14.36
CA VAL C 127 56.40 2.53 14.57
C VAL C 127 55.50 1.44 14.00
N LEU C 128 55.17 0.47 14.84
CA LEU C 128 54.48 -0.73 14.39
C LEU C 128 52.97 -0.60 14.42
N SER C 129 52.30 -1.28 13.50
CA SER C 129 50.84 -1.29 13.47
C SER C 129 50.32 -2.31 14.47
N CYS C 130 49.30 -1.92 15.22
CA CYS C 130 48.72 -2.79 16.22
C CYS C 130 47.22 -2.55 16.31
N PRO C 131 46.45 -3.33 15.56
CA PRO C 131 44.99 -3.19 15.57
C PRO C 131 44.42 -3.42 16.97
N MET C 132 43.75 -2.40 17.50
CA MET C 132 43.22 -2.48 18.85
C MET C 132 41.70 -2.40 18.87
N TYR C 133 41.11 -2.99 19.90
CA TYR C 133 39.67 -3.07 20.00
C TYR C 133 39.20 -2.63 21.38
N LEU C 134 38.26 -1.69 21.42
CA LEU C 134 37.85 -1.08 22.67
C LEU C 134 36.40 -1.37 23.04
N GLN C 135 35.90 -2.54 22.63
CA GLN C 135 34.53 -2.93 22.96
C GLN C 135 34.32 -3.00 24.47
N TYR C 136 35.38 -3.37 25.17
CA TYR C 136 35.32 -3.45 26.61
C TYR C 136 36.04 -2.24 27.20
N TYR C 137 35.60 -1.03 26.86
CA TYR C 137 36.25 0.16 27.40
C TYR C 137 35.66 0.46 28.78
N PRO C 138 36.51 0.66 29.80
CA PRO C 138 37.96 0.61 29.67
C PRO C 138 38.62 -0.68 30.19
N MET C 139 37.85 -1.64 30.66
CA MET C 139 38.43 -2.91 31.12
C MET C 139 38.71 -3.82 29.94
N ASP C 140 39.65 -3.42 29.10
CA ASP C 140 39.98 -4.23 27.95
C ASP C 140 41.43 -4.68 28.00
N VAL C 141 41.82 -5.47 27.01
CA VAL C 141 43.17 -5.98 26.92
C VAL C 141 43.66 -5.92 25.47
N GLN C 142 44.90 -5.45 25.31
CA GLN C 142 45.47 -5.33 23.97
C GLN C 142 46.74 -6.16 23.83
N GLN C 143 46.96 -6.67 22.63
CA GLN C 143 48.19 -7.39 22.31
C GLN C 143 48.85 -6.82 21.08
N CYS C 144 50.06 -6.28 21.27
CA CYS C 144 50.82 -5.70 20.18
C CYS C 144 52.04 -6.55 19.87
N SER C 145 52.46 -6.56 18.61
CA SER C 145 53.53 -7.45 18.19
C SER C 145 54.63 -6.74 17.40
N ILE C 146 55.79 -7.40 17.33
CA ILE C 146 56.90 -6.93 16.51
C ILE C 146 57.33 -8.07 15.59
N ASP C 147 56.78 -8.10 14.39
CA ASP C 147 57.10 -9.16 13.44
C ASP C 147 58.47 -8.92 12.82
N LEU C 148 59.20 -10.00 12.56
CA LEU C 148 60.55 -9.93 12.03
C LEU C 148 60.81 -11.08 11.07
N ALA C 149 61.20 -10.75 9.84
CA ALA C 149 61.42 -11.77 8.82
C ALA C 149 62.36 -11.30 7.72
N SER C 150 62.73 -12.20 6.83
CA SER C 150 63.53 -11.86 5.66
C SER C 150 62.62 -11.53 4.48
N TYR C 151 63.09 -10.66 3.58
CA TYR C 151 62.24 -10.21 2.48
C TYR C 151 62.43 -11.00 1.19
N ALA C 152 63.68 -11.24 0.82
CA ALA C 152 63.98 -11.88 -0.46
C ALA C 152 64.25 -13.37 -0.29
N TYR C 153 65.07 -13.71 0.71
CA TYR C 153 65.48 -15.08 0.92
C TYR C 153 64.37 -15.91 1.57
N THR C 154 64.09 -17.07 0.98
CA THR C 154 63.05 -17.95 1.48
C THR C 154 63.56 -18.87 2.59
N THR C 155 62.79 -19.90 2.91
CA THR C 155 63.15 -20.83 3.99
C THR C 155 64.33 -21.74 3.64
N LYS C 156 64.62 -21.87 2.35
CA LYS C 156 65.70 -22.75 1.92
C LYS C 156 67.06 -22.08 2.12
N ASP C 157 67.04 -20.76 2.26
CA ASP C 157 68.28 -19.99 2.36
C ASP C 157 68.51 -19.44 3.76
N ILE C 158 67.44 -18.98 4.41
CA ILE C 158 67.57 -18.38 5.73
C ILE C 158 66.48 -18.86 6.68
N GLU C 159 66.86 -19.07 7.95
CA GLU C 159 65.95 -19.55 8.98
C GLU C 159 66.18 -18.81 10.29
N TYR C 160 65.14 -18.21 10.83
CA TYR C 160 65.25 -17.43 12.07
C TYR C 160 64.90 -18.25 13.30
N LEU C 161 65.69 -18.07 14.36
CA LEU C 161 65.46 -18.76 15.63
C LEU C 161 65.70 -17.84 16.82
N TRP C 162 64.77 -17.83 17.77
CA TRP C 162 64.97 -17.09 19.01
C TRP C 162 66.10 -17.69 19.82
N LYS C 163 66.89 -16.84 20.45
CA LYS C 163 67.99 -17.28 21.31
C LYS C 163 67.45 -18.16 22.42
N GLU C 164 68.21 -19.20 22.78
CA GLU C 164 67.76 -20.19 23.75
C GLU C 164 67.55 -19.60 25.15
N HIS C 165 68.47 -18.73 25.56
CA HIS C 165 68.38 -18.12 26.89
C HIS C 165 68.05 -16.64 26.80
N SER C 166 66.94 -16.25 27.42
CA SER C 166 66.44 -14.87 27.43
C SER C 166 66.43 -14.25 26.04
N PRO C 167 65.47 -14.67 25.19
CA PRO C 167 65.34 -14.15 23.83
C PRO C 167 64.90 -12.69 23.83
N LEU C 168 64.04 -12.33 24.78
CA LEU C 168 63.54 -10.97 24.88
C LEU C 168 63.92 -10.35 26.22
N GLN C 169 64.48 -9.15 26.18
CA GLN C 169 64.92 -8.46 27.38
C GLN C 169 64.31 -7.07 27.46
N LEU C 170 63.46 -6.84 28.45
CA LEU C 170 62.89 -5.51 28.65
C LEU C 170 63.86 -4.66 29.47
N LYS C 171 63.76 -3.34 29.30
CA LYS C 171 64.60 -2.41 30.05
C LYS C 171 64.04 -2.26 31.47
N VAL C 172 64.87 -1.78 32.39
CA VAL C 172 64.57 -1.73 33.81
C VAL C 172 63.20 -1.16 34.18
N GLY C 173 62.84 0.01 33.66
CA GLY C 173 61.59 0.63 34.03
C GLY C 173 60.61 0.78 32.88
N LEU C 174 60.28 -0.34 32.24
CA LEU C 174 59.42 -0.32 31.07
C LEU C 174 57.94 -0.36 31.44
N SER C 175 57.61 -1.11 32.48
CA SER C 175 56.22 -1.28 32.89
C SER C 175 55.57 0.03 33.34
N SER C 176 56.39 0.96 33.85
CA SER C 176 55.89 2.24 34.32
C SER C 176 55.92 3.29 33.21
N SER C 177 56.61 2.97 32.11
CA SER C 177 56.75 3.89 30.99
C SER C 177 55.41 4.22 30.36
N LEU C 178 54.50 3.24 30.35
CA LEU C 178 53.19 3.45 29.76
C LEU C 178 52.23 4.08 30.76
N PRO C 179 51.65 5.24 30.40
CA PRO C 179 50.70 5.94 31.26
C PRO C 179 49.32 5.26 31.32
N SER C 180 48.81 4.86 30.16
CA SER C 180 47.46 4.31 30.07
C SER C 180 47.39 2.83 30.44
N PHE C 181 48.41 2.08 30.05
CA PHE C 181 48.39 0.62 30.17
C PHE C 181 49.44 0.07 31.13
N GLN C 182 49.30 -1.23 31.40
CA GLN C 182 50.25 -1.95 32.21
C GLN C 182 50.73 -3.19 31.46
N LEU C 183 52.00 -3.18 31.07
CA LEU C 183 52.55 -4.32 30.35
C LEU C 183 52.71 -5.45 31.36
N THR C 184 51.92 -6.49 31.19
CA THR C 184 51.87 -7.61 32.13
C THR C 184 52.66 -8.82 31.66
N ASN C 185 52.65 -9.04 30.35
CA ASN C 185 53.20 -10.25 29.76
C ASN C 185 53.98 -10.01 28.48
N THR C 186 55.07 -10.74 28.33
CA THR C 186 55.85 -10.76 27.10
C THR C 186 56.01 -12.19 26.61
N SER C 187 55.92 -12.38 25.29
CA SER C 187 56.07 -13.71 24.71
C SER C 187 56.85 -13.64 23.40
N THR C 188 57.66 -14.67 23.16
CA THR C 188 58.41 -14.80 21.91
C THR C 188 57.96 -16.05 21.18
N THR C 189 57.34 -15.86 20.02
CA THR C 189 56.81 -16.96 19.24
C THR C 189 57.26 -16.86 17.80
N TYR C 190 56.90 -17.87 17.00
CA TYR C 190 57.25 -17.89 15.60
C TYR C 190 56.02 -17.60 14.76
N CYS C 191 56.19 -16.82 13.69
CA CYS C 191 55.06 -16.43 12.85
C CYS C 191 55.34 -16.71 11.37
N THR C 192 56.14 -17.75 11.13
CA THR C 192 56.45 -18.16 9.76
C THR C 192 55.19 -18.50 8.98
N SER C 193 55.03 -17.89 7.81
CA SER C 193 53.83 -18.09 7.01
C SER C 193 54.17 -18.47 5.57
N VAL C 194 53.23 -19.14 4.91
CA VAL C 194 53.41 -19.54 3.51
C VAL C 194 52.67 -18.60 2.58
N THR C 195 53.42 -17.93 1.70
CA THR C 195 52.85 -16.97 0.78
C THR C 195 52.96 -17.45 -0.67
N ASN C 196 52.43 -16.65 -1.59
CA ASN C 196 52.42 -17.01 -3.00
C ASN C 196 53.81 -16.99 -3.63
N THR C 197 54.76 -16.34 -2.96
CA THR C 197 56.13 -16.27 -3.45
C THR C 197 57.02 -17.31 -2.76
N GLY C 198 56.52 -17.87 -1.67
CA GLY C 198 57.25 -18.91 -0.95
C GLY C 198 56.99 -18.92 0.55
N ILE C 199 57.74 -19.76 1.26
CA ILE C 199 57.62 -19.86 2.71
C ILE C 199 58.75 -19.09 3.41
N TYR C 200 58.39 -18.02 4.11
CA TYR C 200 59.39 -17.15 4.74
C TYR C 200 59.39 -17.29 6.26
N SER C 201 60.57 -17.54 6.82
CA SER C 201 60.73 -17.64 8.27
C SER C 201 60.48 -16.29 8.93
N CYS C 202 59.80 -16.31 10.08
CA CYS C 202 59.43 -15.08 10.75
C CYS C 202 59.37 -15.23 12.26
N LEU C 203 59.82 -14.21 12.98
CA LEU C 203 59.74 -14.18 14.44
C LEU C 203 58.71 -13.15 14.89
N ARG C 204 58.14 -13.36 16.08
CA ARG C 204 57.15 -12.43 16.59
C ARG C 204 57.24 -12.24 18.10
N THR C 205 57.62 -11.03 18.51
CA THR C 205 57.57 -10.64 19.90
C THR C 205 56.21 -10.04 20.21
N THR C 206 55.56 -10.49 21.27
CA THR C 206 54.22 -10.02 21.59
C THR C 206 54.15 -9.46 23.00
N ILE C 207 53.58 -8.27 23.15
CA ILE C 207 53.38 -7.66 24.46
C ILE C 207 51.89 -7.55 24.76
N GLN C 208 51.52 -7.83 26.00
CA GLN C 208 50.11 -7.76 26.38
C GLN C 208 49.86 -6.56 27.29
N LEU C 209 48.89 -5.73 26.93
CA LEU C 209 48.62 -4.50 27.65
C LEU C 209 47.25 -4.51 28.33
N LYS C 210 47.26 -4.31 29.65
CA LYS C 210 46.03 -4.15 30.42
C LYS C 210 45.88 -2.70 30.87
N ARG C 211 44.66 -2.17 30.79
CA ARG C 211 44.43 -0.77 31.15
C ARG C 211 44.19 -0.59 32.65
N GLU C 212 44.61 0.55 33.17
CA GLU C 212 44.40 0.88 34.57
C GLU C 212 42.93 1.25 34.77
N PHE C 213 42.13 0.34 35.31
CA PHE C 213 40.70 0.62 35.47
C PHE C 213 40.41 1.34 36.79
N SER C 214 41.33 1.27 37.73
CA SER C 214 41.13 1.78 39.09
C SER C 214 40.71 3.24 39.06
N PHE C 215 41.20 3.96 38.06
CA PHE C 215 40.87 5.37 37.86
C PHE C 215 39.39 5.55 37.57
N TYR C 216 38.95 4.88 36.51
CA TYR C 216 37.58 4.92 36.01
C TYR C 216 36.58 4.51 37.07
N LEU C 217 37.00 3.59 37.94
CA LEU C 217 36.19 3.16 39.07
C LEU C 217 35.91 4.32 40.01
N LEU C 218 36.97 4.98 40.46
CA LEU C 218 36.83 6.07 41.42
C LEU C 218 36.51 7.39 40.71
N GLN C 219 36.66 7.41 39.40
CA GLN C 219 36.37 8.64 38.64
C GLN C 219 34.98 8.63 38.02
N LEU C 220 34.48 7.46 37.65
CA LEU C 220 33.15 7.39 37.04
C LEU C 220 32.20 6.44 37.75
N TYR C 221 32.63 5.20 37.94
CA TYR C 221 31.75 4.15 38.42
C TYR C 221 31.27 4.36 39.86
N ILE C 222 32.20 4.60 40.78
CA ILE C 222 31.84 4.86 42.17
C ILE C 222 30.96 6.11 42.33
N PRO C 223 31.36 7.26 41.73
CA PRO C 223 30.49 8.43 41.95
C PRO C 223 29.12 8.28 41.29
N SER C 224 29.07 7.60 40.14
CA SER C 224 27.82 7.38 39.43
C SER C 224 26.90 6.42 40.17
N CYS C 225 27.48 5.39 40.76
CA CYS C 225 26.71 4.43 41.55
C CYS C 225 26.07 5.13 42.75
N MET C 226 26.84 5.98 43.41
CA MET C 226 26.33 6.76 44.53
C MET C 226 25.27 7.74 44.05
N LEU C 227 25.45 8.24 42.83
CA LEU C 227 24.51 9.20 42.24
C LEU C 227 23.16 8.57 41.98
N VAL C 228 23.16 7.36 41.44
CA VAL C 228 21.92 6.63 41.17
C VAL C 228 21.16 6.33 42.46
N ILE C 229 21.90 5.94 43.50
CA ILE C 229 21.31 5.66 44.80
C ILE C 229 20.68 6.91 45.41
N VAL C 230 21.37 8.04 45.28
CA VAL C 230 20.86 9.32 45.79
C VAL C 230 19.56 9.70 45.09
N SER C 231 19.46 9.36 43.81
CA SER C 231 18.25 9.65 43.04
C SER C 231 17.04 8.87 43.58
N TRP C 232 17.32 7.79 44.29
CA TRP C 232 16.27 6.94 44.83
C TRP C 232 15.65 7.50 46.12
N VAL C 233 16.43 8.25 46.89
CA VAL C 233 15.98 8.71 48.19
C VAL C 233 14.92 9.82 48.07
N SER C 234 14.60 10.20 46.85
CA SER C 234 13.52 11.14 46.60
C SER C 234 12.18 10.42 46.68
N PHE C 235 12.22 9.09 46.56
CA PHE C 235 11.03 8.26 46.68
C PHE C 235 10.56 8.22 48.12
N TRP C 236 11.52 8.27 49.04
CA TRP C 236 11.21 8.17 50.46
C TRP C 236 10.77 9.52 51.02
N PHE C 237 10.88 10.56 50.20
CA PHE C 237 10.38 11.88 50.58
C PHE C 237 8.92 12.02 50.19
N ASP C 238 8.15 12.79 50.96
CA ASP C 238 6.74 12.97 50.63
C ASP C 238 6.66 13.89 49.41
N ARG C 239 5.50 13.89 48.75
CA ARG C 239 5.28 14.70 47.56
C ARG C 239 5.19 16.20 47.83
N THR C 240 4.68 16.58 49.00
CA THR C 240 4.42 17.98 49.29
C THR C 240 5.75 18.71 49.48
N ALA C 241 6.81 17.95 49.75
CA ALA C 241 8.14 18.52 49.89
C ALA C 241 8.75 18.72 48.50
N ILE C 242 8.19 19.66 47.75
CA ILE C 242 8.66 19.97 46.40
C ILE C 242 10.14 20.40 46.36
N PRO C 243 10.56 21.33 47.24
CA PRO C 243 11.97 21.73 47.16
C PRO C 243 12.95 20.58 47.41
N ALA C 244 12.52 19.56 48.15
CA ALA C 244 13.38 18.43 48.45
C ALA C 244 13.56 17.50 47.24
N ARG C 245 12.46 17.12 46.60
CA ARG C 245 12.51 16.16 45.51
C ARG C 245 12.92 16.78 44.18
N VAL C 246 12.50 18.01 43.94
CA VAL C 246 12.84 18.70 42.69
C VAL C 246 14.34 18.98 42.63
N THR C 247 14.89 19.44 43.75
CA THR C 247 16.32 19.73 43.82
C THR C 247 17.13 18.47 43.57
N LEU C 248 16.86 17.42 44.34
CA LEU C 248 17.56 16.14 44.20
C LEU C 248 17.48 15.58 42.78
N GLY C 249 16.29 15.61 42.19
CA GLY C 249 16.09 15.10 40.85
C GLY C 249 16.93 15.81 39.81
N VAL C 250 16.89 17.14 39.83
CA VAL C 250 17.63 17.95 38.87
C VAL C 250 19.13 17.93 39.16
N THR C 251 19.49 18.08 40.43
CA THR C 251 20.89 18.09 40.85
C THR C 251 21.62 16.82 40.45
N THR C 252 20.98 15.67 40.72
CA THR C 252 21.58 14.38 40.42
C THR C 252 21.84 14.22 38.92
N LEU C 253 20.89 14.64 38.10
CA LEU C 253 21.03 14.53 36.66
C LEU C 253 22.11 15.47 36.11
N LEU C 254 22.13 16.70 36.63
CA LEU C 254 23.12 17.69 36.22
C LEU C 254 24.53 17.24 36.61
N THR C 255 24.66 16.64 37.79
CA THR C 255 25.94 16.14 38.25
C THR C 255 26.42 14.97 37.39
N MET C 256 25.48 14.12 36.98
CA MET C 256 25.80 12.98 36.12
C MET C 256 26.31 13.43 34.75
N THR C 257 25.75 14.53 34.27
CA THR C 257 26.13 15.08 32.97
C THR C 257 27.60 15.51 32.97
N ALA C 258 28.03 16.15 34.05
CA ALA C 258 29.41 16.61 34.16
C ALA C 258 30.39 15.45 34.12
N GLN C 259 30.02 14.37 34.81
CA GLN C 259 30.85 13.17 34.83
C GLN C 259 30.96 12.56 33.43
N SER C 260 29.84 12.53 32.72
CA SER C 260 29.80 11.96 31.37
C SER C 260 30.68 12.75 30.41
N ALA C 261 30.68 14.07 30.55
CA ALA C 261 31.49 14.95 29.71
C ALA C 261 32.98 14.71 29.95
N GLY C 262 33.34 14.48 31.21
CA GLY C 262 34.71 14.23 31.59
C GLY C 262 35.27 12.95 31.02
N ILE C 263 34.44 11.91 30.96
CA ILE C 263 34.86 10.62 30.41
C ILE C 263 35.10 10.71 28.90
N ASN C 264 34.29 11.51 28.21
CA ASN C 264 34.44 11.69 26.77
C ASN C 264 35.77 12.31 26.38
N SER C 265 36.23 13.27 27.18
CA SER C 265 37.48 13.98 26.94
C SER C 265 38.66 13.00 27.01
N GLN C 266 38.65 12.17 28.04
CA GLN C 266 39.69 11.16 28.27
C GLN C 266 39.75 10.19 27.10
N LEU C 267 38.59 9.89 26.54
CA LEU C 267 38.46 8.91 25.48
C LEU C 267 38.73 9.45 24.08
N PRO C 268 39.63 8.78 23.34
CA PRO C 268 39.93 9.07 21.94
C PRO C 268 38.73 8.78 21.04
N PRO C 269 38.60 9.50 19.92
CA PRO C 269 37.39 9.31 19.11
C PRO C 269 37.34 7.93 18.45
N VAL C 270 36.27 7.19 18.72
CA VAL C 270 36.07 5.86 18.13
C VAL C 270 34.59 5.70 17.73
N SER C 271 34.35 5.12 16.56
CA SER C 271 32.99 5.02 16.04
C SER C 271 32.09 3.93 16.61
N TYR C 272 32.63 2.84 17.15
CA TYR C 272 31.75 1.77 17.67
C TYR C 272 31.43 1.89 19.15
N ILE C 273 30.33 1.26 19.57
CA ILE C 273 29.90 1.30 20.98
C ILE C 273 30.87 0.59 21.91
N LYS C 274 31.26 1.29 22.98
CA LYS C 274 32.17 0.74 23.97
C LYS C 274 31.46 0.48 25.28
N ALA C 275 32.10 -0.30 26.15
CA ALA C 275 31.52 -0.65 27.45
C ALA C 275 31.26 0.56 28.33
N ILE C 276 32.07 1.60 28.18
CA ILE C 276 31.92 2.81 28.99
C ILE C 276 30.66 3.58 28.56
N ASP C 277 30.26 3.41 27.31
CA ASP C 277 29.09 4.09 26.77
C ASP C 277 27.81 3.50 27.32
N VAL C 278 27.80 2.18 27.45
CA VAL C 278 26.66 1.45 27.99
C VAL C 278 26.38 1.84 29.44
N TRP C 279 27.42 1.86 30.25
CA TRP C 279 27.27 2.10 31.68
C TRP C 279 26.93 3.56 31.98
N ILE C 280 27.23 4.44 31.03
CA ILE C 280 26.87 5.84 31.15
C ILE C 280 25.39 6.03 30.84
N GLY C 281 24.95 5.41 29.73
CA GLY C 281 23.57 5.53 29.29
C GLY C 281 22.59 4.95 30.29
N ALA C 282 23.04 3.95 31.04
CA ALA C 282 22.20 3.33 32.06
C ALA C 282 22.00 4.29 33.23
N CYS C 283 23.09 4.76 33.80
CA CYS C 283 23.04 5.69 34.93
C CYS C 283 22.32 6.98 34.55
N MET C 284 22.49 7.40 33.30
CA MET C 284 21.81 8.60 32.81
C MET C 284 20.30 8.40 32.74
N THR C 285 19.90 7.18 32.35
CA THR C 285 18.48 6.86 32.21
C THR C 285 17.79 6.69 33.55
N PHE C 286 18.40 5.90 34.44
CA PHE C 286 17.86 5.66 35.77
C PHE C 286 17.61 6.94 36.56
N ILE C 287 18.52 7.91 36.41
CA ILE C 287 18.38 9.18 37.10
C ILE C 287 17.29 10.02 36.44
N PHE C 288 17.19 9.94 35.12
CA PHE C 288 16.17 10.68 34.39
C PHE C 288 14.79 10.13 34.72
N CYS C 289 14.70 8.80 34.81
CA CYS C 289 13.44 8.14 35.11
C CYS C 289 13.01 8.35 36.55
N ALA C 290 14.00 8.44 37.44
CA ALA C 290 13.73 8.71 38.86
C ALA C 290 13.10 10.10 39.01
N LEU C 291 13.56 11.04 38.20
CA LEU C 291 12.99 12.38 38.17
C LEU C 291 11.64 12.33 37.46
N LEU C 292 11.57 11.50 36.42
CA LEU C 292 10.34 11.32 35.66
C LEU C 292 9.24 10.72 36.53
N GLU C 293 9.63 9.82 37.43
CA GLU C 293 8.69 9.20 38.35
C GLU C 293 8.01 10.28 39.20
N PHE C 294 8.80 11.24 39.64
CA PHE C 294 8.30 12.34 40.46
C PHE C 294 7.30 13.19 39.67
N ALA C 295 7.59 13.41 38.39
CA ALA C 295 6.72 14.20 37.53
C ALA C 295 5.36 13.54 37.35
N LEU C 296 5.38 12.22 37.19
CA LEU C 296 4.13 11.45 37.06
C LEU C 296 3.36 11.46 38.37
N VAL C 297 4.07 11.30 39.47
CA VAL C 297 3.46 11.29 40.80
C VAL C 297 2.88 12.65 41.15
N ASN C 298 3.64 13.71 40.90
CA ASN C 298 3.20 15.06 41.23
C ASN C 298 1.97 15.51 40.45
N HIS C 299 1.81 15.00 39.24
CA HIS C 299 0.63 15.35 38.44
C HIS C 299 -0.65 14.79 39.01
N ILE C 300 -0.68 13.47 39.18
CA ILE C 300 -1.88 12.79 39.67
C ILE C 300 -2.18 13.17 41.12
N ALA C 301 -1.13 13.56 41.85
CA ALA C 301 -1.29 13.98 43.23
C ALA C 301 -2.02 15.31 43.36
N ASN C 302 -1.74 16.22 42.44
CA ASN C 302 -2.22 17.60 42.52
C ASN C 302 -3.75 17.69 42.47
N ALA C 303 -4.40 16.79 41.73
CA ALA C 303 -5.85 16.87 41.62
C ALA C 303 -6.55 16.46 42.92
N GLY C 304 -5.77 15.97 43.87
CA GLY C 304 -6.24 15.69 45.22
C GLY C 304 -7.63 15.13 45.48
N THR C 305 -8.01 14.05 44.79
CA THR C 305 -9.24 13.34 45.11
C THR C 305 -8.77 11.97 45.59
N THR C 306 -9.54 11.35 46.48
CA THR C 306 -9.11 10.15 47.19
C THR C 306 -8.60 9.04 46.26
N GLU C 307 -9.20 8.95 45.08
CA GLU C 307 -8.75 8.02 44.05
C GLU C 307 -7.28 8.24 43.64
N TRP C 308 -6.98 9.40 43.06
CA TRP C 308 -5.63 9.63 42.54
C TRP C 308 -4.56 9.47 43.63
N ASN C 309 -4.80 10.08 44.79
CA ASN C 309 -3.96 9.88 45.97
C ASN C 309 -3.44 8.46 46.19
N ASP C 310 -4.35 7.56 46.52
CA ASP C 310 -4.04 6.14 46.71
C ASP C 310 -3.19 5.57 45.56
N ILE C 311 -3.41 6.06 44.34
CA ILE C 311 -2.63 5.62 43.20
C ILE C 311 -1.18 6.10 43.32
N SER C 312 -1.01 7.36 43.66
CA SER C 312 0.30 7.97 43.83
C SER C 312 1.14 7.24 44.87
N LYS C 313 0.51 6.91 46.00
CA LYS C 313 1.18 6.17 47.07
C LYS C 313 1.66 4.81 46.59
N ARG C 314 0.82 4.09 45.84
CA ARG C 314 1.27 2.82 45.27
C ARG C 314 2.47 3.06 44.35
N VAL C 315 2.43 4.12 43.56
CA VAL C 315 3.54 4.46 42.68
C VAL C 315 4.82 4.73 43.48
N ASP C 316 4.69 5.46 44.59
CA ASP C 316 5.82 5.72 45.47
C ASP C 316 6.35 4.45 46.12
N LEU C 317 5.42 3.58 46.51
CA LEU C 317 5.77 2.33 47.18
C LEU C 317 6.55 1.39 46.27
N ILE C 318 6.10 1.25 45.03
CA ILE C 318 6.72 0.33 44.09
C ILE C 318 8.06 0.85 43.53
N SER C 319 8.24 2.17 43.56
CA SER C 319 9.47 2.77 43.07
C SER C 319 10.66 2.46 43.96
N ARG C 320 10.42 2.35 45.26
CA ARG C 320 11.47 2.03 46.23
C ARG C 320 11.95 0.59 46.09
N ALA C 321 11.20 -0.20 45.33
CA ALA C 321 11.55 -1.61 45.13
C ALA C 321 11.98 -1.87 43.69
N LEU C 322 11.27 -1.29 42.73
CA LEU C 322 11.53 -1.54 41.32
C LEU C 322 12.91 -1.03 40.89
N PHE C 323 13.19 0.23 41.21
CA PHE C 323 14.45 0.86 40.83
C PHE C 323 15.68 0.14 41.39
N PRO C 324 15.68 -0.20 42.70
CA PRO C 324 16.86 -0.94 43.18
C PRO C 324 17.01 -2.32 42.54
N VAL C 325 15.89 -2.98 42.26
CA VAL C 325 15.92 -4.29 41.64
C VAL C 325 16.39 -4.21 40.18
N LEU C 326 15.80 -3.29 39.41
CA LEU C 326 16.18 -3.11 38.01
C LEU C 326 17.65 -2.74 37.86
N PHE C 327 18.15 -1.90 38.76
CA PHE C 327 19.55 -1.49 38.72
C PHE C 327 20.45 -2.67 39.09
N PHE C 328 19.97 -3.51 40.00
CA PHE C 328 20.71 -4.70 40.41
C PHE C 328 20.75 -5.73 39.29
N VAL C 329 19.64 -5.84 38.55
CA VAL C 329 19.56 -6.74 37.40
C VAL C 329 20.53 -6.30 36.32
N PHE C 330 20.60 -4.99 36.08
CA PHE C 330 21.48 -4.44 35.06
C PHE C 330 22.94 -4.75 35.35
N ASN C 331 23.36 -4.51 36.58
CA ASN C 331 24.74 -4.74 36.99
C ASN C 331 25.18 -6.19 36.78
N ILE C 332 24.29 -7.12 37.09
CA ILE C 332 24.54 -8.53 36.85
C ILE C 332 24.73 -8.78 35.35
N LEU C 333 23.82 -8.21 34.56
CA LEU C 333 23.90 -8.34 33.10
C LEU C 333 25.13 -7.63 32.54
N TYR C 334 25.43 -6.45 33.09
CA TYR C 334 26.53 -5.63 32.60
C TYR C 334 27.89 -6.26 32.85
N TRP C 335 28.16 -6.59 34.10
CA TRP C 335 29.49 -7.06 34.50
C TRP C 335 29.78 -8.49 34.05
N SER C 336 28.72 -9.28 33.84
CA SER C 336 28.89 -10.62 33.31
C SER C 336 29.13 -10.57 31.81
N ARG C 337 28.80 -9.43 31.21
CA ARG C 337 29.01 -9.20 29.79
C ARG C 337 30.40 -8.63 29.53
N PHE C 338 30.80 -7.70 30.39
CA PHE C 338 32.10 -7.03 30.25
C PHE C 338 33.07 -7.50 31.32
N GLY C 339 32.97 -8.78 31.67
CA GLY C 339 33.83 -9.41 32.65
C GLY C 339 34.94 -10.23 31.99
N HIS C 340 34.91 -10.28 30.67
CA HIS C 340 35.86 -11.08 29.91
C HIS C 340 36.64 -10.23 28.91
N SER D 1 77.65 -19.76 -8.93
CA SER D 1 76.64 -20.27 -9.84
C SER D 1 75.65 -19.17 -10.23
N ASP D 2 74.88 -18.71 -9.27
CA ASP D 2 73.93 -17.62 -9.50
C ASP D 2 74.65 -16.34 -9.92
N SER D 3 75.70 -16.01 -9.18
CA SER D 3 76.53 -14.85 -9.51
C SER D 3 77.20 -15.01 -10.87
N LYS D 4 77.46 -16.25 -11.25
CA LYS D 4 78.05 -16.57 -12.54
C LYS D 4 77.08 -16.26 -13.67
N ILE D 5 75.79 -16.44 -13.39
CA ILE D 5 74.74 -16.20 -14.38
C ILE D 5 74.49 -14.71 -14.57
N LEU D 6 74.32 -13.99 -13.47
CA LEU D 6 74.04 -12.57 -13.50
C LEU D 6 75.12 -11.81 -14.27
N ALA D 7 76.37 -12.24 -14.11
CA ALA D 7 77.47 -11.62 -14.82
C ALA D 7 77.31 -11.77 -16.33
N HIS D 8 76.92 -12.96 -16.78
CA HIS D 8 76.78 -13.25 -18.21
C HIS D 8 75.74 -12.37 -18.89
N LEU D 9 74.73 -11.96 -18.13
CA LEU D 9 73.69 -11.09 -18.68
C LEU D 9 74.29 -9.70 -18.92
N PHE D 10 75.13 -9.26 -18.00
CA PHE D 10 75.68 -7.92 -18.06
C PHE D 10 77.07 -7.88 -18.71
N THR D 11 77.51 -9.00 -19.30
CA THR D 11 78.74 -8.98 -20.10
C THR D 11 78.42 -8.44 -21.48
N SER D 12 77.22 -8.75 -21.97
CA SER D 12 76.75 -8.18 -23.22
C SER D 12 76.40 -6.72 -23.04
N GLY D 13 76.35 -5.98 -24.15
CA GLY D 13 76.01 -4.57 -24.11
C GLY D 13 74.58 -4.40 -23.67
N TYR D 14 74.37 -4.05 -22.40
CA TYR D 14 73.02 -3.91 -21.87
C TYR D 14 72.81 -2.50 -21.33
N ASP D 15 71.62 -1.96 -21.56
CA ASP D 15 71.29 -0.61 -21.13
C ASP D 15 69.95 -0.59 -20.42
N PHE D 16 69.98 -0.34 -19.11
CA PHE D 16 68.76 -0.34 -18.31
C PHE D 16 67.91 0.88 -18.63
N ARG D 17 68.48 1.83 -19.38
CA ARG D 17 67.75 3.01 -19.79
C ARG D 17 66.93 2.75 -21.06
N VAL D 18 67.12 1.58 -21.64
CA VAL D 18 66.45 1.22 -22.90
C VAL D 18 65.31 0.24 -22.67
N ARG D 19 64.15 0.57 -23.25
CA ARG D 19 62.97 -0.29 -23.17
C ARG D 19 63.24 -1.67 -23.76
N PRO D 20 62.72 -2.73 -23.12
CA PRO D 20 62.88 -4.10 -23.60
C PRO D 20 62.28 -4.32 -24.99
N PRO D 21 62.91 -5.17 -25.81
CA PRO D 21 62.44 -5.46 -27.17
C PRO D 21 61.06 -6.12 -27.18
N THR D 22 60.30 -5.90 -28.24
CA THR D 22 58.99 -6.53 -28.40
C THR D 22 58.93 -7.27 -29.74
N ASP D 23 58.17 -8.37 -29.77
CA ASP D 23 58.10 -9.24 -30.93
C ASP D 23 57.59 -8.53 -32.19
N ASN D 24 56.69 -7.57 -32.00
CA ASN D 24 56.10 -6.87 -33.14
C ASN D 24 56.14 -5.36 -32.99
N GLY D 25 57.08 -4.86 -32.19
CA GLY D 25 57.24 -3.44 -31.97
C GLY D 25 56.17 -2.83 -31.07
N GLY D 26 55.35 -3.69 -30.47
CA GLY D 26 54.30 -3.24 -29.58
C GLY D 26 54.83 -2.72 -28.26
N PRO D 27 53.92 -2.39 -27.34
CA PRO D 27 54.29 -1.88 -26.01
C PRO D 27 54.63 -3.00 -25.04
N VAL D 28 55.38 -2.67 -23.99
CA VAL D 28 55.71 -3.63 -22.94
C VAL D 28 54.51 -3.83 -22.01
N VAL D 29 54.04 -5.06 -21.90
CA VAL D 29 52.89 -5.35 -21.06
C VAL D 29 53.29 -5.69 -19.63
N VAL D 30 52.93 -4.82 -18.70
CA VAL D 30 53.26 -5.02 -17.30
C VAL D 30 52.04 -5.52 -16.52
N SER D 31 52.12 -6.75 -16.03
CA SER D 31 51.05 -7.33 -15.23
C SER D 31 51.22 -6.91 -13.77
N VAL D 32 50.17 -6.34 -13.19
CA VAL D 32 50.29 -5.77 -11.85
C VAL D 32 49.43 -6.51 -10.82
N ASN D 33 50.07 -6.91 -9.73
CA ASN D 33 49.39 -7.50 -8.60
C ASN D 33 49.55 -6.59 -7.38
N MET D 34 48.49 -6.42 -6.61
CA MET D 34 48.53 -5.52 -5.48
C MET D 34 48.03 -6.18 -4.20
N LEU D 35 48.82 -6.06 -3.14
CA LEU D 35 48.46 -6.62 -1.84
C LEU D 35 48.38 -5.50 -0.79
N LEU D 36 47.21 -5.35 -0.17
CA LEU D 36 47.00 -4.30 0.82
C LEU D 36 47.24 -4.81 2.23
N ARG D 37 48.20 -4.20 2.93
CA ARG D 37 48.53 -4.63 4.29
C ARG D 37 47.70 -3.87 5.32
N THR D 38 47.81 -2.55 5.30
CA THR D 38 47.11 -1.72 6.27
C THR D 38 46.49 -0.49 5.63
N ILE D 39 45.32 -0.11 6.14
CA ILE D 39 44.70 1.16 5.80
C ILE D 39 44.51 1.94 7.10
N SER D 40 45.05 3.14 7.17
CA SER D 40 45.03 3.88 8.43
C SER D 40 45.03 5.38 8.29
N LYS D 41 44.66 6.03 9.40
CA LYS D 41 44.80 7.47 9.58
C LYS D 41 44.00 8.16 8.48
N ILE D 42 42.84 7.58 8.20
CA ILE D 42 41.87 8.14 7.27
C ILE D 42 41.36 9.48 7.78
N ASP D 43 41.50 10.51 6.94
CA ASP D 43 41.15 11.86 7.34
C ASP D 43 40.04 12.42 6.45
N VAL D 44 39.00 12.90 7.11
CA VAL D 44 37.84 13.48 6.44
C VAL D 44 38.02 14.98 6.24
N VAL D 45 38.90 15.60 7.02
CA VAL D 45 39.16 17.03 6.88
C VAL D 45 40.09 17.33 5.71
N ASN D 46 41.19 16.58 5.61
CA ASN D 46 42.18 16.81 4.58
C ASN D 46 41.98 15.95 3.33
N MET D 47 40.89 15.19 3.33
CA MET D 47 40.52 14.34 2.20
C MET D 47 41.66 13.41 1.78
N GLU D 48 42.18 12.63 2.72
CA GLU D 48 43.27 11.72 2.44
C GLU D 48 43.24 10.52 3.39
N TYR D 49 43.93 9.46 3.01
CA TYR D 49 44.08 8.29 3.88
C TYR D 49 45.43 7.64 3.66
N SER D 50 45.98 7.03 4.71
CA SER D 50 47.27 6.37 4.60
C SER D 50 47.07 4.88 4.37
N ALA D 51 47.84 4.33 3.42
CA ALA D 51 47.72 2.92 3.10
C ALA D 51 49.09 2.33 2.87
N GLN D 52 49.35 1.20 3.50
CA GLN D 52 50.60 0.48 3.31
C GLN D 52 50.33 -0.75 2.46
N LEU D 53 51.13 -0.97 1.42
CA LEU D 53 50.82 -2.03 0.46
C LEU D 53 52.06 -2.64 -0.20
N THR D 54 51.89 -3.84 -0.76
CA THR D 54 52.96 -4.50 -1.51
C THR D 54 52.65 -4.47 -2.99
N LEU D 55 53.50 -3.81 -3.76
CA LEU D 55 53.30 -3.70 -5.21
C LEU D 55 54.08 -4.80 -5.93
N ARG D 56 53.40 -5.53 -6.80
CA ARG D 56 54.03 -6.57 -7.60
C ARG D 56 53.85 -6.34 -9.09
N GLU D 57 54.95 -6.10 -9.79
CA GLU D 57 54.92 -5.92 -11.23
C GLU D 57 55.59 -7.08 -11.94
N SER D 58 55.15 -7.34 -13.16
CA SER D 58 55.70 -8.44 -13.95
C SER D 58 55.69 -8.10 -15.44
N TRP D 59 56.86 -8.19 -16.07
CA TRP D 59 56.99 -7.94 -17.49
C TRP D 59 58.03 -8.88 -18.10
N ILE D 60 58.14 -8.86 -19.43
CA ILE D 60 59.09 -9.73 -20.10
C ILE D 60 60.24 -8.93 -20.71
N ASP D 61 61.45 -9.28 -20.30
CA ASP D 61 62.66 -8.67 -20.83
C ASP D 61 63.51 -9.76 -21.43
N LYS D 62 63.39 -9.93 -22.74
CA LYS D 62 64.07 -11.02 -23.45
C LYS D 62 65.59 -10.92 -23.35
N ARG D 63 66.08 -9.73 -23.02
CA ARG D 63 67.50 -9.50 -22.84
C ARG D 63 68.04 -10.22 -21.62
N LEU D 64 67.17 -10.46 -20.64
CA LEU D 64 67.57 -11.09 -19.39
C LEU D 64 67.35 -12.60 -19.42
N SER D 65 66.87 -13.11 -20.56
CA SER D 65 66.58 -14.52 -20.70
C SER D 65 67.88 -15.32 -20.76
N TYR D 66 68.09 -16.19 -19.77
CA TYR D 66 69.33 -16.94 -19.68
C TYR D 66 69.19 -18.46 -19.77
N GLY D 67 68.04 -18.97 -20.19
CA GLY D 67 67.89 -20.42 -20.16
C GLY D 67 66.71 -21.16 -20.78
N VAL D 68 66.93 -22.46 -20.90
CA VAL D 68 65.96 -23.43 -21.41
C VAL D 68 65.40 -24.14 -20.19
N LYS D 69 64.26 -24.81 -20.32
CA LYS D 69 63.69 -25.53 -19.18
C LYS D 69 64.62 -26.64 -18.68
N GLY D 70 65.27 -27.34 -19.62
CA GLY D 70 66.10 -28.48 -19.29
C GLY D 70 67.51 -28.27 -18.73
N ASP D 71 68.02 -27.04 -18.77
CA ASP D 71 69.34 -26.80 -18.21
C ASP D 71 69.29 -26.90 -16.68
N GLY D 72 70.45 -27.13 -16.07
CA GLY D 72 70.60 -27.17 -14.63
C GLY D 72 70.51 -25.86 -13.88
N GLN D 73 70.13 -24.78 -14.55
CA GLN D 73 70.11 -23.49 -13.88
C GLN D 73 68.70 -23.18 -13.34
N PRO D 74 68.64 -22.53 -12.17
CA PRO D 74 67.38 -22.25 -11.46
C PRO D 74 66.43 -21.36 -12.26
N ASP D 75 65.15 -21.72 -12.24
CA ASP D 75 64.10 -21.01 -12.96
C ASP D 75 64.20 -19.50 -12.77
N PHE D 76 64.46 -19.07 -11.55
CA PHE D 76 64.59 -17.66 -11.25
C PHE D 76 65.85 -17.37 -10.45
N VAL D 77 66.37 -16.15 -10.62
CA VAL D 77 67.54 -15.69 -9.88
C VAL D 77 67.22 -14.37 -9.19
N ILE D 78 67.56 -14.28 -7.91
CA ILE D 78 67.35 -13.04 -7.18
C ILE D 78 68.41 -12.03 -7.58
N LEU D 79 67.97 -10.87 -8.04
CA LEU D 79 68.90 -9.84 -8.49
C LEU D 79 69.64 -9.22 -7.32
N THR D 80 70.96 -9.29 -7.36
CA THR D 80 71.80 -8.75 -6.29
C THR D 80 72.05 -7.26 -6.48
N VAL D 81 72.68 -6.64 -5.49
CA VAL D 81 72.96 -5.22 -5.55
C VAL D 81 74.05 -4.93 -6.58
N GLY D 82 73.99 -3.75 -7.19
CA GLY D 82 75.01 -3.33 -8.13
C GLY D 82 74.67 -3.60 -9.58
N HIS D 83 73.48 -4.16 -9.81
CA HIS D 83 73.04 -4.47 -11.16
C HIS D 83 71.65 -3.91 -11.45
N GLN D 84 71.56 -3.01 -12.42
CA GLN D 84 70.28 -2.40 -12.76
C GLN D 84 69.65 -3.04 -13.98
N ILE D 85 68.34 -3.26 -13.90
CA ILE D 85 67.56 -3.72 -15.03
C ILE D 85 66.52 -2.64 -15.36
N TRP D 86 66.05 -2.63 -16.60
CA TRP D 86 64.96 -1.73 -16.96
C TRP D 86 63.74 -2.02 -16.11
N MET D 87 63.15 -0.97 -15.55
CA MET D 87 61.94 -1.11 -14.74
C MET D 87 60.92 -0.05 -15.15
N PRO D 88 59.64 -0.42 -15.12
CA PRO D 88 58.54 0.50 -15.44
C PRO D 88 58.57 1.74 -14.56
N ASP D 89 58.50 2.92 -15.17
CA ASP D 89 58.49 4.18 -14.42
C ASP D 89 57.15 4.44 -13.75
N THR D 90 56.64 3.45 -13.05
CA THR D 90 55.32 3.52 -12.42
C THR D 90 55.30 4.46 -11.21
N PHE D 91 54.17 5.15 -11.04
CA PHE D 91 53.98 6.03 -9.90
C PHE D 91 52.51 6.04 -9.48
N PHE D 92 52.16 6.85 -8.50
CA PHE D 92 50.79 6.92 -8.01
C PHE D 92 50.20 8.32 -8.16
N PRO D 93 49.41 8.53 -9.22
CA PRO D 93 48.83 9.83 -9.59
C PRO D 93 48.17 10.58 -8.42
N ASN D 94 47.44 9.87 -7.57
CA ASN D 94 46.72 10.53 -6.48
C ASN D 94 47.44 10.43 -5.14
N GLU D 95 48.74 10.16 -5.19
CA GLU D 95 49.55 10.12 -3.97
C GLU D 95 50.02 11.51 -3.57
N LYS D 96 49.81 11.88 -2.31
CA LYS D 96 50.24 13.18 -1.81
C LYS D 96 51.58 13.05 -1.10
N GLN D 97 51.79 11.89 -0.48
CA GLN D 97 53.03 11.58 0.22
C GLN D 97 53.29 10.09 0.09
N ALA D 98 54.55 9.71 -0.06
CA ALA D 98 54.89 8.29 -0.21
C ALA D 98 56.34 8.00 0.17
N TYR D 99 56.54 6.88 0.83
CA TYR D 99 57.86 6.47 1.31
C TYR D 99 58.14 5.01 0.97
N LYS D 100 59.41 4.67 0.76
CA LYS D 100 59.80 3.27 0.68
C LYS D 100 60.41 2.83 2.01
N HIS D 101 60.36 1.53 2.30
CA HIS D 101 60.88 1.02 3.56
C HIS D 101 62.31 0.52 3.34
N THR D 102 63.25 1.12 4.08
CA THR D 102 64.67 0.85 3.87
C THR D 102 65.39 0.30 5.10
N ILE D 103 64.62 -0.13 6.09
CA ILE D 103 65.20 -0.61 7.34
C ILE D 103 66.05 -1.86 7.16
N ASP D 104 67.25 -1.81 7.73
CA ASP D 104 68.34 -2.72 7.39
C ASP D 104 68.53 -2.66 5.89
N LYS D 105 68.43 -3.79 5.22
CA LYS D 105 68.44 -3.79 3.76
C LYS D 105 67.09 -3.31 3.23
N PRO D 106 67.11 -2.58 2.09
CA PRO D 106 65.86 -2.07 1.51
C PRO D 106 64.90 -3.18 1.10
N ASN D 107 63.60 -2.89 1.20
CA ASN D 107 62.58 -3.92 0.98
C ASN D 107 62.15 -4.02 -0.47
N VAL D 108 63.08 -4.41 -1.33
CA VAL D 108 62.75 -4.67 -2.73
C VAL D 108 63.16 -6.09 -3.10
N LEU D 109 62.45 -6.67 -4.06
CA LEU D 109 62.76 -8.01 -4.53
C LEU D 109 62.61 -8.11 -6.04
N ILE D 110 63.68 -8.50 -6.72
CA ILE D 110 63.65 -8.67 -8.16
C ILE D 110 64.08 -10.07 -8.56
N ARG D 111 63.17 -10.80 -9.22
CA ARG D 111 63.46 -12.14 -9.69
C ARG D 111 63.53 -12.15 -11.21
N ILE D 112 64.60 -12.74 -11.74
CA ILE D 112 64.74 -12.88 -13.18
C ILE D 112 64.58 -14.32 -13.60
N HIS D 113 63.44 -14.63 -14.20
CA HIS D 113 63.18 -15.99 -14.68
C HIS D 113 64.02 -16.35 -15.91
N ASN D 114 64.07 -17.64 -16.22
CA ASN D 114 64.88 -18.13 -17.33
C ASN D 114 64.42 -17.64 -18.70
N ASP D 115 63.09 -17.55 -18.88
CA ASP D 115 62.53 -17.11 -20.15
C ASP D 115 62.71 -15.61 -20.36
N GLY D 116 63.05 -14.92 -19.28
CA GLY D 116 63.25 -13.48 -19.33
C GLY D 116 62.18 -12.71 -18.59
N THR D 117 61.21 -13.43 -18.03
CA THR D 117 60.14 -12.80 -17.27
C THR D 117 60.68 -12.27 -15.94
N VAL D 118 60.38 -11.00 -15.65
CA VAL D 118 60.85 -10.38 -14.43
C VAL D 118 59.73 -10.23 -13.41
N LEU D 119 60.00 -10.60 -12.16
CA LEU D 119 59.05 -10.37 -11.08
C LEU D 119 59.62 -9.31 -10.15
N TYR D 120 58.85 -8.23 -9.95
CA TYR D 120 59.29 -7.11 -9.14
C TYR D 120 58.36 -6.88 -7.96
N SER D 121 58.90 -6.98 -6.75
CA SER D 121 58.13 -6.79 -5.53
C SER D 121 58.71 -5.69 -4.65
N VAL D 122 57.84 -4.86 -4.10
CA VAL D 122 58.29 -3.72 -3.29
C VAL D 122 57.24 -3.32 -2.26
N ARG D 123 57.67 -3.06 -1.03
CA ARG D 123 56.79 -2.53 0.00
C ARG D 123 56.77 -1.01 -0.05
N ILE D 124 55.57 -0.43 -0.11
CA ILE D 124 55.42 1.02 -0.22
C ILE D 124 54.41 1.54 0.80
N SER D 125 54.72 2.67 1.41
CA SER D 125 53.78 3.34 2.31
C SER D 125 53.23 4.60 1.65
N LEU D 126 51.94 4.59 1.33
CA LEU D 126 51.32 5.71 0.64
C LEU D 126 50.43 6.56 1.53
N VAL D 127 50.27 7.82 1.15
CA VAL D 127 49.25 8.68 1.72
C VAL D 127 48.45 9.30 0.56
N LEU D 128 47.39 8.60 0.17
CA LEU D 128 46.65 8.97 -1.04
C LEU D 128 45.52 9.95 -0.76
N SER D 129 45.21 10.79 -1.73
CA SER D 129 44.10 11.73 -1.61
C SER D 129 42.78 11.02 -1.90
N CYS D 130 41.79 11.30 -1.07
CA CYS D 130 40.47 10.69 -1.22
C CYS D 130 39.39 11.68 -0.81
N PRO D 131 38.88 12.44 -1.78
CA PRO D 131 37.82 13.43 -1.50
C PRO D 131 36.58 12.76 -0.93
N MET D 132 36.18 13.15 0.26
CA MET D 132 35.04 12.55 0.95
C MET D 132 33.92 13.55 1.18
N TYR D 133 32.70 13.03 1.28
CA TYR D 133 31.52 13.87 1.41
C TYR D 133 30.63 13.40 2.55
N LEU D 134 30.28 14.32 3.45
CA LEU D 134 29.57 13.97 4.68
C LEU D 134 28.15 14.54 4.76
N GLN D 135 27.49 14.71 3.61
CA GLN D 135 26.12 15.22 3.58
C GLN D 135 25.16 14.31 4.34
N TYR D 136 25.46 13.02 4.31
CA TYR D 136 24.64 12.01 4.97
C TYR D 136 25.32 11.54 6.26
N TYR D 137 25.57 12.46 7.17
CA TYR D 137 26.26 12.07 8.39
C TYR D 137 25.30 11.50 9.42
N PRO D 138 25.60 10.29 9.95
CA PRO D 138 26.75 9.47 9.61
C PRO D 138 26.42 8.32 8.67
N MET D 139 25.19 8.32 8.14
CA MET D 139 24.79 7.27 7.22
C MET D 139 25.39 7.57 5.87
N ASP D 140 26.72 7.52 5.80
CA ASP D 140 27.37 7.82 4.53
C ASP D 140 28.17 6.62 4.07
N VAL D 141 28.70 6.76 2.87
CA VAL D 141 29.54 5.75 2.27
C VAL D 141 30.62 6.48 1.50
N GLN D 142 31.85 6.02 1.67
CA GLN D 142 32.97 6.65 1.00
C GLN D 142 33.67 5.67 0.09
N GLN D 143 34.21 6.16 -1.01
CA GLN D 143 34.99 5.31 -1.89
C GLN D 143 36.35 5.94 -2.14
N CYS D 144 37.40 5.24 -1.71
CA CYS D 144 38.76 5.72 -1.88
C CYS D 144 39.49 4.85 -2.90
N SER D 145 40.44 5.46 -3.61
CA SER D 145 41.09 4.77 -4.71
C SER D 145 42.62 4.83 -4.66
N ILE D 146 43.25 3.91 -5.40
CA ILE D 146 44.69 3.91 -5.58
C ILE D 146 45.04 3.88 -7.07
N ASP D 147 45.24 5.05 -7.66
CA ASP D 147 45.57 5.12 -9.07
C ASP D 147 47.02 4.74 -9.31
N LEU D 148 47.28 4.07 -10.43
CA LEU D 148 48.62 3.58 -10.75
C LEU D 148 48.88 3.69 -12.24
N ALA D 149 49.95 4.37 -12.61
CA ALA D 149 50.27 4.59 -14.02
C ALA D 149 51.76 4.88 -14.24
N SER D 150 52.15 4.95 -15.51
CA SER D 150 53.51 5.32 -15.87
C SER D 150 53.58 6.83 -16.09
N TYR D 151 54.75 7.41 -15.85
CA TYR D 151 54.88 8.87 -15.92
C TYR D 151 55.38 9.37 -17.27
N ALA D 152 56.43 8.73 -17.79
CA ALA D 152 57.08 9.20 -19.00
C ALA D 152 56.62 8.43 -20.23
N TYR D 153 56.53 7.11 -20.11
CA TYR D 153 56.20 6.25 -21.23
C TYR D 153 54.71 6.28 -21.56
N THR D 154 54.41 6.46 -22.85
CA THR D 154 53.02 6.54 -23.32
C THR D 154 52.47 5.13 -23.53
N THR D 155 51.34 5.04 -24.22
CA THR D 155 50.71 3.75 -24.49
C THR D 155 51.52 2.95 -25.50
N LYS D 156 52.40 3.64 -26.21
CA LYS D 156 53.20 3.00 -27.25
C LYS D 156 54.37 2.20 -26.68
N ASP D 157 54.74 2.49 -25.44
CA ASP D 157 55.89 1.83 -24.83
C ASP D 157 55.50 0.87 -23.72
N ILE D 158 54.53 1.27 -22.90
CA ILE D 158 54.13 0.48 -21.75
C ILE D 158 52.60 0.40 -21.60
N GLU D 159 52.11 -0.76 -21.20
CA GLU D 159 50.68 -0.98 -21.02
C GLU D 159 50.42 -1.78 -19.76
N TYR D 160 49.59 -1.24 -18.87
CA TYR D 160 49.32 -1.89 -17.59
C TYR D 160 48.07 -2.76 -17.64
N LEU D 161 48.17 -3.95 -17.04
CA LEU D 161 47.05 -4.88 -16.98
C LEU D 161 47.00 -5.55 -15.62
N TRP D 162 45.81 -5.62 -15.03
CA TRP D 162 45.62 -6.34 -13.78
C TRP D 162 45.84 -7.83 -13.98
N LYS D 163 46.47 -8.48 -13.00
CA LYS D 163 46.69 -9.92 -13.06
C LYS D 163 45.35 -10.65 -13.19
N GLU D 164 45.34 -11.72 -13.98
CA GLU D 164 44.11 -12.43 -14.28
C GLU D 164 43.49 -13.05 -13.04
N HIS D 165 44.34 -13.61 -12.17
CA HIS D 165 43.85 -14.28 -10.96
C HIS D 165 44.20 -13.50 -9.70
N SER D 166 43.17 -13.13 -8.94
CA SER D 166 43.31 -12.38 -7.69
C SER D 166 44.19 -11.14 -7.84
N PRO D 167 43.65 -10.10 -8.50
CA PRO D 167 44.41 -8.86 -8.73
C PRO D 167 44.68 -8.09 -7.45
N LEU D 168 43.73 -8.12 -6.53
CA LEU D 168 43.86 -7.42 -5.26
C LEU D 168 43.76 -8.38 -4.08
N GLN D 169 44.70 -8.27 -3.15
CA GLN D 169 44.72 -9.14 -1.98
C GLN D 169 44.74 -8.35 -0.68
N LEU D 170 43.67 -8.47 0.10
CA LEU D 170 43.61 -7.83 1.40
C LEU D 170 44.29 -8.70 2.46
N LYS D 171 44.79 -8.06 3.51
CA LYS D 171 45.41 -8.78 4.62
C LYS D 171 44.28 -9.36 5.48
N VAL D 172 44.61 -10.35 6.31
CA VAL D 172 43.62 -11.11 7.08
C VAL D 172 42.57 -10.27 7.81
N GLY D 173 42.99 -9.32 8.63
CA GLY D 173 42.05 -8.52 9.40
C GLY D 173 42.11 -7.05 9.05
N LEU D 174 41.90 -6.74 7.77
CA LEU D 174 42.04 -5.37 7.29
C LEU D 174 40.75 -4.58 7.49
N SER D 175 39.61 -5.24 7.28
CA SER D 175 38.31 -4.59 7.37
C SER D 175 38.00 -4.12 8.79
N SER D 176 38.56 -4.81 9.77
CA SER D 176 38.34 -4.47 11.17
C SER D 176 39.38 -3.47 11.68
N SER D 177 40.44 -3.29 10.90
CA SER D 177 41.53 -2.40 11.28
C SER D 177 41.06 -0.95 11.40
N LEU D 178 40.07 -0.58 10.59
CA LEU D 178 39.53 0.78 10.62
C LEU D 178 38.51 0.93 11.73
N PRO D 179 38.73 1.92 12.62
CA PRO D 179 37.82 2.18 13.74
C PRO D 179 36.49 2.80 13.28
N SER D 180 36.56 3.76 12.36
CA SER D 180 35.38 4.48 11.94
C SER D 180 34.55 3.75 10.88
N PHE D 181 35.21 3.08 9.95
CA PHE D 181 34.52 2.52 8.80
C PHE D 181 34.57 1.00 8.73
N GLN D 182 33.73 0.44 7.87
CA GLN D 182 33.73 -0.99 7.60
C GLN D 182 33.74 -1.21 6.09
N LEU D 183 34.81 -1.82 5.59
CA LEU D 183 35.01 -2.02 4.15
C LEU D 183 34.02 -2.99 3.50
N THR D 184 33.23 -2.50 2.55
CA THR D 184 32.18 -3.30 1.92
C THR D 184 32.58 -3.93 0.58
N ASN D 185 33.29 -3.19 -0.28
CA ASN D 185 33.71 -3.75 -1.56
C ASN D 185 35.10 -3.28 -1.96
N THR D 186 35.83 -4.17 -2.64
CA THR D 186 37.09 -3.83 -3.26
C THR D 186 36.99 -4.11 -4.75
N SER D 187 37.54 -3.22 -5.57
CA SER D 187 37.45 -3.37 -7.01
C SER D 187 38.74 -2.99 -7.73
N THR D 188 39.03 -3.68 -8.82
CA THR D 188 40.18 -3.36 -9.65
C THR D 188 39.71 -2.94 -11.04
N THR D 189 39.95 -1.66 -11.37
CA THR D 189 39.48 -1.11 -12.63
C THR D 189 40.60 -0.37 -13.37
N TYR D 190 40.30 0.07 -14.58
CA TYR D 190 41.25 0.83 -15.38
C TYR D 190 40.87 2.30 -15.45
N CYS D 191 41.88 3.16 -15.36
CA CYS D 191 41.65 4.61 -15.36
C CYS D 191 42.54 5.29 -16.39
N THR D 192 42.81 4.59 -17.49
CA THR D 192 43.61 5.13 -18.58
C THR D 192 42.98 6.42 -19.10
N SER D 193 43.76 7.49 -19.13
CA SER D 193 43.23 8.78 -19.54
C SER D 193 44.10 9.44 -20.61
N VAL D 194 43.49 10.34 -21.38
CA VAL D 194 44.19 11.06 -22.42
C VAL D 194 44.54 12.47 -21.95
N THR D 195 45.84 12.77 -21.89
CA THR D 195 46.32 14.05 -21.42
C THR D 195 46.98 14.83 -22.55
N ASN D 196 47.41 16.05 -22.24
CA ASN D 196 48.03 16.92 -23.24
C ASN D 196 49.40 16.42 -23.68
N THR D 197 49.99 15.53 -22.89
CA THR D 197 51.30 14.97 -23.22
C THR D 197 51.19 13.61 -23.89
N GLY D 198 50.01 13.00 -23.83
CA GLY D 198 49.77 11.72 -24.48
C GLY D 198 48.76 10.84 -23.78
N ILE D 199 48.62 9.61 -24.26
CA ILE D 199 47.68 8.65 -23.69
C ILE D 199 48.41 7.66 -22.77
N TYR D 200 48.12 7.75 -21.47
CA TYR D 200 48.84 6.93 -20.49
C TYR D 200 47.98 5.83 -19.89
N SER D 201 48.49 4.60 -19.92
CA SER D 201 47.80 3.46 -19.32
C SER D 201 47.79 3.59 -17.80
N CYS D 202 46.67 3.25 -17.18
CA CYS D 202 46.54 3.44 -15.74
C CYS D 202 45.61 2.41 -15.08
N LEU D 203 45.99 1.97 -13.88
CA LEU D 203 45.17 1.05 -13.10
C LEU D 203 44.58 1.74 -11.88
N ARG D 204 43.46 1.24 -11.39
CA ARG D 204 42.82 1.83 -10.21
C ARG D 204 42.20 0.81 -9.28
N THR D 205 42.76 0.68 -8.08
CA THR D 205 42.16 -0.11 -7.02
C THR D 205 41.25 0.78 -6.20
N THR D 206 40.03 0.32 -5.95
CA THR D 206 39.05 1.12 -5.23
C THR D 206 38.47 0.37 -4.03
N ILE D 207 38.44 1.04 -2.88
CA ILE D 207 37.84 0.47 -1.68
C ILE D 207 36.59 1.26 -1.30
N GLN D 208 35.55 0.55 -0.89
CA GLN D 208 34.31 1.21 -0.49
C GLN D 208 34.14 1.15 1.02
N LEU D 209 33.91 2.31 1.62
CA LEU D 209 33.85 2.42 3.08
C LEU D 209 32.45 2.78 3.59
N LYS D 210 31.93 1.93 4.47
CA LYS D 210 30.68 2.20 5.17
C LYS D 210 31.00 2.55 6.62
N ARG D 211 30.32 3.56 7.16
CA ARG D 211 30.58 3.98 8.53
C ARG D 211 29.80 3.10 9.50
N GLU D 212 30.35 2.89 10.69
CA GLU D 212 29.66 2.08 11.68
C GLU D 212 28.47 2.88 12.19
N PHE D 213 27.30 2.46 11.73
CA PHE D 213 26.06 3.17 12.02
C PHE D 213 25.41 2.79 13.35
N SER D 214 25.75 1.62 13.88
CA SER D 214 25.10 1.11 15.09
C SER D 214 25.29 2.02 16.30
N PHE D 215 26.49 2.58 16.45
CA PHE D 215 26.77 3.50 17.55
C PHE D 215 25.98 4.79 17.38
N TYR D 216 26.22 5.45 16.24
CA TYR D 216 25.52 6.69 15.93
C TYR D 216 24.00 6.49 15.92
N LEU D 217 23.56 5.29 15.54
CA LEU D 217 22.14 4.94 15.65
C LEU D 217 21.65 4.97 17.08
N LEU D 218 22.29 4.16 17.91
CA LEU D 218 21.81 3.89 19.25
C LEU D 218 22.19 4.90 20.34
N GLN D 219 23.26 5.65 20.12
CA GLN D 219 23.74 6.53 21.17
C GLN D 219 23.24 7.94 20.99
N LEU D 220 22.74 8.24 19.79
CA LEU D 220 22.19 9.57 19.55
C LEU D 220 20.71 9.52 19.15
N TYR D 221 20.37 8.71 18.16
CA TYR D 221 19.00 8.71 17.64
C TYR D 221 18.02 8.22 18.69
N ILE D 222 18.36 7.12 19.36
CA ILE D 222 17.51 6.56 20.43
C ILE D 222 17.23 7.52 21.60
N PRO D 223 18.28 8.15 22.20
CA PRO D 223 17.95 9.00 23.34
C PRO D 223 17.16 10.26 22.95
N SER D 224 17.38 10.80 21.76
CA SER D 224 16.65 11.98 21.33
C SER D 224 15.20 11.59 21.06
N CYS D 225 15.00 10.39 20.52
CA CYS D 225 13.65 9.88 20.29
C CYS D 225 12.90 9.74 21.61
N MET D 226 13.56 9.17 22.61
CA MET D 226 12.97 9.03 23.95
C MET D 226 12.77 10.37 24.62
N LEU D 227 13.68 11.32 24.33
CA LEU D 227 13.63 12.63 24.94
C LEU D 227 12.39 13.40 24.47
N VAL D 228 12.11 13.31 23.17
CA VAL D 228 10.93 13.95 22.60
C VAL D 228 9.65 13.32 23.16
N ILE D 229 9.67 12.00 23.33
CA ILE D 229 8.52 11.29 23.88
C ILE D 229 8.23 11.72 25.32
N VAL D 230 9.29 11.87 26.11
CA VAL D 230 9.15 12.30 27.49
C VAL D 230 8.58 13.72 27.59
N SER D 231 9.00 14.58 26.66
CA SER D 231 8.56 15.97 26.64
C SER D 231 7.07 16.14 26.33
N TRP D 232 6.45 15.13 25.71
CA TRP D 232 5.05 15.23 25.32
C TRP D 232 4.08 15.00 26.47
N VAL D 233 4.49 14.21 27.47
CA VAL D 233 3.59 13.85 28.56
C VAL D 233 3.31 15.04 29.49
N SER D 234 3.94 16.18 29.22
CA SER D 234 3.65 17.40 29.96
C SER D 234 2.34 18.01 29.44
N PHE D 235 1.95 17.62 28.23
CA PHE D 235 0.69 18.08 27.65
C PHE D 235 -0.47 17.41 28.38
N TRP D 236 -0.23 16.17 28.80
CA TRP D 236 -1.24 15.37 29.48
C TRP D 236 -1.30 15.71 30.96
N PHE D 237 -0.37 16.55 31.41
CA PHE D 237 -0.36 17.04 32.78
C PHE D 237 -1.22 18.29 32.93
N ASP D 238 -1.78 18.47 34.13
CA ASP D 238 -2.64 19.60 34.42
C ASP D 238 -1.82 20.90 34.44
N ARG D 239 -2.49 22.03 34.31
CA ARG D 239 -1.80 23.31 34.32
C ARG D 239 -1.31 23.62 35.73
N THR D 240 -2.05 23.14 36.73
CA THR D 240 -1.79 23.49 38.13
C THR D 240 -0.53 22.83 38.69
N ALA D 241 -0.09 21.77 38.02
CA ALA D 241 1.14 21.08 38.39
C ALA D 241 2.35 21.78 37.79
N ILE D 242 2.66 22.97 38.27
CA ILE D 242 3.81 23.72 37.78
C ILE D 242 5.13 22.97 38.00
N PRO D 243 5.37 22.43 39.22
CA PRO D 243 6.64 21.70 39.38
C PRO D 243 6.77 20.50 38.44
N ALA D 244 5.65 19.93 38.03
CA ALA D 244 5.67 18.76 37.15
C ALA D 244 6.03 19.14 35.71
N ARG D 245 5.38 20.17 35.18
CA ARG D 245 5.57 20.55 33.78
C ARG D 245 6.85 21.35 33.55
N VAL D 246 7.20 22.20 34.51
CA VAL D 246 8.41 23.01 34.41
C VAL D 246 9.65 22.13 34.44
N THR D 247 9.64 21.13 35.33
CA THR D 247 10.76 20.21 35.45
C THR D 247 11.00 19.45 34.15
N LEU D 248 9.96 18.78 33.64
CA LEU D 248 10.07 18.02 32.41
C LEU D 248 10.59 18.84 31.23
N GLY D 249 10.06 20.04 31.05
CA GLY D 249 10.46 20.90 29.95
C GLY D 249 11.93 21.28 30.00
N VAL D 250 12.38 21.75 31.16
CA VAL D 250 13.75 22.19 31.33
C VAL D 250 14.73 21.02 31.37
N THR D 251 14.39 19.98 32.12
CA THR D 251 15.23 18.79 32.26
C THR D 251 15.51 18.14 30.91
N THR D 252 14.46 17.97 30.12
CA THR D 252 14.56 17.34 28.81
C THR D 252 15.48 18.11 27.87
N LEU D 253 15.38 19.43 27.92
CA LEU D 253 16.20 20.29 27.07
C LEU D 253 17.66 20.23 27.46
N LEU D 254 17.93 20.22 28.76
CA LEU D 254 19.29 20.16 29.27
C LEU D 254 19.98 18.86 28.87
N THR D 255 19.24 17.76 28.94
CA THR D 255 19.76 16.46 28.55
C THR D 255 20.04 16.43 27.05
N MET D 256 19.17 17.09 26.29
CA MET D 256 19.31 17.15 24.85
C MET D 256 20.58 17.87 24.40
N THR D 257 20.92 18.93 25.12
CA THR D 257 22.15 19.69 24.83
C THR D 257 23.38 18.84 25.09
N ALA D 258 23.36 18.10 26.20
CA ALA D 258 24.48 17.26 26.60
C ALA D 258 24.76 16.16 25.58
N GLN D 259 23.70 15.54 25.07
CA GLN D 259 23.83 14.52 24.05
C GLN D 259 24.46 15.11 22.80
N SER D 260 24.02 16.33 22.46
CA SER D 260 24.52 17.02 21.29
C SER D 260 26.01 17.31 21.42
N ALA D 261 26.45 17.66 22.63
CA ALA D 261 27.85 17.95 22.89
C ALA D 261 28.73 16.71 22.74
N GLY D 262 28.24 15.56 23.20
CA GLY D 262 28.98 14.32 23.10
C GLY D 262 29.21 13.87 21.67
N ILE D 263 28.19 14.04 20.83
CA ILE D 263 28.27 13.68 19.43
C ILE D 263 29.24 14.61 18.66
N ASN D 264 29.30 15.86 19.09
CA ASN D 264 30.10 16.89 18.44
C ASN D 264 31.61 16.65 18.35
N SER D 265 32.22 16.14 19.42
CA SER D 265 33.67 15.92 19.45
C SER D 265 34.07 14.90 18.39
N GLN D 266 33.30 13.82 18.34
CA GLN D 266 33.52 12.73 17.39
C GLN D 266 33.43 13.28 15.99
N LEU D 267 32.47 14.18 15.81
CA LEU D 267 32.18 14.78 14.53
C LEU D 267 33.29 15.74 14.16
N PRO D 268 33.88 15.54 12.98
CA PRO D 268 34.91 16.44 12.45
C PRO D 268 34.36 17.79 12.07
N PRO D 269 35.17 18.84 12.20
CA PRO D 269 34.64 20.16 11.85
C PRO D 269 34.52 20.27 10.32
N VAL D 270 33.32 20.53 9.82
CA VAL D 270 33.13 20.69 8.38
C VAL D 270 32.15 21.83 8.12
N SER D 271 32.44 22.62 7.10
CA SER D 271 31.64 23.82 6.82
C SER D 271 30.28 23.56 6.20
N TYR D 272 30.08 22.41 5.54
CA TYR D 272 28.76 22.17 4.94
C TYR D 272 27.82 21.42 5.88
N ILE D 273 26.53 21.59 5.65
CA ILE D 273 25.47 20.97 6.46
C ILE D 273 25.42 19.45 6.33
N LYS D 274 25.39 18.77 7.47
CA LYS D 274 25.34 17.31 7.50
C LYS D 274 23.99 16.79 7.96
N ALA D 275 23.74 15.52 7.72
CA ALA D 275 22.50 14.86 8.13
C ALA D 275 22.36 14.88 9.66
N ILE D 276 23.49 14.83 10.35
CA ILE D 276 23.49 14.81 11.81
C ILE D 276 23.08 16.17 12.38
N ASP D 277 23.32 17.23 11.63
CA ASP D 277 22.98 18.58 12.06
C ASP D 277 21.49 18.82 11.96
N VAL D 278 20.89 18.30 10.89
CA VAL D 278 19.46 18.45 10.66
C VAL D 278 18.66 17.77 11.76
N TRP D 279 19.02 16.53 12.07
CA TRP D 279 18.27 15.73 13.02
C TRP D 279 18.47 16.19 14.45
N ILE D 280 19.57 16.90 14.69
CA ILE D 280 19.82 17.49 16.02
C ILE D 280 18.99 18.76 16.20
N GLY D 281 19.04 19.64 15.21
CA GLY D 281 18.33 20.90 15.25
C GLY D 281 16.83 20.73 15.34
N ALA D 282 16.33 19.65 14.76
CA ALA D 282 14.90 19.36 14.79
C ALA D 282 14.47 18.95 16.19
N CYS D 283 15.13 17.92 16.74
CA CYS D 283 14.83 17.43 18.07
C CYS D 283 15.00 18.53 19.12
N MET D 284 15.96 19.41 18.88
CA MET D 284 16.17 20.55 19.76
C MET D 284 14.97 21.47 19.74
N THR D 285 14.37 21.61 18.55
CA THR D 285 13.22 22.49 18.36
C THR D 285 11.95 21.91 18.99
N PHE D 286 11.68 20.65 18.70
CA PHE D 286 10.49 19.97 19.21
C PHE D 286 10.40 20.03 20.74
N ILE D 287 11.54 19.88 21.40
CA ILE D 287 11.59 19.92 22.85
C ILE D 287 11.44 21.35 23.35
N PHE D 288 12.01 22.29 22.61
CA PHE D 288 11.92 23.71 22.93
C PHE D 288 10.49 24.21 22.81
N CYS D 289 9.80 23.76 21.75
CA CYS D 289 8.43 24.18 21.49
C CYS D 289 7.48 23.58 22.52
N ALA D 290 7.79 22.38 22.97
CA ALA D 290 7.00 21.71 24.00
C ALA D 290 7.05 22.49 25.30
N LEU D 291 8.21 23.08 25.59
CA LEU D 291 8.36 23.93 26.77
C LEU D 291 7.69 25.29 26.60
N LEU D 292 7.81 25.86 25.41
CA LEU D 292 7.19 27.15 25.11
C LEU D 292 5.67 27.02 25.17
N GLU D 293 5.17 25.87 24.75
CA GLU D 293 3.73 25.59 24.79
C GLU D 293 3.21 25.76 26.21
N PHE D 294 3.99 25.29 27.18
CA PHE D 294 3.63 25.42 28.59
C PHE D 294 3.53 26.88 29.01
N ALA D 295 4.44 27.70 28.51
CA ALA D 295 4.47 29.13 28.84
C ALA D 295 3.21 29.84 28.34
N LEU D 296 2.75 29.46 27.15
CA LEU D 296 1.53 30.02 26.59
C LEU D 296 0.32 29.56 27.39
N VAL D 297 0.32 28.28 27.75
CA VAL D 297 -0.78 27.69 28.52
C VAL D 297 -0.87 28.30 29.91
N ASN D 298 0.27 28.42 30.57
CA ASN D 298 0.30 28.97 31.93
C ASN D 298 -0.11 30.43 31.95
N HIS D 299 0.16 31.14 30.85
CA HIS D 299 -0.21 32.54 30.74
C HIS D 299 -1.72 32.78 30.66
N ILE D 300 -2.37 32.16 29.66
CA ILE D 300 -3.79 32.39 29.43
C ILE D 300 -4.66 31.80 30.54
N ALA D 301 -4.17 30.79 31.23
CA ALA D 301 -4.90 30.22 32.35
C ALA D 301 -4.91 31.17 33.55
N ASN D 302 -3.75 31.79 33.79
CA ASN D 302 -3.53 32.63 34.95
C ASN D 302 -4.43 33.86 35.01
N ALA D 303 -4.85 34.34 33.84
CA ALA D 303 -5.69 35.54 33.73
C ALA D 303 -7.11 35.36 34.28
N GLY D 304 -7.38 34.20 34.86
CA GLY D 304 -8.64 33.93 35.57
C GLY D 304 -10.00 34.37 35.06
N THR D 305 -10.33 34.04 33.82
CA THR D 305 -11.69 34.22 33.36
C THR D 305 -11.97 32.98 32.53
N THR D 306 -13.16 32.40 32.68
CA THR D 306 -13.48 31.08 32.11
C THR D 306 -13.38 30.90 30.59
N GLU D 307 -13.70 31.94 29.80
CA GLU D 307 -13.47 31.86 28.35
C GLU D 307 -12.01 31.46 28.24
N TRP D 308 -11.12 32.29 28.77
CA TRP D 308 -9.71 31.95 28.81
C TRP D 308 -9.35 30.75 29.72
N ASN D 309 -9.89 30.69 30.94
CA ASN D 309 -9.70 29.50 31.82
C ASN D 309 -9.69 28.18 31.07
N ASP D 310 -10.83 27.85 30.46
CA ASP D 310 -11.00 26.64 29.63
C ASP D 310 -10.19 26.55 28.34
N ILE D 311 -9.82 27.68 27.73
CA ILE D 311 -9.05 27.66 26.48
C ILE D 311 -7.70 26.95 26.69
N SER D 312 -7.13 27.13 27.87
CA SER D 312 -5.84 26.52 28.20
C SER D 312 -5.85 25.02 27.94
N LYS D 313 -6.91 24.35 28.37
CA LYS D 313 -7.08 22.92 28.15
C LYS D 313 -7.13 22.59 26.66
N ARG D 314 -7.83 23.43 25.90
CA ARG D 314 -7.95 23.27 24.46
C ARG D 314 -6.56 23.26 23.80
N VAL D 315 -5.69 24.16 24.25
CA VAL D 315 -4.32 24.22 23.77
C VAL D 315 -3.59 22.91 24.08
N ASP D 316 -3.82 22.39 25.29
CA ASP D 316 -3.23 21.12 25.70
C ASP D 316 -3.73 19.96 24.87
N LEU D 317 -5.03 19.98 24.54
CA LEU D 317 -5.64 18.90 23.77
C LEU D 317 -5.07 18.79 22.37
N ILE D 318 -4.92 19.93 21.69
CA ILE D 318 -4.42 19.94 20.32
C ILE D 318 -2.91 19.66 20.27
N SER D 319 -2.22 19.93 21.38
CA SER D 319 -0.79 19.66 21.46
C SER D 319 -0.51 18.16 21.52
N ARG D 320 -1.43 17.42 22.13
CA ARG D 320 -1.29 15.98 22.26
C ARG D 320 -1.43 15.28 20.90
N ALA D 321 -1.90 16.03 19.91
CA ALA D 321 -2.09 15.49 18.57
C ALA D 321 -1.12 16.12 17.58
N LEU D 322 -0.92 17.43 17.69
CA LEU D 322 -0.11 18.17 16.74
C LEU D 322 1.36 17.73 16.75
N PHE D 323 1.96 17.72 17.95
CA PHE D 323 3.37 17.36 18.08
C PHE D 323 3.71 15.93 17.61
N PRO D 324 2.92 14.91 18.03
CA PRO D 324 3.27 13.58 17.54
C PRO D 324 3.14 13.43 16.03
N VAL D 325 2.17 14.12 15.44
CA VAL D 325 1.97 14.08 14.00
C VAL D 325 3.12 14.78 13.28
N LEU D 326 3.44 15.99 13.73
CA LEU D 326 4.52 16.77 13.13
C LEU D 326 5.86 16.05 13.22
N PHE D 327 6.10 15.38 14.34
CA PHE D 327 7.33 14.62 14.53
C PHE D 327 7.36 13.39 13.63
N PHE D 328 6.19 12.77 13.45
CA PHE D 328 6.08 11.59 12.60
C PHE D 328 6.26 11.99 11.13
N VAL D 329 5.76 13.17 10.79
CA VAL D 329 5.94 13.72 9.45
C VAL D 329 7.42 14.00 9.19
N PHE D 330 8.09 14.54 10.20
CA PHE D 330 9.52 14.84 10.09
C PHE D 330 10.35 13.59 9.83
N ASN D 331 10.11 12.54 10.61
CA ASN D 331 10.85 11.30 10.48
C ASN D 331 10.71 10.68 9.10
N ILE D 332 9.50 10.73 8.55
CA ILE D 332 9.26 10.25 7.19
C ILE D 332 10.09 11.07 6.19
N LEU D 333 10.06 12.38 6.34
CA LEU D 333 10.83 13.27 5.48
C LEU D 333 12.32 13.09 5.66
N TYR D 334 12.75 12.92 6.91
CA TYR D 334 14.17 12.82 7.21
C TYR D 334 14.79 11.53 6.68
N TRP D 335 14.20 10.40 7.05
CA TRP D 335 14.81 9.11 6.73
C TRP D 335 14.68 8.74 5.26
N SER D 336 13.67 9.30 4.58
CA SER D 336 13.51 9.10 3.15
C SER D 336 14.49 9.96 2.36
N ARG D 337 15.01 11.01 3.00
CA ARG D 337 15.97 11.89 2.36
C ARG D 337 17.39 11.38 2.55
N PHE D 338 17.67 10.89 3.75
CA PHE D 338 19.01 10.40 4.09
C PHE D 338 18.98 8.87 4.18
N GLY D 339 18.16 8.28 3.32
CA GLY D 339 18.00 6.85 3.18
C GLY D 339 18.82 6.35 2.01
N HIS D 340 19.51 7.28 1.36
CA HIS D 340 20.29 6.99 0.17
C HIS D 340 21.76 7.36 0.35
N SER E 1 68.52 3.61 -31.49
CA SER E 1 68.12 4.76 -32.29
C SER E 1 68.03 6.02 -31.45
N ASP E 2 67.08 6.04 -30.52
CA ASP E 2 66.90 7.17 -29.62
C ASP E 2 68.12 7.39 -28.74
N SER E 3 68.64 6.29 -28.17
CA SER E 3 69.85 6.37 -27.35
C SER E 3 71.05 6.86 -28.15
N LYS E 4 71.07 6.56 -29.45
CA LYS E 4 72.14 7.01 -30.34
C LYS E 4 72.03 8.52 -30.60
N ILE E 5 70.81 9.04 -30.57
CA ILE E 5 70.57 10.46 -30.83
C ILE E 5 71.04 11.27 -29.63
N LEU E 6 70.63 10.85 -28.43
CA LEU E 6 71.04 11.51 -27.19
C LEU E 6 72.56 11.54 -27.05
N ALA E 7 73.21 10.45 -27.47
CA ALA E 7 74.67 10.37 -27.44
C ALA E 7 75.32 11.41 -28.35
N HIS E 8 74.77 11.57 -29.55
CA HIS E 8 75.31 12.52 -30.51
C HIS E 8 75.20 13.96 -30.02
N LEU E 9 74.17 14.23 -29.22
CA LEU E 9 73.97 15.58 -28.69
C LEU E 9 75.03 15.92 -27.66
N PHE E 10 75.32 14.97 -26.78
CA PHE E 10 76.22 15.23 -25.66
C PHE E 10 77.65 14.76 -25.92
N THR E 11 77.94 14.33 -27.15
CA THR E 11 79.31 14.03 -27.52
C THR E 11 80.03 15.31 -27.92
N SER E 12 79.28 16.24 -28.51
CA SER E 12 79.80 17.57 -28.85
C SER E 12 80.02 18.37 -27.58
N GLY E 13 80.81 19.43 -27.69
CA GLY E 13 81.09 20.26 -26.54
C GLY E 13 79.83 20.97 -26.09
N TYR E 14 79.19 20.40 -25.07
CA TYR E 14 77.95 20.97 -24.54
C TYR E 14 78.14 21.21 -23.05
N ASP E 15 77.60 22.31 -22.56
CA ASP E 15 77.72 22.64 -21.15
C ASP E 15 76.38 23.04 -20.57
N PHE E 16 75.83 22.20 -19.70
CA PHE E 16 74.52 22.46 -19.11
C PHE E 16 74.60 23.63 -18.13
N ARG E 17 75.82 24.05 -17.83
CA ARG E 17 76.06 25.18 -16.96
C ARG E 17 75.93 26.50 -17.73
N VAL E 18 75.80 26.39 -19.04
CA VAL E 18 75.74 27.58 -19.91
C VAL E 18 74.33 27.82 -20.44
N ARG E 19 73.87 29.07 -20.32
CA ARG E 19 72.58 29.48 -20.85
C ARG E 19 72.49 29.25 -22.35
N PRO E 20 71.34 28.78 -22.85
CA PRO E 20 71.15 28.56 -24.28
C PRO E 20 71.29 29.84 -25.10
N PRO E 21 71.84 29.73 -26.32
CA PRO E 21 72.05 30.87 -27.22
C PRO E 21 70.74 31.52 -27.66
N THR E 22 70.80 32.82 -27.96
CA THR E 22 69.64 33.55 -28.45
C THR E 22 69.98 34.26 -29.77
N ASP E 23 68.99 34.39 -30.65
CA ASP E 23 69.21 34.97 -31.97
C ASP E 23 69.71 36.41 -31.93
N ASN E 24 69.30 37.16 -30.91
CA ASN E 24 69.68 38.57 -30.80
C ASN E 24 70.21 38.92 -29.42
N GLY E 25 70.71 37.91 -28.71
CA GLY E 25 71.29 38.13 -27.38
C GLY E 25 70.23 38.38 -26.33
N GLY E 26 68.97 38.21 -26.70
CA GLY E 26 67.88 38.41 -25.78
C GLY E 26 67.80 37.35 -24.71
N PRO E 27 66.76 37.39 -23.87
CA PRO E 27 66.60 36.41 -22.81
C PRO E 27 65.96 35.11 -23.30
N VAL E 28 66.16 34.03 -22.56
CA VAL E 28 65.53 32.76 -22.87
C VAL E 28 64.07 32.82 -22.42
N VAL E 29 63.15 32.63 -23.35
CA VAL E 29 61.73 32.71 -23.04
C VAL E 29 61.18 31.34 -22.63
N VAL E 30 60.78 31.22 -21.37
CA VAL E 30 60.23 29.98 -20.85
C VAL E 30 58.72 30.06 -20.76
N SER E 31 58.04 29.28 -21.58
CA SER E 31 56.58 29.23 -21.56
C SER E 31 56.11 28.25 -20.49
N VAL E 32 55.23 28.71 -19.61
CA VAL E 32 54.84 27.92 -18.45
C VAL E 32 53.36 27.52 -18.48
N ASN E 33 53.12 26.22 -18.32
CA ASN E 33 51.79 25.67 -18.17
C ASN E 33 51.68 25.06 -16.78
N MET E 34 50.53 25.24 -16.14
CA MET E 34 50.37 24.75 -14.78
C MET E 34 49.11 23.90 -14.61
N LEU E 35 49.27 22.73 -13.99
CA LEU E 35 48.16 21.84 -13.73
C LEU E 35 47.97 21.65 -12.22
N LEU E 36 46.80 22.06 -11.73
CA LEU E 36 46.51 21.98 -10.31
C LEU E 36 45.73 20.71 -10.02
N ARG E 37 46.29 19.83 -9.19
CA ARG E 37 45.64 18.55 -8.89
C ARG E 37 44.78 18.64 -7.64
N THR E 38 45.39 19.01 -6.52
CA THR E 38 44.66 19.06 -5.26
C THR E 38 44.97 20.31 -4.44
N ILE E 39 43.95 20.80 -3.76
CA ILE E 39 44.11 21.86 -2.77
C ILE E 39 43.62 21.30 -1.44
N SER E 40 44.48 21.35 -0.42
CA SER E 40 44.15 20.72 0.85
C SER E 40 44.83 21.41 2.03
N LYS E 41 44.32 21.13 3.22
CA LYS E 41 44.95 21.55 4.47
C LYS E 41 45.08 23.07 4.55
N ILE E 42 44.03 23.77 4.16
CA ILE E 42 44.00 25.23 4.32
C ILE E 42 44.03 25.60 5.79
N ASP E 43 45.02 26.39 6.18
CA ASP E 43 45.21 26.76 7.58
C ASP E 43 45.15 28.27 7.71
N VAL E 44 44.26 28.77 8.57
CA VAL E 44 44.14 30.21 8.78
C VAL E 44 45.03 30.68 9.93
N VAL E 45 45.44 29.74 10.78
CA VAL E 45 46.29 30.09 11.92
C VAL E 45 47.73 30.33 11.49
N ASN E 46 48.27 29.42 10.70
CA ASN E 46 49.66 29.52 10.25
C ASN E 46 49.76 30.19 8.88
N MET E 47 48.62 30.66 8.37
CA MET E 47 48.56 31.35 7.08
C MET E 47 49.21 30.56 5.95
N GLU E 48 48.75 29.33 5.75
CA GLU E 48 49.31 28.48 4.71
C GLU E 48 48.28 27.48 4.20
N TYR E 49 48.54 26.93 3.02
CA TYR E 49 47.70 25.88 2.45
C TYR E 49 48.55 24.93 1.62
N SER E 50 48.16 23.66 1.58
CA SER E 50 48.91 22.66 0.83
C SER E 50 48.30 22.46 -0.55
N ALA E 51 49.16 22.44 -1.57
CA ALA E 51 48.71 22.27 -2.94
C ALA E 51 49.65 21.37 -3.71
N GLN E 52 49.09 20.37 -4.38
CA GLN E 52 49.87 19.49 -5.23
C GLN E 52 49.60 19.83 -6.69
N LEU E 53 50.65 19.99 -7.49
CA LEU E 53 50.48 20.46 -8.85
C LEU E 53 51.54 19.91 -9.80
N THR E 54 51.23 19.95 -11.10
CA THR E 54 52.18 19.54 -12.13
C THR E 54 52.67 20.76 -12.89
N LEU E 55 53.97 21.00 -12.83
CA LEU E 55 54.58 22.14 -13.51
C LEU E 55 55.10 21.75 -14.90
N ARG E 56 54.73 22.54 -15.89
CA ARG E 56 55.20 22.31 -17.26
C ARG E 56 55.92 23.53 -17.82
N GLU E 57 57.21 23.39 -18.09
CA GLU E 57 58.00 24.46 -18.67
C GLU E 57 58.41 24.13 -20.10
N SER E 58 58.62 25.17 -20.91
CA SER E 58 59.03 24.97 -22.29
C SER E 58 59.91 26.11 -22.78
N TRP E 59 61.08 25.77 -23.31
CA TRP E 59 62.01 26.75 -23.85
C TRP E 59 62.74 26.19 -25.08
N ILE E 60 63.49 27.04 -25.75
CA ILE E 60 64.21 26.62 -26.95
C ILE E 60 65.72 26.59 -26.73
N ASP E 61 66.32 25.43 -26.95
CA ASP E 61 67.76 25.25 -26.84
C ASP E 61 68.29 24.72 -28.16
N LYS E 62 68.80 25.63 -28.99
CA LYS E 62 69.23 25.28 -30.35
C LYS E 62 70.38 24.27 -30.36
N ARG E 63 71.07 24.15 -29.24
CA ARG E 63 72.16 23.18 -29.11
C ARG E 63 71.66 21.75 -29.12
N LEU E 64 70.40 21.56 -28.71
CA LEU E 64 69.82 20.23 -28.62
C LEU E 64 69.05 19.86 -29.88
N SER E 65 69.04 20.75 -30.85
CA SER E 65 68.31 20.52 -32.10
C SER E 65 69.01 19.46 -32.93
N TYR E 66 68.33 18.33 -33.16
CA TYR E 66 68.93 17.24 -33.90
C TYR E 66 68.20 16.87 -35.19
N GLY E 67 67.24 17.68 -35.63
CA GLY E 67 66.46 17.30 -36.80
C GLY E 67 65.48 18.32 -37.37
N VAL E 68 65.04 18.02 -38.60
CA VAL E 68 64.08 18.83 -39.35
C VAL E 68 62.70 18.13 -39.35
N LYS E 69 61.64 18.85 -39.72
CA LYS E 69 60.29 18.28 -39.76
C LYS E 69 60.16 17.08 -40.71
N GLY E 70 60.79 17.14 -41.87
CA GLY E 70 60.68 16.06 -42.83
C GLY E 70 61.84 15.09 -42.89
N ASP E 71 62.18 14.53 -41.73
CA ASP E 71 63.22 13.51 -41.67
C ASP E 71 62.67 12.24 -41.00
N GLY E 72 63.39 11.14 -41.19
CA GLY E 72 63.04 9.87 -40.57
C GLY E 72 63.26 9.76 -39.06
N GLN E 73 63.53 10.88 -38.40
CA GLN E 73 63.77 10.87 -36.96
C GLN E 73 62.53 11.24 -36.19
N PRO E 74 62.35 10.64 -35.00
CA PRO E 74 61.18 10.88 -34.15
C PRO E 74 61.13 12.34 -33.72
N ASP E 75 59.95 12.96 -33.78
CA ASP E 75 59.77 14.36 -33.45
C ASP E 75 60.44 14.78 -32.14
N PHE E 76 60.24 13.99 -31.09
CA PHE E 76 60.86 14.27 -29.79
C PHE E 76 61.47 13.02 -29.18
N VAL E 77 62.47 13.21 -28.34
CA VAL E 77 63.13 12.11 -27.65
C VAL E 77 63.10 12.34 -26.15
N ILE E 78 62.72 11.31 -25.40
CA ILE E 78 62.71 11.38 -23.94
C ILE E 78 64.12 11.28 -23.39
N LEU E 79 64.52 12.28 -22.61
CA LEU E 79 65.87 12.32 -22.06
C LEU E 79 66.05 11.25 -20.99
N THR E 80 67.06 10.40 -21.19
CA THR E 80 67.35 9.32 -20.25
C THR E 80 68.24 9.81 -19.12
N VAL E 81 68.46 8.95 -18.13
CA VAL E 81 69.28 9.29 -16.98
C VAL E 81 70.76 9.40 -17.39
N GLY E 82 71.50 10.24 -16.70
CA GLY E 82 72.93 10.38 -16.95
C GLY E 82 73.28 11.52 -17.89
N HIS E 83 72.27 12.25 -18.34
CA HIS E 83 72.48 13.37 -19.24
C HIS E 83 71.78 14.63 -18.76
N GLN E 84 72.56 15.67 -18.49
CA GLN E 84 72.00 16.92 -18.00
C GLN E 84 71.86 17.95 -19.11
N ILE E 85 70.73 18.64 -19.12
CA ILE E 85 70.51 19.76 -20.02
C ILE E 85 70.30 21.02 -19.18
N TRP E 86 70.58 22.18 -19.76
CA TRP E 86 70.27 23.42 -19.07
C TRP E 86 68.78 23.52 -18.77
N MET E 87 68.46 23.83 -17.52
CA MET E 87 67.08 24.02 -17.09
C MET E 87 66.96 25.28 -16.26
N PRO E 88 65.83 25.99 -16.40
CA PRO E 88 65.57 27.20 -15.62
C PRO E 88 65.64 26.94 -14.12
N ASP E 89 66.40 27.74 -13.39
CA ASP E 89 66.50 27.62 -11.94
C ASP E 89 65.24 28.17 -11.27
N THR E 90 64.09 27.71 -11.75
CA THR E 90 62.80 28.20 -11.28
C THR E 90 62.48 27.77 -9.86
N PHE E 91 61.79 28.64 -9.12
CA PHE E 91 61.38 28.33 -7.76
C PHE E 91 60.05 28.97 -7.41
N PHE E 92 59.62 28.78 -6.17
CA PHE E 92 58.35 29.31 -5.71
C PHE E 92 58.55 30.26 -4.53
N PRO E 93 58.57 31.58 -4.81
CA PRO E 93 58.83 32.64 -3.85
C PRO E 93 58.03 32.52 -2.55
N ASN E 94 56.75 32.17 -2.64
CA ASN E 94 55.89 32.10 -1.46
C ASN E 94 55.72 30.68 -0.92
N GLU E 95 56.62 29.78 -1.30
CA GLU E 95 56.59 28.42 -0.77
C GLU E 95 57.31 28.32 0.56
N LYS E 96 56.65 27.72 1.55
CA LYS E 96 57.26 27.54 2.86
C LYS E 96 57.87 26.16 2.99
N GLN E 97 57.25 25.20 2.31
CA GLN E 97 57.71 23.82 2.29
C GLN E 97 57.38 23.22 0.93
N ALA E 98 58.25 22.39 0.40
CA ALA E 98 58.00 21.78 -0.90
C ALA E 98 58.80 20.50 -1.12
N TYR E 99 58.17 19.52 -1.74
CA TYR E 99 58.79 18.23 -1.96
C TYR E 99 58.62 17.76 -3.40
N LYS E 100 59.57 17.00 -3.90
CA LYS E 100 59.41 16.29 -5.17
C LYS E 100 59.07 14.83 -4.89
N HIS E 101 58.42 14.19 -5.86
CA HIS E 101 58.00 12.80 -5.70
C HIS E 101 59.02 11.86 -6.32
N THR E 102 59.57 10.95 -5.52
CA THR E 102 60.67 10.10 -5.98
C THR E 102 60.38 8.60 -5.93
N ILE E 103 59.12 8.22 -5.72
CA ILE E 103 58.76 6.80 -5.62
C ILE E 103 58.96 6.09 -6.95
N ASP E 104 59.66 4.96 -6.91
CA ASP E 104 60.21 4.32 -8.10
C ASP E 104 61.03 5.34 -8.88
N LYS E 105 60.68 5.59 -10.14
CA LYS E 105 61.35 6.66 -10.87
C LYS E 105 60.85 8.00 -10.36
N PRO E 106 61.74 9.00 -10.29
CA PRO E 106 61.28 10.34 -9.88
C PRO E 106 60.29 10.89 -10.91
N ASN E 107 59.34 11.70 -10.47
CA ASN E 107 58.26 12.11 -11.35
C ASN E 107 58.62 13.34 -12.17
N VAL E 108 59.63 13.18 -13.02
CA VAL E 108 60.01 14.21 -13.98
C VAL E 108 59.96 13.65 -15.41
N LEU E 109 59.70 14.52 -16.36
CA LEU E 109 59.68 14.13 -17.77
C LEU E 109 60.30 15.23 -18.62
N ILE E 110 61.33 14.88 -19.39
CA ILE E 110 61.98 15.84 -20.26
C ILE E 110 61.98 15.37 -21.70
N ARG E 111 61.36 16.16 -22.57
CA ARG E 111 61.31 15.85 -23.99
C ARG E 111 62.13 16.86 -24.79
N ILE E 112 62.98 16.36 -25.68
CA ILE E 112 63.77 17.22 -26.55
C ILE E 112 63.26 17.10 -27.99
N HIS E 113 62.55 18.13 -28.45
CA HIS E 113 62.03 18.12 -29.81
C HIS E 113 63.15 18.28 -30.83
N ASN E 114 62.84 17.99 -32.09
CA ASN E 114 63.84 18.04 -33.16
C ASN E 114 64.37 19.45 -33.42
N ASP E 115 63.50 20.45 -33.33
CA ASP E 115 63.91 21.83 -33.57
C ASP E 115 64.74 22.38 -32.41
N GLY E 116 64.71 21.66 -31.29
CA GLY E 116 65.45 22.07 -30.11
C GLY E 116 64.57 22.51 -28.96
N THR E 117 63.25 22.47 -29.17
CA THR E 117 62.31 22.85 -28.12
C THR E 117 62.29 21.78 -27.02
N VAL E 118 62.43 22.23 -25.78
CA VAL E 118 62.43 21.33 -24.64
C VAL E 118 61.12 21.41 -23.87
N LEU E 119 60.55 20.25 -23.55
CA LEU E 119 59.37 20.19 -22.68
C LEU E 119 59.75 19.56 -21.34
N TYR E 120 59.48 20.29 -20.27
CA TYR E 120 59.84 19.83 -18.93
C TYR E 120 58.60 19.72 -18.05
N SER E 121 58.32 18.50 -17.58
CA SER E 121 57.16 18.26 -16.73
C SER E 121 57.57 17.63 -15.40
N VAL E 122 56.98 18.10 -14.31
CA VAL E 122 57.36 17.61 -12.98
C VAL E 122 56.20 17.73 -11.98
N ARG E 123 56.00 16.69 -11.18
CA ARG E 123 55.02 16.74 -10.10
C ARG E 123 55.64 17.28 -8.82
N ILE E 124 55.00 18.28 -8.24
CA ILE E 124 55.51 18.96 -7.05
C ILE E 124 54.43 19.08 -5.98
N SER E 125 54.81 18.86 -4.73
CA SER E 125 53.90 19.07 -3.60
C SER E 125 54.33 20.31 -2.82
N LEU E 126 53.50 21.35 -2.87
CA LEU E 126 53.83 22.61 -2.22
C LEU E 126 53.04 22.84 -0.93
N VAL E 127 53.63 23.63 -0.03
CA VAL E 127 52.90 24.18 1.11
C VAL E 127 53.13 25.69 1.10
N LEU E 128 52.23 26.39 0.41
CA LEU E 128 52.39 27.82 0.15
C LEU E 128 51.81 28.69 1.25
N SER E 129 52.41 29.86 1.46
CA SER E 129 51.91 30.81 2.44
C SER E 129 50.76 31.60 1.85
N CYS E 130 49.71 31.77 2.64
CA CYS E 130 48.53 32.49 2.18
C CYS E 130 47.92 33.26 3.33
N PRO E 131 48.33 34.54 3.48
CA PRO E 131 47.78 35.39 4.54
C PRO E 131 46.27 35.56 4.38
N MET E 132 45.52 35.16 5.41
CA MET E 132 44.07 35.21 5.35
C MET E 132 43.49 36.16 6.39
N TYR E 133 42.30 36.68 6.09
CA TYR E 133 41.68 37.67 6.96
C TYR E 133 40.24 37.27 7.25
N LEU E 134 39.89 37.20 8.53
CA LEU E 134 38.58 36.68 8.93
C LEU E 134 37.69 37.72 9.61
N GLN E 135 37.85 38.99 9.23
CA GLN E 135 37.03 40.05 9.78
C GLN E 135 35.55 39.85 9.43
N TYR E 136 35.31 39.27 8.27
CA TYR E 136 33.95 39.00 7.85
C TYR E 136 33.64 37.53 8.01
N TYR E 137 33.80 37.00 9.21
CA TYR E 137 33.51 35.60 9.44
C TYR E 137 32.01 35.43 9.66
N PRO E 138 31.38 34.47 8.96
CA PRO E 138 32.02 33.59 7.98
C PRO E 138 31.77 33.98 6.52
N MET E 139 31.08 35.08 6.26
CA MET E 139 30.84 35.52 4.89
C MET E 139 32.07 36.27 4.38
N ASP E 140 33.17 35.56 4.27
CA ASP E 140 34.37 36.19 3.77
C ASP E 140 34.85 35.51 2.50
N VAL E 141 35.90 36.06 1.92
CA VAL E 141 36.50 35.51 0.72
C VAL E 141 38.01 35.59 0.86
N GLN E 142 38.66 34.51 0.46
CA GLN E 142 40.11 34.42 0.54
C GLN E 142 40.70 34.21 -0.84
N GLN E 143 41.90 34.76 -1.06
CA GLN E 143 42.62 34.53 -2.30
C GLN E 143 44.04 34.02 -2.04
N CYS E 144 44.31 32.82 -2.51
CA CYS E 144 45.63 32.22 -2.36
C CYS E 144 46.34 32.14 -3.70
N SER E 145 47.67 32.26 -3.68
CA SER E 145 48.44 32.33 -4.92
C SER E 145 49.61 31.36 -4.95
N ILE E 146 50.11 31.10 -6.15
CA ILE E 146 51.32 30.30 -6.35
C ILE E 146 52.31 31.08 -7.21
N ASP E 147 53.23 31.78 -6.57
CA ASP E 147 54.22 32.57 -7.29
C ASP E 147 55.30 31.69 -7.89
N LEU E 148 55.79 32.08 -9.07
CA LEU E 148 56.79 31.29 -9.80
C LEU E 148 57.77 32.22 -10.49
N ALA E 149 59.05 32.05 -10.21
CA ALA E 149 60.09 32.92 -10.78
C ALA E 149 61.45 32.24 -10.80
N SER E 150 62.42 32.90 -11.43
CA SER E 150 63.80 32.41 -11.44
C SER E 150 64.58 33.02 -10.27
N TYR E 151 65.56 32.29 -9.77
CA TYR E 151 66.28 32.74 -8.58
C TYR E 151 67.56 33.50 -8.90
N ALA E 152 68.37 32.97 -9.82
CA ALA E 152 69.67 33.55 -10.12
C ALA E 152 69.63 34.43 -11.35
N TYR E 153 68.99 33.94 -12.40
CA TYR E 153 68.96 34.66 -13.67
C TYR E 153 67.97 35.83 -13.64
N THR E 154 68.45 37.00 -14.07
CA THR E 154 67.64 38.20 -14.07
C THR E 154 66.79 38.30 -15.33
N THR E 155 66.24 39.48 -15.60
CA THR E 155 65.38 39.68 -16.75
C THR E 155 66.11 39.63 -18.09
N LYS E 156 67.43 39.83 -18.06
CA LYS E 156 68.21 39.84 -19.29
C LYS E 156 68.49 38.41 -19.78
N ASP E 157 68.34 37.44 -18.90
CA ASP E 157 68.67 36.06 -19.23
C ASP E 157 67.44 35.17 -19.40
N ILE E 158 66.45 35.36 -18.54
CA ILE E 158 65.25 34.53 -18.56
C ILE E 158 63.98 35.36 -18.40
N GLU E 159 62.94 34.97 -19.13
CA GLU E 159 61.66 35.67 -19.08
C GLU E 159 60.53 34.66 -19.09
N TYR E 160 59.65 34.74 -18.10
CA TYR E 160 58.55 33.79 -17.98
C TYR E 160 57.27 34.34 -18.61
N LEU E 161 56.56 33.45 -19.30
CA LEU E 161 55.29 33.81 -19.93
C LEU E 161 54.28 32.68 -19.75
N TRP E 162 53.06 33.02 -19.36
CA TRP E 162 51.99 32.03 -19.27
C TRP E 162 51.69 31.50 -20.67
N LYS E 163 51.44 30.20 -20.77
CA LYS E 163 51.08 29.56 -22.03
C LYS E 163 49.85 30.22 -22.62
N GLU E 164 49.83 30.36 -23.95
CA GLU E 164 48.77 31.10 -24.62
C GLU E 164 47.40 30.43 -24.47
N HIS E 165 47.38 29.11 -24.57
CA HIS E 165 46.12 28.37 -24.46
C HIS E 165 46.07 27.55 -23.18
N SER E 166 45.03 27.83 -22.37
CA SER E 166 44.84 27.16 -21.08
C SER E 166 46.09 27.16 -20.22
N PRO E 167 46.43 28.33 -19.65
CA PRO E 167 47.64 28.44 -18.81
C PRO E 167 47.49 27.66 -17.51
N LEU E 168 46.28 27.66 -16.97
CA LEU E 168 46.00 26.95 -15.73
C LEU E 168 44.92 25.90 -15.96
N GLN E 169 45.19 24.69 -15.49
CA GLN E 169 44.26 23.59 -15.65
C GLN E 169 43.94 22.96 -14.31
N LEU E 170 42.68 23.08 -13.89
CA LEU E 170 42.24 22.47 -12.64
C LEU E 170 41.91 21.00 -12.84
N LYS E 171 41.98 20.23 -11.75
CA LYS E 171 41.64 18.82 -11.80
C LYS E 171 40.12 18.68 -11.81
N VAL E 172 39.63 17.52 -12.24
CA VAL E 172 38.20 17.27 -12.46
C VAL E 172 37.29 17.72 -11.32
N GLY E 173 37.59 17.28 -10.10
CA GLY E 173 36.76 17.61 -8.96
C GLY E 173 37.48 18.42 -7.91
N LEU E 174 38.01 19.57 -8.31
CA LEU E 174 38.83 20.39 -7.41
C LEU E 174 37.96 21.31 -6.56
N SER E 175 36.90 21.84 -7.16
CA SER E 175 36.03 22.78 -6.46
C SER E 175 35.31 22.12 -5.29
N SER E 176 35.07 20.81 -5.40
CA SER E 176 34.39 20.06 -4.36
C SER E 176 35.37 19.47 -3.35
N SER E 177 36.65 19.48 -3.72
CA SER E 177 37.71 18.93 -2.88
C SER E 177 37.84 19.67 -1.55
N LEU E 178 37.54 20.96 -1.57
CA LEU E 178 37.63 21.79 -0.38
C LEU E 178 36.38 21.67 0.48
N PRO E 179 36.55 21.28 1.76
CA PRO E 179 35.44 21.15 2.70
C PRO E 179 34.90 22.50 3.16
N SER E 180 35.81 23.42 3.48
CA SER E 180 35.42 24.71 4.02
C SER E 180 35.04 25.73 2.94
N PHE E 181 35.75 25.70 1.81
CA PHE E 181 35.57 26.76 0.83
C PHE E 181 35.01 26.29 -0.51
N GLN E 182 34.57 27.26 -1.31
CA GLN E 182 34.18 27.03 -2.71
C GLN E 182 34.85 28.07 -3.59
N LEU E 183 35.79 27.62 -4.43
CA LEU E 183 36.51 28.49 -5.34
C LEU E 183 35.68 28.94 -6.54
N THR E 184 35.52 30.25 -6.70
CA THR E 184 34.70 30.76 -7.80
C THR E 184 35.55 31.10 -9.02
N ASN E 185 36.74 31.66 -8.83
CA ASN E 185 37.55 31.98 -9.99
C ASN E 185 39.02 31.74 -9.74
N THR E 186 39.70 31.33 -10.81
CA THR E 186 41.14 31.18 -10.81
C THR E 186 41.68 32.12 -11.88
N SER E 187 42.82 32.75 -11.60
CA SER E 187 43.38 33.71 -12.53
C SER E 187 44.89 33.57 -12.65
N THR E 188 45.40 33.84 -13.85
CA THR E 188 46.83 33.81 -14.11
C THR E 188 47.34 35.19 -14.49
N THR E 189 48.19 35.74 -13.63
CA THR E 189 48.71 37.09 -13.81
C THR E 189 50.23 37.10 -13.67
N TYR E 190 50.83 38.26 -13.90
CA TYR E 190 52.27 38.41 -13.77
C TYR E 190 52.62 39.19 -12.49
N CYS E 191 53.69 38.77 -11.82
CA CYS E 191 54.10 39.38 -10.57
C CYS E 191 55.57 39.77 -10.58
N THR E 192 56.07 40.13 -11.76
CA THR E 192 57.46 40.57 -11.91
C THR E 192 57.75 41.78 -11.03
N SER E 193 58.80 41.67 -10.21
CA SER E 193 59.14 42.75 -9.29
C SER E 193 60.61 43.13 -9.39
N VAL E 194 60.92 44.35 -8.98
CA VAL E 194 62.29 44.85 -8.98
C VAL E 194 62.89 44.77 -7.59
N THR E 195 63.96 43.99 -7.44
CA THR E 195 64.61 43.79 -6.15
C THR E 195 65.99 44.42 -6.12
N ASN E 196 66.64 44.34 -4.96
CA ASN E 196 67.96 44.93 -4.78
C ASN E 196 69.05 44.21 -5.56
N THR E 197 68.76 42.98 -5.98
CA THR E 197 69.72 42.20 -6.75
C THR E 197 69.46 42.26 -8.25
N GLY E 198 68.28 42.75 -8.62
CA GLY E 198 67.94 42.90 -10.03
C GLY E 198 66.45 42.74 -10.30
N ILE E 199 66.09 42.72 -11.59
CA ILE E 199 64.70 42.57 -12.00
C ILE E 199 64.40 41.13 -12.40
N TYR E 200 63.54 40.47 -11.64
CA TYR E 200 63.25 39.06 -11.88
C TYR E 200 61.84 38.87 -12.41
N SER E 201 61.73 38.16 -13.54
CA SER E 201 60.42 37.84 -14.12
C SER E 201 59.69 36.83 -13.24
N CYS E 202 58.38 37.02 -13.09
CA CYS E 202 57.61 36.16 -12.19
C CYS E 202 56.18 35.95 -12.64
N LEU E 203 55.67 34.74 -12.43
CA LEU E 203 54.28 34.41 -12.74
C LEU E 203 53.51 34.19 -11.46
N ARG E 204 52.20 34.43 -11.51
CA ARG E 204 51.34 34.23 -10.34
C ARG E 204 49.96 33.72 -10.72
N THR E 205 49.69 32.47 -10.38
CA THR E 205 48.33 31.94 -10.51
C THR E 205 47.61 32.15 -9.18
N THR E 206 46.38 32.66 -9.25
CA THR E 206 45.64 33.00 -8.05
C THR E 206 44.29 32.31 -8.01
N ILE E 207 43.97 31.70 -6.87
CA ILE E 207 42.68 31.07 -6.68
C ILE E 207 41.89 31.85 -5.64
N GLN E 208 40.59 32.03 -5.89
CA GLN E 208 39.73 32.79 -4.98
C GLN E 208 38.80 31.84 -4.24
N LEU E 209 38.79 31.91 -2.91
CA LEU E 209 38.04 30.96 -2.10
C LEU E 209 36.91 31.64 -1.33
N LYS E 210 35.68 31.19 -1.54
CA LYS E 210 34.54 31.67 -0.76
C LYS E 210 34.04 30.60 0.20
N ARG E 211 33.69 31.03 1.41
CA ARG E 211 33.22 30.12 2.44
C ARG E 211 31.73 29.85 2.34
N GLU E 212 31.31 28.68 2.79
CA GLU E 212 29.91 28.25 2.77
C GLU E 212 29.04 29.01 3.78
N PHE E 213 28.16 29.86 3.27
CA PHE E 213 27.31 30.69 4.14
C PHE E 213 26.08 29.92 4.64
N SER E 214 25.70 28.89 3.90
CA SER E 214 24.47 28.15 4.15
C SER E 214 24.41 27.46 5.52
N PHE E 215 25.56 26.95 5.98
CA PHE E 215 25.64 26.24 7.25
C PHE E 215 25.33 27.18 8.42
N TYR E 216 26.15 28.22 8.49
CA TYR E 216 26.12 29.24 9.53
C TYR E 216 24.76 29.88 9.61
N LEU E 217 24.10 29.95 8.45
CA LEU E 217 22.73 30.44 8.36
C LEU E 217 21.79 29.57 9.18
N LEU E 218 21.78 28.27 8.87
CA LEU E 218 20.83 27.35 9.50
C LEU E 218 21.34 26.85 10.85
N GLN E 219 22.62 27.04 11.13
CA GLN E 219 23.18 26.58 12.40
C GLN E 219 23.33 27.69 13.43
N LEU E 220 23.54 28.92 12.99
CA LEU E 220 23.71 30.02 13.94
C LEU E 220 22.72 31.18 13.76
N TYR E 221 22.66 31.75 12.56
CA TYR E 221 21.87 32.96 12.34
C TYR E 221 20.37 32.74 12.46
N ILE E 222 19.84 31.75 11.75
CA ILE E 222 18.42 31.43 11.82
C ILE E 222 17.95 31.04 13.23
N PRO E 223 18.65 30.11 13.91
CA PRO E 223 18.15 29.73 15.23
C PRO E 223 18.24 30.85 16.26
N SER E 224 19.27 31.67 16.17
CA SER E 224 19.46 32.77 17.10
C SER E 224 18.41 33.87 16.91
N CYS E 225 18.06 34.15 15.65
CA CYS E 225 17.03 35.12 15.35
C CYS E 225 15.69 34.68 15.94
N MET E 226 15.37 33.40 15.79
CA MET E 226 14.17 32.85 16.37
C MET E 226 14.24 32.88 17.88
N LEU E 227 15.44 32.71 18.42
CA LEU E 227 15.64 32.72 19.86
C LEU E 227 15.37 34.11 20.44
N VAL E 228 15.86 35.14 19.75
CA VAL E 228 15.65 36.52 20.18
C VAL E 228 14.16 36.87 20.11
N ILE E 229 13.49 36.40 19.07
CA ILE E 229 12.05 36.62 18.90
C ILE E 229 11.25 35.96 20.04
N VAL E 230 11.63 34.75 20.41
CA VAL E 230 10.97 34.02 21.49
C VAL E 230 11.11 34.77 22.82
N SER E 231 12.26 35.41 23.02
CA SER E 231 12.50 36.17 24.25
C SER E 231 11.56 37.36 24.37
N TRP E 232 10.99 37.78 23.25
CA TRP E 232 10.10 38.94 23.23
C TRP E 232 8.69 38.62 23.72
N VAL E 233 8.24 37.39 23.52
CA VAL E 233 6.86 37.03 23.84
C VAL E 233 6.61 36.94 25.34
N SER E 234 7.65 37.17 26.14
CA SER E 234 7.50 37.24 27.59
C SER E 234 6.94 38.60 27.97
N PHE E 235 7.06 39.56 27.06
CA PHE E 235 6.53 40.90 27.27
C PHE E 235 5.00 40.89 27.20
N TRP E 236 4.45 40.02 26.35
CA TRP E 236 3.02 39.95 26.14
C TRP E 236 2.30 39.11 27.19
N PHE E 237 3.08 38.45 28.05
CA PHE E 237 2.52 37.70 29.17
C PHE E 237 2.33 38.59 30.39
N ASP E 238 1.34 38.25 31.22
CA ASP E 238 1.09 39.02 32.43
C ASP E 238 2.20 38.84 33.44
N ARG E 239 2.23 39.78 34.37
CA ARG E 239 3.23 39.82 35.43
C ARG E 239 3.02 38.68 36.41
N THR E 240 1.76 38.30 36.62
CA THR E 240 1.41 37.31 37.63
C THR E 240 1.84 35.91 37.22
N ALA E 241 2.06 35.73 35.91
CA ALA E 241 2.52 34.46 35.39
C ALA E 241 4.03 34.34 35.52
N ILE E 242 4.51 34.23 36.76
CA ILE E 242 5.95 34.12 37.03
C ILE E 242 6.57 32.87 36.38
N PRO E 243 5.95 31.68 36.52
CA PRO E 243 6.57 30.51 35.90
C PRO E 243 6.70 30.61 34.38
N ALA E 244 5.83 31.39 33.74
CA ALA E 244 5.86 31.55 32.30
C ALA E 244 7.02 32.42 31.83
N ARG E 245 7.19 33.57 32.48
CA ARG E 245 8.19 34.54 32.05
C ARG E 245 9.60 34.18 32.51
N VAL E 246 9.70 33.60 33.70
CA VAL E 246 11.00 33.20 34.24
C VAL E 246 11.60 32.07 33.41
N THR E 247 10.77 31.08 33.09
CA THR E 247 11.21 29.93 32.29
C THR E 247 11.70 30.37 30.91
N LEU E 248 10.86 31.09 30.18
CA LEU E 248 11.20 31.57 28.84
C LEU E 248 12.50 32.37 28.82
N GLY E 249 12.66 33.27 29.77
CA GLY E 249 13.86 34.10 29.85
C GLY E 249 15.13 33.30 30.05
N VAL E 250 15.10 32.40 31.03
CA VAL E 250 16.27 31.59 31.36
C VAL E 250 16.55 30.53 30.31
N THR E 251 15.51 29.85 29.86
CA THR E 251 15.63 28.79 28.86
C THR E 251 16.26 29.34 27.57
N THR E 252 15.77 30.50 27.13
CA THR E 252 16.25 31.12 25.90
C THR E 252 17.72 31.49 26.00
N LEU E 253 18.13 32.02 27.15
CA LEU E 253 19.52 32.42 27.36
C LEU E 253 20.45 31.22 27.43
N LEU E 254 20.02 30.17 28.11
CA LEU E 254 20.81 28.95 28.25
C LEU E 254 21.06 28.28 26.90
N THR E 255 20.03 28.29 26.06
CA THR E 255 20.14 27.71 24.72
C THR E 255 21.12 28.51 23.86
N MET E 256 21.09 29.82 24.02
CA MET E 256 21.98 30.71 23.27
C MET E 256 23.45 30.46 23.62
N THR E 257 23.70 30.16 24.90
CA THR E 257 25.05 29.86 25.34
C THR E 257 25.58 28.60 24.66
N ALA E 258 24.70 27.60 24.55
CA ALA E 258 25.05 26.34 23.91
C ALA E 258 25.42 26.54 22.44
N GLN E 259 24.69 27.45 21.78
CA GLN E 259 24.97 27.78 20.39
C GLN E 259 26.34 28.33 20.15
N SER E 260 26.74 29.25 21.02
CA SER E 260 28.01 29.94 20.90
C SER E 260 29.17 28.96 21.03
N ALA E 261 29.04 27.97 21.91
CA ALA E 261 30.09 26.97 22.09
C ALA E 261 30.28 26.10 20.85
N GLY E 262 29.17 25.73 20.21
CA GLY E 262 29.23 24.93 19.00
C GLY E 262 29.86 25.68 17.86
N ILE E 263 29.54 26.96 17.77
CA ILE E 263 30.10 27.84 16.74
C ILE E 263 31.58 28.07 17.01
N ASN E 264 31.93 28.11 18.29
CA ASN E 264 33.29 28.33 18.73
C ASN E 264 34.25 27.24 18.21
N SER E 265 33.78 25.99 18.27
CA SER E 265 34.61 24.85 17.89
C SER E 265 35.00 24.79 16.40
N GLN E 266 34.03 24.94 15.50
CA GLN E 266 34.30 24.82 14.07
C GLN E 266 35.30 25.88 13.61
N LEU E 267 35.13 27.09 14.13
CA LEU E 267 36.02 28.18 13.78
C LEU E 267 37.27 28.17 14.60
N PRO E 268 38.42 28.19 13.92
CA PRO E 268 39.75 28.29 14.53
C PRO E 268 39.96 29.63 15.22
N PRO E 269 40.79 29.65 16.27
CA PRO E 269 41.03 30.81 17.14
C PRO E 269 41.75 31.95 16.45
N VAL E 270 41.20 33.15 16.54
CA VAL E 270 41.80 34.34 15.95
C VAL E 270 41.75 35.50 16.95
N SER E 271 42.84 36.25 17.03
CA SER E 271 42.96 37.32 18.02
C SER E 271 42.17 38.57 17.69
N TYR E 272 41.86 38.82 16.42
CA TYR E 272 41.09 40.02 16.07
C TYR E 272 39.58 39.75 16.05
N ILE E 273 38.79 40.81 16.20
CA ILE E 273 37.34 40.72 16.21
C ILE E 273 36.79 40.26 14.87
N LYS E 274 35.93 39.24 14.90
CA LYS E 274 35.33 38.72 13.69
C LYS E 274 33.86 39.11 13.61
N ALA E 275 33.30 39.01 12.41
CA ALA E 275 31.89 39.36 12.20
C ALA E 275 30.96 38.44 12.98
N ILE E 276 31.39 37.20 13.16
CA ILE E 276 30.57 36.21 13.86
C ILE E 276 30.54 36.51 15.36
N ASP E 277 31.58 37.18 15.85
CA ASP E 277 31.65 37.55 17.26
C ASP E 277 30.66 38.67 17.54
N VAL E 278 30.54 39.58 16.58
CA VAL E 278 29.61 40.70 16.70
C VAL E 278 28.17 40.22 16.79
N TRP E 279 27.80 39.33 15.87
CA TRP E 279 26.42 38.86 15.78
C TRP E 279 26.07 37.90 16.92
N ILE E 280 27.10 37.31 17.52
CA ILE E 280 26.91 36.46 18.68
C ILE E 280 26.68 37.31 19.92
N GLY E 281 27.54 38.31 20.10
CA GLY E 281 27.48 39.18 21.27
C GLY E 281 26.20 39.98 21.38
N ALA E 282 25.63 40.34 20.24
CA ALA E 282 24.40 41.11 20.21
C ALA E 282 23.20 40.29 20.66
N CYS E 283 23.00 39.15 20.02
CA CYS E 283 21.90 38.26 20.35
C CYS E 283 21.94 37.81 21.81
N MET E 284 23.15 37.67 22.34
CA MET E 284 23.34 37.31 23.73
C MET E 284 22.81 38.43 24.63
N THR E 285 23.02 39.66 24.20
CA THR E 285 22.59 40.83 24.96
C THR E 285 21.08 41.02 24.93
N PHE E 286 20.50 40.95 23.73
CA PHE E 286 19.06 41.12 23.54
C PHE E 286 18.24 40.16 24.39
N ILE E 287 18.72 38.92 24.51
CA ILE E 287 18.03 37.91 25.31
C ILE E 287 18.24 38.17 26.80
N PHE E 288 19.44 38.64 27.14
CA PHE E 288 19.76 38.95 28.53
C PHE E 288 18.92 40.14 29.02
N CYS E 289 18.77 41.14 28.17
CA CYS E 289 18.00 42.34 28.52
C CYS E 289 16.51 42.04 28.60
N ALA E 290 16.04 41.13 27.75
CA ALA E 290 14.65 40.72 27.77
C ALA E 290 14.31 40.07 29.11
N LEU E 291 15.26 39.32 29.65
CA LEU E 291 15.12 38.71 30.97
C LEU E 291 15.29 39.77 32.05
N LEU E 292 16.23 40.70 31.81
CA LEU E 292 16.48 41.79 32.74
C LEU E 292 15.26 42.70 32.85
N GLU E 293 14.57 42.88 31.73
CA GLU E 293 13.37 43.70 31.71
C GLU E 293 12.33 43.13 32.68
N PHE E 294 12.22 41.81 32.70
CA PHE E 294 11.27 41.14 33.59
C PHE E 294 11.62 41.39 35.05
N ALA E 295 12.91 41.40 35.36
CA ALA E 295 13.37 41.63 36.73
C ALA E 295 12.99 43.03 37.19
N LEU E 296 13.10 44.00 36.30
CA LEU E 296 12.71 45.37 36.61
C LEU E 296 11.20 45.48 36.76
N VAL E 297 10.47 44.79 35.87
CA VAL E 297 9.02 44.80 35.89
C VAL E 297 8.48 44.12 37.14
N ASN E 298 9.04 42.96 37.47
CA ASN E 298 8.63 42.21 38.65
C ASN E 298 8.94 42.96 39.95
N HIS E 299 9.97 43.80 39.91
CA HIS E 299 10.37 44.60 41.08
C HIS E 299 9.39 45.70 41.48
N ILE E 300 9.11 46.61 40.54
CA ILE E 300 8.19 47.72 40.78
C ILE E 300 6.79 47.13 40.96
N ALA E 301 6.62 45.88 40.51
CA ALA E 301 5.39 45.12 40.71
C ALA E 301 5.20 44.82 42.22
N ASN E 302 6.32 44.59 42.91
CA ASN E 302 6.31 44.12 44.30
C ASN E 302 5.63 44.99 45.36
N ALA E 303 5.68 46.32 45.20
CA ALA E 303 5.05 47.18 46.19
C ALA E 303 3.53 47.14 46.11
N GLY E 304 3.01 46.35 45.18
CA GLY E 304 1.57 46.10 45.06
C GLY E 304 0.65 47.30 45.27
N THR E 305 0.93 48.40 44.57
CA THR E 305 0.03 49.53 44.62
C THR E 305 -0.60 49.66 43.25
N THR E 306 -1.89 49.95 43.22
CA THR E 306 -2.66 50.00 41.97
C THR E 306 -2.01 51.07 41.09
N GLU E 307 -1.48 52.07 41.78
CA GLU E 307 -0.70 53.12 41.15
C GLU E 307 0.48 52.49 40.40
N TRP E 308 1.45 51.94 41.12
CA TRP E 308 2.61 51.34 40.46
C TRP E 308 2.31 50.18 39.52
N ASN E 309 1.46 49.25 39.95
CA ASN E 309 0.98 48.19 39.05
C ASN E 309 0.79 48.69 37.62
N ASP E 310 -0.17 49.58 37.43
CA ASP E 310 -0.44 50.22 36.14
C ASP E 310 0.82 50.76 35.42
N ILE E 311 1.81 51.21 36.19
CA ILE E 311 3.09 51.71 35.65
C ILE E 311 3.93 50.58 35.07
N SER E 312 3.95 49.46 35.79
CA SER E 312 4.72 48.27 35.42
C SER E 312 4.39 47.80 34.01
N LYS E 313 3.09 47.70 33.74
CA LYS E 313 2.56 47.33 32.45
C LYS E 313 2.95 48.32 31.35
N ARG E 314 2.95 49.60 31.69
CA ARG E 314 3.36 50.64 30.74
C ARG E 314 4.77 50.33 30.27
N VAL E 315 5.62 49.89 31.20
CA VAL E 315 6.99 49.45 30.86
C VAL E 315 6.92 48.28 29.89
N ASP E 316 5.98 47.37 30.11
CA ASP E 316 5.76 46.23 29.21
C ASP E 316 5.36 46.72 27.83
N LEU E 317 4.59 47.80 27.77
CA LEU E 317 4.10 48.34 26.50
C LEU E 317 5.24 48.79 25.60
N ILE E 318 6.21 49.51 26.18
CA ILE E 318 7.31 50.05 25.40
C ILE E 318 8.32 48.96 25.01
N SER E 319 8.35 47.87 25.78
CA SER E 319 9.26 46.77 25.50
C SER E 319 8.85 46.02 24.24
N ARG E 320 7.55 45.96 24.00
CA ARG E 320 7.01 45.27 22.82
C ARG E 320 7.33 46.04 21.53
N ALA E 321 7.80 47.28 21.68
CA ALA E 321 8.13 48.11 20.54
C ALA E 321 9.63 48.37 20.44
N LEU E 322 10.26 48.64 21.57
CA LEU E 322 11.69 49.00 21.58
C LEU E 322 12.58 47.86 21.12
N PHE E 323 12.42 46.69 21.73
CA PHE E 323 13.25 45.53 21.41
C PHE E 323 13.18 45.08 19.94
N PRO E 324 11.97 44.95 19.37
CA PRO E 324 11.95 44.54 17.95
C PRO E 324 12.57 45.58 17.02
N VAL E 325 12.40 46.85 17.35
CA VAL E 325 12.96 47.94 16.55
C VAL E 325 14.49 47.97 16.64
N LEU E 326 15.01 47.91 17.87
CA LEU E 326 16.45 47.92 18.09
C LEU E 326 17.12 46.75 17.40
N PHE E 327 16.46 45.59 17.43
CA PHE E 327 16.97 44.41 16.76
C PHE E 327 16.92 44.60 15.25
N PHE E 328 15.88 45.30 14.79
CA PHE E 328 15.72 45.61 13.38
C PHE E 328 16.77 46.62 12.95
N VAL E 329 17.08 47.57 13.83
CA VAL E 329 18.11 48.56 13.57
C VAL E 329 19.49 47.89 13.52
N PHE E 330 19.74 46.98 14.45
CA PHE E 330 21.03 46.29 14.50
C PHE E 330 21.31 45.48 13.24
N ASN E 331 20.33 44.70 12.80
CA ASN E 331 20.47 43.87 11.62
C ASN E 331 20.79 44.69 10.38
N ILE E 332 20.13 45.84 10.25
CA ILE E 332 20.42 46.77 9.17
C ILE E 332 21.87 47.24 9.26
N LEU E 333 22.29 47.61 10.46
CA LEU E 333 23.67 48.04 10.69
C LEU E 333 24.65 46.90 10.47
N TYR E 334 24.28 45.71 10.93
CA TYR E 334 25.15 44.54 10.86
C TYR E 334 25.38 44.08 9.42
N TRP E 335 24.30 43.83 8.71
CA TRP E 335 24.38 43.23 7.38
C TRP E 335 24.87 44.22 6.33
N SER E 336 24.69 45.51 6.57
CA SER E 336 25.21 46.54 5.66
C SER E 336 26.70 46.74 5.89
N ARG E 337 27.19 46.29 7.03
CA ARG E 337 28.60 46.40 7.37
C ARG E 337 29.36 45.17 6.87
N PHE E 338 28.74 44.01 7.03
CA PHE E 338 29.35 42.74 6.63
C PHE E 338 28.69 42.17 5.39
N GLY E 339 28.27 43.08 4.51
CA GLY E 339 27.64 42.75 3.24
C GLY E 339 28.63 42.86 2.10
N HIS E 340 29.85 43.26 2.43
CA HIS E 340 30.90 43.49 1.45
C HIS E 340 32.14 42.65 1.75
N GLU F 1 68.49 -4.30 57.43
CA GLU F 1 69.87 -4.62 57.05
C GLU F 1 69.90 -5.66 55.95
N VAL F 2 71.06 -5.79 55.30
CA VAL F 2 71.22 -6.78 54.24
C VAL F 2 72.14 -7.93 54.70
N GLN F 3 72.01 -9.07 54.03
CA GLN F 3 72.84 -10.23 54.34
C GLN F 3 73.22 -10.98 53.07
N LEU F 4 74.39 -11.60 53.07
CA LEU F 4 74.85 -12.40 51.94
C LEU F 4 75.33 -13.77 52.39
N GLN F 5 74.38 -14.67 52.65
CA GLN F 5 74.71 -16.01 53.12
C GLN F 5 75.09 -16.94 51.97
N GLN F 6 76.29 -17.50 52.06
CA GLN F 6 76.79 -18.42 51.04
C GLN F 6 76.62 -19.87 51.48
N SER F 7 76.98 -20.79 50.59
CA SER F 7 76.93 -22.20 50.90
C SER F 7 78.00 -22.59 51.90
N GLY F 8 77.85 -23.75 52.53
CA GLY F 8 78.82 -24.25 53.47
C GLY F 8 80.09 -24.74 52.80
N PRO F 9 81.12 -25.04 53.58
CA PRO F 9 82.40 -25.52 53.05
C PRO F 9 82.27 -26.87 52.36
N GLU F 10 83.07 -27.09 51.33
CA GLU F 10 83.02 -28.33 50.56
C GLU F 10 84.38 -28.99 50.43
N LEU F 11 84.37 -30.31 50.25
CA LEU F 11 85.60 -31.08 50.08
C LEU F 11 85.44 -32.03 48.91
N VAL F 12 86.19 -31.81 47.84
CA VAL F 12 86.09 -32.65 46.65
C VAL F 12 87.46 -33.08 46.16
N ARG F 13 87.46 -34.02 45.22
CA ARG F 13 88.70 -34.56 44.66
C ARG F 13 88.99 -33.93 43.30
N PRO F 14 90.27 -33.79 42.95
CA PRO F 14 90.70 -33.21 41.67
C PRO F 14 89.98 -33.79 40.45
N GLY F 15 89.59 -32.94 39.52
CA GLY F 15 88.87 -33.37 38.33
C GLY F 15 87.38 -33.12 38.42
N ALA F 16 86.84 -33.14 39.64
CA ALA F 16 85.42 -32.93 39.85
C ALA F 16 85.04 -31.46 39.71
N SER F 17 83.78 -31.15 39.99
CA SER F 17 83.28 -29.79 39.88
C SER F 17 82.05 -29.57 40.76
N MET F 18 82.04 -28.47 41.50
CA MET F 18 80.91 -28.13 42.36
C MET F 18 80.50 -26.68 42.16
N LYS F 19 79.39 -26.28 42.80
CA LYS F 19 78.85 -24.94 42.62
C LYS F 19 78.56 -24.25 43.96
N ILE F 20 79.12 -23.07 44.14
CA ILE F 20 78.93 -22.29 45.35
C ILE F 20 77.74 -21.35 45.22
N SER F 21 76.91 -21.28 46.26
CA SER F 21 75.76 -20.38 46.25
C SER F 21 76.02 -19.11 47.06
N CYS F 22 75.15 -18.13 46.90
CA CYS F 22 75.24 -16.86 47.63
C CYS F 22 73.88 -16.20 47.69
N LYS F 23 73.08 -16.55 48.70
CA LYS F 23 71.72 -16.05 48.82
C LYS F 23 71.69 -14.64 49.38
N ALA F 24 71.09 -13.73 48.62
CA ALA F 24 71.00 -12.33 49.02
C ALA F 24 69.67 -12.05 49.70
N SER F 25 69.67 -11.03 50.57
CA SER F 25 68.47 -10.63 51.30
C SER F 25 68.64 -9.24 51.91
N GLY F 26 67.57 -8.46 51.94
CA GLY F 26 67.61 -7.14 52.54
C GLY F 26 67.68 -6.00 51.55
N TYR F 27 67.65 -6.33 50.26
CA TYR F 27 67.68 -5.33 49.19
C TYR F 27 67.11 -5.85 47.88
N SER F 28 66.86 -4.93 46.97
CA SER F 28 66.43 -5.28 45.62
C SER F 28 67.57 -6.00 44.88
N PHE F 29 67.42 -7.31 44.74
CA PHE F 29 68.50 -8.16 44.25
C PHE F 29 68.96 -7.83 42.83
N THR F 30 68.02 -7.49 41.96
CA THR F 30 68.33 -7.26 40.54
C THR F 30 68.99 -5.92 40.29
N GLY F 31 69.17 -5.13 41.35
CA GLY F 31 69.69 -3.78 41.21
C GLY F 31 71.20 -3.68 41.41
N TYR F 32 71.78 -4.71 42.02
CA TYR F 32 73.21 -4.67 42.34
C TYR F 32 73.95 -5.87 41.76
N THR F 33 75.01 -5.59 41.01
CA THR F 33 75.82 -6.65 40.40
C THR F 33 76.74 -7.31 41.44
N MET F 34 76.98 -8.60 41.28
CA MET F 34 77.77 -9.36 42.25
C MET F 34 79.16 -9.70 41.74
N ASN F 35 80.16 -9.48 42.58
CA ASN F 35 81.53 -9.89 42.29
C ASN F 35 81.88 -11.20 43.00
N TRP F 36 82.95 -11.84 42.56
CA TRP F 36 83.46 -13.03 43.22
C TRP F 36 84.98 -12.94 43.40
N VAL F 37 85.44 -13.06 44.64
CA VAL F 37 86.86 -12.94 44.94
C VAL F 37 87.40 -14.24 45.53
N LYS F 38 88.56 -14.66 45.04
CA LYS F 38 89.22 -15.89 45.50
C LYS F 38 90.41 -15.58 46.40
N GLN F 39 90.38 -16.08 47.62
CA GLN F 39 91.48 -15.88 48.57
C GLN F 39 92.21 -17.18 48.85
N SER F 40 93.37 -17.35 48.21
CA SER F 40 94.19 -18.54 48.43
C SER F 40 95.31 -18.23 49.41
N HIS F 41 95.99 -19.26 49.87
CA HIS F 41 97.10 -19.08 50.81
C HIS F 41 98.34 -18.63 50.06
N GLY F 42 98.67 -19.34 48.99
CA GLY F 42 99.86 -19.03 48.21
C GLY F 42 99.81 -17.71 47.46
N LYS F 43 98.62 -17.34 46.98
CA LYS F 43 98.46 -16.11 46.20
C LYS F 43 97.53 -15.11 46.87
N ASN F 44 97.64 -13.85 46.46
CA ASN F 44 96.80 -12.78 46.99
C ASN F 44 95.34 -12.89 46.54
N LEU F 45 94.53 -11.92 46.91
CA LEU F 45 93.13 -11.86 46.51
C LEU F 45 93.03 -11.73 45.00
N GLU F 46 92.32 -12.67 44.37
CA GLU F 46 92.17 -12.65 42.93
C GLU F 46 90.71 -12.43 42.55
N TRP F 47 90.44 -11.32 41.88
CA TRP F 47 89.07 -11.05 41.42
C TRP F 47 88.72 -12.04 40.31
N ILE F 48 87.54 -12.66 40.41
CA ILE F 48 87.14 -13.67 39.44
C ILE F 48 86.26 -13.06 38.34
N GLY F 49 84.97 -12.94 38.61
CA GLY F 49 84.07 -12.36 37.64
C GLY F 49 83.01 -11.50 38.30
N LEU F 50 82.24 -10.79 37.49
CA LEU F 50 81.09 -10.07 37.98
C LEU F 50 79.88 -10.46 37.13
N ILE F 51 78.69 -10.32 37.69
CA ILE F 51 77.49 -10.69 36.95
C ILE F 51 76.32 -9.77 37.34
N ASN F 52 75.61 -9.28 36.33
CA ASN F 52 74.43 -8.46 36.56
C ASN F 52 73.20 -9.35 36.65
N PRO F 53 72.58 -9.40 37.84
CA PRO F 53 71.40 -10.24 38.08
C PRO F 53 70.27 -9.94 37.11
N TYR F 54 70.15 -8.67 36.70
CA TYR F 54 69.10 -8.27 35.78
C TYR F 54 69.38 -8.74 34.36
N ASN F 55 70.50 -8.28 33.80
CA ASN F 55 70.86 -8.62 32.43
C ASN F 55 71.22 -10.08 32.27
N GLY F 56 71.89 -10.63 33.27
CA GLY F 56 72.44 -11.96 33.19
C GLY F 56 73.84 -11.87 32.59
N GLY F 57 74.23 -10.66 32.21
CA GLY F 57 75.52 -10.42 31.61
C GLY F 57 76.67 -10.71 32.55
N THR F 58 77.76 -11.23 32.01
CA THR F 58 78.92 -11.60 32.81
C THR F 58 80.20 -11.00 32.25
N SER F 59 81.19 -10.84 33.12
CA SER F 59 82.52 -10.41 32.73
C SER F 59 83.55 -11.12 33.60
N TYR F 60 84.33 -12.01 33.00
CA TYR F 60 85.26 -12.84 33.75
C TYR F 60 86.69 -12.29 33.71
N ASN F 61 87.49 -12.65 34.70
CA ASN F 61 88.92 -12.41 34.65
C ASN F 61 89.51 -13.34 33.60
N GLN F 62 90.55 -12.87 32.91
CA GLN F 62 91.18 -13.67 31.87
C GLN F 62 91.77 -14.96 32.44
N LYS F 63 92.16 -14.90 33.71
CA LYS F 63 92.73 -16.05 34.41
C LYS F 63 91.72 -17.17 34.64
N PHE F 64 90.45 -16.80 34.72
CA PHE F 64 89.38 -17.74 35.07
C PHE F 64 88.42 -18.04 33.92
N LYS F 65 88.87 -17.82 32.69
CA LYS F 65 88.09 -18.18 31.51
C LYS F 65 87.96 -19.70 31.42
N GLY F 66 86.77 -20.21 31.73
CA GLY F 66 86.52 -21.63 31.65
C GLY F 66 86.60 -22.32 33.02
N LYS F 67 87.36 -21.73 33.92
CA LYS F 67 87.48 -22.27 35.27
C LYS F 67 86.23 -21.95 36.09
N ALA F 68 85.64 -20.79 35.86
CA ALA F 68 84.47 -20.36 36.60
C ALA F 68 83.31 -19.99 35.68
N THR F 69 82.09 -20.14 36.20
CA THR F 69 80.88 -19.81 35.46
C THR F 69 79.86 -19.20 36.41
N LEU F 70 79.54 -17.92 36.19
CA LEU F 70 78.63 -17.22 37.07
C LEU F 70 77.20 -17.28 36.55
N THR F 71 76.30 -17.81 37.37
CA THR F 71 74.88 -17.84 37.04
C THR F 71 74.09 -17.11 38.12
N VAL F 72 72.78 -17.05 37.96
CA VAL F 72 71.94 -16.30 38.89
C VAL F 72 70.47 -16.73 38.79
N ASP F 73 69.84 -16.93 39.95
CA ASP F 73 68.41 -17.22 40.00
C ASP F 73 67.67 -16.05 40.63
N LYS F 74 66.96 -15.28 39.79
CA LYS F 74 66.29 -14.07 40.24
C LYS F 74 65.18 -14.34 41.23
N SER F 75 64.53 -15.49 41.10
CA SER F 75 63.38 -15.84 41.93
C SER F 75 63.77 -16.01 43.41
N SER F 76 64.87 -16.71 43.65
CA SER F 76 65.32 -16.99 45.01
C SER F 76 66.33 -15.95 45.50
N SER F 77 66.65 -14.98 44.65
CA SER F 77 67.61 -13.93 44.94
C SER F 77 68.97 -14.51 45.34
N THR F 78 69.53 -15.35 44.49
CA THR F 78 70.78 -16.05 44.79
C THR F 78 71.74 -16.02 43.60
N ALA F 79 73.01 -15.79 43.89
CA ALA F 79 74.05 -15.84 42.87
C ALA F 79 74.86 -17.12 42.99
N TYR F 80 75.18 -17.73 41.85
CA TYR F 80 75.90 -18.99 41.85
C TYR F 80 77.23 -18.89 41.10
N MET F 81 78.23 -19.65 41.57
CA MET F 81 79.50 -19.75 40.88
C MET F 81 79.93 -21.21 40.79
N GLU F 82 79.95 -21.75 39.57
CA GLU F 82 80.37 -23.13 39.37
C GLU F 82 81.82 -23.19 38.92
N LEU F 83 82.61 -24.00 39.63
CA LEU F 83 84.02 -24.15 39.32
C LEU F 83 84.26 -25.51 38.68
N LEU F 84 84.78 -25.51 37.45
CA LEU F 84 84.94 -26.73 36.68
C LEU F 84 86.40 -27.19 36.64
N SER F 85 86.59 -28.49 36.42
CA SER F 85 87.92 -29.09 36.33
C SER F 85 88.78 -28.73 37.54
N LEU F 86 88.22 -28.95 38.72
CA LEU F 86 88.87 -28.57 39.97
C LEU F 86 90.20 -29.28 40.19
N THR F 87 91.19 -28.51 40.62
CA THR F 87 92.50 -29.05 40.96
C THR F 87 92.88 -28.55 42.36
N SER F 88 94.08 -28.90 42.80
CA SER F 88 94.56 -28.47 44.11
C SER F 88 94.81 -26.96 44.14
N GLU F 89 94.97 -26.38 42.95
CA GLU F 89 95.23 -24.95 42.83
C GLU F 89 93.98 -24.15 43.14
N ASP F 90 92.82 -24.76 42.94
CA ASP F 90 91.55 -24.07 43.14
C ASP F 90 91.12 -24.11 44.61
N SER F 91 91.97 -24.69 45.46
CA SER F 91 91.71 -24.75 46.89
C SER F 91 91.90 -23.39 47.54
N ALA F 92 90.79 -22.75 47.88
CA ALA F 92 90.83 -21.41 48.47
C ALA F 92 89.51 -21.09 49.14
N VAL F 93 89.39 -19.86 49.64
CA VAL F 93 88.14 -19.37 50.17
C VAL F 93 87.53 -18.38 49.19
N TYR F 94 86.26 -18.60 48.83
CA TYR F 94 85.61 -17.78 47.83
C TYR F 94 84.56 -16.87 48.44
N TYR F 95 84.65 -15.58 48.13
CA TYR F 95 83.70 -14.60 48.64
C TYR F 95 82.87 -14.04 47.49
N CYS F 96 81.64 -13.63 47.79
CA CYS F 96 80.84 -12.89 46.83
C CYS F 96 80.67 -11.46 47.33
N ALA F 97 81.08 -10.50 46.51
CA ALA F 97 81.04 -9.10 46.90
C ALA F 97 80.06 -8.30 46.05
N ARG F 98 79.17 -7.57 46.72
CA ARG F 98 78.14 -6.80 46.05
C ARG F 98 78.67 -5.45 45.57
N ASP F 99 78.22 -5.01 44.40
CA ASP F 99 78.52 -3.66 43.93
C ASP F 99 77.62 -2.69 44.69
N GLY F 100 78.04 -1.43 44.77
CA GLY F 100 77.37 -0.49 45.66
C GLY F 100 76.30 0.41 45.05
N ASP F 101 76.27 0.53 43.72
CA ASP F 101 75.34 1.45 43.07
C ASP F 101 74.08 0.75 42.59
N TYR F 102 72.97 1.51 42.57
CA TYR F 102 71.66 0.98 42.25
C TYR F 102 71.39 0.97 40.75
N TYR F 103 71.28 -0.23 40.18
CA TYR F 103 71.04 -0.42 38.76
C TYR F 103 72.05 0.30 37.87
N ARG F 104 73.31 0.28 38.31
CA ARG F 104 74.43 0.77 37.51
C ARG F 104 75.74 0.32 38.13
N TYR F 105 76.73 0.03 37.29
CA TYR F 105 78.02 -0.45 37.78
C TYR F 105 78.84 0.71 38.33
N GLY F 106 78.92 0.80 39.65
CA GLY F 106 79.63 1.89 40.30
C GLY F 106 81.10 1.56 40.54
N ARG F 107 81.47 0.32 40.24
CA ARG F 107 82.84 -0.16 40.39
C ARG F 107 83.37 0.02 41.82
N TYR F 108 82.57 -0.36 42.80
CA TYR F 108 83.04 -0.34 44.17
C TYR F 108 82.35 -1.38 45.05
N PHE F 109 83.14 -2.03 45.89
CA PHE F 109 82.66 -3.14 46.70
C PHE F 109 81.85 -2.65 47.90
N ASP F 110 80.69 -3.26 48.08
CA ASP F 110 79.79 -2.89 49.17
C ASP F 110 79.85 -3.91 50.29
N TYR F 111 78.98 -4.92 50.22
CA TYR F 111 78.94 -5.96 51.23
C TYR F 111 79.60 -7.25 50.74
N TRP F 112 80.11 -8.03 51.67
CA TRP F 112 80.75 -9.31 51.34
C TRP F 112 80.04 -10.46 52.04
N GLY F 113 80.26 -11.68 51.55
CA GLY F 113 79.70 -12.85 52.19
C GLY F 113 80.60 -13.31 53.33
N GLN F 114 80.20 -14.36 54.03
CA GLN F 114 81.00 -14.87 55.14
C GLN F 114 82.14 -15.72 54.61
N GLY F 115 82.05 -16.09 53.34
CA GLY F 115 83.09 -16.87 52.70
C GLY F 115 82.77 -18.36 52.65
N THR F 116 83.26 -19.02 51.60
CA THR F 116 83.07 -20.46 51.45
C THR F 116 84.42 -21.14 51.23
N THR F 117 84.82 -21.98 52.19
CA THR F 117 86.10 -22.67 52.11
C THR F 117 86.00 -23.93 51.26
N LEU F 118 86.66 -23.90 50.11
CA LEU F 118 86.68 -25.05 49.21
C LEU F 118 88.02 -25.77 49.25
N THR F 119 88.00 -27.01 49.72
CA THR F 119 89.21 -27.82 49.81
C THR F 119 89.23 -28.92 48.75
N VAL F 120 90.23 -28.88 47.88
CA VAL F 120 90.37 -29.89 46.84
C VAL F 120 91.70 -30.62 46.98
N SER F 121 91.66 -31.82 47.54
CA SER F 121 92.86 -32.61 47.76
C SER F 121 92.61 -34.08 47.48
N SER F 122 93.51 -34.70 46.72
CA SER F 122 93.36 -36.11 46.37
C SER F 122 93.91 -37.03 47.45
N ALA F 123 93.89 -36.56 48.68
CA ALA F 123 94.38 -37.34 49.82
C ALA F 123 93.23 -38.10 50.49
N LYS F 124 93.53 -39.28 51.02
CA LYS F 124 92.56 -40.07 51.74
C LYS F 124 92.54 -39.67 53.21
N THR F 125 91.50 -40.07 53.93
CA THR F 125 91.39 -39.76 55.35
C THR F 125 92.52 -40.40 56.14
N THR F 126 93.27 -39.58 56.87
CA THR F 126 94.45 -40.05 57.57
C THR F 126 94.43 -39.67 59.05
N PRO F 127 94.63 -40.65 59.94
CA PRO F 127 94.73 -40.41 61.38
C PRO F 127 96.00 -39.66 61.76
N PRO F 128 95.92 -38.77 62.76
CA PRO F 128 97.06 -37.95 63.20
C PRO F 128 98.16 -38.79 63.83
N SER F 129 99.37 -38.26 63.82
CA SER F 129 100.50 -38.90 64.48
C SER F 129 101.10 -37.95 65.52
N VAL F 130 100.75 -38.17 66.78
CA VAL F 130 101.13 -37.25 67.84
C VAL F 130 102.50 -37.56 68.43
N TYR F 131 103.38 -36.56 68.41
CA TYR F 131 104.70 -36.68 69.03
C TYR F 131 104.85 -35.68 70.17
N PRO F 132 105.42 -36.14 71.30
CA PRO F 132 105.66 -35.28 72.45
C PRO F 132 106.92 -34.44 72.29
N LEU F 133 106.94 -33.25 72.85
CA LEU F 133 108.13 -32.41 72.78
C LEU F 133 108.55 -31.92 74.17
N ALA F 134 109.86 -31.92 74.42
CA ALA F 134 110.40 -31.51 75.70
C ALA F 134 111.63 -30.64 75.50
N PRO F 135 111.88 -29.71 76.44
CA PRO F 135 113.05 -28.84 76.34
C PRO F 135 114.37 -29.62 76.36
N GLY F 136 115.34 -29.17 75.58
CA GLY F 136 116.63 -29.84 75.49
C GLY F 136 117.45 -29.66 76.76
N SER F 137 117.75 -28.41 77.10
CA SER F 137 118.52 -28.11 78.30
C SER F 137 118.04 -26.81 78.94
N ALA F 138 117.40 -26.92 80.09
CA ALA F 138 116.86 -25.76 80.80
C ALA F 138 117.98 -24.80 81.22
N ALA F 139 117.98 -23.61 80.64
CA ALA F 139 119.02 -22.62 80.90
C ALA F 139 118.44 -21.32 81.45
N GLN F 140 118.80 -21.00 82.70
CA GLN F 140 118.39 -19.77 83.35
C GLN F 140 116.88 -19.57 83.36
N THR F 141 116.14 -20.62 83.70
CA THR F 141 114.69 -20.54 83.74
C THR F 141 114.12 -20.82 85.12
N ASN F 142 113.40 -19.84 85.66
CA ASN F 142 112.68 -20.01 86.91
C ASN F 142 111.18 -20.03 86.65
N SER F 143 110.79 -19.37 85.57
CA SER F 143 109.40 -19.36 85.15
C SER F 143 108.95 -20.76 84.76
N MET F 144 107.64 -20.93 84.62
CA MET F 144 107.06 -22.23 84.27
C MET F 144 107.61 -22.75 82.94
N VAL F 145 108.15 -23.96 82.96
CA VAL F 145 108.71 -24.57 81.75
C VAL F 145 107.61 -24.86 80.73
N THR F 146 107.81 -24.37 79.52
CA THR F 146 106.79 -24.49 78.48
C THR F 146 106.88 -25.82 77.73
N LEU F 147 105.86 -26.65 77.91
CA LEU F 147 105.76 -27.91 77.18
C LEU F 147 104.78 -27.76 76.02
N GLY F 148 104.56 -28.83 75.28
CA GLY F 148 103.66 -28.78 74.15
C GLY F 148 103.35 -30.11 73.49
N CYS F 149 102.30 -30.11 72.67
CA CYS F 149 101.87 -31.31 71.96
C CYS F 149 101.90 -31.07 70.46
N LEU F 150 102.39 -32.06 69.71
CA LEU F 150 102.52 -31.92 68.26
C LEU F 150 101.60 -32.87 67.51
N VAL F 151 100.87 -32.33 66.54
CA VAL F 151 100.00 -33.15 65.70
C VAL F 151 100.48 -33.11 64.25
N LYS F 152 101.15 -34.16 63.82
CA LYS F 152 101.76 -34.20 62.50
C LYS F 152 101.11 -35.23 61.58
N GLY F 153 100.73 -34.79 60.38
CA GLY F 153 100.21 -35.66 59.36
C GLY F 153 98.80 -36.16 59.62
N TYR F 154 97.82 -35.33 59.28
CA TYR F 154 96.42 -35.72 59.42
C TYR F 154 95.57 -35.08 58.33
N PHE F 155 94.40 -35.67 58.06
CA PHE F 155 93.50 -35.18 57.02
C PHE F 155 92.12 -35.78 57.17
N PRO F 156 91.07 -34.94 57.07
CA PRO F 156 91.19 -33.49 56.94
C PRO F 156 91.00 -32.74 58.25
N GLU F 157 90.75 -31.44 58.16
CA GLU F 157 90.49 -30.61 59.34
C GLU F 157 89.08 -30.84 59.87
N PRO F 158 88.83 -30.51 61.15
CA PRO F 158 89.77 -29.99 62.15
C PRO F 158 90.20 -31.03 63.17
N VAL F 159 91.13 -30.65 64.05
CA VAL F 159 91.52 -31.48 65.19
C VAL F 159 91.55 -30.64 66.45
N THR F 160 90.87 -31.12 67.49
CA THR F 160 90.81 -30.39 68.75
C THR F 160 91.85 -30.92 69.74
N VAL F 161 92.68 -30.01 70.26
CA VAL F 161 93.72 -30.39 71.20
C VAL F 161 93.48 -29.75 72.56
N THR F 162 93.34 -30.59 73.59
CA THR F 162 93.11 -30.12 74.94
C THR F 162 94.17 -30.65 75.90
N TRP F 163 94.25 -30.03 77.08
CA TRP F 163 95.25 -30.40 78.08
C TRP F 163 94.62 -30.84 79.39
N ASN F 164 94.95 -32.06 79.82
CA ASN F 164 94.43 -32.64 81.05
C ASN F 164 92.91 -32.60 81.11
N SER F 165 92.27 -32.92 79.99
CA SER F 165 90.82 -32.91 79.86
C SER F 165 90.23 -31.54 80.21
N GLY F 166 90.96 -30.48 79.85
CA GLY F 166 90.50 -29.12 80.08
C GLY F 166 90.67 -28.66 81.52
N SER F 167 91.82 -28.97 82.12
CA SER F 167 92.09 -28.55 83.50
C SER F 167 92.73 -27.16 83.53
N LEU F 168 93.66 -26.92 82.62
CA LEU F 168 94.32 -25.62 82.54
C LEU F 168 93.86 -24.85 81.31
N SER F 169 93.05 -23.82 81.53
CA SER F 169 92.53 -23.01 80.43
C SER F 169 93.26 -21.67 80.35
N SER F 170 94.49 -21.64 80.88
CA SER F 170 95.29 -20.43 80.87
C SER F 170 96.72 -20.72 80.42
N GLY F 171 97.12 -20.11 79.31
CA GLY F 171 98.46 -20.32 78.78
C GLY F 171 98.51 -21.37 77.70
N VAL F 172 97.34 -21.79 77.23
CA VAL F 172 97.24 -22.78 76.17
C VAL F 172 97.17 -22.10 74.80
N HIS F 173 98.10 -22.46 73.92
CA HIS F 173 98.15 -21.86 72.59
C HIS F 173 98.22 -22.92 71.49
N THR F 174 97.19 -22.97 70.66
CA THR F 174 97.16 -23.89 69.53
C THR F 174 97.41 -23.14 68.23
N PHE F 175 98.51 -23.48 67.56
CA PHE F 175 98.93 -22.79 66.35
C PHE F 175 98.23 -23.32 65.11
N PRO F 176 98.03 -22.44 64.11
CA PRO F 176 97.42 -22.82 62.83
C PRO F 176 98.13 -23.98 62.14
N ALA F 177 97.39 -24.75 61.35
CA ALA F 177 97.94 -25.93 60.69
C ALA F 177 98.80 -25.57 59.49
N VAL F 178 99.50 -26.57 58.96
CA VAL F 178 100.37 -26.38 57.79
C VAL F 178 100.17 -27.53 56.80
N LEU F 179 99.89 -27.18 55.54
CA LEU F 179 99.59 -28.18 54.52
C LEU F 179 100.85 -28.64 53.78
N GLN F 180 101.96 -28.77 54.50
CA GLN F 180 103.18 -29.30 53.89
C GLN F 180 103.03 -30.81 53.71
N SER F 181 103.62 -31.32 52.63
CA SER F 181 103.58 -32.74 52.31
C SER F 181 102.14 -33.27 52.18
N ASP F 182 101.26 -32.42 51.66
CA ASP F 182 99.86 -32.77 51.39
C ASP F 182 99.01 -33.08 52.62
N LEU F 183 99.61 -33.04 53.81
CA LEU F 183 98.87 -33.31 55.03
C LEU F 183 98.98 -32.14 56.01
N TYR F 184 97.87 -31.85 56.69
CA TYR F 184 97.83 -30.76 57.67
C TYR F 184 98.68 -31.10 58.89
N THR F 185 99.22 -30.06 59.54
CA THR F 185 100.08 -30.24 60.70
C THR F 185 100.06 -29.04 61.62
N LEU F 186 99.60 -29.23 62.86
CA LEU F 186 99.62 -28.17 63.85
C LEU F 186 100.30 -28.62 65.13
N SER F 187 100.42 -27.70 66.09
CA SER F 187 101.02 -28.00 67.38
C SER F 187 100.46 -27.08 68.45
N SER F 188 100.31 -27.59 69.67
CA SER F 188 99.78 -26.81 70.77
C SER F 188 100.71 -26.86 71.98
N SER F 189 101.06 -25.70 72.50
CA SER F 189 101.95 -25.60 73.65
C SER F 189 101.24 -25.04 74.87
N VAL F 190 101.74 -25.39 76.05
CA VAL F 190 101.17 -24.91 77.30
C VAL F 190 102.29 -24.65 78.31
N THR F 191 102.09 -23.68 79.18
CA THR F 191 103.10 -23.29 80.15
C THR F 191 102.73 -23.76 81.57
N VAL F 192 103.36 -24.82 82.03
CA VAL F 192 103.05 -25.41 83.32
C VAL F 192 104.18 -25.24 84.34
N PRO F 193 103.83 -24.99 85.61
CA PRO F 193 104.77 -24.74 86.72
C PRO F 193 105.89 -25.77 86.85
N SER F 194 107.08 -25.27 87.19
CA SER F 194 108.27 -26.12 87.30
C SER F 194 108.21 -27.04 88.51
N SER F 195 107.36 -26.70 89.48
CA SER F 195 107.16 -27.54 90.64
C SER F 195 106.14 -28.63 90.34
N THR F 196 105.49 -28.50 89.18
CA THR F 196 104.49 -29.46 88.74
C THR F 196 105.01 -30.22 87.52
N TRP F 197 106.33 -30.27 87.39
CA TRP F 197 106.98 -30.94 86.27
C TRP F 197 108.44 -31.26 86.58
N PRO F 198 108.87 -32.49 86.30
CA PRO F 198 108.04 -33.58 85.75
C PRO F 198 107.44 -34.47 86.83
N SER F 199 107.30 -33.94 88.04
CA SER F 199 106.80 -34.73 89.17
C SER F 199 105.31 -35.07 89.01
N GLU F 200 104.56 -34.17 88.37
CA GLU F 200 103.15 -34.41 88.10
C GLU F 200 102.91 -34.68 86.62
N THR F 201 101.84 -35.41 86.32
CA THR F 201 101.56 -35.84 84.97
C THR F 201 100.74 -34.81 84.17
N VAL F 202 101.27 -34.42 83.03
CA VAL F 202 100.52 -33.60 82.07
C VAL F 202 100.43 -34.35 80.75
N THR F 203 99.25 -34.31 80.13
CA THR F 203 99.01 -35.08 78.91
C THR F 203 98.13 -34.30 77.95
N CYS F 204 98.52 -34.28 76.68
CA CYS F 204 97.75 -33.61 75.65
C CYS F 204 96.70 -34.54 75.04
N ASN F 205 95.47 -34.05 74.95
CA ASN F 205 94.36 -34.83 74.40
C ASN F 205 94.03 -34.39 72.98
N VAL F 206 94.35 -35.23 72.00
CA VAL F 206 94.09 -34.90 70.60
C VAL F 206 92.91 -35.68 70.06
N ALA F 207 91.94 -34.96 69.51
CA ALA F 207 90.75 -35.59 68.95
C ALA F 207 90.61 -35.30 67.46
N HIS F 208 90.29 -36.33 66.69
CA HIS F 208 90.10 -36.19 65.24
C HIS F 208 88.75 -36.78 64.83
N PRO F 209 87.70 -35.94 64.86
CA PRO F 209 86.32 -36.35 64.55
C PRO F 209 86.16 -36.94 63.15
N ALA F 210 87.02 -36.53 62.22
CA ALA F 210 86.94 -37.00 60.84
C ALA F 210 87.44 -38.44 60.72
N SER F 211 88.05 -38.95 61.79
CA SER F 211 88.55 -40.32 61.81
C SER F 211 88.16 -41.01 63.11
N SER F 212 87.39 -40.30 63.93
CA SER F 212 86.95 -40.79 65.24
C SER F 212 88.14 -41.26 66.09
N THR F 213 89.22 -40.48 66.05
CA THR F 213 90.43 -40.84 66.75
C THR F 213 90.64 -39.98 68.00
N LYS F 214 90.90 -40.63 69.13
CA LYS F 214 91.17 -39.92 70.38
C LYS F 214 92.41 -40.48 71.06
N VAL F 215 93.56 -39.85 70.80
CA VAL F 215 94.83 -40.34 71.33
C VAL F 215 95.41 -39.36 72.36
N ASP F 216 95.82 -39.92 73.50
CA ASP F 216 96.49 -39.13 74.53
C ASP F 216 98.00 -39.41 74.49
N LYS F 217 98.80 -38.41 74.84
CA LYS F 217 100.24 -38.57 74.83
C LYS F 217 100.89 -37.86 76.02
N LYS F 218 101.52 -38.63 76.89
CA LYS F 218 102.19 -38.07 78.06
C LYS F 218 103.60 -37.59 77.71
N ILE F 219 103.91 -36.36 78.13
CA ILE F 219 105.22 -35.77 77.83
C ILE F 219 106.26 -36.33 78.79
N VAL F 220 107.42 -36.68 78.25
CA VAL F 220 108.52 -37.21 79.05
C VAL F 220 109.86 -36.61 78.62
N PRO F 221 110.58 -36.01 79.58
CA PRO F 221 111.89 -35.39 79.32
C PRO F 221 112.93 -36.40 78.83
N GLU G 1 34.33 -30.74 17.51
CA GLU G 1 35.45 -31.44 16.91
C GLU G 1 35.59 -31.10 15.43
N VAL G 2 36.74 -31.43 14.86
CA VAL G 2 36.99 -31.17 13.45
C VAL G 2 37.00 -32.47 12.65
N GLN G 3 36.79 -32.37 11.34
CA GLN G 3 36.81 -33.52 10.46
C GLN G 3 37.45 -33.16 9.12
N LEU G 4 38.09 -34.15 8.49
CA LEU G 4 38.68 -33.97 7.18
C LEU G 4 38.22 -35.08 6.25
N GLN G 5 37.01 -34.95 5.74
CA GLN G 5 36.44 -35.98 4.87
C GLN G 5 36.97 -35.85 3.45
N GLN G 6 37.59 -36.92 2.97
CA GLN G 6 38.13 -36.95 1.62
C GLN G 6 37.17 -37.66 0.68
N SER G 7 37.51 -37.68 -0.61
CA SER G 7 36.70 -38.38 -1.59
C SER G 7 36.84 -39.88 -1.42
N GLY G 8 35.89 -40.64 -1.99
CA GLY G 8 35.95 -42.09 -1.93
C GLY G 8 37.01 -42.64 -2.87
N PRO G 9 37.30 -43.94 -2.75
CA PRO G 9 38.30 -44.59 -3.60
C PRO G 9 37.85 -44.59 -5.06
N GLU G 10 38.80 -44.48 -5.99
CA GLU G 10 38.46 -44.46 -7.41
C GLU G 10 39.30 -45.46 -8.21
N LEU G 11 38.76 -45.90 -9.34
CA LEU G 11 39.46 -46.83 -10.20
C LEU G 11 39.41 -46.37 -11.65
N VAL G 12 40.58 -45.99 -12.18
CA VAL G 12 40.71 -45.50 -13.56
C VAL G 12 41.89 -46.20 -14.21
N ARG G 13 42.07 -45.99 -15.50
CA ARG G 13 43.14 -46.66 -16.23
C ARG G 13 44.31 -45.69 -16.43
N PRO G 14 45.55 -46.23 -16.48
CA PRO G 14 46.77 -45.43 -16.67
C PRO G 14 46.74 -44.42 -17.82
N GLY G 15 47.30 -43.24 -17.57
CA GLY G 15 47.32 -42.18 -18.56
C GLY G 15 46.30 -41.11 -18.22
N ALA G 16 45.23 -41.52 -17.54
CA ALA G 16 44.16 -40.60 -17.16
C ALA G 16 44.58 -39.70 -16.00
N SER G 17 43.64 -38.92 -15.49
CA SER G 17 43.91 -38.01 -14.40
C SER G 17 42.64 -37.71 -13.61
N MET G 18 42.75 -37.75 -12.29
CA MET G 18 41.60 -37.50 -11.42
C MET G 18 41.95 -36.53 -10.30
N LYS G 19 40.95 -36.14 -9.53
CA LYS G 19 41.12 -35.15 -8.47
C LYS G 19 40.52 -35.61 -7.15
N ILE G 20 41.35 -35.64 -6.11
CA ILE G 20 40.89 -36.03 -4.79
C ILE G 20 40.44 -34.79 -4.01
N SER G 21 39.31 -34.90 -3.33
CA SER G 21 38.81 -33.79 -2.52
C SER G 21 39.12 -34.02 -1.04
N CYS G 22 38.96 -32.97 -0.24
CA CYS G 22 39.16 -33.07 1.20
C CYS G 22 38.40 -31.95 1.90
N LYS G 23 37.13 -32.20 2.19
CA LYS G 23 36.28 -31.18 2.78
C LYS G 23 36.51 -31.06 4.28
N ALA G 24 36.86 -29.86 4.72
CA ALA G 24 37.13 -29.60 6.12
C ALA G 24 35.88 -29.10 6.82
N SER G 25 35.83 -29.28 8.14
CA SER G 25 34.68 -28.87 8.93
C SER G 25 35.02 -28.79 10.41
N GLY G 26 34.43 -27.81 11.09
CA GLY G 26 34.63 -27.65 12.52
C GLY G 26 35.61 -26.56 12.90
N TYR G 27 36.12 -25.85 11.89
CA TYR G 27 37.08 -24.77 12.14
C TYR G 27 37.13 -23.76 11.01
N SER G 28 37.76 -22.61 11.27
CA SER G 28 37.99 -21.61 10.25
C SER G 28 38.95 -22.15 9.18
N PHE G 29 38.41 -22.50 8.03
CA PHE G 29 39.15 -23.21 6.99
C PHE G 29 40.34 -22.42 6.47
N THR G 30 40.19 -21.11 6.36
CA THR G 30 41.23 -20.27 5.77
C THR G 30 42.39 -20.02 6.73
N GLY G 31 42.29 -20.57 7.94
CA GLY G 31 43.29 -20.33 8.97
C GLY G 31 44.36 -21.38 9.07
N TYR G 32 44.13 -22.55 8.48
CA TYR G 32 45.06 -23.65 8.58
C TYR G 32 45.47 -24.18 7.20
N THR G 33 46.77 -24.25 6.94
CA THR G 33 47.28 -24.74 5.67
C THR G 33 47.20 -26.26 5.60
N MET G 34 46.95 -26.79 4.40
CA MET G 34 46.75 -28.22 4.22
C MET G 34 47.95 -28.91 3.57
N ASN G 35 48.35 -30.05 4.14
CA ASN G 35 49.38 -30.89 3.53
C ASN G 35 48.77 -32.04 2.76
N TRP G 36 49.56 -32.68 1.91
CA TRP G 36 49.13 -33.89 1.21
C TRP G 36 50.23 -34.95 1.26
N VAL G 37 49.90 -36.12 1.80
CA VAL G 37 50.89 -37.17 1.98
C VAL G 37 50.54 -38.44 1.20
N LYS G 38 51.53 -39.03 0.55
CA LYS G 38 51.35 -40.25 -0.24
C LYS G 38 51.90 -41.49 0.47
N GLN G 39 51.04 -42.47 0.70
CA GLN G 39 51.45 -43.72 1.34
C GLN G 39 51.37 -44.88 0.35
N SER G 40 52.51 -45.27 -0.20
CA SER G 40 52.56 -46.37 -1.15
C SER G 40 53.00 -47.66 -0.48
N HIS G 41 52.91 -48.77 -1.20
CA HIS G 41 53.37 -50.05 -0.68
C HIS G 41 54.89 -50.21 -0.83
N GLY G 42 55.39 -49.95 -2.03
CA GLY G 42 56.82 -50.10 -2.28
C GLY G 42 57.62 -49.07 -1.50
N LYS G 43 57.10 -47.85 -1.40
CA LYS G 43 57.79 -46.82 -0.65
C LYS G 43 56.90 -46.30 0.49
N ASN G 44 57.53 -45.81 1.56
CA ASN G 44 56.81 -45.25 2.69
C ASN G 44 56.18 -43.89 2.40
N LEU G 45 55.69 -43.24 3.44
CA LEU G 45 55.03 -41.94 3.30
C LEU G 45 55.95 -40.88 2.69
N GLU G 46 55.49 -40.32 1.58
CA GLU G 46 56.20 -39.28 0.86
C GLU G 46 55.37 -38.02 0.89
N TRP G 47 55.90 -36.94 1.48
CA TRP G 47 55.17 -35.69 1.50
C TRP G 47 55.11 -35.08 0.09
N ILE G 48 53.93 -34.65 -0.33
CA ILE G 48 53.74 -34.12 -1.68
C ILE G 48 53.83 -32.59 -1.66
N GLY G 49 52.73 -31.92 -1.32
CA GLY G 49 52.72 -30.48 -1.27
C GLY G 49 51.92 -29.90 -0.12
N LEU G 50 52.03 -28.58 0.05
CA LEU G 50 51.20 -27.86 1.00
C LEU G 50 50.52 -26.69 0.32
N ILE G 51 49.39 -26.25 0.87
CA ILE G 51 48.66 -25.14 0.29
C ILE G 51 47.94 -24.28 1.35
N ASN G 52 48.11 -22.98 1.25
CA ASN G 52 47.45 -22.04 2.16
C ASN G 52 46.11 -21.59 1.60
N PRO G 53 45.02 -21.96 2.28
CA PRO G 53 43.64 -21.63 1.85
C PRO G 53 43.42 -20.14 1.67
N TYR G 54 44.08 -19.32 2.50
CA TYR G 54 43.91 -17.88 2.43
C TYR G 54 44.61 -17.29 1.19
N ASN G 55 45.93 -17.46 1.16
CA ASN G 55 46.75 -16.93 0.07
C ASN G 55 46.51 -17.61 -1.26
N GLY G 56 46.29 -18.92 -1.21
CA GLY G 56 46.22 -19.72 -2.41
C GLY G 56 47.61 -20.21 -2.79
N GLY G 57 48.60 -19.77 -2.01
CA GLY G 57 49.99 -20.13 -2.24
C GLY G 57 50.24 -21.62 -2.08
N THR G 58 51.14 -22.16 -2.90
CA THR G 58 51.44 -23.58 -2.88
C THR G 58 52.93 -23.83 -2.77
N SER G 59 53.30 -24.99 -2.24
CA SER G 59 54.69 -25.41 -2.18
C SER G 59 54.80 -26.93 -2.36
N TYR G 60 55.36 -27.34 -3.49
CA TYR G 60 55.44 -28.75 -3.83
C TYR G 60 56.81 -29.37 -3.55
N ASN G 61 56.82 -30.68 -3.38
CA ASN G 61 58.06 -31.45 -3.37
C ASN G 61 58.60 -31.51 -4.80
N GLN G 62 59.92 -31.48 -4.95
CA GLN G 62 60.53 -31.52 -6.27
C GLN G 62 60.21 -32.84 -6.98
N LYS G 63 59.96 -33.88 -6.18
CA LYS G 63 59.63 -35.20 -6.69
C LYS G 63 58.28 -35.20 -7.40
N PHE G 64 57.37 -34.35 -6.97
CA PHE G 64 56.00 -34.33 -7.50
C PHE G 64 55.66 -33.05 -8.26
N LYS G 65 56.69 -32.36 -8.76
CA LYS G 65 56.49 -31.19 -9.59
C LYS G 65 55.81 -31.55 -10.91
N GLY G 66 54.55 -31.19 -11.04
CA GLY G 66 53.79 -31.48 -12.25
C GLY G 66 52.90 -32.69 -12.11
N LYS G 67 53.28 -33.59 -11.21
CA LYS G 67 52.49 -34.79 -10.95
C LYS G 67 51.24 -34.44 -10.14
N ALA G 68 51.38 -33.45 -9.27
CA ALA G 68 50.27 -33.05 -8.41
C ALA G 68 49.97 -31.56 -8.55
N THR G 69 48.71 -31.19 -8.29
CA THR G 69 48.27 -29.80 -8.36
C THR G 69 47.29 -29.50 -7.25
N LEU G 70 47.68 -28.64 -6.32
CA LEU G 70 46.85 -28.31 -5.17
C LEU G 70 45.99 -27.08 -5.43
N THR G 71 44.67 -27.26 -5.31
CA THR G 71 43.75 -26.13 -5.41
C THR G 71 42.90 -26.05 -4.15
N VAL G 72 41.99 -25.08 -4.10
CA VAL G 72 41.20 -24.86 -2.89
C VAL G 72 39.95 -24.02 -3.19
N ASP G 73 38.81 -24.46 -2.65
CA ASP G 73 37.57 -23.70 -2.75
C ASP G 73 37.15 -23.19 -1.39
N LYS G 74 37.33 -21.89 -1.16
CA LYS G 74 37.07 -21.28 0.14
C LYS G 74 35.60 -21.33 0.54
N SER G 75 34.72 -21.27 -0.45
CA SER G 75 33.28 -21.25 -0.20
C SER G 75 32.78 -22.54 0.43
N SER G 76 33.24 -23.67 -0.10
CA SER G 76 32.80 -24.98 0.37
C SER G 76 33.74 -25.58 1.42
N SER G 77 34.79 -24.84 1.76
CA SER G 77 35.80 -25.28 2.72
C SER G 77 36.41 -26.62 2.33
N THR G 78 36.96 -26.69 1.12
CA THR G 78 37.49 -27.95 0.59
C THR G 78 38.86 -27.76 -0.06
N ALA G 79 39.77 -28.69 0.21
CA ALA G 79 41.08 -28.70 -0.44
C ALA G 79 41.12 -29.80 -1.49
N TYR G 80 41.72 -29.52 -2.64
CA TYR G 80 41.76 -30.47 -3.73
C TYR G 80 43.19 -30.82 -4.16
N MET G 81 43.38 -32.05 -4.60
CA MET G 81 44.66 -32.47 -5.19
C MET G 81 44.42 -33.25 -6.47
N GLU G 82 44.83 -32.66 -7.60
CA GLU G 82 44.68 -33.31 -8.89
C GLU G 82 45.97 -33.99 -9.33
N LEU G 83 45.88 -35.27 -9.66
CA LEU G 83 47.05 -36.03 -10.12
C LEU G 83 46.95 -36.30 -11.62
N LEU G 84 47.94 -35.81 -12.37
CA LEU G 84 47.91 -35.91 -13.82
C LEU G 84 48.86 -36.98 -14.35
N SER G 85 48.56 -37.49 -15.54
CA SER G 85 49.37 -38.51 -16.20
C SER G 85 49.62 -39.70 -15.28
N LEU G 86 48.53 -40.25 -14.76
CA LEU G 86 48.60 -41.35 -13.80
C LEU G 86 49.27 -42.60 -14.37
N THR G 87 50.15 -43.21 -13.58
CA THR G 87 50.81 -44.45 -13.97
C THR G 87 50.62 -45.51 -12.90
N SER G 88 51.24 -46.67 -13.09
CA SER G 88 51.13 -47.76 -12.13
C SER G 88 51.83 -47.43 -10.81
N GLU G 89 52.77 -46.49 -10.88
CA GLU G 89 53.54 -46.08 -9.71
C GLU G 89 52.70 -45.24 -8.75
N ASP G 90 51.67 -44.58 -9.30
CA ASP G 90 50.86 -43.66 -8.51
C ASP G 90 49.77 -44.37 -7.71
N SER G 91 49.74 -45.70 -7.77
CA SER G 91 48.77 -46.47 -6.99
C SER G 91 49.15 -46.47 -5.52
N ALA G 92 48.42 -45.69 -4.73
CA ALA G 92 48.69 -45.56 -3.30
C ALA G 92 47.50 -44.97 -2.57
N VAL G 93 47.68 -44.73 -1.27
CA VAL G 93 46.65 -44.04 -0.48
C VAL G 93 47.12 -42.62 -0.19
N TYR G 94 46.27 -41.65 -0.48
CA TYR G 94 46.64 -40.25 -0.32
C TYR G 94 45.87 -39.60 0.83
N TYR G 95 46.61 -38.97 1.73
CA TYR G 95 46.01 -38.31 2.89
C TYR G 95 46.17 -36.80 2.82
N CYS G 96 45.23 -36.09 3.43
CA CYS G 96 45.38 -34.66 3.63
C CYS G 96 45.57 -34.36 5.10
N ALA G 97 46.69 -33.72 5.44
CA ALA G 97 47.02 -33.45 6.83
C ALA G 97 47.04 -31.95 7.10
N ARG G 98 46.30 -31.54 8.13
CA ARG G 98 46.18 -30.12 8.46
C ARG G 98 47.37 -29.65 9.29
N ASP G 99 47.80 -28.42 9.03
CA ASP G 99 48.82 -27.78 9.86
C ASP G 99 48.15 -27.33 11.16
N GLY G 100 48.94 -27.16 12.22
CA GLY G 100 48.38 -26.94 13.54
C GLY G 100 48.23 -25.50 14.02
N ASP G 101 48.91 -24.57 13.38
CA ASP G 101 48.90 -23.18 13.83
C ASP G 101 47.88 -22.33 13.08
N TYR G 102 47.36 -21.31 13.77
CA TYR G 102 46.30 -20.46 13.23
C TYR G 102 46.85 -19.31 12.40
N TYR G 103 46.57 -19.34 11.10
CA TYR G 103 47.04 -18.35 10.14
C TYR G 103 48.56 -18.16 10.17
N ARG G 104 49.28 -19.27 10.33
CA ARG G 104 50.73 -19.27 10.22
C ARG G 104 51.24 -20.71 10.12
N TYR G 105 52.31 -20.90 9.35
CA TYR G 105 52.88 -22.24 9.16
C TYR G 105 53.68 -22.63 10.39
N GLY G 106 53.10 -23.52 11.20
CA GLY G 106 53.73 -23.96 12.44
C GLY G 106 54.64 -25.15 12.25
N ARG G 107 54.65 -25.68 11.02
CA ARG G 107 55.46 -26.83 10.65
C ARG G 107 55.20 -28.04 11.54
N TYR G 108 53.92 -28.33 11.80
CA TYR G 108 53.58 -29.54 12.53
C TYR G 108 52.20 -30.08 12.17
N PHE G 109 52.13 -31.40 12.02
CA PHE G 109 50.90 -32.05 11.57
C PHE G 109 49.86 -32.15 12.67
N ASP G 110 48.65 -31.73 12.34
CA ASP G 110 47.55 -31.70 13.30
C ASP G 110 46.59 -32.87 13.06
N TYR G 111 45.57 -32.63 12.24
CA TYR G 111 44.58 -33.65 11.95
C TYR G 111 44.80 -34.26 10.56
N TRP G 112 44.37 -35.51 10.40
CA TRP G 112 44.48 -36.20 9.12
C TRP G 112 43.11 -36.64 8.63
N GLY G 113 43.02 -36.92 7.33
CA GLY G 113 41.79 -37.43 6.75
C GLY G 113 41.71 -38.94 6.90
N GLN G 114 40.63 -39.54 6.41
CA GLN G 114 40.47 -40.98 6.52
C GLN G 114 41.27 -41.67 5.43
N GLY G 115 41.69 -40.90 4.43
CA GLY G 115 42.51 -41.43 3.35
C GLY G 115 41.69 -41.81 2.13
N THR G 116 42.30 -41.70 0.96
CA THR G 116 41.64 -42.10 -0.27
C THR G 116 42.51 -43.09 -1.03
N THR G 117 42.04 -44.33 -1.14
CA THR G 117 42.79 -45.37 -1.82
C THR G 117 42.57 -45.29 -3.33
N LEU G 118 43.61 -44.89 -4.05
CA LEU G 118 43.52 -44.82 -5.50
C LEU G 118 44.30 -45.95 -6.16
N THR G 119 43.58 -46.86 -6.80
CA THR G 119 44.20 -47.94 -7.53
C THR G 119 43.99 -47.74 -9.02
N VAL G 120 45.10 -47.57 -9.75
CA VAL G 120 45.06 -47.37 -11.19
C VAL G 120 45.85 -48.45 -11.93
N SER G 121 45.16 -49.47 -12.42
CA SER G 121 45.82 -50.58 -13.09
C SER G 121 45.21 -50.85 -14.46
N SER G 122 46.06 -51.12 -15.45
CA SER G 122 45.63 -51.30 -16.83
C SER G 122 45.21 -52.72 -17.15
N ALA G 123 44.52 -53.38 -16.21
CA ALA G 123 44.09 -54.74 -16.42
C ALA G 123 42.60 -54.92 -16.08
N LYS G 124 41.91 -55.73 -16.86
CA LYS G 124 40.46 -55.87 -16.77
C LYS G 124 40.02 -56.97 -15.80
N THR G 125 38.77 -56.88 -15.35
CA THR G 125 38.19 -57.79 -14.37
C THR G 125 38.48 -59.27 -14.65
N THR G 126 39.16 -59.92 -13.70
CA THR G 126 39.58 -61.30 -13.86
C THR G 126 39.09 -62.18 -12.71
N PRO G 127 38.25 -63.18 -13.03
CA PRO G 127 37.76 -64.15 -12.04
C PRO G 127 38.89 -64.94 -11.38
N PRO G 128 38.71 -65.32 -10.11
CA PRO G 128 39.75 -66.00 -9.33
C PRO G 128 39.95 -67.46 -9.72
N SER G 129 41.15 -67.98 -9.45
CA SER G 129 41.47 -69.38 -9.70
C SER G 129 41.88 -70.07 -8.41
N VAL G 130 40.96 -70.82 -7.82
CA VAL G 130 41.21 -71.43 -6.50
C VAL G 130 41.92 -72.77 -6.60
N TYR G 131 42.89 -72.97 -5.71
CA TYR G 131 43.71 -74.18 -5.69
C TYR G 131 43.78 -74.78 -4.29
N PRO G 132 43.88 -76.12 -4.21
CA PRO G 132 44.00 -76.81 -2.92
C PRO G 132 45.44 -76.88 -2.41
N LEU G 133 45.60 -77.07 -1.11
CA LEU G 133 46.94 -77.22 -0.52
C LEU G 133 46.93 -78.22 0.63
N ALA G 134 47.49 -79.40 0.38
CA ALA G 134 47.57 -80.46 1.37
C ALA G 134 48.91 -80.41 2.10
N PRO G 135 48.95 -80.91 3.35
CA PRO G 135 50.21 -80.91 4.10
C PRO G 135 51.31 -81.75 3.45
N GLY G 136 50.97 -82.96 3.03
CA GLY G 136 51.94 -83.84 2.39
C GLY G 136 53.09 -84.20 3.32
N SER G 137 52.80 -84.26 4.61
CA SER G 137 53.81 -84.56 5.61
C SER G 137 53.35 -85.70 6.52
N ALA G 138 54.28 -86.30 7.24
CA ALA G 138 53.97 -87.40 8.15
C ALA G 138 53.12 -86.92 9.33
N ALA G 139 53.31 -85.66 9.69
CA ALA G 139 52.54 -84.98 10.75
C ALA G 139 52.72 -85.59 12.13
N GLN G 140 51.63 -85.56 12.91
CA GLN G 140 51.58 -85.96 14.33
C GLN G 140 52.25 -84.94 15.25
N THR G 141 52.09 -85.15 16.56
CA THR G 141 52.55 -84.23 17.62
C THR G 141 51.73 -82.93 17.63
N ASN G 142 50.74 -82.86 16.74
CA ASN G 142 49.85 -81.70 16.69
C ASN G 142 48.39 -82.11 16.92
N SER G 143 47.70 -81.38 17.79
CA SER G 143 46.31 -81.66 18.11
C SER G 143 45.40 -81.45 16.90
N MET G 144 45.68 -80.40 16.14
CA MET G 144 44.86 -80.05 14.99
C MET G 144 45.70 -79.96 13.71
N VAL G 145 45.20 -80.53 12.63
CA VAL G 145 45.90 -80.50 11.34
C VAL G 145 45.57 -79.21 10.60
N THR G 146 46.55 -78.66 9.88
CA THR G 146 46.38 -77.40 9.17
C THR G 146 46.23 -77.61 7.67
N LEU G 147 45.20 -77.00 7.09
CA LEU G 147 44.96 -77.03 5.65
C LEU G 147 44.62 -75.63 5.15
N GLY G 148 44.63 -75.44 3.84
CA GLY G 148 44.35 -74.13 3.28
C GLY G 148 44.08 -74.07 1.79
N CYS G 149 43.24 -73.11 1.39
CA CYS G 149 42.95 -72.87 -0.02
C CYS G 149 43.82 -71.76 -0.58
N LEU G 150 44.24 -71.90 -1.83
CA LEU G 150 45.04 -70.88 -2.50
C LEU G 150 44.26 -70.22 -3.63
N VAL G 151 44.34 -68.89 -3.70
CA VAL G 151 43.62 -68.16 -4.73
C VAL G 151 44.58 -67.33 -5.57
N LYS G 152 44.62 -67.60 -6.88
CA LYS G 152 45.51 -66.89 -7.80
C LYS G 152 44.76 -66.18 -8.91
N GLY G 153 45.32 -65.05 -9.35
CA GLY G 153 44.82 -64.34 -10.52
C GLY G 153 43.42 -63.78 -10.39
N TYR G 154 43.26 -62.80 -9.51
CA TYR G 154 41.95 -62.15 -9.35
C TYR G 154 42.08 -60.67 -9.03
N PHE G 155 41.15 -59.89 -9.59
CA PHE G 155 41.01 -58.46 -9.31
C PHE G 155 39.81 -57.94 -10.09
N PRO G 156 39.16 -56.87 -9.60
CA PRO G 156 39.49 -56.06 -8.41
C PRO G 156 39.11 -56.72 -7.09
N GLU G 157 39.76 -56.27 -6.02
CA GLU G 157 39.45 -56.70 -4.67
C GLU G 157 38.12 -56.08 -4.22
N PRO G 158 37.53 -56.56 -3.10
CA PRO G 158 37.94 -57.60 -2.16
C PRO G 158 37.42 -58.99 -2.51
N VAL G 159 37.99 -60.00 -1.86
CA VAL G 159 37.54 -61.38 -2.00
C VAL G 159 37.43 -62.04 -0.63
N THR G 160 36.25 -62.59 -0.35
CA THR G 160 36.00 -63.22 0.95
C THR G 160 35.98 -64.75 0.83
N VAL G 161 36.67 -65.41 1.74
CA VAL G 161 36.76 -66.86 1.73
C VAL G 161 36.19 -67.48 3.01
N THR G 162 35.16 -68.31 2.85
CA THR G 162 34.55 -68.98 3.98
C THR G 162 34.90 -70.47 3.97
N TRP G 163 34.52 -71.18 5.04
CA TRP G 163 34.88 -72.58 5.18
C TRP G 163 33.72 -73.43 5.65
N ASN G 164 33.74 -74.72 5.27
CA ASN G 164 32.67 -75.66 5.57
C ASN G 164 31.32 -75.11 5.13
N SER G 165 31.28 -74.59 3.91
CA SER G 165 30.10 -73.94 3.35
C SER G 165 29.68 -72.74 4.21
N GLY G 166 30.65 -72.12 4.86
CA GLY G 166 30.41 -70.94 5.68
C GLY G 166 29.66 -71.24 6.98
N SER G 167 29.88 -72.43 7.52
CA SER G 167 29.19 -72.84 8.75
C SER G 167 30.01 -72.56 10.00
N LEU G 168 31.30 -72.87 9.95
CA LEU G 168 32.17 -72.69 11.11
C LEU G 168 33.25 -71.63 10.87
N SER G 169 33.62 -70.93 11.93
CA SER G 169 34.68 -69.93 11.87
C SER G 169 35.69 -70.16 13.00
N SER G 170 35.80 -71.41 13.43
CA SER G 170 36.73 -71.78 14.49
C SER G 170 38.11 -72.10 13.96
N GLY G 171 38.98 -71.10 13.93
CA GLY G 171 40.33 -71.28 13.44
C GLY G 171 40.52 -70.74 12.03
N VAL G 172 39.69 -69.79 11.65
CA VAL G 172 39.75 -69.20 10.32
C VAL G 172 40.82 -68.12 10.24
N HIS G 173 41.68 -68.22 9.22
CA HIS G 173 42.75 -67.25 9.03
C HIS G 173 42.82 -66.79 7.57
N THR G 174 42.28 -65.61 7.31
CA THR G 174 42.30 -65.04 5.96
C THR G 174 43.43 -64.04 5.80
N PHE G 175 44.47 -64.44 5.07
CA PHE G 175 45.67 -63.61 4.90
C PHE G 175 45.45 -62.53 3.85
N PRO G 176 46.13 -61.38 4.00
CA PRO G 176 45.98 -60.24 3.08
C PRO G 176 46.43 -60.55 1.66
N ALA G 177 46.10 -59.65 0.72
CA ALA G 177 46.37 -59.86 -0.69
C ALA G 177 47.78 -59.45 -1.10
N VAL G 178 48.21 -59.93 -2.26
CA VAL G 178 49.53 -59.61 -2.80
C VAL G 178 49.44 -59.27 -4.29
N LEU G 179 50.12 -58.20 -4.70
CA LEU G 179 50.10 -57.77 -6.10
C LEU G 179 51.44 -57.98 -6.79
N GLN G 180 51.88 -59.23 -6.89
CA GLN G 180 53.14 -59.55 -7.54
C GLN G 180 53.01 -59.52 -9.07
N SER G 181 51.88 -59.99 -9.58
CA SER G 181 51.69 -60.13 -11.01
C SER G 181 50.53 -59.28 -11.53
N ASP G 182 50.42 -58.05 -11.01
CA ASP G 182 49.34 -57.13 -11.37
C ASP G 182 47.97 -57.73 -11.04
N LEU G 183 47.97 -58.73 -10.17
CA LEU G 183 46.74 -59.39 -9.74
C LEU G 183 46.83 -59.71 -8.26
N TYR G 184 45.73 -59.53 -7.54
CA TYR G 184 45.69 -59.84 -6.12
C TYR G 184 45.80 -61.35 -5.93
N THR G 185 46.40 -61.75 -4.80
CA THR G 185 46.60 -63.17 -4.52
C THR G 185 46.76 -63.40 -3.02
N LEU G 186 45.87 -64.18 -2.44
CA LEU G 186 45.95 -64.52 -1.02
C LEU G 186 45.77 -66.01 -0.80
N SER G 187 45.81 -66.40 0.47
CA SER G 187 45.54 -67.78 0.86
C SER G 187 44.85 -67.79 2.22
N SER G 188 43.83 -68.62 2.36
CA SER G 188 43.12 -68.74 3.63
C SER G 188 43.34 -70.13 4.22
N SER G 189 43.48 -70.21 5.54
CA SER G 189 43.78 -71.48 6.19
C SER G 189 42.97 -71.69 7.46
N VAL G 190 42.51 -72.92 7.66
CA VAL G 190 41.81 -73.30 8.88
C VAL G 190 42.46 -74.53 9.49
N THR G 191 42.24 -74.73 10.78
CA THR G 191 42.89 -75.81 11.50
C THR G 191 41.88 -76.68 12.24
N VAL G 192 41.81 -77.96 11.86
CA VAL G 192 40.85 -78.89 12.41
C VAL G 192 41.55 -80.09 13.06
N PRO G 193 40.89 -80.77 14.01
CA PRO G 193 41.50 -81.93 14.67
C PRO G 193 41.85 -83.05 13.70
N SER G 194 42.88 -83.83 14.04
CA SER G 194 43.37 -84.90 13.17
C SER G 194 42.42 -86.10 13.14
N SER G 195 41.51 -86.17 14.10
CA SER G 195 40.54 -87.24 14.16
C SER G 195 39.38 -86.98 13.20
N THR G 196 39.28 -85.74 12.74
CA THR G 196 38.23 -85.34 11.80
C THR G 196 38.81 -85.10 10.41
N TRP G 197 39.86 -85.86 10.08
CA TRP G 197 40.57 -85.69 8.82
C TRP G 197 41.51 -86.86 8.57
N PRO G 198 41.53 -87.39 7.34
CA PRO G 198 40.72 -86.95 6.20
C PRO G 198 39.41 -87.71 6.07
N SER G 199 38.88 -88.21 7.18
CA SER G 199 37.64 -88.98 7.17
C SER G 199 36.43 -88.09 6.96
N GLU G 200 36.54 -86.82 7.33
CA GLU G 200 35.47 -85.85 7.13
C GLU G 200 35.79 -84.90 5.99
N THR G 201 34.75 -84.43 5.31
CA THR G 201 34.92 -83.55 4.15
C THR G 201 35.23 -82.13 4.57
N VAL G 202 36.25 -81.55 3.95
CA VAL G 202 36.63 -80.16 4.21
C VAL G 202 36.27 -79.27 3.01
N THR G 203 35.39 -78.30 3.25
CA THR G 203 34.89 -77.47 2.16
C THR G 203 35.44 -76.05 2.20
N CYS G 204 35.86 -75.53 1.05
CA CYS G 204 36.42 -74.19 0.94
C CYS G 204 35.64 -73.34 -0.05
N ASN G 205 34.93 -72.33 0.45
CA ASN G 205 34.14 -71.46 -0.41
C ASN G 205 34.82 -70.12 -0.66
N VAL G 206 34.82 -69.70 -1.93
CA VAL G 206 35.41 -68.43 -2.32
C VAL G 206 34.44 -67.62 -3.17
N ALA G 207 34.19 -66.37 -2.77
CA ALA G 207 33.22 -65.52 -3.46
C ALA G 207 33.87 -64.28 -4.07
N HIS G 208 33.47 -63.96 -5.29
CA HIS G 208 33.96 -62.77 -5.99
C HIS G 208 32.81 -62.02 -6.63
N PRO G 209 32.29 -61.00 -5.93
CA PRO G 209 31.11 -60.22 -6.36
C PRO G 209 31.33 -59.47 -7.67
N ALA G 210 32.58 -59.15 -7.99
CA ALA G 210 32.87 -58.36 -9.19
C ALA G 210 32.88 -59.21 -10.45
N SER G 211 32.75 -60.52 -10.29
CA SER G 211 32.69 -61.43 -11.43
C SER G 211 31.66 -62.53 -11.20
N SER G 212 30.96 -62.45 -10.07
CA SER G 212 29.92 -63.42 -9.70
C SER G 212 30.46 -64.86 -9.70
N THR G 213 31.67 -65.04 -9.17
CA THR G 213 32.31 -66.34 -9.18
C THR G 213 32.30 -66.99 -7.79
N LYS G 214 31.75 -68.19 -7.71
CA LYS G 214 31.71 -68.94 -6.46
C LYS G 214 32.17 -70.38 -6.69
N VAL G 215 33.48 -70.61 -6.57
CA VAL G 215 34.04 -71.93 -6.80
C VAL G 215 34.48 -72.59 -5.50
N ASP G 216 34.06 -73.84 -5.31
CA ASP G 216 34.45 -74.61 -4.13
C ASP G 216 35.55 -75.61 -4.46
N LYS G 217 36.27 -76.05 -3.43
CA LYS G 217 37.34 -77.03 -3.61
C LYS G 217 37.67 -77.73 -2.31
N LYS G 218 37.48 -79.05 -2.29
CA LYS G 218 37.80 -79.85 -1.10
C LYS G 218 39.18 -80.48 -1.21
N ILE G 219 39.90 -80.48 -0.09
CA ILE G 219 41.28 -80.93 -0.05
C ILE G 219 41.39 -82.45 0.03
N VAL G 220 42.23 -83.03 -0.83
CA VAL G 220 42.47 -84.46 -0.84
C VAL G 220 43.96 -84.77 -0.89
N PRO G 221 44.47 -85.47 0.13
CA PRO G 221 45.90 -85.81 0.25
C PRO G 221 46.34 -86.94 -0.68
N ARG G 222 47.51 -87.50 -0.41
CA ARG G 222 48.04 -88.60 -1.20
C ARG G 222 47.55 -89.95 -0.67
N GLU H 1 74.48 54.57 41.29
CA GLU H 1 75.72 54.58 40.53
C GLU H 1 76.50 53.29 40.72
N VAL H 2 77.47 53.05 39.84
CA VAL H 2 78.30 51.86 39.95
C VAL H 2 79.71 52.24 40.41
N GLN H 3 80.42 51.28 40.96
CA GLN H 3 81.79 51.50 41.42
C GLN H 3 82.66 50.27 41.16
N LEU H 4 83.95 50.52 40.93
CA LEU H 4 84.91 49.45 40.72
C LEU H 4 86.11 49.66 41.64
N GLN H 5 85.95 49.29 42.90
CA GLN H 5 87.02 49.48 43.89
C GLN H 5 88.03 48.35 43.82
N GLN H 6 89.29 48.73 43.61
CA GLN H 6 90.38 47.77 43.52
C GLN H 6 91.14 47.69 44.84
N SER H 7 92.10 46.78 44.91
CA SER H 7 92.93 46.64 46.10
C SER H 7 93.89 47.84 46.21
N GLY H 8 94.46 48.03 47.40
CA GLY H 8 95.41 49.09 47.62
C GLY H 8 96.76 48.82 46.97
N PRO H 9 97.63 49.85 46.94
CA PRO H 9 98.98 49.72 46.35
C PRO H 9 99.86 48.75 47.11
N GLU H 10 100.73 48.03 46.41
CA GLU H 10 101.61 47.07 47.05
C GLU H 10 103.05 47.25 46.59
N LEU H 11 103.99 46.80 47.41
CA LEU H 11 105.41 46.91 47.11
C LEU H 11 106.10 45.57 47.35
N VAL H 12 106.56 44.95 46.27
CA VAL H 12 107.21 43.64 46.36
C VAL H 12 108.54 43.60 45.62
N ARG H 13 109.29 42.51 45.85
CA ARG H 13 110.61 42.35 45.26
C ARG H 13 110.56 41.37 44.09
N PRO H 14 111.46 41.56 43.09
CA PRO H 14 111.53 40.71 41.89
C PRO H 14 111.52 39.21 42.16
N GLY H 15 110.78 38.47 41.34
CA GLY H 15 110.66 37.04 41.49
C GLY H 15 109.36 36.63 42.15
N ALA H 16 108.83 37.51 42.99
CA ALA H 16 107.58 37.23 43.70
C ALA H 16 106.37 37.38 42.78
N SER H 17 105.19 37.25 43.35
CA SER H 17 103.94 37.35 42.60
C SER H 17 102.79 37.73 43.52
N MET H 18 101.97 38.68 43.09
CA MET H 18 100.83 39.12 43.89
C MET H 18 99.57 39.17 43.03
N LYS H 19 98.43 39.41 43.67
CA LYS H 19 97.15 39.41 42.97
C LYS H 19 96.31 40.64 43.31
N ILE H 20 95.93 41.36 42.26
CA ILE H 20 95.12 42.57 42.41
C ILE H 20 93.63 42.24 42.34
N SER H 21 92.85 42.85 43.24
CA SER H 21 91.41 42.65 43.24
C SER H 21 90.69 43.84 42.60
N CYS H 22 89.41 43.66 42.32
CA CYS H 22 88.57 44.71 41.76
C CYS H 22 87.12 44.42 42.09
N LYS H 23 86.68 44.89 43.26
CA LYS H 23 85.33 44.59 43.73
C LYS H 23 84.32 45.50 43.05
N ALA H 24 83.34 44.88 42.39
CA ALA H 24 82.32 45.62 41.67
C ALA H 24 81.08 45.83 42.52
N SER H 25 80.33 46.88 42.21
CA SER H 25 79.12 47.20 42.95
C SER H 25 78.25 48.19 42.18
N GLY H 26 76.93 48.03 42.28
CA GLY H 26 76.01 48.94 41.64
C GLY H 26 75.40 48.38 40.36
N TYR H 27 75.75 47.14 40.02
CA TYR H 27 75.22 46.49 38.83
C TYR H 27 75.29 44.97 38.91
N SER H 28 74.58 44.32 37.99
CA SER H 28 74.65 42.88 37.85
C SER H 28 76.04 42.49 37.37
N PHE H 29 76.84 41.92 38.28
CA PHE H 29 78.25 41.66 38.04
C PHE H 29 78.50 40.69 36.89
N THR H 30 77.61 39.71 36.76
CA THR H 30 77.78 38.64 35.78
C THR H 30 77.43 39.09 34.35
N GLY H 31 76.97 40.33 34.22
CA GLY H 31 76.51 40.83 32.94
C GLY H 31 77.52 41.61 32.12
N TYR H 32 78.60 42.06 32.77
CA TYR H 32 79.58 42.92 32.11
C TYR H 32 81.00 42.36 32.18
N THR H 33 81.65 42.30 31.03
CA THR H 33 83.02 41.80 30.94
C THR H 33 84.02 42.83 31.47
N MET H 34 85.07 42.35 32.12
CA MET H 34 86.07 43.23 32.73
C MET H 34 87.37 43.22 31.96
N ASN H 35 87.92 44.40 31.69
CA ASN H 35 89.24 44.52 31.09
C ASN H 35 90.31 44.84 32.13
N TRP H 36 91.57 44.65 31.77
CA TRP H 36 92.68 45.02 32.63
C TRP H 36 93.72 45.78 31.80
N VAL H 37 94.02 47.00 32.19
CA VAL H 37 94.94 47.84 31.44
C VAL H 37 96.15 48.23 32.30
N LYS H 38 97.34 48.15 31.72
CA LYS H 38 98.57 48.48 32.43
C LYS H 38 99.11 49.84 31.98
N GLN H 39 99.27 50.75 32.94
CA GLN H 39 99.82 52.08 32.65
C GLN H 39 101.19 52.24 33.28
N SER H 40 102.22 52.09 32.46
CA SER H 40 103.60 52.25 32.94
C SER H 40 104.14 53.63 32.60
N HIS H 41 105.31 53.95 33.14
CA HIS H 41 105.93 55.24 32.87
C HIS H 41 106.62 55.24 31.51
N GLY H 42 107.45 54.23 31.29
CA GLY H 42 108.21 54.10 30.05
C GLY H 42 107.34 53.82 28.84
N LYS H 43 106.27 53.06 29.03
CA LYS H 43 105.41 52.66 27.93
C LYS H 43 103.98 53.18 28.07
N ASN H 44 103.27 53.23 26.95
CA ASN H 44 101.89 53.69 26.92
C ASN H 44 100.94 52.70 27.60
N LEU H 45 99.65 53.00 27.52
CA LEU H 45 98.62 52.12 28.07
C LEU H 45 98.65 50.79 27.33
N GLU H 46 98.84 49.70 28.07
CA GLU H 46 98.89 48.39 27.45
C GLU H 46 97.72 47.54 27.91
N TRP H 47 96.85 47.18 26.97
CA TRP H 47 95.73 46.31 27.30
C TRP H 47 96.23 44.89 27.60
N ILE H 48 95.76 44.30 28.70
CA ILE H 48 96.23 42.97 29.08
C ILE H 48 95.24 41.90 28.62
N GLY H 49 94.19 41.68 29.39
CA GLY H 49 93.18 40.68 29.04
C GLY H 49 91.78 41.10 29.42
N LEU H 50 90.79 40.31 28.99
CA LEU H 50 89.43 40.50 29.43
C LEU H 50 88.91 39.17 29.96
N ILE H 51 87.88 39.22 30.79
CA ILE H 51 87.30 38.01 31.34
C ILE H 51 85.78 38.15 31.51
N ASN H 52 85.06 37.16 31.01
CA ASN H 52 83.60 37.13 31.11
C ASN H 52 83.16 36.45 32.39
N PRO H 53 82.53 37.20 33.30
CA PRO H 53 82.07 36.68 34.60
C PRO H 53 81.14 35.48 34.47
N TYR H 54 80.33 35.42 33.41
CA TYR H 54 79.39 34.32 33.25
C TYR H 54 80.09 33.02 32.87
N ASN H 55 80.73 33.04 31.71
CA ASN H 55 81.43 31.87 31.20
C ASN H 55 82.69 31.55 31.98
N GLY H 56 83.38 32.60 32.43
CA GLY H 56 84.68 32.46 33.04
C GLY H 56 85.75 32.51 31.95
N GLY H 57 85.30 32.60 30.70
CA GLY H 57 86.20 32.63 29.56
C GLY H 57 87.12 33.83 29.56
N THR H 58 88.34 33.63 29.12
CA THR H 58 89.34 34.69 29.10
C THR H 58 90.02 34.81 27.74
N SER H 59 90.54 36.00 27.47
CA SER H 59 91.32 36.25 26.26
C SER H 59 92.44 37.24 26.58
N TYR H 60 93.68 36.76 26.53
CA TYR H 60 94.82 37.56 26.93
C TYR H 60 95.55 38.18 25.74
N ASN H 61 96.28 39.26 26.00
CA ASN H 61 97.22 39.81 25.03
C ASN H 61 98.41 38.87 24.93
N GLN H 62 98.96 38.72 23.73
CA GLN H 62 100.11 37.85 23.52
C GLN H 62 101.31 38.32 24.32
N LYS H 63 101.37 39.62 24.57
CA LYS H 63 102.47 40.20 25.33
C LYS H 63 102.43 39.73 26.79
N PHE H 64 101.24 39.44 27.30
CA PHE H 64 101.06 39.08 28.71
C PHE H 64 100.62 37.63 28.91
N LYS H 65 100.90 36.78 27.92
CA LYS H 65 100.62 35.35 28.06
C LYS H 65 101.50 34.71 29.12
N GLY H 66 100.91 34.38 30.27
CA GLY H 66 101.65 33.75 31.34
C GLY H 66 102.05 34.74 32.41
N LYS H 67 102.17 36.01 32.02
CA LYS H 67 102.51 37.06 32.96
C LYS H 67 101.30 37.41 33.83
N ALA H 68 100.12 37.30 33.25
CA ALA H 68 98.90 37.64 33.95
C ALA H 68 97.90 36.47 33.94
N THR H 69 97.05 36.42 34.95
CA THR H 69 96.03 35.39 35.07
C THR H 69 94.75 35.99 35.64
N LEU H 70 93.70 36.02 34.81
CA LEU H 70 92.43 36.61 35.22
C LEU H 70 91.47 35.57 35.78
N THR H 71 91.03 35.79 37.01
CA THR H 71 90.03 34.93 37.63
C THR H 71 88.83 35.79 38.05
N VAL H 72 87.83 35.16 38.66
CA VAL H 72 86.61 35.87 39.03
C VAL H 72 85.82 35.12 40.11
N ASP H 73 85.38 35.86 41.12
CA ASP H 73 84.52 35.30 42.16
C ASP H 73 83.13 35.92 42.08
N LYS H 74 82.17 35.15 41.56
CA LYS H 74 80.82 35.65 41.32
C LYS H 74 80.10 36.00 42.63
N SER H 75 80.42 35.26 43.69
CA SER H 75 79.74 35.43 44.97
C SER H 75 79.99 36.81 45.58
N SER H 76 81.25 37.24 45.55
CA SER H 76 81.62 38.53 46.14
C SER H 76 81.63 39.64 45.11
N SER H 77 81.28 39.31 43.87
CA SER H 77 81.26 40.26 42.77
C SER H 77 82.63 40.93 42.63
N THR H 78 83.67 40.11 42.48
CA THR H 78 85.03 40.61 42.44
C THR H 78 85.84 40.00 41.30
N ALA H 79 86.62 40.83 40.62
CA ALA H 79 87.54 40.36 39.59
C ALA H 79 88.97 40.38 40.11
N TYR H 80 89.74 39.34 39.77
CA TYR H 80 91.10 39.23 40.25
C TYR H 80 92.10 39.16 39.08
N MET H 81 93.29 39.70 39.29
CA MET H 81 94.37 39.57 38.32
C MET H 81 95.67 39.18 39.00
N GLU H 82 96.16 37.98 38.71
CA GLU H 82 97.39 37.51 39.30
C GLU H 82 98.57 37.75 38.36
N LEU H 83 99.59 38.45 38.85
CA LEU H 83 100.79 38.72 38.07
C LEU H 83 101.95 37.88 38.59
N LEU H 84 102.50 37.04 37.73
CA LEU H 84 103.55 36.11 38.15
C LEU H 84 104.93 36.55 37.67
N SER H 85 105.96 36.10 38.39
CA SER H 85 107.36 36.41 38.06
C SER H 85 107.60 37.90 37.88
N LEU H 86 107.21 38.68 38.88
CA LEU H 86 107.31 40.14 38.81
C LEU H 86 108.76 40.60 38.66
N THR H 87 108.97 41.56 37.77
CA THR H 87 110.28 42.16 37.55
C THR H 87 110.20 43.67 37.67
N SER H 88 111.30 44.35 37.38
CA SER H 88 111.35 45.80 37.46
C SER H 88 110.48 46.43 36.39
N GLU H 89 110.24 45.68 35.32
CA GLU H 89 109.43 46.16 34.20
C GLU H 89 107.94 46.20 34.53
N ASP H 90 107.52 45.35 35.46
CA ASP H 90 106.11 45.21 35.80
C ASP H 90 105.64 46.28 36.78
N SER H 91 106.54 47.20 37.14
CA SER H 91 106.19 48.29 38.03
C SER H 91 105.34 49.33 37.32
N ALA H 92 104.05 49.35 37.63
CA ALA H 92 103.11 50.28 37.00
C ALA H 92 101.83 50.41 37.80
N VAL H 93 100.88 51.17 37.26
CA VAL H 93 99.56 51.27 37.85
C VAL H 93 98.56 50.48 36.99
N TYR H 94 97.79 49.61 37.63
CA TYR H 94 96.89 48.71 36.92
C TYR H 94 95.43 49.10 37.15
N TYR H 95 94.69 49.20 36.06
CA TYR H 95 93.27 49.57 36.13
C TYR H 95 92.40 48.40 35.70
N CYS H 96 91.18 48.34 36.23
CA CYS H 96 90.20 47.41 35.72
C CYS H 96 89.09 48.20 35.04
N ALA H 97 88.86 47.92 33.76
CA ALA H 97 87.87 48.66 32.97
C ALA H 97 86.73 47.76 32.53
N ARG H 98 85.51 48.20 32.81
CA ARG H 98 84.31 47.43 32.49
C ARG H 98 83.88 47.61 31.04
N ASP H 99 83.39 46.53 30.43
CA ASP H 99 82.78 46.64 29.12
C ASP H 99 81.38 47.23 29.29
N GLY H 100 80.84 47.82 28.24
CA GLY H 100 79.62 48.61 28.37
C GLY H 100 78.31 47.91 28.08
N ASP H 101 78.36 46.76 27.40
CA ASP H 101 77.12 46.09 27.00
C ASP H 101 76.71 44.99 27.97
N TYR H 102 75.39 44.77 28.04
CA TYR H 102 74.79 43.83 28.99
C TYR H 102 74.72 42.41 28.42
N TYR H 103 75.49 41.50 29.04
CA TYR H 103 75.56 40.10 28.62
C TYR H 103 75.90 39.93 27.15
N ARG H 104 76.79 40.79 26.66
CA ARG H 104 77.35 40.67 25.32
C ARG H 104 78.56 41.59 25.19
N TYR H 105 79.57 41.16 24.45
CA TYR H 105 80.78 41.96 24.28
C TYR H 105 80.56 43.08 23.28
N GLY H 106 80.41 44.30 23.77
CA GLY H 106 80.17 45.45 22.92
C GLY H 106 81.43 46.15 22.45
N ARG H 107 82.57 45.69 22.97
CA ARG H 107 83.88 46.25 22.64
C ARG H 107 83.98 47.75 22.91
N TYR H 108 83.53 48.18 24.09
CA TYR H 108 83.73 49.57 24.47
C TYR H 108 83.83 49.77 25.98
N PHE H 109 84.78 50.62 26.37
CA PHE H 109 85.08 50.82 27.78
C PHE H 109 84.05 51.70 28.46
N ASP H 110 83.55 51.23 29.60
CA ASP H 110 82.53 51.94 30.35
C ASP H 110 83.14 52.64 31.55
N TYR H 111 83.17 51.93 32.69
CA TYR H 111 83.70 52.46 33.93
C TYR H 111 85.09 51.92 34.23
N TRP H 112 85.89 52.70 34.94
CA TRP H 112 87.23 52.29 35.33
C TRP H 112 87.39 52.28 36.85
N GLY H 113 88.39 51.56 37.33
CA GLY H 113 88.70 51.56 38.75
C GLY H 113 89.56 52.75 39.08
N GLN H 114 89.91 52.90 40.36
CA GLN H 114 90.73 54.03 40.78
C GLN H 114 92.19 53.76 40.46
N GLY H 115 92.51 52.51 40.15
CA GLY H 115 93.86 52.12 39.79
C GLY H 115 94.61 51.53 40.97
N THR H 116 95.53 50.62 40.68
CA THR H 116 96.35 50.01 41.71
C THR H 116 97.83 50.16 41.39
N THR H 117 98.54 50.93 42.22
CA THR H 117 99.96 51.17 41.98
C THR H 117 100.81 50.03 42.51
N LEU H 118 101.42 49.28 41.59
CA LEU H 118 102.30 48.18 41.95
C LEU H 118 103.76 48.53 41.70
N THR H 119 104.54 48.60 42.78
CA THR H 119 105.96 48.89 42.66
C THR H 119 106.78 47.64 42.93
N VAL H 120 107.57 47.24 41.95
CA VAL H 120 108.42 46.07 42.09
C VAL H 120 109.88 46.46 41.93
N SER H 121 110.52 46.70 43.08
CA SER H 121 111.91 47.16 43.10
C SER H 121 112.76 46.31 44.02
N SER H 122 114.02 46.12 43.64
CA SER H 122 114.95 45.33 44.44
C SER H 122 115.82 46.22 45.32
N ALA H 123 115.18 47.24 45.91
CA ALA H 123 115.91 48.21 46.72
C ALA H 123 115.58 48.10 48.20
N LYS H 124 116.54 48.49 49.03
CA LYS H 124 116.32 48.54 50.47
C LYS H 124 115.90 49.96 50.86
N THR H 125 115.33 50.11 52.05
CA THR H 125 114.86 51.40 52.51
C THR H 125 116.03 52.38 52.68
N THR H 126 115.99 53.47 51.95
CA THR H 126 117.05 54.46 51.99
C THR H 126 116.55 55.82 52.47
N PRO H 127 117.15 56.35 53.54
CA PRO H 127 116.80 57.70 54.02
C PRO H 127 117.24 58.77 53.01
N PRO H 128 116.44 59.83 52.88
CA PRO H 128 116.68 60.89 51.89
C PRO H 128 117.90 61.74 52.21
N SER H 129 118.70 62.02 51.20
CA SER H 129 119.82 62.95 51.36
C SER H 129 119.41 64.30 50.80
N VAL H 130 119.39 65.31 51.67
CA VAL H 130 118.91 66.64 51.27
C VAL H 130 120.05 67.59 50.95
N TYR H 131 120.00 68.14 49.74
CA TYR H 131 120.98 69.15 49.32
C TYR H 131 120.27 70.45 48.95
N PRO H 132 120.76 71.57 49.50
CA PRO H 132 120.16 72.88 49.21
C PRO H 132 120.51 73.37 47.82
N LEU H 133 119.91 74.50 47.40
CA LEU H 133 120.30 75.15 46.16
C LEU H 133 120.04 76.65 46.24
N ALA H 134 121.07 77.42 45.96
CA ALA H 134 120.98 78.88 46.05
C ALA H 134 120.86 79.50 44.66
N PRO H 135 120.15 80.62 44.55
CA PRO H 135 119.92 81.30 43.27
C PRO H 135 121.21 81.72 42.56
N GLY H 136 121.11 81.98 41.26
CA GLY H 136 122.24 82.47 40.50
C GLY H 136 122.46 83.94 40.77
N SER H 137 123.66 84.42 40.45
CA SER H 137 124.02 85.81 40.72
C SER H 137 123.57 86.76 39.62
N ALA H 138 123.63 86.30 38.38
CA ALA H 138 123.33 87.14 37.22
C ALA H 138 121.86 87.08 36.82
N ALA H 139 121.06 88.00 37.37
CA ALA H 139 119.64 88.12 37.03
C ALA H 139 119.07 89.42 37.58
N GLN H 140 117.85 89.75 37.14
CA GLN H 140 117.13 90.90 37.70
C GLN H 140 115.90 90.44 38.45
N THR H 141 115.98 90.44 39.77
CA THR H 141 114.86 90.03 40.61
C THR H 141 114.30 91.22 41.38
N ASN H 142 113.64 92.13 40.67
CA ASN H 142 113.06 93.31 41.28
C ASN H 142 112.00 92.97 42.31
N SER H 143 111.17 91.98 41.97
CA SER H 143 110.10 91.57 42.87
C SER H 143 110.61 90.61 43.94
N MET H 144 110.69 89.33 43.60
CA MET H 144 111.03 88.29 44.59
C MET H 144 112.15 87.38 44.12
N VAL H 145 112.59 86.50 45.02
CA VAL H 145 113.69 85.59 44.75
C VAL H 145 113.22 84.13 44.93
N THR H 146 113.83 83.21 44.18
CA THR H 146 113.43 81.82 44.22
C THR H 146 114.55 80.90 44.72
N LEU H 147 114.26 80.14 45.77
CA LEU H 147 115.20 79.17 46.31
C LEU H 147 114.50 77.83 46.51
N GLY H 148 115.24 76.80 46.93
CA GLY H 148 114.65 75.50 47.14
C GLY H 148 115.55 74.41 47.67
N CYS H 149 114.97 73.23 47.89
CA CYS H 149 115.70 72.05 48.36
C CYS H 149 115.69 70.96 47.30
N LEU H 150 116.69 70.07 47.36
CA LEU H 150 116.74 68.92 46.48
C LEU H 150 116.86 67.64 47.27
N VAL H 151 115.79 66.85 47.29
CA VAL H 151 115.79 65.57 47.99
C VAL H 151 116.21 64.46 47.02
N LYS H 152 117.32 63.80 47.32
CA LYS H 152 117.87 62.80 46.42
C LYS H 152 118.16 61.46 47.11
N GLY H 153 117.82 60.37 46.41
CA GLY H 153 118.17 59.04 46.85
C GLY H 153 117.38 58.53 48.05
N TYR H 154 116.07 58.48 47.91
CA TYR H 154 115.23 57.96 48.98
C TYR H 154 114.34 56.84 48.46
N PHE H 155 114.02 55.89 49.34
CA PHE H 155 113.17 54.76 48.99
C PHE H 155 112.52 54.16 50.24
N PRO H 156 111.22 53.90 50.18
CA PRO H 156 110.37 54.19 49.01
C PRO H 156 109.68 55.54 49.14
N GLU H 157 108.74 55.81 48.24
CA GLU H 157 107.91 57.01 48.33
C GLU H 157 106.90 56.84 49.46
N PRO H 158 106.36 57.95 49.99
CA PRO H 158 106.64 59.35 49.64
C PRO H 158 107.55 60.07 50.63
N VAL H 159 107.81 61.34 50.35
CA VAL H 159 108.45 62.23 51.31
C VAL H 159 107.69 63.55 51.36
N THR H 160 107.58 64.12 52.55
CA THR H 160 106.85 65.38 52.71
C THR H 160 107.81 66.52 52.96
N VAL H 161 107.67 67.58 52.16
CA VAL H 161 108.54 68.74 52.27
C VAL H 161 107.78 69.99 52.67
N THR H 162 108.21 70.62 53.77
CA THR H 162 107.62 71.88 54.22
C THR H 162 108.71 72.93 54.39
N TRP H 163 108.30 74.17 54.61
CA TRP H 163 109.26 75.26 54.75
C TRP H 163 109.05 76.06 56.03
N ASN H 164 110.14 76.29 56.76
CA ASN H 164 110.11 76.95 58.06
C ASN H 164 109.14 76.29 59.02
N SER H 165 109.10 74.96 58.99
CA SER H 165 108.24 74.16 59.85
C SER H 165 106.77 74.55 59.72
N GLY H 166 106.39 75.04 58.55
CA GLY H 166 105.01 75.40 58.28
C GLY H 166 104.77 76.89 58.20
N SER H 167 105.73 77.68 58.69
CA SER H 167 105.61 79.14 58.69
C SER H 167 105.52 79.67 57.25
N LEU H 168 106.29 79.07 56.35
CA LEU H 168 106.19 79.39 54.94
C LEU H 168 105.49 78.25 54.20
N SER H 169 104.18 78.37 54.04
CA SER H 169 103.40 77.36 53.34
C SER H 169 102.76 77.95 52.09
N SER H 170 102.89 79.27 51.94
CA SER H 170 102.39 79.95 50.76
C SER H 170 103.53 80.31 49.82
N GLY H 171 103.59 79.61 48.69
CA GLY H 171 104.62 79.87 47.70
C GLY H 171 105.44 78.64 47.33
N VAL H 172 105.03 77.50 47.84
CA VAL H 172 105.82 76.27 47.68
C VAL H 172 105.54 75.55 46.35
N HIS H 173 106.59 74.97 45.79
CA HIS H 173 106.47 74.18 44.56
C HIS H 173 107.12 72.82 44.75
N THR H 174 106.35 71.81 45.11
CA THR H 174 106.89 70.46 45.25
C THR H 174 106.67 69.66 43.97
N PHE H 175 107.73 69.51 43.19
CA PHE H 175 107.66 68.84 41.90
C PHE H 175 107.63 67.32 42.05
N PRO H 176 107.03 66.62 41.06
CA PRO H 176 106.96 65.15 41.07
C PRO H 176 108.31 64.48 41.21
N ALA H 177 108.31 63.28 41.78
CA ALA H 177 109.56 62.53 41.98
C ALA H 177 109.92 61.72 40.74
N VAL H 178 111.21 61.60 40.48
CA VAL H 178 111.69 60.80 39.36
C VAL H 178 112.45 59.58 39.87
N LEU H 179 112.52 58.55 39.04
CA LEU H 179 113.23 57.33 39.40
C LEU H 179 114.63 57.34 38.79
N GLN H 180 115.61 57.83 39.55
CA GLN H 180 116.99 57.89 39.10
C GLN H 180 117.79 56.70 39.60
N SER H 181 117.86 55.66 38.77
CA SER H 181 118.59 54.44 39.09
C SER H 181 118.17 53.86 40.44
N ASP H 182 116.99 53.24 40.47
CA ASP H 182 116.49 52.50 41.63
C ASP H 182 116.15 53.39 42.83
N LEU H 183 116.59 54.65 42.82
CA LEU H 183 116.28 55.57 43.91
C LEU H 183 115.48 56.77 43.42
N TYR H 184 114.65 57.33 44.30
CA TYR H 184 113.78 58.44 43.96
C TYR H 184 114.42 59.79 44.28
N THR H 185 114.07 60.82 43.51
CA THR H 185 114.63 62.15 43.68
C THR H 185 113.62 63.23 43.28
N LEU H 186 113.32 64.13 44.20
CA LEU H 186 112.47 65.29 43.89
C LEU H 186 113.08 66.58 44.43
N SER H 187 112.52 67.70 44.00
CA SER H 187 112.99 69.01 44.45
C SER H 187 111.83 69.95 44.69
N SER H 188 111.86 70.65 45.82
CA SER H 188 110.82 71.61 46.16
C SER H 188 111.38 73.02 46.21
N SER H 189 110.68 73.97 45.59
CA SER H 189 111.13 75.35 45.56
C SER H 189 110.07 76.30 46.10
N VAL H 190 110.51 77.30 46.85
CA VAL H 190 109.60 78.30 47.40
C VAL H 190 110.04 79.70 46.98
N THR H 191 109.08 80.51 46.52
CA THR H 191 109.36 81.86 46.05
C THR H 191 108.98 82.90 47.10
N VAL H 192 110.00 83.56 47.66
CA VAL H 192 109.78 84.57 48.70
C VAL H 192 110.30 85.92 48.26
N PRO H 193 109.73 87.01 48.81
CA PRO H 193 110.18 88.37 48.50
C PRO H 193 111.68 88.57 48.74
N SER H 194 112.31 89.35 47.87
CA SER H 194 113.73 89.63 47.97
C SER H 194 114.05 90.44 49.21
N SER H 195 113.05 91.12 49.75
CA SER H 195 113.22 91.90 50.96
C SER H 195 113.27 91.01 52.20
N THR H 196 112.75 89.79 52.06
CA THR H 196 112.70 88.85 53.17
C THR H 196 113.76 87.75 53.03
N TRP H 197 114.81 88.05 52.26
CA TRP H 197 115.89 87.09 52.03
C TRP H 197 117.15 87.78 51.55
N PRO H 198 118.31 87.44 52.14
CA PRO H 198 118.45 86.47 53.23
C PRO H 198 118.38 87.11 54.62
N SER H 199 117.57 88.14 54.77
CA SER H 199 117.42 88.82 56.06
C SER H 199 116.74 87.90 57.08
N GLU H 200 115.74 87.15 56.62
CA GLU H 200 115.04 86.19 57.47
C GLU H 200 115.37 84.77 57.07
N THR H 201 115.54 83.90 58.06
CA THR H 201 115.96 82.52 57.82
C THR H 201 114.88 81.70 57.12
N VAL H 202 115.30 80.96 56.09
CA VAL H 202 114.40 80.07 55.36
C VAL H 202 114.99 78.66 55.33
N THR H 203 114.44 77.77 56.15
CA THR H 203 114.94 76.40 56.25
C THR H 203 114.03 75.42 55.53
N CYS H 204 114.59 74.28 55.15
CA CYS H 204 113.86 73.26 54.40
C CYS H 204 113.63 72.01 55.24
N ASN H 205 112.37 71.70 55.50
CA ASN H 205 112.02 70.56 56.33
C ASN H 205 111.54 69.36 55.52
N VAL H 206 112.24 68.24 55.63
CA VAL H 206 111.93 67.05 54.86
C VAL H 206 111.69 65.83 55.75
N ALA H 207 110.54 65.19 55.58
CA ALA H 207 110.17 64.04 56.40
C ALA H 207 109.97 62.78 55.57
N HIS H 208 110.55 61.67 56.02
CA HIS H 208 110.39 60.38 55.36
C HIS H 208 109.93 59.32 56.36
N PRO H 209 108.61 59.07 56.40
CA PRO H 209 108.00 58.14 57.36
C PRO H 209 108.52 56.71 57.26
N ALA H 210 108.89 56.28 56.06
CA ALA H 210 109.30 54.88 55.84
C ALA H 210 110.65 54.57 56.46
N SER H 211 111.40 55.60 56.86
CA SER H 211 112.68 55.41 57.51
C SER H 211 112.77 56.23 58.79
N SER H 212 111.66 56.88 59.14
CA SER H 212 111.57 57.73 60.33
C SER H 212 112.64 58.81 60.31
N THR H 213 112.74 59.53 59.19
CA THR H 213 113.75 60.57 59.04
C THR H 213 113.09 61.95 58.94
N LYS H 214 113.66 62.92 59.65
CA LYS H 214 113.21 64.30 59.58
C LYS H 214 114.40 65.24 59.65
N VAL H 215 115.08 65.43 58.53
CA VAL H 215 116.24 66.30 58.48
C VAL H 215 115.87 67.69 57.98
N ASP H 216 116.56 68.70 58.50
CA ASP H 216 116.34 70.07 58.07
C ASP H 216 117.56 70.61 57.35
N LYS H 217 117.38 71.67 56.57
CA LYS H 217 118.50 72.31 55.89
C LYS H 217 118.20 73.77 55.61
N LYS H 218 118.99 74.66 56.19
CA LYS H 218 118.85 76.09 55.95
C LYS H 218 119.52 76.47 54.63
N ILE H 219 118.85 77.32 53.86
CA ILE H 219 119.41 77.79 52.60
C ILE H 219 120.42 78.90 52.88
N VAL H 220 121.57 78.84 52.22
CA VAL H 220 122.63 79.82 52.42
C VAL H 220 122.95 80.52 51.11
N PRO H 221 122.94 81.87 51.12
CA PRO H 221 123.20 82.70 49.93
C PRO H 221 124.51 82.35 49.23
N ARG H 222 124.51 82.48 47.91
CA ARG H 222 125.67 82.12 47.09
C ARG H 222 126.39 83.34 46.56
N ASP H 223 127.72 83.24 46.45
CA ASP H 223 128.53 84.34 45.94
C ASP H 223 128.28 84.59 44.45
N GLU I 1 17.87 10.31 -23.87
CA GLU I 1 18.73 9.80 -24.93
C GLU I 1 19.79 10.82 -25.31
N VAL I 2 20.83 10.36 -26.01
CA VAL I 2 21.90 11.25 -26.47
C VAL I 2 21.84 11.43 -27.98
N GLN I 3 22.44 12.52 -28.46
CA GLN I 3 22.50 12.80 -29.89
C GLN I 3 23.83 13.45 -30.26
N LEU I 4 24.30 13.18 -31.47
CA LEU I 4 25.52 13.78 -31.98
C LEU I 4 25.29 14.37 -33.37
N GLN I 5 24.67 15.54 -33.42
CA GLN I 5 24.38 16.18 -34.69
C GLN I 5 25.59 16.93 -35.24
N GLN I 6 25.99 16.57 -36.45
CA GLN I 6 27.13 17.18 -37.11
C GLN I 6 26.66 18.25 -38.09
N SER I 7 27.61 18.92 -38.73
CA SER I 7 27.30 19.95 -39.72
C SER I 7 26.73 19.31 -40.98
N GLY I 8 26.09 20.13 -41.82
CA GLY I 8 25.54 19.66 -43.07
C GLY I 8 26.64 19.36 -44.07
N PRO I 9 26.29 18.73 -45.19
CA PRO I 9 27.27 18.38 -46.22
C PRO I 9 27.90 19.62 -46.85
N GLU I 10 29.17 19.52 -47.24
CA GLU I 10 29.86 20.65 -47.83
C GLU I 10 30.52 20.27 -49.16
N LEU I 11 30.68 21.27 -50.02
CA LEU I 11 31.30 21.07 -51.33
C LEU I 11 32.33 22.16 -51.59
N VAL I 12 33.60 21.78 -51.65
CA VAL I 12 34.67 22.75 -51.85
C VAL I 12 35.66 22.34 -52.94
N ARG I 13 36.52 23.28 -53.32
CA ARG I 13 37.52 23.04 -54.36
C ARG I 13 38.89 22.79 -53.73
N PRO I 14 39.73 21.99 -54.41
CA PRO I 14 41.08 21.64 -53.95
C PRO I 14 41.91 22.86 -53.54
N GLY I 15 42.64 22.73 -52.43
CA GLY I 15 43.47 23.82 -51.93
C GLY I 15 42.81 24.52 -50.76
N ALA I 16 41.49 24.53 -50.75
CA ALA I 16 40.74 25.19 -49.69
C ALA I 16 40.75 24.38 -48.41
N SER I 17 40.01 24.84 -47.41
CA SER I 17 39.94 24.16 -46.13
C SER I 17 38.65 24.52 -45.40
N MET I 18 37.98 23.52 -44.86
CA MET I 18 36.75 23.77 -44.13
C MET I 18 36.78 23.02 -42.79
N LYS I 19 35.78 23.27 -41.95
CA LYS I 19 35.76 22.69 -40.62
C LYS I 19 34.40 22.07 -40.30
N ILE I 20 34.43 20.79 -39.91
CA ILE I 20 33.22 20.06 -39.56
C ILE I 20 32.91 20.18 -38.07
N SER I 21 31.65 20.40 -37.74
CA SER I 21 31.21 20.48 -36.35
C SER I 21 30.52 19.19 -35.91
N CYS I 22 30.32 19.06 -34.60
CA CYS I 22 29.65 17.89 -34.04
C CYS I 22 29.05 18.24 -32.68
N LYS I 23 27.81 18.73 -32.69
CA LYS I 23 27.16 19.18 -31.47
C LYS I 23 26.63 18.01 -30.65
N ALA I 24 27.08 17.93 -29.40
CA ALA I 24 26.68 16.86 -28.50
C ALA I 24 25.50 17.29 -27.63
N SER I 25 24.72 16.31 -27.18
CA SER I 25 23.56 16.58 -26.34
C SER I 25 23.10 15.30 -25.63
N GLY I 26 22.62 15.46 -24.40
CA GLY I 26 22.09 14.34 -23.65
C GLY I 26 23.05 13.78 -22.61
N TYR I 27 24.22 14.40 -22.50
CA TYR I 27 25.22 13.99 -21.52
C TYR I 27 26.22 15.09 -21.17
N SER I 28 26.97 14.87 -20.10
CA SER I 28 28.05 15.76 -19.72
C SER I 28 29.15 15.71 -20.76
N PHE I 29 29.24 16.76 -21.57
CA PHE I 29 30.10 16.78 -22.73
C PHE I 29 31.58 16.60 -22.41
N THR I 30 32.01 17.17 -21.30
CA THR I 30 33.43 17.14 -20.92
C THR I 30 33.85 15.79 -20.36
N GLY I 31 32.91 14.86 -20.24
CA GLY I 31 33.19 13.58 -19.62
C GLY I 31 33.59 12.46 -20.57
N TYR I 32 33.30 12.65 -21.86
CA TYR I 32 33.58 11.62 -22.85
C TYR I 32 34.42 12.17 -24.01
N THR I 33 35.51 11.49 -24.31
CA THR I 33 36.40 11.91 -25.40
C THR I 33 35.80 11.55 -26.76
N MET I 34 36.06 12.38 -27.76
CA MET I 34 35.49 12.19 -29.09
C MET I 34 36.51 11.69 -30.10
N ASN I 35 36.10 10.68 -30.88
CA ASN I 35 36.91 10.18 -32.00
C ASN I 35 36.41 10.76 -33.32
N TRP I 36 37.24 10.64 -34.35
CA TRP I 36 36.85 11.04 -35.70
C TRP I 36 37.24 9.95 -36.70
N VAL I 37 36.25 9.46 -37.46
CA VAL I 37 36.50 8.39 -38.42
C VAL I 37 36.19 8.86 -39.84
N LYS I 38 37.08 8.54 -40.77
CA LYS I 38 36.90 8.91 -42.17
C LYS I 38 36.51 7.69 -43.01
N GLN I 39 35.38 7.78 -43.68
CA GLN I 39 34.91 6.68 -44.52
C GLN I 39 34.92 7.05 -46.00
N SER I 40 35.96 6.60 -46.70
CA SER I 40 36.05 6.85 -48.13
C SER I 40 35.57 5.61 -48.89
N HIS I 41 35.38 5.75 -50.20
CA HIS I 41 34.92 4.63 -51.01
C HIS I 41 36.06 3.67 -51.32
N GLY I 42 37.18 4.23 -51.78
CA GLY I 42 38.33 3.42 -52.17
C GLY I 42 39.00 2.70 -51.02
N LYS I 43 39.01 3.30 -49.85
CA LYS I 43 39.67 2.71 -48.68
C LYS I 43 38.69 2.43 -47.54
N ASN I 44 39.10 1.55 -46.63
CA ASN I 44 38.29 1.19 -45.48
C ASN I 44 38.13 2.34 -44.50
N LEU I 45 37.46 2.07 -43.39
CA LEU I 45 37.29 3.07 -42.33
C LEU I 45 38.64 3.45 -41.76
N GLU I 46 38.95 4.74 -41.79
CA GLU I 46 40.22 5.22 -41.28
C GLU I 46 40.01 6.10 -40.05
N TRP I 47 40.51 5.65 -38.91
CA TRP I 47 40.43 6.44 -37.69
C TRP I 47 41.35 7.65 -37.81
N ILE I 48 40.85 8.83 -37.44
CA ILE I 48 41.63 10.05 -37.58
C ILE I 48 42.32 10.42 -36.28
N GLY I 49 41.60 11.11 -35.39
CA GLY I 49 42.17 11.50 -34.11
C GLY I 49 41.15 11.42 -33.00
N LEU I 50 41.62 11.61 -31.77
CA LEU I 50 40.72 11.71 -30.64
C LEU I 50 41.05 12.99 -29.86
N ILE I 51 40.07 13.49 -29.11
CA ILE I 51 40.28 14.70 -28.33
C ILE I 51 39.47 14.67 -27.03
N ASN I 52 40.12 15.02 -25.92
CA ASN I 52 39.46 15.09 -24.63
C ASN I 52 38.89 16.48 -24.41
N PRO I 53 37.56 16.59 -24.34
CA PRO I 53 36.86 17.87 -24.17
C PRO I 53 37.31 18.62 -22.91
N TYR I 54 37.68 17.88 -21.87
CA TYR I 54 38.12 18.50 -20.63
C TYR I 54 39.52 19.09 -20.75
N ASN I 55 40.50 18.24 -21.04
CA ASN I 55 41.89 18.66 -21.17
C ASN I 55 42.13 19.53 -22.38
N GLY I 56 41.46 19.20 -23.48
CA GLY I 56 41.75 19.82 -24.75
C GLY I 56 42.84 19.02 -25.46
N GLY I 57 43.33 18.00 -24.76
CA GLY I 57 44.39 17.15 -25.28
C GLY I 57 43.97 16.37 -26.51
N THR I 58 44.91 16.19 -27.44
CA THR I 58 44.62 15.51 -28.69
C THR I 58 45.61 14.39 -28.99
N SER I 59 45.16 13.42 -29.79
CA SER I 59 46.03 12.35 -30.27
C SER I 59 45.63 11.97 -31.69
N TYR I 60 46.50 12.27 -32.65
CA TYR I 60 46.20 12.06 -34.07
C TYR I 60 46.82 10.78 -34.63
N ASN I 61 46.23 10.30 -35.72
CA ASN I 61 46.85 9.25 -36.51
C ASN I 61 48.05 9.83 -37.25
N GLN I 62 49.09 9.03 -37.43
CA GLN I 62 50.29 9.50 -38.13
C GLN I 62 49.94 9.85 -39.57
N LYS I 63 48.91 9.20 -40.10
CA LYS I 63 48.45 9.44 -41.47
C LYS I 63 47.86 10.85 -41.62
N PHE I 64 47.32 11.39 -40.54
CA PHE I 64 46.63 12.68 -40.60
C PHE I 64 47.34 13.77 -39.82
N LYS I 65 48.64 13.62 -39.59
CA LYS I 65 49.41 14.66 -38.94
C LYS I 65 49.49 15.89 -39.84
N GLY I 66 48.74 16.93 -39.48
CA GLY I 66 48.72 18.15 -40.25
C GLY I 66 47.50 18.26 -41.15
N LYS I 67 46.95 17.11 -41.53
CA LYS I 67 45.76 17.07 -42.36
C LYS I 67 44.51 17.43 -41.55
N ALA I 68 44.51 17.03 -40.27
CA ALA I 68 43.35 17.28 -39.42
C ALA I 68 43.75 18.02 -38.14
N THR I 69 42.79 18.77 -37.60
CA THR I 69 42.99 19.52 -36.36
C THR I 69 41.73 19.49 -35.52
N LEU I 70 41.80 18.84 -34.37
CA LEU I 70 40.65 18.69 -33.50
C LEU I 70 40.60 19.79 -32.44
N THR I 71 39.50 20.53 -32.41
CA THR I 71 39.28 21.54 -31.39
C THR I 71 38.00 21.24 -30.64
N VAL I 72 37.66 22.11 -29.69
CA VAL I 72 36.49 21.87 -28.85
C VAL I 72 36.00 23.16 -28.17
N ASP I 73 34.70 23.39 -28.23
CA ASP I 73 34.08 24.51 -27.54
C ASP I 73 33.18 23.98 -26.42
N LYS I 74 33.64 24.09 -25.19
CA LYS I 74 32.93 23.53 -24.04
C LYS I 74 31.58 24.19 -23.80
N SER I 75 31.48 25.48 -24.11
CA SER I 75 30.27 26.24 -23.85
C SER I 75 29.08 25.73 -24.66
N SER I 76 29.31 25.47 -25.95
CA SER I 76 28.26 25.02 -26.84
C SER I 76 28.20 23.50 -26.93
N SER I 77 29.09 22.83 -26.20
CA SER I 77 29.18 21.37 -26.19
C SER I 77 29.36 20.82 -27.60
N THR I 78 30.38 21.30 -28.29
CA THR I 78 30.61 20.92 -29.69
C THR I 78 32.07 20.58 -29.96
N ALA I 79 32.29 19.52 -30.74
CA ALA I 79 33.63 19.15 -31.18
C ALA I 79 33.81 19.53 -32.65
N TYR I 80 34.98 20.05 -32.98
CA TYR I 80 35.26 20.51 -34.33
C TYR I 80 36.45 19.78 -34.95
N MET I 81 36.41 19.59 -36.26
CA MET I 81 37.53 19.03 -37.00
C MET I 81 37.84 19.84 -38.24
N GLU I 82 39.00 20.49 -38.27
CA GLU I 82 39.40 21.30 -39.40
C GLU I 82 40.32 20.52 -40.33
N LEU I 83 39.95 20.45 -41.60
CA LEU I 83 40.75 19.74 -42.59
C LEU I 83 41.45 20.73 -43.51
N LEU I 84 42.78 20.68 -43.54
CA LEU I 84 43.57 21.65 -44.29
C LEU I 84 44.14 21.05 -45.57
N SER I 85 44.42 21.93 -46.54
CA SER I 85 45.00 21.55 -47.83
C SER I 85 44.21 20.43 -48.50
N LEU I 86 42.90 20.64 -48.63
CA LEU I 86 42.00 19.62 -49.18
C LEU I 86 42.31 19.24 -50.62
N THR I 87 42.29 17.93 -50.88
CA THR I 87 42.49 17.40 -52.22
C THR I 87 41.35 16.46 -52.59
N SER I 88 41.45 15.83 -53.75
CA SER I 88 40.43 14.90 -54.20
C SER I 88 40.41 13.64 -53.33
N GLU I 89 41.54 13.39 -52.67
CA GLU I 89 41.68 12.21 -51.81
C GLU I 89 40.88 12.35 -50.52
N ASP I 90 40.68 13.59 -50.10
CA ASP I 90 39.98 13.87 -48.84
C ASP I 90 38.47 13.84 -48.99
N SER I 91 38.00 13.52 -50.19
CA SER I 91 36.57 13.41 -50.45
C SER I 91 36.00 12.14 -49.83
N ALA I 92 35.28 12.30 -48.73
CA ALA I 92 34.73 11.15 -48.01
C ALA I 92 33.63 11.59 -47.06
N VAL I 93 33.12 10.63 -46.28
CA VAL I 93 32.15 10.93 -45.23
C VAL I 93 32.83 10.82 -43.87
N TYR I 94 32.69 11.87 -43.06
CA TYR I 94 33.37 11.94 -41.77
C TYR I 94 32.41 11.80 -40.60
N TYR I 95 32.74 10.89 -39.69
CA TYR I 95 31.93 10.65 -38.50
C TYR I 95 32.66 11.06 -37.23
N CYS I 96 31.90 11.45 -36.22
CA CYS I 96 32.46 11.65 -34.89
C CYS I 96 31.92 10.58 -33.96
N ALA I 97 32.81 9.81 -33.35
CA ALA I 97 32.42 8.69 -32.49
C ALA I 97 32.83 8.94 -31.05
N ARG I 98 31.88 8.81 -30.14
CA ARG I 98 32.13 9.06 -28.73
C ARG I 98 32.77 7.85 -28.05
N ASP I 99 33.70 8.10 -27.14
CA ASP I 99 34.24 7.02 -26.32
C ASP I 99 33.21 6.72 -25.23
N GLY I 100 33.27 5.52 -24.66
CA GLY I 100 32.21 5.05 -23.79
C GLY I 100 32.36 5.24 -22.29
N ASP I 101 33.58 5.52 -21.83
CA ASP I 101 33.80 5.61 -20.38
C ASP I 101 33.76 7.04 -19.87
N TYR I 102 33.36 7.18 -18.61
CA TYR I 102 33.16 8.48 -17.99
C TYR I 102 34.45 9.04 -17.39
N TYR I 103 34.94 10.13 -17.97
CA TYR I 103 36.17 10.78 -17.54
C TYR I 103 37.36 9.84 -17.48
N ARG I 104 37.43 8.94 -18.46
CA ARG I 104 38.59 8.07 -18.65
C ARG I 104 38.51 7.42 -20.03
N TYR I 105 39.66 7.19 -20.65
CA TYR I 105 39.70 6.58 -21.97
C TYR I 105 39.49 5.08 -21.86
N GLY I 106 38.28 4.63 -22.22
CA GLY I 106 37.94 3.23 -22.12
C GLY I 106 38.27 2.45 -23.38
N ARG I 107 38.71 3.17 -24.42
CA ARG I 107 39.08 2.59 -25.70
C ARG I 107 37.97 1.75 -26.31
N TYR I 108 36.75 2.29 -26.31
CA TYR I 108 35.64 1.65 -26.99
C TYR I 108 34.59 2.64 -27.47
N PHE I 109 34.11 2.42 -28.70
CA PHE I 109 33.20 3.35 -29.35
C PHE I 109 31.78 3.24 -28.81
N ASP I 110 31.20 4.39 -28.49
CA ASP I 110 29.87 4.45 -27.92
C ASP I 110 28.85 4.85 -28.99
N TYR I 111 28.61 6.15 -29.10
CA TYR I 111 27.65 6.66 -30.08
C TYR I 111 28.35 7.29 -31.29
N TRP I 112 27.66 7.28 -32.43
CA TRP I 112 28.19 7.88 -33.65
C TRP I 112 27.26 8.98 -34.16
N GLY I 113 27.80 9.84 -35.01
CA GLY I 113 27.02 10.89 -35.64
C GLY I 113 26.29 10.40 -36.87
N GLN I 114 25.52 11.29 -37.51
CA GLN I 114 24.79 10.91 -38.71
C GLN I 114 25.71 10.94 -39.92
N GLY I 115 26.88 11.56 -39.74
CA GLY I 115 27.88 11.64 -40.79
C GLY I 115 27.84 12.95 -41.55
N THR I 116 29.00 13.38 -42.02
CA THR I 116 29.11 14.61 -42.81
C THR I 116 29.82 14.33 -44.13
N THR I 117 29.09 14.49 -45.23
CA THR I 117 29.64 14.22 -46.55
C THR I 117 30.42 15.41 -47.10
N LEU I 118 31.73 15.25 -47.20
CA LEU I 118 32.60 16.28 -47.75
C LEU I 118 33.05 15.92 -49.17
N THR I 119 32.61 16.71 -50.14
CA THR I 119 32.98 16.50 -51.53
C THR I 119 33.98 17.55 -51.99
N VAL I 120 35.16 17.10 -52.39
CA VAL I 120 36.20 18.01 -52.86
C VAL I 120 36.60 17.67 -54.29
N SER I 121 36.06 18.43 -55.24
CA SER I 121 36.37 18.21 -56.65
C SER I 121 36.65 19.53 -57.36
N SER I 122 37.57 19.50 -58.31
CA SER I 122 37.93 20.69 -59.07
C SER I 122 37.03 20.86 -60.29
N ALA I 123 35.89 20.18 -60.27
CA ALA I 123 34.95 20.20 -61.38
C ALA I 123 33.95 21.35 -61.26
N LYS I 124 33.55 21.88 -62.41
CA LYS I 124 32.52 22.92 -62.44
C LYS I 124 31.15 22.28 -62.62
N THR I 125 30.10 23.04 -62.33
CA THR I 125 28.73 22.53 -62.44
C THR I 125 28.40 22.10 -63.86
N THR I 126 28.07 20.82 -64.03
CA THR I 126 27.79 20.26 -65.34
C THR I 126 26.37 19.69 -65.40
N PRO I 127 25.59 20.12 -66.41
CA PRO I 127 24.23 19.61 -66.62
C PRO I 127 24.22 18.16 -67.12
N PRO I 128 23.29 17.35 -66.62
CA PRO I 128 23.16 15.93 -66.97
C PRO I 128 22.91 15.69 -68.45
N SER I 129 23.33 14.52 -68.94
CA SER I 129 23.05 14.10 -70.30
C SER I 129 22.23 12.81 -70.28
N VAL I 130 20.95 12.91 -70.59
CA VAL I 130 20.06 11.77 -70.50
C VAL I 130 19.93 11.01 -71.81
N TYR I 131 20.24 9.72 -71.78
CA TYR I 131 20.11 8.85 -72.94
C TYR I 131 19.07 7.77 -72.70
N PRO I 132 18.24 7.49 -73.72
CA PRO I 132 17.23 6.44 -73.61
C PRO I 132 17.82 5.05 -73.86
N LEU I 133 17.44 4.07 -73.06
CA LEU I 133 17.89 2.70 -73.30
C LEU I 133 16.70 1.76 -73.48
N ALA I 134 16.73 1.02 -74.60
CA ALA I 134 15.68 0.07 -74.94
C ALA I 134 16.31 -1.25 -75.34
N PRO I 135 15.59 -2.36 -75.14
CA PRO I 135 16.11 -3.67 -75.52
C PRO I 135 16.49 -3.73 -77.00
N GLY I 136 17.60 -4.38 -77.32
CA GLY I 136 18.09 -4.47 -78.68
C GLY I 136 17.15 -5.23 -79.58
N SER I 137 17.40 -5.15 -80.90
CA SER I 137 16.59 -5.85 -81.88
C SER I 137 16.57 -7.35 -81.61
N ALA I 138 15.47 -8.00 -81.98
CA ALA I 138 15.22 -9.40 -81.65
C ALA I 138 15.21 -9.62 -80.13
N ALA I 139 15.16 -10.88 -79.72
CA ALA I 139 15.10 -11.24 -78.29
C ALA I 139 13.95 -10.50 -77.59
N GLN I 140 12.78 -10.51 -78.22
CA GLN I 140 11.66 -9.72 -77.74
C GLN I 140 10.72 -10.51 -76.82
N THR I 141 9.71 -9.82 -76.31
CA THR I 141 8.71 -10.39 -75.41
C THR I 141 9.34 -11.02 -74.17
N ASN I 142 9.21 -12.34 -74.04
CA ASN I 142 9.56 -13.05 -72.82
C ASN I 142 8.90 -12.42 -71.61
N SER I 143 9.70 -12.00 -70.63
CA SER I 143 9.17 -11.32 -69.45
C SER I 143 8.67 -9.93 -69.83
N MET I 144 7.98 -9.28 -68.89
CA MET I 144 7.48 -7.93 -69.13
C MET I 144 8.62 -6.95 -69.37
N VAL I 145 8.45 -6.09 -70.37
CA VAL I 145 9.51 -5.21 -70.83
C VAL I 145 10.11 -4.32 -69.75
N THR I 146 11.43 -4.35 -69.63
CA THR I 146 12.15 -3.51 -68.68
C THR I 146 12.83 -2.35 -69.40
N LEU I 147 12.58 -1.13 -68.94
CA LEU I 147 13.17 0.06 -69.54
C LEU I 147 13.99 0.84 -68.52
N GLY I 148 14.46 2.01 -68.92
CA GLY I 148 15.23 2.85 -68.02
C GLY I 148 15.87 4.08 -68.64
N CYS I 149 16.43 4.93 -67.78
CA CYS I 149 17.13 6.13 -68.22
C CYS I 149 18.61 6.06 -67.85
N LEU I 150 19.44 6.79 -68.59
CA LEU I 150 20.86 6.87 -68.29
C LEU I 150 21.31 8.32 -68.13
N VAL I 151 21.49 8.74 -66.89
CA VAL I 151 21.95 10.09 -66.60
C VAL I 151 23.48 10.13 -66.54
N LYS I 152 24.10 10.60 -67.60
CA LYS I 152 25.56 10.51 -67.74
C LYS I 152 26.26 11.86 -67.71
N GLY I 153 27.29 11.96 -66.88
CA GLY I 153 28.15 13.14 -66.83
C GLY I 153 27.52 14.39 -66.26
N TYR I 154 27.34 14.40 -64.94
CA TYR I 154 26.82 15.58 -64.26
C TYR I 154 27.56 15.82 -62.95
N PHE I 155 27.41 17.03 -62.40
CA PHE I 155 28.11 17.41 -61.17
C PHE I 155 27.47 18.64 -60.54
N PRO I 156 27.22 18.57 -59.22
CA PRO I 156 27.43 17.37 -58.40
C PRO I 156 26.12 16.61 -58.17
N GLU I 157 26.17 15.62 -57.28
CA GLU I 157 24.96 14.90 -56.87
C GLU I 157 24.09 15.82 -56.03
N PRO I 158 22.78 15.53 -55.94
CA PRO I 158 22.05 14.42 -56.56
C PRO I 158 21.24 14.82 -57.79
N VAL I 159 20.59 13.83 -58.40
CA VAL I 159 19.62 14.07 -59.46
C VAL I 159 18.39 13.19 -59.20
N THR I 160 17.21 13.78 -59.34
CA THR I 160 15.97 13.04 -59.10
C THR I 160 15.33 12.58 -60.40
N VAL I 161 15.16 11.27 -60.53
CA VAL I 161 14.56 10.70 -61.74
C VAL I 161 13.22 10.07 -61.45
N THR I 162 12.16 10.66 -62.01
CA THR I 162 10.82 10.11 -61.88
C THR I 162 10.29 9.72 -63.25
N TRP I 163 9.22 8.93 -63.26
CA TRP I 163 8.68 8.40 -64.52
C TRP I 163 7.27 8.89 -64.79
N ASN I 164 7.09 9.52 -65.96
CA ASN I 164 5.82 10.14 -66.34
C ASN I 164 5.34 11.12 -65.29
N SER I 165 6.25 11.98 -64.83
CA SER I 165 5.97 12.98 -63.82
C SER I 165 5.45 12.38 -62.51
N GLY I 166 5.86 11.14 -62.24
CA GLY I 166 5.51 10.48 -60.99
C GLY I 166 4.17 9.76 -61.03
N SER I 167 3.96 8.96 -62.08
CA SER I 167 2.75 8.15 -62.18
C SER I 167 3.08 6.68 -62.00
N LEU I 168 4.21 6.26 -62.56
CA LEU I 168 4.68 4.89 -62.42
C LEU I 168 5.61 4.76 -61.22
N SER I 169 5.12 4.18 -60.14
CA SER I 169 5.90 4.03 -58.92
C SER I 169 6.10 2.56 -58.56
N SER I 170 5.98 1.69 -59.55
CA SER I 170 6.17 0.26 -59.35
C SER I 170 7.22 -0.28 -60.31
N GLY I 171 8.27 -0.89 -59.75
CA GLY I 171 9.36 -1.38 -60.56
C GLY I 171 10.45 -0.33 -60.71
N VAL I 172 10.27 0.78 -60.01
CA VAL I 172 11.23 1.89 -60.05
C VAL I 172 12.47 1.58 -59.22
N HIS I 173 13.63 1.53 -59.89
CA HIS I 173 14.88 1.24 -59.22
C HIS I 173 15.94 2.29 -59.57
N THR I 174 16.40 3.02 -58.56
CA THR I 174 17.43 4.03 -58.76
C THR I 174 18.78 3.55 -58.23
N PHE I 175 19.67 3.19 -59.14
CA PHE I 175 20.98 2.69 -58.78
C PHE I 175 21.90 3.82 -58.31
N PRO I 176 22.82 3.51 -57.37
CA PRO I 176 23.76 4.53 -56.89
C PRO I 176 24.65 5.06 -58.01
N ALA I 177 25.11 6.30 -57.87
CA ALA I 177 25.91 6.94 -58.90
C ALA I 177 27.33 6.41 -58.94
N VAL I 178 27.99 6.62 -60.07
CA VAL I 178 29.39 6.24 -60.26
C VAL I 178 30.12 7.37 -60.98
N LEU I 179 31.14 7.93 -60.35
CA LEU I 179 31.85 9.06 -60.96
C LEU I 179 33.01 8.60 -61.82
N GLN I 180 33.03 9.06 -63.07
CA GLN I 180 34.12 8.80 -63.99
C GLN I 180 34.65 10.13 -64.53
N SER I 181 35.95 10.35 -64.35
CA SER I 181 36.58 11.60 -64.73
C SER I 181 35.90 12.78 -64.05
N ASP I 182 35.66 12.61 -62.74
CA ASP I 182 35.09 13.65 -61.87
C ASP I 182 33.64 14.01 -62.20
N LEU I 183 33.01 13.23 -63.08
CA LEU I 183 31.60 13.46 -63.40
C LEU I 183 30.75 12.23 -63.05
N TYR I 184 29.72 12.46 -62.25
CA TYR I 184 28.85 11.39 -61.78
C TYR I 184 27.99 10.83 -62.91
N THR I 185 27.72 9.52 -62.85
CA THR I 185 26.86 8.85 -63.81
C THR I 185 25.89 7.94 -63.09
N LEU I 186 24.61 8.06 -63.42
CA LEU I 186 23.57 7.30 -62.74
C LEU I 186 22.54 6.77 -63.74
N SER I 187 21.96 5.62 -63.44
CA SER I 187 20.91 5.06 -64.27
C SER I 187 19.73 4.58 -63.43
N SER I 188 18.52 4.82 -63.92
CA SER I 188 17.31 4.40 -63.23
C SER I 188 16.47 3.53 -64.16
N SER I 189 15.80 2.53 -63.60
CA SER I 189 15.05 1.57 -64.41
C SER I 189 13.61 1.37 -63.93
N VAL I 190 12.75 0.93 -64.85
CA VAL I 190 11.37 0.60 -64.52
C VAL I 190 10.90 -0.65 -65.27
N THR I 191 9.85 -1.28 -64.77
CA THR I 191 9.30 -2.47 -65.39
C THR I 191 7.83 -2.30 -65.73
N VAL I 192 7.48 -2.50 -67.00
CA VAL I 192 6.11 -2.35 -67.47
C VAL I 192 5.69 -3.57 -68.28
N PRO I 193 4.37 -3.86 -68.33
CA PRO I 193 3.84 -4.95 -69.14
C PRO I 193 4.25 -4.85 -70.61
N SER I 194 4.51 -5.99 -71.23
CA SER I 194 4.99 -6.03 -72.61
C SER I 194 3.88 -5.70 -73.60
N SER I 195 2.63 -5.83 -73.16
CA SER I 195 1.48 -5.53 -74.02
C SER I 195 1.19 -4.04 -74.07
N THR I 196 1.77 -3.30 -73.13
CA THR I 196 1.56 -1.85 -73.06
C THR I 196 2.79 -1.10 -73.55
N TRP I 197 3.50 -1.68 -74.51
CA TRP I 197 4.71 -1.08 -75.05
C TRP I 197 5.05 -1.69 -76.41
N PRO I 198 5.43 -0.84 -77.38
CA PRO I 198 5.55 0.62 -77.26
C PRO I 198 4.27 1.36 -77.64
N SER I 199 3.12 0.75 -77.38
CA SER I 199 1.83 1.37 -77.71
C SER I 199 1.59 2.60 -76.84
N GLU I 200 1.89 2.50 -75.55
CA GLU I 200 1.77 3.63 -74.64
C GLU I 200 3.15 4.21 -74.34
N THR I 201 3.27 5.52 -74.45
CA THR I 201 4.56 6.19 -74.27
C THR I 201 4.85 6.52 -72.82
N VAL I 202 5.95 5.98 -72.30
CA VAL I 202 6.42 6.36 -70.96
C VAL I 202 7.65 7.24 -71.11
N THR I 203 7.81 8.17 -70.18
CA THR I 203 8.88 9.16 -70.25
C THR I 203 9.50 9.40 -68.88
N CYS I 204 10.83 9.37 -68.82
CA CYS I 204 11.54 9.62 -67.58
C CYS I 204 11.76 11.11 -67.36
N ASN I 205 11.51 11.56 -66.13
CA ASN I 205 11.71 12.96 -65.76
C ASN I 205 12.96 13.12 -64.91
N VAL I 206 13.99 13.74 -65.48
CA VAL I 206 15.26 13.92 -64.78
C VAL I 206 15.50 15.37 -64.38
N ALA I 207 15.64 15.60 -63.08
CA ALA I 207 15.81 16.96 -62.57
C ALA I 207 17.13 17.10 -61.80
N HIS I 208 17.78 18.24 -61.99
CA HIS I 208 19.03 18.55 -61.29
C HIS I 208 18.92 19.92 -60.64
N PRO I 209 18.77 19.95 -59.30
CA PRO I 209 18.56 21.17 -58.54
C PRO I 209 19.66 22.22 -58.72
N ALA I 210 20.91 21.78 -58.74
CA ALA I 210 22.04 22.69 -58.87
C ALA I 210 22.12 23.29 -60.26
N SER I 211 21.75 22.49 -61.27
CA SER I 211 21.78 22.94 -62.66
C SER I 211 20.48 23.63 -63.05
N SER I 212 19.48 23.52 -62.19
CA SER I 212 18.15 24.07 -62.44
C SER I 212 17.58 23.57 -63.77
N THR I 213 17.83 22.31 -64.07
CA THR I 213 17.35 21.71 -65.31
C THR I 213 16.39 20.55 -65.04
N LYS I 214 15.46 20.34 -65.96
CA LYS I 214 14.50 19.25 -65.87
C LYS I 214 14.24 18.67 -67.25
N VAL I 215 15.01 17.64 -67.60
CA VAL I 215 14.95 17.06 -68.93
C VAL I 215 14.06 15.81 -68.99
N ASP I 216 13.19 15.75 -69.97
CA ASP I 216 12.37 14.57 -70.21
C ASP I 216 12.88 13.82 -71.44
N LYS I 217 12.72 12.50 -71.44
CA LYS I 217 13.20 11.69 -72.55
C LYS I 217 12.24 10.53 -72.84
N LYS I 218 11.75 10.49 -74.08
CA LYS I 218 10.85 9.42 -74.50
C LYS I 218 11.62 8.24 -75.06
N ILE I 219 11.31 7.04 -74.57
CA ILE I 219 12.00 5.84 -75.01
C ILE I 219 11.37 5.28 -76.29
N VAL I 220 12.17 5.11 -77.32
CA VAL I 220 11.70 4.53 -78.57
C VAL I 220 12.51 3.30 -78.94
N PRO I 221 11.82 2.19 -79.25
CA PRO I 221 12.48 0.94 -79.64
C PRO I 221 13.27 1.11 -80.94
N ARG I 222 14.35 0.35 -81.07
CA ARG I 222 15.21 0.44 -82.25
C ARG I 222 14.51 -0.03 -83.51
N GLN J 1 68.10 -37.88 -1.90
CA GLN J 1 68.87 -36.78 -1.32
C GLN J 1 69.16 -36.96 0.17
N ALA J 2 68.24 -37.57 0.89
CA ALA J 2 68.41 -37.79 2.32
C ALA J 2 67.43 -38.84 2.80
N VAL J 3 67.89 -39.73 3.67
CA VAL J 3 67.03 -40.79 4.17
C VAL J 3 66.95 -40.75 5.69
N VAL J 4 65.73 -40.80 6.20
CA VAL J 4 65.47 -40.81 7.63
C VAL J 4 65.31 -42.24 8.11
N THR J 5 66.07 -42.61 9.14
CA THR J 5 66.08 -43.98 9.63
C THR J 5 65.50 -44.08 11.05
N GLN J 6 64.54 -44.98 11.22
CA GLN J 6 63.99 -45.27 12.53
C GLN J 6 64.26 -46.73 12.88
N GLU J 7 63.92 -47.12 14.11
CA GLU J 7 64.02 -48.53 14.49
C GLU J 7 62.96 -49.32 13.77
N SER J 8 63.23 -50.59 13.50
CA SER J 8 62.28 -51.46 12.82
C SER J 8 60.99 -51.57 13.62
N ALA J 9 61.09 -52.08 14.85
CA ALA J 9 59.94 -52.21 15.73
C ALA J 9 60.40 -52.32 17.19
N LEU J 10 59.57 -51.84 18.11
CA LEU J 10 59.89 -51.91 19.53
C LEU J 10 58.76 -52.52 20.35
N THR J 11 59.13 -53.20 21.42
CA THR J 11 58.17 -53.86 22.30
C THR J 11 58.30 -53.31 23.71
N THR J 12 57.16 -53.03 24.34
CA THR J 12 57.16 -52.52 25.71
C THR J 12 55.96 -53.00 26.51
N SER J 13 56.07 -52.91 27.83
CA SER J 13 55.01 -53.33 28.74
C SER J 13 54.26 -52.11 29.26
N PRO J 14 52.96 -52.27 29.55
CA PRO J 14 52.15 -51.18 30.11
C PRO J 14 52.75 -50.58 31.39
N GLY J 15 52.78 -49.26 31.47
CA GLY J 15 53.29 -48.57 32.64
C GLY J 15 54.75 -48.15 32.55
N GLU J 16 55.51 -48.82 31.69
CA GLU J 16 56.93 -48.52 31.55
C GLU J 16 57.21 -47.37 30.58
N THR J 17 58.50 -47.11 30.36
CA THR J 17 58.95 -46.00 29.53
C THR J 17 59.73 -46.49 28.32
N VAL J 18 59.31 -46.04 27.14
CA VAL J 18 59.97 -46.42 25.88
C VAL J 18 60.37 -45.16 25.10
N THR J 19 61.50 -45.23 24.40
CA THR J 19 61.99 -44.10 23.62
C THR J 19 62.27 -44.49 22.17
N LEU J 20 61.57 -43.81 21.24
CA LEU J 20 61.77 -44.03 19.82
C LEU J 20 62.74 -43.00 19.27
N THR J 21 63.73 -43.45 18.50
CA THR J 21 64.72 -42.52 17.95
C THR J 21 64.48 -42.24 16.47
N CYS J 22 65.14 -41.21 15.96
CA CYS J 22 64.96 -40.79 14.58
C CYS J 22 66.25 -40.16 14.05
N ARG J 23 67.03 -40.96 13.32
CA ARG J 23 68.35 -40.54 12.88
C ARG J 23 68.34 -39.95 11.48
N SER J 24 69.10 -38.88 11.28
CA SER J 24 69.25 -38.26 9.97
C SER J 24 70.52 -38.75 9.28
N SER J 25 70.48 -38.80 7.96
CA SER J 25 71.62 -39.27 7.18
C SER J 25 72.57 -38.13 6.84
N THR J 26 72.06 -36.90 6.92
CA THR J 26 72.87 -35.73 6.59
C THR J 26 73.71 -35.26 7.77
N GLY J 27 73.41 -35.79 8.95
CA GLY J 27 74.13 -35.41 10.15
C GLY J 27 73.23 -35.35 11.37
N ALA J 28 73.57 -34.48 12.31
CA ALA J 28 72.79 -34.34 13.54
C ALA J 28 71.46 -33.64 13.25
N VAL J 29 70.42 -34.10 13.93
CA VAL J 29 69.09 -33.50 13.79
C VAL J 29 69.01 -32.22 14.61
N THR J 30 69.06 -31.07 13.94
CA THR J 30 68.99 -29.79 14.62
C THR J 30 67.54 -29.34 14.80
N THR J 31 67.36 -28.13 15.31
CA THR J 31 66.02 -27.60 15.57
C THR J 31 65.33 -27.13 14.30
N ILE J 32 66.12 -26.86 13.25
CA ILE J 32 65.56 -26.40 11.98
C ILE J 32 65.13 -27.59 11.12
N ASN J 33 65.18 -28.78 11.71
CA ASN J 33 64.67 -29.97 11.05
C ASN J 33 63.22 -30.18 11.44
N PHE J 34 62.82 -29.53 12.52
CA PHE J 34 61.44 -29.53 13.00
C PHE J 34 60.87 -30.94 13.12
N ALA J 35 61.48 -31.74 13.99
CA ALA J 35 61.11 -33.14 14.15
C ALA J 35 59.62 -33.35 14.42
N ASN J 36 58.96 -34.04 13.50
CA ASN J 36 57.55 -34.39 13.66
C ASN J 36 57.33 -35.87 13.92
N TRP J 37 56.39 -36.17 14.81
CA TRP J 37 56.06 -37.56 15.11
C TRP J 37 54.58 -37.82 14.82
N VAL J 38 54.32 -38.80 13.94
CA VAL J 38 52.97 -39.12 13.53
C VAL J 38 52.60 -40.55 13.91
N GLN J 39 51.43 -40.73 14.52
CA GLN J 39 50.97 -42.05 14.94
C GLN J 39 50.00 -42.65 13.92
N GLU J 40 50.23 -43.90 13.56
CA GLU J 40 49.35 -44.59 12.63
C GLU J 40 48.65 -45.78 13.29
N LYS J 41 47.38 -45.58 13.65
CA LYS J 41 46.54 -46.68 14.10
C LYS J 41 46.26 -47.61 12.93
N PRO J 42 45.89 -48.87 13.21
CA PRO J 42 45.54 -49.80 12.12
C PRO J 42 44.34 -49.30 11.32
N ASP J 43 44.15 -49.87 10.12
CA ASP J 43 43.05 -49.51 9.23
C ASP J 43 43.19 -48.09 8.67
N HIS J 44 44.44 -47.69 8.43
CA HIS J 44 44.77 -46.41 7.79
C HIS J 44 44.28 -45.18 8.57
N LEU J 45 44.48 -45.19 9.89
CA LEU J 45 44.20 -44.02 10.73
C LEU J 45 45.49 -43.27 11.10
N PHE J 46 45.45 -41.94 11.04
CA PHE J 46 46.63 -41.13 11.33
C PHE J 46 46.36 -40.01 12.33
N THR J 47 47.39 -39.63 13.09
CA THR J 47 47.28 -38.56 14.09
C THR J 47 48.64 -37.91 14.33
N GLY J 48 48.63 -36.60 14.56
CA GLY J 48 49.86 -35.88 14.85
C GLY J 48 50.13 -35.84 16.36
N LEU J 49 51.39 -35.87 16.74
CA LEU J 49 51.76 -35.83 18.15
C LEU J 49 52.62 -34.62 18.50
N ILE J 50 53.88 -34.67 18.09
CA ILE J 50 54.82 -33.60 18.40
C ILE J 50 55.38 -32.99 17.12
N GLY J 51 55.42 -31.66 17.08
CA GLY J 51 55.86 -30.96 15.89
C GLY J 51 56.74 -29.75 16.13
N GLY J 52 57.20 -29.17 15.02
CA GLY J 52 57.98 -27.94 14.99
C GLY J 52 58.88 -27.61 16.18
N ILE J 53 58.71 -26.41 16.73
CA ILE J 53 59.61 -25.95 17.78
C ILE J 53 59.29 -26.61 19.12
N ASN J 54 58.05 -26.44 19.58
CA ASN J 54 57.58 -27.12 20.78
C ASN J 54 56.07 -27.32 20.76
N ASN J 55 55.50 -27.40 19.56
CA ASN J 55 54.05 -27.48 19.43
C ASN J 55 53.55 -28.90 19.59
N ARG J 56 52.31 -29.01 20.06
CA ARG J 56 51.67 -30.30 20.28
C ARG J 56 50.29 -30.30 19.65
N ALA J 57 49.90 -31.43 19.08
CA ALA J 57 48.57 -31.54 18.51
C ALA J 57 47.56 -31.56 19.63
N PRO J 58 46.37 -30.98 19.39
CA PRO J 58 45.31 -30.93 20.41
C PRO J 58 44.92 -32.31 20.92
N GLY J 59 44.96 -32.48 22.25
CA GLY J 59 44.52 -33.71 22.87
C GLY J 59 45.61 -34.75 23.08
N VAL J 60 46.83 -34.44 22.64
CA VAL J 60 47.94 -35.37 22.82
C VAL J 60 48.32 -35.45 24.29
N PRO J 61 48.25 -36.67 24.86
CA PRO J 61 48.51 -36.95 26.28
C PRO J 61 49.86 -36.43 26.76
N ALA J 62 49.94 -36.13 28.06
CA ALA J 62 51.14 -35.56 28.65
C ALA J 62 52.29 -36.57 28.67
N ARG J 63 51.96 -37.85 28.56
CA ARG J 63 52.97 -38.89 28.60
C ARG J 63 53.87 -38.84 27.36
N PHE J 64 53.33 -38.28 26.28
CA PHE J 64 54.09 -38.09 25.06
C PHE J 64 54.95 -36.82 25.15
N SER J 65 56.23 -36.95 24.83
CA SER J 65 57.15 -35.82 24.92
C SER J 65 58.34 -35.98 23.98
N GLY J 66 58.66 -34.90 23.27
CA GLY J 66 59.76 -34.93 22.32
C GLY J 66 61.04 -34.32 22.88
N SER J 67 62.16 -34.71 22.30
CA SER J 67 63.47 -34.20 22.72
C SER J 67 64.52 -34.49 21.63
N LEU J 68 65.76 -34.11 21.92
CA LEU J 68 66.85 -34.37 20.97
C LEU J 68 68.02 -35.08 21.65
N ILE J 69 67.79 -36.31 22.10
CA ILE J 69 68.83 -37.10 22.74
C ILE J 69 69.92 -37.49 21.73
N GLY J 70 71.15 -37.16 22.05
CA GLY J 70 72.28 -37.45 21.17
C GLY J 70 72.28 -36.56 19.94
N ASP J 71 72.35 -37.18 18.77
CA ASP J 71 72.35 -36.43 17.51
C ASP J 71 71.15 -36.80 16.66
N LYS J 72 70.10 -37.29 17.32
CA LYS J 72 68.87 -37.69 16.63
C LYS J 72 67.63 -37.30 17.44
N ALA J 73 66.47 -37.31 16.78
CA ALA J 73 65.23 -36.96 17.42
C ALA J 73 64.74 -38.09 18.32
N ALA J 74 63.96 -37.74 19.35
CA ALA J 74 63.52 -38.74 20.31
C ALA J 74 62.06 -38.54 20.72
N LEU J 75 61.34 -39.66 20.86
CA LEU J 75 59.98 -39.66 21.34
C LEU J 75 59.86 -40.50 22.63
N THR J 76 59.66 -39.84 23.77
CA THR J 76 59.64 -40.55 25.05
C THR J 76 58.22 -40.72 25.58
N ILE J 77 57.85 -41.98 25.82
CA ILE J 77 56.53 -42.30 26.37
C ILE J 77 56.61 -42.75 27.84
N THR J 78 56.23 -41.87 28.76
CA THR J 78 56.27 -42.20 30.18
C THR J 78 54.92 -42.74 30.66
N GLY J 79 54.84 -44.04 30.86
CA GLY J 79 53.60 -44.67 31.27
C GLY J 79 52.78 -45.13 30.08
N ALA J 80 53.31 -46.08 29.32
CA ALA J 80 52.66 -46.56 28.11
C ALA J 80 51.29 -47.15 28.39
N GLN J 81 50.38 -47.02 27.44
CA GLN J 81 49.03 -47.54 27.56
C GLN J 81 48.74 -48.54 26.46
N THR J 82 47.61 -49.25 26.58
CA THR J 82 47.22 -50.25 25.59
C THR J 82 46.95 -49.62 24.24
N GLU J 83 46.37 -48.42 24.25
CA GLU J 83 46.01 -47.75 23.01
C GLU J 83 47.22 -47.08 22.36
N ASP J 84 48.37 -47.16 23.01
CA ASP J 84 49.59 -46.58 22.46
C ASP J 84 50.29 -47.53 21.49
N GLU J 85 49.65 -48.68 21.22
CA GLU J 85 50.22 -49.66 20.31
C GLU J 85 49.86 -49.33 18.86
N ALA J 86 50.83 -48.80 18.12
CA ALA J 86 50.62 -48.47 16.72
C ALA J 86 51.96 -48.31 16.01
N ILE J 87 51.92 -47.78 14.79
CA ILE J 87 53.14 -47.51 14.04
C ILE J 87 53.45 -46.02 14.09
N TYR J 88 54.67 -45.68 14.50
CA TYR J 88 55.05 -44.28 14.65
C TYR J 88 56.05 -43.83 13.58
N PHE J 89 55.62 -42.88 12.76
CA PHE J 89 56.49 -42.32 11.73
C PHE J 89 57.03 -40.97 12.17
N CYS J 90 58.32 -40.74 11.94
CA CYS J 90 58.90 -39.43 12.22
C CYS J 90 59.25 -38.73 10.91
N ALA J 91 58.94 -37.44 10.84
CA ALA J 91 59.22 -36.65 9.65
C ALA J 91 60.17 -35.51 9.98
N LEU J 92 61.18 -35.32 9.13
CA LEU J 92 62.15 -34.25 9.32
C LEU J 92 62.03 -33.24 8.19
N TRP J 93 62.21 -31.97 8.51
CA TRP J 93 62.12 -30.91 7.51
C TRP J 93 63.50 -30.51 7.03
N TYR J 94 63.86 -30.96 5.83
CA TYR J 94 65.10 -30.51 5.21
C TYR J 94 64.79 -29.34 4.29
N SER J 95 65.42 -28.21 4.57
CA SER J 95 65.29 -26.96 3.81
C SER J 95 63.93 -26.70 3.16
N ASN J 96 63.69 -27.35 2.02
CA ASN J 96 62.48 -27.11 1.23
C ASN J 96 61.34 -28.11 1.42
N HIS J 97 61.64 -29.33 1.86
CA HIS J 97 60.58 -30.35 1.90
C HIS J 97 60.64 -31.27 3.12
N TRP J 98 59.57 -32.06 3.30
CA TRP J 98 59.49 -33.02 4.38
C TRP J 98 59.96 -34.40 3.95
N VAL J 99 60.55 -35.13 4.89
CA VAL J 99 60.98 -36.50 4.64
C VAL J 99 60.60 -37.40 5.82
N PHE J 100 59.80 -38.42 5.54
CA PHE J 100 59.38 -39.36 6.58
C PHE J 100 60.42 -40.47 6.75
N GLY J 101 60.34 -41.17 7.87
CA GLY J 101 61.23 -42.29 8.14
C GLY J 101 60.55 -43.61 7.87
N GLY J 102 61.27 -44.70 8.11
CA GLY J 102 60.74 -46.04 7.87
C GLY J 102 59.56 -46.38 8.77
N GLY J 103 59.52 -45.75 9.93
CA GLY J 103 58.46 -45.99 10.90
C GLY J 103 58.78 -47.12 11.84
N THR J 104 58.44 -46.92 13.12
CA THR J 104 58.68 -47.92 14.14
C THR J 104 57.37 -48.55 14.58
N LYS J 105 57.31 -49.88 14.59
CA LYS J 105 56.11 -50.59 15.02
C LYS J 105 56.15 -50.84 16.53
N LEU J 106 55.60 -49.92 17.29
CA LEU J 106 55.60 -50.04 18.74
C LEU J 106 54.52 -51.01 19.21
N THR J 107 54.93 -51.99 20.02
CA THR J 107 54.00 -52.98 20.53
C THR J 107 53.84 -52.89 22.04
N VAL J 108 52.62 -52.63 22.50
CA VAL J 108 52.32 -52.63 23.92
C VAL J 108 51.63 -53.94 24.28
N LEU J 109 52.33 -54.79 25.02
CA LEU J 109 51.88 -56.14 25.32
C LEU J 109 50.63 -56.16 26.19
N GLY J 110 49.55 -56.69 25.63
CA GLY J 110 48.31 -56.87 26.38
C GLY J 110 48.15 -58.33 26.77
N GLN J 111 49.04 -59.16 26.23
CA GLN J 111 49.04 -60.59 26.51
C GLN J 111 50.46 -61.13 26.40
N PRO J 112 50.74 -62.25 27.09
CA PRO J 112 52.08 -62.86 27.08
C PRO J 112 52.56 -63.23 25.69
N LYS J 113 53.88 -63.25 25.51
CA LYS J 113 54.48 -63.57 24.22
C LYS J 113 54.12 -64.98 23.78
N SER J 114 53.66 -65.11 22.54
CA SER J 114 53.22 -66.39 22.01
C SER J 114 54.08 -66.85 20.84
N SER J 115 54.53 -68.10 20.90
CA SER J 115 55.34 -68.68 19.83
C SER J 115 54.49 -68.91 18.58
N PRO J 116 55.10 -68.73 17.39
CA PRO J 116 54.39 -68.85 16.11
C PRO J 116 53.99 -70.28 15.77
N SER J 117 52.82 -70.44 15.18
CA SER J 117 52.38 -71.74 14.68
C SER J 117 52.74 -71.87 13.20
N VAL J 118 53.97 -72.28 12.93
CA VAL J 118 54.48 -72.35 11.57
C VAL J 118 54.17 -73.69 10.92
N THR J 119 53.67 -73.65 9.69
CA THR J 119 53.38 -74.86 8.93
C THR J 119 53.98 -74.77 7.52
N LEU J 120 54.78 -75.76 7.16
CA LEU J 120 55.44 -75.76 5.86
C LEU J 120 54.68 -76.60 4.84
N PHE J 121 54.41 -76.01 3.67
CA PHE J 121 53.63 -76.66 2.63
C PHE J 121 54.40 -76.79 1.32
N PRO J 122 54.29 -77.94 0.66
CA PRO J 122 54.87 -78.20 -0.66
C PRO J 122 53.92 -77.83 -1.79
N PRO J 123 54.45 -77.58 -3.00
CA PRO J 123 53.58 -77.24 -4.13
C PRO J 123 52.76 -78.44 -4.60
N SER J 124 51.45 -78.37 -4.46
CA SER J 124 50.57 -79.46 -4.87
C SER J 124 50.62 -79.66 -6.38
N SER J 125 50.54 -80.91 -6.81
CA SER J 125 50.67 -81.26 -8.23
C SER J 125 49.52 -80.70 -9.06
N GLU J 126 48.39 -80.44 -8.43
CA GLU J 126 47.23 -79.88 -9.11
C GLU J 126 47.51 -78.44 -9.53
N GLU J 127 48.40 -77.78 -8.79
CA GLU J 127 48.80 -76.41 -9.11
C GLU J 127 49.91 -76.40 -10.16
N LEU J 128 50.63 -77.50 -10.27
CA LEU J 128 51.75 -77.62 -11.20
C LEU J 128 51.29 -77.63 -12.66
N GLU J 129 49.98 -77.56 -12.88
CA GLU J 129 49.43 -77.41 -14.22
C GLU J 129 49.75 -76.01 -14.74
N THR J 130 49.97 -75.91 -16.04
CA THR J 130 50.46 -74.67 -16.69
C THR J 130 51.80 -74.21 -16.09
N ASN J 131 52.54 -75.15 -15.52
CA ASN J 131 53.89 -74.92 -15.01
C ASN J 131 54.02 -73.75 -14.04
N LYS J 132 53.12 -73.69 -13.05
CA LYS J 132 53.17 -72.63 -12.05
C LYS J 132 53.18 -73.21 -10.63
N ALA J 133 54.32 -73.12 -9.97
CA ALA J 133 54.46 -73.65 -8.61
C ALA J 133 54.40 -72.54 -7.58
N THR J 134 54.04 -72.89 -6.34
CA THR J 134 53.96 -71.92 -5.26
C THR J 134 53.95 -72.60 -3.89
N LEU J 135 55.00 -72.35 -3.12
CA LEU J 135 55.11 -72.88 -1.76
C LEU J 135 54.54 -71.89 -0.75
N VAL J 136 53.76 -72.37 0.20
CA VAL J 136 53.16 -71.50 1.21
C VAL J 136 53.67 -71.86 2.61
N CYS J 137 54.06 -70.83 3.37
CA CYS J 137 54.54 -71.02 4.73
C CYS J 137 53.73 -70.15 5.70
N THR J 138 52.63 -70.72 6.19
CA THR J 138 51.71 -69.97 7.05
C THR J 138 52.23 -69.85 8.49
N ILE J 139 52.22 -68.62 8.99
CA ILE J 139 52.65 -68.32 10.35
C ILE J 139 51.51 -67.68 11.13
N THR J 140 51.00 -68.39 12.13
CA THR J 140 49.85 -67.90 12.90
C THR J 140 50.08 -67.92 14.40
N ASP J 141 49.25 -67.15 15.12
CA ASP J 141 49.23 -67.13 16.57
C ASP J 141 50.56 -66.77 17.21
N PHE J 142 51.16 -65.67 16.76
CA PHE J 142 52.39 -65.17 17.38
C PHE J 142 52.20 -63.74 17.88
N TYR J 143 52.93 -63.40 18.94
CA TYR J 143 52.80 -62.11 19.59
C TYR J 143 54.08 -61.76 20.33
N PRO J 144 54.66 -60.57 20.07
CA PRO J 144 54.19 -59.49 19.18
C PRO J 144 54.29 -59.83 17.69
N GLY J 145 53.79 -58.93 16.85
CA GLY J 145 53.74 -59.16 15.41
C GLY J 145 55.00 -58.75 14.67
N VAL J 146 56.12 -59.38 15.03
CA VAL J 146 57.38 -59.14 14.33
C VAL J 146 58.04 -60.48 13.97
N VAL J 147 58.06 -60.79 12.68
CA VAL J 147 58.62 -62.06 12.23
C VAL J 147 59.61 -61.89 11.09
N THR J 148 60.70 -62.65 11.15
CA THR J 148 61.71 -62.64 10.10
C THR J 148 61.74 -63.99 9.42
N VAL J 149 61.09 -64.09 8.26
CA VAL J 149 61.01 -65.34 7.52
C VAL J 149 62.20 -65.50 6.57
N ASP J 150 63.03 -66.50 6.84
CA ASP J 150 64.14 -66.83 5.97
C ASP J 150 63.85 -68.12 5.23
N TRP J 151 64.46 -68.28 4.06
CA TRP J 151 64.30 -69.51 3.29
C TRP J 151 65.65 -70.10 2.95
N LYS J 152 65.68 -71.41 2.75
CA LYS J 152 66.95 -72.11 2.53
C LYS J 152 66.73 -73.43 1.79
N VAL J 153 67.16 -73.47 0.52
CA VAL J 153 67.12 -74.71 -0.24
C VAL J 153 68.54 -75.21 -0.48
N ASP J 154 68.82 -76.42 0.00
CA ASP J 154 70.13 -77.04 -0.13
C ASP J 154 71.22 -76.20 0.53
N GLY J 155 70.84 -75.40 1.52
CA GLY J 155 71.80 -74.64 2.31
C GLY J 155 72.01 -73.20 1.88
N THR J 156 71.27 -72.75 0.86
CA THR J 156 71.42 -71.39 0.37
C THR J 156 70.11 -70.61 0.39
N PRO J 157 70.13 -69.43 1.03
CA PRO J 157 68.97 -68.53 1.02
C PRO J 157 68.54 -68.17 -0.40
N VAL J 158 67.24 -68.31 -0.67
CA VAL J 158 66.69 -67.98 -1.99
C VAL J 158 67.01 -66.54 -2.36
N THR J 159 67.67 -66.37 -3.51
CA THR J 159 68.07 -65.05 -3.97
C THR J 159 66.86 -64.15 -4.21
N GLN J 160 65.95 -64.62 -5.06
CA GLN J 160 64.75 -63.85 -5.41
C GLN J 160 63.54 -64.74 -5.63
N GLY J 161 62.36 -64.14 -5.60
CA GLY J 161 61.12 -64.86 -5.84
C GLY J 161 60.26 -64.98 -4.60
N MET J 162 60.83 -64.67 -3.44
CA MET J 162 60.10 -64.75 -2.18
C MET J 162 59.14 -63.58 -2.01
N GLU J 163 58.16 -63.77 -1.14
CA GLU J 163 57.20 -62.71 -0.81
C GLU J 163 56.58 -63.00 0.55
N THR J 164 56.40 -61.95 1.35
CA THR J 164 55.84 -62.10 2.68
C THR J 164 54.85 -60.98 2.99
N THR J 165 53.64 -61.37 3.39
CA THR J 165 52.60 -60.41 3.72
C THR J 165 52.91 -59.67 5.01
N GLN J 166 52.26 -58.52 5.20
CA GLN J 166 52.40 -57.76 6.44
C GLN J 166 51.55 -58.42 7.52
N PRO J 167 52.18 -58.76 8.65
CA PRO J 167 51.51 -59.44 9.77
C PRO J 167 50.30 -58.67 10.28
N SER J 168 49.13 -59.28 10.21
CA SER J 168 47.88 -58.64 10.64
C SER J 168 47.31 -59.33 11.88
N LYS J 169 46.57 -58.57 12.68
CA LYS J 169 45.96 -59.11 13.89
C LYS J 169 44.77 -60.01 13.58
N GLN J 170 44.66 -61.12 14.31
CA GLN J 170 43.54 -62.03 14.15
C GLN J 170 42.34 -61.57 14.97
N SER J 171 41.51 -62.52 15.37
CA SER J 171 40.36 -62.21 16.23
C SER J 171 40.79 -62.16 17.69
N ASN J 172 41.79 -62.96 18.03
CA ASN J 172 42.27 -63.05 19.41
C ASN J 172 43.50 -62.17 19.64
N ASN J 173 43.56 -61.03 18.97
CA ASN J 173 44.61 -60.03 19.16
C ASN J 173 46.03 -60.52 18.91
N LYS J 174 46.18 -61.75 18.43
CA LYS J 174 47.49 -62.26 18.04
C LYS J 174 47.68 -62.10 16.54
N TYR J 175 48.91 -61.87 16.12
CA TYR J 175 49.19 -61.59 14.72
C TYR J 175 49.32 -62.85 13.87
N MET J 176 49.07 -62.71 12.57
CA MET J 176 49.20 -63.80 11.63
C MET J 176 49.93 -63.34 10.37
N ALA J 177 50.67 -64.24 9.74
CA ALA J 177 51.45 -63.89 8.55
C ALA J 177 51.60 -65.07 7.60
N SER J 178 51.92 -64.78 6.34
CA SER J 178 52.10 -65.81 5.33
C SER J 178 53.28 -65.50 4.42
N SER J 179 53.89 -66.55 3.87
CA SER J 179 55.03 -66.41 2.98
C SER J 179 54.81 -67.16 1.67
N TYR J 180 55.11 -66.52 0.56
CA TYR J 180 54.95 -67.14 -0.76
C TYR J 180 56.29 -67.30 -1.48
N LEU J 181 56.46 -68.43 -2.14
CA LEU J 181 57.65 -68.68 -2.95
C LEU J 181 57.26 -69.01 -4.39
N THR J 182 57.25 -67.99 -5.24
CA THR J 182 56.82 -68.16 -6.63
C THR J 182 57.89 -68.82 -7.48
N LEU J 183 57.64 -70.07 -7.84
CA LEU J 183 58.51 -70.81 -8.76
C LEU J 183 57.70 -71.36 -9.93
N THR J 184 58.36 -72.11 -10.80
CA THR J 184 57.68 -72.79 -11.89
C THR J 184 57.81 -74.30 -11.71
N ALA J 185 56.96 -75.06 -12.40
CA ALA J 185 57.02 -76.51 -12.32
C ALA J 185 58.30 -77.02 -12.96
N ARG J 186 58.87 -76.21 -13.84
CA ARG J 186 60.16 -76.52 -14.46
C ARG J 186 61.25 -76.55 -13.39
N ALA J 187 61.12 -75.69 -12.39
CA ALA J 187 62.03 -75.69 -11.25
C ALA J 187 61.77 -76.90 -10.36
N TRP J 188 62.38 -76.90 -9.17
CA TRP J 188 62.22 -78.00 -8.20
C TRP J 188 62.72 -79.32 -8.81
N GLU J 189 62.36 -80.43 -8.18
CA GLU J 189 62.75 -81.77 -8.62
C GLU J 189 64.26 -81.99 -8.55
N ARG J 190 64.97 -81.05 -7.93
CA ARG J 190 66.41 -81.16 -7.73
C ARG J 190 66.79 -80.75 -6.30
N HIS J 191 68.09 -80.77 -6.03
CA HIS J 191 68.67 -80.35 -4.75
C HIS J 191 68.24 -81.24 -3.58
N SER J 192 68.86 -81.02 -2.43
CA SER J 192 68.71 -81.89 -1.28
C SER J 192 67.34 -81.75 -0.60
N SER J 193 67.10 -80.59 0.02
CA SER J 193 65.89 -80.40 0.81
C SER J 193 65.37 -78.97 0.77
N TYR J 194 64.19 -78.77 1.35
CA TYR J 194 63.56 -77.46 1.44
C TYR J 194 63.28 -77.10 2.89
N SER J 195 63.64 -75.88 3.29
CA SER J 195 63.52 -75.48 4.69
C SER J 195 62.93 -74.08 4.86
N CYS J 196 61.88 -73.99 5.67
CA CYS J 196 61.27 -72.71 6.02
C CYS J 196 61.76 -72.27 7.40
N GLN J 197 62.61 -71.23 7.42
CA GLN J 197 63.18 -70.76 8.68
C GLN J 197 62.53 -69.47 9.14
N VAL J 198 61.88 -69.52 10.30
CA VAL J 198 61.16 -68.36 10.83
C VAL J 198 61.75 -67.90 12.16
N THR J 199 61.94 -66.59 12.29
CA THR J 199 62.48 -66.02 13.51
C THR J 199 61.47 -65.09 14.17
N HIS J 200 61.31 -65.23 15.48
CA HIS J 200 60.34 -64.45 16.24
C HIS J 200 60.83 -64.22 17.67
N GLU J 201 60.97 -62.95 18.04
CA GLU J 201 61.42 -62.55 19.37
C GLU J 201 62.79 -63.16 19.73
N GLY J 202 63.63 -63.35 18.72
CA GLY J 202 64.97 -63.85 18.93
C GLY J 202 65.07 -65.36 18.85
N HIS J 203 63.92 -66.03 18.78
CA HIS J 203 63.90 -67.49 18.70
C HIS J 203 63.71 -67.97 17.27
N THR J 204 64.46 -69.00 16.89
CA THR J 204 64.40 -69.54 15.54
C THR J 204 63.66 -70.87 15.49
N VAL J 205 62.66 -70.96 14.62
CA VAL J 205 61.90 -72.19 14.43
C VAL J 205 62.03 -72.66 12.99
N GLU J 206 62.40 -73.92 12.81
CA GLU J 206 62.71 -74.45 11.49
C GLU J 206 61.72 -75.53 11.04
N LYS J 207 61.36 -75.50 9.77
CA LYS J 207 60.50 -76.53 9.18
C LYS J 207 61.16 -77.13 7.94
N SER J 208 61.13 -78.46 7.84
CA SER J 208 61.79 -79.15 6.74
C SER J 208 60.78 -79.83 5.80
N LEU J 209 61.27 -80.29 4.65
CA LEU J 209 60.43 -80.89 3.63
C LEU J 209 61.27 -81.69 2.63
N SER J 210 60.63 -82.54 1.84
CA SER J 210 61.31 -83.30 0.80
C SER J 210 60.40 -83.54 -0.40
N GLN K 1 104.27 45.45 16.74
CA GLN K 1 103.48 44.83 15.69
C GLN K 1 102.60 45.85 14.98
N ALA K 2 102.14 46.85 15.73
CA ALA K 2 101.31 47.92 15.18
C ALA K 2 101.27 49.09 16.18
N VAL K 3 101.38 50.31 15.68
CA VAL K 3 101.37 51.47 16.57
C VAL K 3 100.27 52.48 16.24
N VAL K 4 99.56 52.91 17.29
CA VAL K 4 98.52 53.92 17.16
C VAL K 4 99.07 55.30 17.49
N THR K 5 98.87 56.25 16.59
CA THR K 5 99.44 57.59 16.75
C THR K 5 98.38 58.68 16.97
N GLN K 6 98.56 59.47 18.02
CA GLN K 6 97.71 60.63 18.26
C GLN K 6 98.55 61.90 18.23
N GLU K 7 97.89 63.06 18.29
CA GLU K 7 98.62 64.31 18.41
C GLU K 7 99.20 64.46 19.81
N SER K 8 100.31 65.16 19.91
CA SER K 8 100.96 65.41 21.19
C SER K 8 100.01 66.12 22.14
N ALA K 9 99.55 67.30 21.73
CA ALA K 9 98.60 68.08 22.51
C ALA K 9 97.86 69.08 21.62
N LEU K 10 96.62 69.38 21.97
CA LEU K 10 95.82 70.34 21.23
C LEU K 10 95.22 71.38 22.16
N THR K 11 95.03 72.59 21.63
CA THR K 11 94.49 73.70 22.42
C THR K 11 93.20 74.23 21.82
N THR K 12 92.21 74.48 22.69
CA THR K 12 90.93 75.01 22.23
C THR K 12 90.31 75.94 23.27
N SER K 13 89.37 76.76 22.82
CA SER K 13 88.69 77.73 23.68
C SER K 13 87.29 77.24 24.02
N PRO K 14 86.79 77.62 25.21
CA PRO K 14 85.42 77.24 25.61
C PRO K 14 84.39 77.68 24.58
N GLY K 15 83.46 76.78 24.25
CA GLY K 15 82.40 77.08 23.31
C GLY K 15 82.71 76.68 21.87
N GLU K 16 83.99 76.53 21.55
CA GLU K 16 84.39 76.17 20.19
C GLU K 16 84.42 74.67 19.94
N THR K 17 84.85 74.31 18.73
CA THR K 17 84.87 72.92 18.31
C THR K 17 86.29 72.45 18.01
N VAL K 18 86.67 71.33 18.63
CA VAL K 18 88.00 70.76 18.43
C VAL K 18 87.88 69.30 18.00
N THR K 19 88.83 68.84 17.18
CA THR K 19 88.80 67.46 16.70
C THR K 19 90.12 66.74 16.98
N LEU K 20 90.04 65.65 17.74
CA LEU K 20 91.20 64.82 18.04
C LEU K 20 91.24 63.64 17.08
N THR K 21 92.41 63.36 16.51
CA THR K 21 92.52 62.27 15.54
C THR K 21 93.22 61.04 16.13
N CYS K 22 93.11 59.93 15.43
CA CYS K 22 93.66 58.65 15.86
C CYS K 22 94.07 57.84 14.64
N ARG K 23 95.35 57.90 14.28
CA ARG K 23 95.83 57.30 13.04
C ARG K 23 96.42 55.92 13.29
N SER K 24 96.13 54.96 12.41
CA SER K 24 96.72 53.62 12.51
C SER K 24 97.90 53.48 11.56
N SER K 25 98.87 52.66 11.95
CA SER K 25 100.07 52.46 11.15
C SER K 25 99.91 51.34 10.13
N THR K 26 98.90 50.49 10.33
CA THR K 26 98.67 49.36 9.44
C THR K 26 97.86 49.77 8.22
N GLY K 27 97.31 50.98 8.26
CA GLY K 27 96.52 51.50 7.17
C GLY K 27 95.37 52.34 7.67
N ALA K 28 94.27 52.36 6.91
CA ALA K 28 93.10 53.15 7.30
C ALA K 28 92.36 52.49 8.46
N VAL K 29 91.86 53.32 9.37
CA VAL K 29 91.09 52.83 10.49
C VAL K 29 89.66 52.51 10.03
N THR K 30 89.37 51.22 9.88
CA THR K 30 88.05 50.80 9.44
C THR K 30 87.12 50.65 10.63
N THR K 31 85.91 50.16 10.40
CA THR K 31 84.92 50.04 11.46
C THR K 31 85.19 48.84 12.35
N ILE K 32 85.97 47.88 11.85
CA ILE K 32 86.30 46.68 12.62
C ILE K 32 87.49 46.94 13.55
N ASN K 33 87.92 48.19 13.64
CA ASN K 33 88.94 48.58 14.58
C ASN K 33 88.30 49.05 15.88
N PHE K 34 87.00 49.31 15.81
CA PHE K 34 86.19 49.66 16.97
C PHE K 34 86.81 50.79 17.79
N ALA K 35 86.91 51.96 17.17
CA ALA K 35 87.57 53.10 17.78
C ALA K 35 87.02 53.45 19.15
N ASN K 36 87.86 53.33 20.17
CA ASN K 36 87.50 53.71 21.52
C ASN K 36 88.23 54.97 21.97
N TRP K 37 87.51 55.84 22.67
CA TRP K 37 88.11 57.06 23.20
C TRP K 37 87.96 57.12 24.72
N VAL K 38 89.09 57.23 25.40
CA VAL K 38 89.11 57.24 26.85
C VAL K 38 89.68 58.56 27.39
N GLN K 39 88.97 59.15 28.35
CA GLN K 39 89.37 60.40 28.95
C GLN K 39 90.11 60.20 30.27
N GLU K 40 91.26 60.85 30.43
CA GLU K 40 92.02 60.75 31.67
C GLU K 40 92.14 62.06 32.42
N LYS K 41 91.32 62.23 33.46
CA LYS K 41 91.46 63.33 34.40
C LYS K 41 92.71 63.15 35.25
N PRO K 42 93.20 64.23 35.87
CA PRO K 42 94.34 64.10 36.79
C PRO K 42 94.04 63.18 37.96
N ASP K 43 95.09 62.73 38.65
CA ASP K 43 94.98 61.82 39.80
C ASP K 43 94.55 60.43 39.31
N HIS K 44 94.97 60.09 38.10
CA HIS K 44 94.72 58.77 37.52
C HIS K 44 93.23 58.41 37.44
N LEU K 45 92.43 59.35 36.96
CA LEU K 45 91.00 59.10 36.73
C LEU K 45 90.72 58.76 35.28
N PHE K 46 89.92 57.73 35.06
CA PHE K 46 89.62 57.28 33.70
C PHE K 46 88.12 57.10 33.49
N THR K 47 87.67 57.35 32.26
CA THR K 47 86.26 57.17 31.91
C THR K 47 86.14 56.93 30.41
N GLY K 48 85.14 56.14 30.03
CA GLY K 48 84.93 55.84 28.62
C GLY K 48 84.05 56.90 27.98
N LEU K 49 84.29 57.15 26.70
CA LEU K 49 83.53 58.15 25.98
C LEU K 49 82.76 57.52 24.83
N ILE K 50 83.50 57.20 23.76
CA ILE K 50 82.91 56.60 22.58
C ILE K 50 83.58 55.26 22.30
N GLY K 51 82.78 54.25 21.99
CA GLY K 51 83.32 52.93 21.78
C GLY K 51 82.71 52.19 20.62
N GLY K 52 83.26 51.01 20.34
CA GLY K 52 82.79 50.10 19.31
C GLY K 52 82.12 50.68 18.08
N ILE K 53 80.92 50.18 17.79
CA ILE K 53 80.23 50.52 16.55
C ILE K 53 79.50 51.87 16.59
N ASN K 54 78.60 52.06 17.56
CA ASN K 54 77.95 53.35 17.83
C ASN K 54 77.57 53.50 19.28
N ASN K 55 78.31 52.82 20.15
CA ASN K 55 77.99 52.79 21.55
C ASN K 55 78.56 54.01 22.28
N ARG K 56 77.87 54.43 23.33
CA ARG K 56 78.31 55.56 24.15
C ARG K 56 78.23 55.20 25.62
N ALA K 57 79.22 55.63 26.39
CA ALA K 57 79.22 55.38 27.83
C ALA K 57 78.15 56.22 28.51
N PRO K 58 77.54 55.68 29.57
CA PRO K 58 76.50 56.39 30.33
C PRO K 58 76.98 57.73 30.86
N GLY K 59 76.23 58.79 30.56
CA GLY K 59 76.54 60.11 31.10
C GLY K 59 77.45 60.97 30.25
N VAL K 60 77.92 60.44 29.13
CA VAL K 60 78.78 61.20 28.24
C VAL K 60 78.00 62.31 27.55
N PRO K 61 78.44 63.57 27.74
CA PRO K 61 77.81 64.77 27.19
C PRO K 61 77.56 64.69 25.69
N ALA K 62 76.55 65.41 25.22
CA ALA K 62 76.17 65.35 23.80
C ALA K 62 77.22 65.99 22.90
N ARG K 63 78.06 66.84 23.48
CA ARG K 63 79.09 67.53 22.70
C ARG K 63 80.16 66.57 22.21
N PHE K 64 80.31 65.45 22.91
CA PHE K 64 81.24 64.41 22.47
C PHE K 64 80.61 63.54 21.39
N SER K 65 81.34 63.34 20.30
CA SER K 65 80.85 62.55 19.17
C SER K 65 82.00 61.93 18.39
N GLY K 66 81.86 60.66 18.04
CA GLY K 66 82.90 59.96 17.31
C GLY K 66 82.60 59.87 15.82
N SER K 67 83.66 59.69 15.03
CA SER K 67 83.52 59.59 13.59
C SER K 67 84.77 58.99 12.96
N LEU K 68 84.77 58.90 11.63
CA LEU K 68 85.92 58.39 10.89
C LEU K 68 86.32 59.36 9.78
N ILE K 69 86.76 60.55 10.18
CA ILE K 69 87.20 61.57 9.25
C ILE K 69 88.49 61.14 8.54
N GLY K 70 88.46 61.15 7.22
CA GLY K 70 89.60 60.73 6.44
C GLY K 70 89.80 59.23 6.52
N ASP K 71 91.02 58.83 6.88
CA ASP K 71 91.34 57.41 7.01
C ASP K 71 91.75 57.08 8.44
N LYS K 72 91.31 57.90 9.38
CA LYS K 72 91.61 57.70 10.79
C LYS K 72 90.40 58.01 11.67
N ALA K 73 90.44 57.55 12.91
CA ALA K 73 89.36 57.77 13.86
C ALA K 73 89.40 59.21 14.37
N ALA K 74 88.25 59.73 14.77
CA ALA K 74 88.15 61.11 15.21
C ALA K 74 87.24 61.27 16.42
N LEU K 75 87.65 62.12 17.35
CA LEU K 75 86.84 62.47 18.51
C LEU K 75 86.56 63.98 18.49
N THR K 76 85.32 64.33 18.17
CA THR K 76 84.97 65.75 17.99
C THR K 76 84.18 66.31 19.17
N ILE K 77 84.67 67.40 19.75
CA ILE K 77 83.98 68.08 20.83
C ILE K 77 83.38 69.40 20.34
N THR K 78 82.07 69.40 20.11
CA THR K 78 81.39 70.61 19.63
C THR K 78 80.81 71.40 20.79
N GLY K 79 81.47 72.50 21.12
CA GLY K 79 81.08 73.32 22.26
C GLY K 79 81.84 72.89 23.51
N ALA K 80 83.16 73.03 23.46
CA ALA K 80 84.04 72.59 24.54
C ALA K 80 83.78 73.32 25.85
N GLN K 81 84.01 72.64 26.96
CA GLN K 81 83.84 73.22 28.28
C GLN K 81 85.17 73.20 29.03
N THR K 82 85.22 73.90 30.15
CA THR K 82 86.43 73.99 30.96
C THR K 82 86.83 72.64 31.56
N GLU K 83 85.82 71.86 31.94
CA GLU K 83 86.08 70.57 32.58
C GLU K 83 86.46 69.49 31.57
N ASP K 84 86.46 69.85 30.29
CA ASP K 84 86.85 68.92 29.23
C ASP K 84 88.36 68.90 29.03
N GLU K 85 89.07 69.60 29.90
CA GLU K 85 90.53 69.67 29.81
C GLU K 85 91.17 68.47 30.50
N ALA K 86 91.64 67.52 29.71
CA ALA K 86 92.28 66.31 30.21
C ALA K 86 93.10 65.64 29.12
N ILE K 87 93.52 64.41 29.37
CA ILE K 87 94.24 63.64 28.37
C ILE K 87 93.31 62.62 27.74
N TYR K 88 93.24 62.62 26.41
CA TYR K 88 92.33 61.73 25.70
C TYR K 88 93.06 60.61 24.96
N PHE K 89 92.79 59.38 25.36
CA PHE K 89 93.39 58.20 24.73
C PHE K 89 92.44 57.53 23.75
N CYS K 90 92.98 57.15 22.59
CA CYS K 90 92.21 56.35 21.64
C CYS K 90 92.79 54.95 21.55
N ALA K 91 91.93 53.94 21.51
CA ALA K 91 92.36 52.56 21.43
C ALA K 91 91.81 51.88 20.17
N LEU K 92 92.67 51.13 19.48
CA LEU K 92 92.24 50.42 18.28
C LEU K 92 92.32 48.90 18.49
N TRP K 93 91.34 48.19 17.92
CA TRP K 93 91.22 46.74 18.07
C TRP K 93 91.73 45.94 16.86
N TYR K 94 92.85 45.25 17.06
CA TYR K 94 93.42 44.36 16.05
C TYR K 94 93.00 42.89 16.16
N SER K 95 91.75 42.63 16.55
CA SER K 95 91.18 41.29 16.72
C SER K 95 91.84 40.47 17.83
N ASN K 96 93.17 40.41 17.86
CA ASN K 96 93.84 39.66 18.91
C ASN K 96 93.96 40.47 20.19
N HIS K 97 94.25 41.76 20.05
CA HIS K 97 94.46 42.64 21.21
C HIS K 97 94.01 44.09 20.96
N TRP K 98 93.97 44.88 22.03
CA TRP K 98 93.69 46.32 21.94
C TRP K 98 95.02 47.05 21.91
N VAL K 99 95.06 48.19 21.22
CA VAL K 99 96.26 49.02 21.20
C VAL K 99 95.89 50.47 21.42
N PHE K 100 96.44 51.07 22.47
CA PHE K 100 96.19 52.46 22.81
C PHE K 100 97.16 53.37 22.06
N GLY K 101 96.83 54.65 22.00
CA GLY K 101 97.70 55.62 21.36
C GLY K 101 98.51 56.38 22.40
N GLY K 102 99.31 57.33 21.94
CA GLY K 102 100.16 58.10 22.82
C GLY K 102 99.35 58.97 23.76
N GLY K 103 98.13 59.31 23.33
CA GLY K 103 97.25 60.15 24.11
C GLY K 103 97.46 61.61 23.78
N THR K 104 96.36 62.36 23.68
CA THR K 104 96.42 63.78 23.37
C THR K 104 96.08 64.61 24.60
N LYS K 105 96.94 65.58 24.91
CA LYS K 105 96.70 66.46 26.05
C LYS K 105 95.90 67.69 25.61
N LEU K 106 94.57 67.57 25.69
CA LEU K 106 93.69 68.66 25.27
C LEU K 106 93.62 69.74 26.34
N THR K 107 93.85 70.98 25.93
CA THR K 107 93.81 72.10 26.86
C THR K 107 92.67 73.06 26.51
N VAL K 108 91.73 73.22 27.43
CA VAL K 108 90.67 74.21 27.28
C VAL K 108 90.99 75.40 28.19
N LEU K 109 91.36 76.53 27.58
CA LEU K 109 91.84 77.68 28.32
C LEU K 109 90.75 78.35 29.15
N GLY K 110 90.93 78.35 30.47
CA GLY K 110 90.02 79.04 31.38
C GLY K 110 90.61 80.36 31.80
N GLN K 111 91.83 80.62 31.34
CA GLN K 111 92.55 81.85 31.66
C GLN K 111 93.49 82.17 30.50
N PRO K 112 93.92 83.43 30.38
CA PRO K 112 94.87 83.79 29.33
C PRO K 112 96.17 83.01 29.46
N LYS K 113 96.80 82.70 28.33
CA LYS K 113 98.00 81.88 28.31
C LYS K 113 99.13 82.55 29.12
N SER K 114 100.03 81.73 29.64
CA SER K 114 101.10 82.23 30.51
C SER K 114 102.46 81.68 30.13
N SER K 115 103.44 82.57 29.99
CA SER K 115 104.81 82.16 29.72
C SER K 115 105.43 81.55 30.97
N PRO K 116 106.33 80.56 30.78
CA PRO K 116 106.94 79.84 31.90
C PRO K 116 107.98 80.68 32.66
N SER K 117 107.92 80.62 33.99
CA SER K 117 108.92 81.27 34.83
C SER K 117 110.02 80.27 35.18
N VAL K 118 111.09 80.28 34.41
CA VAL K 118 112.14 79.27 34.54
C VAL K 118 113.34 79.78 35.35
N THR K 119 113.84 78.95 36.25
CA THR K 119 115.02 79.27 37.04
C THR K 119 116.00 78.10 37.03
N LEU K 120 117.29 78.40 36.93
CA LEU K 120 118.33 77.38 36.89
C LEU K 120 119.16 77.39 38.17
N PHE K 121 119.40 76.21 38.73
CA PHE K 121 120.17 76.11 39.97
C PHE K 121 121.42 75.26 39.79
N PRO K 122 122.58 75.82 40.14
CA PRO K 122 123.86 75.10 40.13
C PRO K 122 123.91 74.05 41.24
N PRO K 123 124.67 72.97 41.03
CA PRO K 123 124.80 71.93 42.05
C PRO K 123 125.48 72.46 43.31
N SER K 124 124.86 72.24 44.47
CA SER K 124 125.38 72.73 45.73
C SER K 124 126.75 72.15 46.04
N SER K 125 127.59 72.94 46.69
CA SER K 125 128.94 72.49 47.05
C SER K 125 128.91 71.31 48.00
N GLU K 126 127.81 71.17 48.74
CA GLU K 126 127.62 70.01 49.61
C GLU K 126 127.39 68.75 48.79
N GLU K 127 126.67 68.90 47.68
CA GLU K 127 126.40 67.79 46.77
C GLU K 127 127.52 67.65 45.76
N LEU K 128 128.12 68.78 45.38
CA LEU K 128 129.21 68.79 44.41
C LEU K 128 130.44 68.11 45.00
N GLU K 129 130.52 68.09 46.33
CA GLU K 129 131.64 67.51 47.05
C GLU K 129 131.80 66.02 46.80
N THR K 130 130.69 65.28 46.87
CA THR K 130 130.71 63.84 46.70
C THR K 130 129.74 63.37 45.63
N ASN K 131 129.88 62.11 45.22
CA ASN K 131 128.97 61.48 44.26
C ASN K 131 128.80 62.27 42.96
N LYS K 132 127.55 62.57 42.63
CA LYS K 132 127.21 63.19 41.35
C LYS K 132 126.64 64.60 41.53
N ALA K 133 127.08 65.52 40.67
CA ALA K 133 126.54 66.87 40.64
C ALA K 133 125.24 66.90 39.85
N THR K 134 124.28 67.71 40.31
CA THR K 134 122.97 67.76 39.66
C THR K 134 122.50 69.18 39.38
N LEU K 135 122.15 69.43 38.13
CA LEU K 135 121.56 70.71 37.73
C LEU K 135 120.05 70.62 37.84
N VAL K 136 119.44 71.65 38.43
CA VAL K 136 117.98 71.68 38.56
C VAL K 136 117.38 72.83 37.78
N CYS K 137 116.30 72.55 37.06
CA CYS K 137 115.64 73.55 36.22
C CYS K 137 114.15 73.58 36.49
N THR K 138 113.71 74.46 37.39
CA THR K 138 112.31 74.54 37.77
C THR K 138 111.50 75.40 36.82
N ILE K 139 110.43 74.83 36.28
CA ILE K 139 109.55 75.56 35.37
C ILE K 139 108.21 75.79 36.06
N THR K 140 107.79 77.05 36.14
CA THR K 140 106.54 77.37 36.81
C THR K 140 105.67 78.34 36.02
N ASP K 141 104.37 78.32 36.33
CA ASP K 141 103.40 79.30 35.82
C ASP K 141 103.31 79.36 34.30
N PHE K 142 103.23 78.20 33.66
CA PHE K 142 102.98 78.17 32.22
C PHE K 142 101.64 77.49 31.91
N TYR K 143 100.98 77.96 30.87
CA TYR K 143 99.66 77.46 30.48
C TYR K 143 99.42 77.74 29.01
N PRO K 144 99.14 76.69 28.21
CA PRO K 144 98.91 75.27 28.56
C PRO K 144 100.13 74.54 29.10
N GLY K 145 99.88 73.39 29.72
CA GLY K 145 100.93 72.58 30.32
C GLY K 145 101.69 71.75 29.32
N VAL K 146 102.27 72.41 28.32
CA VAL K 146 103.09 71.74 27.31
C VAL K 146 104.42 72.47 27.15
N VAL K 147 105.50 71.82 27.58
CA VAL K 147 106.82 72.44 27.50
C VAL K 147 107.87 71.47 26.97
N THR K 148 108.80 71.99 26.16
CA THR K 148 109.90 71.20 25.65
C THR K 148 111.20 71.73 26.24
N VAL K 149 111.89 70.91 27.03
CA VAL K 149 113.10 71.34 27.71
C VAL K 149 114.35 70.69 27.11
N ASP K 150 115.27 71.54 26.65
CA ASP K 150 116.54 71.08 26.08
C ASP K 150 117.70 71.57 26.93
N TRP K 151 118.79 70.79 26.97
CA TRP K 151 119.96 71.17 27.73
C TRP K 151 121.17 71.43 26.82
N LYS K 152 122.04 72.33 27.24
CA LYS K 152 123.25 72.64 26.48
C LYS K 152 124.48 72.72 27.38
N VAL K 153 125.49 71.91 27.06
CA VAL K 153 126.78 71.97 27.75
C VAL K 153 127.86 72.38 26.78
N ASP K 154 128.51 73.52 27.06
CA ASP K 154 129.50 74.11 26.17
C ASP K 154 128.96 74.34 24.76
N GLY K 155 127.68 74.71 24.69
CA GLY K 155 127.05 75.03 23.42
C GLY K 155 126.46 73.83 22.70
N THR K 156 126.87 72.63 23.11
CA THR K 156 126.41 71.41 22.45
C THR K 156 125.24 70.77 23.20
N PRO K 157 124.18 70.41 22.46
CA PRO K 157 122.99 69.74 23.02
C PRO K 157 123.34 68.45 23.72
N VAL K 158 122.74 68.23 24.89
CA VAL K 158 123.04 67.04 25.69
C VAL K 158 122.04 65.93 25.42
N THR K 159 122.50 64.85 24.80
CA THR K 159 121.65 63.73 24.44
C THR K 159 121.42 62.79 25.61
N GLN K 160 122.33 62.82 26.59
CA GLN K 160 122.28 61.90 27.70
C GLN K 160 122.35 62.58 29.07
N GLY K 161 121.64 62.02 30.05
CA GLY K 161 121.73 62.50 31.41
C GLY K 161 120.60 63.41 31.86
N MET K 162 119.69 63.74 30.94
CA MET K 162 118.61 64.66 31.27
C MET K 162 117.29 63.93 31.57
N GLU K 163 116.54 64.48 32.51
CA GLU K 163 115.26 63.91 32.93
C GLU K 163 114.31 65.03 33.33
N THR K 164 113.06 64.95 32.88
CA THR K 164 112.08 66.00 33.18
C THR K 164 110.73 65.39 33.58
N THR K 165 110.14 65.96 34.62
CA THR K 165 108.84 65.48 35.13
C THR K 165 107.70 65.85 34.20
N GLN K 166 106.56 65.20 34.42
CA GLN K 166 105.33 65.55 33.71
C GLN K 166 104.72 66.79 34.34
N PRO K 167 104.26 67.74 33.49
CA PRO K 167 103.68 69.00 33.95
C PRO K 167 102.54 68.79 34.94
N SER K 168 102.76 69.19 36.20
CA SER K 168 101.74 69.06 37.23
C SER K 168 100.97 70.37 37.40
N LYS K 169 99.67 70.25 37.65
CA LYS K 169 98.80 71.42 37.77
C LYS K 169 99.10 72.21 39.04
N GLN K 170 99.03 73.54 38.94
CA GLN K 170 99.24 74.42 40.08
C GLN K 170 97.92 74.74 40.77
N SER K 171 97.95 75.70 41.68
CA SER K 171 96.76 76.09 42.43
C SER K 171 95.87 77.01 41.60
N ASN K 172 96.46 77.74 40.68
CA ASN K 172 95.70 78.63 39.80
C ASN K 172 95.51 78.01 38.42
N ASN K 173 95.40 76.69 38.40
CA ASN K 173 95.17 75.91 37.18
C ASN K 173 96.29 76.06 36.13
N LYS K 174 97.42 76.62 36.54
CA LYS K 174 98.60 76.64 35.69
C LYS K 174 99.38 75.35 35.87
N TYR K 175 100.52 75.24 35.22
CA TYR K 175 101.31 74.02 35.29
C TYR K 175 102.76 74.28 35.67
N MET K 176 103.40 73.27 36.25
CA MET K 176 104.79 73.38 36.67
C MET K 176 105.53 72.07 36.41
N ALA K 177 106.83 72.17 36.17
CA ALA K 177 107.65 71.00 35.89
C ALA K 177 109.10 71.25 36.30
N SER K 178 109.84 70.16 36.49
CA SER K 178 111.25 70.26 36.87
C SER K 178 112.11 69.36 35.98
N SER K 179 113.31 69.83 35.66
CA SER K 179 114.23 69.06 34.84
C SER K 179 115.55 68.85 35.56
N TYR K 180 116.05 67.62 35.54
CA TYR K 180 117.29 67.30 36.22
C TYR K 180 118.38 66.88 35.24
N LEU K 181 119.63 67.18 35.59
CA LEU K 181 120.78 66.80 34.77
C LEU K 181 121.81 66.05 35.62
N THR K 182 122.04 64.78 35.29
CA THR K 182 122.95 63.94 36.05
C THR K 182 124.36 63.96 35.46
N LEU K 183 125.33 64.36 36.26
CA LEU K 183 126.72 64.45 35.83
C LEU K 183 127.66 63.93 36.91
N THR K 184 128.89 63.61 36.53
CA THR K 184 129.91 63.24 37.50
C THR K 184 130.58 64.51 38.02
N ALA K 185 131.25 64.40 39.16
CA ALA K 185 131.86 65.56 39.82
C ALA K 185 132.89 66.24 38.93
N ARG K 186 133.78 65.45 38.34
CA ARG K 186 134.84 65.99 37.49
C ARG K 186 134.29 66.59 36.20
N ALA K 187 133.15 66.07 35.74
CA ALA K 187 132.53 66.55 34.52
C ALA K 187 132.10 68.01 34.67
N TRP K 188 131.46 68.32 35.80
CA TRP K 188 130.95 69.67 36.04
C TRP K 188 132.07 70.71 36.09
N GLU K 189 133.22 70.33 36.62
CA GLU K 189 134.33 71.26 36.80
C GLU K 189 134.98 71.64 35.48
N ARG K 190 134.90 70.76 34.50
CA ARG K 190 135.61 70.94 33.24
C ARG K 190 134.93 71.94 32.30
N HIS K 191 133.62 71.82 32.15
CA HIS K 191 132.89 72.57 31.14
C HIS K 191 132.70 74.04 31.51
N SER K 192 132.75 74.90 30.51
CA SER K 192 132.70 76.35 30.70
C SER K 192 131.32 76.83 31.13
N SER K 193 130.29 76.39 30.41
CA SER K 193 128.94 76.90 30.65
C SER K 193 127.86 75.83 30.52
N TYR K 194 126.78 76.02 31.27
CA TYR K 194 125.61 75.16 31.18
C TYR K 194 124.38 75.98 30.83
N SER K 195 123.39 75.37 30.20
CA SER K 195 122.22 76.11 29.74
C SER K 195 120.95 75.26 29.76
N CYS K 196 119.85 75.88 30.17
CA CYS K 196 118.55 75.22 30.20
C CYS K 196 117.56 75.96 29.30
N GLN K 197 117.20 75.33 28.19
CA GLN K 197 116.27 75.93 27.24
C GLN K 197 114.87 75.34 27.39
N VAL K 198 113.88 76.22 27.59
CA VAL K 198 112.50 75.78 27.75
C VAL K 198 111.63 76.35 26.63
N THR K 199 110.93 75.45 25.92
CA THR K 199 110.08 75.87 24.82
C THR K 199 108.60 75.81 25.19
N HIS K 200 107.97 76.98 25.24
CA HIS K 200 106.55 77.06 25.52
C HIS K 200 105.82 77.71 24.35
N GLU K 201 104.80 77.02 23.85
CA GLU K 201 104.07 77.43 22.65
C GLU K 201 105.00 77.67 21.48
N GLY K 202 105.30 78.93 21.20
CA GLY K 202 106.17 79.26 20.08
C GLY K 202 107.35 80.12 20.47
N HIS K 203 107.52 80.32 21.77
CA HIS K 203 108.61 81.14 22.27
C HIS K 203 109.64 80.29 23.00
N THR K 204 110.81 80.84 23.25
CA THR K 204 111.87 80.11 23.92
C THR K 204 112.58 80.97 24.97
N VAL K 205 112.55 80.51 26.21
CA VAL K 205 113.26 81.17 27.29
C VAL K 205 114.57 80.46 27.56
N GLU K 206 115.61 81.21 27.89
CA GLU K 206 116.92 80.62 28.11
C GLU K 206 117.54 81.04 29.44
N LYS K 207 117.99 80.06 30.20
CA LYS K 207 118.75 80.32 31.42
C LYS K 207 120.10 79.63 31.34
N SER K 208 121.16 80.36 31.71
CA SER K 208 122.51 79.82 31.62
C SER K 208 123.35 80.21 32.83
N LEU K 209 124.51 79.57 32.96
CA LEU K 209 125.41 79.84 34.08
C LEU K 209 126.78 79.22 33.83
N SER K 210 127.80 79.78 34.48
CA SER K 210 129.16 79.27 34.36
C SER K 210 129.71 78.86 35.71
N ARG K 211 130.84 78.15 35.69
CA ARG K 211 131.55 77.66 36.88
C ARG K 211 130.63 77.23 38.02
N GLN L 1 101.19 -9.55 34.96
CA GLN L 1 101.16 -8.59 33.87
C GLN L 1 101.19 -7.18 34.47
N ALA L 2 100.68 -7.06 35.70
CA ALA L 2 100.67 -5.81 36.43
C ALA L 2 100.46 -6.13 37.90
N VAL L 3 101.24 -5.48 38.77
CA VAL L 3 101.19 -5.77 40.20
C VAL L 3 100.91 -4.54 41.07
N VAL L 4 99.97 -4.69 41.98
CA VAL L 4 99.64 -3.63 42.92
C VAL L 4 100.42 -3.82 44.23
N THR L 5 101.10 -2.76 44.67
CA THR L 5 101.96 -2.84 45.84
C THR L 5 101.46 -2.00 47.00
N GLN L 6 101.36 -2.62 48.18
CA GLN L 6 101.00 -1.91 49.41
C GLN L 6 102.14 -2.02 50.41
N GLU L 7 102.00 -1.32 51.53
CA GLU L 7 102.97 -1.43 52.62
C GLU L 7 102.83 -2.79 53.30
N SER L 8 103.94 -3.30 53.83
CA SER L 8 103.92 -4.56 54.55
C SER L 8 102.98 -4.49 55.74
N ALA L 9 103.29 -3.60 56.68
CA ALA L 9 102.45 -3.37 57.85
C ALA L 9 102.75 -2.01 58.47
N LEU L 10 101.74 -1.39 59.07
CA LEU L 10 101.92 -0.11 59.73
C LEU L 10 101.34 -0.12 61.13
N THR L 11 101.96 0.66 62.02
CA THR L 11 101.53 0.75 63.41
C THR L 11 101.17 2.19 63.75
N THR L 12 100.06 2.39 64.44
CA THR L 12 99.63 3.73 64.83
C THR L 12 98.93 3.72 66.19
N SER L 13 98.84 4.89 66.80
CA SER L 13 98.19 5.04 68.09
C SER L 13 96.79 5.64 67.92
N PRO L 14 95.86 5.28 68.81
CA PRO L 14 94.48 5.79 68.78
C PRO L 14 94.40 7.32 68.79
N GLY L 15 93.53 7.87 67.94
CA GLY L 15 93.35 9.30 67.86
C GLY L 15 94.19 9.97 66.79
N GLU L 16 95.26 9.30 66.39
CA GLU L 16 96.18 9.86 65.40
C GLU L 16 95.73 9.60 63.96
N THR L 17 96.55 10.03 63.02
CA THR L 17 96.23 9.90 61.59
C THR L 17 97.26 9.03 60.87
N VAL L 18 96.78 8.02 60.16
CA VAL L 18 97.65 7.12 59.42
C VAL L 18 97.24 7.07 57.95
N THR L 19 98.21 6.91 57.07
CA THR L 19 97.93 6.86 55.63
C THR L 19 98.51 5.61 54.97
N LEU L 20 97.62 4.81 54.38
CA LEU L 20 98.02 3.62 53.64
C LEU L 20 98.07 3.93 52.15
N THR L 21 99.16 3.53 51.49
CA THR L 21 99.32 3.82 50.07
C THR L 21 99.08 2.59 49.20
N CYS L 22 98.97 2.83 47.90
CA CYS L 22 98.65 1.79 46.93
C CYS L 22 99.32 2.09 45.59
N ARG L 23 100.47 1.46 45.35
CA ARG L 23 101.27 1.78 44.18
C ARG L 23 101.02 0.84 43.00
N SER L 24 100.94 1.41 41.81
CA SER L 24 100.77 0.65 40.58
C SER L 24 102.11 0.44 39.86
N SER L 25 102.24 -0.69 39.17
CA SER L 25 103.47 -1.00 38.45
C SER L 25 103.45 -0.45 37.03
N THR L 26 102.27 -0.12 36.54
CA THR L 26 102.10 0.38 35.18
C THR L 26 102.35 1.89 35.11
N GLY L 27 102.42 2.54 36.27
CA GLY L 27 102.65 3.96 36.32
C GLY L 27 101.88 4.62 37.45
N ALA L 28 101.50 5.88 37.25
CA ALA L 28 100.76 6.61 38.26
C ALA L 28 99.32 6.12 38.35
N VAL L 29 98.78 6.06 39.56
CA VAL L 29 97.40 5.63 39.76
C VAL L 29 96.44 6.76 39.43
N THR L 30 95.81 6.67 38.25
CA THR L 30 94.87 7.68 37.79
C THR L 30 93.45 7.41 38.29
N THR L 31 92.51 8.23 37.83
CA THR L 31 91.12 8.10 38.27
C THR L 31 90.42 6.94 37.58
N ILE L 32 90.95 6.50 36.45
CA ILE L 32 90.37 5.38 35.72
C ILE L 32 90.87 4.06 36.28
N ASN L 33 91.60 4.12 37.39
CA ASN L 33 92.02 2.92 38.11
C ASN L 33 91.02 2.56 39.19
N PHE L 34 90.18 3.54 39.56
CA PHE L 34 89.10 3.34 40.52
C PHE L 34 89.55 2.67 41.80
N ALA L 35 90.44 3.34 42.52
CA ALA L 35 91.04 2.79 43.72
C ALA L 35 89.98 2.34 44.74
N ASN L 36 89.97 1.04 45.01
CA ASN L 36 89.07 0.47 46.02
C ASN L 36 89.85 0.02 47.24
N TRP L 37 89.27 0.27 48.42
CA TRP L 37 89.89 -0.15 49.67
C TRP L 37 88.96 -1.07 50.46
N VAL L 38 89.45 -2.25 50.78
CA VAL L 38 88.66 -3.24 51.50
C VAL L 38 89.29 -3.59 52.84
N GLN L 39 88.48 -3.59 53.90
CA GLN L 39 88.97 -3.92 55.24
C GLN L 39 88.71 -5.38 55.57
N GLU L 40 89.72 -6.06 56.08
CA GLU L 40 89.56 -7.46 56.48
C GLU L 40 89.76 -7.67 57.97
N LYS L 41 88.65 -7.81 58.69
CA LYS L 41 88.68 -8.21 60.08
C LYS L 41 89.07 -9.68 60.20
N PRO L 42 89.54 -10.11 61.38
CA PRO L 42 89.79 -11.53 61.61
C PRO L 42 88.48 -12.31 61.48
N ASP L 43 88.57 -13.64 61.36
CA ASP L 43 87.40 -14.52 61.19
C ASP L 43 86.81 -14.31 59.79
N HIS L 44 87.67 -13.93 58.84
CA HIS L 44 87.29 -13.79 57.44
C HIS L 44 86.10 -12.83 57.23
N LEU L 45 86.13 -11.69 57.91
CA LEU L 45 85.13 -10.66 57.67
C LEU L 45 85.68 -9.57 56.78
N PHE L 46 84.88 -9.19 55.79
CA PHE L 46 85.27 -8.22 54.79
C PHE L 46 84.20 -7.13 54.67
N THR L 47 84.63 -5.92 54.32
CA THR L 47 83.71 -4.82 54.13
C THR L 47 84.34 -3.83 53.16
N GLY L 48 83.51 -3.18 52.35
CA GLY L 48 84.00 -2.22 51.39
C GLY L 48 84.10 -0.90 52.11
N LEU L 49 85.06 -0.07 51.69
CA LEU L 49 85.30 1.19 52.35
C LEU L 49 85.05 2.38 51.43
N ILE L 50 85.93 2.58 50.46
CA ILE L 50 85.81 3.72 49.57
C ILE L 50 85.66 3.31 48.11
N GLY L 51 84.74 4.00 47.43
CA GLY L 51 84.36 3.69 46.07
C GLY L 51 85.25 4.12 44.91
N GLY L 52 84.84 3.72 43.72
CA GLY L 52 85.51 4.09 42.49
C GLY L 52 85.69 5.59 42.33
N ILE L 53 84.61 6.31 42.03
CA ILE L 53 84.74 7.74 41.74
C ILE L 53 84.83 8.61 43.03
N ASN L 54 83.82 8.56 43.89
CA ASN L 54 83.81 9.22 45.21
C ASN L 54 82.79 8.53 46.09
N ASN L 55 82.52 7.27 45.77
CA ASN L 55 81.46 6.54 46.43
C ASN L 55 81.93 5.95 47.74
N ARG L 56 80.99 5.76 48.67
CA ARG L 56 81.31 5.20 49.98
C ARG L 56 80.31 4.10 50.33
N ALA L 57 80.81 3.03 50.93
CA ALA L 57 79.92 1.96 51.37
C ALA L 57 79.11 2.44 52.55
N PRO L 58 77.84 1.99 52.64
CA PRO L 58 76.95 2.36 53.74
C PRO L 58 77.52 2.04 55.13
N GLY L 59 77.54 3.06 55.99
CA GLY L 59 77.97 2.87 57.37
C GLY L 59 79.44 3.12 57.61
N VAL L 60 80.19 3.43 56.56
CA VAL L 60 81.61 3.73 56.69
C VAL L 60 81.83 5.07 57.39
N PRO L 61 82.56 5.04 58.53
CA PRO L 61 82.86 6.21 59.36
C PRO L 61 83.50 7.36 58.58
N ALA L 62 83.30 8.58 59.07
CA ALA L 62 83.80 9.77 58.40
C ALA L 62 85.32 9.88 58.44
N ARG L 63 85.93 9.16 59.39
CA ARG L 63 87.38 9.19 59.55
C ARG L 63 88.11 8.57 58.37
N PHE L 64 87.43 7.70 57.64
CA PHE L 64 87.99 7.08 56.45
C PHE L 64 87.88 8.05 55.26
N SER L 65 88.98 8.24 54.54
CA SER L 65 88.99 9.17 53.41
C SER L 65 90.05 8.80 52.38
N GLY L 66 89.66 8.84 51.11
CA GLY L 66 90.53 8.48 50.01
C GLY L 66 91.08 9.69 49.28
N SER L 67 92.20 9.49 48.59
CA SER L 67 92.83 10.55 47.83
C SER L 67 93.85 9.98 46.84
N LEU L 68 94.52 10.87 46.12
CA LEU L 68 95.57 10.46 45.19
C LEU L 68 96.83 11.26 45.48
N ILE L 69 97.38 11.05 46.68
CA ILE L 69 98.60 11.74 47.10
C ILE L 69 99.80 11.22 46.30
N GLY L 70 100.53 12.14 45.68
CA GLY L 70 101.67 11.78 44.86
C GLY L 70 101.23 11.13 43.56
N ASP L 71 101.75 9.95 43.27
CA ASP L 71 101.38 9.23 42.06
C ASP L 71 100.74 7.88 42.38
N LYS L 72 100.21 7.75 43.59
CA LYS L 72 99.55 6.53 44.00
C LYS L 72 98.31 6.80 44.85
N ALA L 73 97.46 5.78 45.00
CA ALA L 73 96.23 5.91 45.77
C ALA L 73 96.52 5.90 47.26
N ALA L 74 95.63 6.53 48.04
CA ALA L 74 95.85 6.66 49.47
C ALA L 74 94.57 6.44 50.29
N LEU L 75 94.72 5.75 51.41
CA LEU L 75 93.64 5.54 52.36
C LEU L 75 94.03 6.16 53.69
N THR L 76 93.42 7.30 54.01
CA THR L 76 93.78 8.05 55.20
C THR L 76 92.75 7.90 56.32
N ILE L 77 93.21 7.45 57.48
CA ILE L 77 92.34 7.33 58.65
C ILE L 77 92.66 8.43 59.66
N THR L 78 91.81 9.45 59.71
CA THR L 78 92.01 10.56 60.63
C THR L 78 91.26 10.33 61.94
N GLY L 79 91.99 9.99 62.98
CA GLY L 79 91.38 9.67 64.26
C GLY L 79 91.12 8.17 64.38
N ALA L 80 92.19 7.40 64.37
CA ALA L 80 92.11 5.94 64.40
C ALA L 80 91.42 5.43 65.66
N GLN L 81 90.72 4.31 65.53
CA GLN L 81 90.02 3.70 66.65
C GLN L 81 90.56 2.29 66.90
N THR L 82 90.14 1.69 68.01
CA THR L 82 90.60 0.35 68.36
C THR L 82 90.12 -0.69 67.35
N GLU L 83 88.90 -0.50 66.86
CA GLU L 83 88.32 -1.44 65.91
C GLU L 83 88.83 -1.21 64.49
N ASP L 84 89.67 -0.21 64.31
CA ASP L 84 90.25 0.06 62.99
C ASP L 84 91.50 -0.77 62.73
N GLU L 85 91.82 -1.66 63.66
CA GLU L 85 92.98 -2.55 63.52
C GLU L 85 92.62 -3.80 62.73
N ALA L 86 93.04 -3.84 61.47
CA ALA L 86 92.76 -4.97 60.61
C ALA L 86 93.71 -4.98 59.41
N ILE L 87 93.41 -5.81 58.42
CA ILE L 87 94.19 -5.84 57.19
C ILE L 87 93.44 -5.10 56.09
N TYR L 88 94.12 -4.13 55.47
CA TYR L 88 93.49 -3.30 54.45
C TYR L 88 94.02 -3.60 53.05
N PHE L 89 93.14 -4.07 52.17
CA PHE L 89 93.51 -4.35 50.80
C PHE L 89 93.07 -3.23 49.87
N CYS L 90 93.94 -2.84 48.95
CA CYS L 90 93.57 -1.88 47.93
C CYS L 90 93.49 -2.59 46.58
N ALA L 91 92.43 -2.30 45.83
CA ALA L 91 92.25 -2.91 44.51
C ALA L 91 92.22 -1.86 43.42
N LEU L 92 92.93 -2.13 42.34
CA LEU L 92 92.96 -1.22 41.20
C LEU L 92 92.33 -1.87 39.98
N TRP L 93 91.64 -1.07 39.19
CA TRP L 93 90.95 -1.55 38.00
C TRP L 93 91.82 -1.27 36.78
N TYR L 94 92.45 -2.30 36.24
CA TYR L 94 93.16 -2.13 34.98
C TYR L 94 92.27 -2.53 33.82
N SER L 95 91.88 -1.51 33.05
CA SER L 95 91.04 -1.65 31.86
C SER L 95 89.91 -2.68 31.92
N ASN L 96 90.27 -3.95 31.99
CA ASN L 96 89.31 -5.05 31.93
C ASN L 96 89.00 -5.74 33.27
N HIS L 97 89.94 -5.69 34.21
CA HIS L 97 89.81 -6.45 35.45
C HIS L 97 90.33 -5.76 36.71
N TRP L 98 90.03 -6.35 37.87
CA TRP L 98 90.50 -5.85 39.15
C TRP L 98 91.80 -6.53 39.56
N VAL L 99 92.66 -5.80 40.27
CA VAL L 99 93.88 -6.37 40.81
C VAL L 99 94.08 -5.91 42.25
N PHE L 100 94.14 -6.86 43.17
CA PHE L 100 94.35 -6.55 44.58
C PHE L 100 95.84 -6.43 44.92
N GLY L 101 96.13 -5.81 46.06
CA GLY L 101 97.49 -5.68 46.54
C GLY L 101 97.79 -6.70 47.61
N GLY L 102 99.01 -6.65 48.15
CA GLY L 102 99.41 -7.58 49.18
C GLY L 102 98.63 -7.39 50.47
N GLY L 103 98.15 -6.17 50.67
CA GLY L 103 97.41 -5.84 51.89
C GLY L 103 98.33 -5.35 52.97
N THR L 104 97.89 -4.33 53.70
CA THR L 104 98.69 -3.76 54.79
C THR L 104 98.07 -4.14 56.13
N LYS L 105 98.90 -4.67 57.02
CA LYS L 105 98.43 -5.05 58.35
C LYS L 105 98.57 -3.87 59.31
N LEU L 106 97.51 -3.07 59.39
CA LEU L 106 97.50 -1.88 60.22
C LEU L 106 97.27 -2.22 61.68
N THR L 107 98.14 -1.71 62.55
CA THR L 107 98.02 -1.97 63.98
C THR L 107 97.70 -0.71 64.76
N VAL L 108 96.55 -0.71 65.43
CA VAL L 108 96.19 0.39 66.32
C VAL L 108 96.43 -0.04 67.76
N LEU L 109 97.42 0.60 68.39
CA LEU L 109 97.90 0.19 69.71
C LEU L 109 96.82 0.29 70.79
N GLY L 110 96.27 -0.87 71.17
CA GLY L 110 95.35 -0.96 72.28
C GLY L 110 96.02 -1.69 73.44
N GLN L 111 97.35 -1.75 73.38
CA GLN L 111 98.16 -2.45 74.36
C GLN L 111 99.63 -2.14 74.13
N PRO L 112 100.38 -1.87 75.22
CA PRO L 112 101.83 -1.61 75.11
C PRO L 112 102.58 -2.78 74.49
N LYS L 113 103.62 -2.47 73.71
CA LYS L 113 104.38 -3.48 72.98
C LYS L 113 105.01 -4.53 73.90
N SER L 114 105.00 -5.78 73.45
CA SER L 114 105.59 -6.87 74.21
C SER L 114 106.47 -7.73 73.32
N SER L 115 107.67 -8.03 73.80
CA SER L 115 108.61 -8.88 73.07
C SER L 115 108.09 -10.31 73.00
N PRO L 116 108.37 -11.01 71.88
CA PRO L 116 107.90 -12.38 71.68
C PRO L 116 108.51 -13.38 72.66
N SER L 117 107.67 -14.26 73.21
CA SER L 117 108.15 -15.32 74.09
C SER L 117 108.33 -16.60 73.28
N VAL L 118 109.57 -16.85 72.84
CA VAL L 118 109.85 -17.95 71.92
C VAL L 118 110.48 -19.15 72.63
N THR L 119 110.02 -20.35 72.27
CA THR L 119 110.60 -21.59 72.76
C THR L 119 110.92 -22.52 71.60
N LEU L 120 112.07 -23.18 71.66
CA LEU L 120 112.50 -24.07 70.58
C LEU L 120 112.54 -25.53 71.02
N PHE L 121 111.95 -26.41 70.20
CA PHE L 121 111.81 -27.82 70.55
C PHE L 121 112.55 -28.74 69.58
N PRO L 122 113.28 -29.73 70.11
CA PRO L 122 114.00 -30.72 69.33
C PRO L 122 113.09 -31.88 68.90
N PRO L 123 113.49 -32.63 67.85
CA PRO L 123 112.71 -33.79 67.41
C PRO L 123 112.59 -34.86 68.48
N SER L 124 111.40 -35.45 68.59
CA SER L 124 111.16 -36.49 69.60
C SER L 124 111.84 -37.79 69.22
N SER L 125 112.09 -38.63 70.22
CA SER L 125 112.77 -39.91 70.00
C SER L 125 111.95 -40.85 69.12
N GLU L 126 110.63 -40.77 69.26
CA GLU L 126 109.73 -41.57 68.43
C GLU L 126 109.80 -41.11 66.99
N GLU L 127 109.94 -39.80 66.80
CA GLU L 127 110.02 -39.22 65.47
C GLU L 127 111.35 -39.61 64.81
N LEU L 128 112.41 -39.66 65.62
CA LEU L 128 113.72 -40.06 65.12
C LEU L 128 113.71 -41.51 64.65
N GLU L 129 112.85 -42.32 65.26
CA GLU L 129 112.69 -43.71 64.84
C GLU L 129 111.94 -43.79 63.51
N THR L 130 111.17 -42.75 63.21
CA THR L 130 110.42 -42.68 61.96
C THR L 130 111.33 -42.19 60.83
N ASN L 131 112.55 -41.82 61.20
CA ASN L 131 113.57 -41.33 60.27
C ASN L 131 113.17 -40.02 59.60
N LYS L 132 112.19 -39.34 60.18
CA LYS L 132 111.86 -37.97 59.82
C LYS L 132 112.05 -37.10 61.05
N ALA L 133 112.64 -35.92 60.88
CA ALA L 133 112.90 -35.03 62.02
C ALA L 133 112.32 -33.65 61.76
N THR L 134 111.68 -33.08 62.79
CA THR L 134 111.07 -31.76 62.65
C THR L 134 111.34 -30.86 63.86
N LEU L 135 112.10 -29.79 63.63
CA LEU L 135 112.30 -28.76 64.65
C LEU L 135 111.07 -27.86 64.72
N VAL L 136 110.60 -27.59 65.92
CA VAL L 136 109.42 -26.76 66.11
C VAL L 136 109.74 -25.50 66.92
N CYS L 137 109.41 -24.35 66.35
CA CYS L 137 109.68 -23.07 67.02
C CYS L 137 108.38 -22.39 67.43
N THR L 138 108.14 -22.30 68.73
CA THR L 138 106.94 -21.69 69.27
C THR L 138 107.14 -20.21 69.58
N ILE L 139 106.34 -19.34 68.97
CA ILE L 139 106.44 -17.91 69.19
C ILE L 139 105.12 -17.34 69.69
N THR L 140 105.10 -16.88 70.94
CA THR L 140 103.87 -16.40 71.54
C THR L 140 104.01 -15.02 72.18
N ASP L 141 102.86 -14.37 72.43
CA ASP L 141 102.79 -13.12 73.18
C ASP L 141 103.63 -11.99 72.58
N PHE L 142 103.35 -11.62 71.34
CA PHE L 142 104.03 -10.47 70.74
C PHE L 142 103.02 -9.51 70.11
N TYR L 143 103.35 -8.23 70.13
CA TYR L 143 102.45 -7.18 69.65
C TYR L 143 103.25 -5.97 69.16
N PRO L 144 103.03 -5.57 67.89
CA PRO L 144 102.07 -6.11 66.92
C PRO L 144 102.48 -7.46 66.32
N GLY L 145 101.59 -8.04 65.52
CA GLY L 145 101.82 -9.33 64.92
C GLY L 145 102.70 -9.29 63.68
N VAL L 146 103.91 -8.77 63.84
CA VAL L 146 104.87 -8.73 62.74
C VAL L 146 106.20 -9.33 63.19
N VAL L 147 106.47 -10.55 62.75
CA VAL L 147 107.70 -11.24 63.11
C VAL L 147 108.42 -11.79 61.88
N THR L 148 109.74 -11.90 61.97
CA THR L 148 110.54 -12.45 60.89
C THR L 148 111.33 -13.66 61.39
N VAL L 149 110.91 -14.85 60.96
CA VAL L 149 111.51 -16.09 61.44
C VAL L 149 112.64 -16.57 60.55
N ASP L 150 113.83 -16.67 61.12
CA ASP L 150 114.99 -17.20 60.42
C ASP L 150 115.53 -18.44 61.13
N TRP L 151 116.08 -19.36 60.37
CA TRP L 151 116.69 -20.56 60.94
C TRP L 151 118.17 -20.61 60.61
N LYS L 152 118.93 -21.37 61.40
CA LYS L 152 120.36 -21.50 61.15
C LYS L 152 120.87 -22.88 61.58
N VAL L 153 121.64 -23.50 60.69
CA VAL L 153 122.24 -24.80 60.98
C VAL L 153 123.76 -24.68 60.96
N ASP L 154 124.39 -24.96 62.10
CA ASP L 154 125.83 -24.81 62.29
C ASP L 154 126.29 -23.39 61.98
N GLY L 155 125.39 -22.42 62.15
CA GLY L 155 125.70 -21.04 61.88
C GLY L 155 125.47 -20.62 60.44
N THR L 156 124.88 -21.52 59.66
CA THR L 156 124.61 -21.27 58.25
C THR L 156 123.12 -21.11 58.00
N PRO L 157 122.74 -20.04 57.27
CA PRO L 157 121.34 -19.78 56.93
C PRO L 157 120.66 -20.97 56.22
N VAL L 158 119.46 -21.32 56.67
CA VAL L 158 118.75 -22.46 56.11
C VAL L 158 117.81 -22.01 54.99
N THR L 159 118.17 -22.36 53.76
CA THR L 159 117.40 -21.96 52.60
C THR L 159 116.20 -22.88 52.35
N GLN L 160 116.31 -24.13 52.79
CA GLN L 160 115.30 -25.14 52.51
C GLN L 160 114.71 -25.76 53.77
N GLY L 161 113.42 -26.08 53.72
CA GLY L 161 112.77 -26.84 54.77
C GLY L 161 111.94 -26.03 55.76
N MET L 162 112.20 -24.73 55.81
CA MET L 162 111.53 -23.87 56.80
C MET L 162 110.17 -23.39 56.32
N GLU L 163 109.24 -23.27 57.27
CA GLU L 163 107.91 -22.72 56.98
C GLU L 163 107.28 -22.18 58.25
N THR L 164 106.79 -20.94 58.18
CA THR L 164 106.21 -20.27 59.34
C THR L 164 104.74 -19.95 59.12
N THR L 165 103.91 -20.19 60.15
CA THR L 165 102.50 -19.89 60.08
C THR L 165 102.25 -18.38 60.12
N GLN L 166 101.04 -17.98 59.72
CA GLN L 166 100.64 -16.58 59.77
C GLN L 166 100.28 -16.20 61.19
N PRO L 167 100.78 -15.05 61.67
CA PRO L 167 100.50 -14.54 63.02
C PRO L 167 99.01 -14.52 63.36
N SER L 168 98.63 -15.34 64.34
CA SER L 168 97.24 -15.44 64.75
C SER L 168 96.99 -14.67 66.05
N LYS L 169 95.76 -14.23 66.25
CA LYS L 169 95.39 -13.49 67.46
C LYS L 169 95.02 -14.46 68.59
N GLN L 170 95.54 -14.18 69.79
CA GLN L 170 95.28 -15.04 70.93
C GLN L 170 94.08 -14.53 71.74
N SER L 171 93.97 -15.00 72.98
CA SER L 171 92.85 -14.64 73.83
C SER L 171 92.89 -13.18 74.26
N ASN L 172 94.05 -12.72 74.71
CA ASN L 172 94.17 -11.35 75.22
C ASN L 172 94.86 -10.40 74.25
N ASN L 173 94.38 -10.40 73.01
CA ASN L 173 94.77 -9.41 72.00
C ASN L 173 96.26 -9.28 71.69
N LYS L 174 97.03 -10.32 71.99
CA LYS L 174 98.40 -10.39 71.50
C LYS L 174 98.44 -11.34 70.30
N TYR L 175 99.63 -11.67 69.84
CA TYR L 175 99.75 -12.53 68.66
C TYR L 175 100.60 -13.76 68.91
N MET L 176 100.41 -14.78 68.08
CA MET L 176 101.12 -16.05 68.19
C MET L 176 101.50 -16.58 66.81
N ALA L 177 102.63 -17.29 66.75
CA ALA L 177 103.09 -17.86 65.50
C ALA L 177 103.98 -19.07 65.74
N SER L 178 104.06 -19.96 64.76
CA SER L 178 104.88 -21.16 64.89
C SER L 178 105.69 -21.41 63.62
N SER L 179 106.90 -21.95 63.79
CA SER L 179 107.76 -22.28 62.66
C SER L 179 108.19 -23.74 62.72
N TYR L 180 108.25 -24.38 61.56
CA TYR L 180 108.63 -25.78 61.49
C TYR L 180 109.82 -25.98 60.55
N LEU L 181 110.83 -26.70 61.02
CA LEU L 181 111.98 -27.04 60.19
C LEU L 181 112.03 -28.54 59.95
N THR L 182 111.56 -28.96 58.78
CA THR L 182 111.50 -30.39 58.44
C THR L 182 112.85 -30.90 57.96
N LEU L 183 113.32 -31.97 58.58
CA LEU L 183 114.64 -32.53 58.29
C LEU L 183 114.59 -34.01 57.96
N THR L 184 115.76 -34.57 57.65
CA THR L 184 115.92 -36.02 57.54
C THR L 184 116.55 -36.54 58.83
N ALA L 185 116.51 -37.84 59.02
CA ALA L 185 117.10 -38.45 60.21
C ALA L 185 118.60 -38.19 60.26
N ARG L 186 119.27 -38.45 59.15
CA ARG L 186 120.71 -38.27 59.05
C ARG L 186 121.14 -36.84 59.35
N ALA L 187 120.35 -35.88 58.87
CA ALA L 187 120.66 -34.48 59.03
C ALA L 187 120.73 -34.07 60.51
N TRP L 188 119.76 -34.53 61.28
CA TRP L 188 119.69 -34.20 62.71
C TRP L 188 120.90 -34.75 63.46
N GLU L 189 121.40 -35.89 63.01
CA GLU L 189 122.54 -36.54 63.64
C GLU L 189 123.87 -36.02 63.07
N ARG L 190 123.79 -35.30 61.96
CA ARG L 190 124.98 -34.82 61.26
C ARG L 190 125.49 -33.49 61.80
N HIS L 191 124.62 -32.48 61.77
CA HIS L 191 125.00 -31.14 62.20
C HIS L 191 124.97 -31.03 63.72
N SER L 192 125.72 -30.07 64.26
CA SER L 192 125.89 -29.95 65.70
C SER L 192 125.01 -28.87 66.32
N SER L 193 124.72 -27.82 65.57
CA SER L 193 123.98 -26.69 66.12
C SER L 193 122.77 -26.27 65.28
N TYR L 194 121.69 -25.93 65.96
CA TYR L 194 120.48 -25.45 65.31
C TYR L 194 119.95 -24.19 65.99
N SER L 195 119.59 -23.19 65.21
CA SER L 195 119.12 -21.93 65.77
C SER L 195 117.76 -21.53 65.21
N CYS L 196 117.05 -20.71 65.98
CA CYS L 196 115.74 -20.19 65.58
C CYS L 196 115.63 -18.73 65.98
N GLN L 197 115.88 -17.83 65.03
CA GLN L 197 115.94 -16.41 65.32
C GLN L 197 114.66 -15.67 64.95
N VAL L 198 113.89 -15.29 65.97
CA VAL L 198 112.67 -14.53 65.79
C VAL L 198 112.94 -13.05 66.04
N THR L 199 112.91 -12.25 64.98
CA THR L 199 113.20 -10.83 65.10
C THR L 199 111.93 -10.00 65.14
N HIS L 200 111.69 -9.38 66.29
CA HIS L 200 110.60 -8.43 66.45
C HIS L 200 111.07 -7.08 65.89
N GLU L 201 110.21 -6.07 65.92
CA GLU L 201 110.58 -4.78 65.35
C GLU L 201 111.75 -4.14 66.10
N GLY L 202 112.92 -4.19 65.48
CA GLY L 202 114.12 -3.58 66.05
C GLY L 202 114.85 -4.48 67.03
N HIS L 203 114.24 -5.60 67.39
CA HIS L 203 114.83 -6.52 68.35
C HIS L 203 114.80 -7.95 67.85
N THR L 204 115.86 -8.70 68.15
CA THR L 204 115.96 -10.09 67.71
C THR L 204 116.16 -11.04 68.88
N VAL L 205 115.37 -12.11 68.92
CA VAL L 205 115.49 -13.13 69.96
C VAL L 205 115.93 -14.46 69.35
N GLU L 206 117.01 -15.01 69.88
CA GLU L 206 117.56 -16.24 69.33
C GLU L 206 117.43 -17.42 70.30
N LYS L 207 116.96 -18.54 69.78
CA LYS L 207 116.88 -19.78 70.55
C LYS L 207 117.66 -20.88 69.84
N SER L 208 118.56 -21.54 70.58
CA SER L 208 119.42 -22.54 69.97
C SER L 208 119.41 -23.85 70.75
N LEU L 209 119.98 -24.88 70.13
CA LEU L 209 120.16 -26.18 70.78
C LEU L 209 121.27 -26.96 70.07
N SER L 210 122.01 -27.75 70.84
CA SER L 210 123.12 -28.52 70.29
C SER L 210 123.15 -29.93 70.84
N ARG L 211 123.02 -30.92 69.97
CA ARG L 211 123.02 -32.32 70.38
C ARG L 211 123.36 -33.24 69.20
N GLN M 1 51.37 -0.38 -42.63
CA GLN M 1 52.13 -0.85 -41.49
C GLN M 1 51.51 -2.11 -40.89
N ALA M 2 50.19 -2.19 -40.98
CA ALA M 2 49.44 -3.33 -40.46
C ALA M 2 48.03 -3.37 -41.04
N VAL M 3 47.56 -4.55 -41.41
CA VAL M 3 46.23 -4.69 -41.99
C VAL M 3 45.34 -5.65 -41.21
N VAL M 4 44.11 -5.23 -40.93
CA VAL M 4 43.13 -6.07 -40.24
C VAL M 4 42.22 -6.77 -41.26
N THR M 5 42.10 -8.09 -41.12
CA THR M 5 41.35 -8.89 -42.09
C THR M 5 40.09 -9.52 -41.50
N GLN M 6 38.97 -9.32 -42.19
CA GLN M 6 37.72 -9.97 -41.83
C GLN M 6 37.22 -10.87 -42.96
N GLU M 7 36.15 -11.61 -42.71
CA GLU M 7 35.52 -12.41 -43.76
C GLU M 7 34.79 -11.48 -44.73
N SER M 8 34.69 -11.90 -45.99
CA SER M 8 33.97 -11.12 -46.99
C SER M 8 32.52 -10.88 -46.61
N ALA M 9 31.76 -11.97 -46.48
CA ALA M 9 30.36 -11.91 -46.07
C ALA M 9 29.91 -13.26 -45.53
N LEU M 10 28.97 -13.24 -44.59
CA LEU M 10 28.43 -14.47 -44.02
C LEU M 10 26.90 -14.46 -44.01
N THR M 11 26.30 -15.64 -44.13
CA THR M 11 24.85 -15.77 -44.16
C THR M 11 24.37 -16.68 -43.02
N THR M 12 23.30 -16.26 -42.34
CA THR M 12 22.75 -17.04 -41.25
C THR M 12 21.23 -16.89 -41.16
N SER M 13 20.60 -17.81 -40.44
CA SER M 13 19.14 -17.81 -40.27
C SER M 13 18.80 -17.29 -38.88
N PRO M 14 17.63 -16.62 -38.75
CA PRO M 14 17.16 -16.09 -37.46
C PRO M 14 17.10 -17.15 -36.36
N GLY M 15 17.59 -16.80 -35.18
CA GLY M 15 17.56 -17.70 -34.05
C GLY M 15 18.84 -18.51 -33.88
N GLU M 16 19.60 -18.63 -34.96
CA GLU M 16 20.83 -19.43 -34.93
C GLU M 16 22.01 -18.62 -34.42
N THR M 17 23.18 -19.25 -34.38
CA THR M 17 24.37 -18.61 -33.85
C THR M 17 25.48 -18.50 -34.91
N VAL M 18 25.98 -17.28 -35.09
CA VAL M 18 27.03 -17.02 -36.07
C VAL M 18 28.20 -16.30 -35.39
N THR M 19 29.41 -16.58 -35.84
CA THR M 19 30.60 -15.96 -35.26
C THR M 19 31.47 -15.29 -36.33
N LEU M 20 31.67 -13.99 -36.19
CA LEU M 20 32.51 -13.23 -37.10
C LEU M 20 33.90 -13.08 -36.49
N THR M 21 34.93 -13.33 -37.29
CA THR M 21 36.31 -13.27 -36.80
C THR M 21 37.02 -12.00 -37.25
N CYS M 22 38.17 -11.75 -36.64
CA CYS M 22 38.94 -10.53 -36.90
C CYS M 22 40.43 -10.80 -36.73
N ARG M 23 41.12 -11.04 -37.85
CA ARG M 23 42.52 -11.44 -37.81
C ARG M 23 43.48 -10.27 -38.01
N SER M 24 44.55 -10.27 -37.23
CA SER M 24 45.61 -9.27 -37.35
C SER M 24 46.76 -9.80 -38.20
N SER M 25 47.44 -8.91 -38.91
CA SER M 25 48.53 -9.31 -39.78
C SER M 25 49.86 -9.36 -39.05
N THR M 26 49.93 -8.70 -37.89
CA THR M 26 51.17 -8.66 -37.12
C THR M 26 51.31 -9.88 -36.22
N GLY M 27 50.22 -10.65 -36.10
CA GLY M 27 50.23 -11.84 -35.27
C GLY M 27 48.91 -12.08 -34.57
N ALA M 28 48.99 -12.71 -33.39
CA ALA M 28 47.79 -13.02 -32.61
C ALA M 28 47.17 -11.78 -31.99
N VAL M 29 45.85 -11.72 -31.97
CA VAL M 29 45.13 -10.61 -31.38
C VAL M 29 45.11 -10.75 -29.86
N THR M 30 45.94 -9.97 -29.18
CA THR M 30 46.01 -10.00 -27.73
C THR M 30 45.01 -9.05 -27.11
N THR M 31 45.06 -8.92 -25.78
CA THR M 31 44.10 -8.07 -25.06
C THR M 31 44.48 -6.61 -25.20
N ILE M 32 45.74 -6.34 -25.54
CA ILE M 32 46.19 -4.96 -25.71
C ILE M 32 45.87 -4.44 -27.11
N ASN M 33 45.10 -5.22 -27.85
CA ASN M 33 44.60 -4.78 -29.15
C ASN M 33 43.24 -4.13 -29.01
N PHE M 34 42.58 -4.39 -27.88
CA PHE M 34 41.31 -3.76 -27.54
C PHE M 34 40.31 -3.88 -28.69
N ALA M 35 39.96 -5.12 -29.03
CA ALA M 35 39.08 -5.41 -30.15
C ALA M 35 37.75 -4.68 -30.05
N ASN M 36 37.50 -3.81 -31.03
CA ASN M 36 36.22 -3.10 -31.10
C ASN M 36 35.39 -3.61 -32.25
N TRP M 37 34.08 -3.74 -32.02
CA TRP M 37 33.18 -4.16 -33.08
C TRP M 37 32.09 -3.12 -33.32
N VAL M 38 32.02 -2.64 -34.55
CA VAL M 38 31.07 -1.60 -34.92
C VAL M 38 30.10 -2.11 -35.98
N GLN M 39 28.82 -1.85 -35.76
CA GLN M 39 27.77 -2.28 -36.68
C GLN M 39 27.36 -1.12 -37.60
N GLU M 40 27.25 -1.39 -38.90
CA GLU M 40 26.82 -0.36 -39.85
C GLU M 40 25.49 -0.70 -40.49
N LYS M 41 24.44 -0.07 -40.00
CA LYS M 41 23.13 -0.13 -40.63
C LYS M 41 23.16 0.63 -41.95
N PRO M 42 22.23 0.33 -42.86
CA PRO M 42 22.14 1.09 -44.13
C PRO M 42 21.85 2.56 -43.90
N ASP M 43 22.11 3.39 -44.91
CA ASP M 43 21.89 4.83 -44.86
C ASP M 43 22.86 5.50 -43.87
N HIS M 44 24.07 4.93 -43.80
CA HIS M 44 25.16 5.49 -43.00
C HIS M 44 24.83 5.61 -41.51
N LEU M 45 24.22 4.58 -40.94
CA LEU M 45 24.00 4.55 -39.50
C LEU M 45 25.06 3.67 -38.83
N PHE M 46 25.65 4.20 -37.77
CA PHE M 46 26.70 3.51 -37.04
C PHE M 46 26.44 3.56 -35.55
N THR M 47 26.82 2.50 -34.85
CA THR M 47 26.71 2.46 -33.40
C THR M 47 27.74 1.46 -32.92
N GLY M 48 28.28 1.66 -31.72
CA GLY M 48 29.29 0.77 -31.21
C GLY M 48 28.63 -0.39 -30.51
N LEU M 49 29.30 -1.55 -30.52
CA LEU M 49 28.72 -2.73 -29.92
C LEU M 49 29.56 -3.20 -28.72
N ILE M 50 30.69 -3.84 -28.99
CA ILE M 50 31.55 -4.28 -27.90
C ILE M 50 32.96 -3.73 -28.11
N GLY M 51 33.55 -3.21 -27.04
CA GLY M 51 34.84 -2.54 -27.11
C GLY M 51 35.85 -2.81 -26.01
N GLY M 52 37.00 -2.17 -26.15
CA GLY M 52 38.11 -2.21 -25.19
C GLY M 52 38.33 -3.48 -24.37
N ILE M 53 38.38 -3.33 -23.05
CA ILE M 53 38.75 -4.44 -22.19
C ILE M 53 37.64 -5.47 -22.09
N ASN M 54 36.48 -5.05 -21.60
CA ASN M 54 35.31 -5.92 -21.58
C ASN M 54 34.03 -5.11 -21.61
N ASN M 55 34.12 -3.91 -22.17
CA ASN M 55 33.04 -2.95 -22.15
C ASN M 55 32.02 -3.18 -23.26
N ARG M 56 30.79 -2.75 -22.98
CA ARG M 56 29.69 -2.89 -23.93
C ARG M 56 29.00 -1.54 -24.04
N ALA M 57 28.61 -1.17 -25.24
CA ALA M 57 27.90 0.09 -25.46
C ALA M 57 26.49 0.00 -24.88
N PRO M 58 25.98 1.13 -24.35
CA PRO M 58 24.63 1.17 -23.78
C PRO M 58 23.56 0.72 -24.78
N GLY M 59 22.75 -0.24 -24.39
CA GLY M 59 21.64 -0.69 -25.20
C GLY M 59 21.94 -1.86 -26.13
N VAL M 60 23.18 -2.32 -26.12
CA VAL M 60 23.57 -3.47 -26.95
C VAL M 60 22.95 -4.75 -26.41
N PRO M 61 22.17 -5.44 -27.25
CA PRO M 61 21.46 -6.68 -26.91
C PRO M 61 22.37 -7.74 -26.30
N ALA M 62 21.79 -8.61 -25.47
CA ALA M 62 22.55 -9.64 -24.78
C ALA M 62 23.07 -10.72 -25.73
N ARG M 63 22.46 -10.82 -26.91
CA ARG M 63 22.85 -11.83 -27.89
C ARG M 63 24.25 -11.57 -28.45
N PHE M 64 24.68 -10.31 -28.38
CA PHE M 64 26.02 -9.93 -28.81
C PHE M 64 27.05 -10.24 -27.71
N SER M 65 28.13 -10.91 -28.09
CA SER M 65 29.16 -11.30 -27.13
C SER M 65 30.53 -11.45 -27.78
N GLY M 66 31.55 -10.89 -27.14
CA GLY M 66 32.90 -10.94 -27.66
C GLY M 66 33.78 -11.97 -26.99
N SER M 67 34.83 -12.38 -27.70
CA SER M 67 35.79 -13.36 -27.18
C SER M 67 37.06 -13.34 -28.02
N LEU M 68 38.00 -14.22 -27.69
CA LEU M 68 39.24 -14.34 -28.44
C LEU M 68 39.50 -15.79 -28.86
N ILE M 69 38.62 -16.31 -29.72
CA ILE M 69 38.75 -17.67 -30.22
C ILE M 69 39.98 -17.81 -31.12
N GLY M 70 40.83 -18.76 -30.80
CA GLY M 70 42.05 -18.98 -31.56
C GLY M 70 43.06 -17.88 -31.31
N ASP M 71 43.55 -17.28 -32.40
CA ASP M 71 44.52 -16.19 -32.28
C ASP M 71 43.96 -14.90 -32.87
N LYS M 72 42.65 -14.81 -32.96
CA LYS M 72 41.99 -13.62 -33.47
C LYS M 72 40.73 -13.29 -32.68
N ALA M 73 40.26 -12.05 -32.84
CA ALA M 73 39.07 -11.61 -32.13
C ALA M 73 37.81 -12.18 -32.77
N ALA M 74 36.76 -12.33 -31.97
CA ALA M 74 35.53 -12.92 -32.47
C ALA M 74 34.30 -12.19 -31.94
N LEU M 75 33.31 -12.00 -32.81
CA LEU M 75 32.04 -11.41 -32.42
C LEU M 75 30.95 -12.43 -32.68
N THR M 76 30.41 -13.00 -31.60
CA THR M 76 29.43 -14.07 -31.71
C THR M 76 28.02 -13.58 -31.41
N ILE M 77 27.11 -13.82 -32.36
CA ILE M 77 25.71 -13.47 -32.18
C ILE M 77 24.89 -14.73 -31.93
N THR M 78 24.52 -14.95 -30.67
CA THR M 78 23.76 -16.12 -30.29
C THR M 78 22.27 -15.82 -30.31
N GLY M 79 21.58 -16.30 -31.34
CA GLY M 79 20.17 -16.01 -31.53
C GLY M 79 20.01 -14.79 -32.42
N ALA M 80 20.46 -14.93 -33.66
CA ALA M 80 20.45 -13.83 -34.62
C ALA M 80 19.03 -13.34 -34.88
N GLN M 81 18.91 -12.03 -35.15
CA GLN M 81 17.61 -11.44 -35.43
C GLN M 81 17.58 -10.83 -36.82
N THR M 82 16.39 -10.45 -37.26
CA THR M 82 16.22 -9.87 -38.59
C THR M 82 16.95 -8.53 -38.70
N GLU M 83 16.91 -7.76 -37.62
CA GLU M 83 17.53 -6.44 -37.59
C GLU M 83 19.04 -6.54 -37.36
N ASP M 84 19.54 -7.75 -37.18
CA ASP M 84 20.97 -7.96 -37.00
C ASP M 84 21.67 -8.09 -38.35
N GLU M 85 20.92 -7.87 -39.42
CA GLU M 85 21.49 -7.92 -40.77
C GLU M 85 22.09 -6.58 -41.13
N ALA M 86 23.42 -6.51 -41.08
CA ALA M 86 24.14 -5.29 -41.39
C ALA M 86 25.62 -5.58 -41.67
N ILE M 87 26.42 -4.52 -41.73
CA ILE M 87 27.85 -4.66 -41.91
C ILE M 87 28.57 -4.45 -40.58
N TYR M 88 29.40 -5.40 -40.20
CA TYR M 88 30.09 -5.34 -38.92
C TYR M 88 31.58 -5.09 -39.09
N PHE M 89 32.05 -3.97 -38.58
CA PHE M 89 33.47 -3.63 -38.65
C PHE M 89 34.18 -3.93 -37.35
N CYS M 90 35.37 -4.51 -37.44
CA CYS M 90 36.20 -4.70 -36.27
C CYS M 90 37.42 -3.78 -36.34
N ALA M 91 37.72 -3.14 -35.23
CA ALA M 91 38.86 -2.24 -35.14
C ALA M 91 39.83 -2.74 -34.08
N LEU M 92 41.11 -2.72 -34.41
CA LEU M 92 42.14 -3.16 -33.48
C LEU M 92 43.03 -2.00 -33.08
N TRP M 93 43.45 -2.01 -31.82
CA TRP M 93 44.30 -0.94 -31.29
C TRP M 93 45.77 -1.33 -31.33
N TYR M 94 46.50 -0.72 -32.24
CA TYR M 94 47.94 -0.82 -32.25
C TYR M 94 48.41 0.37 -31.44
N SER M 95 49.49 0.20 -30.68
CA SER M 95 50.05 1.28 -29.88
C SER M 95 50.10 2.60 -30.64
N ASN M 96 49.25 3.55 -30.24
CA ASN M 96 49.14 4.89 -30.86
C ASN M 96 48.32 4.84 -32.17
N HIS M 97 47.58 3.76 -32.37
CA HIS M 97 46.87 3.57 -33.63
C HIS M 97 45.50 2.89 -33.54
N TRP M 98 44.71 3.01 -34.60
CA TRP M 98 43.50 2.20 -34.80
C TRP M 98 43.50 1.73 -36.23
N VAL M 99 43.03 0.51 -36.46
CA VAL M 99 42.90 -0.01 -37.82
C VAL M 99 41.59 -0.77 -37.97
N PHE M 100 40.75 -0.33 -38.88
CA PHE M 100 39.50 -1.02 -39.14
C PHE M 100 39.74 -2.14 -40.15
N GLY M 101 38.82 -3.09 -40.22
CA GLY M 101 38.93 -4.18 -41.17
C GLY M 101 38.04 -3.94 -42.38
N GLY M 102 38.03 -4.90 -43.29
CA GLY M 102 37.24 -4.79 -44.50
C GLY M 102 35.76 -4.78 -44.19
N GLY M 103 35.40 -5.39 -43.06
CA GLY M 103 34.02 -5.47 -42.66
C GLY M 103 33.35 -6.71 -43.22
N THR M 104 32.50 -7.34 -42.41
CA THR M 104 31.78 -8.53 -42.84
C THR M 104 30.32 -8.18 -43.09
N LYS M 105 29.81 -8.55 -44.26
CA LYS M 105 28.44 -8.28 -44.61
C LYS M 105 27.54 -9.42 -44.14
N LEU M 106 27.04 -9.31 -42.92
CA LEU M 106 26.21 -10.35 -42.33
C LEU M 106 24.79 -10.29 -42.87
N THR M 107 24.30 -11.42 -43.37
CA THR M 107 22.94 -11.50 -43.89
C THR M 107 22.08 -12.44 -43.05
N VAL M 108 21.02 -11.90 -42.47
CA VAL M 108 20.05 -12.72 -41.76
C VAL M 108 18.81 -12.91 -42.62
N LEU M 109 18.60 -14.15 -43.08
CA LEU M 109 17.54 -14.46 -44.02
C LEU M 109 16.15 -14.13 -43.48
N GLY M 110 15.56 -13.07 -44.01
CA GLY M 110 14.21 -12.68 -43.64
C GLY M 110 13.21 -13.10 -44.70
N GLN M 111 13.74 -13.59 -45.82
CA GLN M 111 12.93 -14.08 -46.93
C GLN M 111 13.75 -15.03 -47.79
N PRO M 112 13.08 -15.95 -48.50
CA PRO M 112 13.79 -16.97 -49.30
C PRO M 112 14.74 -16.37 -50.33
N LYS M 113 15.82 -17.09 -50.62
CA LYS M 113 16.84 -16.62 -51.55
C LYS M 113 16.28 -16.48 -52.96
N SER M 114 16.48 -15.31 -53.56
CA SER M 114 15.95 -15.02 -54.89
C SER M 114 17.06 -14.76 -55.90
N SER M 115 16.92 -15.36 -57.08
CA SER M 115 17.89 -15.18 -58.16
C SER M 115 17.78 -13.78 -58.74
N PRO M 116 18.91 -13.22 -59.19
CA PRO M 116 18.95 -11.84 -59.72
C PRO M 116 18.31 -11.71 -61.09
N SER M 117 17.55 -10.63 -61.28
CA SER M 117 16.95 -10.33 -62.58
C SER M 117 17.86 -9.41 -63.37
N VAL M 118 18.52 -9.97 -64.38
CA VAL M 118 19.52 -9.24 -65.15
C VAL M 118 19.01 -8.79 -66.52
N THR M 119 19.17 -7.50 -66.81
CA THR M 119 18.82 -6.97 -68.12
C THR M 119 19.95 -6.09 -68.66
N LEU M 120 20.38 -6.40 -69.88
CA LEU M 120 21.47 -5.64 -70.50
C LEU M 120 20.94 -4.72 -71.59
N PHE M 121 21.44 -3.48 -71.61
CA PHE M 121 20.99 -2.49 -72.56
C PHE M 121 22.13 -2.01 -73.47
N PRO M 122 21.88 -1.98 -74.79
CA PRO M 122 22.82 -1.50 -75.79
C PRO M 122 22.87 0.03 -75.85
N PRO M 123 23.97 0.60 -76.39
CA PRO M 123 24.12 2.06 -76.45
C PRO M 123 23.10 2.73 -77.37
N SER M 124 22.60 3.89 -76.96
CA SER M 124 21.63 4.63 -77.74
C SER M 124 22.27 5.27 -78.98
N SER M 125 21.45 5.54 -79.98
CA SER M 125 21.94 6.12 -81.23
C SER M 125 22.43 7.55 -81.04
N GLU M 126 21.81 8.26 -80.10
CA GLU M 126 22.20 9.63 -79.79
C GLU M 126 23.58 9.65 -79.16
N GLU M 127 23.86 8.65 -78.33
CA GLU M 127 25.11 8.59 -77.60
C GLU M 127 26.30 8.25 -78.51
N LEU M 128 26.03 7.46 -79.54
CA LEU M 128 27.08 7.03 -80.48
C LEU M 128 27.67 8.21 -81.24
N GLU M 129 26.92 9.29 -81.34
CA GLU M 129 27.39 10.49 -82.04
C GLU M 129 28.49 11.20 -81.24
N THR M 130 28.55 10.92 -79.95
CA THR M 130 29.54 11.55 -79.08
C THR M 130 30.82 10.72 -78.98
N ASN M 131 30.96 9.75 -79.89
CA ASN M 131 32.12 8.85 -79.93
C ASN M 131 32.33 8.10 -78.62
N LYS M 132 31.26 7.89 -77.87
CA LYS M 132 31.31 7.17 -76.61
C LYS M 132 30.15 6.19 -76.49
N ALA M 133 30.48 4.92 -76.26
CA ALA M 133 29.47 3.89 -76.08
C ALA M 133 29.44 3.41 -74.63
N THR M 134 28.24 3.23 -74.10
CA THR M 134 28.10 2.79 -72.71
C THR M 134 27.06 1.68 -72.57
N LEU M 135 27.53 0.49 -72.25
CA LEU M 135 26.65 -0.64 -71.96
C LEU M 135 26.23 -0.63 -70.50
N VAL M 136 24.96 -0.95 -70.24
CA VAL M 136 24.44 -0.92 -68.89
C VAL M 136 23.82 -2.24 -68.48
N CYS M 137 24.32 -2.82 -67.39
CA CYS M 137 23.83 -4.11 -66.90
C CYS M 137 23.18 -3.92 -65.54
N THR M 138 21.85 -3.91 -65.51
CA THR M 138 21.10 -3.68 -64.28
C THR M 138 20.82 -4.98 -63.53
N ILE M 139 21.26 -5.04 -62.28
CA ILE M 139 21.05 -6.22 -61.44
C ILE M 139 20.02 -5.90 -60.36
N THR M 140 18.82 -6.47 -60.49
CA THR M 140 17.73 -6.15 -59.58
C THR M 140 17.15 -7.37 -58.87
N ASP M 141 16.67 -7.16 -57.65
CA ASP M 141 15.95 -8.16 -56.87
C ASP M 141 16.75 -9.45 -56.65
N PHE M 142 17.81 -9.34 -55.85
CA PHE M 142 18.56 -10.52 -55.43
C PHE M 142 18.81 -10.48 -53.93
N TYR M 143 19.02 -11.65 -53.34
CA TYR M 143 19.16 -11.77 -51.90
C TYR M 143 19.88 -13.07 -51.55
N PRO M 144 20.96 -12.98 -50.75
CA PRO M 144 21.59 -11.81 -50.12
C PRO M 144 22.24 -10.84 -51.11
N GLY M 145 22.69 -9.69 -50.60
CA GLY M 145 23.27 -8.67 -51.45
C GLY M 145 24.73 -8.89 -51.79
N VAL M 146 25.02 -10.02 -52.43
CA VAL M 146 26.37 -10.33 -52.87
C VAL M 146 26.36 -10.88 -54.29
N VAL M 147 26.93 -10.12 -55.21
CA VAL M 147 26.99 -10.54 -56.62
C VAL M 147 28.37 -10.28 -57.21
N THR M 148 28.71 -11.04 -58.24
CA THR M 148 29.98 -10.88 -58.93
C THR M 148 29.75 -10.69 -60.43
N VAL M 149 29.90 -9.46 -60.90
CA VAL M 149 29.62 -9.13 -62.29
C VAL M 149 30.87 -9.20 -63.16
N ASP M 150 30.79 -9.96 -64.25
CA ASP M 150 31.88 -10.08 -65.20
C ASP M 150 31.41 -9.74 -66.62
N TRP M 151 32.29 -9.14 -67.41
CA TRP M 151 31.96 -8.78 -68.78
C TRP M 151 32.83 -9.54 -69.77
N LYS M 152 32.23 -9.95 -70.88
CA LYS M 152 32.95 -10.71 -71.90
C LYS M 152 32.64 -10.17 -73.30
N VAL M 153 33.70 -9.89 -74.05
CA VAL M 153 33.56 -9.37 -75.42
C VAL M 153 34.28 -10.28 -76.41
N ASP M 154 33.51 -10.80 -77.38
CA ASP M 154 34.04 -11.72 -78.39
C ASP M 154 34.70 -12.94 -77.77
N GLY M 155 34.14 -13.40 -76.65
CA GLY M 155 34.66 -14.57 -75.96
C GLY M 155 35.82 -14.25 -75.03
N THR M 156 36.07 -12.96 -74.82
CA THR M 156 37.16 -12.53 -73.97
C THR M 156 36.70 -11.63 -72.84
N PRO M 157 37.16 -11.91 -71.61
CA PRO M 157 36.85 -11.03 -70.48
C PRO M 157 37.63 -9.71 -70.58
N VAL M 158 36.94 -8.60 -70.37
CA VAL M 158 37.60 -7.30 -70.41
C VAL M 158 38.06 -6.89 -69.02
N THR M 159 39.35 -6.60 -68.89
CA THR M 159 39.93 -6.21 -67.62
C THR M 159 39.82 -4.72 -67.40
N GLN M 160 39.81 -3.96 -68.49
CA GLN M 160 39.75 -2.51 -68.43
C GLN M 160 38.43 -1.96 -68.97
N GLY M 161 37.90 -0.93 -68.31
CA GLY M 161 36.74 -0.23 -68.80
C GLY M 161 35.42 -0.62 -68.17
N MET M 162 35.47 -1.35 -67.05
CA MET M 162 34.26 -1.79 -66.39
C MET M 162 34.20 -1.32 -64.94
N GLU M 163 32.98 -1.10 -64.44
CA GLU M 163 32.77 -0.73 -63.06
C GLU M 163 31.35 -1.08 -62.60
N THR M 164 31.24 -1.61 -61.39
CA THR M 164 29.95 -2.04 -60.86
C THR M 164 29.68 -1.37 -59.52
N THR M 165 28.42 -0.97 -59.31
CA THR M 165 28.01 -0.34 -58.07
C THR M 165 27.98 -1.33 -56.91
N GLN M 166 27.98 -0.81 -55.69
CA GLN M 166 27.84 -1.65 -54.51
C GLN M 166 26.38 -2.01 -54.29
N PRO M 167 26.12 -3.27 -53.91
CA PRO M 167 24.75 -3.74 -53.66
C PRO M 167 24.02 -2.91 -52.60
N SER M 168 22.98 -2.20 -53.01
CA SER M 168 22.18 -1.40 -52.08
C SER M 168 20.80 -2.03 -51.89
N LYS M 169 20.28 -1.92 -50.67
CA LYS M 169 18.99 -2.54 -50.34
C LYS M 169 17.83 -1.78 -50.97
N GLN M 170 16.84 -2.53 -51.45
CA GLN M 170 15.64 -1.96 -52.05
C GLN M 170 14.58 -1.67 -50.99
N SER M 171 13.34 -1.53 -51.44
CA SER M 171 12.22 -1.32 -50.54
C SER M 171 11.69 -2.66 -50.01
N ASN M 172 11.82 -3.71 -50.81
CA ASN M 172 11.36 -5.03 -50.43
C ASN M 172 12.49 -5.90 -49.88
N ASN M 173 13.42 -5.27 -49.19
CA ASN M 173 14.54 -5.95 -48.51
C ASN M 173 15.49 -6.71 -49.43
N LYS M 174 15.20 -6.70 -50.73
CA LYS M 174 16.12 -7.27 -51.71
C LYS M 174 17.19 -6.23 -52.05
N TYR M 175 18.20 -6.64 -52.80
CA TYR M 175 19.30 -5.74 -53.11
C TYR M 175 19.40 -5.47 -54.61
N MET M 176 20.06 -4.36 -54.95
CA MET M 176 20.17 -3.94 -56.35
C MET M 176 21.58 -3.43 -56.66
N ALA M 177 22.00 -3.60 -57.90
CA ALA M 177 23.30 -3.14 -58.35
C ALA M 177 23.30 -2.90 -59.85
N SER M 178 24.20 -2.05 -60.32
CA SER M 178 24.32 -1.78 -61.75
C SER M 178 25.78 -1.82 -62.17
N SER M 179 26.02 -2.19 -63.43
CA SER M 179 27.37 -2.26 -63.95
C SER M 179 27.44 -1.57 -65.31
N TYR M 180 28.54 -0.88 -65.56
CA TYR M 180 28.71 -0.15 -66.81
C TYR M 180 29.92 -0.63 -67.58
N LEU M 181 29.82 -0.65 -68.90
CA LEU M 181 30.96 -0.96 -69.76
C LEU M 181 31.23 0.19 -70.72
N THR M 182 32.28 0.97 -70.43
CA THR M 182 32.60 2.15 -71.23
C THR M 182 33.47 1.80 -72.43
N LEU M 183 33.03 2.22 -73.61
CA LEU M 183 33.77 2.01 -74.84
C LEU M 183 33.67 3.20 -75.78
N THR M 184 34.58 3.28 -76.73
CA THR M 184 34.45 4.27 -77.80
C THR M 184 33.41 3.78 -78.79
N ALA M 185 32.76 4.71 -79.49
CA ALA M 185 31.70 4.34 -80.41
C ALA M 185 32.21 3.46 -81.55
N ARG M 186 33.44 3.72 -81.98
CA ARG M 186 34.05 2.95 -83.06
C ARG M 186 34.38 1.53 -82.60
N ALA M 187 34.60 1.37 -81.30
CA ALA M 187 34.89 0.06 -80.73
C ALA M 187 33.63 -0.80 -80.66
N TRP M 188 32.49 -0.15 -80.44
CA TRP M 188 31.21 -0.85 -80.37
C TRP M 188 30.80 -1.39 -81.73
N GLU M 189 31.32 -0.78 -82.79
CA GLU M 189 30.98 -1.17 -84.15
C GLU M 189 31.69 -2.45 -84.57
N ARG M 190 32.94 -2.61 -84.15
CA ARG M 190 33.78 -3.71 -84.63
C ARG M 190 33.49 -5.03 -83.92
N HIS M 191 33.18 -4.98 -82.63
CA HIS M 191 32.93 -6.19 -81.86
C HIS M 191 31.50 -6.67 -82.05
N SER M 192 31.35 -7.84 -82.66
CA SER M 192 30.03 -8.36 -83.01
C SER M 192 29.20 -8.73 -81.78
N SER M 193 29.82 -9.35 -80.79
CA SER M 193 29.08 -9.87 -79.64
C SER M 193 29.51 -9.27 -78.31
N TYR M 194 28.54 -8.98 -77.45
CA TYR M 194 28.79 -8.48 -76.11
C TYR M 194 28.01 -9.31 -75.08
N SER M 195 28.58 -9.50 -73.91
CA SER M 195 27.96 -10.33 -72.88
C SER M 195 28.15 -9.80 -71.47
N CYS M 196 27.11 -9.93 -70.66
CA CYS M 196 27.16 -9.55 -69.25
C CYS M 196 26.88 -10.79 -68.39
N GLN M 197 27.83 -11.16 -67.55
CA GLN M 197 27.73 -12.37 -66.75
C GLN M 197 27.66 -12.07 -65.26
N VAL M 198 26.56 -12.45 -64.63
CA VAL M 198 26.33 -12.17 -63.21
C VAL M 198 26.24 -13.46 -62.38
N THR M 199 26.92 -13.46 -61.24
CA THR M 199 26.94 -14.63 -60.37
C THR M 199 26.39 -14.33 -58.99
N HIS M 200 25.38 -15.11 -58.58
CA HIS M 200 24.76 -14.95 -57.27
C HIS M 200 24.50 -16.30 -56.61
N GLU M 201 25.07 -16.49 -55.42
CA GLU M 201 24.93 -17.73 -54.66
C GLU M 201 25.36 -18.96 -55.46
N GLY M 202 26.49 -18.84 -56.15
CA GLY M 202 27.06 -19.97 -56.87
C GLY M 202 26.41 -20.29 -58.19
N HIS M 203 25.41 -19.48 -58.58
CA HIS M 203 24.74 -19.67 -59.86
C HIS M 203 24.98 -18.49 -60.78
N THR M 204 24.95 -18.73 -62.08
CA THR M 204 25.33 -17.71 -63.06
C THR M 204 24.21 -17.36 -64.04
N VAL M 205 23.86 -16.07 -64.09
CA VAL M 205 22.89 -15.56 -65.06
C VAL M 205 23.61 -14.83 -66.18
N GLU M 206 23.25 -15.13 -67.43
CA GLU M 206 23.93 -14.52 -68.57
C GLU M 206 22.97 -13.77 -69.49
N LYS M 207 23.40 -12.59 -69.91
CA LYS M 207 22.64 -11.78 -70.87
C LYS M 207 23.58 -11.26 -71.95
N SER M 208 23.17 -11.43 -73.22
CA SER M 208 24.03 -11.05 -74.33
C SER M 208 23.27 -10.33 -75.44
N LEU M 209 24.02 -9.68 -76.33
CA LEU M 209 23.45 -9.02 -77.50
C LEU M 209 24.50 -8.92 -78.60
N SER M 210 24.06 -8.66 -79.83
CA SER M 210 24.97 -8.68 -80.97
C SER M 210 24.64 -7.65 -82.05
N ARG M 211 25.30 -6.49 -81.98
CA ARG M 211 25.16 -5.45 -83.00
C ARG M 211 26.48 -4.69 -83.18
N SER N 1 -101.42 -24.48 -8.05
CA SER N 1 -101.32 -25.91 -7.80
C SER N 1 -100.00 -26.28 -7.13
N ASP N 2 -98.91 -26.10 -7.85
CA ASP N 2 -97.58 -26.38 -7.32
C ASP N 2 -97.25 -25.50 -6.11
N SER N 3 -97.53 -24.22 -6.23
CA SER N 3 -97.31 -23.30 -5.11
C SER N 3 -98.19 -23.66 -3.91
N LYS N 4 -99.36 -24.23 -4.17
CA LYS N 4 -100.26 -24.67 -3.10
C LYS N 4 -99.70 -25.90 -2.40
N ILE N 5 -99.00 -26.74 -3.16
CA ILE N 5 -98.42 -27.96 -2.62
C ILE N 5 -97.20 -27.62 -1.78
N LEU N 6 -96.32 -26.79 -2.33
CA LEU N 6 -95.13 -26.35 -1.62
C LEU N 6 -95.50 -25.66 -0.32
N ALA N 7 -96.58 -24.89 -0.37
CA ALA N 7 -97.10 -24.22 0.82
C ALA N 7 -97.56 -25.25 1.84
N HIS N 8 -98.24 -26.27 1.35
CA HIS N 8 -98.77 -27.35 2.19
C HIS N 8 -97.68 -28.14 2.90
N LEU N 9 -96.52 -28.27 2.28
CA LEU N 9 -95.43 -29.03 2.87
C LEU N 9 -94.75 -28.29 4.03
N PHE N 10 -94.42 -27.01 3.79
CA PHE N 10 -93.66 -26.21 4.75
C PHE N 10 -94.49 -25.28 5.60
N THR N 11 -95.80 -25.34 5.50
CA THR N 11 -96.57 -24.60 6.45
C THR N 11 -96.56 -25.55 7.62
N SER N 12 -96.71 -26.84 7.32
CA SER N 12 -96.68 -27.87 8.34
C SER N 12 -95.29 -28.03 8.93
N GLY N 13 -95.20 -28.68 10.08
CA GLY N 13 -93.96 -28.83 10.80
C GLY N 13 -92.93 -29.64 10.03
N TYR N 14 -91.73 -29.09 9.94
CA TYR N 14 -90.62 -29.69 9.20
C TYR N 14 -89.29 -29.09 9.62
N ASP N 15 -88.25 -29.93 9.69
CA ASP N 15 -86.93 -29.47 10.07
C ASP N 15 -85.86 -29.97 9.10
N PHE N 16 -85.30 -29.05 8.32
CA PHE N 16 -84.28 -29.38 7.33
C PHE N 16 -82.95 -29.72 7.97
N ARG N 17 -82.81 -29.46 9.27
CA ARG N 17 -81.58 -29.79 9.97
C ARG N 17 -81.58 -31.26 10.38
N VAL N 18 -82.73 -31.90 10.25
CA VAL N 18 -82.91 -33.26 10.73
C VAL N 18 -82.96 -34.30 9.62
N ARG N 19 -82.19 -35.36 9.80
CA ARG N 19 -82.15 -36.48 8.86
C ARG N 19 -83.55 -37.07 8.71
N PRO N 20 -83.92 -37.44 7.47
CA PRO N 20 -85.22 -38.06 7.18
C PRO N 20 -85.41 -39.38 7.91
N PRO N 21 -86.66 -39.68 8.33
CA PRO N 21 -86.97 -40.91 9.05
C PRO N 21 -86.69 -42.15 8.21
N THR N 22 -86.40 -43.26 8.88
CA THR N 22 -86.16 -44.53 8.20
C THR N 22 -87.10 -45.60 8.75
N ASP N 23 -87.50 -46.54 7.90
CA ASP N 23 -88.46 -47.57 8.27
C ASP N 23 -87.98 -48.43 9.43
N ASN N 24 -86.67 -48.64 9.51
CA ASN N 24 -86.10 -49.47 10.57
C ASN N 24 -84.93 -48.82 11.28
N GLY N 25 -84.88 -47.49 11.24
CA GLY N 25 -83.84 -46.74 11.93
C GLY N 25 -82.51 -46.80 11.22
N GLY N 26 -82.50 -47.39 10.03
CA GLY N 26 -81.29 -47.52 9.24
C GLY N 26 -80.81 -46.19 8.68
N PRO N 27 -79.75 -46.24 7.85
CA PRO N 27 -79.21 -45.02 7.23
C PRO N 27 -79.99 -44.60 6.00
N VAL N 28 -79.87 -43.33 5.62
CA VAL N 28 -80.50 -42.82 4.41
C VAL N 28 -79.73 -43.24 3.17
N VAL N 29 -80.41 -43.92 2.26
CA VAL N 29 -79.77 -44.40 1.04
C VAL N 29 -79.88 -43.37 -0.08
N VAL N 30 -78.74 -42.80 -0.46
CA VAL N 30 -78.69 -41.78 -1.50
C VAL N 30 -78.19 -42.37 -2.82
N SER N 31 -79.06 -42.41 -3.81
CA SER N 31 -78.68 -42.91 -5.13
C SER N 31 -78.03 -41.79 -5.92
N VAL N 32 -76.83 -42.04 -6.44
CA VAL N 32 -76.05 -41.00 -7.07
C VAL N 32 -75.82 -41.24 -8.56
N ASN N 33 -76.18 -40.24 -9.36
CA ASN N 33 -75.91 -40.26 -10.78
C ASN N 33 -74.96 -39.13 -11.14
N MET N 34 -74.02 -39.40 -12.02
CA MET N 34 -73.02 -38.39 -12.38
C MET N 34 -72.91 -38.23 -13.89
N LEU N 35 -72.96 -36.98 -14.34
CA LEU N 35 -72.84 -36.68 -15.76
C LEU N 35 -71.62 -35.80 -15.96
N LEU N 36 -70.66 -36.31 -16.74
CA LEU N 36 -69.41 -35.60 -16.98
C LEU N 36 -69.50 -34.81 -18.28
N ARG N 37 -69.31 -33.49 -18.18
CA ARG N 37 -69.47 -32.64 -19.35
C ARG N 37 -68.17 -32.45 -20.13
N THR N 38 -67.19 -31.84 -19.48
CA THR N 38 -65.90 -31.56 -20.10
C THR N 38 -64.74 -31.81 -19.14
N ILE N 39 -63.63 -32.30 -19.68
CA ILE N 39 -62.39 -32.40 -18.93
C ILE N 39 -61.29 -31.61 -19.61
N SER N 40 -60.65 -30.70 -18.89
CA SER N 40 -59.69 -29.80 -19.50
C SER N 40 -58.62 -29.34 -18.52
N LYS N 41 -57.54 -28.78 -19.08
CA LYS N 41 -56.52 -28.09 -18.31
C LYS N 41 -55.88 -29.03 -17.29
N ILE N 42 -55.64 -30.27 -17.74
CA ILE N 42 -54.91 -31.25 -16.95
C ILE N 42 -53.46 -30.82 -16.70
N ASP N 43 -53.04 -30.78 -15.44
CA ASP N 43 -51.70 -30.31 -15.12
C ASP N 43 -50.91 -31.43 -14.47
N VAL N 44 -49.75 -31.73 -15.05
CA VAL N 44 -48.88 -32.79 -14.58
C VAL N 44 -47.89 -32.29 -13.53
N VAL N 45 -47.67 -30.97 -13.52
CA VAL N 45 -46.75 -30.37 -12.56
C VAL N 45 -47.44 -30.26 -11.19
N ASN N 46 -48.68 -29.79 -11.19
CA ASN N 46 -49.43 -29.59 -9.96
C ASN N 46 -50.29 -30.80 -9.59
N MET N 47 -50.19 -31.86 -10.40
CA MET N 47 -50.92 -33.10 -10.17
C MET N 47 -52.41 -32.85 -9.97
N GLU N 48 -53.02 -32.19 -10.96
CA GLU N 48 -54.43 -31.86 -10.88
C GLU N 48 -55.05 -31.79 -12.27
N TYR N 49 -56.38 -31.85 -12.32
CA TYR N 49 -57.11 -31.69 -13.57
C TYR N 49 -58.46 -31.04 -13.31
N SER N 50 -58.92 -30.26 -14.28
CA SER N 50 -60.21 -29.58 -14.15
C SER N 50 -61.29 -30.38 -14.85
N ALA N 51 -62.43 -30.54 -14.18
CA ALA N 51 -63.54 -31.28 -14.74
C ALA N 51 -64.86 -30.60 -14.38
N GLN N 52 -65.72 -30.43 -15.38
CA GLN N 52 -67.04 -29.87 -15.16
C GLN N 52 -68.09 -30.97 -15.26
N LEU N 53 -69.00 -31.02 -14.29
CA LEU N 53 -69.93 -32.14 -14.22
C LEU N 53 -71.29 -31.77 -13.61
N THR N 54 -72.28 -32.61 -13.89
CA THR N 54 -73.61 -32.46 -13.30
C THR N 54 -73.85 -33.57 -12.29
N LEU N 55 -74.04 -33.19 -11.03
CA LEU N 55 -74.27 -34.17 -9.97
C LEU N 55 -75.75 -34.38 -9.70
N ARG N 56 -76.18 -35.64 -9.69
CA ARG N 56 -77.57 -35.97 -9.40
C ARG N 56 -77.69 -36.92 -8.22
N GLU N 57 -78.31 -36.43 -7.14
CA GLU N 57 -78.54 -37.24 -5.95
C GLU N 57 -80.03 -37.54 -5.83
N SER N 58 -80.35 -38.66 -5.20
CA SER N 58 -81.74 -39.05 -5.03
C SER N 58 -81.95 -39.81 -3.71
N TRP N 59 -82.88 -39.32 -2.90
CA TRP N 59 -83.21 -39.97 -1.64
C TRP N 59 -84.70 -39.86 -1.35
N ILE N 60 -85.16 -40.55 -0.30
CA ILE N 60 -86.58 -40.54 0.05
C ILE N 60 -86.86 -39.81 1.36
N ASP N 61 -87.70 -38.79 1.29
CA ASP N 61 -88.11 -38.04 2.48
C ASP N 61 -89.63 -38.06 2.62
N LYS N 62 -90.14 -38.97 3.44
CA LYS N 62 -91.59 -39.14 3.63
C LYS N 62 -92.25 -37.90 4.24
N ARG N 63 -91.46 -37.01 4.83
CA ARG N 63 -91.98 -35.77 5.38
C ARG N 63 -92.45 -34.86 4.24
N LEU N 64 -91.84 -35.03 3.07
CA LEU N 64 -92.14 -34.23 1.89
C LEU N 64 -93.16 -34.93 1.02
N SER N 65 -93.64 -36.08 1.47
CA SER N 65 -94.59 -36.89 0.71
C SER N 65 -95.96 -36.25 0.67
N TYR N 66 -96.42 -35.92 -0.52
CA TYR N 66 -97.71 -35.27 -0.69
C TYR N 66 -98.72 -36.13 -1.44
N GLY N 67 -98.26 -37.17 -2.13
CA GLY N 67 -99.17 -37.91 -2.99
C GLY N 67 -98.97 -39.38 -3.30
N VAL N 68 -100.00 -39.95 -3.92
CA VAL N 68 -100.06 -41.34 -4.33
C VAL N 68 -99.80 -41.44 -5.84
N LYS N 69 -99.49 -42.62 -6.34
CA LYS N 69 -99.25 -42.79 -7.78
C LYS N 69 -100.48 -42.39 -8.62
N GLY N 70 -101.68 -42.71 -8.16
CA GLY N 70 -102.90 -42.34 -8.86
C GLY N 70 -103.70 -41.17 -8.29
N ASP N 71 -103.07 -40.00 -8.15
CA ASP N 71 -103.77 -38.83 -7.59
C ASP N 71 -103.82 -37.61 -8.51
N GLY N 72 -104.75 -36.70 -8.19
CA GLY N 72 -104.88 -35.44 -8.90
C GLY N 72 -103.72 -34.49 -8.67
N GLN N 73 -102.68 -35.00 -8.01
CA GLN N 73 -101.48 -34.21 -7.77
C GLN N 73 -100.41 -34.62 -8.79
N PRO N 74 -99.60 -33.66 -9.25
CA PRO N 74 -98.54 -33.97 -10.22
C PRO N 74 -97.46 -34.89 -9.65
N ASP N 75 -96.99 -35.85 -10.44
CA ASP N 75 -95.97 -36.82 -10.01
C ASP N 75 -94.82 -36.13 -9.29
N PHE N 76 -94.35 -35.01 -9.84
CA PHE N 76 -93.27 -34.25 -9.22
C PHE N 76 -93.58 -32.76 -9.17
N VAL N 77 -93.01 -32.09 -8.16
CA VAL N 77 -93.15 -30.65 -8.02
C VAL N 77 -91.76 -30.00 -7.90
N ILE N 78 -91.51 -28.96 -8.68
CA ILE N 78 -90.24 -28.24 -8.61
C ILE N 78 -90.21 -27.32 -7.40
N LEU N 79 -89.21 -27.50 -6.54
CA LEU N 79 -89.07 -26.71 -5.34
C LEU N 79 -88.67 -25.27 -5.65
N THR N 80 -89.49 -24.31 -5.23
CA THR N 80 -89.23 -22.90 -5.47
C THR N 80 -88.33 -22.30 -4.40
N VAL N 81 -87.94 -21.04 -4.60
CA VAL N 81 -87.04 -20.35 -3.69
C VAL N 81 -87.71 -20.03 -2.35
N GLY N 82 -86.90 -19.99 -1.29
CA GLY N 82 -87.39 -19.62 0.03
C GLY N 82 -87.77 -20.81 0.89
N HIS N 83 -87.59 -22.01 0.35
CA HIS N 83 -87.97 -23.22 1.07
C HIS N 83 -86.83 -24.25 1.11
N GLN N 84 -86.36 -24.58 2.30
CA GLN N 84 -85.25 -25.51 2.46
C GLN N 84 -85.68 -26.93 2.79
N ILE N 85 -85.05 -27.91 2.15
CA ILE N 85 -85.26 -29.32 2.49
C ILE N 85 -83.94 -29.89 2.98
N TRP N 86 -84.01 -30.94 3.80
CA TRP N 86 -82.80 -31.64 4.20
C TRP N 86 -82.09 -32.18 2.97
N MET N 87 -80.79 -31.92 2.88
CA MET N 87 -79.97 -32.43 1.80
C MET N 87 -78.65 -32.98 2.34
N PRO N 88 -78.15 -34.07 1.73
CA PRO N 88 -76.87 -34.68 2.10
C PRO N 88 -75.70 -33.71 2.04
N ASP N 89 -74.91 -33.65 3.11
CA ASP N 89 -73.73 -32.79 3.16
C ASP N 89 -72.58 -33.36 2.33
N THR N 90 -72.88 -33.73 1.09
CA THR N 90 -71.92 -34.37 0.22
C THR N 90 -70.82 -33.41 -0.23
N PHE N 91 -69.60 -33.92 -0.36
CA PHE N 91 -68.48 -33.12 -0.84
C PHE N 91 -67.52 -33.96 -1.66
N PHE N 92 -66.43 -33.35 -2.11
CA PHE N 92 -65.45 -34.05 -2.93
C PHE N 92 -64.08 -34.07 -2.25
N PRO N 93 -63.76 -35.20 -1.59
CA PRO N 93 -62.53 -35.40 -0.79
C PRO N 93 -61.24 -34.98 -1.51
N ASN N 94 -61.13 -35.29 -2.81
CA ASN N 94 -59.91 -34.99 -3.53
C ASN N 94 -60.01 -33.72 -4.38
N GLU N 95 -60.98 -32.87 -4.05
CA GLU N 95 -61.11 -31.58 -4.72
C GLU N 95 -60.23 -30.53 -4.09
N LYS N 96 -59.45 -29.82 -4.92
CA LYS N 96 -58.58 -28.77 -4.44
C LYS N 96 -59.26 -27.42 -4.57
N GLN N 97 -60.08 -27.29 -5.61
CA GLN N 97 -60.85 -26.09 -5.88
C GLN N 97 -62.16 -26.49 -6.52
N ALA N 98 -63.24 -25.78 -6.17
CA ALA N 98 -64.55 -26.09 -6.73
C ALA N 98 -65.50 -24.91 -6.68
N TYR N 99 -66.28 -24.73 -7.73
CA TYR N 99 -67.21 -23.62 -7.82
C TYR N 99 -68.59 -24.08 -8.28
N LYS N 100 -69.63 -23.40 -7.81
CA LYS N 100 -70.96 -23.58 -8.38
C LYS N 100 -71.28 -22.43 -9.33
N HIS N 101 -72.20 -22.68 -10.25
CA HIS N 101 -72.56 -21.69 -11.26
C HIS N 101 -73.78 -20.90 -10.83
N THR N 102 -73.63 -19.58 -10.75
CA THR N 102 -74.68 -18.71 -10.23
C THR N 102 -75.15 -17.68 -11.25
N ILE N 103 -74.79 -17.88 -12.52
CA ILE N 103 -75.13 -16.92 -13.56
C ILE N 103 -76.65 -16.84 -13.77
N ASP N 104 -77.17 -15.62 -13.75
CA ASP N 104 -78.61 -15.36 -13.60
C ASP N 104 -79.13 -16.10 -12.37
N LYS N 105 -80.13 -16.97 -12.55
CA LYS N 105 -80.56 -17.85 -11.47
C LYS N 105 -79.54 -18.98 -11.28
N PRO N 106 -79.36 -19.41 -10.02
CA PRO N 106 -78.40 -20.47 -9.72
C PRO N 106 -78.79 -21.80 -10.38
N ASN N 107 -77.78 -22.59 -10.74
CA ASN N 107 -78.01 -23.81 -11.51
C ASN N 107 -78.22 -25.02 -10.61
N VAL N 108 -79.30 -24.98 -9.84
CA VAL N 108 -79.71 -26.13 -9.04
C VAL N 108 -81.14 -26.51 -9.39
N LEU N 109 -81.47 -27.79 -9.24
CA LEU N 109 -82.81 -28.27 -9.51
C LEU N 109 -83.23 -29.30 -8.49
N ILE N 110 -84.35 -29.04 -7.82
CA ILE N 110 -84.86 -29.98 -6.83
C ILE N 110 -86.29 -30.38 -7.15
N ARG N 111 -86.48 -31.68 -7.35
CA ARG N 111 -87.81 -32.22 -7.61
C ARG N 111 -88.27 -33.04 -6.42
N ILE N 112 -89.48 -32.77 -5.96
CA ILE N 112 -90.05 -33.55 -4.87
C ILE N 112 -91.19 -34.42 -5.42
N HIS N 113 -90.92 -35.72 -5.54
CA HIS N 113 -91.94 -36.65 -6.02
C HIS N 113 -93.03 -36.83 -4.99
N ASN N 114 -94.15 -37.40 -5.43
CA ASN N 114 -95.31 -37.59 -4.56
C ASN N 114 -95.06 -38.59 -3.43
N ASP N 115 -94.31 -39.65 -3.71
CA ASP N 115 -94.03 -40.68 -2.71
C ASP N 115 -93.02 -40.20 -1.66
N GLY N 116 -92.36 -39.09 -1.95
CA GLY N 116 -91.37 -38.53 -1.04
C GLY N 116 -89.95 -38.62 -1.58
N THR N 117 -89.80 -39.20 -2.75
CA THR N 117 -88.49 -39.32 -3.37
C THR N 117 -88.02 -37.95 -3.86
N VAL N 118 -86.79 -37.59 -3.48
CA VAL N 118 -86.23 -36.30 -3.86
C VAL N 118 -85.18 -36.45 -4.96
N LEU N 119 -85.28 -35.62 -5.99
CA LEU N 119 -84.25 -35.57 -7.03
C LEU N 119 -83.49 -34.25 -6.96
N TYR N 120 -82.18 -34.34 -6.81
CA TYR N 120 -81.33 -33.16 -6.69
C TYR N 120 -80.28 -33.09 -7.80
N SER N 121 -80.34 -32.01 -8.58
CA SER N 121 -79.40 -31.82 -9.70
C SER N 121 -78.64 -30.50 -9.54
N VAL N 122 -77.34 -30.53 -9.83
CA VAL N 122 -76.48 -29.36 -9.65
C VAL N 122 -75.28 -29.37 -10.61
N ARG N 123 -75.00 -28.21 -11.20
CA ARG N 123 -73.81 -28.06 -12.02
C ARG N 123 -72.63 -27.61 -11.18
N ILE N 124 -71.51 -28.33 -11.29
CA ILE N 124 -70.33 -28.04 -10.48
C ILE N 124 -69.06 -28.01 -11.34
N SER N 125 -68.18 -27.04 -11.05
CA SER N 125 -66.87 -26.98 -11.71
C SER N 125 -65.78 -27.38 -10.73
N LEU N 126 -65.15 -28.52 -10.97
CA LEU N 126 -64.13 -29.04 -10.07
C LEU N 126 -62.71 -28.86 -10.58
N VAL N 127 -61.76 -28.80 -9.65
CA VAL N 127 -60.34 -28.91 -9.95
C VAL N 127 -59.78 -29.98 -9.05
N LEU N 128 -59.82 -31.22 -9.51
CA LEU N 128 -59.48 -32.37 -8.68
C LEU N 128 -58.00 -32.73 -8.76
N SER N 129 -57.46 -33.24 -7.66
CA SER N 129 -56.07 -33.67 -7.64
C SER N 129 -55.93 -35.05 -8.23
N CYS N 130 -54.92 -35.24 -9.07
CA CYS N 130 -54.66 -36.53 -9.69
C CYS N 130 -53.17 -36.74 -9.84
N PRO N 131 -52.57 -37.40 -8.84
CA PRO N 131 -51.13 -37.70 -8.86
C PRO N 131 -50.76 -38.54 -10.07
N MET N 132 -49.85 -38.01 -10.90
CA MET N 132 -49.46 -38.69 -12.12
C MET N 132 -47.99 -39.06 -12.13
N TYR N 133 -47.65 -40.09 -12.88
CA TYR N 133 -46.30 -40.61 -12.91
C TYR N 133 -45.84 -40.77 -14.36
N LEU N 134 -44.69 -40.19 -14.69
CA LEU N 134 -44.25 -40.14 -16.08
C LEU N 134 -42.97 -40.92 -16.32
N GLN N 135 -42.77 -42.00 -15.56
CA GLN N 135 -41.60 -42.85 -15.75
C GLN N 135 -41.61 -43.49 -17.14
N TYR N 136 -42.81 -43.74 -17.66
CA TYR N 136 -42.92 -44.32 -18.98
C TYR N 136 -43.32 -43.25 -20.00
N TYR N 137 -42.53 -42.19 -20.10
CA TYR N 137 -42.83 -41.13 -21.05
C TYR N 137 -42.33 -41.51 -22.43
N PRO N 138 -43.18 -41.35 -23.46
CA PRO N 138 -44.55 -40.87 -23.35
C PRO N 138 -45.63 -41.96 -23.44
N MET N 139 -45.24 -43.22 -23.55
CA MET N 139 -46.22 -44.31 -23.59
C MET N 139 -46.67 -44.67 -22.19
N ASP N 140 -47.34 -43.74 -21.53
CA ASP N 140 -47.77 -44.03 -20.19
C ASP N 140 -49.28 -44.00 -20.08
N VAL N 141 -49.77 -44.33 -18.90
CA VAL N 141 -51.20 -44.34 -18.63
C VAL N 141 -51.47 -43.73 -17.27
N GLN N 142 -52.49 -42.88 -17.21
CA GLN N 142 -52.85 -42.20 -15.98
C GLN N 142 -54.29 -42.55 -15.60
N GLN N 143 -54.55 -42.60 -14.30
CA GLN N 143 -55.91 -42.81 -13.82
C GLN N 143 -56.31 -41.73 -12.82
N CYS N 144 -57.32 -40.95 -13.20
CA CYS N 144 -57.82 -39.88 -12.35
C CYS N 144 -59.19 -40.22 -11.80
N SER N 145 -59.50 -39.73 -10.61
CA SER N 145 -60.73 -40.11 -9.94
C SER N 145 -61.51 -38.90 -9.43
N ILE N 146 -62.79 -39.12 -9.16
CA ILE N 146 -63.64 -38.11 -8.52
C ILE N 146 -64.31 -38.72 -7.30
N ASP N 147 -63.70 -38.53 -6.13
CA ASP N 147 -64.24 -39.07 -4.89
C ASP N 147 -65.44 -38.26 -4.43
N LEU N 148 -66.40 -38.95 -3.83
CA LEU N 148 -67.65 -38.32 -3.40
C LEU N 148 -68.15 -38.95 -2.10
N ALA N 149 -68.32 -38.14 -1.07
CA ALA N 149 -68.74 -38.64 0.23
C ALA N 149 -69.42 -37.56 1.08
N SER N 150 -69.97 -37.98 2.21
CA SER N 150 -70.55 -37.04 3.17
C SER N 150 -69.49 -36.63 4.19
N TYR N 151 -69.62 -35.42 4.74
CA TYR N 151 -68.59 -34.91 5.64
C TYR N 151 -68.90 -35.18 7.11
N ALA N 152 -70.14 -34.93 7.52
CA ALA N 152 -70.52 -35.04 8.92
C ALA N 152 -71.18 -36.38 9.25
N TYR N 153 -72.11 -36.79 8.41
CA TYR N 153 -72.89 -38.01 8.67
C TYR N 153 -72.09 -39.28 8.38
N THR N 154 -72.11 -40.21 9.33
CA THR N 154 -71.38 -41.47 9.19
C THR N 154 -72.18 -42.49 8.40
N THR N 155 -71.73 -43.74 8.45
CA THR N 155 -72.39 -44.82 7.73
C THR N 155 -73.74 -45.18 8.33
N LYS N 156 -73.95 -44.80 9.59
CA LYS N 156 -75.19 -45.12 10.29
C LYS N 156 -76.31 -44.18 9.87
N ASP N 157 -75.95 -43.03 9.31
CA ASP N 157 -76.93 -42.02 8.95
C ASP N 157 -77.13 -41.91 7.44
N ILE N 158 -76.03 -41.99 6.68
CA ILE N 158 -76.12 -41.84 5.24
C ILE N 158 -75.27 -42.89 4.50
N GLU N 159 -75.78 -43.38 3.39
CA GLU N 159 -75.09 -44.39 2.61
C GLU N 159 -75.23 -44.09 1.12
N TYR N 160 -74.10 -43.99 0.43
CA TYR N 160 -74.10 -43.65 -0.99
C TYR N 160 -74.08 -44.89 -1.86
N LEU N 161 -74.87 -44.87 -2.92
CA LEU N 161 -74.93 -45.97 -3.88
C LEU N 161 -75.04 -45.44 -5.30
N TRP N 162 -74.24 -46.01 -6.20
CA TRP N 162 -74.33 -45.68 -7.62
C TRP N 162 -75.68 -46.14 -8.16
N LYS N 163 -76.28 -45.33 -9.02
CA LYS N 163 -77.54 -45.69 -9.67
C LYS N 163 -77.34 -46.98 -10.47
N GLU N 164 -78.37 -47.83 -10.49
CA GLU N 164 -78.23 -49.16 -11.09
C GLU N 164 -77.95 -49.13 -12.59
N HIS N 165 -78.61 -48.24 -13.31
CA HIS N 165 -78.43 -48.14 -14.75
C HIS N 165 -77.73 -46.85 -15.17
N SER N 166 -76.60 -47.03 -15.87
CA SER N 166 -75.77 -45.91 -16.33
C SER N 166 -75.43 -44.92 -15.22
N PRO N 167 -74.52 -45.31 -14.31
CA PRO N 167 -74.14 -44.44 -13.20
C PRO N 167 -73.34 -43.23 -13.67
N LEU N 168 -72.53 -43.43 -14.71
CA LEU N 168 -71.71 -42.36 -15.26
C LEU N 168 -72.08 -42.13 -16.72
N GLN N 169 -72.33 -40.86 -17.06
CA GLN N 169 -72.69 -40.51 -18.44
C GLN N 169 -71.77 -39.43 -18.98
N LEU N 170 -70.99 -39.79 -19.99
CA LEU N 170 -70.08 -38.86 -20.66
C LEU N 170 -70.80 -38.05 -21.75
N LYS N 171 -70.26 -36.87 -22.06
CA LYS N 171 -70.82 -36.05 -23.13
C LYS N 171 -70.39 -36.64 -24.48
N VAL N 172 -71.13 -36.28 -25.52
CA VAL N 172 -70.96 -36.84 -26.86
C VAL N 172 -69.51 -36.89 -27.36
N GLY N 173 -68.82 -35.76 -27.29
CA GLY N 173 -67.46 -35.69 -27.80
C GLY N 173 -66.41 -35.40 -26.76
N LEU N 174 -66.35 -36.25 -25.73
CA LEU N 174 -65.44 -36.05 -24.61
C LEU N 174 -64.04 -36.62 -24.89
N SER N 175 -64.00 -37.75 -25.58
CA SER N 175 -62.75 -38.44 -25.86
C SER N 175 -61.80 -37.60 -26.72
N SER N 176 -62.35 -36.74 -27.55
CA SER N 176 -61.55 -35.89 -28.43
C SER N 176 -61.20 -34.57 -27.76
N SER N 177 -61.88 -34.27 -26.65
CA SER N 177 -61.67 -33.01 -25.93
C SER N 177 -60.25 -32.87 -25.40
N LEU N 178 -59.65 -34.00 -25.03
CA LEU N 178 -58.29 -33.99 -24.49
C LEU N 178 -57.26 -34.01 -25.62
N PRO N 179 -56.36 -33.01 -25.65
CA PRO N 179 -55.32 -32.93 -26.67
C PRO N 179 -54.23 -33.97 -26.48
N SER N 180 -53.78 -34.15 -25.24
CA SER N 180 -52.67 -35.02 -24.94
C SER N 180 -53.07 -36.49 -24.79
N PHE N 181 -54.25 -36.73 -24.24
CA PHE N 181 -54.65 -38.08 -23.86
C PHE N 181 -55.83 -38.63 -24.66
N GLN N 182 -56.09 -39.91 -24.46
CA GLN N 182 -57.23 -40.58 -25.05
C GLN N 182 -58.03 -41.28 -23.96
N LEU N 183 -59.25 -40.80 -23.73
CA LEU N 183 -60.08 -41.42 -22.70
C LEU N 183 -60.52 -42.78 -23.20
N THR N 184 -59.98 -43.83 -22.59
CA THR N 184 -60.24 -45.19 -23.04
C THR N 184 -61.27 -45.93 -22.20
N ASN N 185 -61.24 -45.73 -20.90
CA ASN N 185 -62.11 -46.50 -20.02
C ASN N 185 -62.63 -45.68 -18.86
N THR N 186 -63.89 -45.90 -18.49
CA THR N 186 -64.46 -45.27 -17.30
C THR N 186 -65.03 -46.32 -16.34
N SER N 187 -64.87 -46.08 -15.04
CA SER N 187 -65.35 -47.03 -14.04
C SER N 187 -65.97 -46.32 -12.84
N THR N 188 -67.01 -46.93 -12.29
CA THR N 188 -67.65 -46.42 -11.08
C THR N 188 -67.51 -47.44 -9.95
N THR N 189 -66.75 -47.05 -8.92
CA THR N 189 -66.48 -47.96 -7.81
C THR N 189 -66.75 -47.28 -6.47
N TYR N 190 -66.61 -48.04 -5.39
CA TYR N 190 -66.83 -47.53 -4.05
C TYR N 190 -65.49 -47.34 -3.33
N CYS N 191 -65.38 -46.27 -2.56
CA CYS N 191 -64.14 -45.96 -1.86
C CYS N 191 -64.38 -45.68 -0.38
N THR N 192 -65.38 -46.34 0.19
CA THR N 192 -65.70 -46.19 1.61
C THR N 192 -64.50 -46.55 2.48
N SER N 193 -64.12 -45.64 3.36
CA SER N 193 -62.95 -45.86 4.21
C SER N 193 -63.27 -45.59 5.68
N VAL N 194 -62.49 -46.20 6.56
CA VAL N 194 -62.67 -46.01 8.01
C VAL N 194 -61.64 -45.01 8.54
N THR N 195 -62.13 -43.91 9.09
CA THR N 195 -61.26 -42.85 9.61
C THR N 195 -61.36 -42.73 11.12
N ASN N 196 -60.57 -41.83 11.69
CA ASN N 196 -60.53 -41.65 13.14
C ASN N 196 -61.82 -41.06 13.70
N THR N 197 -62.61 -40.46 12.82
CA THR N 197 -63.88 -39.86 13.23
C THR N 197 -65.05 -40.80 12.94
N GLY N 198 -64.80 -41.84 12.15
CA GLY N 198 -65.83 -42.83 11.87
C GLY N 198 -65.72 -43.46 10.49
N ILE N 199 -66.72 -44.26 10.13
CA ILE N 199 -66.76 -44.93 8.84
C ILE N 199 -67.69 -44.17 7.88
N TYR N 200 -67.11 -43.59 6.84
CA TYR N 200 -67.86 -42.75 5.91
C TYR N 200 -68.04 -43.41 4.55
N SER N 201 -69.29 -43.48 4.09
CA SER N 201 -69.58 -44.03 2.77
C SER N 201 -69.05 -43.09 1.69
N CYS N 202 -68.48 -43.66 0.63
CA CYS N 202 -67.86 -42.86 -0.41
C CYS N 202 -67.93 -43.50 -1.79
N LEU N 203 -68.14 -42.67 -2.81
CA LEU N 203 -68.15 -43.13 -4.20
C LEU N 203 -66.93 -42.63 -4.95
N ARG N 204 -66.51 -43.36 -5.97
CA ARG N 204 -65.37 -42.95 -6.78
C ARG N 204 -65.55 -43.34 -8.24
N THR N 205 -65.72 -42.34 -9.10
CA THR N 205 -65.69 -42.57 -10.53
C THR N 205 -64.26 -42.36 -11.01
N THR N 206 -63.76 -43.29 -11.83
CA THR N 206 -62.36 -43.24 -12.25
C THR N 206 -62.24 -43.23 -13.77
N ILE N 207 -61.40 -42.32 -14.28
CA ILE N 207 -61.13 -42.25 -15.71
C ILE N 207 -59.68 -42.64 -15.99
N GLN N 208 -59.47 -43.40 -17.06
CA GLN N 208 -58.13 -43.83 -17.42
C GLN N 208 -57.66 -43.13 -18.69
N LEU N 209 -56.50 -42.50 -18.62
CA LEU N 209 -55.99 -41.71 -19.74
C LEU N 209 -54.73 -42.32 -20.32
N LYS N 210 -54.76 -42.65 -21.61
CA LYS N 210 -53.56 -43.09 -22.30
C LYS N 210 -53.10 -42.00 -23.27
N ARG N 211 -51.79 -41.78 -23.34
CA ARG N 211 -51.25 -40.73 -24.19
C ARG N 211 -51.10 -41.20 -25.64
N GLU N 212 -51.25 -40.28 -26.58
CA GLU N 212 -51.13 -40.59 -28.00
C GLU N 212 -49.69 -40.84 -28.42
N PHE N 213 -49.40 -42.09 -28.73
CA PHE N 213 -48.04 -42.50 -29.07
C PHE N 213 -47.63 -42.21 -30.51
N SER N 214 -48.61 -42.08 -31.38
CA SER N 214 -48.37 -41.94 -32.82
C SER N 214 -47.50 -40.73 -33.15
N PHE N 215 -47.67 -39.66 -32.40
CA PHE N 215 -46.93 -38.43 -32.61
C PHE N 215 -45.45 -38.63 -32.38
N TYR N 216 -45.13 -39.05 -31.16
CA TYR N 216 -43.78 -39.29 -30.67
C TYR N 216 -43.05 -40.30 -31.56
N LEU N 217 -43.81 -41.22 -32.13
CA LEU N 217 -43.25 -42.21 -33.05
C LEU N 217 -42.66 -41.44 -34.27
N LEU N 218 -43.50 -40.62 -34.92
CA LEU N 218 -43.06 -39.92 -36.13
C LEU N 218 -42.27 -38.66 -35.79
N GLN N 219 -42.34 -38.25 -34.52
CA GLN N 219 -41.70 -37.01 -34.12
C GLN N 219 -40.33 -37.22 -33.50
N LEU N 220 -40.13 -38.34 -32.81
CA LEU N 220 -38.84 -38.60 -32.17
C LEU N 220 -38.21 -39.93 -32.55
N TYR N 221 -38.94 -41.02 -32.38
CA TYR N 221 -38.39 -42.36 -32.51
C TYR N 221 -37.95 -42.72 -33.93
N ILE N 222 -38.84 -42.51 -34.90
CA ILE N 222 -38.51 -42.79 -36.29
C ILE N 222 -37.35 -41.97 -36.84
N PRO N 223 -37.36 -40.63 -36.66
CA PRO N 223 -36.25 -39.88 -37.26
C PRO N 223 -34.90 -40.15 -36.61
N SER N 224 -34.88 -40.39 -35.31
CA SER N 224 -33.64 -40.67 -34.60
C SER N 224 -33.07 -42.04 -34.94
N CYS N 225 -33.96 -43.03 -35.13
CA CYS N 225 -33.52 -44.35 -35.56
C CYS N 225 -32.86 -44.28 -36.93
N MET N 226 -33.46 -43.52 -37.83
CA MET N 226 -32.89 -43.31 -39.16
C MET N 226 -31.59 -42.54 -39.04
N LEU N 227 -31.52 -41.64 -38.06
CA LEU N 227 -30.33 -40.84 -37.81
C LEU N 227 -29.16 -41.71 -37.34
N VAL N 228 -29.44 -42.62 -36.42
CA VAL N 228 -28.42 -43.54 -35.92
C VAL N 228 -27.92 -44.44 -37.05
N ILE N 229 -28.84 -44.89 -37.89
CA ILE N 229 -28.50 -45.72 -39.03
C ILE N 229 -27.59 -44.98 -40.01
N VAL N 230 -27.89 -43.71 -40.26
CA VAL N 230 -27.09 -42.88 -41.15
C VAL N 230 -25.67 -42.71 -40.61
N SER N 231 -25.54 -42.63 -39.29
CA SER N 231 -24.23 -42.48 -38.65
C SER N 231 -23.34 -43.69 -38.90
N TRP N 232 -23.96 -44.83 -39.20
CA TRP N 232 -23.23 -46.08 -39.42
C TRP N 232 -22.60 -46.17 -40.81
N VAL N 233 -23.21 -45.54 -41.80
CA VAL N 233 -22.74 -45.66 -43.18
C VAL N 233 -21.44 -44.90 -43.40
N SER N 234 -20.96 -44.24 -42.36
CA SER N 234 -19.65 -43.59 -42.42
C SER N 234 -18.54 -44.63 -42.26
N PHE N 235 -18.90 -45.80 -41.74
CA PHE N 235 -17.94 -46.89 -41.57
C PHE N 235 -17.57 -47.51 -42.92
N TRP N 236 -18.52 -47.51 -43.84
CA TRP N 236 -18.33 -48.13 -45.15
C TRP N 236 -17.61 -47.19 -46.13
N PHE N 237 -17.38 -45.95 -45.70
CA PHE N 237 -16.62 -44.98 -46.48
C PHE N 237 -15.11 -45.11 -46.22
N ASP N 238 -14.33 -44.68 -47.20
CA ASP N 238 -12.88 -44.77 -47.17
C ASP N 238 -12.30 -43.87 -46.07
N ARG N 239 -11.06 -44.14 -45.66
CA ARG N 239 -10.37 -43.34 -44.66
C ARG N 239 -10.01 -41.99 -45.26
N THR N 240 -9.70 -42.03 -46.56
CA THR N 240 -9.22 -40.87 -47.28
C THR N 240 -10.37 -39.90 -47.55
N ALA N 241 -11.61 -40.40 -47.52
CA ALA N 241 -12.76 -39.56 -47.75
C ALA N 241 -13.16 -38.80 -46.49
N ILE N 242 -12.30 -37.87 -46.10
CA ILE N 242 -12.56 -37.05 -44.92
C ILE N 242 -13.84 -36.20 -45.04
N PRO N 243 -14.04 -35.50 -46.19
CA PRO N 243 -15.28 -34.70 -46.26
C PRO N 243 -16.55 -35.53 -46.16
N ALA N 244 -16.50 -36.80 -46.56
CA ALA N 244 -17.67 -37.66 -46.51
C ALA N 244 -18.00 -38.07 -45.08
N ARG N 245 -16.99 -38.55 -44.35
CA ARG N 245 -17.19 -39.09 -43.02
C ARG N 245 -17.32 -38.01 -41.95
N VAL N 246 -16.57 -36.93 -42.10
CA VAL N 246 -16.61 -35.82 -41.15
C VAL N 246 -17.97 -35.12 -41.20
N THR N 247 -18.46 -34.88 -42.41
CA THR N 247 -19.75 -34.22 -42.60
C THR N 247 -20.86 -35.05 -41.95
N LEU N 248 -20.95 -36.32 -42.33
CA LEU N 248 -21.96 -37.22 -41.79
C LEU N 248 -21.93 -37.29 -40.26
N GLY N 249 -20.73 -37.40 -39.69
CA GLY N 249 -20.57 -37.49 -38.25
C GLY N 249 -21.09 -36.28 -37.50
N VAL N 250 -20.68 -35.09 -37.96
CA VAL N 250 -21.07 -33.85 -37.30
C VAL N 250 -22.53 -33.52 -37.59
N THR N 251 -22.94 -33.66 -38.84
CA THR N 251 -24.31 -33.38 -39.25
C THR N 251 -25.33 -34.22 -38.49
N THR N 252 -25.06 -35.52 -38.39
CA THR N 252 -25.96 -36.43 -37.70
C THR N 252 -26.09 -36.08 -36.23
N LEU N 253 -24.98 -35.70 -35.61
CA LEU N 253 -24.96 -35.35 -34.21
C LEU N 253 -25.71 -34.04 -33.97
N LEU N 254 -25.47 -33.07 -34.85
CA LEU N 254 -26.13 -31.77 -34.75
C LEU N 254 -27.64 -31.88 -34.97
N THR N 255 -28.03 -32.72 -35.92
CA THR N 255 -29.44 -32.95 -36.21
C THR N 255 -30.11 -33.65 -35.03
N MET N 256 -29.42 -34.60 -34.42
CA MET N 256 -29.95 -35.33 -33.28
C MET N 256 -30.15 -34.40 -32.09
N THR N 257 -29.24 -33.44 -31.94
CA THR N 257 -29.35 -32.45 -30.87
C THR N 257 -30.61 -31.62 -31.06
N ALA N 258 -30.85 -31.23 -32.30
CA ALA N 258 -32.01 -30.44 -32.66
C ALA N 258 -33.31 -31.19 -32.41
N GLN N 259 -33.31 -32.48 -32.74
CA GLN N 259 -34.48 -33.32 -32.53
C GLN N 259 -34.81 -33.39 -31.06
N SER N 260 -33.77 -33.59 -30.25
CA SER N 260 -33.91 -33.68 -28.80
C SER N 260 -34.38 -32.36 -28.20
N ALA N 261 -33.89 -31.26 -28.75
CA ALA N 261 -34.26 -29.92 -28.28
C ALA N 261 -35.74 -29.63 -28.45
N GLY N 262 -36.29 -30.08 -29.57
CA GLY N 262 -37.71 -29.90 -29.87
C GLY N 262 -38.58 -30.61 -28.86
N ILE N 263 -38.11 -31.76 -28.40
CA ILE N 263 -38.83 -32.58 -27.44
C ILE N 263 -39.01 -31.94 -26.05
N ASN N 264 -38.03 -31.16 -25.60
CA ASN N 264 -38.10 -30.55 -24.26
C ASN N 264 -39.31 -29.63 -24.05
N SER N 265 -39.65 -28.87 -25.08
CA SER N 265 -40.74 -27.91 -25.00
C SER N 265 -42.10 -28.55 -24.73
N GLN N 266 -42.39 -29.65 -25.41
CA GLN N 266 -43.70 -30.31 -25.34
C GLN N 266 -44.14 -30.72 -23.92
N LEU N 267 -43.25 -31.39 -23.19
CA LEU N 267 -43.58 -31.84 -21.84
C LEU N 267 -43.12 -30.81 -20.80
N PRO N 268 -44.01 -30.47 -19.85
CA PRO N 268 -43.55 -29.58 -18.77
C PRO N 268 -42.47 -30.27 -17.93
N PRO N 269 -41.58 -29.47 -17.32
CA PRO N 269 -40.40 -29.98 -16.62
C PRO N 269 -40.71 -30.80 -15.36
N VAL N 270 -40.14 -32.00 -15.31
CA VAL N 270 -40.30 -32.89 -14.17
C VAL N 270 -38.93 -33.46 -13.80
N SER N 271 -38.67 -33.58 -12.50
CA SER N 271 -37.35 -33.93 -12.00
C SER N 271 -36.93 -35.39 -12.12
N TYR N 272 -37.85 -36.33 -12.25
CA TYR N 272 -37.42 -37.73 -12.33
C TYR N 272 -37.15 -38.21 -13.76
N ILE N 273 -36.33 -39.26 -13.88
CA ILE N 273 -35.95 -39.82 -15.17
C ILE N 273 -37.13 -40.47 -15.88
N LYS N 274 -37.32 -40.09 -17.14
CA LYS N 274 -38.41 -40.62 -17.94
C LYS N 274 -37.90 -41.58 -19.01
N ALA N 275 -38.81 -42.36 -19.59
CA ALA N 275 -38.45 -43.30 -20.64
C ALA N 275 -37.88 -42.58 -21.86
N ILE N 276 -38.38 -41.37 -22.09
CA ILE N 276 -37.94 -40.56 -23.22
C ILE N 276 -36.53 -40.01 -23.01
N ASP N 277 -36.14 -39.86 -21.74
CA ASP N 277 -34.83 -39.33 -21.42
C ASP N 277 -33.77 -40.37 -21.73
N VAL N 278 -34.11 -41.62 -21.42
CA VAL N 278 -33.22 -42.74 -21.69
C VAL N 278 -32.98 -42.92 -23.18
N TRP N 279 -34.06 -42.90 -23.95
CA TRP N 279 -33.99 -43.19 -25.38
C TRP N 279 -33.36 -42.03 -26.15
N ILE N 280 -33.36 -40.85 -25.55
CA ILE N 280 -32.69 -39.70 -26.14
C ILE N 280 -31.18 -39.83 -25.91
N GLY N 281 -30.80 -40.12 -24.67
CA GLY N 281 -29.40 -40.24 -24.30
C GLY N 281 -28.68 -41.37 -25.00
N ALA N 282 -29.42 -42.43 -25.31
CA ALA N 282 -28.83 -43.58 -26.00
C ALA N 282 -28.50 -43.26 -27.45
N CYS N 283 -29.50 -42.78 -28.18
CA CYS N 283 -29.32 -42.42 -29.58
C CYS N 283 -28.24 -41.37 -29.74
N MET N 284 -28.14 -40.48 -28.76
CA MET N 284 -27.11 -39.46 -28.75
C MET N 284 -25.72 -40.08 -28.60
N THR N 285 -25.64 -41.14 -27.81
CA THR N 285 -24.37 -41.82 -27.56
C THR N 285 -23.90 -42.59 -28.79
N PHE N 286 -24.80 -43.35 -29.38
CA PHE N 286 -24.46 -44.13 -30.58
C PHE N 286 -23.93 -43.25 -31.70
N ILE N 287 -24.52 -42.07 -31.84
CA ILE N 287 -24.12 -41.13 -32.88
C ILE N 287 -22.81 -40.45 -32.52
N PHE N 288 -22.61 -40.15 -31.24
CA PHE N 288 -21.38 -39.52 -30.80
C PHE N 288 -20.20 -40.48 -30.94
N CYS N 289 -20.43 -41.74 -30.60
CA CYS N 289 -19.39 -42.76 -30.66
C CYS N 289 -19.01 -43.10 -32.10
N ALA N 290 -19.99 -43.06 -32.99
CA ALA N 290 -19.76 -43.29 -34.41
C ALA N 290 -18.84 -42.21 -34.96
N LEU N 291 -19.02 -40.99 -34.46
CA LEU N 291 -18.17 -39.87 -34.84
C LEU N 291 -16.80 -40.00 -34.17
N LEU N 292 -16.80 -40.46 -32.92
CA LEU N 292 -15.57 -40.69 -32.18
C LEU N 292 -14.74 -41.79 -32.83
N GLU N 293 -15.42 -42.82 -33.35
CA GLU N 293 -14.76 -43.94 -34.01
C GLU N 293 -13.89 -43.47 -35.16
N PHE N 294 -14.40 -42.51 -35.94
CA PHE N 294 -13.66 -41.99 -37.07
C PHE N 294 -12.38 -41.31 -36.62
N ALA N 295 -12.45 -40.60 -35.49
CA ALA N 295 -11.30 -39.90 -34.95
C ALA N 295 -10.21 -40.90 -34.55
N LEU N 296 -10.64 -42.02 -33.99
CA LEU N 296 -9.72 -43.09 -33.62
C LEU N 296 -9.11 -43.74 -34.85
N VAL N 297 -9.92 -43.96 -35.86
CA VAL N 297 -9.47 -44.57 -37.11
C VAL N 297 -8.49 -43.66 -37.85
N ASN N 298 -8.84 -42.37 -37.92
CA ASN N 298 -8.00 -41.39 -38.60
C ASN N 298 -6.65 -41.20 -37.93
N HIS N 299 -6.60 -41.40 -36.62
CA HIS N 299 -5.36 -41.28 -35.87
C HIS N 299 -4.34 -42.36 -36.20
N ILE N 300 -4.74 -43.62 -36.01
CA ILE N 300 -3.85 -44.76 -36.23
C ILE N 300 -3.50 -44.92 -37.71
N ALA N 301 -4.37 -44.44 -38.58
CA ALA N 301 -4.15 -44.46 -40.02
C ALA N 301 -3.02 -43.52 -40.43
N ASN N 302 -2.95 -42.39 -39.74
CA ASN N 302 -2.06 -41.29 -40.13
C ASN N 302 -0.58 -41.63 -40.22
N ALA N 303 -0.12 -42.58 -39.40
CA ALA N 303 1.29 -42.95 -39.43
C ALA N 303 1.66 -43.72 -40.69
N GLY N 304 0.70 -43.89 -41.59
CA GLY N 304 0.91 -44.50 -42.90
C GLY N 304 1.86 -45.68 -42.91
N THR N 305 1.62 -46.64 -42.03
CA THR N 305 2.38 -47.88 -42.03
C THR N 305 1.45 -49.04 -42.37
N THR N 306 1.95 -49.99 -43.15
CA THR N 306 1.13 -51.09 -43.65
C THR N 306 0.57 -51.87 -42.47
N GLU N 307 1.37 -51.96 -41.41
CA GLU N 307 0.93 -52.53 -40.15
C GLU N 307 -0.30 -51.76 -39.69
N TRP N 308 -0.14 -50.47 -39.39
CA TRP N 308 -1.25 -49.67 -38.87
C TRP N 308 -2.47 -49.60 -39.80
N ASN N 309 -2.25 -49.35 -41.09
CA ASN N 309 -3.32 -49.44 -42.08
C ASN N 309 -4.28 -50.61 -41.83
N ASP N 310 -3.78 -51.84 -41.97
CA ASP N 310 -4.57 -53.02 -41.66
C ASP N 310 -5.27 -52.97 -40.30
N ILE N 311 -4.65 -52.32 -39.32
CA ILE N 311 -5.25 -52.19 -38.00
C ILE N 311 -6.50 -51.31 -38.12
N SER N 312 -6.35 -50.22 -38.87
CA SER N 312 -7.45 -49.28 -39.12
C SER N 312 -8.66 -49.97 -39.75
N LYS N 313 -8.40 -50.79 -40.77
CA LYS N 313 -9.46 -51.55 -41.42
C LYS N 313 -10.16 -52.54 -40.48
N ARG N 314 -9.39 -53.24 -39.66
CA ARG N 314 -9.98 -54.16 -38.69
C ARG N 314 -10.92 -53.38 -37.76
N VAL N 315 -10.50 -52.19 -37.37
CA VAL N 315 -11.34 -51.29 -36.57
C VAL N 315 -12.63 -50.95 -37.32
N ASP N 316 -12.51 -50.68 -38.61
CA ASP N 316 -13.66 -50.41 -39.46
C ASP N 316 -14.58 -51.62 -39.60
N LEU N 317 -13.98 -52.80 -39.70
CA LEU N 317 -14.73 -54.03 -39.89
C LEU N 317 -15.62 -54.36 -38.69
N ILE N 318 -15.07 -54.23 -37.48
CA ILE N 318 -15.81 -54.58 -36.28
C ILE N 318 -16.89 -53.55 -35.98
N SER N 319 -16.71 -52.32 -36.48
CA SER N 319 -17.69 -51.26 -36.27
C SER N 319 -18.96 -51.53 -37.07
N ARG N 320 -18.79 -52.16 -38.23
CA ARG N 320 -19.91 -52.50 -39.09
C ARG N 320 -20.76 -53.62 -38.47
N ALA N 321 -20.22 -54.26 -37.45
CA ALA N 321 -20.91 -55.35 -36.77
C ALA N 321 -21.30 -54.96 -35.35
N LEU N 322 -20.39 -54.29 -34.64
CA LEU N 322 -20.61 -53.95 -33.23
C LEU N 322 -21.77 -52.99 -33.02
N PHE N 323 -21.75 -51.87 -33.74
CA PHE N 323 -22.79 -50.84 -33.59
C PHE N 323 -24.21 -51.33 -33.90
N PRO N 324 -24.42 -52.04 -35.03
CA PRO N 324 -25.79 -52.49 -35.28
C PRO N 324 -26.28 -53.50 -34.25
N VAL N 325 -25.38 -54.36 -33.75
CA VAL N 325 -25.75 -55.35 -32.76
C VAL N 325 -26.06 -54.69 -31.41
N LEU N 326 -25.17 -53.80 -30.96
CA LEU N 326 -25.35 -53.11 -29.69
C LEU N 326 -26.64 -52.30 -29.69
N PHE N 327 -26.95 -51.68 -30.83
CA PHE N 327 -28.18 -50.91 -30.96
C PHE N 327 -29.39 -51.84 -30.95
N PHE N 328 -29.22 -53.02 -31.54
CA PHE N 328 -30.28 -54.01 -31.58
C PHE N 328 -30.52 -54.55 -30.18
N VAL N 329 -29.45 -54.70 -29.41
CA VAL N 329 -29.54 -55.12 -28.03
C VAL N 329 -30.28 -54.08 -27.20
N PHE N 330 -29.96 -52.80 -27.44
CA PHE N 330 -30.59 -51.72 -26.70
C PHE N 330 -32.11 -51.67 -26.90
N ASN N 331 -32.54 -51.75 -28.16
CA ASN N 331 -33.96 -51.72 -28.48
C ASN N 331 -34.73 -52.85 -27.80
N ILE N 332 -34.14 -54.04 -27.79
CA ILE N 332 -34.74 -55.18 -27.09
C ILE N 332 -34.87 -54.86 -25.61
N LEU N 333 -33.82 -54.32 -25.02
CA LEU N 333 -33.83 -53.93 -23.62
C LEU N 333 -34.80 -52.79 -23.35
N TYR N 334 -34.82 -51.81 -24.23
CA TYR N 334 -35.63 -50.61 -24.04
C TYR N 334 -37.13 -50.89 -24.11
N TRP N 335 -37.56 -51.50 -25.21
CA TRP N 335 -38.98 -51.69 -25.46
C TRP N 335 -39.60 -52.79 -24.60
N SER N 336 -38.78 -53.74 -24.15
CA SER N 336 -39.25 -54.77 -23.23
C SER N 336 -39.36 -54.21 -21.82
N ARG N 337 -38.68 -53.09 -21.59
CA ARG N 337 -38.71 -52.41 -20.29
C ARG N 337 -39.86 -51.41 -20.22
N PHE N 338 -40.08 -50.69 -21.32
CA PHE N 338 -41.12 -49.68 -21.40
C PHE N 338 -42.28 -50.13 -22.30
N GLY N 339 -42.54 -51.43 -22.29
CA GLY N 339 -43.62 -52.02 -23.07
C GLY N 339 -44.84 -52.29 -22.20
N HIS N 340 -44.70 -52.00 -20.92
CA HIS N 340 -45.75 -52.26 -19.94
C HIS N 340 -46.17 -50.99 -19.21
N SER O 1 -84.40 -36.25 19.43
CA SER O 1 -83.44 -36.64 20.46
C SER O 1 -82.25 -35.68 20.50
N ASP O 2 -81.45 -35.70 19.44
CA ASP O 2 -80.31 -34.79 19.32
C ASP O 2 -80.78 -33.34 19.30
N SER O 3 -81.81 -33.07 18.50
CA SER O 3 -82.39 -31.74 18.42
C SER O 3 -82.97 -31.31 19.77
N LYS O 4 -83.42 -32.28 20.56
CA LYS O 4 -83.93 -32.00 21.89
C LYS O 4 -82.81 -31.53 22.81
N ILE O 5 -81.62 -32.07 22.58
CA ILE O 5 -80.46 -31.73 23.39
C ILE O 5 -79.91 -30.35 23.01
N LEU O 6 -79.70 -30.14 21.71
CA LEU O 6 -79.17 -28.88 21.21
C LEU O 6 -80.03 -27.70 21.63
N ALA O 7 -81.34 -27.91 21.62
CA ALA O 7 -82.29 -26.88 22.06
C ALA O 7 -82.07 -26.56 23.52
N HIS O 8 -81.86 -27.60 24.32
CA HIS O 8 -81.68 -27.45 25.76
C HIS O 8 -80.43 -26.63 26.09
N LEU O 9 -79.37 -26.79 25.29
CA LEU O 9 -78.13 -26.05 25.50
C LEU O 9 -78.15 -24.58 25.09
N PHE O 10 -78.68 -24.28 23.90
CA PHE O 10 -78.55 -22.93 23.36
C PHE O 10 -79.77 -22.04 23.55
N THR O 11 -80.77 -22.52 24.29
CA THR O 11 -81.89 -21.67 24.62
C THR O 11 -81.49 -20.90 25.87
N SER O 12 -80.63 -21.52 26.69
CA SER O 12 -80.10 -20.89 27.89
C SER O 12 -79.17 -19.73 27.56
N GLY O 13 -78.93 -18.88 28.54
CA GLY O 13 -78.08 -17.73 28.34
C GLY O 13 -76.67 -18.19 28.07
N TYR O 14 -76.32 -18.23 26.79
CA TYR O 14 -75.02 -18.68 26.34
C TYR O 14 -74.40 -17.57 25.52
N ASP O 15 -73.10 -17.37 25.65
CA ASP O 15 -72.47 -16.31 24.89
C ASP O 15 -71.23 -16.84 24.18
N PHE O 16 -71.34 -16.96 22.86
CA PHE O 16 -70.26 -17.47 22.04
C PHE O 16 -69.12 -16.46 21.97
N ARG O 17 -69.40 -15.26 22.45
CA ARG O 17 -68.39 -14.21 22.50
C ARG O 17 -67.53 -14.35 23.75
N VAL O 18 -67.94 -15.24 24.65
CA VAL O 18 -67.27 -15.42 25.93
C VAL O 18 -66.45 -16.70 26.02
N ARG O 19 -65.20 -16.58 26.45
CA ARG O 19 -64.31 -17.71 26.66
C ARG O 19 -64.88 -18.69 27.68
N PRO O 20 -64.75 -20.00 27.42
CA PRO O 20 -65.24 -21.02 28.36
C PRO O 20 -64.56 -20.94 29.73
N PRO O 21 -65.31 -21.24 30.79
CA PRO O 21 -64.80 -21.20 32.16
C PRO O 21 -63.67 -22.21 32.39
N THR O 22 -62.79 -21.91 33.33
CA THR O 22 -61.69 -22.80 33.67
C THR O 22 -61.71 -23.13 35.15
N ASP O 23 -61.28 -24.33 35.51
CA ASP O 23 -61.33 -24.81 36.88
C ASP O 23 -60.51 -23.93 37.84
N ASN O 24 -59.41 -23.38 37.34
CA ASN O 24 -58.53 -22.56 38.17
C ASN O 24 -58.17 -21.24 37.51
N GLY O 25 -59.00 -20.78 36.59
CA GLY O 25 -58.78 -19.51 35.92
C GLY O 25 -57.69 -19.55 34.87
N GLY O 26 -57.18 -20.74 34.59
CA GLY O 26 -56.13 -20.92 33.60
C GLY O 26 -56.61 -20.71 32.18
N PRO O 27 -55.72 -20.95 31.21
CA PRO O 27 -56.08 -20.80 29.79
C PRO O 27 -56.82 -22.01 29.25
N VAL O 28 -57.56 -21.82 28.16
CA VAL O 28 -58.25 -22.92 27.51
C VAL O 28 -57.27 -23.75 26.70
N VAL O 29 -57.19 -25.05 27.01
CA VAL O 29 -56.25 -25.93 26.34
C VAL O 29 -56.87 -26.57 25.09
N VAL O 30 -56.36 -26.18 23.92
CA VAL O 30 -56.84 -26.69 22.66
C VAL O 30 -55.90 -27.74 22.06
N SER O 31 -56.38 -28.97 21.97
CA SER O 31 -55.61 -30.05 21.37
C SER O 31 -55.78 -30.04 19.85
N VAL O 32 -54.67 -30.04 19.13
CA VAL O 32 -54.72 -29.90 17.69
C VAL O 32 -54.23 -31.15 16.96
N ASN O 33 -55.07 -31.63 16.05
CA ASN O 33 -54.72 -32.75 15.18
C ASN O 33 -54.69 -32.28 13.73
N MET O 34 -53.73 -32.78 12.96
CA MET O 34 -53.59 -32.36 11.57
C MET O 34 -53.51 -33.53 10.60
N LEU O 35 -54.33 -33.45 9.55
CA LEU O 35 -54.33 -34.45 8.50
C LEU O 35 -53.93 -33.77 7.20
N LEU O 36 -52.82 -34.21 6.63
CA LEU O 36 -52.31 -33.60 5.42
C LEU O 36 -52.77 -34.38 4.21
N ARG O 37 -53.50 -33.71 3.32
CA ARG O 37 -54.08 -34.36 2.14
C ARG O 37 -53.14 -34.28 0.95
N THR O 38 -52.83 -33.06 0.52
CA THR O 38 -51.98 -32.85 -0.65
C THR O 38 -50.97 -31.73 -0.45
N ILE O 39 -49.78 -31.92 -1.01
CA ILE O 39 -48.78 -30.87 -1.12
C ILE O 39 -48.45 -30.73 -2.60
N SER O 40 -48.61 -29.53 -3.15
CA SER O 40 -48.49 -29.28 -4.58
C SER O 40 -48.06 -27.84 -4.81
N LYS O 41 -47.65 -27.53 -6.04
CA LYS O 41 -47.36 -26.16 -6.49
C LYS O 41 -46.25 -25.54 -5.64
N ILE O 42 -45.21 -26.32 -5.38
CA ILE O 42 -44.05 -25.76 -4.70
C ILE O 42 -43.43 -24.71 -5.63
N ASP O 43 -43.30 -23.49 -5.13
CA ASP O 43 -42.81 -22.40 -5.95
C ASP O 43 -41.53 -21.86 -5.33
N VAL O 44 -40.45 -21.86 -6.12
CA VAL O 44 -39.16 -21.40 -5.64
C VAL O 44 -38.94 -19.91 -5.92
N VAL O 45 -39.69 -19.37 -6.87
CA VAL O 45 -39.57 -17.96 -7.21
C VAL O 45 -40.27 -17.09 -6.18
N ASN O 46 -41.50 -17.46 -5.82
CA ASN O 46 -42.29 -16.69 -4.86
C ASN O 46 -42.16 -17.18 -3.43
N MET O 47 -41.31 -18.18 -3.22
CA MET O 47 -41.07 -18.76 -1.90
C MET O 47 -42.36 -19.15 -1.19
N GLU O 48 -43.15 -19.99 -1.86
CA GLU O 48 -44.44 -20.42 -1.31
C GLU O 48 -44.83 -21.80 -1.81
N TYR O 49 -45.76 -22.44 -1.12
CA TYR O 49 -46.28 -23.74 -1.55
C TYR O 49 -47.75 -23.90 -1.15
N SER O 50 -48.48 -24.66 -1.97
CA SER O 50 -49.90 -24.90 -1.71
C SER O 50 -50.10 -26.23 -1.00
N ALA O 51 -50.92 -26.22 0.04
CA ALA O 51 -51.19 -27.42 0.82
C ALA O 51 -52.65 -27.51 1.26
N GLN O 52 -53.25 -28.67 1.05
CA GLN O 52 -54.61 -28.91 1.49
C GLN O 52 -54.60 -29.83 2.71
N LEU O 53 -55.33 -29.46 3.75
CA LEU O 53 -55.28 -30.19 5.01
C LEU O 53 -56.60 -30.13 5.78
N THR O 54 -56.78 -31.10 6.68
CA THR O 54 -57.94 -31.12 7.56
C THR O 54 -57.51 -30.76 8.97
N LEU O 55 -58.05 -29.66 9.49
CA LEU O 55 -57.69 -29.21 10.83
C LEU O 55 -58.67 -29.72 11.86
N ARG O 56 -58.14 -30.32 12.93
CA ARG O 56 -58.98 -30.80 14.02
C ARG O 56 -58.56 -30.17 15.36
N GLU O 57 -59.47 -29.38 15.93
CA GLU O 57 -59.23 -28.76 17.22
C GLU O 57 -60.14 -29.40 18.27
N SER O 58 -59.70 -29.39 19.51
CA SER O 58 -60.49 -29.96 20.60
C SER O 58 -60.28 -29.24 21.91
N TRP O 59 -61.38 -28.79 22.51
CA TRP O 59 -61.33 -28.11 23.80
C TRP O 59 -62.54 -28.51 24.63
N ILE O 60 -62.56 -28.11 25.89
CA ILE O 60 -63.66 -28.46 26.77
C ILE O 60 -64.49 -27.24 27.15
N ASP O 61 -65.79 -27.30 26.86
CA ASP O 61 -66.71 -26.23 27.24
C ASP O 61 -67.81 -26.81 28.12
N LYS O 62 -67.62 -26.68 29.43
CA LYS O 62 -68.53 -27.28 30.39
C LYS O 62 -69.94 -26.70 30.28
N ARG O 63 -70.04 -25.55 29.62
CA ARG O 63 -71.34 -24.92 29.38
C ARG O 63 -72.17 -25.78 28.42
N LEU O 64 -71.48 -26.55 27.59
CA LEU O 64 -72.14 -27.40 26.61
C LEU O 64 -72.33 -28.81 27.13
N SER O 65 -71.89 -29.05 28.36
CA SER O 65 -71.99 -30.39 28.95
C SER O 65 -73.44 -30.70 29.28
N TYR O 66 -73.98 -31.73 28.64
CA TYR O 66 -75.38 -32.09 28.83
C TYR O 66 -75.57 -33.46 29.45
N GLY O 67 -74.49 -34.08 29.94
CA GLY O 67 -74.61 -35.43 30.45
C GLY O 67 -73.43 -36.05 31.17
N VAL O 68 -73.71 -37.15 31.85
CA VAL O 68 -72.72 -37.95 32.56
C VAL O 68 -72.43 -39.18 31.70
N LYS O 69 -71.34 -39.89 31.98
CA LYS O 69 -70.97 -41.07 31.21
C LYS O 69 -72.04 -42.15 31.19
N GLY O 70 -72.73 -42.35 32.31
CA GLY O 70 -73.74 -43.40 32.36
C GLY O 70 -75.18 -42.96 32.20
N ASP O 71 -75.48 -42.28 31.11
CA ASP O 71 -76.85 -41.88 30.79
C ASP O 71 -77.27 -42.40 29.42
N GLY O 72 -78.58 -42.45 29.18
CA GLY O 72 -79.13 -42.86 27.91
C GLY O 72 -78.96 -41.94 26.72
N GLN O 73 -78.15 -40.89 26.88
CA GLN O 73 -77.95 -39.92 25.81
C GLN O 73 -76.68 -40.22 25.03
N PRO O 74 -76.68 -39.95 23.72
CA PRO O 74 -75.51 -40.24 22.89
C PRO O 74 -74.30 -39.43 23.33
N ASP O 75 -73.14 -40.09 23.41
CA ASP O 75 -71.90 -39.48 23.87
C ASP O 75 -71.65 -38.12 23.23
N PHE O 76 -71.88 -38.02 21.92
CA PHE O 76 -71.69 -36.76 21.22
C PHE O 76 -72.88 -36.41 20.34
N VAL O 77 -73.07 -35.12 20.13
CA VAL O 77 -74.13 -34.62 19.25
C VAL O 77 -73.54 -33.71 18.19
N ILE O 78 -73.93 -33.92 16.94
CA ILE O 78 -73.48 -33.06 15.85
C ILE O 78 -74.20 -31.73 15.89
N LEU O 79 -73.44 -30.64 15.97
CA LEU O 79 -74.03 -29.31 16.03
C LEU O 79 -74.66 -28.93 14.71
N THR O 80 -75.96 -28.63 14.76
CA THR O 80 -76.70 -28.24 13.56
C THR O 80 -76.56 -26.76 13.28
N VAL O 81 -77.09 -26.33 12.14
CA VAL O 81 -77.02 -24.93 11.73
C VAL O 81 -77.91 -24.08 12.63
N GLY O 82 -77.54 -22.82 12.81
CA GLY O 82 -78.34 -21.89 13.58
C GLY O 82 -77.94 -21.74 15.03
N HIS O 83 -76.91 -22.47 15.44
CA HIS O 83 -76.42 -22.40 16.81
C HIS O 83 -74.91 -22.18 16.81
N GLN O 84 -74.48 -21.05 17.36
CA GLN O 84 -73.06 -20.71 17.36
C GLN O 84 -72.41 -21.05 18.70
N ILE O 85 -71.20 -21.61 18.62
CA ILE O 85 -70.41 -21.91 19.80
C ILE O 85 -69.12 -21.09 19.79
N TRP O 86 -68.58 -20.80 20.97
CA TRP O 86 -67.26 -20.19 21.06
C TRP O 86 -66.25 -21.11 20.41
N MET O 87 -65.43 -20.54 19.52
CA MET O 87 -64.36 -21.29 18.89
C MET O 87 -63.09 -20.46 18.91
N PRO O 88 -61.94 -21.12 19.09
CA PRO O 88 -60.63 -20.44 19.09
C PRO O 88 -60.40 -19.65 17.81
N ASP O 89 -60.01 -18.38 17.95
CA ASP O 89 -59.73 -17.52 16.80
C ASP O 89 -58.40 -17.89 16.15
N THR O 90 -58.22 -19.18 15.88
CA THR O 90 -56.99 -19.70 15.34
C THR O 90 -56.77 -19.28 13.89
N PHE O 91 -55.51 -19.07 13.53
CA PHE O 91 -55.15 -18.70 12.16
C PHE O 91 -53.80 -19.28 11.78
N PHE O 92 -53.34 -18.97 10.57
CA PHE O 92 -52.05 -19.48 10.09
C PHE O 92 -51.09 -18.33 9.77
N PRO O 93 -50.18 -18.03 10.71
CA PRO O 93 -49.23 -16.92 10.63
C PRO O 93 -48.48 -16.81 9.31
N ASN O 94 -48.05 -17.94 8.73
CA ASN O 94 -47.28 -17.90 7.51
C ASN O 94 -48.12 -18.20 6.26
N GLU O 95 -49.43 -18.05 6.38
CA GLU O 95 -50.32 -18.23 5.24
C GLU O 95 -50.42 -16.95 4.43
N LYS O 96 -50.22 -17.07 3.11
CA LYS O 96 -50.32 -15.91 2.22
C LYS O 96 -51.71 -15.88 1.58
N GLN O 97 -52.28 -17.06 1.39
CA GLN O 97 -53.61 -17.22 0.81
C GLN O 97 -54.27 -18.44 1.44
N ALA O 98 -55.58 -18.37 1.66
CA ALA O 98 -56.30 -19.47 2.28
C ALA O 98 -57.79 -19.46 1.91
N TYR O 99 -58.33 -20.65 1.65
CA TYR O 99 -59.73 -20.80 1.27
C TYR O 99 -60.39 -21.93 2.05
N LYS O 100 -61.68 -21.78 2.34
CA LYS O 100 -62.48 -22.89 2.85
C LYS O 100 -63.34 -23.47 1.74
N HIS O 101 -63.75 -24.72 1.89
CA HIS O 101 -64.56 -25.39 0.88
C HIS O 101 -66.03 -25.28 1.25
N THR O 102 -66.82 -24.69 0.36
CA THR O 102 -68.22 -24.39 0.64
C THR O 102 -69.17 -25.09 -0.32
N ILE O 103 -68.65 -26.06 -1.08
CA ILE O 103 -69.46 -26.75 -2.07
C ILE O 103 -70.58 -27.56 -1.42
N ASP O 104 -71.80 -27.39 -1.94
CA ASP O 104 -73.02 -27.82 -1.26
C ASP O 104 -73.01 -27.24 0.16
N LYS O 105 -73.11 -28.10 1.17
CA LYS O 105 -72.94 -27.65 2.54
C LYS O 105 -71.46 -27.38 2.78
N PRO O 106 -71.12 -26.34 3.58
CA PRO O 106 -69.71 -26.07 3.88
C PRO O 106 -69.08 -27.24 4.63
N ASN O 107 -67.77 -27.45 4.41
CA ASN O 107 -67.11 -28.64 4.92
C ASN O 107 -66.59 -28.45 6.35
N VAL O 108 -67.53 -28.27 7.28
CA VAL O 108 -67.20 -28.20 8.70
C VAL O 108 -67.96 -29.26 9.50
N LEU O 109 -67.37 -29.70 10.61
CA LEU O 109 -68.00 -30.67 11.50
C LEU O 109 -67.74 -30.31 12.96
N ILE O 110 -68.80 -30.14 13.72
CA ILE O 110 -68.68 -29.82 15.14
C ILE O 110 -69.41 -30.85 16.00
N ARG O 111 -68.67 -31.51 16.88
CA ARG O 111 -69.24 -32.51 17.78
C ARG O 111 -69.23 -32.03 19.23
N ILE O 112 -70.37 -32.16 19.90
CA ILE O 112 -70.47 -31.80 21.31
C ILE O 112 -70.63 -33.04 22.18
N HIS O 113 -69.56 -33.42 22.87
CA HIS O 113 -69.60 -34.58 23.75
C HIS O 113 -70.42 -34.31 25.00
N ASN O 114 -70.79 -35.36 25.72
CA ASN O 114 -71.62 -35.23 26.92
C ASN O 114 -70.90 -34.51 28.05
N ASP O 115 -69.60 -34.76 28.18
CA ASP O 115 -68.79 -34.14 29.23
C ASP O 115 -68.52 -32.67 28.96
N GLY O 116 -68.76 -32.23 27.73
CA GLY O 116 -68.54 -30.85 27.36
C GLY O 116 -67.38 -30.67 26.41
N THR O 117 -66.74 -31.78 26.05
CA THR O 117 -65.62 -31.74 25.11
C THR O 117 -66.11 -31.45 23.70
N VAL O 118 -65.50 -30.47 23.05
CA VAL O 118 -65.90 -30.09 21.70
C VAL O 118 -64.89 -30.58 20.67
N LEU O 119 -65.38 -31.19 19.59
CA LEU O 119 -64.51 -31.57 18.48
C LEU O 119 -64.84 -30.73 17.25
N TYR O 120 -63.83 -30.05 16.72
CA TYR O 120 -64.01 -29.18 15.57
C TYR O 120 -63.14 -29.62 14.41
N SER O 121 -63.77 -29.95 13.28
CA SER O 121 -63.05 -30.42 12.11
C SER O 121 -63.38 -29.53 10.90
N VAL O 122 -62.35 -29.19 10.13
CA VAL O 122 -62.52 -28.29 8.99
C VAL O 122 -61.49 -28.54 7.89
N ARG O 123 -61.96 -28.55 6.64
CA ARG O 123 -61.06 -28.65 5.50
C ARG O 123 -60.60 -27.28 5.04
N ILE O 124 -59.29 -27.10 4.94
CA ILE O 124 -58.72 -25.81 4.56
C ILE O 124 -57.68 -26.01 3.46
N SER O 125 -57.68 -25.11 2.48
CA SER O 125 -56.64 -25.10 1.45
C SER O 125 -55.73 -23.91 1.66
N LEU O 126 -54.48 -24.18 2.00
CA LEU O 126 -53.53 -23.12 2.31
C LEU O 126 -52.53 -22.88 1.19
N VAL O 127 -52.02 -21.65 1.14
CA VAL O 127 -50.86 -21.32 0.31
C VAL O 127 -49.85 -20.65 1.23
N LEU O 128 -48.98 -21.45 1.81
CA LEU O 128 -48.06 -21.01 2.84
C LEU O 128 -46.75 -20.51 2.25
N SER O 129 -46.13 -19.54 2.92
CA SER O 129 -44.83 -19.03 2.49
C SER O 129 -43.73 -19.96 2.99
N CYS O 130 -42.78 -20.26 2.12
CA CYS O 130 -41.68 -21.14 2.47
C CYS O 130 -40.41 -20.69 1.77
N PRO O 131 -39.61 -19.85 2.43
CA PRO O 131 -38.34 -19.37 1.87
C PRO O 131 -37.39 -20.52 1.57
N MET O 132 -36.99 -20.64 0.31
CA MET O 132 -36.12 -21.73 -0.10
C MET O 132 -34.78 -21.25 -0.60
N TYR O 133 -33.78 -22.10 -0.49
CA TYR O 133 -32.42 -21.74 -0.83
C TYR O 133 -31.81 -22.81 -1.73
N LEU O 134 -31.28 -22.39 -2.87
CA LEU O 134 -30.81 -23.33 -3.87
C LEU O 134 -29.31 -23.26 -4.12
N GLN O 135 -28.55 -22.91 -3.09
CA GLN O 135 -27.09 -22.85 -3.20
C GLN O 135 -26.54 -24.22 -3.55
N TYR O 136 -27.21 -25.27 -3.08
CA TYR O 136 -26.77 -26.60 -3.39
C TYR O 136 -27.66 -27.22 -4.45
N TYR O 137 -27.78 -26.55 -5.61
CA TYR O 137 -28.60 -27.08 -6.67
C TYR O 137 -27.81 -28.14 -7.42
N PRO O 138 -28.42 -29.31 -7.66
CA PRO O 138 -29.77 -29.66 -7.21
C PRO O 138 -29.82 -30.58 -5.98
N MET O 139 -28.67 -30.93 -5.43
CA MET O 139 -28.64 -31.76 -4.22
C MET O 139 -28.88 -30.90 -3.00
N ASP O 140 -30.07 -30.35 -2.91
CA ASP O 140 -30.35 -29.51 -1.79
C ASP O 140 -31.47 -30.06 -0.92
N VAL O 141 -31.75 -29.38 0.18
CA VAL O 141 -32.77 -29.83 1.10
C VAL O 141 -33.61 -28.64 1.52
N GLN O 142 -34.93 -28.81 1.49
CA GLN O 142 -35.83 -27.74 1.90
C GLN O 142 -36.71 -28.18 3.06
N GLN O 143 -37.03 -27.25 3.95
CA GLN O 143 -37.97 -27.54 5.02
C GLN O 143 -39.08 -26.49 5.07
N CYS O 144 -40.32 -26.93 4.87
CA CYS O 144 -41.47 -26.04 4.90
C CYS O 144 -42.34 -26.30 6.12
N SER O 145 -42.99 -25.25 6.62
CA SER O 145 -43.75 -25.35 7.85
C SER O 145 -45.17 -24.80 7.72
N ILE O 146 -46.02 -25.19 8.66
CA ILE O 146 -47.37 -24.65 8.76
C ILE O 146 -47.59 -24.15 10.18
N ASP O 147 -47.38 -22.85 10.39
CA ASP O 147 -47.55 -22.27 11.70
C ASP O 147 -49.04 -22.10 12.03
N LEU O 148 -49.38 -22.28 13.30
CA LEU O 148 -50.76 -22.23 13.75
C LEU O 148 -50.85 -21.58 15.13
N ALA O 149 -51.66 -20.54 15.24
CA ALA O 149 -51.77 -19.80 16.49
C ALA O 149 -53.08 -19.04 16.61
N SER O 150 -53.32 -18.46 17.77
CA SER O 150 -54.47 -17.60 17.99
C SER O 150 -54.10 -16.15 17.70
N TYR O 151 -55.08 -15.36 17.27
CA TYR O 151 -54.78 -13.98 16.85
C TYR O 151 -54.99 -12.96 17.96
N ALA O 152 -56.10 -13.07 18.67
CA ALA O 152 -56.47 -12.08 19.67
C ALA O 152 -56.10 -12.52 21.09
N TYR O 153 -56.41 -13.78 21.40
CA TYR O 153 -56.21 -14.31 22.74
C TYR O 153 -54.74 -14.62 23.01
N THR O 154 -54.24 -14.15 24.16
CA THR O 154 -52.85 -14.36 24.55
C THR O 154 -52.66 -15.70 25.26
N THR O 155 -51.52 -15.88 25.91
CA THR O 155 -51.19 -17.13 26.60
C THR O 155 -52.01 -17.37 27.87
N LYS O 156 -52.58 -16.31 28.42
CA LYS O 156 -53.35 -16.43 29.65
C LYS O 156 -54.76 -16.94 29.36
N ASP O 157 -55.18 -16.83 28.11
CA ASP O 157 -56.55 -17.19 27.72
C ASP O 157 -56.62 -18.48 26.92
N ILE O 158 -55.68 -18.69 26.02
CA ILE O 158 -55.70 -19.87 25.17
C ILE O 158 -54.31 -20.49 25.07
N GLU O 159 -54.25 -21.83 25.05
CA GLU O 159 -52.99 -22.54 24.98
C GLU O 159 -53.08 -23.73 24.02
N TYR O 160 -52.20 -23.77 23.04
CA TYR O 160 -52.23 -24.82 22.03
C TYR O 160 -51.28 -25.98 22.36
N LEU O 161 -51.75 -27.20 22.15
CA LEU O 161 -50.96 -28.40 22.38
C LEU O 161 -51.20 -29.45 21.30
N TRP O 162 -50.13 -30.03 20.78
CA TRP O 162 -50.28 -31.14 19.84
C TRP O 162 -50.91 -32.35 20.52
N LYS O 163 -51.79 -33.05 19.81
CA LYS O 163 -52.40 -34.26 20.32
C LYS O 163 -51.31 -35.28 20.66
N GLU O 164 -51.51 -36.04 21.74
CA GLU O 164 -50.48 -36.93 22.25
C GLU O 164 -50.12 -38.06 21.28
N HIS O 165 -51.13 -38.64 20.64
CA HIS O 165 -50.91 -39.75 19.72
C HIS O 165 -51.19 -39.36 18.28
N SER O 166 -50.18 -39.52 17.43
CA SER O 166 -50.25 -39.18 16.01
C SER O 166 -50.79 -37.77 15.78
N PRO O 167 -49.98 -36.75 16.07
CA PRO O 167 -50.39 -35.36 15.88
C PRO O 167 -50.53 -35.01 14.40
N LEU O 168 -49.66 -35.59 13.58
CA LEU O 168 -49.68 -35.33 12.14
C LEU O 168 -49.91 -36.60 11.34
N GLN O 169 -50.87 -36.56 10.43
CA GLN O 169 -51.21 -37.70 9.60
C GLN O 169 -51.16 -37.35 8.12
N LEU O 170 -50.24 -37.96 7.40
CA LEU O 170 -50.12 -37.77 5.95
C LEU O 170 -51.08 -38.67 5.17
N LYS O 171 -51.39 -38.27 3.95
CA LYS O 171 -52.26 -39.05 3.07
C LYS O 171 -51.51 -40.26 2.52
N VAL O 172 -52.27 -41.25 2.06
CA VAL O 172 -51.74 -42.55 1.64
C VAL O 172 -50.53 -42.44 0.71
N GLY O 173 -50.68 -41.71 -0.39
CA GLY O 173 -49.61 -41.57 -1.35
C GLY O 173 -49.19 -40.12 -1.48
N LEU O 174 -48.81 -39.51 -0.36
CA LEU O 174 -48.50 -38.09 -0.35
C LEU O 174 -47.05 -37.85 -0.75
N SER O 175 -46.17 -38.73 -0.32
CA SER O 175 -44.73 -38.58 -0.58
C SER O 175 -44.40 -38.67 -2.07
N SER O 176 -45.23 -39.40 -2.82
CA SER O 176 -45.02 -39.59 -4.25
C SER O 176 -45.71 -38.50 -5.06
N SER O 177 -46.58 -37.75 -4.40
CA SER O 177 -47.35 -36.69 -5.06
C SER O 177 -46.43 -35.61 -5.63
N LEU O 178 -45.30 -35.38 -4.98
CA LEU O 178 -44.36 -34.35 -5.43
C LEU O 178 -43.45 -34.88 -6.53
N PRO O 179 -43.45 -34.20 -7.68
CA PRO O 179 -42.61 -34.58 -8.82
C PRO O 179 -41.14 -34.26 -8.59
N SER O 180 -40.87 -33.08 -8.04
CA SER O 180 -39.50 -32.62 -7.85
C SER O 180 -38.86 -33.16 -6.57
N PHE O 181 -39.64 -33.28 -5.50
CA PHE O 181 -39.06 -33.58 -4.19
C PHE O 181 -39.46 -34.93 -3.59
N GLN O 182 -38.74 -35.32 -2.54
CA GLN O 182 -39.03 -36.49 -1.75
C GLN O 182 -39.03 -36.13 -0.26
N LEU O 183 -40.19 -36.20 0.39
CA LEU O 183 -40.26 -35.85 1.81
C LEU O 183 -39.63 -36.92 2.71
N THR O 184 -38.60 -36.50 3.44
CA THR O 184 -37.83 -37.41 4.29
C THR O 184 -38.30 -37.32 5.75
N ASN O 185 -38.77 -36.15 6.16
CA ASN O 185 -39.10 -35.91 7.56
C ASN O 185 -40.39 -35.13 7.81
N THR O 186 -41.11 -35.53 8.85
CA THR O 186 -42.24 -34.76 9.35
C THR O 186 -42.03 -34.51 10.83
N SER O 187 -42.33 -33.30 11.29
CA SER O 187 -42.16 -32.98 12.71
C SER O 187 -43.26 -32.08 13.23
N THR O 188 -43.65 -32.28 14.49
CA THR O 188 -44.61 -31.41 15.14
C THR O 188 -43.94 -30.74 16.33
N THR O 189 -43.77 -29.43 16.24
CA THR O 189 -43.07 -28.68 17.28
C THR O 189 -43.87 -27.45 17.70
N TYR O 190 -43.37 -26.74 18.71
CA TYR O 190 -44.01 -25.54 19.20
C TYR O 190 -43.23 -24.31 18.77
N CYS O 191 -43.96 -23.25 18.39
CA CYS O 191 -43.33 -22.03 17.89
C CYS O 191 -43.85 -20.79 18.60
N THR O 192 -44.20 -20.94 19.88
CA THR O 192 -44.68 -19.83 20.70
C THR O 192 -43.66 -18.71 20.73
N SER O 193 -44.09 -17.50 20.40
CA SER O 193 -43.18 -16.37 20.33
C SER O 193 -43.69 -15.17 21.13
N VAL O 194 -42.76 -14.30 21.51
CA VAL O 194 -43.09 -13.10 22.26
C VAL O 194 -43.16 -11.86 21.38
N THR O 195 -44.33 -11.26 21.31
CA THR O 195 -44.54 -10.07 20.48
C THR O 195 -44.82 -8.84 21.32
N ASN O 196 -44.95 -7.70 20.65
CA ASN O 196 -45.20 -6.42 21.32
C ASN O 196 -46.61 -6.36 21.91
N THR O 197 -47.49 -7.24 21.42
CA THR O 197 -48.86 -7.27 21.89
C THR O 197 -49.06 -8.34 22.96
N GLY O 198 -48.10 -9.25 23.08
CA GLY O 198 -48.17 -10.28 24.11
C GLY O 198 -47.51 -11.59 23.70
N ILE O 199 -47.67 -12.60 24.56
CA ILE O 199 -47.12 -13.93 24.31
C ILE O 199 -48.19 -14.87 23.78
N TYR O 200 -48.04 -15.29 22.52
CA TYR O 200 -49.06 -16.11 21.87
C TYR O 200 -48.60 -17.54 21.65
N SER O 201 -49.40 -18.49 22.09
CA SER O 201 -49.12 -19.91 21.88
C SER O 201 -49.23 -20.25 20.41
N CYS O 202 -48.32 -21.08 19.91
CA CYS O 202 -48.28 -21.40 18.49
C CYS O 202 -47.74 -22.79 18.20
N LEU O 203 -48.33 -23.45 17.21
CA LEU O 203 -47.87 -24.77 16.77
C LEU O 203 -47.21 -24.69 15.40
N ARG O 204 -46.32 -25.63 15.14
CA ARG O 204 -45.65 -25.69 13.84
C ARG O 204 -45.39 -27.11 13.38
N THR O 205 -46.09 -27.53 12.34
CA THR O 205 -45.78 -28.80 11.68
C THR O 205 -44.77 -28.54 10.56
N THR O 206 -43.71 -29.34 10.51
CA THR O 206 -42.65 -29.12 9.55
C THR O 206 -42.35 -30.35 8.70
N ILE O 207 -42.26 -30.14 7.39
CA ILE O 207 -41.90 -31.19 6.44
C ILE O 207 -40.54 -30.91 5.81
N GLN O 208 -39.73 -31.96 5.64
CA GLN O 208 -38.43 -31.78 5.04
C GLN O 208 -38.38 -32.37 3.63
N LEU O 209 -37.97 -31.56 2.66
CA LEU O 209 -37.99 -31.98 1.26
C LEU O 209 -36.60 -32.08 0.65
N LYS O 210 -36.25 -33.26 0.17
CA LYS O 210 -35.00 -33.46 -0.56
C LYS O 210 -35.28 -33.68 -2.04
N ARG O 211 -34.46 -33.09 -2.91
CA ARG O 211 -34.67 -33.21 -4.34
C ARG O 211 -34.04 -34.50 -4.88
N GLU O 212 -34.64 -35.05 -5.92
CA GLU O 212 -34.16 -36.30 -6.52
C GLU O 212 -32.87 -36.12 -7.30
N PHE O 213 -31.78 -36.69 -6.78
CA PHE O 213 -30.46 -36.54 -7.38
C PHE O 213 -30.16 -37.45 -8.57
N SER O 214 -30.87 -38.57 -8.65
CA SER O 214 -30.59 -39.59 -9.66
C SER O 214 -30.70 -39.09 -11.11
N PHE O 215 -31.65 -38.20 -11.35
CA PHE O 215 -31.88 -37.64 -12.67
C PHE O 215 -30.68 -36.82 -13.12
N TYR O 216 -30.37 -35.83 -12.29
CA TYR O 216 -29.28 -34.88 -12.52
C TYR O 216 -27.96 -35.62 -12.69
N LEU O 217 -27.87 -36.77 -12.01
CA LEU O 217 -26.74 -37.67 -12.12
C LEU O 217 -26.64 -38.20 -13.56
N LEU O 218 -27.70 -38.82 -14.05
CA LEU O 218 -27.66 -39.45 -15.37
C LEU O 218 -27.91 -38.48 -16.51
N GLN O 219 -28.42 -37.28 -16.22
CA GLN O 219 -28.70 -36.30 -17.26
C GLN O 219 -27.63 -35.22 -17.40
N LEU O 220 -26.94 -34.90 -16.32
CA LEU O 220 -25.91 -33.87 -16.36
C LEU O 220 -24.53 -34.33 -15.91
N TYR O 221 -24.46 -34.90 -14.71
CA TYR O 221 -23.17 -35.23 -14.10
C TYR O 221 -22.43 -36.35 -14.84
N ILE O 222 -23.11 -37.46 -15.08
CA ILE O 222 -22.50 -38.57 -15.83
C ILE O 222 -22.08 -38.19 -17.26
N PRO O 223 -22.98 -37.56 -18.04
CA PRO O 223 -22.58 -37.28 -19.42
C PRO O 223 -21.48 -36.23 -19.58
N SER O 224 -21.46 -35.23 -18.71
CA SER O 224 -20.45 -34.18 -18.82
C SER O 224 -19.07 -34.70 -18.46
N CYS O 225 -19.01 -35.59 -17.47
CA CYS O 225 -17.75 -36.23 -17.10
C CYS O 225 -17.19 -37.02 -18.26
N MET O 226 -18.06 -37.76 -18.94
CA MET O 226 -17.65 -38.54 -20.11
C MET O 226 -17.19 -37.61 -21.22
N LEU O 227 -17.84 -36.44 -21.33
CA LEU O 227 -17.47 -35.46 -22.34
C LEU O 227 -16.09 -34.87 -22.07
N VAL O 228 -15.82 -34.55 -20.81
CA VAL O 228 -14.53 -34.01 -20.41
C VAL O 228 -13.42 -35.03 -20.65
N ILE O 229 -13.70 -36.29 -20.35
CA ILE O 229 -12.74 -37.36 -20.58
C ILE O 229 -12.43 -37.52 -22.07
N VAL O 230 -13.46 -37.43 -22.91
CA VAL O 230 -13.28 -37.54 -24.35
C VAL O 230 -12.41 -36.41 -24.89
N SER O 231 -12.53 -35.23 -24.30
CA SER O 231 -11.74 -34.08 -24.74
C SER O 231 -10.24 -34.31 -24.52
N TRP O 232 -9.92 -35.23 -23.62
CA TRP O 232 -8.54 -35.53 -23.28
C TRP O 232 -7.86 -36.41 -24.32
N VAL O 233 -8.63 -37.28 -24.98
CA VAL O 233 -8.04 -38.26 -25.89
C VAL O 233 -7.53 -37.63 -27.18
N SER O 234 -7.70 -36.32 -27.31
CA SER O 234 -7.12 -35.60 -28.43
C SER O 234 -5.64 -35.34 -28.15
N PHE O 235 -5.26 -35.44 -26.88
CA PHE O 235 -3.88 -35.27 -26.48
C PHE O 235 -3.05 -36.48 -26.92
N TRP O 236 -3.68 -37.64 -26.92
CA TRP O 236 -2.99 -38.87 -27.28
C TRP O 236 -2.96 -39.04 -28.80
N PHE O 237 -3.67 -38.16 -29.50
CA PHE O 237 -3.66 -38.15 -30.95
C PHE O 237 -2.51 -37.29 -31.45
N ASP O 238 -2.00 -37.62 -32.63
CA ASP O 238 -0.87 -36.91 -33.20
C ASP O 238 -1.23 -35.49 -33.59
N ARG O 239 -0.20 -34.66 -33.75
CA ARG O 239 -0.40 -33.27 -34.14
C ARG O 239 -0.84 -33.18 -35.59
N THR O 240 -0.36 -34.11 -36.41
CA THR O 240 -0.63 -34.10 -37.84
C THR O 240 -2.06 -34.53 -38.15
N ALA O 241 -2.68 -35.20 -37.20
CA ALA O 241 -4.05 -35.67 -37.34
C ALA O 241 -5.04 -34.56 -37.03
N ILE O 242 -5.09 -33.55 -37.90
CA ILE O 242 -6.00 -32.43 -37.75
C ILE O 242 -7.49 -32.84 -37.79
N PRO O 243 -7.91 -33.68 -38.76
CA PRO O 243 -9.34 -34.03 -38.74
C PRO O 243 -9.79 -34.76 -37.47
N ALA O 244 -8.87 -35.45 -36.81
CA ALA O 244 -9.21 -36.18 -35.59
C ALA O 244 -9.39 -35.25 -34.40
N ARG O 245 -8.44 -34.35 -34.21
CA ARG O 245 -8.42 -33.47 -33.04
C ARG O 245 -9.37 -32.28 -33.18
N VAL O 246 -9.50 -31.76 -34.41
CA VAL O 246 -10.40 -30.63 -34.65
C VAL O 246 -11.83 -31.05 -34.42
N THR O 247 -12.18 -32.23 -34.94
CA THR O 247 -13.53 -32.75 -34.79
C THR O 247 -13.86 -32.93 -33.31
N LEU O 248 -13.01 -33.66 -32.60
CA LEU O 248 -13.19 -33.90 -31.18
C LEU O 248 -13.34 -32.62 -30.37
N GLY O 249 -12.47 -31.64 -30.65
CA GLY O 249 -12.49 -30.38 -29.94
C GLY O 249 -13.79 -29.61 -30.09
N VAL O 250 -14.24 -29.45 -31.34
CA VAL O 250 -15.46 -28.70 -31.63
C VAL O 250 -16.70 -29.48 -31.22
N THR O 251 -16.73 -30.76 -31.56
CA THR O 251 -17.86 -31.63 -31.25
C THR O 251 -18.14 -31.72 -29.75
N THR O 252 -17.09 -31.93 -28.96
CA THR O 252 -17.24 -32.06 -27.51
C THR O 252 -17.80 -30.79 -26.87
N LEU O 253 -17.31 -29.64 -27.33
CA LEU O 253 -17.77 -28.37 -26.79
C LEU O 253 -19.21 -28.07 -27.19
N LEU O 254 -19.54 -28.35 -28.45
CA LEU O 254 -20.89 -28.13 -28.95
C LEU O 254 -21.89 -29.05 -28.24
N THR O 255 -21.49 -30.29 -28.00
CA THR O 255 -22.33 -31.25 -27.30
C THR O 255 -22.53 -30.81 -25.85
N MET O 256 -21.47 -30.27 -25.25
CA MET O 256 -21.53 -29.80 -23.88
C MET O 256 -22.49 -28.61 -23.74
N THR O 257 -22.50 -27.75 -24.75
CA THR O 257 -23.38 -26.60 -24.77
C THR O 257 -24.83 -27.06 -24.77
N ALA O 258 -25.10 -28.12 -25.51
CA ALA O 258 -26.44 -28.67 -25.61
C ALA O 258 -26.95 -29.13 -24.24
N GLN O 259 -26.08 -29.77 -23.47
CA GLN O 259 -26.45 -30.23 -22.12
C GLN O 259 -26.88 -29.06 -21.26
N SER O 260 -26.16 -27.95 -21.37
CA SER O 260 -26.46 -26.76 -20.58
C SER O 260 -27.87 -26.22 -20.87
N ALA O 261 -28.27 -26.26 -22.14
CA ALA O 261 -29.59 -25.78 -22.54
C ALA O 261 -30.74 -26.60 -21.95
N GLY O 262 -30.55 -27.92 -21.90
CA GLY O 262 -31.55 -28.81 -21.34
C GLY O 262 -31.76 -28.59 -19.85
N ILE O 263 -30.67 -28.29 -19.16
CA ILE O 263 -30.68 -28.02 -17.74
C ILE O 263 -31.48 -26.76 -17.41
N ASN O 264 -31.49 -25.81 -18.33
CA ASN O 264 -32.19 -24.53 -18.13
C ASN O 264 -33.68 -24.75 -17.84
N SER O 265 -34.28 -25.71 -18.53
CA SER O 265 -35.71 -25.99 -18.40
C SER O 265 -36.12 -26.41 -17.00
N GLN O 266 -35.33 -27.29 -16.39
CA GLN O 266 -35.66 -27.87 -15.09
C GLN O 266 -35.84 -26.84 -13.97
N LEU O 267 -34.97 -25.85 -13.91
CA LEU O 267 -35.03 -24.87 -12.84
C LEU O 267 -35.38 -23.45 -13.31
N PRO O 268 -36.35 -22.82 -12.64
CA PRO O 268 -36.74 -21.42 -12.84
C PRO O 268 -35.59 -20.47 -12.48
N PRO O 269 -35.58 -19.26 -13.06
CA PRO O 269 -34.47 -18.31 -12.92
C PRO O 269 -34.27 -17.82 -11.48
N VAL O 270 -33.03 -17.92 -11.01
CA VAL O 270 -32.66 -17.49 -9.67
C VAL O 270 -31.40 -16.64 -9.74
N SER O 271 -31.38 -15.57 -8.98
CA SER O 271 -30.29 -14.59 -9.04
C SER O 271 -28.99 -15.00 -8.35
N TYR O 272 -29.03 -15.93 -7.40
CA TYR O 272 -27.78 -16.31 -6.74
C TYR O 272 -27.11 -17.54 -7.39
N ILE O 273 -25.79 -17.63 -7.22
CA ILE O 273 -24.99 -18.72 -7.79
C ILE O 273 -25.31 -20.07 -7.17
N LYS O 274 -25.56 -21.06 -8.02
CA LYS O 274 -25.90 -22.39 -7.55
C LYS O 274 -24.77 -23.40 -7.84
N ALA O 275 -24.83 -24.54 -7.19
CA ALA O 275 -23.82 -25.59 -7.37
C ALA O 275 -23.81 -26.11 -8.81
N ILE O 276 -24.98 -26.11 -9.43
CA ILE O 276 -25.09 -26.60 -10.79
C ILE O 276 -24.45 -25.63 -11.78
N ASP O 277 -24.39 -24.36 -11.41
CA ASP O 277 -23.80 -23.34 -12.27
C ASP O 277 -22.29 -23.51 -12.28
N VAL O 278 -21.75 -23.83 -11.11
CA VAL O 278 -20.33 -24.08 -10.95
C VAL O 278 -19.88 -25.29 -11.76
N TRP O 279 -20.63 -26.39 -11.62
CA TRP O 279 -20.25 -27.65 -12.25
C TRP O 279 -20.47 -27.63 -13.76
N ILE O 280 -21.32 -26.72 -14.23
CA ILE O 280 -21.52 -26.54 -15.66
C ILE O 280 -20.34 -25.78 -16.26
N GLY O 281 -19.98 -24.67 -15.60
CA GLY O 281 -18.90 -23.83 -16.06
C GLY O 281 -17.55 -24.51 -16.05
N ALA O 282 -17.37 -25.45 -15.13
CA ALA O 282 -16.11 -26.17 -15.02
C ALA O 282 -15.91 -27.10 -16.20
N CYS O 283 -16.88 -27.98 -16.43
CA CYS O 283 -16.82 -28.90 -17.56
C CYS O 283 -16.73 -28.14 -18.87
N MET O 284 -17.38 -26.99 -18.90
CA MET O 284 -17.35 -26.12 -20.08
C MET O 284 -15.93 -25.59 -20.32
N THR O 285 -15.23 -25.27 -19.23
CA THR O 285 -13.89 -24.71 -19.32
C THR O 285 -12.86 -25.78 -19.73
N PHE O 286 -12.91 -26.93 -19.06
CA PHE O 286 -12.00 -28.03 -19.34
C PHE O 286 -12.04 -28.47 -20.79
N ILE O 287 -13.23 -28.47 -21.38
CA ILE O 287 -13.39 -28.85 -22.78
C ILE O 287 -12.89 -27.73 -23.70
N PHE O 288 -13.11 -26.48 -23.27
CA PHE O 288 -12.64 -25.33 -24.03
C PHE O 288 -11.13 -25.26 -24.03
N CYS O 289 -10.52 -25.54 -22.87
CA CYS O 289 -9.07 -25.48 -22.74
C CYS O 289 -8.39 -26.63 -23.48
N ALA O 290 -9.05 -27.78 -23.50
CA ALA O 290 -8.54 -28.93 -24.24
C ALA O 290 -8.48 -28.62 -25.73
N LEU O 291 -9.47 -27.87 -26.20
CA LEU O 291 -9.51 -27.42 -27.58
C LEU O 291 -8.50 -26.30 -27.83
N LEU O 292 -8.35 -25.42 -26.84
CA LEU O 292 -7.40 -24.32 -26.91
C LEU O 292 -5.97 -24.82 -27.04
N GLU O 293 -5.69 -25.91 -26.33
CA GLU O 293 -4.38 -26.54 -26.35
C GLU O 293 -3.99 -27.00 -27.75
N PHE O 294 -4.95 -27.57 -28.48
CA PHE O 294 -4.71 -28.08 -29.83
C PHE O 294 -4.31 -27.00 -30.84
N ALA O 295 -4.91 -25.82 -30.73
CA ALA O 295 -4.62 -24.74 -31.66
C ALA O 295 -3.15 -24.36 -31.55
N LEU O 296 -2.65 -24.39 -30.32
CA LEU O 296 -1.25 -24.11 -30.06
C LEU O 296 -0.35 -25.19 -30.65
N VAL O 297 -0.78 -26.45 -30.52
CA VAL O 297 -0.02 -27.58 -31.05
C VAL O 297 0.01 -27.50 -32.57
N ASN O 298 -1.13 -27.21 -33.17
CA ASN O 298 -1.21 -27.04 -34.61
C ASN O 298 -0.37 -25.84 -34.98
N HIS O 299 -0.28 -24.89 -34.06
CA HIS O 299 0.53 -23.71 -34.27
C HIS O 299 2.01 -24.10 -34.30
N ILE O 300 2.42 -24.94 -33.35
CA ILE O 300 3.80 -25.38 -33.33
C ILE O 300 4.12 -26.36 -34.48
N ALA O 301 3.12 -27.08 -34.97
CA ALA O 301 3.33 -28.02 -36.07
C ALA O 301 3.62 -27.31 -37.41
N ASN O 302 2.95 -26.18 -37.67
CA ASN O 302 2.99 -25.49 -38.97
C ASN O 302 4.33 -24.91 -39.43
N ALA O 303 5.16 -24.47 -38.49
CA ALA O 303 6.43 -23.84 -38.79
C ALA O 303 7.47 -24.82 -39.34
N GLY O 304 7.53 -26.01 -38.76
CA GLY O 304 8.43 -27.03 -39.25
C GLY O 304 9.86 -26.85 -38.78
N THR O 305 10.05 -26.65 -37.48
CA THR O 305 11.39 -26.69 -36.91
C THR O 305 11.38 -27.88 -35.95
N THR O 306 12.46 -28.67 -35.96
CA THR O 306 12.47 -29.89 -35.17
C THR O 306 12.39 -29.64 -33.67
N GLU O 307 13.04 -28.57 -33.21
CA GLU O 307 12.94 -28.15 -31.81
C GLU O 307 11.51 -27.83 -31.42
N TRP O 308 10.86 -26.97 -32.20
CA TRP O 308 9.48 -26.60 -31.92
C TRP O 308 8.61 -27.85 -31.94
N ASN O 309 8.75 -28.67 -32.99
CA ASN O 309 8.11 -29.99 -33.02
C ASN O 309 8.16 -30.65 -31.63
N ASP O 310 9.39 -30.97 -31.20
CA ASP O 310 9.65 -31.53 -29.87
C ASP O 310 8.93 -30.79 -28.74
N ILE O 311 8.82 -29.47 -28.86
CA ILE O 311 8.13 -28.68 -27.83
C ILE O 311 6.65 -29.01 -27.83
N SER O 312 6.06 -29.06 -29.02
CA SER O 312 4.65 -29.37 -29.19
C SER O 312 4.31 -30.71 -28.57
N LYS O 313 5.16 -31.70 -28.84
CA LYS O 313 4.98 -33.05 -28.30
C LYS O 313 5.01 -33.04 -26.78
N ARG O 314 5.95 -32.32 -26.18
CA ARG O 314 6.02 -32.22 -24.72
C ARG O 314 4.74 -31.60 -24.13
N VAL O 315 4.20 -30.60 -24.82
CA VAL O 315 2.95 -29.95 -24.43
C VAL O 315 1.82 -30.98 -24.41
N ASP O 316 1.83 -31.86 -25.41
CA ASP O 316 0.87 -32.96 -25.47
C ASP O 316 1.10 -33.91 -24.30
N LEU O 317 2.37 -34.15 -23.97
CA LEU O 317 2.73 -35.07 -22.91
C LEU O 317 2.26 -34.60 -21.54
N ILE O 318 2.46 -33.32 -21.25
CA ILE O 318 2.08 -32.76 -19.95
C ILE O 318 0.58 -32.58 -19.85
N SER O 319 -0.08 -32.47 -21.00
CA SER O 319 -1.53 -32.32 -21.05
C SER O 319 -2.22 -33.61 -20.62
N ARG O 320 -1.60 -34.73 -20.93
CA ARG O 320 -2.14 -36.05 -20.58
C ARG O 320 -2.09 -36.30 -19.08
N ALA O 321 -1.36 -35.45 -18.36
CA ALA O 321 -1.23 -35.58 -16.92
C ALA O 321 -1.92 -34.43 -16.20
N LEU O 322 -1.74 -33.22 -16.72
CA LEU O 322 -2.25 -32.01 -16.08
C LEU O 322 -3.77 -32.01 -16.02
N PHE O 323 -4.40 -32.23 -17.17
CA PHE O 323 -5.86 -32.21 -17.26
C PHE O 323 -6.56 -33.26 -16.37
N PRO O 324 -6.10 -34.54 -16.40
CA PRO O 324 -6.79 -35.48 -15.51
C PRO O 324 -6.60 -35.16 -14.03
N VAL O 325 -5.43 -34.64 -13.67
CA VAL O 325 -5.16 -34.28 -12.28
C VAL O 325 -5.99 -33.08 -11.84
N LEU O 326 -5.99 -32.03 -12.66
CA LEU O 326 -6.75 -30.82 -12.35
C LEU O 326 -8.24 -31.10 -12.22
N PHE O 327 -8.75 -31.99 -13.09
CA PHE O 327 -10.15 -32.37 -13.03
C PHE O 327 -10.44 -33.20 -11.79
N PHE O 328 -9.47 -34.03 -11.40
CA PHE O 328 -9.60 -34.86 -10.21
C PHE O 328 -9.57 -34.00 -8.96
N VAL O 329 -8.75 -32.95 -9.00
CA VAL O 329 -8.67 -31.99 -7.90
C VAL O 329 -10.00 -31.25 -7.75
N PHE O 330 -10.57 -30.84 -8.88
CA PHE O 330 -11.83 -30.11 -8.87
C PHE O 330 -12.97 -30.92 -8.26
N ASN O 331 -13.10 -32.18 -8.66
CA ASN O 331 -14.17 -33.04 -8.15
C ASN O 331 -14.10 -33.20 -6.63
N ILE O 332 -12.89 -33.33 -6.11
CA ILE O 332 -12.67 -33.39 -4.67
C ILE O 332 -13.14 -32.08 -4.05
N LEU O 333 -12.76 -30.97 -4.67
CA LEU O 333 -13.15 -29.64 -4.19
C LEU O 333 -14.66 -29.43 -4.31
N TYR O 334 -15.24 -29.87 -5.41
CA TYR O 334 -16.67 -29.65 -5.66
C TYR O 334 -17.56 -30.44 -4.71
N TRP O 335 -17.38 -31.75 -4.67
CA TRP O 335 -18.27 -32.61 -3.92
C TRP O 335 -18.08 -32.54 -2.40
N SER O 336 -16.89 -32.15 -1.95
CA SER O 336 -16.67 -31.96 -0.53
C SER O 336 -17.28 -30.65 -0.07
N ARG O 337 -17.55 -29.76 -1.03
CA ARG O 337 -18.16 -28.48 -0.75
C ARG O 337 -19.68 -28.59 -0.79
N PHE O 338 -20.19 -29.35 -1.76
CA PHE O 338 -21.62 -29.52 -1.92
C PHE O 338 -22.04 -30.92 -1.49
N GLY O 339 -21.36 -31.42 -0.47
CA GLY O 339 -21.62 -32.73 0.12
C GLY O 339 -22.42 -32.61 1.40
N HIS O 340 -22.71 -31.37 1.78
CA HIS O 340 -23.40 -31.07 3.03
C HIS O 340 -24.71 -30.30 2.79
N SER P 1 -66.57 -10.22 32.89
CA SER P 1 -65.78 -9.02 33.20
C SER P 1 -65.77 -8.07 32.01
N ASP P 2 -65.13 -8.49 30.93
CA ASP P 2 -65.07 -7.71 29.71
C ASP P 2 -66.45 -7.47 29.12
N SER P 3 -67.26 -8.51 29.04
CA SER P 3 -68.63 -8.42 28.54
C SER P 3 -69.50 -7.50 29.39
N LYS P 4 -69.19 -7.43 30.69
CA LYS P 4 -69.93 -6.54 31.59
C LYS P 4 -69.62 -5.08 31.31
N ILE P 5 -68.38 -4.82 30.90
CA ILE P 5 -67.92 -3.47 30.58
C ILE P 5 -68.42 -3.02 29.21
N LEU P 6 -68.25 -3.90 28.22
CA LEU P 6 -68.68 -3.62 26.85
C LEU P 6 -70.16 -3.29 26.82
N ALA P 7 -70.93 -3.96 27.67
CA ALA P 7 -72.35 -3.66 27.76
C ALA P 7 -72.57 -2.24 28.24
N HIS P 8 -71.81 -1.85 29.25
CA HIS P 8 -71.93 -0.50 29.83
C HIS P 8 -71.61 0.58 28.81
N LEU P 9 -70.68 0.29 27.90
CA LEU P 9 -70.29 1.23 26.87
C LEU P 9 -71.33 1.38 25.77
N PHE P 10 -71.87 0.26 25.30
CA PHE P 10 -72.76 0.29 24.14
C PHE P 10 -74.27 0.23 24.42
N THR P 11 -74.68 0.34 25.68
CA THR P 11 -76.09 0.56 25.98
C THR P 11 -76.36 2.05 25.86
N SER P 12 -75.33 2.83 26.17
CA SER P 12 -75.39 4.27 26.04
C SER P 12 -75.40 4.72 24.57
N GLY P 13 -75.86 5.95 24.35
CA GLY P 13 -75.97 6.51 23.01
C GLY P 13 -74.62 6.70 22.37
N TYR P 14 -74.24 5.76 21.50
CA TYR P 14 -72.95 5.81 20.82
C TYR P 14 -73.19 5.75 19.33
N ASP P 15 -72.40 6.49 18.55
CA ASP P 15 -72.55 6.47 17.10
C ASP P 15 -71.20 6.27 16.45
N PHE P 16 -71.00 5.09 15.86
CA PHE P 16 -69.72 4.75 15.24
C PHE P 16 -69.50 5.51 13.93
N ARG P 17 -70.54 6.15 13.43
CA ARG P 17 -70.44 6.95 12.22
C ARG P 17 -69.93 8.34 12.55
N VAL P 18 -69.80 8.64 13.83
CA VAL P 18 -69.40 9.97 14.27
C VAL P 18 -67.96 9.98 14.76
N ARG P 19 -67.19 10.94 14.24
CA ARG P 19 -65.80 11.13 14.62
C ARG P 19 -65.66 11.40 16.12
N PRO P 20 -64.63 10.80 16.76
CA PRO P 20 -64.38 10.99 18.19
C PRO P 20 -64.12 12.46 18.55
N PRO P 21 -64.57 12.89 19.73
CA PRO P 21 -64.40 14.26 20.21
C PRO P 21 -62.93 14.64 20.37
N THR P 22 -62.64 15.94 20.22
CA THR P 22 -61.30 16.46 20.42
C THR P 22 -61.34 17.58 21.45
N ASP P 23 -60.27 17.72 22.22
CA ASP P 23 -60.21 18.71 23.29
C ASP P 23 -60.36 20.14 22.79
N ASN P 24 -59.86 20.42 21.59
CA ASN P 24 -59.91 21.77 21.03
C ASN P 24 -60.44 21.80 19.61
N GLY P 25 -61.23 20.79 19.24
CA GLY P 25 -61.82 20.72 17.91
C GLY P 25 -60.83 20.33 16.83
N GLY P 26 -59.63 19.93 17.25
CA GLY P 26 -58.60 19.52 16.32
C GLY P 26 -58.89 18.17 15.67
N PRO P 27 -57.93 17.68 14.88
CA PRO P 27 -58.08 16.39 14.19
C PRO P 27 -57.72 15.21 15.07
N VAL P 28 -58.22 14.03 14.72
CA VAL P 28 -57.89 12.80 15.43
C VAL P 28 -56.50 12.31 15.00
N VAL P 29 -55.61 12.15 15.96
CA VAL P 29 -54.25 11.73 15.68
C VAL P 29 -54.11 10.21 15.72
N VAL P 30 -53.83 9.61 14.57
CA VAL P 30 -53.68 8.16 14.48
C VAL P 30 -52.22 7.74 14.41
N SER P 31 -51.77 7.05 15.46
CA SER P 31 -50.41 6.54 15.51
C SER P 31 -50.32 5.18 14.81
N VAL P 32 -49.39 5.07 13.87
CA VAL P 32 -49.32 3.88 13.02
C VAL P 32 -48.03 3.08 13.22
N ASN P 33 -48.20 1.79 13.44
CA ASN P 33 -47.08 0.86 13.51
C ASN P 33 -47.19 -0.14 12.37
N MET P 34 -46.06 -0.51 11.77
CA MET P 34 -46.09 -1.39 10.62
C MET P 34 -45.16 -2.59 10.78
N LEU P 35 -45.70 -3.78 10.53
CA LEU P 35 -44.93 -5.02 10.61
C LEU P 35 -44.90 -5.74 9.27
N LEU P 36 -43.70 -5.93 8.72
CA LEU P 36 -43.55 -6.59 7.42
C LEU P 36 -43.27 -8.08 7.57
N ARG P 37 -44.15 -8.89 7.02
CA ARG P 37 -44.02 -10.34 7.11
C ARG P 37 -43.25 -10.91 5.92
N THR P 38 -43.78 -10.70 4.72
CA THR P 38 -43.17 -11.23 3.50
C THR P 38 -43.16 -10.25 2.36
N ILE P 39 -42.10 -10.30 1.56
CA ILE P 39 -42.04 -9.59 0.29
C ILE P 39 -41.81 -10.64 -0.80
N SER P 40 -42.68 -10.68 -1.80
CA SER P 40 -42.61 -11.75 -2.78
C SER P 40 -43.14 -11.33 -4.15
N LYS P 41 -42.79 -12.11 -5.17
CA LYS P 41 -43.34 -11.94 -6.51
C LYS P 41 -43.02 -10.54 -7.03
N ILE P 42 -41.80 -10.08 -6.84
CA ILE P 42 -41.43 -8.80 -7.43
C ILE P 42 -41.52 -8.90 -8.94
N ASP P 43 -42.32 -8.03 -9.54
CA ASP P 43 -42.58 -8.11 -10.98
C ASP P 43 -42.09 -6.83 -11.64
N VAL P 44 -41.21 -7.00 -12.61
CA VAL P 44 -40.64 -5.86 -13.32
C VAL P 44 -41.45 -5.53 -14.58
N VAL P 45 -42.22 -6.50 -15.05
CA VAL P 45 -43.04 -6.28 -16.24
C VAL P 45 -44.29 -5.46 -15.92
N ASN P 46 -44.98 -5.85 -14.85
CA ASN P 46 -46.21 -5.18 -14.45
C ASN P 46 -45.97 -4.08 -13.42
N MET P 47 -44.69 -3.86 -13.10
CA MET P 47 -44.28 -2.85 -12.13
C MET P 47 -45.02 -2.97 -10.81
N GLU P 48 -44.96 -4.16 -10.21
CA GLU P 48 -45.64 -4.40 -8.94
C GLU P 48 -44.93 -5.46 -8.11
N TYR P 49 -45.24 -5.49 -6.82
CA TYR P 49 -44.71 -6.49 -5.92
C TYR P 49 -45.74 -6.84 -4.86
N SER P 50 -45.71 -8.09 -4.39
CA SER P 50 -46.64 -8.53 -3.36
C SER P 50 -45.98 -8.44 -1.99
N ALA P 51 -46.72 -7.89 -1.04
CA ALA P 51 -46.21 -7.74 0.32
C ALA P 51 -47.31 -8.05 1.32
N GLN P 52 -46.98 -8.89 2.29
CA GLN P 52 -47.90 -9.24 3.36
C GLN P 52 -47.45 -8.55 4.64
N LEU P 53 -48.38 -7.88 5.32
CA LEU P 53 -48.01 -7.05 6.46
C LEU P 53 -49.09 -6.98 7.54
N THR P 54 -48.68 -6.60 8.73
CA THR P 54 -49.59 -6.40 9.84
C THR P 54 -49.72 -4.91 10.14
N LEU P 55 -50.93 -4.38 10.00
CA LEU P 55 -51.18 -2.96 10.24
C LEU P 55 -51.65 -2.71 11.67
N ARG P 56 -51.00 -1.77 12.34
CA ARG P 56 -51.38 -1.41 13.70
C ARG P 56 -51.68 0.08 13.82
N GLU P 57 -52.94 0.40 14.11
CA GLU P 57 -53.36 1.79 14.29
C GLU P 57 -53.72 2.09 15.75
N SER P 58 -53.58 3.34 16.15
CA SER P 58 -53.91 3.74 17.51
C SER P 58 -54.44 5.16 17.59
N TRP P 59 -55.62 5.31 18.18
CA TRP P 59 -56.22 6.63 18.38
C TRP P 59 -56.96 6.67 19.71
N ILE P 60 -57.41 7.86 20.11
CA ILE P 60 -58.11 8.04 21.37
C ILE P 60 -59.58 8.37 21.19
N ASP P 61 -60.44 7.55 21.78
CA ASP P 61 -61.89 7.78 21.71
C ASP P 61 -62.46 7.92 23.12
N LYS P 62 -62.63 9.16 23.57
CA LYS P 62 -63.08 9.43 24.94
C LYS P 62 -64.48 8.89 25.22
N ARG P 63 -65.23 8.59 24.16
CA ARG P 63 -66.54 7.99 24.28
C ARG P 63 -66.44 6.55 24.80
N LEU P 64 -65.29 5.94 24.55
CA LEU P 64 -65.06 4.54 24.92
C LEU P 64 -64.37 4.44 26.28
N SER P 65 -64.15 5.58 26.92
CA SER P 65 -63.49 5.59 28.22
C SER P 65 -64.43 5.03 29.27
N TYR P 66 -64.02 3.92 29.89
CA TYR P 66 -64.84 3.24 30.87
C TYR P 66 -64.20 3.27 32.25
N GLY P 67 -62.87 3.21 32.26
CA GLY P 67 -62.12 3.11 33.50
C GLY P 67 -61.20 4.29 33.72
N VAL P 68 -60.66 4.38 34.93
CA VAL P 68 -59.72 5.43 35.29
C VAL P 68 -58.32 4.81 35.23
N LYS P 69 -57.29 5.65 35.18
CA LYS P 69 -55.91 5.17 35.07
C LYS P 69 -55.52 4.21 36.19
N GLY P 70 -55.87 4.58 37.42
CA GLY P 70 -55.59 3.76 38.58
C GLY P 70 -56.82 3.08 39.15
N ASP P 71 -56.97 1.78 38.93
CA ASP P 71 -58.11 1.07 39.52
C ASP P 71 -57.97 -0.45 39.41
N GLY P 72 -58.73 -1.16 40.24
CA GLY P 72 -58.78 -2.61 40.18
C GLY P 72 -59.50 -3.14 38.96
N GLN P 73 -59.08 -2.69 37.77
CA GLN P 73 -59.70 -3.07 36.52
C GLN P 73 -58.66 -3.39 35.46
N PRO P 74 -58.97 -4.34 34.56
CA PRO P 74 -57.99 -4.65 33.51
C PRO P 74 -57.78 -3.43 32.60
N ASP P 75 -56.53 -3.10 32.34
CA ASP P 75 -56.15 -1.95 31.53
C ASP P 75 -56.87 -1.87 30.19
N PHE P 76 -56.97 -3.00 29.52
CA PHE P 76 -57.60 -3.09 28.21
C PHE P 76 -58.61 -4.23 28.06
N VAL P 77 -59.56 -4.03 27.15
CA VAL P 77 -60.58 -5.02 26.85
C VAL P 77 -60.60 -5.39 25.38
N ILE P 78 -60.64 -6.69 25.09
CA ILE P 78 -60.73 -7.15 23.71
C ILE P 78 -62.15 -6.96 23.19
N LEU P 79 -62.29 -6.22 22.09
CA LEU P 79 -63.62 -5.95 21.54
C LEU P 79 -64.21 -7.20 20.88
N THR P 80 -65.37 -7.62 21.36
CA THR P 80 -66.05 -8.79 20.81
C THR P 80 -66.93 -8.40 19.62
N VAL P 81 -67.49 -9.41 18.96
CA VAL P 81 -68.35 -9.18 17.80
C VAL P 81 -69.67 -8.56 18.23
N GLY P 82 -70.28 -7.78 17.35
CA GLY P 82 -71.58 -7.18 17.60
C GLY P 82 -71.52 -5.77 18.12
N HIS P 83 -70.31 -5.23 18.28
CA HIS P 83 -70.13 -3.87 18.74
C HIS P 83 -69.17 -3.15 17.79
N GLN P 84 -69.67 -2.12 17.12
CA GLN P 84 -68.88 -1.39 16.15
C GLN P 84 -68.32 -0.10 16.73
N ILE P 85 -67.06 0.18 16.41
CA ILE P 85 -66.42 1.41 16.82
C ILE P 85 -66.06 2.25 15.60
N TRP P 86 -65.99 3.57 15.77
CA TRP P 86 -65.48 4.43 14.73
C TRP P 86 -64.05 4.03 14.42
N MET P 87 -63.76 3.85 13.13
CA MET P 87 -62.41 3.51 12.70
C MET P 87 -62.02 4.37 11.51
N PRO P 88 -60.74 4.77 11.46
CA PRO P 88 -60.19 5.56 10.35
C PRO P 88 -60.39 4.88 9.00
N ASP P 89 -60.92 5.59 8.02
CA ASP P 89 -61.11 5.04 6.69
C ASP P 89 -59.79 4.95 5.94
N THR P 90 -58.79 4.37 6.58
CA THR P 90 -57.45 4.28 6.02
C THR P 90 -57.40 3.30 4.86
N PHE P 91 -56.59 3.61 3.85
CA PHE P 91 -56.40 2.73 2.71
C PHE P 91 -54.98 2.86 2.18
N PHE P 92 -54.70 2.16 1.08
CA PHE P 92 -53.37 2.17 0.50
C PHE P 92 -53.41 2.70 -0.93
N PRO P 93 -53.07 3.99 -1.10
CA PRO P 93 -53.13 4.72 -2.37
C PRO P 93 -52.51 3.98 -3.55
N ASN P 94 -51.37 3.33 -3.34
CA ASN P 94 -50.67 2.65 -4.43
C ASN P 94 -50.94 1.15 -4.46
N GLU P 95 -52.01 0.72 -3.81
CA GLU P 95 -52.39 -0.69 -3.83
C GLU P 95 -53.23 -1.00 -5.07
N LYS P 96 -52.84 -2.05 -5.79
CA LYS P 96 -53.57 -2.46 -6.99
C LYS P 96 -54.53 -3.58 -6.65
N GLN P 97 -54.16 -4.39 -5.66
CA GLN P 97 -54.98 -5.49 -5.18
C GLN P 97 -54.75 -5.66 -3.69
N ALA P 98 -55.78 -6.02 -2.95
CA ALA P 98 -55.66 -6.18 -1.50
C ALA P 98 -56.71 -7.12 -0.92
N TYR P 99 -56.28 -7.96 0.01
CA TYR P 99 -57.16 -8.93 0.64
C TYR P 99 -56.97 -8.93 2.15
N LYS P 100 -58.04 -9.18 2.91
CA LYS P 100 -57.89 -9.48 4.33
C LYS P 100 -58.03 -10.97 4.58
N HIS P 101 -57.50 -11.42 5.72
CA HIS P 101 -57.50 -12.84 6.06
C HIS P 101 -58.71 -13.22 6.91
N THR P 102 -59.51 -14.15 6.41
CA THR P 102 -60.76 -14.51 7.07
C THR P 102 -60.82 -16.00 7.43
N ILE P 103 -59.69 -16.68 7.39
CA ILE P 103 -59.67 -18.12 7.65
C ILE P 103 -60.06 -18.39 9.11
N ASP P 104 -61.01 -19.33 9.28
CA ASP P 104 -61.74 -19.48 10.55
C ASP P 104 -62.33 -18.14 10.95
N LYS P 105 -61.99 -17.65 12.14
CA LYS P 105 -62.35 -16.30 12.52
C LYS P 105 -61.46 -15.30 11.79
N PRO P 106 -62.02 -14.14 11.43
CA PRO P 106 -61.25 -13.11 10.72
C PRO P 106 -60.09 -12.57 11.55
N ASN P 107 -59.01 -12.17 10.89
CA ASN P 107 -57.79 -11.78 11.59
C ASN P 107 -57.75 -10.29 11.93
N VAL P 108 -58.67 -9.87 12.79
CA VAL P 108 -58.67 -8.49 13.29
C VAL P 108 -58.59 -8.50 14.82
N LEU P 109 -57.99 -7.46 15.38
CA LEU P 109 -57.89 -7.32 16.83
C LEU P 109 -58.08 -5.88 17.28
N ILE P 110 -59.05 -5.66 18.16
CA ILE P 110 -59.31 -4.33 18.69
C ILE P 110 -59.24 -4.29 20.20
N ARG P 111 -58.34 -3.47 20.73
CA ARG P 111 -58.19 -3.31 22.17
C ARG P 111 -58.64 -1.93 22.63
N ILE P 112 -59.47 -1.89 23.66
CA ILE P 112 -59.93 -0.63 24.23
C ILE P 112 -59.31 -0.40 25.61
N HIS P 113 -58.36 0.53 25.69
CA HIS P 113 -57.74 0.86 26.97
C HIS P 113 -58.71 1.61 27.86
N ASN P 114 -58.36 1.72 29.14
CA ASN P 114 -59.23 2.37 30.12
C ASN P 114 -59.41 3.86 29.87
N ASP P 115 -58.35 4.53 29.43
CA ASP P 115 -58.40 5.96 29.18
C ASP P 115 -59.17 6.29 27.90
N GLY P 116 -59.42 5.27 27.08
CA GLY P 116 -60.12 5.44 25.84
C GLY P 116 -59.24 5.24 24.63
N THR P 117 -57.96 4.92 24.86
CA THR P 117 -57.02 4.68 23.78
C THR P 117 -57.36 3.37 23.08
N VAL P 118 -57.46 3.43 21.76
CA VAL P 118 -57.82 2.27 20.95
C VAL P 118 -56.62 1.68 20.21
N LEU P 119 -56.46 0.36 20.30
CA LEU P 119 -55.45 -0.33 19.50
C LEU P 119 -56.12 -1.21 18.45
N TYR P 120 -55.78 -0.98 17.19
CA TYR P 120 -56.37 -1.72 16.09
C TYR P 120 -55.31 -2.46 15.29
N SER P 121 -55.43 -3.79 15.23
CA SER P 121 -54.47 -4.61 14.51
C SER P 121 -55.15 -5.47 13.46
N VAL P 122 -54.54 -5.55 12.28
CA VAL P 122 -55.13 -6.30 11.17
C VAL P 122 -54.06 -6.84 10.23
N ARG P 123 -54.22 -8.09 9.81
CA ARG P 123 -53.33 -8.68 8.81
C ARG P 123 -53.88 -8.43 7.42
N ILE P 124 -53.04 -7.87 6.55
CA ILE P 124 -53.44 -7.52 5.20
C ILE P 124 -52.44 -8.05 4.17
N SER P 125 -52.95 -8.55 3.04
CA SER P 125 -52.10 -8.97 1.94
C SER P 125 -52.22 -7.99 0.79
N LEU P 126 -51.14 -7.27 0.51
CA LEU P 126 -51.15 -6.24 -0.52
C LEU P 126 -50.44 -6.67 -1.80
N VAL P 127 -50.85 -6.08 -2.91
CA VAL P 127 -50.10 -6.16 -4.17
C VAL P 127 -49.89 -4.73 -4.66
N LEU P 128 -48.79 -4.13 -4.23
CA LEU P 128 -48.54 -2.71 -4.48
C LEU P 128 -47.79 -2.45 -5.79
N SER P 129 -48.06 -1.30 -6.39
CA SER P 129 -47.35 -0.92 -7.61
C SER P 129 -46.00 -0.32 -7.27
N CYS P 130 -44.98 -0.73 -8.01
CA CYS P 130 -43.63 -0.23 -7.79
C CYS P 130 -42.92 -0.12 -9.13
N PRO P 131 -43.00 1.07 -9.75
CA PRO P 131 -42.35 1.32 -11.03
C PRO P 131 -40.85 1.11 -10.93
N MET P 132 -40.31 0.20 -11.73
CA MET P 132 -38.91 -0.14 -11.68
C MET P 132 -38.20 0.20 -12.98
N TYR P 133 -36.90 0.46 -12.89
CA TYR P 133 -36.13 0.90 -14.03
C TYR P 133 -34.86 0.06 -14.16
N LEU P 134 -34.64 -0.50 -15.34
CA LEU P 134 -33.55 -1.45 -15.53
C LEU P 134 -32.46 -0.95 -16.46
N GLN P 135 -32.22 0.36 -16.49
CA GLN P 135 -31.17 0.92 -17.32
C GLN P 135 -29.82 0.38 -16.89
N TYR P 136 -29.69 0.09 -15.61
CA TYR P 136 -28.46 -0.47 -15.11
C TYR P 136 -28.65 -1.96 -14.85
N TYR P 137 -29.07 -2.70 -15.88
CA TYR P 137 -29.23 -4.13 -15.68
C TYR P 137 -27.90 -4.83 -15.83
N PRO P 138 -27.56 -5.70 -14.88
CA PRO P 138 -28.35 -6.01 -13.70
C PRO P 138 -27.88 -5.32 -12.41
N MET P 139 -26.84 -4.48 -12.47
CA MET P 139 -26.36 -3.79 -11.29
C MET P 139 -27.22 -2.58 -11.00
N ASP P 140 -28.48 -2.80 -10.67
CA ASP P 140 -29.36 -1.67 -10.40
C ASP P 140 -29.90 -1.71 -8.98
N VAL P 141 -30.66 -0.68 -8.62
CA VAL P 141 -31.25 -0.58 -7.30
C VAL P 141 -32.69 -0.10 -7.44
N GLN P 142 -33.58 -0.73 -6.70
CA GLN P 142 -34.99 -0.40 -6.75
C GLN P 142 -35.50 0.07 -5.40
N GLN P 143 -36.48 0.98 -5.42
CA GLN P 143 -37.13 1.42 -4.20
C GLN P 143 -38.63 1.25 -4.32
N CYS P 144 -39.20 0.40 -3.48
CA CYS P 144 -40.64 0.16 -3.49
C CYS P 144 -41.26 0.75 -2.24
N SER P 145 -42.51 1.18 -2.35
CA SER P 145 -43.14 1.89 -1.25
C SER P 145 -44.51 1.33 -0.87
N ILE P 146 -44.94 1.66 0.34
CA ILE P 146 -46.28 1.35 0.81
C ILE P 146 -46.94 2.62 1.33
N ASP P 147 -47.70 3.30 0.47
CA ASP P 147 -48.38 4.53 0.86
C ASP P 147 -49.61 4.22 1.71
N LEU P 148 -49.89 5.08 2.68
CA LEU P 148 -50.99 4.87 3.62
C LEU P 148 -51.66 6.19 3.99
N ALA P 149 -52.96 6.29 3.75
CA ALA P 149 -53.70 7.52 4.01
C ALA P 149 -55.19 7.28 4.21
N SER P 150 -55.90 8.33 4.60
CA SER P 150 -57.36 8.28 4.71
C SER P 150 -58.00 8.75 3.41
N TYR P 151 -59.20 8.26 3.13
CA TYR P 151 -59.84 8.55 1.85
C TYR P 151 -60.83 9.72 1.91
N ALA P 152 -61.66 9.73 2.95
CA ALA P 152 -62.72 10.74 3.05
C ALA P 152 -62.34 11.91 3.95
N TYR P 153 -61.78 11.60 5.12
CA TYR P 153 -61.45 12.63 6.10
C TYR P 153 -60.19 13.39 5.70
N THR P 154 -60.28 14.71 5.74
CA THR P 154 -59.15 15.57 5.37
C THR P 154 -58.19 15.76 6.53
N THR P 155 -57.30 16.73 6.41
CA THR P 155 -56.32 17.01 7.45
C THR P 155 -56.97 17.62 8.70
N LYS P 156 -58.17 18.15 8.54
CA LYS P 156 -58.85 18.79 9.65
C LYS P 156 -59.49 17.77 10.59
N ASP P 157 -59.70 16.56 10.10
CA ASP P 157 -60.40 15.54 10.88
C ASP P 157 -59.45 14.44 11.35
N ILE P 158 -58.53 14.04 10.49
CA ILE P 158 -57.62 12.95 10.82
C ILE P 158 -56.19 13.28 10.41
N GLU P 159 -55.24 12.88 11.25
CA GLU P 159 -53.83 13.13 10.99
C GLU P 159 -53.01 11.92 11.36
N TYR P 160 -52.23 11.42 10.41
CA TYR P 160 -51.45 10.21 10.63
C TYR P 160 -50.02 10.54 11.08
N LEU P 161 -49.54 9.77 12.05
CA LEU P 161 -48.18 9.94 12.56
C LEU P 161 -47.54 8.59 12.80
N TRP P 162 -46.29 8.44 12.35
CA TRP P 162 -45.54 7.23 12.63
C TRP P 162 -45.30 7.09 14.12
N LYS P 163 -45.39 5.87 14.63
CA LYS P 163 -45.13 5.61 16.03
C LYS P 163 -43.72 6.05 16.39
N GLU P 164 -43.56 6.60 17.59
CA GLU P 164 -42.29 7.20 18.00
C GLU P 164 -41.17 6.17 18.08
N HIS P 165 -41.49 4.98 18.60
CA HIS P 165 -40.49 3.93 18.76
C HIS P 165 -40.73 2.76 17.81
N SER P 166 -39.73 2.47 16.98
CA SER P 166 -39.78 1.39 16.00
C SER P 166 -41.06 1.41 15.16
N PRO P 167 -41.14 2.36 14.20
CA PRO P 167 -42.33 2.48 13.36
C PRO P 167 -42.49 1.30 12.40
N LEU P 168 -41.37 0.79 11.90
CA LEU P 168 -41.39 -0.33 10.97
C LEU P 168 -40.61 -1.52 11.50
N GLN P 169 -41.23 -2.69 11.46
CA GLN P 169 -40.59 -3.91 11.95
C GLN P 169 -40.62 -5.01 10.90
N LEU P 170 -39.44 -5.40 10.42
CA LEU P 170 -39.32 -6.49 9.47
C LEU P 170 -39.31 -7.84 10.20
N LYS P 171 -39.72 -8.89 9.51
CA LYS P 171 -39.71 -10.24 10.07
C LYS P 171 -38.27 -10.77 10.09
N VAL P 172 -38.03 -11.79 10.92
CA VAL P 172 -36.68 -12.31 11.17
C VAL P 172 -35.83 -12.55 9.92
N GLY P 173 -36.36 -13.30 8.95
CA GLY P 173 -35.58 -13.63 7.77
C GLY P 173 -36.15 -13.05 6.49
N LEU P 174 -36.31 -11.73 6.46
CA LEU P 174 -36.95 -11.07 5.32
C LEU P 174 -35.96 -10.75 4.21
N SER P 175 -34.75 -10.35 4.57
CA SER P 175 -33.74 -9.95 3.59
C SER P 175 -33.30 -11.10 2.70
N SER P 176 -33.39 -12.32 3.22
CA SER P 176 -32.99 -13.50 2.46
C SER P 176 -34.16 -14.11 1.69
N SER P 177 -35.37 -13.65 2.02
CA SER P 177 -36.58 -14.17 1.38
C SER P 177 -36.62 -13.87 -0.11
N LEU P 178 -36.03 -12.75 -0.52
CA LEU P 178 -36.01 -12.38 -1.92
C LEU P 178 -34.88 -13.08 -2.68
N PRO P 179 -35.24 -13.80 -3.75
CA PRO P 179 -34.25 -14.51 -4.57
C PRO P 179 -33.44 -13.54 -5.44
N SER P 180 -34.12 -12.56 -6.03
CA SER P 180 -33.50 -11.65 -6.97
C SER P 180 -32.75 -10.48 -6.30
N PHE P 181 -33.32 -9.96 -5.22
CA PHE P 181 -32.80 -8.74 -4.62
C PHE P 181 -32.25 -8.92 -3.21
N GLN P 182 -31.58 -7.88 -2.73
CA GLN P 182 -31.10 -7.82 -1.36
C GLN P 182 -31.57 -6.51 -0.75
N LEU P 183 -32.45 -6.61 0.24
CA LEU P 183 -33.02 -5.43 0.90
C LEU P 183 -31.95 -4.71 1.72
N THR P 184 -31.62 -3.49 1.30
CA THR P 184 -30.54 -2.75 1.94
C THR P 184 -30.99 -1.77 3.01
N ASN P 185 -32.11 -1.09 2.75
CA ASN P 185 -32.59 -0.06 3.67
C ASN P 185 -34.11 0.01 3.77
N THR P 186 -34.60 0.30 4.97
CA THR P 186 -36.01 0.58 5.17
C THR P 186 -36.18 1.96 5.80
N SER P 187 -37.17 2.71 5.34
CA SER P 187 -37.40 4.05 5.85
C SER P 187 -38.90 4.35 6.00
N THR P 188 -39.23 5.13 7.02
CA THR P 188 -40.60 5.57 7.23
C THR P 188 -40.69 7.09 7.10
N THR P 189 -41.40 7.54 6.08
CA THR P 189 -41.52 8.97 5.82
C THR P 189 -42.97 9.38 5.62
N TYR P 190 -43.17 10.69 5.47
CA TYR P 190 -44.51 11.24 5.28
C TYR P 190 -44.70 11.69 3.82
N CYS P 191 -45.89 11.44 3.29
CA CYS P 191 -46.18 11.75 1.89
C CYS P 191 -47.47 12.55 1.76
N THR P 192 -47.75 13.40 2.75
CA THR P 192 -48.93 14.25 2.73
C THR P 192 -48.97 15.10 1.46
N SER P 193 -50.08 15.04 0.74
CA SER P 193 -50.20 15.74 -0.52
C SER P 193 -51.45 16.61 -0.61
N VAL P 194 -51.39 17.60 -1.49
CA VAL P 194 -52.52 18.51 -1.72
C VAL P 194 -53.29 18.14 -2.97
N THR P 195 -54.56 17.79 -2.80
CA THR P 195 -55.39 17.38 -3.93
C THR P 195 -56.51 18.38 -4.20
N ASN P 196 -57.26 18.14 -5.27
CA ASN P 196 -58.36 19.03 -5.65
C ASN P 196 -59.54 18.91 -4.68
N THR P 197 -59.57 17.83 -3.91
CA THR P 197 -60.63 17.60 -2.95
C THR P 197 -60.23 18.02 -1.54
N GLY P 198 -58.93 18.24 -1.33
CA GLY P 198 -58.44 18.69 -0.05
C GLY P 198 -57.03 18.23 0.30
N ILE P 199 -56.61 18.51 1.53
CA ILE P 199 -55.29 18.13 2.01
C ILE P 199 -55.37 16.86 2.86
N TYR P 200 -54.79 15.77 2.35
CA TYR P 200 -54.88 14.48 3.03
C TYR P 200 -53.56 14.03 3.64
N SER P 201 -53.58 13.71 4.93
CA SER P 201 -52.40 13.19 5.61
C SER P 201 -52.06 11.79 5.09
N CYS P 202 -50.77 11.51 4.93
CA CYS P 202 -50.35 10.26 4.33
C CYS P 202 -49.01 9.77 4.85
N LEU P 203 -48.89 8.46 5.03
CA LEU P 203 -47.63 7.84 5.44
C LEU P 203 -47.02 7.02 4.31
N ARG P 204 -45.70 6.85 4.33
CA ARG P 204 -45.03 6.08 3.30
C ARG P 204 -43.85 5.27 3.83
N THR P 205 -43.99 3.95 3.81
CA THR P 205 -42.87 3.06 4.09
C THR P 205 -42.14 2.74 2.81
N THR P 206 -40.82 2.87 2.82
CA THR P 206 -40.03 2.64 1.61
C THR P 206 -38.92 1.62 1.86
N ILE P 207 -38.83 0.65 0.96
CA ILE P 207 -37.78 -0.36 1.02
C ILE P 207 -36.84 -0.23 -0.18
N GLN P 208 -35.55 -0.38 0.06
CA GLN P 208 -34.56 -0.27 -1.01
C GLN P 208 -33.97 -1.62 -1.36
N LEU P 209 -34.02 -1.96 -2.65
CA LEU P 209 -33.60 -3.28 -3.13
C LEU P 209 -32.39 -3.22 -4.04
N LYS P 210 -31.33 -3.94 -3.67
CA LYS P 210 -30.16 -4.09 -4.53
C LYS P 210 -30.13 -5.49 -5.12
N ARG P 211 -29.78 -5.60 -6.39
CA ARG P 211 -29.73 -6.90 -7.04
C ARG P 211 -28.38 -7.54 -6.80
N GLU P 212 -28.35 -8.86 -6.72
CA GLU P 212 -27.10 -9.59 -6.46
C GLU P 212 -26.16 -9.55 -7.66
N PHE P 213 -25.06 -8.82 -7.52
CA PHE P 213 -24.09 -8.64 -8.61
C PHE P 213 -23.12 -9.80 -8.76
N SER P 214 -22.92 -10.55 -7.69
CA SER P 214 -21.91 -11.61 -7.65
C SER P 214 -22.16 -12.70 -8.70
N PHE P 215 -23.43 -12.99 -8.95
CA PHE P 215 -23.85 -14.01 -9.91
C PHE P 215 -23.45 -13.68 -11.34
N TYR P 216 -23.93 -12.53 -11.80
CA TYR P 216 -23.69 -12.01 -13.14
C TYR P 216 -22.21 -11.86 -13.41
N LEU P 217 -21.46 -11.58 -12.34
CA LEU P 217 -20.01 -11.48 -12.41
C LEU P 217 -19.41 -12.80 -12.88
N LEU P 218 -19.73 -13.87 -12.15
CA LEU P 218 -19.17 -15.19 -12.43
C LEU P 218 -19.95 -15.91 -13.53
N GLN P 219 -21.11 -15.39 -13.90
CA GLN P 219 -21.92 -16.06 -14.92
C GLN P 219 -21.79 -15.48 -16.33
N LEU P 220 -21.56 -14.17 -16.44
CA LEU P 220 -21.43 -13.55 -17.75
C LEU P 220 -20.14 -12.76 -17.92
N TYR P 221 -19.88 -11.86 -16.99
CA TYR P 221 -18.78 -10.90 -17.13
C TYR P 221 -17.41 -11.56 -17.11
N ILE P 222 -17.14 -12.39 -16.11
CA ILE P 222 -15.86 -13.10 -16.03
C ILE P 222 -15.60 -14.02 -17.24
N PRO P 223 -16.57 -14.89 -17.60
CA PRO P 223 -16.25 -15.78 -18.73
C PRO P 223 -16.12 -15.07 -20.07
N SER P 224 -16.89 -14.01 -20.29
CA SER P 224 -16.82 -13.28 -21.55
C SER P 224 -15.52 -12.49 -21.68
N CYS P 225 -15.03 -11.92 -20.58
CA CYS P 225 -13.76 -11.22 -20.58
C CYS P 225 -12.62 -12.16 -20.96
N MET P 226 -12.64 -13.35 -20.38
CA MET P 226 -11.66 -14.38 -20.70
C MET P 226 -11.83 -14.83 -22.14
N LEU P 227 -13.08 -14.82 -22.61
CA LEU P 227 -13.39 -15.20 -23.99
C LEU P 227 -12.83 -14.20 -25.00
N VAL P 228 -12.98 -12.92 -24.70
CA VAL P 228 -12.46 -11.87 -25.56
C VAL P 228 -10.94 -11.95 -25.62
N ILE P 229 -10.33 -12.24 -24.49
CA ILE P 229 -8.88 -12.39 -24.40
C ILE P 229 -8.39 -13.57 -25.24
N VAL P 230 -9.11 -14.68 -25.20
CA VAL P 230 -8.75 -15.86 -25.98
C VAL P 230 -8.79 -15.56 -27.48
N SER P 231 -9.72 -14.72 -27.89
CA SER P 231 -9.85 -14.35 -29.29
C SER P 231 -8.63 -13.56 -29.77
N TRP P 232 -7.89 -12.98 -28.84
CA TRP P 232 -6.72 -12.17 -29.16
C TRP P 232 -5.49 -13.02 -29.47
N VAL P 233 -5.39 -14.20 -28.86
CA VAL P 233 -4.19 -15.02 -28.98
C VAL P 233 -4.08 -15.65 -30.37
N SER P 234 -5.06 -15.41 -31.22
CA SER P 234 -4.99 -15.85 -32.61
C SER P 234 -4.08 -14.91 -33.40
N PHE P 235 -3.85 -13.72 -32.86
CA PHE P 235 -2.97 -12.74 -33.49
C PHE P 235 -1.51 -13.18 -33.37
N TRP P 236 -1.19 -13.86 -32.27
CA TRP P 236 0.17 -14.27 -31.99
C TRP P 236 0.52 -15.57 -32.69
N PHE P 237 -0.48 -16.19 -33.31
CA PHE P 237 -0.25 -17.38 -34.12
C PHE P 237 0.08 -16.90 -35.52
N ASP P 238 0.90 -17.67 -36.24
CA ASP P 238 1.27 -17.32 -37.60
C ASP P 238 0.09 -17.47 -38.56
N ARG P 239 0.27 -16.93 -39.76
CA ARG P 239 -0.74 -16.91 -40.80
C ARG P 239 -1.12 -18.29 -41.34
N THR P 240 -0.15 -19.20 -41.44
CA THR P 240 -0.41 -20.50 -42.06
C THR P 240 -1.19 -21.47 -41.18
N ALA P 241 -1.26 -21.17 -39.89
CA ALA P 241 -1.99 -22.03 -38.96
C ALA P 241 -3.48 -21.78 -39.08
N ILE P 242 -4.05 -22.18 -40.21
CA ILE P 242 -5.48 -22.06 -40.43
C ILE P 242 -6.25 -22.89 -39.39
N PRO P 243 -5.85 -24.16 -39.15
CA PRO P 243 -6.60 -24.90 -38.12
C PRO P 243 -6.52 -24.25 -36.73
N ALA P 244 -5.44 -23.55 -36.45
CA ALA P 244 -5.27 -22.89 -35.16
C ALA P 244 -6.13 -21.65 -35.01
N ARG P 245 -6.06 -20.77 -36.01
CA ARG P 245 -6.74 -19.49 -35.94
C ARG P 245 -8.23 -19.58 -36.29
N VAL P 246 -8.57 -20.44 -37.24
CA VAL P 246 -9.97 -20.62 -37.62
C VAL P 246 -10.77 -21.23 -36.48
N THR P 247 -10.20 -22.24 -35.84
CA THR P 247 -10.87 -22.90 -34.72
C THR P 247 -11.13 -21.91 -33.59
N LEU P 248 -10.08 -21.25 -33.12
CA LEU P 248 -10.20 -20.26 -32.05
C LEU P 248 -11.21 -19.17 -32.38
N GLY P 249 -11.14 -18.66 -33.60
CA GLY P 249 -12.04 -17.60 -34.03
C GLY P 249 -13.50 -18.02 -34.00
N VAL P 250 -13.79 -19.18 -34.59
CA VAL P 250 -15.15 -19.68 -34.67
C VAL P 250 -15.68 -20.17 -33.33
N THR P 251 -14.85 -20.95 -32.63
CA THR P 251 -15.22 -21.51 -31.33
C THR P 251 -15.59 -20.43 -30.30
N THR P 252 -14.75 -19.40 -30.24
CA THR P 252 -14.96 -18.32 -29.28
C THR P 252 -16.29 -17.60 -29.54
N LEU P 253 -16.60 -17.40 -30.81
CA LEU P 253 -17.84 -16.73 -31.18
C LEU P 253 -19.07 -17.58 -30.86
N LEU P 254 -18.96 -18.89 -31.11
CA LEU P 254 -20.06 -19.80 -30.82
C LEU P 254 -20.35 -19.86 -29.33
N THR P 255 -19.30 -19.84 -28.52
CA THR P 255 -19.45 -19.87 -27.07
C THR P 255 -20.10 -18.59 -26.55
N MET P 256 -19.72 -17.46 -27.12
CA MET P 256 -20.28 -16.18 -26.73
C MET P 256 -21.77 -16.14 -27.04
N THR P 257 -22.15 -16.76 -28.16
CA THR P 257 -23.55 -16.84 -28.57
C THR P 257 -24.38 -17.60 -27.56
N ALA P 258 -23.82 -18.69 -27.03
CA ALA P 258 -24.51 -19.52 -26.05
C ALA P 258 -24.80 -18.69 -24.79
N GLN P 259 -23.85 -17.84 -24.43
CA GLN P 259 -23.98 -16.96 -23.29
C GLN P 259 -25.14 -15.99 -23.48
N SER P 260 -25.29 -15.47 -24.69
CA SER P 260 -26.33 -14.50 -25.00
C SER P 260 -27.72 -15.10 -24.78
N ALA P 261 -27.89 -16.36 -25.14
CA ALA P 261 -29.17 -17.05 -24.97
C ALA P 261 -29.50 -17.21 -23.49
N GLY P 262 -28.50 -17.51 -22.69
CA GLY P 262 -28.69 -17.66 -21.26
C GLY P 262 -29.09 -16.38 -20.56
N ILE P 263 -28.50 -15.27 -21.00
CA ILE P 263 -28.82 -13.97 -20.42
C ILE P 263 -30.25 -13.54 -20.78
N ASN P 264 -30.69 -13.87 -21.98
CA ASN P 264 -32.03 -13.50 -22.45
C ASN P 264 -33.13 -14.11 -21.58
N SER P 265 -32.96 -15.38 -21.22
CA SER P 265 -33.94 -16.14 -20.47
C SER P 265 -34.24 -15.68 -19.04
N GLN P 266 -33.19 -15.43 -18.26
CA GLN P 266 -33.35 -15.14 -16.83
C GLN P 266 -34.20 -13.89 -16.56
N LEU P 267 -33.96 -12.82 -17.31
CA LEU P 267 -34.72 -11.58 -17.13
C LEU P 267 -35.97 -11.56 -18.01
N PRO P 268 -37.13 -11.23 -17.42
CA PRO P 268 -38.30 -11.06 -18.28
C PRO P 268 -38.09 -9.90 -19.25
N PRO P 269 -38.73 -9.96 -20.42
CA PRO P 269 -38.51 -9.04 -21.54
C PRO P 269 -38.94 -7.59 -21.30
N VAL P 270 -38.03 -6.66 -21.56
CA VAL P 270 -38.29 -5.23 -21.42
C VAL P 270 -37.74 -4.51 -22.66
N SER P 271 -38.49 -3.53 -23.14
CA SER P 271 -38.18 -2.87 -24.41
C SER P 271 -37.02 -1.89 -24.43
N TYR P 272 -36.63 -1.32 -23.28
CA TYR P 272 -35.55 -0.33 -23.30
C TYR P 272 -34.16 -0.94 -23.11
N ILE P 273 -33.14 -0.19 -23.54
CA ILE P 273 -31.74 -0.62 -23.46
C ILE P 273 -31.26 -0.78 -22.02
N LYS P 274 -30.67 -1.94 -21.73
CA LYS P 274 -30.15 -2.21 -20.40
C LYS P 274 -28.63 -2.25 -20.43
N ALA P 275 -28.01 -2.16 -19.26
CA ALA P 275 -26.56 -2.21 -19.15
C ALA P 275 -26.04 -3.56 -19.65
N ILE P 276 -26.85 -4.60 -19.46
CA ILE P 276 -26.47 -5.95 -19.89
C ILE P 276 -26.49 -6.08 -21.41
N ASP P 277 -27.31 -5.26 -22.06
CA ASP P 277 -27.44 -5.29 -23.50
C ASP P 277 -26.20 -4.69 -24.14
N VAL P 278 -25.70 -3.63 -23.50
CA VAL P 278 -24.50 -2.94 -23.96
C VAL P 278 -23.29 -3.86 -23.89
N TRP P 279 -23.10 -4.52 -22.76
CA TRP P 279 -21.92 -5.34 -22.52
C TRP P 279 -21.94 -6.65 -23.30
N ILE P 280 -23.13 -7.10 -23.72
CA ILE P 280 -23.23 -8.29 -24.55
C ILE P 280 -22.86 -7.97 -25.99
N GLY P 281 -23.44 -6.89 -26.51
CA GLY P 281 -23.19 -6.49 -27.88
C GLY P 281 -21.74 -6.11 -28.14
N ALA P 282 -21.08 -5.60 -27.10
CA ALA P 282 -19.69 -5.20 -27.21
C ALA P 282 -18.78 -6.43 -27.33
N CYS P 283 -18.89 -7.34 -26.36
CA CYS P 283 -18.07 -8.55 -26.35
C CYS P 283 -18.28 -9.39 -27.61
N MET P 284 -19.51 -9.37 -28.13
CA MET P 284 -19.83 -10.08 -29.34
C MET P 284 -19.08 -9.50 -30.54
N THR P 285 -18.94 -8.17 -30.53
CA THR P 285 -18.27 -7.47 -31.63
C THR P 285 -16.76 -7.71 -31.63
N PHE P 286 -16.14 -7.55 -30.45
CA PHE P 286 -14.70 -7.74 -30.32
C PHE P 286 -14.25 -9.13 -30.78
N ILE P 287 -15.06 -10.14 -30.47
CA ILE P 287 -14.76 -11.50 -30.85
C ILE P 287 -15.03 -11.72 -32.33
N PHE P 288 -16.07 -11.06 -32.83
CA PHE P 288 -16.44 -11.16 -34.24
C PHE P 288 -15.36 -10.52 -35.11
N CYS P 289 -14.84 -9.38 -34.66
CA CYS P 289 -13.83 -8.65 -35.40
C CYS P 289 -12.50 -9.40 -35.40
N ALA P 290 -12.21 -10.10 -34.31
CA ALA P 290 -10.99 -10.89 -34.21
C ALA P 290 -10.98 -12.01 -35.25
N LEU P 291 -12.16 -12.58 -35.49
CA LEU P 291 -12.29 -13.61 -36.52
C LEU P 291 -12.27 -12.97 -37.91
N LEU P 292 -12.91 -11.81 -38.02
CA LEU P 292 -12.94 -11.07 -39.28
C LEU P 292 -11.55 -10.59 -39.67
N GLU P 293 -10.77 -10.20 -38.66
CA GLU P 293 -9.40 -9.74 -38.88
C GLU P 293 -8.55 -10.81 -39.56
N PHE P 294 -8.71 -12.05 -39.13
CA PHE P 294 -7.98 -13.17 -39.71
C PHE P 294 -8.32 -13.37 -41.17
N ALA P 295 -9.60 -13.17 -41.50
CA ALA P 295 -10.07 -13.32 -42.87
C ALA P 295 -9.39 -12.29 -43.77
N LEU P 296 -9.20 -11.09 -43.25
CA LEU P 296 -8.51 -10.03 -43.98
C LEU P 296 -7.04 -10.38 -44.18
N VAL P 297 -6.42 -10.89 -43.13
CA VAL P 297 -5.01 -11.28 -43.17
C VAL P 297 -4.78 -12.50 -44.08
N ASN P 298 -5.63 -13.50 -43.96
CA ASN P 298 -5.50 -14.73 -44.75
C ASN P 298 -5.69 -14.48 -46.24
N HIS P 299 -6.50 -13.48 -46.57
CA HIS P 299 -6.73 -13.11 -47.96
C HIS P 299 -5.49 -12.52 -48.60
N ILE P 300 -4.98 -11.47 -47.99
CA ILE P 300 -3.87 -10.72 -48.53
C ILE P 300 -2.57 -11.52 -48.52
N ALA P 301 -2.48 -12.47 -47.59
CA ALA P 301 -1.34 -13.37 -47.52
C ALA P 301 -1.35 -14.40 -48.65
N ASN P 302 -2.55 -14.89 -48.96
CA ASN P 302 -2.73 -15.99 -49.90
C ASN P 302 -2.28 -15.63 -51.32
N ALA P 303 -2.38 -14.36 -51.69
CA ALA P 303 -2.01 -13.91 -53.03
C ALA P 303 -0.49 -13.96 -53.25
N GLY P 304 0.23 -14.47 -52.26
CA GLY P 304 1.67 -14.68 -52.36
C GLY P 304 2.55 -13.63 -53.00
N THR P 305 2.43 -12.38 -52.55
CA THR P 305 3.35 -11.34 -52.97
C THR P 305 4.10 -10.90 -51.70
N THR P 306 5.42 -10.70 -51.78
CA THR P 306 6.24 -10.45 -50.59
C THR P 306 5.88 -9.17 -49.81
N GLU P 307 5.49 -8.12 -50.54
CA GLU P 307 4.98 -6.88 -49.96
C GLU P 307 3.78 -7.16 -49.08
N TRP P 308 2.71 -7.65 -49.70
CA TRP P 308 1.45 -7.96 -49.03
C TRP P 308 1.67 -8.92 -47.86
N ASN P 309 2.49 -9.96 -48.06
CA ASN P 309 2.96 -10.79 -46.93
C ASN P 309 3.31 -9.89 -45.75
N ASP P 310 4.36 -9.10 -45.92
CA ASP P 310 4.78 -8.11 -44.91
C ASP P 310 3.62 -7.26 -44.39
N ILE P 311 2.66 -6.95 -45.26
CA ILE P 311 1.51 -6.15 -44.83
C ILE P 311 0.68 -6.93 -43.82
N SER P 312 0.44 -8.19 -44.14
CA SER P 312 -0.34 -9.09 -43.29
C SER P 312 0.21 -9.22 -41.89
N LYS P 313 1.53 -9.40 -41.77
CA LYS P 313 2.16 -9.53 -40.47
C LYS P 313 1.99 -8.31 -39.57
N ARG P 314 2.19 -7.11 -40.13
CA ARG P 314 2.00 -5.89 -39.34
C ARG P 314 0.57 -5.75 -38.84
N VAL P 315 -0.39 -6.13 -39.67
CA VAL P 315 -1.80 -6.12 -39.29
C VAL P 315 -1.98 -7.00 -38.06
N ASP P 316 -1.29 -8.14 -38.04
CA ASP P 316 -1.30 -9.01 -36.88
C ASP P 316 -0.63 -8.31 -35.71
N LEU P 317 0.45 -7.59 -35.99
CA LEU P 317 1.20 -6.88 -34.95
C LEU P 317 0.41 -5.74 -34.31
N ILE P 318 -0.24 -4.93 -35.14
CA ILE P 318 -0.99 -3.79 -34.63
C ILE P 318 -2.28 -4.26 -33.97
N SER P 319 -2.75 -5.45 -34.35
CA SER P 319 -3.94 -6.04 -33.76
C SER P 319 -3.66 -6.45 -32.32
N ARG P 320 -2.42 -6.83 -32.05
CA ARG P 320 -2.02 -7.24 -30.71
C ARG P 320 -2.00 -6.06 -29.75
N ALA P 321 -2.10 -4.86 -30.30
CA ALA P 321 -2.10 -3.64 -29.49
C ALA P 321 -3.45 -2.97 -29.52
N LEU P 322 -4.06 -2.90 -30.70
CA LEU P 322 -5.33 -2.19 -30.87
C LEU P 322 -6.47 -2.82 -30.07
N PHE P 323 -6.66 -4.13 -30.24
CA PHE P 323 -7.75 -4.84 -29.58
C PHE P 323 -7.69 -4.77 -28.04
N PRO P 324 -6.53 -5.04 -27.43
CA PRO P 324 -6.52 -4.94 -25.97
C PRO P 324 -6.75 -3.52 -25.45
N VAL P 325 -6.24 -2.53 -26.17
CA VAL P 325 -6.42 -1.14 -25.78
C VAL P 325 -7.87 -0.69 -25.93
N LEU P 326 -8.46 -0.97 -27.09
CA LEU P 326 -9.86 -0.60 -27.33
C LEU P 326 -10.79 -1.27 -26.33
N PHE P 327 -10.48 -2.51 -25.98
CA PHE P 327 -11.27 -3.24 -24.99
C PHE P 327 -11.09 -2.62 -23.62
N PHE P 328 -9.87 -2.16 -23.34
CA PHE P 328 -9.56 -1.51 -22.08
C PHE P 328 -10.23 -0.14 -22.01
N VAL P 329 -10.29 0.53 -23.17
CA VAL P 329 -10.97 1.82 -23.27
C VAL P 329 -12.47 1.64 -23.02
N PHE P 330 -13.03 0.57 -23.58
CA PHE P 330 -14.45 0.29 -23.42
C PHE P 330 -14.83 0.08 -21.96
N ASN P 331 -14.05 -0.74 -21.25
CA ASN P 331 -14.33 -1.04 -19.85
C ASN P 331 -14.34 0.21 -18.98
N ILE P 332 -13.39 1.11 -19.24
CA ILE P 332 -13.36 2.39 -18.53
C ILE P 332 -14.64 3.18 -18.81
N LEU P 333 -15.04 3.22 -20.08
CA LEU P 333 -16.25 3.90 -20.49
C LEU P 333 -17.50 3.21 -19.93
N TYR P 334 -17.48 1.87 -19.94
CA TYR P 334 -18.63 1.09 -19.51
C TYR P 334 -18.88 1.23 -18.01
N TRP P 335 -17.86 0.94 -17.22
CA TRP P 335 -18.02 0.87 -15.76
C TRP P 335 -18.17 2.24 -15.10
N SER P 336 -17.64 3.28 -15.75
CA SER P 336 -17.81 4.63 -15.25
C SER P 336 -19.21 5.14 -15.57
N ARG P 337 -19.87 4.50 -16.52
CA ARG P 337 -21.23 4.85 -16.92
C ARG P 337 -22.26 4.11 -16.08
N PHE P 338 -22.00 2.83 -15.83
CA PHE P 338 -22.91 1.99 -15.07
C PHE P 338 -22.36 1.70 -13.68
N GLY P 339 -21.64 2.67 -13.13
CA GLY P 339 -21.07 2.56 -11.81
C GLY P 339 -21.87 3.32 -10.76
N HIS P 340 -22.92 3.99 -11.22
CA HIS P 340 -23.74 4.83 -10.34
C HIS P 340 -25.21 4.40 -10.39
N SER Q 1 -73.88 18.26 14.23
CA SER Q 1 -74.05 19.25 13.17
C SER Q 1 -74.25 18.58 11.81
N ASP Q 2 -73.22 17.92 11.32
CA ASP Q 2 -73.31 17.20 10.05
C ASP Q 2 -74.34 16.08 10.14
N SER Q 3 -74.28 15.29 11.22
CA SER Q 3 -75.24 14.23 11.47
C SER Q 3 -76.64 14.82 11.63
N LYS Q 4 -76.70 16.04 12.12
CA LYS Q 4 -77.96 16.77 12.29
C LYS Q 4 -78.56 17.12 10.93
N ILE Q 5 -77.67 17.38 9.97
CA ILE Q 5 -78.08 17.75 8.62
C ILE Q 5 -78.53 16.53 7.81
N LEU Q 6 -77.72 15.48 7.81
CA LEU Q 6 -78.06 14.26 7.08
C LEU Q 6 -79.41 13.71 7.55
N ALA Q 7 -79.65 13.79 8.85
CA ALA Q 7 -80.93 13.40 9.42
C ALA Q 7 -82.02 14.30 8.86
N HIS Q 8 -81.70 15.58 8.76
CA HIS Q 8 -82.61 16.60 8.23
C HIS Q 8 -83.03 16.33 6.78
N LEU Q 9 -82.09 15.80 5.98
CA LEU Q 9 -82.37 15.47 4.59
C LEU Q 9 -83.19 14.20 4.38
N PHE Q 10 -82.83 13.15 5.11
CA PHE Q 10 -83.40 11.83 4.90
C PHE Q 10 -84.56 11.45 5.84
N THR Q 11 -85.04 12.41 6.61
CA THR Q 11 -86.24 12.17 7.40
C THR Q 11 -87.47 12.35 6.50
N SER Q 12 -87.36 13.28 5.56
CA SER Q 12 -88.38 13.52 4.55
C SER Q 12 -88.48 12.44 3.48
N GLY Q 13 -89.59 12.45 2.75
CA GLY Q 13 -89.84 11.50 1.69
C GLY Q 13 -88.88 11.66 0.52
N TYR Q 14 -87.89 10.78 0.49
CA TYR Q 14 -86.87 10.83 -0.54
C TYR Q 14 -86.87 9.47 -1.22
N ASP Q 15 -86.66 9.44 -2.53
CA ASP Q 15 -86.64 8.17 -3.23
C ASP Q 15 -85.40 8.10 -4.10
N PHE Q 16 -84.44 7.28 -3.67
CA PHE Q 16 -83.18 7.15 -4.38
C PHE Q 16 -83.38 6.42 -5.69
N ARG Q 17 -84.57 5.83 -5.87
CA ARG Q 17 -84.92 5.13 -7.09
C ARG Q 17 -85.41 6.11 -8.14
N VAL Q 18 -85.63 7.36 -7.72
CA VAL Q 18 -86.20 8.39 -8.58
C VAL Q 18 -85.16 9.42 -9.03
N ARG Q 19 -85.13 9.68 -10.34
CA ARG Q 19 -84.25 10.67 -10.94
C ARG Q 19 -84.52 12.07 -10.36
N PRO Q 20 -83.45 12.84 -10.10
CA PRO Q 20 -83.56 14.20 -9.59
C PRO Q 20 -84.34 15.13 -10.52
N PRO Q 21 -85.10 16.07 -9.95
CA PRO Q 21 -85.91 17.03 -10.72
C PRO Q 21 -85.06 17.94 -11.58
N THR Q 22 -85.63 18.42 -12.69
CA THR Q 22 -84.96 19.36 -13.57
C THR Q 22 -85.84 20.59 -13.78
N ASP Q 23 -85.22 21.75 -13.96
CA ASP Q 23 -85.95 23.01 -14.08
C ASP Q 23 -86.92 23.03 -15.27
N ASN Q 24 -86.57 22.35 -16.34
CA ASN Q 24 -87.40 22.34 -17.54
C ASN Q 24 -87.65 20.94 -18.09
N GLY Q 25 -87.57 19.95 -17.20
CA GLY Q 25 -87.84 18.58 -17.58
C GLY Q 25 -86.72 17.96 -18.39
N GLY Q 26 -85.60 18.66 -18.50
CA GLY Q 26 -84.46 18.18 -19.24
C GLY Q 26 -83.75 17.03 -18.54
N PRO Q 27 -82.63 16.59 -19.12
CA PRO Q 27 -81.85 15.49 -18.53
C PRO Q 27 -80.93 15.95 -17.41
N VAL Q 28 -80.53 15.03 -16.55
CA VAL Q 28 -79.58 15.33 -15.49
C VAL Q 28 -78.17 15.39 -16.07
N VAL Q 29 -77.50 16.53 -15.90
CA VAL Q 29 -76.16 16.72 -16.45
C VAL Q 29 -75.09 16.29 -15.44
N VAL Q 30 -74.37 15.23 -15.78
CA VAL Q 30 -73.31 14.73 -14.91
C VAL Q 30 -71.92 15.13 -15.40
N SER Q 31 -71.24 15.97 -14.63
CA SER Q 31 -69.89 16.40 -14.96
C SER Q 31 -68.89 15.37 -14.45
N VAL Q 32 -68.02 14.91 -15.34
CA VAL Q 32 -67.10 13.82 -15.02
C VAL Q 32 -65.64 14.25 -15.02
N ASN Q 33 -64.95 13.96 -13.93
CA ASN Q 33 -63.52 14.17 -13.84
C ASN Q 33 -62.82 12.82 -13.67
N MET Q 34 -61.70 12.65 -14.35
CA MET Q 34 -61.01 11.36 -14.29
C MET Q 34 -59.54 11.51 -13.98
N LEU Q 35 -59.07 10.73 -13.00
CA LEU Q 35 -57.67 10.72 -12.62
C LEU Q 35 -57.08 9.33 -12.82
N LEU Q 36 -56.06 9.24 -13.67
CA LEU Q 36 -55.42 7.95 -13.97
C LEU Q 36 -54.22 7.74 -13.07
N ARG Q 37 -54.25 6.65 -12.31
CA ARG Q 37 -53.16 6.37 -11.37
C ARG Q 37 -52.07 5.55 -12.03
N THR Q 38 -52.42 4.36 -12.51
CA THR Q 38 -51.43 3.49 -13.13
C THR Q 38 -51.94 2.75 -14.37
N ILE Q 39 -51.03 2.52 -15.32
CA ILE Q 39 -51.30 1.67 -16.46
C ILE Q 39 -50.31 0.51 -16.44
N SER Q 40 -50.81 -0.71 -16.49
CA SER Q 40 -49.93 -1.87 -16.35
C SER Q 40 -50.47 -3.10 -17.08
N LYS Q 41 -49.60 -4.08 -17.29
CA LYS Q 41 -49.98 -5.39 -17.84
C LYS Q 41 -50.61 -5.22 -19.21
N ILE Q 42 -50.03 -4.36 -20.05
CA ILE Q 42 -50.51 -4.24 -21.42
C ILE Q 42 -50.31 -5.53 -22.19
N ASP Q 43 -51.39 -6.07 -22.74
CA ASP Q 43 -51.33 -7.36 -23.42
C ASP Q 43 -51.77 -7.22 -24.88
N VAL Q 44 -50.91 -7.66 -25.78
CA VAL Q 44 -51.21 -7.60 -27.21
C VAL Q 44 -51.90 -8.87 -27.67
N VAL Q 45 -51.77 -9.94 -26.89
CA VAL Q 45 -52.37 -11.22 -27.24
C VAL Q 45 -53.87 -11.24 -26.95
N ASN Q 46 -54.26 -10.80 -25.76
CA ASN Q 46 -55.65 -10.81 -25.35
C ASN Q 46 -56.35 -9.48 -25.65
N MET Q 47 -55.61 -8.58 -26.29
CA MET Q 47 -56.12 -7.26 -26.68
C MET Q 47 -56.76 -6.53 -25.49
N GLU Q 48 -56.00 -6.39 -24.42
CA GLU Q 48 -56.49 -5.74 -23.21
C GLU Q 48 -55.35 -5.08 -22.44
N TYR Q 49 -55.69 -4.15 -21.55
CA TYR Q 49 -54.70 -3.54 -20.67
C TYR Q 49 -55.33 -3.21 -19.33
N SER Q 50 -54.53 -3.24 -18.27
CA SER Q 50 -55.03 -2.94 -16.94
C SER Q 50 -54.74 -1.49 -16.57
N ALA Q 51 -55.75 -0.81 -16.04
CA ALA Q 51 -55.61 0.58 -15.64
C ALA Q 51 -56.37 0.87 -14.35
N GLN Q 52 -55.70 1.52 -13.40
CA GLN Q 52 -56.33 1.92 -12.15
C GLN Q 52 -56.56 3.43 -12.15
N LEU Q 53 -57.76 3.83 -11.77
CA LEU Q 53 -58.15 5.24 -11.90
C LEU Q 53 -59.12 5.72 -10.83
N THR Q 54 -59.18 7.02 -10.64
CA THR Q 54 -60.14 7.63 -9.72
C THR Q 54 -61.23 8.36 -10.51
N LEU Q 55 -62.46 7.90 -10.35
CA LEU Q 55 -63.59 8.49 -11.06
C LEU Q 55 -64.32 9.53 -10.22
N ARG Q 56 -64.53 10.71 -10.79
CA ARG Q 56 -65.26 11.77 -10.12
C ARG Q 56 -66.46 12.24 -10.93
N GLU Q 57 -67.66 12.04 -10.39
CA GLU Q 57 -68.89 12.49 -11.03
C GLU Q 57 -69.52 13.63 -10.25
N SER Q 58 -70.26 14.50 -10.93
CA SER Q 58 -70.90 15.63 -10.28
C SER Q 58 -72.23 16.01 -10.92
N TRP Q 59 -73.27 16.07 -10.12
CA TRP Q 59 -74.60 16.46 -10.59
C TRP Q 59 -75.31 17.30 -9.53
N ILE Q 60 -76.47 17.86 -9.90
CA ILE Q 60 -77.23 18.68 -8.98
C ILE Q 60 -78.53 18.01 -8.57
N ASP Q 61 -78.70 17.83 -7.26
CA ASP Q 61 -79.92 17.24 -6.72
C ASP Q 61 -80.59 18.19 -5.73
N LYS Q 62 -81.57 18.93 -6.20
CA LYS Q 62 -82.25 19.94 -5.38
C LYS Q 62 -82.98 19.33 -4.18
N ARG Q 63 -83.23 18.03 -4.23
CA ARG Q 63 -83.86 17.34 -3.11
C ARG Q 63 -82.94 17.29 -1.89
N LEU Q 64 -81.63 17.35 -2.14
CA LEU Q 64 -80.65 17.30 -1.06
C LEU Q 64 -80.21 18.70 -0.65
N SER Q 65 -80.78 19.71 -1.29
CA SER Q 65 -80.37 21.08 -1.02
C SER Q 65 -80.86 21.61 0.32
N TYR Q 66 -79.91 21.85 1.22
CA TYR Q 66 -80.18 22.43 2.52
C TYR Q 66 -79.33 23.70 2.61
N GLY Q 67 -79.87 24.79 3.16
CA GLY Q 67 -79.07 25.99 3.21
C GLY Q 67 -78.96 26.87 1.97
N VAL Q 68 -78.39 28.04 2.17
CA VAL Q 68 -78.18 29.04 1.13
C VAL Q 68 -76.73 28.95 0.63
N LYS Q 69 -76.45 29.59 -0.50
CA LYS Q 69 -75.14 29.58 -1.15
C LYS Q 69 -74.03 30.04 -0.20
N GLY Q 70 -74.32 31.07 0.59
CA GLY Q 70 -73.40 31.57 1.60
C GLY Q 70 -73.97 31.44 3.00
N ASP Q 71 -73.81 30.28 3.64
CA ASP Q 71 -74.37 30.12 4.98
C ASP Q 71 -73.34 29.72 6.05
N GLY Q 72 -73.71 29.94 7.31
CA GLY Q 72 -72.92 29.50 8.44
C GLY Q 72 -72.92 27.99 8.63
N GLN Q 73 -73.53 27.27 7.70
CA GLN Q 73 -73.56 25.82 7.71
C GLN Q 73 -72.47 25.39 6.75
N PRO Q 74 -71.82 24.24 7.02
CA PRO Q 74 -70.73 23.87 6.11
C PRO Q 74 -71.24 23.66 4.69
N ASP Q 75 -70.52 24.23 3.73
CA ASP Q 75 -70.89 24.16 2.32
C ASP Q 75 -71.24 22.75 1.88
N PHE Q 76 -70.42 21.78 2.30
CA PHE Q 76 -70.70 20.40 1.95
C PHE Q 76 -70.61 19.52 3.19
N VAL Q 77 -71.37 18.43 3.17
CA VAL Q 77 -71.35 17.46 4.25
C VAL Q 77 -71.04 16.07 3.69
N ILE Q 78 -70.13 15.36 4.34
CA ILE Q 78 -69.79 14.01 3.91
C ILE Q 78 -70.90 13.04 4.28
N LEU Q 79 -71.41 12.33 3.28
CA LEU Q 79 -72.50 11.40 3.47
C LEU Q 79 -72.04 10.19 4.27
N THR Q 80 -72.71 9.92 5.38
CA THR Q 80 -72.37 8.79 6.24
C THR Q 80 -73.02 7.52 5.75
N VAL Q 81 -72.66 6.40 6.36
CA VAL Q 81 -73.19 5.09 5.99
C VAL Q 81 -74.66 4.99 6.41
N GLY Q 82 -75.43 4.20 5.66
CA GLY Q 82 -76.83 3.98 5.99
C GLY Q 82 -77.80 4.88 5.27
N HIS Q 83 -77.27 5.73 4.39
CA HIS Q 83 -78.10 6.67 3.64
C HIS Q 83 -77.82 6.59 2.14
N GLN Q 84 -78.84 6.25 1.36
CA GLN Q 84 -78.70 6.12 -0.07
C GLN Q 84 -79.15 7.36 -0.83
N ILE Q 85 -78.36 7.76 -1.82
CA ILE Q 85 -78.71 8.87 -2.70
C ILE Q 85 -78.85 8.32 -4.12
N TRP Q 86 -79.66 8.98 -4.93
CA TRP Q 86 -79.71 8.66 -6.34
C TRP Q 86 -78.34 8.87 -6.95
N MET Q 87 -77.83 7.86 -7.66
CA MET Q 87 -76.56 7.96 -8.34
C MET Q 87 -76.65 7.41 -9.75
N PRO Q 88 -75.94 8.05 -10.70
CA PRO Q 88 -75.91 7.60 -12.10
C PRO Q 88 -75.47 6.15 -12.25
N ASP Q 89 -76.25 5.35 -12.98
CA ASP Q 89 -75.90 3.95 -13.22
C ASP Q 89 -74.78 3.82 -14.24
N THR Q 90 -73.71 4.57 -14.01
CA THR Q 90 -72.58 4.63 -14.92
C THR Q 90 -71.76 3.34 -14.92
N PHE Q 91 -71.24 2.98 -16.10
CA PHE Q 91 -70.39 1.81 -16.23
C PHE Q 91 -69.35 2.03 -17.32
N PHE Q 92 -68.55 1.00 -17.60
CA PHE Q 92 -67.49 1.09 -18.60
C PHE Q 92 -67.71 0.08 -19.73
N PRO Q 93 -68.28 0.55 -20.85
CA PRO Q 93 -68.64 -0.28 -22.00
C PRO Q 93 -67.56 -1.26 -22.46
N ASN Q 94 -66.30 -0.81 -22.47
CA ASN Q 94 -65.22 -1.65 -22.95
C ASN Q 94 -64.43 -2.32 -21.84
N GLU Q 95 -65.02 -2.40 -20.65
CA GLU Q 95 -64.40 -3.09 -19.53
C GLU Q 95 -64.67 -4.59 -19.58
N LYS Q 96 -63.61 -5.39 -19.46
CA LYS Q 96 -63.73 -6.84 -19.46
C LYS Q 96 -63.77 -7.37 -18.04
N GLN Q 97 -63.09 -6.65 -17.15
CA GLN Q 97 -63.03 -6.99 -15.73
C GLN Q 97 -62.93 -5.69 -14.94
N ALA Q 98 -63.55 -5.66 -13.76
CA ALA Q 98 -63.54 -4.45 -12.96
C ALA Q 98 -63.76 -4.76 -11.47
N TYR Q 99 -62.99 -4.08 -10.64
CA TYR Q 99 -63.06 -4.27 -9.20
C TYR Q 99 -63.11 -2.94 -8.48
N LYS Q 100 -63.79 -2.92 -7.33
CA LYS Q 100 -63.74 -1.78 -6.44
C LYS Q 100 -62.79 -2.10 -5.29
N HIS Q 101 -62.23 -1.07 -4.66
CA HIS Q 101 -61.30 -1.28 -3.57
C HIS Q 101 -62.04 -1.22 -2.25
N THR Q 102 -61.98 -2.30 -1.49
CA THR Q 102 -62.76 -2.42 -0.26
C THR Q 102 -61.87 -2.65 0.96
N ILE Q 103 -60.57 -2.44 0.79
CA ILE Q 103 -59.63 -2.70 1.88
C ILE Q 103 -59.90 -1.75 3.06
N ASP Q 104 -59.99 -2.32 4.25
CA ASP Q 104 -60.56 -1.63 5.42
C ASP Q 104 -61.95 -1.08 5.08
N LYS Q 105 -62.12 0.23 5.22
CA LYS Q 105 -63.35 0.87 4.79
C LYS Q 105 -63.36 0.95 3.27
N PRO Q 106 -64.54 0.85 2.65
CA PRO Q 106 -64.61 0.94 1.19
C PRO Q 106 -64.17 2.30 0.67
N ASN Q 107 -63.55 2.33 -0.50
CA ASN Q 107 -62.96 3.56 -1.01
C ASN Q 107 -63.93 4.39 -1.82
N VAL Q 108 -64.98 4.87 -1.17
CA VAL Q 108 -65.93 5.79 -1.81
C VAL Q 108 -66.03 7.08 -1.01
N LEU Q 109 -66.35 8.17 -1.70
CA LEU Q 109 -66.54 9.47 -1.05
C LEU Q 109 -67.69 10.23 -1.68
N ILE Q 110 -68.67 10.61 -0.87
CA ILE Q 110 -69.83 11.35 -1.35
C ILE Q 110 -70.01 12.67 -0.59
N ARG Q 111 -69.97 13.77 -1.31
CA ARG Q 111 -70.15 15.10 -0.71
C ARG Q 111 -71.47 15.73 -1.14
N ILE Q 112 -72.22 16.24 -0.17
CA ILE Q 112 -73.47 16.93 -0.46
C ILE Q 112 -73.33 18.42 -0.21
N HIS Q 113 -73.21 19.20 -1.28
CA HIS Q 113 -73.08 20.65 -1.14
C HIS Q 113 -74.41 21.28 -0.68
N ASN Q 114 -74.32 22.52 -0.23
CA ASN Q 114 -75.49 23.24 0.27
C ASN Q 114 -76.51 23.55 -0.83
N ASP Q 115 -76.00 23.87 -2.02
CA ASP Q 115 -76.87 24.20 -3.15
C ASP Q 115 -77.55 22.96 -3.72
N GLY Q 116 -77.05 21.79 -3.33
CA GLY Q 116 -77.60 20.53 -3.81
C GLY Q 116 -76.66 19.78 -4.74
N THR Q 117 -75.50 20.35 -5.01
CA THR Q 117 -74.50 19.73 -5.87
C THR Q 117 -73.87 18.53 -5.17
N VAL Q 118 -73.84 17.39 -5.87
CA VAL Q 118 -73.26 16.18 -5.31
C VAL Q 118 -71.90 15.87 -5.92
N LEU Q 119 -70.93 15.57 -5.07
CA LEU Q 119 -69.62 15.11 -5.54
C LEU Q 119 -69.43 13.64 -5.18
N TYR Q 120 -69.16 12.83 -6.20
CA TYR Q 120 -68.97 11.40 -6.01
C TYR Q 120 -67.58 10.98 -6.47
N SER Q 121 -66.77 10.45 -5.57
CA SER Q 121 -65.42 10.04 -5.91
C SER Q 121 -65.21 8.56 -5.58
N VAL Q 122 -64.54 7.85 -6.47
CA VAL Q 122 -64.35 6.41 -6.30
C VAL Q 122 -63.09 5.88 -6.98
N ARG Q 123 -62.37 5.00 -6.27
CA ARG Q 123 -61.22 4.32 -6.85
C ARG Q 123 -61.67 3.01 -7.51
N ILE Q 124 -61.28 2.83 -8.76
CA ILE Q 124 -61.67 1.65 -9.53
C ILE Q 124 -60.46 1.03 -10.23
N SER Q 125 -60.40 -0.30 -10.23
CA SER Q 125 -59.37 -1.02 -10.98
C SER Q 125 -60.00 -1.71 -12.18
N LEU Q 126 -59.66 -1.22 -13.37
CA LEU Q 126 -60.24 -1.75 -14.60
C LEU Q 126 -59.26 -2.63 -15.37
N VAL Q 127 -59.82 -3.55 -16.16
CA VAL Q 127 -59.06 -4.28 -17.15
C VAL Q 127 -59.81 -4.12 -18.48
N LEU Q 128 -59.45 -3.07 -19.21
CA LEU Q 128 -60.18 -2.66 -20.40
C LEU Q 128 -59.65 -3.35 -21.65
N SER Q 129 -60.54 -3.58 -22.62
CA SER Q 129 -60.14 -4.18 -23.88
C SER Q 129 -59.55 -3.12 -24.80
N CYS Q 130 -58.45 -3.46 -25.45
CA CYS Q 130 -57.79 -2.53 -26.35
C CYS Q 130 -57.19 -3.30 -27.52
N PRO Q 131 -57.96 -3.42 -28.61
CA PRO Q 131 -57.49 -4.11 -29.82
C PRO Q 131 -56.26 -3.43 -30.40
N MET Q 132 -55.18 -4.18 -30.50
CA MET Q 132 -53.92 -3.64 -30.98
C MET Q 132 -53.47 -4.31 -32.27
N TYR Q 133 -52.69 -3.57 -33.04
CA TYR Q 133 -52.27 -4.03 -34.36
C TYR Q 133 -50.77 -3.88 -34.50
N LEU Q 134 -50.10 -4.96 -34.87
CA LEU Q 134 -48.64 -4.97 -34.87
C LEU Q 134 -48.05 -5.14 -36.26
N GLN Q 135 -48.76 -4.63 -37.26
CA GLN Q 135 -48.26 -4.69 -38.64
C GLN Q 135 -46.97 -3.91 -38.77
N TYR Q 136 -46.82 -2.86 -37.99
CA TYR Q 136 -45.62 -2.06 -38.03
C TYR Q 136 -44.75 -2.37 -36.82
N TYR Q 137 -44.39 -3.64 -36.66
CA TYR Q 137 -43.55 -4.02 -35.52
C TYR Q 137 -42.06 -3.83 -35.81
N PRO Q 138 -41.34 -3.17 -34.88
CA PRO Q 138 -41.84 -2.63 -33.63
C PRO Q 138 -42.12 -1.12 -33.67
N MET Q 139 -41.95 -0.47 -34.82
CA MET Q 139 -42.22 0.95 -34.93
C MET Q 139 -43.71 1.18 -35.12
N ASP Q 140 -44.51 0.83 -34.13
CA ASP Q 140 -45.95 1.04 -34.26
C ASP Q 140 -46.48 1.97 -33.18
N VAL Q 141 -47.76 2.27 -33.27
CA VAL Q 141 -48.40 3.14 -32.30
C VAL Q 141 -49.77 2.58 -31.95
N GLN Q 142 -50.09 2.56 -30.67
CA GLN Q 142 -51.35 2.01 -30.20
C GLN Q 142 -52.17 3.07 -29.48
N GLN Q 143 -53.49 2.97 -29.59
CA GLN Q 143 -54.38 3.85 -28.86
C GLN Q 143 -55.41 3.08 -28.05
N CYS Q 144 -55.36 3.23 -26.74
CA CYS Q 144 -56.29 2.55 -25.85
C CYS Q 144 -57.26 3.56 -25.23
N SER Q 145 -58.47 3.11 -24.94
CA SER Q 145 -59.50 4.02 -24.47
C SER Q 145 -60.21 3.52 -23.21
N ILE Q 146 -60.88 4.46 -22.54
CA ILE Q 146 -61.72 4.12 -21.40
C ILE Q 146 -63.11 4.70 -21.63
N ASP Q 147 -64.01 3.90 -22.19
CA ASP Q 147 -65.36 4.38 -22.46
C ASP Q 147 -66.18 4.42 -21.18
N LEU Q 148 -67.05 5.41 -21.07
CA LEU Q 148 -67.85 5.61 -19.86
C LEU Q 148 -69.24 6.11 -20.20
N ALA Q 149 -70.26 5.40 -19.74
CA ALA Q 149 -71.64 5.74 -20.05
C ALA Q 149 -72.62 5.19 -19.02
N SER Q 150 -73.89 5.58 -19.16
CA SER Q 150 -74.95 5.04 -18.31
C SER Q 150 -75.57 3.82 -18.98
N TYR Q 151 -76.08 2.89 -18.17
CA TYR Q 151 -76.59 1.64 -18.72
C TYR Q 151 -78.08 1.65 -19.00
N ALA Q 152 -78.86 2.17 -18.06
CA ALA Q 152 -80.32 2.12 -18.17
C ALA Q 152 -80.87 3.45 -18.68
N TYR Q 153 -80.37 4.56 -18.12
CA TYR Q 153 -80.89 5.88 -18.44
C TYR Q 153 -80.38 6.37 -19.79
N THR Q 154 -81.31 6.84 -20.61
CA THR Q 154 -80.99 7.33 -21.96
C THR Q 154 -80.57 8.81 -21.95
N THR Q 155 -80.52 9.40 -23.14
CA THR Q 155 -80.11 10.79 -23.29
C THR Q 155 -81.15 11.78 -22.77
N LYS Q 156 -82.40 11.34 -22.61
CA LYS Q 156 -83.45 12.24 -22.16
C LYS Q 156 -83.39 12.41 -20.64
N ASP Q 157 -82.72 11.50 -19.96
CA ASP Q 157 -82.65 11.51 -18.51
C ASP Q 157 -81.28 11.92 -18.00
N ILE Q 158 -80.23 11.43 -18.65
CA ILE Q 158 -78.87 11.71 -18.19
C ILE Q 158 -77.96 12.09 -19.37
N GLU Q 159 -77.06 13.04 -19.13
CA GLU Q 159 -76.15 13.53 -20.14
C GLU Q 159 -74.76 13.74 -19.53
N TYR Q 160 -73.75 13.10 -20.11
CA TYR Q 160 -72.40 13.19 -19.57
C TYR Q 160 -71.59 14.27 -20.25
N LEU Q 161 -70.82 15.01 -19.47
CA LEU Q 161 -69.96 16.07 -19.98
C LEU Q 161 -68.62 16.08 -19.26
N TRP Q 162 -67.53 16.16 -20.03
CA TRP Q 162 -66.21 16.31 -19.43
C TRP Q 162 -66.11 17.64 -18.70
N LYS Q 163 -65.46 17.64 -17.55
CA LYS Q 163 -65.24 18.86 -16.77
C LYS Q 163 -64.50 19.89 -17.59
N GLU Q 164 -64.86 21.17 -17.42
CA GLU Q 164 -64.32 22.24 -18.24
C GLU Q 164 -62.82 22.42 -18.06
N HIS Q 165 -62.35 22.34 -16.83
CA HIS Q 165 -60.93 22.52 -16.54
C HIS Q 165 -60.27 21.23 -16.08
N SER Q 166 -59.24 20.81 -16.83
CA SER Q 166 -58.51 19.58 -16.57
C SER Q 166 -59.44 18.38 -16.40
N PRO Q 167 -60.02 17.90 -17.51
CA PRO Q 167 -60.94 16.77 -17.48
C PRO Q 167 -60.22 15.47 -17.11
N LEU Q 168 -58.97 15.36 -17.58
CA LEU Q 168 -58.17 14.17 -17.33
C LEU Q 168 -56.90 14.55 -16.57
N GLN Q 169 -56.61 13.81 -15.50
CA GLN Q 169 -55.43 14.07 -14.69
C GLN Q 169 -54.57 12.82 -14.56
N LEU Q 170 -53.36 12.88 -15.13
CA LEU Q 170 -52.41 11.78 -15.03
C LEU Q 170 -51.63 11.85 -13.72
N LYS Q 171 -51.12 10.70 -13.28
CA LYS Q 171 -50.31 10.66 -12.07
C LYS Q 171 -48.93 11.21 -12.41
N VAL Q 172 -48.19 11.63 -11.38
CA VAL Q 172 -46.92 12.32 -11.55
C VAL Q 172 -45.97 11.63 -12.54
N GLY Q 173 -45.73 10.33 -12.34
CA GLY Q 173 -44.82 9.60 -13.19
C GLY Q 173 -45.47 8.46 -13.96
N LEU Q 174 -46.49 8.78 -14.75
CA LEU Q 174 -47.26 7.75 -15.43
C LEU Q 174 -46.63 7.32 -16.75
N SER Q 175 -46.08 8.28 -17.49
CA SER Q 175 -45.51 8.00 -18.81
C SER Q 175 -44.30 7.06 -18.72
N SER Q 176 -43.60 7.09 -17.59
CA SER Q 176 -42.41 6.26 -17.39
C SER Q 176 -42.77 4.91 -16.80
N SER Q 177 -44.00 4.79 -16.31
CA SER Q 177 -44.48 3.56 -15.68
C SER Q 177 -44.49 2.39 -16.66
N LEU Q 178 -44.73 2.69 -17.93
CA LEU Q 178 -44.80 1.67 -18.97
C LEU Q 178 -43.41 1.31 -19.49
N PRO Q 179 -43.06 0.02 -19.42
CA PRO Q 179 -41.76 -0.49 -19.88
C PRO Q 179 -41.63 -0.53 -21.41
N SER Q 180 -42.67 -1.02 -22.08
CA SER Q 180 -42.63 -1.20 -23.52
C SER Q 180 -42.93 0.10 -24.27
N PHE Q 181 -43.85 0.88 -23.72
CA PHE Q 181 -44.37 2.04 -24.43
C PHE Q 181 -44.01 3.36 -23.75
N GLN Q 182 -44.25 4.45 -24.47
CA GLN Q 182 -44.06 5.79 -23.95
C GLN Q 182 -45.34 6.59 -24.18
N LEU Q 183 -46.01 6.98 -23.11
CA LEU Q 183 -47.26 7.72 -23.25
C LEU Q 183 -46.97 9.11 -23.79
N THR Q 184 -47.39 9.35 -25.03
CA THR Q 184 -47.12 10.59 -25.73
C THR Q 184 -48.29 11.56 -25.73
N ASN Q 185 -49.49 11.01 -25.82
CA ASN Q 185 -50.69 11.80 -25.99
C ASN Q 185 -51.89 11.28 -25.19
N THR Q 186 -52.66 12.19 -24.63
CA THR Q 186 -53.93 11.87 -24.00
C THR Q 186 -55.03 12.71 -24.61
N SER Q 187 -56.20 12.11 -24.81
CA SER Q 187 -57.31 12.84 -25.40
C SER Q 187 -58.62 12.48 -24.71
N THR Q 188 -59.48 13.48 -24.55
CA THR Q 188 -60.81 13.26 -24.00
C THR Q 188 -61.87 13.64 -25.02
N THR Q 189 -62.62 12.65 -25.48
CA THR Q 189 -63.63 12.88 -26.51
C THR Q 189 -64.96 12.27 -26.10
N TYR Q 190 -65.99 12.49 -26.91
CA TYR Q 190 -67.30 11.95 -26.65
C TYR Q 190 -67.57 10.78 -27.59
N CYS Q 191 -68.21 9.74 -27.07
CA CYS Q 191 -68.47 8.54 -27.86
C CYS Q 191 -69.93 8.15 -27.78
N THR Q 192 -70.80 9.15 -27.66
CA THR Q 192 -72.24 8.94 -27.62
C THR Q 192 -72.70 8.19 -28.86
N SER Q 193 -73.39 7.08 -28.67
CA SER Q 193 -73.84 6.27 -29.80
C SER Q 193 -75.33 5.95 -29.74
N VAL Q 194 -75.90 5.67 -30.90
CA VAL Q 194 -77.31 5.32 -31.00
C VAL Q 194 -77.48 3.80 -31.14
N THR Q 195 -78.16 3.19 -30.17
CA THR Q 195 -78.37 1.76 -30.17
C THR Q 195 -79.85 1.42 -30.37
N ASN Q 196 -80.16 0.13 -30.44
CA ASN Q 196 -81.52 -0.32 -30.66
C ASN Q 196 -82.43 -0.03 -29.48
N THR Q 197 -81.83 0.23 -28.32
CA THR Q 197 -82.59 0.53 -27.12
C THR Q 197 -82.70 2.03 -26.89
N GLY Q 198 -81.87 2.80 -27.60
CA GLY Q 198 -81.93 4.24 -27.50
C GLY Q 198 -80.60 4.94 -27.72
N ILE Q 199 -80.60 6.25 -27.47
CA ILE Q 199 -79.39 7.06 -27.62
C ILE Q 199 -78.76 7.31 -26.26
N TYR Q 200 -77.57 6.74 -26.05
CA TYR Q 200 -76.91 6.83 -24.76
C TYR Q 200 -75.68 7.73 -24.79
N SER Q 201 -75.62 8.70 -23.88
CA SER Q 201 -74.48 9.59 -23.75
C SER Q 201 -73.28 8.81 -23.25
N CYS Q 202 -72.10 9.11 -23.81
CA CYS Q 202 -70.90 8.35 -23.48
C CYS Q 202 -69.63 9.20 -23.57
N LEU Q 203 -68.72 8.99 -22.64
CA LEU Q 203 -67.43 9.68 -22.67
C LEU Q 203 -66.31 8.72 -23.03
N ARG Q 204 -65.24 9.25 -23.61
CA ARG Q 204 -64.09 8.41 -23.96
C ARG Q 204 -62.78 9.15 -23.78
N THR Q 205 -61.99 8.73 -22.79
CA THR Q 205 -60.63 9.22 -22.65
C THR Q 205 -59.71 8.27 -23.40
N THR Q 206 -58.80 8.81 -24.20
CA THR Q 206 -57.94 8.00 -25.05
C THR Q 206 -56.47 8.32 -24.83
N ILE Q 207 -55.66 7.26 -24.68
CA ILE Q 207 -54.22 7.39 -24.51
C ILE Q 207 -53.48 6.83 -25.72
N GLN Q 208 -52.43 7.53 -26.16
CA GLN Q 208 -51.66 7.09 -27.31
C GLN Q 208 -50.29 6.56 -26.90
N LEU Q 209 -49.98 5.35 -27.36
CA LEU Q 209 -48.76 4.66 -26.94
C LEU Q 209 -47.75 4.45 -28.05
N LYS Q 210 -46.53 4.96 -27.83
CA LYS Q 210 -45.41 4.72 -28.73
C LYS Q 210 -44.40 3.75 -28.15
N ARG Q 211 -43.91 2.83 -28.97
CA ARG Q 211 -42.94 1.84 -28.55
C ARG Q 211 -41.53 2.41 -28.67
N GLU Q 212 -40.60 1.95 -27.83
CA GLU Q 212 -39.23 2.45 -27.88
C GLU Q 212 -38.49 1.97 -29.13
N PHE Q 213 -38.27 2.89 -30.06
CA PHE Q 213 -37.61 2.54 -31.32
C PHE Q 213 -36.10 2.52 -31.22
N SER Q 214 -35.57 3.27 -30.26
CA SER Q 214 -34.14 3.43 -30.12
C SER Q 214 -33.47 2.07 -29.81
N PHE Q 215 -34.18 1.23 -29.06
CA PHE Q 215 -33.69 -0.09 -28.69
C PHE Q 215 -33.56 -1.09 -29.83
N TYR Q 216 -34.68 -1.38 -30.48
CA TYR Q 216 -34.72 -2.37 -31.56
C TYR Q 216 -33.76 -2.01 -32.70
N LEU Q 217 -33.55 -0.71 -32.89
CA LEU Q 217 -32.58 -0.22 -33.86
C LEU Q 217 -31.19 -0.74 -33.49
N LEU Q 218 -30.78 -0.49 -32.25
CA LEU Q 218 -29.44 -0.83 -31.79
C LEU Q 218 -29.35 -2.30 -31.36
N GLN Q 219 -30.50 -2.96 -31.24
CA GLN Q 219 -30.52 -4.37 -30.83
C GLN Q 219 -30.66 -5.33 -32.02
N LEU Q 220 -31.33 -4.90 -33.07
CA LEU Q 220 -31.52 -5.76 -34.25
C LEU Q 220 -31.03 -5.13 -35.55
N TYR Q 221 -31.47 -3.91 -35.80
CA TYR Q 221 -31.24 -3.26 -37.09
C TYR Q 221 -29.76 -2.96 -37.35
N ILE Q 222 -29.09 -2.37 -36.37
CA ILE Q 222 -27.67 -2.10 -36.50
C ILE Q 222 -26.84 -3.38 -36.70
N PRO Q 223 -27.05 -4.42 -35.85
CA PRO Q 223 -26.21 -5.60 -36.04
C PRO Q 223 -26.46 -6.35 -37.35
N SER Q 224 -27.69 -6.37 -37.82
CA SER Q 224 -27.98 -7.05 -39.08
C SER Q 224 -27.38 -6.28 -40.24
N CYS Q 225 -27.42 -4.96 -40.17
CA CYS Q 225 -26.80 -4.12 -41.19
C CYS Q 225 -25.30 -4.36 -41.26
N MET Q 226 -24.64 -4.44 -40.11
CA MET Q 226 -23.22 -4.74 -40.08
C MET Q 226 -22.97 -6.15 -40.58
N LEU Q 227 -23.90 -7.05 -40.29
CA LEU Q 227 -23.79 -8.44 -40.69
C LEU Q 227 -23.89 -8.60 -42.21
N VAL Q 228 -24.84 -7.89 -42.82
CA VAL Q 228 -25.00 -7.92 -44.27
C VAL Q 228 -23.77 -7.35 -44.96
N ILE Q 229 -23.22 -6.28 -44.39
CA ILE Q 229 -22.01 -5.67 -44.94
C ILE Q 229 -20.82 -6.63 -44.87
N VAL Q 230 -20.69 -7.34 -43.76
CA VAL Q 230 -19.60 -8.30 -43.58
C VAL Q 230 -19.69 -9.44 -44.59
N SER Q 231 -20.91 -9.86 -44.91
CA SER Q 231 -21.12 -10.95 -45.86
C SER Q 231 -20.63 -10.59 -47.26
N TRP Q 232 -20.53 -9.28 -47.53
CA TRP Q 232 -20.12 -8.80 -48.85
C TRP Q 232 -18.61 -8.85 -49.08
N VAL Q 233 -17.83 -8.70 -48.01
CA VAL Q 233 -16.38 -8.60 -48.16
C VAL Q 233 -15.74 -9.93 -48.52
N SER Q 234 -16.54 -10.99 -48.63
CA SER Q 234 -16.07 -12.27 -49.12
C SER Q 234 -15.96 -12.23 -50.64
N PHE Q 235 -16.65 -11.26 -51.26
CA PHE Q 235 -16.60 -11.08 -52.70
C PHE Q 235 -15.25 -10.52 -53.12
N TRP Q 236 -14.65 -9.72 -52.25
CA TRP Q 236 -13.38 -9.06 -52.56
C TRP Q 236 -12.19 -9.98 -52.30
N PHE Q 237 -12.45 -11.15 -51.74
CA PHE Q 237 -11.39 -12.14 -51.56
C PHE Q 237 -11.29 -12.99 -52.82
N ASP Q 238 -10.10 -13.47 -53.14
CA ASP Q 238 -9.94 -14.28 -54.33
C ASP Q 238 -10.60 -15.65 -54.13
N ARG Q 239 -10.79 -16.37 -55.23
CA ARG Q 239 -11.46 -17.67 -55.19
C ARG Q 239 -10.65 -18.74 -54.46
N THR Q 240 -9.32 -18.63 -54.49
CA THR Q 240 -8.46 -19.65 -53.91
C THR Q 240 -8.45 -19.64 -52.38
N ALA Q 241 -8.85 -18.52 -51.78
CA ALA Q 241 -8.89 -18.40 -50.32
C ALA Q 241 -10.16 -19.01 -49.73
N ILE Q 242 -10.25 -20.32 -49.78
CA ILE Q 242 -11.41 -21.05 -49.24
C ILE Q 242 -11.64 -20.82 -47.73
N PRO Q 243 -10.59 -20.94 -46.89
CA PRO Q 243 -10.85 -20.74 -45.45
C PRO Q 243 -11.38 -19.36 -45.09
N ALA Q 244 -11.03 -18.36 -45.89
CA ALA Q 244 -11.47 -16.99 -45.62
C ALA Q 244 -12.95 -16.78 -45.93
N ARG Q 245 -13.39 -17.24 -47.10
CA ARG Q 245 -14.74 -16.99 -47.57
C ARG Q 245 -15.77 -17.92 -46.92
N VAL Q 246 -15.37 -19.16 -46.66
CA VAL Q 246 -16.27 -20.12 -46.01
C VAL Q 246 -16.55 -19.69 -44.57
N THR Q 247 -15.49 -19.27 -43.87
CA THR Q 247 -15.64 -18.81 -42.49
C THR Q 247 -16.57 -17.62 -42.42
N LEU Q 248 -16.28 -16.59 -43.19
CA LEU Q 248 -17.10 -15.38 -43.22
C LEU Q 248 -18.56 -15.70 -43.55
N GLY Q 249 -18.76 -16.55 -44.56
CA GLY Q 249 -20.09 -16.93 -45.01
C GLY Q 249 -20.93 -17.64 -43.96
N VAL Q 250 -20.35 -18.67 -43.34
CA VAL Q 250 -21.06 -19.46 -42.34
C VAL Q 250 -21.25 -18.69 -41.04
N THR Q 251 -20.19 -18.01 -40.61
CA THR Q 251 -20.21 -17.23 -39.39
C THR Q 251 -21.30 -16.15 -39.42
N THR Q 252 -21.37 -15.43 -40.53
CA THR Q 252 -22.33 -14.35 -40.69
C THR Q 252 -23.76 -14.88 -40.61
N LEU Q 253 -24.01 -16.03 -41.22
CA LEU Q 253 -25.34 -16.63 -41.21
C LEU Q 253 -25.71 -17.15 -39.82
N LEU Q 254 -24.75 -17.79 -39.16
CA LEU Q 254 -24.99 -18.33 -37.83
C LEU Q 254 -25.27 -17.22 -36.82
N THR Q 255 -24.54 -16.12 -36.93
CA THR Q 255 -24.73 -14.98 -36.04
C THR Q 255 -26.09 -14.33 -36.29
N MET Q 256 -26.49 -14.27 -37.56
CA MET Q 256 -27.77 -13.67 -37.93
C MET Q 256 -28.93 -14.48 -37.35
N THR Q 257 -28.76 -15.80 -37.31
CA THR Q 257 -29.78 -16.69 -36.75
C THR Q 257 -29.97 -16.38 -35.26
N ALA Q 258 -28.85 -16.13 -34.57
CA ALA Q 258 -28.89 -15.83 -33.15
C ALA Q 258 -29.68 -14.54 -32.88
N GLN Q 259 -29.49 -13.56 -33.76
CA GLN Q 259 -30.25 -12.32 -33.66
C GLN Q 259 -31.74 -12.56 -33.81
N SER Q 260 -32.08 -13.40 -34.78
CA SER Q 260 -33.48 -13.69 -35.10
C SER Q 260 -34.19 -14.38 -33.93
N ALA Q 261 -33.50 -15.30 -33.28
CA ALA Q 261 -34.05 -16.02 -32.12
C ALA Q 261 -34.30 -15.10 -30.93
N GLY Q 262 -33.35 -14.17 -30.72
CA GLY Q 262 -33.43 -13.22 -29.63
C GLY Q 262 -34.59 -12.24 -29.71
N ILE Q 263 -34.91 -11.81 -30.92
CA ILE Q 263 -35.99 -10.83 -31.12
C ILE Q 263 -37.37 -11.39 -30.75
N ASN Q 264 -37.60 -12.67 -30.99
CA ASN Q 264 -38.89 -13.28 -30.64
C ASN Q 264 -39.23 -13.19 -29.16
N SER Q 265 -38.21 -13.26 -28.33
CA SER Q 265 -38.39 -13.27 -26.89
C SER Q 265 -39.15 -12.02 -26.44
N GLN Q 266 -38.78 -10.87 -27.00
CA GLN Q 266 -39.38 -9.60 -26.60
C GLN Q 266 -40.91 -9.56 -26.82
N LEU Q 267 -41.35 -9.96 -28.01
CA LEU Q 267 -42.77 -9.94 -28.36
C LEU Q 267 -43.48 -11.29 -28.19
N PRO Q 268 -44.64 -11.29 -27.51
CA PRO Q 268 -45.46 -12.50 -27.44
C PRO Q 268 -45.98 -12.87 -28.84
N PRO Q 269 -46.27 -14.16 -29.08
CA PRO Q 269 -46.60 -14.68 -30.42
C PRO Q 269 -47.87 -14.13 -31.05
N VAL Q 270 -47.75 -13.68 -32.31
CA VAL Q 270 -48.87 -13.14 -33.07
C VAL Q 270 -48.88 -13.75 -34.47
N SER Q 271 -50.07 -14.08 -34.96
CA SER Q 271 -50.22 -14.83 -36.21
C SER Q 271 -50.00 -14.07 -37.52
N TYR Q 272 -50.18 -12.76 -37.55
CA TYR Q 272 -50.02 -12.03 -38.81
C TYR Q 272 -48.60 -11.51 -39.03
N ILE Q 273 -48.26 -11.27 -40.30
CA ILE Q 273 -46.94 -10.78 -40.68
C ILE Q 273 -46.67 -9.38 -40.13
N LYS Q 274 -45.54 -9.23 -39.46
CA LYS Q 274 -45.15 -7.94 -38.88
C LYS Q 274 -43.97 -7.35 -39.64
N ALA Q 275 -43.73 -6.06 -39.43
CA ALA Q 275 -42.61 -5.38 -40.08
C ALA Q 275 -41.28 -6.01 -39.67
N ILE Q 276 -41.23 -6.53 -38.46
CA ILE Q 276 -40.03 -7.15 -37.93
C ILE Q 276 -39.73 -8.46 -38.64
N ASP Q 277 -40.78 -9.10 -39.16
CA ASP Q 277 -40.64 -10.38 -39.83
C ASP Q 277 -40.02 -10.18 -41.21
N VAL Q 278 -40.44 -9.11 -41.87
CA VAL Q 278 -39.94 -8.77 -43.19
C VAL Q 278 -38.45 -8.45 -43.16
N TRP Q 279 -38.06 -7.61 -42.21
CA TRP Q 279 -36.69 -7.13 -42.15
C TRP Q 279 -35.73 -8.21 -41.67
N ILE Q 280 -36.26 -9.22 -40.99
CA ILE Q 280 -35.46 -10.36 -40.58
C ILE Q 280 -35.23 -11.32 -41.75
N GLY Q 281 -36.29 -11.65 -42.46
CA GLY Q 281 -36.21 -12.57 -43.57
C GLY Q 281 -35.35 -12.06 -44.72
N ALA Q 282 -35.32 -10.76 -44.89
CA ALA Q 282 -34.51 -10.15 -45.94
C ALA Q 282 -33.02 -10.25 -45.63
N CYS Q 283 -32.64 -9.76 -44.46
CA CYS Q 283 -31.24 -9.81 -44.03
C CYS Q 283 -30.75 -11.24 -44.00
N MET Q 284 -31.65 -12.15 -43.66
CA MET Q 284 -31.33 -13.57 -43.62
C MET Q 284 -31.01 -14.09 -45.03
N THR Q 285 -31.75 -13.59 -46.01
CA THR Q 285 -31.58 -14.03 -47.40
C THR Q 285 -30.30 -13.45 -48.01
N PHE Q 286 -30.09 -12.15 -47.84
CA PHE Q 286 -28.90 -11.48 -48.36
C PHE Q 286 -27.62 -12.15 -47.87
N ILE Q 287 -27.63 -12.60 -46.62
CA ILE Q 287 -26.49 -13.27 -46.05
C ILE Q 287 -26.37 -14.68 -46.62
N PHE Q 288 -27.52 -15.31 -46.85
CA PHE Q 288 -27.55 -16.65 -47.42
C PHE Q 288 -27.06 -16.65 -48.87
N CYS Q 289 -27.46 -15.64 -49.64
CA CYS Q 289 -27.10 -15.56 -51.05
C CYS Q 289 -25.63 -15.22 -51.26
N ALA Q 290 -25.06 -14.40 -50.37
CA ALA Q 290 -23.65 -14.08 -50.43
C ALA Q 290 -22.82 -15.34 -50.22
N LEU Q 291 -23.32 -16.20 -49.34
CA LEU Q 291 -22.70 -17.49 -49.09
C LEU Q 291 -22.96 -18.44 -50.26
N LEU Q 292 -24.17 -18.36 -50.81
CA LEU Q 292 -24.55 -19.16 -51.97
C LEU Q 292 -23.70 -18.78 -53.18
N GLU Q 293 -23.41 -17.49 -53.30
CA GLU Q 293 -22.60 -16.97 -54.40
C GLU Q 293 -21.23 -17.64 -54.41
N PHE Q 294 -20.66 -17.84 -53.23
CA PHE Q 294 -19.36 -18.49 -53.11
C PHE Q 294 -19.41 -19.91 -53.63
N ALA Q 295 -20.52 -20.59 -53.37
CA ALA Q 295 -20.70 -21.97 -53.82
C ALA Q 295 -20.69 -22.02 -55.34
N LEU Q 296 -21.30 -21.03 -55.97
CA LEU Q 296 -21.30 -20.93 -57.43
C LEU Q 296 -19.90 -20.65 -57.95
N VAL Q 297 -19.19 -19.75 -57.26
CA VAL Q 297 -17.83 -19.38 -57.64
C VAL Q 297 -16.87 -20.55 -57.48
N ASN Q 298 -16.97 -21.24 -56.35
CA ASN Q 298 -16.10 -22.39 -56.08
C ASN Q 298 -16.36 -23.51 -57.07
N HIS Q 299 -17.60 -23.61 -57.54
CA HIS Q 299 -17.95 -24.62 -58.54
C HIS Q 299 -17.32 -24.39 -59.91
N ILE Q 300 -17.58 -23.23 -60.48
CA ILE Q 300 -17.14 -22.93 -61.84
C ILE Q 300 -15.62 -22.80 -61.99
N ALA Q 301 -14.92 -22.51 -60.90
CA ALA Q 301 -13.47 -22.45 -60.95
C ALA Q 301 -12.90 -23.84 -61.18
N ASN Q 302 -13.04 -24.68 -60.17
CA ASN Q 302 -12.49 -26.03 -60.16
C ASN Q 302 -13.08 -26.95 -61.24
N ALA Q 303 -14.24 -26.59 -61.78
CA ALA Q 303 -14.89 -27.41 -62.81
C ALA Q 303 -14.08 -27.37 -64.12
N GLY Q 304 -13.62 -28.54 -64.55
CA GLY Q 304 -12.86 -28.68 -65.77
C GLY Q 304 -13.43 -28.24 -67.10
N THR Q 305 -12.63 -27.51 -67.86
CA THR Q 305 -12.95 -27.13 -69.23
C THR Q 305 -11.68 -26.70 -69.97
N THR Q 306 -11.58 -27.08 -71.25
CA THR Q 306 -10.38 -26.82 -72.04
C THR Q 306 -10.11 -25.32 -72.21
N GLU Q 307 -11.18 -24.53 -72.32
CA GLU Q 307 -11.11 -23.07 -72.36
C GLU Q 307 -10.44 -22.45 -71.14
N TRP Q 308 -9.89 -21.25 -71.32
CA TRP Q 308 -9.28 -20.52 -70.21
C TRP Q 308 -10.34 -20.19 -69.15
N ASN Q 309 -11.52 -19.79 -69.62
CA ASN Q 309 -12.70 -19.55 -68.78
C ASN Q 309 -12.60 -18.27 -67.94
N ASP Q 310 -12.39 -18.46 -66.63
CA ASP Q 310 -12.19 -17.37 -65.66
C ASP Q 310 -13.51 -16.59 -65.45
N ILE Q 311 -14.63 -17.30 -65.54
CA ILE Q 311 -15.94 -16.73 -65.26
C ILE Q 311 -16.05 -16.34 -63.79
N SER Q 312 -15.45 -17.16 -62.93
CA SER Q 312 -15.49 -16.98 -61.48
C SER Q 312 -15.16 -15.57 -61.02
N LYS Q 313 -14.11 -14.99 -61.59
CA LYS Q 313 -13.73 -13.62 -61.25
C LYS Q 313 -14.86 -12.65 -61.57
N ARG Q 314 -15.48 -12.83 -62.74
CA ARG Q 314 -16.60 -12.00 -63.17
C ARG Q 314 -17.77 -12.03 -62.19
N VAL Q 315 -18.09 -13.22 -61.69
CA VAL Q 315 -19.16 -13.41 -60.73
C VAL Q 315 -18.89 -12.61 -59.46
N ASP Q 316 -17.65 -12.63 -59.00
CA ASP Q 316 -17.24 -11.86 -57.85
C ASP Q 316 -17.38 -10.37 -58.12
N LEU Q 317 -17.03 -9.96 -59.34
CA LEU Q 317 -17.09 -8.55 -59.72
C LEU Q 317 -18.51 -7.99 -59.71
N ILE Q 318 -19.45 -8.73 -60.27
CA ILE Q 318 -20.83 -8.25 -60.36
C ILE Q 318 -21.51 -8.32 -59.00
N SER Q 319 -21.00 -9.18 -58.13
CA SER Q 319 -21.52 -9.32 -56.78
C SER Q 319 -21.19 -8.10 -55.93
N ARG Q 320 -20.04 -7.50 -56.20
CA ARG Q 320 -19.58 -6.32 -55.47
C ARG Q 320 -20.45 -5.10 -55.77
N ALA Q 321 -21.27 -5.20 -56.81
CA ALA Q 321 -22.13 -4.10 -57.21
C ALA Q 321 -23.60 -4.43 -56.97
N LEU Q 322 -23.99 -5.66 -57.32
CA LEU Q 322 -25.39 -6.08 -57.24
C LEU Q 322 -25.92 -6.08 -55.80
N PHE Q 323 -25.19 -6.74 -54.91
CA PHE Q 323 -25.62 -6.87 -53.51
C PHE Q 323 -25.78 -5.52 -52.80
N PRO Q 324 -24.79 -4.61 -52.91
CA PRO Q 324 -25.01 -3.33 -52.21
C PRO Q 324 -26.16 -2.52 -52.80
N VAL Q 325 -26.37 -2.61 -54.11
CA VAL Q 325 -27.46 -1.88 -54.75
C VAL Q 325 -28.82 -2.47 -54.37
N LEU Q 326 -28.94 -3.79 -54.48
CA LEU Q 326 -30.19 -4.48 -54.13
C LEU Q 326 -30.58 -4.26 -52.67
N PHE Q 327 -29.58 -4.27 -51.79
CA PHE Q 327 -29.83 -4.04 -50.38
C PHE Q 327 -30.24 -2.60 -50.13
N PHE Q 328 -29.67 -1.67 -50.90
CA PHE Q 328 -30.01 -0.27 -50.80
C PHE Q 328 -31.43 -0.01 -51.30
N VAL Q 329 -31.81 -0.73 -52.35
CA VAL Q 329 -33.16 -0.64 -52.89
C VAL Q 329 -34.16 -1.15 -51.87
N PHE Q 330 -33.82 -2.24 -51.22
CA PHE Q 330 -34.69 -2.85 -50.21
C PHE Q 330 -34.98 -1.89 -49.06
N ASN Q 331 -33.94 -1.26 -48.53
CA ASN Q 331 -34.11 -0.32 -47.42
C ASN Q 331 -35.03 0.84 -47.78
N ILE Q 332 -34.88 1.34 -49.00
CA ILE Q 332 -35.78 2.39 -49.49
C ILE Q 332 -37.21 1.89 -49.52
N LEU Q 333 -37.40 0.68 -50.04
CA LEU Q 333 -38.72 0.07 -50.09
C LEU Q 333 -39.24 -0.23 -48.68
N TYR Q 334 -38.36 -0.69 -47.81
CA TYR Q 334 -38.75 -1.07 -46.46
C TYR Q 334 -39.17 0.14 -45.63
N TRP Q 335 -38.29 1.14 -45.56
CA TRP Q 335 -38.50 2.29 -44.68
C TRP Q 335 -39.58 3.24 -45.19
N SER Q 336 -39.80 3.25 -46.50
CA SER Q 336 -40.89 4.06 -47.06
C SER Q 336 -42.22 3.35 -46.85
N ARG Q 337 -42.15 2.06 -46.59
CA ARG Q 337 -43.35 1.25 -46.34
C ARG Q 337 -43.70 1.27 -44.86
N PHE Q 338 -42.69 1.16 -44.01
CA PHE Q 338 -42.89 1.12 -42.56
C PHE Q 338 -42.42 2.41 -41.89
N GLY Q 339 -42.59 3.52 -42.60
CA GLY Q 339 -42.24 4.84 -42.10
C GLY Q 339 -43.50 5.56 -41.62
N HIS Q 340 -44.62 4.89 -41.79
CA HIS Q 340 -45.93 5.44 -41.44
C HIS Q 340 -46.67 4.56 -40.45
N SER R 1 -94.49 9.49 -11.26
CA SER R 1 -95.18 8.89 -12.40
C SER R 1 -94.80 7.43 -12.57
N ASP R 2 -93.54 7.19 -12.92
CA ASP R 2 -93.03 5.82 -13.07
C ASP R 2 -93.10 5.08 -11.74
N SER R 3 -92.67 5.75 -10.68
CA SER R 3 -92.74 5.18 -9.33
C SER R 3 -94.19 4.95 -8.92
N LYS R 4 -95.09 5.78 -9.45
CA LYS R 4 -96.52 5.64 -9.19
C LYS R 4 -97.07 4.40 -9.88
N ILE R 5 -96.50 4.08 -11.04
CA ILE R 5 -96.91 2.92 -11.81
C ILE R 5 -96.38 1.61 -11.24
N LEU R 6 -95.09 1.56 -10.93
CA LEU R 6 -94.48 0.36 -10.37
C LEU R 6 -95.15 -0.06 -9.07
N ALA R 7 -95.56 0.93 -8.28
CA ALA R 7 -96.30 0.67 -7.04
C ALA R 7 -97.61 -0.03 -7.36
N HIS R 8 -98.25 0.41 -8.44
CA HIS R 8 -99.52 -0.16 -8.89
C HIS R 8 -99.42 -1.64 -9.24
N LEU R 9 -98.28 -2.06 -9.77
CA LEU R 9 -98.10 -3.44 -10.17
C LEU R 9 -97.87 -4.46 -9.03
N PHE R 10 -97.00 -4.14 -8.06
CA PHE R 10 -96.65 -5.16 -7.05
C PHE R 10 -97.37 -5.14 -5.73
N THR R 11 -98.39 -4.32 -5.57
CA THR R 11 -99.17 -4.51 -4.37
C THR R 11 -100.10 -5.63 -4.76
N SER R 12 -100.47 -5.66 -6.04
CA SER R 12 -101.36 -6.68 -6.57
C SER R 12 -100.82 -8.09 -6.36
N GLY R 13 -101.71 -9.07 -6.42
CA GLY R 13 -101.33 -10.44 -6.12
C GLY R 13 -100.32 -10.95 -7.11
N TYR R 14 -99.06 -10.90 -6.70
CA TYR R 14 -97.98 -11.33 -7.56
C TYR R 14 -97.02 -12.30 -6.87
N ASP R 15 -96.58 -13.31 -7.62
CA ASP R 15 -95.59 -14.25 -7.14
C ASP R 15 -94.55 -14.47 -8.23
N PHE R 16 -93.34 -13.97 -7.98
CA PHE R 16 -92.25 -14.06 -8.95
C PHE R 16 -91.71 -15.48 -9.09
N ARG R 17 -92.11 -16.35 -8.19
CA ARG R 17 -91.72 -17.76 -8.24
C ARG R 17 -92.63 -18.55 -9.18
N VAL R 18 -93.69 -17.90 -9.65
CA VAL R 18 -94.70 -18.54 -10.48
C VAL R 18 -94.59 -18.11 -11.95
N ARG R 19 -94.62 -19.09 -12.85
CA ARG R 19 -94.59 -18.85 -14.29
C ARG R 19 -95.77 -17.99 -14.72
N PRO R 20 -95.53 -17.03 -15.65
CA PRO R 20 -96.60 -16.17 -16.16
C PRO R 20 -97.72 -16.94 -16.83
N PRO R 21 -98.97 -16.46 -16.67
CA PRO R 21 -100.15 -17.11 -17.27
C PRO R 21 -100.10 -17.11 -18.79
N THR R 22 -100.72 -18.11 -19.40
CA THR R 22 -100.80 -18.20 -20.86
C THR R 22 -102.26 -18.33 -21.29
N ASP R 23 -102.57 -17.78 -22.46
CA ASP R 23 -103.94 -17.77 -22.98
C ASP R 23 -104.50 -19.18 -23.16
N ASN R 24 -103.64 -20.13 -23.50
CA ASN R 24 -104.09 -21.49 -23.77
C ASN R 24 -103.27 -22.54 -23.02
N GLY R 25 -102.65 -22.14 -21.92
CA GLY R 25 -101.89 -23.05 -21.08
C GLY R 25 -100.56 -23.46 -21.67
N GLY R 26 -100.18 -22.82 -22.78
CA GLY R 26 -98.94 -23.12 -23.44
C GLY R 26 -97.72 -22.64 -22.66
N PRO R 27 -96.53 -22.79 -23.25
CA PRO R 27 -95.29 -22.36 -22.60
C PRO R 27 -95.04 -20.87 -22.79
N VAL R 28 -94.22 -20.29 -21.93
CA VAL R 28 -93.82 -18.90 -22.07
C VAL R 28 -92.77 -18.78 -23.17
N VAL R 29 -93.07 -17.98 -24.19
CA VAL R 29 -92.15 -17.81 -25.31
C VAL R 29 -91.19 -16.67 -25.06
N VAL R 30 -89.91 -17.01 -24.91
CA VAL R 30 -88.89 -16.00 -24.68
C VAL R 30 -88.11 -15.73 -25.96
N SER R 31 -88.25 -14.52 -26.48
CA SER R 31 -87.50 -14.12 -27.67
C SER R 31 -86.13 -13.60 -27.25
N VAL R 32 -85.08 -14.14 -27.87
CA VAL R 32 -83.73 -13.83 -27.43
C VAL R 32 -82.93 -13.07 -28.48
N ASN R 33 -82.37 -11.95 -28.06
CA ASN R 33 -81.47 -11.16 -28.87
C ASN R 33 -80.09 -11.17 -28.23
N MET R 34 -79.06 -11.28 -29.05
CA MET R 34 -77.71 -11.37 -28.53
C MET R 34 -76.75 -10.39 -29.18
N LEU R 35 -76.01 -9.67 -28.35
CA LEU R 35 -75.01 -8.72 -28.83
C LEU R 35 -73.63 -9.17 -28.37
N LEU R 36 -72.76 -9.48 -29.33
CA LEU R 36 -71.43 -9.95 -29.01
C LEU R 36 -70.45 -8.78 -29.06
N ARG R 37 -69.81 -8.46 -27.95
CA ARG R 37 -68.91 -7.31 -27.91
C ARG R 37 -67.48 -7.68 -28.23
N THR R 38 -66.89 -8.57 -27.45
CA THR R 38 -65.50 -8.94 -27.67
C THR R 38 -65.25 -10.43 -27.54
N ILE R 39 -64.32 -10.93 -28.36
CA ILE R 39 -63.81 -12.28 -28.26
C ILE R 39 -62.31 -12.25 -28.02
N SER R 40 -61.87 -12.91 -26.96
CA SER R 40 -60.48 -12.84 -26.54
C SER R 40 -60.03 -14.12 -25.85
N LYS R 41 -58.72 -14.27 -25.71
CA LYS R 41 -58.13 -15.35 -24.91
C LYS R 41 -58.56 -16.71 -25.45
N ILE R 42 -58.54 -16.88 -26.76
CA ILE R 42 -58.78 -18.20 -27.34
C ILE R 42 -57.67 -19.14 -26.89
N ASP R 43 -58.06 -20.25 -26.29
CA ASP R 43 -57.10 -21.19 -25.75
C ASP R 43 -57.29 -22.52 -26.48
N VAL R 44 -56.21 -23.00 -27.10
CA VAL R 44 -56.26 -24.23 -27.86
C VAL R 44 -55.91 -25.43 -26.98
N VAL R 45 -55.22 -25.17 -25.88
CA VAL R 45 -54.83 -26.23 -24.95
C VAL R 45 -56.00 -26.67 -24.08
N ASN R 46 -56.71 -25.69 -23.52
CA ASN R 46 -57.82 -25.97 -22.61
C ASN R 46 -59.16 -26.03 -23.32
N MET R 47 -59.13 -25.90 -24.64
CA MET R 47 -60.32 -25.95 -25.47
C MET R 47 -61.39 -25.00 -24.97
N GLU R 48 -61.02 -23.73 -24.83
CA GLU R 48 -61.94 -22.72 -24.33
C GLU R 48 -61.59 -21.35 -24.88
N TYR R 49 -62.54 -20.43 -24.82
CA TYR R 49 -62.32 -19.06 -25.24
C TYR R 49 -63.17 -18.11 -24.41
N SER R 50 -62.67 -16.90 -24.20
CA SER R 50 -63.40 -15.90 -23.43
C SER R 50 -64.18 -15.00 -24.37
N ALA R 51 -65.45 -14.77 -24.04
CA ALA R 51 -66.30 -13.93 -24.86
C ALA R 51 -67.20 -13.07 -23.98
N GLN R 52 -67.22 -11.78 -24.27
CA GLN R 52 -68.08 -10.85 -23.54
C GLN R 52 -69.26 -10.42 -24.42
N LEU R 53 -70.46 -10.46 -23.87
CA LEU R 53 -71.66 -10.22 -24.66
C LEU R 53 -72.81 -9.58 -23.89
N THR R 54 -73.75 -8.99 -24.62
CA THR R 54 -74.95 -8.42 -24.03
C THR R 54 -76.14 -9.31 -24.33
N LEU R 55 -76.75 -9.85 -23.28
CA LEU R 55 -77.89 -10.73 -23.46
C LEU R 55 -79.20 -9.96 -23.35
N ARG R 56 -80.06 -10.12 -24.34
CA ARG R 56 -81.37 -9.48 -24.32
C ARG R 56 -82.48 -10.51 -24.46
N GLU R 57 -83.28 -10.64 -23.41
CA GLU R 57 -84.41 -11.57 -23.43
C GLU R 57 -85.72 -10.80 -23.45
N SER R 58 -86.75 -11.40 -24.02
CA SER R 58 -88.06 -10.77 -24.09
C SER R 58 -89.21 -11.76 -24.02
N TRP R 59 -90.12 -11.53 -23.08
CA TRP R 59 -91.29 -12.37 -22.90
C TRP R 59 -92.49 -11.52 -22.51
N ILE R 60 -93.66 -12.14 -22.47
CA ILE R 60 -94.89 -11.44 -22.11
C ILE R 60 -95.40 -11.90 -20.75
N ASP R 61 -95.58 -10.95 -19.83
CA ASP R 61 -96.12 -11.24 -18.51
C ASP R 61 -97.39 -10.42 -18.29
N LYS R 62 -98.54 -11.04 -18.53
CA LYS R 62 -99.82 -10.36 -18.49
C LYS R 62 -100.14 -9.82 -17.08
N ARG R 63 -99.46 -10.35 -16.08
CA ARG R 63 -99.62 -9.87 -14.71
C ARG R 63 -99.06 -8.45 -14.58
N LEU R 64 -98.10 -8.11 -15.42
CA LEU R 64 -97.44 -6.81 -15.37
C LEU R 64 -98.09 -5.80 -16.31
N SER R 65 -99.12 -6.23 -17.03
CA SER R 65 -99.79 -5.34 -17.97
C SER R 65 -100.59 -4.30 -17.22
N TYR R 66 -100.21 -3.03 -17.36
CA TYR R 66 -100.90 -1.97 -16.65
C TYR R 66 -101.58 -0.96 -17.56
N GLY R 67 -101.66 -1.26 -18.86
CA GLY R 67 -102.20 -0.29 -19.78
C GLY R 67 -102.45 -0.75 -21.20
N VAL R 68 -103.23 0.03 -21.92
CA VAL R 68 -103.56 -0.21 -23.31
C VAL R 68 -102.75 0.73 -24.21
N LYS R 69 -102.72 0.41 -25.51
CA LYS R 69 -101.99 1.18 -26.50
C LYS R 69 -102.41 2.64 -26.58
N GLY R 70 -103.70 2.91 -26.38
CA GLY R 70 -104.22 4.26 -26.50
C GLY R 70 -104.46 5.13 -25.29
N ASP R 71 -104.17 4.63 -24.08
CA ASP R 71 -104.33 5.50 -22.91
C ASP R 71 -103.08 6.37 -22.77
N GLY R 72 -103.19 7.44 -22.01
CA GLY R 72 -102.09 8.35 -21.75
C GLY R 72 -100.92 7.89 -20.91
N GLN R 73 -100.81 6.58 -20.66
CA GLN R 73 -99.74 6.09 -19.80
C GLN R 73 -98.49 5.83 -20.62
N PRO R 74 -97.32 6.03 -19.99
CA PRO R 74 -96.06 5.84 -20.71
C PRO R 74 -95.92 4.39 -21.18
N ASP R 75 -95.53 4.22 -22.44
CA ASP R 75 -95.45 2.91 -23.08
C ASP R 75 -94.74 1.86 -22.22
N PHE R 76 -93.56 2.20 -21.72
CA PHE R 76 -92.81 1.30 -20.86
C PHE R 76 -92.22 2.02 -19.65
N VAL R 77 -92.02 1.28 -18.57
CA VAL R 77 -91.43 1.83 -17.36
C VAL R 77 -90.19 1.02 -16.95
N ILE R 78 -89.10 1.70 -16.62
CA ILE R 78 -87.89 1.03 -16.17
C ILE R 78 -88.06 0.55 -14.73
N LEU R 79 -87.88 -0.75 -14.53
CA LEU R 79 -88.06 -1.35 -13.21
C LEU R 79 -86.97 -0.92 -12.23
N THR R 80 -87.38 -0.33 -11.12
CA THR R 80 -86.43 0.11 -10.09
C THR R 80 -86.07 -1.02 -9.14
N VAL R 81 -85.10 -0.75 -8.27
CA VAL R 81 -84.62 -1.74 -7.30
C VAL R 81 -85.62 -2.03 -6.19
N GLY R 82 -85.58 -3.24 -5.64
CA GLY R 82 -86.46 -3.59 -4.54
C GLY R 82 -87.70 -4.29 -5.05
N HIS R 83 -87.74 -4.49 -6.36
CA HIS R 83 -88.88 -5.09 -7.03
C HIS R 83 -88.53 -6.28 -7.93
N GLN R 84 -89.06 -7.45 -7.60
CA GLN R 84 -88.77 -8.68 -8.34
C GLN R 84 -89.82 -9.11 -9.36
N ILE R 85 -89.36 -9.53 -10.53
CA ILE R 85 -90.21 -10.10 -11.56
C ILE R 85 -89.81 -11.55 -11.85
N TRP R 86 -90.76 -12.37 -12.31
CA TRP R 86 -90.42 -13.70 -12.80
C TRP R 86 -89.47 -13.54 -13.97
N MET R 87 -88.37 -14.28 -13.94
CA MET R 87 -87.43 -14.25 -15.04
C MET R 87 -87.01 -15.67 -15.41
N PRO R 88 -86.80 -15.93 -16.70
CA PRO R 88 -86.36 -17.24 -17.17
C PRO R 88 -85.06 -17.68 -16.50
N ASP R 89 -85.04 -18.89 -15.97
CA ASP R 89 -83.84 -19.43 -15.32
C ASP R 89 -82.80 -19.86 -16.35
N THR R 90 -82.51 -18.95 -17.28
CA THR R 90 -81.60 -19.24 -18.38
C THR R 90 -80.15 -19.34 -17.91
N PHE R 91 -79.39 -20.21 -18.57
CA PHE R 91 -77.97 -20.38 -18.29
C PHE R 91 -77.23 -20.75 -19.57
N PHE R 92 -75.94 -20.99 -19.46
CA PHE R 92 -75.12 -21.33 -20.62
C PHE R 92 -74.47 -22.70 -20.46
N PRO R 93 -75.08 -23.73 -21.07
CA PRO R 93 -74.68 -25.14 -20.96
C PRO R 93 -73.17 -25.37 -21.12
N ASN R 94 -72.55 -24.70 -22.07
CA ASN R 94 -71.13 -24.90 -22.34
C ASN R 94 -70.24 -23.84 -21.71
N GLU R 95 -70.77 -23.13 -20.71
CA GLU R 95 -69.97 -22.16 -19.98
C GLU R 95 -69.17 -22.81 -18.87
N LYS R 96 -67.87 -22.53 -18.83
CA LYS R 96 -67.00 -23.06 -17.80
C LYS R 96 -66.84 -22.05 -16.68
N GLN R 97 -66.89 -20.77 -17.04
CA GLN R 97 -66.78 -19.67 -16.09
C GLN R 97 -67.65 -18.52 -16.59
N ALA R 98 -68.26 -17.79 -15.66
CA ALA R 98 -69.14 -16.69 -16.04
C ALA R 98 -69.27 -15.66 -14.94
N TYR R 99 -69.26 -14.38 -15.32
CA TYR R 99 -69.34 -13.28 -14.37
C TYR R 99 -70.34 -12.24 -14.87
N LYS R 100 -71.02 -11.57 -13.93
CA LYS R 100 -71.80 -10.38 -14.28
C LYS R 100 -71.02 -9.13 -13.89
N HIS R 101 -71.35 -8.01 -14.52
CA HIS R 101 -70.65 -6.75 -14.28
C HIS R 101 -71.37 -5.92 -13.23
N THR R 102 -70.67 -5.62 -12.14
CA THR R 102 -71.27 -4.94 -11.01
C THR R 102 -70.60 -3.60 -10.69
N ILE R 103 -69.78 -3.10 -11.61
CA ILE R 103 -69.04 -1.87 -11.36
C ILE R 103 -70.00 -0.67 -11.22
N ASP R 104 -69.82 0.09 -10.15
CA ASP R 104 -70.83 1.05 -9.68
C ASP R 104 -72.16 0.33 -9.53
N LYS R 105 -73.19 0.79 -10.23
CA LYS R 105 -74.46 0.07 -10.27
C LYS R 105 -74.33 -1.17 -11.13
N PRO R 106 -75.05 -2.25 -10.77
CA PRO R 106 -75.01 -3.49 -11.54
C PRO R 106 -75.55 -3.28 -12.96
N ASN R 107 -75.01 -4.02 -13.92
CA ASN R 107 -75.33 -3.79 -15.32
C ASN R 107 -76.54 -4.58 -15.80
N VAL R 108 -77.71 -4.29 -15.23
CA VAL R 108 -78.95 -4.87 -15.69
C VAL R 108 -79.96 -3.81 -16.08
N LEU R 109 -80.84 -4.14 -17.03
CA LEU R 109 -81.91 -3.24 -17.44
C LEU R 109 -83.20 -4.02 -17.70
N ILE R 110 -84.26 -3.64 -17.01
CA ILE R 110 -85.55 -4.29 -17.19
C ILE R 110 -86.64 -3.29 -17.55
N ARG R 111 -87.26 -3.48 -18.71
CA ARG R 111 -88.34 -2.62 -19.16
C ARG R 111 -89.68 -3.36 -19.14
N ILE R 112 -90.69 -2.72 -18.56
CA ILE R 112 -92.04 -3.27 -18.54
C ILE R 112 -92.96 -2.48 -19.46
N HIS R 113 -93.28 -3.04 -20.61
CA HIS R 113 -94.20 -2.39 -21.55
C HIS R 113 -95.63 -2.41 -21.02
N ASN R 114 -96.49 -1.60 -21.64
CA ASN R 114 -97.88 -1.48 -21.20
C ASN R 114 -98.68 -2.76 -21.41
N ASP R 115 -98.42 -3.46 -22.50
CA ASP R 115 -99.14 -4.70 -22.82
C ASP R 115 -98.70 -5.86 -21.93
N GLY R 116 -97.58 -5.68 -21.25
CA GLY R 116 -97.06 -6.72 -20.37
C GLY R 116 -95.78 -7.33 -20.89
N THR R 117 -95.31 -6.86 -22.03
CA THR R 117 -94.07 -7.35 -22.61
C THR R 117 -92.87 -6.87 -21.81
N VAL R 118 -92.01 -7.80 -21.42
CA VAL R 118 -90.84 -7.48 -20.63
C VAL R 118 -89.57 -7.55 -21.47
N LEU R 119 -88.72 -6.52 -21.35
CA LEU R 119 -87.41 -6.54 -21.98
C LEU R 119 -86.33 -6.63 -20.91
N TYR R 120 -85.48 -7.64 -21.01
CA TYR R 120 -84.43 -7.88 -20.03
C TYR R 120 -83.06 -7.82 -20.71
N SER R 121 -82.22 -6.89 -20.27
CA SER R 121 -80.89 -6.74 -20.84
C SER R 121 -79.82 -6.86 -19.76
N VAL R 122 -78.73 -7.57 -20.08
CA VAL R 122 -77.69 -7.83 -19.11
C VAL R 122 -76.33 -8.04 -19.78
N ARG R 123 -75.28 -7.45 -19.19
CA ARG R 123 -73.91 -7.66 -19.64
C ARG R 123 -73.31 -8.87 -18.93
N ILE R 124 -72.77 -9.81 -19.71
CA ILE R 124 -72.21 -11.03 -19.15
C ILE R 124 -70.83 -11.32 -19.72
N SER R 125 -69.91 -11.77 -18.85
CA SER R 125 -68.60 -12.20 -19.29
C SER R 125 -68.46 -13.71 -19.21
N LEU R 126 -68.35 -14.37 -20.35
CA LEU R 126 -68.30 -15.82 -20.40
C LEU R 126 -66.90 -16.38 -20.69
N VAL R 127 -66.66 -17.60 -20.24
CA VAL R 127 -65.51 -18.39 -20.66
C VAL R 127 -66.04 -19.74 -21.14
N LEU R 128 -66.36 -19.82 -22.43
CA LEU R 128 -67.04 -20.98 -22.98
C LEU R 128 -66.07 -22.06 -23.45
N SER R 129 -66.50 -23.31 -23.37
CA SER R 129 -65.68 -24.42 -23.85
C SER R 129 -65.84 -24.58 -25.35
N CYS R 130 -64.73 -24.77 -26.04
CA CYS R 130 -64.75 -24.94 -27.48
C CYS R 130 -63.66 -25.91 -27.91
N PRO R 131 -64.02 -27.20 -28.02
CA PRO R 131 -63.07 -28.23 -28.45
C PRO R 131 -62.52 -27.93 -29.84
N MET R 132 -61.20 -27.80 -29.95
CA MET R 132 -60.56 -27.45 -31.20
C MET R 132 -59.66 -28.56 -31.71
N TYR R 133 -59.47 -28.60 -33.03
CA TYR R 133 -58.72 -29.68 -33.65
C TYR R 133 -57.67 -29.11 -34.59
N LEU R 134 -56.43 -29.54 -34.43
CA LEU R 134 -55.32 -28.93 -35.17
C LEU R 134 -54.65 -29.90 -36.15
N GLN R 135 -55.42 -30.85 -36.68
CA GLN R 135 -54.90 -31.78 -37.66
C GLN R 135 -54.45 -31.06 -38.93
N TYR R 136 -55.14 -29.97 -39.24
CA TYR R 136 -54.78 -29.20 -40.42
C TYR R 136 -54.06 -27.91 -40.04
N TYR R 137 -52.96 -28.04 -39.29
CA TYR R 137 -52.23 -26.86 -38.87
C TYR R 137 -51.30 -26.40 -39.99
N PRO R 138 -51.33 -25.10 -40.32
CA PRO R 138 -52.21 -24.10 -39.73
C PRO R 138 -53.42 -23.73 -40.60
N MET R 139 -53.60 -24.38 -41.73
CA MET R 139 -54.77 -24.12 -42.58
C MET R 139 -55.97 -24.89 -42.05
N ASP R 140 -56.39 -24.53 -40.86
CA ASP R 140 -57.52 -25.23 -40.29
C ASP R 140 -58.68 -24.29 -40.04
N VAL R 141 -59.79 -24.86 -39.59
CA VAL R 141 -60.99 -24.09 -39.32
C VAL R 141 -61.58 -24.54 -38.01
N GLN R 142 -61.97 -23.58 -37.19
CA GLN R 142 -62.55 -23.87 -35.89
C GLN R 142 -63.95 -23.26 -35.81
N GLN R 143 -64.83 -23.94 -35.11
CA GLN R 143 -66.17 -23.41 -34.86
C GLN R 143 -66.51 -23.42 -33.38
N CYS R 144 -66.71 -22.23 -32.81
CA CYS R 144 -67.04 -22.12 -31.41
C CYS R 144 -68.49 -21.67 -31.23
N SER R 145 -69.11 -22.11 -30.15
CA SER R 145 -70.54 -21.86 -29.94
C SER R 145 -70.85 -21.29 -28.57
N ILE R 146 -72.04 -20.69 -28.45
CA ILE R 146 -72.56 -20.23 -27.17
C ILE R 146 -73.95 -20.80 -26.96
N ASP R 147 -74.02 -21.92 -26.24
CA ASP R 147 -75.31 -22.56 -25.99
C ASP R 147 -76.07 -21.80 -24.91
N LEU R 148 -77.39 -21.76 -25.06
CA LEU R 148 -78.25 -21.01 -24.14
C LEU R 148 -79.56 -21.75 -23.92
N ALA R 149 -79.87 -22.05 -22.66
CA ALA R 149 -81.08 -22.80 -22.34
C ALA R 149 -81.53 -22.55 -20.90
N SER R 150 -82.71 -23.07 -20.56
CA SER R 150 -83.21 -23.02 -19.20
C SER R 150 -82.81 -24.28 -18.44
N TYR R 151 -82.67 -24.16 -17.13
CA TYR R 151 -82.18 -25.29 -16.33
C TYR R 151 -83.29 -26.14 -15.72
N ALA R 152 -84.28 -25.49 -15.12
CA ALA R 152 -85.32 -26.21 -14.40
C ALA R 152 -86.58 -26.39 -15.26
N TYR R 153 -87.00 -25.32 -15.92
CA TYR R 153 -88.24 -25.36 -16.69
C TYR R 153 -88.05 -26.09 -18.03
N THR R 154 -88.95 -27.03 -18.31
CA THR R 154 -88.90 -27.83 -19.52
C THR R 154 -89.59 -27.13 -20.69
N THR R 155 -89.84 -27.87 -21.77
CA THR R 155 -90.45 -27.32 -22.97
C THR R 155 -91.93 -26.95 -22.79
N LYS R 156 -92.57 -27.50 -21.77
CA LYS R 156 -93.98 -27.23 -21.55
C LYS R 156 -94.19 -25.88 -20.88
N ASP R 157 -93.13 -25.35 -20.27
CA ASP R 157 -93.22 -24.11 -19.51
C ASP R 157 -92.52 -22.94 -20.21
N ILE R 158 -91.38 -23.21 -20.81
CA ILE R 158 -90.59 -22.15 -21.45
C ILE R 158 -90.06 -22.61 -22.82
N GLU R 159 -90.06 -21.68 -23.77
CA GLU R 159 -89.61 -21.98 -25.12
C GLU R 159 -88.78 -20.83 -25.67
N TYR R 160 -87.56 -21.12 -26.10
CA TYR R 160 -86.66 -20.08 -26.60
C TYR R 160 -86.72 -19.95 -28.12
N LEU R 161 -86.74 -18.71 -28.59
CA LEU R 161 -86.75 -18.41 -30.01
C LEU R 161 -85.84 -17.24 -30.34
N TRP R 162 -85.03 -17.38 -31.38
CA TRP R 162 -84.21 -16.28 -31.85
C TRP R 162 -85.10 -15.17 -32.39
N LYS R 163 -84.72 -13.92 -32.12
CA LYS R 163 -85.45 -12.76 -32.62
C LYS R 163 -85.53 -12.79 -34.14
N GLU R 164 -86.65 -12.35 -34.69
CA GLU R 164 -86.89 -12.46 -36.12
C GLU R 164 -85.93 -11.60 -36.95
N HIS R 165 -85.64 -10.39 -36.48
CA HIS R 165 -84.76 -9.49 -37.20
C HIS R 165 -83.44 -9.29 -36.47
N SER R 166 -82.34 -9.63 -37.14
CA SER R 166 -80.99 -9.52 -36.58
C SER R 166 -80.88 -10.15 -35.20
N PRO R 167 -80.86 -11.49 -35.13
CA PRO R 167 -80.78 -12.21 -33.85
C PRO R 167 -79.43 -12.01 -33.19
N LEU R 168 -78.38 -11.93 -33.99
CA LEU R 168 -77.03 -11.74 -33.48
C LEU R 168 -76.40 -10.48 -34.05
N GLN R 169 -75.82 -9.66 -33.18
CA GLN R 169 -75.19 -8.43 -33.60
C GLN R 169 -73.75 -8.37 -33.10
N LEU R 170 -72.81 -8.37 -34.03
CA LEU R 170 -71.40 -8.25 -33.69
C LEU R 170 -71.05 -6.78 -33.48
N LYS R 171 -70.03 -6.52 -32.66
CA LYS R 171 -69.58 -5.15 -32.45
C LYS R 171 -68.77 -4.71 -33.67
N VAL R 172 -68.61 -3.40 -33.83
CA VAL R 172 -68.01 -2.81 -35.03
C VAL R 172 -66.72 -3.49 -35.51
N GLY R 173 -65.74 -3.65 -34.62
CA GLY R 173 -64.47 -4.21 -35.02
C GLY R 173 -64.11 -5.53 -34.38
N LEU R 174 -64.97 -6.53 -34.54
CA LEU R 174 -64.79 -7.82 -33.88
C LEU R 174 -63.88 -8.77 -34.67
N SER R 175 -64.00 -8.74 -35.98
CA SER R 175 -63.22 -9.64 -36.84
C SER R 175 -61.72 -9.38 -36.72
N SER R 176 -61.36 -8.15 -36.40
CA SER R 176 -59.95 -7.76 -36.26
C SER R 176 -59.45 -7.93 -34.83
N SER R 177 -60.37 -8.13 -33.89
CA SER R 177 -60.02 -8.28 -32.47
C SER R 177 -59.16 -9.51 -32.24
N LEU R 178 -59.39 -10.55 -33.03
CA LEU R 178 -58.63 -11.80 -32.91
C LEU R 178 -57.32 -11.72 -33.67
N PRO R 179 -56.20 -11.96 -32.95
CA PRO R 179 -54.87 -11.94 -33.57
C PRO R 179 -54.61 -13.17 -34.43
N SER R 180 -55.00 -14.33 -33.92
CA SER R 180 -54.74 -15.59 -34.60
C SER R 180 -55.73 -15.91 -35.71
N PHE R 181 -57.00 -15.60 -35.48
CA PHE R 181 -58.06 -16.03 -36.38
C PHE R 181 -58.79 -14.89 -37.10
N GLN R 182 -59.55 -15.27 -38.12
CA GLN R 182 -60.45 -14.37 -38.81
C GLN R 182 -61.82 -15.03 -38.92
N LEU R 183 -62.82 -14.49 -38.23
CA LEU R 183 -64.15 -15.08 -38.25
C LEU R 183 -64.83 -14.86 -39.61
N THR R 184 -65.15 -15.96 -40.27
CA THR R 184 -65.69 -15.92 -41.63
C THR R 184 -67.22 -15.93 -41.64
N ASN R 185 -67.82 -16.70 -40.74
CA ASN R 185 -69.27 -16.84 -40.73
C ASN R 185 -69.86 -16.90 -39.32
N THR R 186 -71.04 -16.30 -39.16
CA THR R 186 -71.79 -16.38 -37.92
C THR R 186 -73.17 -16.99 -38.18
N SER R 187 -73.63 -17.82 -37.24
CA SER R 187 -74.92 -18.48 -37.40
C SER R 187 -75.70 -18.55 -36.10
N THR R 188 -77.01 -18.44 -36.18
CA THR R 188 -77.89 -18.61 -35.04
C THR R 188 -78.78 -19.82 -35.26
N THR R 189 -78.57 -20.84 -34.45
CA THR R 189 -79.31 -22.09 -34.61
C THR R 189 -79.92 -22.56 -33.29
N TYR R 190 -80.70 -23.64 -33.37
CA TYR R 190 -81.34 -24.20 -32.19
C TYR R 190 -80.67 -25.51 -31.79
N CYS R 191 -80.53 -25.74 -30.49
CA CYS R 191 -79.85 -26.92 -29.99
C CYS R 191 -80.68 -27.67 -28.95
N THR R 192 -82.00 -27.62 -29.11
CA THR R 192 -82.92 -28.32 -28.21
C THR R 192 -82.62 -29.82 -28.20
N SER R 193 -82.42 -30.38 -27.01
CA SER R 193 -82.06 -31.79 -26.87
C SER R 193 -82.97 -32.52 -25.89
N VAL R 194 -83.04 -33.83 -26.02
CA VAL R 194 -83.85 -34.66 -25.14
C VAL R 194 -82.99 -35.29 -24.06
N THR R 195 -83.26 -34.95 -22.81
CA THR R 195 -82.48 -35.46 -21.68
C THR R 195 -83.30 -36.38 -20.79
N ASN R 196 -82.65 -36.96 -19.79
CA ASN R 196 -83.32 -37.89 -18.88
C ASN R 196 -84.32 -37.21 -17.97
N THR R 197 -84.19 -35.89 -17.84
CA THR R 197 -85.09 -35.11 -17.00
C THR R 197 -86.19 -34.46 -17.83
N GLY R 198 -86.00 -34.43 -19.15
CA GLY R 198 -87.00 -33.88 -20.05
C GLY R 198 -86.44 -33.25 -21.31
N ILE R 199 -87.32 -32.60 -22.07
CA ILE R 199 -86.94 -31.94 -23.30
C ILE R 199 -86.79 -30.43 -23.07
N TYR R 200 -85.56 -29.93 -23.18
CA TYR R 200 -85.29 -28.53 -22.87
C TYR R 200 -84.96 -27.72 -24.11
N SER R 201 -85.65 -26.60 -24.29
CA SER R 201 -85.38 -25.69 -25.40
C SER R 201 -84.02 -25.04 -25.21
N CYS R 202 -83.27 -24.91 -26.31
CA CYS R 202 -81.92 -24.38 -26.23
C CYS R 202 -81.52 -23.62 -27.50
N LEU R 203 -80.79 -22.53 -27.33
CA LEU R 203 -80.29 -21.76 -28.47
C LEU R 203 -78.79 -21.90 -28.61
N ARG R 204 -78.30 -21.74 -29.83
CA ARG R 204 -76.86 -21.83 -30.09
C ARG R 204 -76.42 -20.86 -31.17
N THR R 205 -75.67 -19.84 -30.78
CA THR R 205 -75.02 -18.96 -31.73
C THR R 205 -73.63 -19.51 -32.00
N THR R 206 -73.26 -19.61 -33.28
CA THR R 206 -71.99 -20.22 -33.66
C THR R 206 -71.11 -19.31 -34.49
N ILE R 207 -69.83 -19.22 -34.11
CA ILE R 207 -68.85 -18.45 -34.87
C ILE R 207 -67.83 -19.38 -35.51
N GLN R 208 -67.46 -19.09 -36.75
CA GLN R 208 -66.48 -19.91 -37.45
C GLN R 208 -65.17 -19.16 -37.58
N LEU R 209 -64.09 -19.78 -37.12
CA LEU R 209 -62.80 -19.11 -37.09
C LEU R 209 -61.80 -19.76 -38.04
N LYS R 210 -61.28 -18.97 -38.97
CA LYS R 210 -60.23 -19.39 -39.88
C LYS R 210 -58.90 -18.76 -39.49
N ARG R 211 -57.82 -19.53 -39.55
CA ARG R 211 -56.51 -19.03 -39.18
C ARG R 211 -55.86 -18.31 -40.35
N GLU R 212 -55.06 -17.30 -40.07
CA GLU R 212 -54.39 -16.51 -41.10
C GLU R 212 -53.29 -17.31 -41.78
N PHE R 213 -53.52 -17.71 -43.03
CA PHE R 213 -52.54 -18.54 -43.75
C PHE R 213 -51.41 -17.75 -44.40
N SER R 214 -51.66 -16.48 -44.68
CA SER R 214 -50.71 -15.66 -45.43
C SER R 214 -49.36 -15.59 -44.74
N PHE R 215 -49.39 -15.59 -43.41
CA PHE R 215 -48.18 -15.53 -42.61
C PHE R 215 -47.34 -16.78 -42.78
N TYR R 216 -47.94 -17.91 -42.46
CA TYR R 216 -47.29 -19.23 -42.48
C TYR R 216 -46.71 -19.57 -43.84
N LEU R 217 -47.35 -19.07 -44.90
CA LEU R 217 -46.85 -19.21 -46.25
C LEU R 217 -45.48 -18.56 -46.37
N LEU R 218 -45.44 -17.28 -46.03
CA LEU R 218 -44.23 -16.47 -46.17
C LEU R 218 -43.29 -16.68 -44.98
N GLN R 219 -43.76 -17.32 -43.92
CA GLN R 219 -42.91 -17.53 -42.76
C GLN R 219 -42.28 -18.91 -42.74
N LEU R 220 -42.96 -19.92 -43.28
CA LEU R 220 -42.40 -21.26 -43.30
C LEU R 220 -42.34 -21.91 -44.67
N TYR R 221 -43.48 -21.95 -45.36
CA TYR R 221 -43.60 -22.72 -46.60
C TYR R 221 -42.72 -22.18 -47.73
N ILE R 222 -42.82 -20.89 -48.00
CA ILE R 222 -42.00 -20.28 -49.04
C ILE R 222 -40.49 -20.42 -48.77
N PRO R 223 -40.02 -20.07 -47.56
CA PRO R 223 -38.57 -20.19 -47.37
C PRO R 223 -38.06 -21.63 -47.40
N SER R 224 -38.85 -22.57 -46.89
CA SER R 224 -38.43 -23.97 -46.89
C SER R 224 -38.43 -24.55 -48.30
N CYS R 225 -39.41 -24.14 -49.11
CA CYS R 225 -39.46 -24.55 -50.50
C CYS R 225 -38.21 -24.08 -51.25
N MET R 226 -37.82 -22.83 -51.03
CA MET R 226 -36.60 -22.31 -51.63
C MET R 226 -35.38 -23.02 -51.06
N LEU R 227 -35.47 -23.39 -49.79
CA LEU R 227 -34.37 -24.07 -49.12
C LEU R 227 -34.14 -25.46 -49.72
N VAL R 228 -35.21 -26.20 -49.95
CA VAL R 228 -35.12 -27.52 -50.56
C VAL R 228 -34.58 -27.44 -51.99
N ILE R 229 -35.03 -26.43 -52.73
CA ILE R 229 -34.56 -26.21 -54.10
C ILE R 229 -33.08 -25.89 -54.15
N VAL R 230 -32.61 -25.07 -53.21
CA VAL R 230 -31.19 -24.71 -53.14
C VAL R 230 -30.33 -25.94 -52.88
N SER R 231 -30.87 -26.88 -52.09
CA SER R 231 -30.15 -28.10 -51.77
C SER R 231 -29.92 -28.96 -53.01
N TRP R 232 -30.72 -28.72 -54.05
CA TRP R 232 -30.63 -29.50 -55.28
C TRP R 232 -29.49 -29.03 -56.18
N VAL R 233 -29.15 -27.75 -56.12
CA VAL R 233 -28.17 -27.18 -57.03
C VAL R 233 -26.75 -27.66 -56.71
N SER R 234 -26.62 -28.45 -55.66
CA SER R 234 -25.34 -29.07 -55.34
C SER R 234 -25.12 -30.28 -56.25
N PHE R 235 -26.21 -30.77 -56.84
CA PHE R 235 -26.13 -31.89 -57.79
C PHE R 235 -25.50 -31.43 -59.10
N TRP R 236 -25.76 -30.18 -59.45
CA TRP R 236 -25.27 -29.61 -60.70
C TRP R 236 -23.84 -29.12 -60.56
N PHE R 237 -23.32 -29.15 -59.34
CA PHE R 237 -21.93 -28.81 -59.10
C PHE R 237 -21.07 -30.06 -59.29
N ASP R 238 -19.82 -29.87 -59.70
CA ASP R 238 -18.92 -30.98 -59.96
C ASP R 238 -18.59 -31.66 -58.63
N ARG R 239 -18.11 -32.89 -58.69
CA ARG R 239 -17.77 -33.65 -57.49
C ARG R 239 -16.53 -33.06 -56.84
N THR R 240 -15.64 -32.48 -57.65
CA THR R 240 -14.36 -31.97 -57.17
C THR R 240 -14.55 -30.70 -56.36
N ALA R 241 -15.72 -30.07 -56.52
CA ALA R 241 -16.05 -28.86 -55.78
C ALA R 241 -16.54 -29.17 -54.38
N ILE R 242 -15.65 -29.68 -53.53
CA ILE R 242 -15.99 -29.99 -52.14
C ILE R 242 -16.44 -28.76 -51.33
N PRO R 243 -15.68 -27.64 -51.38
CA PRO R 243 -16.14 -26.49 -50.58
C PRO R 243 -17.51 -25.97 -50.99
N ALA R 244 -17.86 -26.15 -52.25
CA ALA R 244 -19.14 -25.67 -52.76
C ALA R 244 -20.29 -26.55 -52.28
N ARG R 245 -20.12 -27.85 -52.42
CA ARG R 245 -21.19 -28.81 -52.13
C ARG R 245 -21.36 -29.09 -50.63
N VAL R 246 -20.25 -29.11 -49.89
CA VAL R 246 -20.30 -29.35 -48.45
C VAL R 246 -21.00 -28.20 -47.75
N THR R 247 -20.65 -26.97 -48.15
CA THR R 247 -21.25 -25.77 -47.58
C THR R 247 -22.75 -25.76 -47.80
N LEU R 248 -23.17 -25.92 -49.05
CA LEU R 248 -24.60 -25.94 -49.39
C LEU R 248 -25.37 -26.97 -48.57
N GLY R 249 -24.82 -28.17 -48.46
CA GLY R 249 -25.46 -29.25 -47.72
C GLY R 249 -25.66 -28.91 -46.25
N VAL R 250 -24.60 -28.45 -45.60
CA VAL R 250 -24.63 -28.15 -44.18
C VAL R 250 -25.41 -26.86 -43.88
N THR R 251 -25.15 -25.82 -44.65
CA THR R 251 -25.81 -24.53 -44.47
C THR R 251 -27.33 -24.64 -44.60
N THR R 252 -27.77 -25.33 -45.66
CA THR R 252 -29.20 -25.48 -45.92
C THR R 252 -29.89 -26.25 -44.80
N LEU R 253 -29.24 -27.29 -44.29
CA LEU R 253 -29.82 -28.10 -43.23
C LEU R 253 -29.90 -27.31 -41.92
N LEU R 254 -28.85 -26.56 -41.62
CA LEU R 254 -28.82 -25.76 -40.40
C LEU R 254 -29.88 -24.67 -40.44
N THR R 255 -30.05 -24.06 -41.61
CA THR R 255 -31.06 -23.01 -41.79
C THR R 255 -32.47 -23.58 -41.66
N MET R 256 -32.67 -24.79 -42.19
CA MET R 256 -33.98 -25.44 -42.12
C MET R 256 -34.35 -25.74 -40.68
N THR R 257 -33.34 -26.07 -39.88
CA THR R 257 -33.55 -26.35 -38.47
C THR R 257 -34.10 -25.12 -37.76
N ALA R 258 -33.57 -23.95 -38.13
CA ALA R 258 -33.99 -22.69 -37.55
C ALA R 258 -35.47 -22.42 -37.82
N GLN R 259 -35.93 -22.76 -39.02
CA GLN R 259 -37.33 -22.60 -39.39
C GLN R 259 -38.22 -23.42 -38.48
N SER R 260 -37.78 -24.65 -38.22
CA SER R 260 -38.53 -25.59 -37.39
C SER R 260 -38.70 -25.04 -35.97
N ALA R 261 -37.65 -24.41 -35.47
CA ALA R 261 -37.66 -23.82 -34.14
C ALA R 261 -38.69 -22.68 -34.07
N GLY R 262 -38.81 -21.93 -35.15
CA GLY R 262 -39.75 -20.82 -35.22
C GLY R 262 -41.22 -21.17 -35.14
N ILE R 263 -41.59 -22.27 -35.79
CA ILE R 263 -42.96 -22.77 -35.78
C ILE R 263 -43.34 -23.20 -34.37
N ASN R 264 -42.34 -23.68 -33.64
CA ASN R 264 -42.52 -24.19 -32.29
C ASN R 264 -43.11 -23.17 -31.33
N SER R 265 -42.58 -21.96 -31.43
CA SER R 265 -42.97 -20.85 -30.57
C SER R 265 -44.40 -20.38 -30.74
N GLN R 266 -44.83 -20.20 -31.99
CA GLN R 266 -46.15 -19.64 -32.27
C GLN R 266 -47.30 -20.46 -31.71
N LEU R 267 -47.28 -21.76 -31.96
CA LEU R 267 -48.34 -22.66 -31.51
C LEU R 267 -48.01 -23.32 -30.17
N PRO R 268 -48.96 -23.28 -29.21
CA PRO R 268 -48.76 -24.01 -27.95
C PRO R 268 -48.69 -25.52 -28.22
N PRO R 269 -47.99 -26.26 -27.34
CA PRO R 269 -47.69 -27.69 -27.52
C PRO R 269 -48.93 -28.60 -27.48
N VAL R 270 -49.05 -29.45 -28.50
CA VAL R 270 -50.15 -30.40 -28.61
C VAL R 270 -49.60 -31.77 -28.96
N SER R 271 -50.15 -32.80 -28.33
CA SER R 271 -49.61 -34.16 -28.45
C SER R 271 -49.89 -34.88 -29.76
N TYR R 272 -50.91 -34.50 -30.52
CA TYR R 272 -51.17 -35.20 -31.77
C TYR R 272 -50.46 -34.57 -32.98
N ILE R 273 -50.26 -35.37 -34.02
CA ILE R 273 -49.58 -34.94 -35.25
C ILE R 273 -50.36 -33.89 -36.02
N LYS R 274 -49.68 -32.80 -36.37
CA LYS R 274 -50.31 -31.71 -37.11
C LYS R 274 -49.81 -31.65 -38.55
N ALA R 275 -50.54 -30.92 -39.39
CA ALA R 275 -50.16 -30.77 -40.79
C ALA R 275 -48.81 -30.06 -40.92
N ILE R 276 -48.52 -29.19 -39.97
CA ILE R 276 -47.27 -28.43 -39.98
C ILE R 276 -46.08 -29.34 -39.66
N ASP R 277 -46.34 -30.41 -38.92
CA ASP R 277 -45.31 -31.35 -38.52
C ASP R 277 -44.88 -32.19 -39.71
N VAL R 278 -45.86 -32.57 -40.52
CA VAL R 278 -45.60 -33.38 -41.71
C VAL R 278 -44.73 -32.61 -42.68
N TRP R 279 -45.10 -31.36 -42.95
CA TRP R 279 -44.40 -30.57 -43.96
C TRP R 279 -43.02 -30.10 -43.49
N ILE R 280 -42.81 -30.08 -42.18
CA ILE R 280 -41.50 -29.76 -41.62
C ILE R 280 -40.56 -30.96 -41.74
N GLY R 281 -41.06 -32.12 -41.33
CA GLY R 281 -40.27 -33.35 -41.35
C GLY R 281 -39.87 -33.77 -42.75
N ALA R 282 -40.70 -33.46 -43.73
CA ALA R 282 -40.41 -33.80 -45.11
C ALA R 282 -39.26 -32.95 -45.65
N CYS R 283 -39.40 -31.64 -45.57
CA CYS R 283 -38.37 -30.71 -46.03
C CYS R 283 -37.07 -30.97 -45.31
N MET R 284 -37.18 -31.36 -44.04
CA MET R 284 -36.03 -31.68 -43.22
C MET R 284 -35.30 -32.89 -43.79
N THR R 285 -36.07 -33.86 -44.28
CA THR R 285 -35.52 -35.09 -44.83
C THR R 285 -34.88 -34.86 -46.21
N PHE R 286 -35.61 -34.18 -47.08
CA PHE R 286 -35.12 -33.91 -48.44
C PHE R 286 -33.77 -33.20 -48.45
N ILE R 287 -33.59 -32.28 -47.52
CA ILE R 287 -32.35 -31.53 -47.42
C ILE R 287 -31.24 -32.41 -46.83
N PHE R 288 -31.62 -33.27 -45.89
CA PHE R 288 -30.67 -34.18 -45.28
C PHE R 288 -30.16 -35.21 -46.28
N CYS R 289 -31.05 -35.70 -47.12
CA CYS R 289 -30.69 -36.71 -48.12
C CYS R 289 -29.82 -36.11 -49.22
N ALA R 290 -30.07 -34.84 -49.54
CA ALA R 290 -29.27 -34.13 -50.52
C ALA R 290 -27.83 -34.00 -50.06
N LEU R 291 -27.64 -33.81 -48.76
CA LEU R 291 -26.31 -33.75 -48.16
C LEU R 291 -25.70 -35.14 -48.08
N LEU R 292 -26.53 -36.13 -47.76
CA LEU R 292 -26.09 -37.52 -47.70
C LEU R 292 -25.66 -38.02 -49.07
N GLU R 293 -26.38 -37.57 -50.11
CA GLU R 293 -26.09 -37.95 -51.48
C GLU R 293 -24.68 -37.57 -51.89
N PHE R 294 -24.25 -36.38 -51.48
CA PHE R 294 -22.91 -35.89 -51.81
C PHE R 294 -21.82 -36.76 -51.20
N ALA R 295 -22.04 -37.22 -49.98
CA ALA R 295 -21.07 -38.06 -49.28
C ALA R 295 -20.83 -39.36 -50.02
N LEU R 296 -21.90 -39.93 -50.56
CA LEU R 296 -21.81 -41.16 -51.35
C LEU R 296 -21.04 -40.90 -52.65
N VAL R 297 -21.32 -39.77 -53.27
CA VAL R 297 -20.66 -39.39 -54.52
C VAL R 297 -19.19 -39.17 -54.25
N ASN R 298 -18.88 -38.50 -53.15
CA ASN R 298 -17.51 -38.22 -52.75
C ASN R 298 -16.73 -39.49 -52.42
N HIS R 299 -17.43 -40.50 -51.92
CA HIS R 299 -16.83 -41.78 -51.60
C HIS R 299 -16.42 -42.45 -52.90
N ILE R 300 -17.36 -42.47 -53.83
CA ILE R 300 -17.16 -43.11 -55.12
C ILE R 300 -16.07 -42.41 -55.94
N ALA R 301 -15.94 -41.11 -55.71
CA ALA R 301 -14.90 -40.29 -56.33
C ALA R 301 -13.50 -40.47 -55.75
N ASN R 302 -13.41 -40.68 -54.43
CA ASN R 302 -12.13 -40.58 -53.73
C ASN R 302 -11.06 -41.57 -54.20
N ALA R 303 -11.46 -42.77 -54.60
CA ALA R 303 -10.51 -43.77 -55.05
C ALA R 303 -10.24 -43.72 -56.55
N GLY R 304 -10.88 -42.77 -57.23
CA GLY R 304 -10.63 -42.54 -58.66
C GLY R 304 -10.49 -43.75 -59.58
N THR R 305 -11.46 -44.65 -59.59
CA THR R 305 -11.44 -45.73 -60.57
C THR R 305 -12.57 -45.43 -61.55
N THR R 306 -12.31 -45.65 -62.83
CA THR R 306 -13.21 -45.21 -63.90
C THR R 306 -14.61 -45.81 -63.82
N GLU R 307 -14.69 -47.08 -63.42
CA GLU R 307 -15.99 -47.69 -63.15
C GLU R 307 -16.69 -46.83 -62.10
N TRP R 308 -16.09 -46.72 -60.91
CA TRP R 308 -16.70 -45.92 -59.86
C TRP R 308 -16.89 -44.46 -60.32
N ASN R 309 -15.89 -43.83 -60.93
CA ASN R 309 -16.11 -42.51 -61.54
C ASN R 309 -17.47 -42.38 -62.23
N ASP R 310 -17.67 -43.14 -63.31
CA ASP R 310 -18.98 -43.22 -63.97
C ASP R 310 -20.15 -43.47 -63.03
N ILE R 311 -19.91 -44.21 -61.96
CA ILE R 311 -20.97 -44.46 -60.98
C ILE R 311 -21.27 -43.15 -60.28
N SER R 312 -20.23 -42.43 -59.89
CA SER R 312 -20.35 -41.16 -59.21
C SER R 312 -21.18 -40.17 -60.02
N LYS R 313 -20.86 -40.05 -61.31
CA LYS R 313 -21.62 -39.18 -62.19
C LYS R 313 -23.06 -39.64 -62.38
N ARG R 314 -23.26 -40.95 -62.55
CA ARG R 314 -24.59 -41.53 -62.73
C ARG R 314 -25.47 -41.22 -61.51
N VAL R 315 -24.89 -41.27 -60.32
CA VAL R 315 -25.60 -40.89 -59.09
C VAL R 315 -26.07 -39.43 -59.13
N ASP R 316 -25.21 -38.52 -59.58
CA ASP R 316 -25.57 -37.12 -59.70
C ASP R 316 -26.67 -36.86 -60.72
N LEU R 317 -26.61 -37.56 -61.84
CA LEU R 317 -27.58 -37.37 -62.92
C LEU R 317 -28.99 -37.76 -62.49
N ILE R 318 -29.12 -38.90 -61.82
CA ILE R 318 -30.43 -39.37 -61.42
C ILE R 318 -30.97 -38.54 -60.26
N SER R 319 -30.06 -37.93 -59.51
CA SER R 319 -30.44 -37.08 -58.39
C SER R 319 -31.09 -35.79 -58.88
N ARG R 320 -30.64 -35.30 -60.03
CA ARG R 320 -31.19 -34.08 -60.60
C ARG R 320 -32.62 -34.28 -61.10
N ALA R 321 -33.04 -35.55 -61.18
CA ALA R 321 -34.38 -35.86 -61.64
C ALA R 321 -35.23 -36.44 -60.52
N LEU R 322 -34.64 -37.32 -59.72
CA LEU R 322 -35.38 -38.01 -58.66
C LEU R 322 -35.87 -37.05 -57.59
N PHE R 323 -34.97 -36.23 -57.06
CA PHE R 323 -35.31 -35.28 -55.99
C PHE R 323 -36.40 -34.28 -56.40
N PRO R 324 -36.26 -33.62 -57.58
CA PRO R 324 -37.34 -32.68 -57.93
C PRO R 324 -38.68 -33.37 -58.17
N VAL R 325 -38.66 -34.58 -58.73
CA VAL R 325 -39.88 -35.33 -58.99
C VAL R 325 -40.51 -35.79 -57.68
N LEU R 326 -39.70 -36.38 -56.81
CA LEU R 326 -40.20 -36.85 -55.52
C LEU R 326 -40.79 -35.71 -54.68
N PHE R 327 -40.14 -34.55 -54.73
CA PHE R 327 -40.64 -33.39 -54.00
C PHE R 327 -41.93 -32.88 -54.62
N PHE R 328 -42.03 -32.97 -55.93
CA PHE R 328 -43.24 -32.56 -56.64
C PHE R 328 -44.39 -33.51 -56.34
N VAL R 329 -44.08 -34.79 -56.20
CA VAL R 329 -45.07 -35.80 -55.84
C VAL R 329 -45.56 -35.53 -54.42
N PHE R 330 -44.64 -35.19 -53.54
CA PHE R 330 -44.98 -34.91 -52.15
C PHE R 330 -45.96 -33.75 -52.01
N ASN R 331 -45.68 -32.65 -52.70
CA ASN R 331 -46.54 -31.47 -52.65
C ASN R 331 -47.97 -31.78 -53.09
N ILE R 332 -48.09 -32.56 -54.15
CA ILE R 332 -49.40 -33.00 -54.63
C ILE R 332 -50.12 -33.81 -53.55
N LEU R 333 -49.39 -34.74 -52.95
CA LEU R 333 -49.95 -35.57 -51.89
C LEU R 333 -50.28 -34.75 -50.64
N TYR R 334 -49.39 -33.81 -50.31
CA TYR R 334 -49.56 -33.00 -49.10
C TYR R 334 -50.75 -32.06 -49.19
N TRP R 335 -50.79 -31.24 -50.23
CA TRP R 335 -51.80 -30.19 -50.34
C TRP R 335 -53.18 -30.74 -50.68
N SER R 336 -53.24 -31.90 -51.32
CA SER R 336 -54.51 -32.54 -51.60
C SER R 336 -55.05 -33.21 -50.35
N ARG R 337 -54.17 -33.44 -49.37
CA ARG R 337 -54.55 -34.06 -48.12
C ARG R 337 -54.99 -33.00 -47.12
N PHE R 338 -54.26 -31.88 -47.10
CA PHE R 338 -54.56 -30.78 -46.19
C PHE R 338 -55.12 -29.57 -46.92
N GLY R 339 -55.89 -29.83 -47.98
CA GLY R 339 -56.53 -28.80 -48.76
C GLY R 339 -57.99 -28.60 -48.44
N HIS R 340 -58.51 -29.41 -47.54
CA HIS R 340 -59.93 -29.38 -47.18
C HIS R 340 -60.13 -29.15 -45.69
N GLU S 1 -18.04 -20.97 23.82
CA GLU S 1 -18.93 -20.90 24.97
C GLU S 1 -19.65 -19.55 25.01
N VAL S 2 -20.70 -19.48 25.82
CA VAL S 2 -21.46 -18.24 25.97
C VAL S 2 -21.20 -17.61 27.33
N GLN S 3 -21.45 -16.31 27.43
CA GLN S 3 -21.27 -15.59 28.69
C GLN S 3 -22.35 -14.54 28.89
N LEU S 4 -22.73 -14.31 30.14
CA LEU S 4 -23.69 -13.27 30.47
C LEU S 4 -23.18 -12.39 31.60
N GLN S 5 -22.29 -11.47 31.28
CA GLN S 5 -21.71 -10.60 32.29
C GLN S 5 -22.65 -9.43 32.59
N GLN S 6 -23.02 -9.31 33.85
CA GLN S 6 -23.90 -8.23 34.30
C GLN S 6 -23.08 -7.11 34.91
N SER S 7 -23.75 -6.03 35.31
CA SER S 7 -23.07 -4.91 35.95
C SER S 7 -22.61 -5.31 37.35
N GLY S 8 -21.68 -4.55 37.90
CA GLY S 8 -21.20 -4.79 39.25
C GLY S 8 -22.24 -4.38 40.28
N PRO S 9 -22.01 -4.76 41.55
CA PRO S 9 -22.94 -4.40 42.64
C PRO S 9 -22.99 -2.90 42.86
N GLU S 10 -24.15 -2.39 43.24
CA GLU S 10 -24.33 -0.96 43.47
C GLU S 10 -24.97 -0.69 44.82
N LEU S 11 -24.74 0.52 45.33
CA LEU S 11 -25.28 0.94 46.62
C LEU S 11 -25.93 2.30 46.49
N VAL S 12 -27.25 2.33 46.64
CA VAL S 12 -28.01 3.57 46.50
C VAL S 12 -28.98 3.77 47.67
N ARG S 13 -29.55 4.96 47.75
CA ARG S 13 -30.46 5.31 48.83
C ARG S 13 -31.91 5.26 48.36
N PRO S 14 -32.83 4.93 49.29
CA PRO S 14 -34.27 4.85 48.99
C PRO S 14 -34.79 6.09 48.28
N GLY S 15 -35.65 5.87 47.27
CA GLY S 15 -36.18 6.96 46.49
C GLY S 15 -35.49 7.09 45.15
N ALA S 16 -34.22 6.69 45.12
CA ALA S 16 -33.43 6.76 43.89
C ALA S 16 -33.81 5.64 42.93
N SER S 17 -33.06 5.54 41.82
CA SER S 17 -33.32 4.54 40.81
C SER S 17 -32.07 4.25 40.00
N MET S 18 -31.78 2.97 39.77
CA MET S 18 -30.61 2.57 39.00
C MET S 18 -30.96 1.55 37.93
N LYS S 19 -29.99 1.23 37.08
CA LYS S 19 -30.22 0.31 35.96
C LYS S 19 -29.14 -0.76 35.88
N ILE S 20 -29.55 -2.03 35.89
CA ILE S 20 -28.62 -3.14 35.80
C ILE S 20 -28.42 -3.54 34.35
N SER S 21 -27.17 -3.79 33.96
CA SER S 21 -26.87 -4.23 32.61
C SER S 21 -26.61 -5.74 32.57
N CYS S 22 -26.59 -6.30 31.37
CA CYS S 22 -26.32 -7.72 31.19
C CYS S 22 -25.82 -7.98 29.77
N LYS S 23 -24.50 -7.87 29.58
CA LYS S 23 -23.92 -8.00 28.26
C LYS S 23 -23.76 -9.47 27.86
N ALA S 24 -24.37 -9.83 26.74
CA ALA S 24 -24.31 -11.19 26.23
C ALA S 24 -23.19 -11.37 25.21
N SER S 25 -22.72 -12.61 25.08
CA SER S 25 -21.63 -12.93 24.15
C SER S 25 -21.56 -14.43 23.91
N GLY S 26 -21.20 -14.82 22.69
CA GLY S 26 -21.05 -16.23 22.36
C GLY S 26 -22.21 -16.79 21.57
N TYR S 27 -23.18 -15.94 21.26
CA TYR S 27 -24.34 -16.34 20.46
C TYR S 27 -25.00 -15.14 19.78
N SER S 28 -25.86 -15.42 18.82
CA SER S 28 -26.66 -14.38 18.17
C SER S 28 -27.63 -13.80 19.19
N PHE S 29 -27.32 -12.59 19.65
CA PHE S 29 -28.03 -11.98 20.77
C PHE S 29 -29.53 -11.78 20.55
N THR S 30 -29.90 -11.44 19.31
CA THR S 30 -31.29 -11.13 19.00
C THR S 30 -32.17 -12.38 18.88
N GLY S 31 -31.55 -13.55 19.05
CA GLY S 31 -32.26 -14.80 18.85
C GLY S 31 -32.85 -15.41 20.11
N TYR S 32 -32.39 -14.97 21.27
CA TYR S 32 -32.84 -15.56 22.53
C TYR S 32 -33.38 -14.50 23.49
N THR S 33 -34.60 -14.71 23.97
CA THR S 33 -35.23 -13.77 24.90
C THR S 33 -34.63 -13.92 26.30
N MET S 34 -34.53 -12.81 27.02
CA MET S 34 -33.91 -12.80 28.34
C MET S 34 -34.95 -12.67 29.45
N ASN S 35 -34.80 -13.49 30.48
CA ASN S 35 -35.63 -13.37 31.68
C ASN S 35 -34.87 -12.60 32.76
N TRP S 36 -35.61 -12.13 33.77
CA TRP S 36 -34.99 -11.48 34.91
C TRP S 36 -35.59 -12.03 36.19
N VAL S 37 -34.73 -12.56 37.05
CA VAL S 37 -35.18 -13.19 38.30
C VAL S 37 -34.60 -12.45 39.50
N LYS S 38 -35.44 -12.21 40.49
CA LYS S 38 -35.02 -11.52 41.70
C LYS S 38 -34.89 -12.47 42.89
N GLN S 39 -33.70 -12.49 43.48
CA GLN S 39 -33.44 -13.34 44.65
C GLN S 39 -33.25 -12.47 45.88
N SER S 40 -34.28 -12.38 46.70
CA SER S 40 -34.20 -11.58 47.92
C SER S 40 -33.85 -12.47 49.10
N HIS S 41 -33.53 -11.85 50.23
CA HIS S 41 -33.16 -12.60 51.43
C HIS S 41 -34.44 -13.11 52.09
N GLY S 42 -35.40 -12.21 52.29
CA GLY S 42 -36.65 -12.57 52.92
C GLY S 42 -37.55 -13.49 52.10
N LYS S 43 -37.54 -13.30 50.78
CA LYS S 43 -38.41 -14.07 49.89
C LYS S 43 -37.65 -14.94 48.90
N ASN S 44 -38.34 -15.96 48.37
CA ASN S 44 -37.77 -16.86 47.38
C ASN S 44 -37.56 -16.21 46.02
N LEU S 45 -37.13 -17.00 45.04
CA LEU S 45 -36.92 -16.50 43.68
C LEU S 45 -38.21 -15.97 43.06
N GLU S 46 -38.15 -14.70 42.65
CA GLU S 46 -39.27 -14.00 42.04
C GLU S 46 -38.99 -13.58 40.59
N TRP S 47 -39.73 -14.17 39.65
CA TRP S 47 -39.58 -13.80 38.25
C TRP S 47 -40.13 -12.40 38.00
N ILE S 48 -39.37 -11.58 37.30
CA ILE S 48 -39.75 -10.19 37.05
C ILE S 48 -40.42 -10.07 35.68
N GLY S 49 -39.60 -9.93 34.64
CA GLY S 49 -40.12 -9.83 33.29
C GLY S 49 -39.24 -10.54 32.28
N LEU S 50 -39.72 -10.63 31.05
CA LEU S 50 -38.91 -11.13 29.95
C LEU S 50 -38.96 -10.13 28.81
N ILE S 51 -37.97 -10.16 27.93
CA ILE S 51 -37.93 -9.25 26.81
C ILE S 51 -37.29 -9.89 25.58
N ASN S 52 -37.95 -9.74 24.43
CA ASN S 52 -37.44 -10.24 23.17
C ASN S 52 -36.57 -9.19 22.49
N PRO S 53 -35.25 -9.47 22.37
CA PRO S 53 -34.28 -8.55 21.78
C PRO S 53 -34.63 -8.13 20.37
N TYR S 54 -35.26 -9.02 19.60
CA TYR S 54 -35.61 -8.72 18.22
C TYR S 54 -36.78 -7.74 18.17
N ASN S 55 -37.92 -8.17 18.71
CA ASN S 55 -39.13 -7.35 18.70
C ASN S 55 -39.04 -6.14 19.60
N GLY S 56 -38.37 -6.30 20.74
CA GLY S 56 -38.36 -5.28 21.78
C GLY S 56 -39.54 -5.46 22.70
N GLY S 57 -40.39 -6.43 22.38
CA GLY S 57 -41.58 -6.72 23.16
C GLY S 57 -41.27 -7.19 24.57
N THR S 58 -42.12 -6.78 25.52
CA THR S 58 -41.92 -7.13 26.91
C THR S 58 -43.17 -7.73 27.54
N SER S 59 -42.98 -8.51 28.59
CA SER S 59 -44.07 -9.06 29.39
C SER S 59 -43.65 -9.14 30.84
N TYR S 60 -44.28 -8.32 31.68
CA TYR S 60 -43.89 -8.20 33.08
C TYR S 60 -44.77 -9.02 34.02
N ASN S 61 -44.23 -9.35 35.19
CA ASN S 61 -45.02 -9.90 36.27
C ASN S 61 -45.89 -8.81 36.85
N GLN S 62 -47.10 -9.16 37.29
CA GLN S 62 -48.02 -8.18 37.84
C GLN S 62 -47.45 -7.53 39.10
N LYS S 63 -46.58 -8.26 39.79
CA LYS S 63 -45.93 -7.76 41.00
C LYS S 63 -44.98 -6.60 40.70
N PHE S 64 -44.41 -6.60 39.49
CA PHE S 64 -43.38 -5.62 39.15
C PHE S 64 -43.83 -4.61 38.08
N LYS S 65 -45.14 -4.44 37.96
CA LYS S 65 -45.69 -3.43 37.04
C LYS S 65 -45.31 -2.03 37.51
N GLY S 66 -44.37 -1.40 36.82
CA GLY S 66 -43.94 -0.06 37.16
C GLY S 66 -42.65 -0.03 37.96
N LYS S 67 -42.37 -1.11 38.68
CA LYS S 67 -41.15 -1.22 39.47
C LYS S 67 -39.92 -1.49 38.60
N ALA S 68 -40.12 -2.24 37.52
CA ALA S 68 -39.02 -2.61 36.63
C ALA S 68 -39.29 -2.22 35.19
N THR S 69 -38.21 -2.00 34.44
CA THR S 69 -38.31 -1.63 33.03
C THR S 69 -37.21 -2.29 32.20
N LEU S 70 -37.61 -3.19 31.30
CA LEU S 70 -36.66 -3.91 30.48
C LEU S 70 -36.43 -3.25 29.12
N THR S 71 -35.18 -2.92 28.83
CA THR S 71 -34.80 -2.40 27.53
C THR S 71 -33.71 -3.29 26.93
N VAL S 72 -33.24 -2.94 25.74
CA VAL S 72 -32.27 -3.76 25.04
C VAL S 72 -31.51 -2.97 23.96
N ASP S 73 -30.19 -3.13 23.93
CA ASP S 73 -29.36 -2.52 22.90
C ASP S 73 -28.76 -3.60 21.99
N LYS S 74 -29.30 -3.70 20.79
CA LYS S 74 -28.91 -4.75 19.85
C LYS S 74 -27.46 -4.61 19.39
N SER S 75 -26.97 -3.38 19.29
CA SER S 75 -25.64 -3.10 18.79
C SER S 75 -24.53 -3.65 19.68
N SER S 76 -24.67 -3.43 20.99
CA SER S 76 -23.66 -3.87 21.94
C SER S 76 -24.00 -5.23 22.55
N SER S 77 -25.13 -5.80 22.10
CA SER S 77 -25.61 -7.09 22.59
C SER S 77 -25.77 -7.09 24.11
N THR S 78 -26.54 -6.13 24.62
CA THR S 78 -26.71 -5.98 26.06
C THR S 78 -28.17 -5.78 26.46
N ALA S 79 -28.59 -6.44 27.53
CA ALA S 79 -29.93 -6.26 28.08
C ALA S 79 -29.88 -5.42 29.34
N TYR S 80 -30.85 -4.51 29.49
CA TYR S 80 -30.88 -3.61 30.63
C TYR S 80 -32.16 -3.78 31.46
N MET S 81 -32.04 -3.59 32.76
CA MET S 81 -33.21 -3.56 33.65
C MET S 81 -33.14 -2.39 34.60
N GLU S 82 -34.05 -1.44 34.44
CA GLU S 82 -34.10 -0.27 35.30
C GLU S 82 -35.12 -0.45 36.42
N LEU S 83 -34.67 -0.27 37.66
CA LEU S 83 -35.55 -0.38 38.81
C LEU S 83 -35.82 1.01 39.39
N LEU S 84 -37.09 1.39 39.40
CA LEU S 84 -37.47 2.74 39.82
C LEU S 84 -38.12 2.73 41.21
N SER S 85 -38.05 3.89 41.88
CA SER S 85 -38.61 4.06 43.22
C SER S 85 -38.11 3.00 44.18
N LEU S 86 -36.80 2.84 44.25
CA LEU S 86 -36.18 1.81 45.07
C LEU S 86 -36.48 1.98 46.56
N THR S 87 -36.79 0.87 47.21
CA THR S 87 -37.05 0.85 48.64
C THR S 87 -36.16 -0.19 49.32
N SER S 88 -36.36 -0.39 50.62
CA SER S 88 -35.60 -1.37 51.37
C SER S 88 -35.95 -2.78 50.94
N GLU S 89 -37.14 -2.92 50.36
CA GLU S 89 -37.63 -4.22 49.92
C GLU S 89 -36.90 -4.69 48.66
N ASP S 90 -36.40 -3.74 47.88
CA ASP S 90 -35.74 -4.04 46.61
C ASP S 90 -34.28 -4.44 46.77
N SER S 91 -33.80 -4.50 48.02
CA SER S 91 -32.44 -4.93 48.27
C SER S 91 -32.30 -6.43 48.06
N ALA S 92 -31.68 -6.81 46.96
CA ALA S 92 -31.54 -8.21 46.60
C ALA S 92 -30.47 -8.40 45.54
N VAL S 93 -30.31 -9.65 45.09
CA VAL S 93 -29.43 -9.94 43.97
C VAL S 93 -30.28 -10.27 42.74
N TYR S 94 -30.00 -9.61 41.63
CA TYR S 94 -30.80 -9.75 40.42
C TYR S 94 -30.06 -10.51 39.34
N TYR S 95 -30.72 -11.51 38.78
CA TYR S 95 -30.13 -12.32 37.72
C TYR S 95 -30.84 -12.13 36.39
N CYS S 96 -30.10 -12.30 35.29
CA CYS S 96 -30.70 -12.35 33.97
C CYS S 96 -30.56 -13.75 33.40
N ALA S 97 -31.68 -14.37 33.07
CA ALA S 97 -31.70 -15.75 32.60
C ALA S 97 -32.15 -15.85 31.15
N ARG S 98 -31.35 -16.52 30.33
CA ARG S 98 -31.65 -16.64 28.91
C ARG S 98 -32.63 -17.77 28.63
N ASP S 99 -33.53 -17.55 27.68
CA ASP S 99 -34.42 -18.60 27.20
C ASP S 99 -33.63 -19.52 26.27
N GLY S 100 -34.11 -20.75 26.10
CA GLY S 100 -33.32 -21.76 25.42
C GLY S 100 -33.58 -21.97 23.94
N ASP S 101 -34.71 -21.48 23.42
CA ASP S 101 -35.05 -21.73 22.03
C ASP S 101 -34.64 -20.58 21.11
N TYR S 102 -34.35 -20.93 19.85
CA TYR S 102 -33.82 -19.98 18.87
C TYR S 102 -34.94 -19.25 18.14
N TYR S 103 -35.03 -17.94 18.37
CA TYR S 103 -36.04 -17.07 17.78
C TYR S 103 -37.46 -17.59 18.02
N ARG S 104 -37.68 -18.12 19.21
CA ARG S 104 -39.01 -18.51 19.67
C ARG S 104 -38.98 -18.77 21.17
N TYR S 105 -40.08 -18.46 21.85
CA TYR S 105 -40.15 -18.63 23.29
C TYR S 105 -40.38 -20.09 23.66
N GLY S 106 -39.33 -20.75 24.13
CA GLY S 106 -39.40 -22.15 24.48
C GLY S 106 -39.81 -22.38 25.93
N ARG S 107 -39.91 -21.29 26.68
CA ARG S 107 -40.31 -21.33 28.09
C ARG S 107 -39.43 -22.24 28.92
N TYR S 108 -38.12 -22.13 28.75
CA TYR S 108 -37.20 -22.87 29.60
C TYR S 108 -35.86 -22.15 29.76
N PHE S 109 -35.36 -22.15 30.99
CA PHE S 109 -34.17 -21.39 31.34
C PHE S 109 -32.88 -22.06 30.87
N ASP S 110 -32.03 -21.29 30.21
CA ASP S 110 -30.79 -21.80 29.67
C ASP S 110 -29.60 -21.41 30.53
N TYR S 111 -28.99 -20.27 30.20
CA TYR S 111 -27.83 -19.78 30.94
C TYR S 111 -28.20 -18.62 31.87
N TRP S 112 -27.44 -18.47 32.95
CA TRP S 112 -27.66 -17.39 33.89
C TRP S 112 -26.43 -16.51 34.03
N GLY S 113 -26.63 -15.30 34.54
CA GLY S 113 -25.52 -14.40 34.80
C GLY S 113 -24.88 -14.67 36.14
N GLN S 114 -23.84 -13.92 36.49
CA GLN S 114 -23.17 -14.12 37.76
C GLN S 114 -23.96 -13.45 38.88
N GLY S 115 -24.91 -12.59 38.50
CA GLY S 115 -25.75 -11.92 39.46
C GLY S 115 -25.29 -10.51 39.81
N THR S 116 -26.24 -9.64 40.14
CA THR S 116 -25.92 -8.28 40.53
C THR S 116 -26.53 -7.96 41.89
N THR S 117 -25.68 -7.74 42.88
CA THR S 117 -26.12 -7.46 44.24
C THR S 117 -26.48 -5.99 44.43
N LEU S 118 -27.76 -5.72 44.64
CA LEU S 118 -28.22 -4.35 44.88
C LEU S 118 -28.57 -4.18 46.35
N THR S 119 -27.79 -3.35 47.05
CA THR S 119 -28.04 -3.07 48.45
C THR S 119 -28.56 -1.64 48.61
N VAL S 120 -29.77 -1.51 49.14
CA VAL S 120 -30.36 -0.20 49.36
C VAL S 120 -30.68 0.03 50.84
N SER S 121 -29.79 0.71 51.55
CA SER S 121 -29.97 1.00 52.96
C SER S 121 -29.93 2.49 53.23
N SER S 122 -30.81 2.95 54.12
CA SER S 122 -30.90 4.37 54.44
C SER S 122 -29.88 4.77 55.49
N ALA S 123 -29.18 3.79 56.04
CA ALA S 123 -28.20 4.04 57.10
C ALA S 123 -26.88 4.55 56.53
N LYS S 124 -26.23 5.46 57.25
CA LYS S 124 -24.95 6.01 56.83
C LYS S 124 -23.81 5.05 57.16
N THR S 125 -22.63 5.34 56.64
CA THR S 125 -21.46 4.49 56.85
C THR S 125 -21.08 4.45 58.33
N THR S 126 -20.93 3.25 58.87
CA THR S 126 -20.65 3.07 60.29
C THR S 126 -19.45 2.16 60.52
N PRO S 127 -18.47 2.65 61.31
CA PRO S 127 -17.33 1.82 61.71
C PRO S 127 -17.76 0.69 62.64
N PRO S 128 -17.11 -0.48 62.52
CA PRO S 128 -17.48 -1.68 63.29
C PRO S 128 -17.04 -1.63 64.75
N SER S 129 -17.89 -2.13 65.65
CA SER S 129 -17.55 -2.25 67.06
C SER S 129 -17.18 -3.69 67.40
N VAL S 130 -15.89 -3.94 67.53
CA VAL S 130 -15.40 -5.30 67.77
C VAL S 130 -15.44 -5.69 69.24
N TYR S 131 -16.15 -6.77 69.55
CA TYR S 131 -16.22 -7.28 70.91
C TYR S 131 -15.70 -8.73 70.95
N PRO S 132 -14.71 -8.97 71.82
CA PRO S 132 -14.15 -10.32 71.96
C PRO S 132 -15.06 -11.26 72.74
N LEU S 133 -15.26 -12.48 72.24
CA LEU S 133 -16.07 -13.46 72.95
C LEU S 133 -15.22 -14.63 73.42
N ALA S 134 -15.27 -14.90 74.71
CA ALA S 134 -14.49 -15.98 75.31
C ALA S 134 -15.26 -16.65 76.43
N PRO S 135 -15.20 -17.98 76.49
CA PRO S 135 -15.89 -18.76 77.53
C PRO S 135 -15.17 -18.73 78.87
N GLY S 136 -14.97 -17.54 79.43
CA GLY S 136 -14.26 -17.38 80.68
C GLY S 136 -15.10 -17.73 81.90
N SER S 137 -16.42 -17.62 81.76
CA SER S 137 -17.34 -17.91 82.86
C SER S 137 -17.48 -19.42 83.07
N ALA S 138 -17.47 -20.16 81.98
CA ALA S 138 -17.60 -21.62 82.05
C ALA S 138 -16.33 -22.26 82.61
N ALA S 139 -15.19 -21.70 82.25
CA ALA S 139 -13.88 -22.17 82.70
C ALA S 139 -13.67 -23.65 82.41
N GLN S 140 -13.88 -24.05 81.17
CA GLN S 140 -13.73 -25.44 80.77
C GLN S 140 -12.26 -25.85 80.75
N THR S 141 -12.02 -27.15 80.85
CA THR S 141 -10.66 -27.68 80.80
C THR S 141 -10.53 -28.80 79.77
N ASN S 142 -9.34 -28.89 79.16
CA ASN S 142 -9.00 -29.95 78.22
C ASN S 142 -9.91 -30.01 76.98
N SER S 143 -9.72 -31.06 76.19
CA SER S 143 -10.48 -31.28 74.97
C SER S 143 -10.39 -30.10 74.01
N MET S 144 -9.21 -29.48 73.95
CA MET S 144 -8.93 -28.33 73.09
C MET S 144 -9.82 -27.12 73.38
N VAL S 145 -9.54 -26.01 72.71
CA VAL S 145 -10.23 -24.75 72.98
C VAL S 145 -10.72 -24.09 71.69
N THR S 146 -11.95 -23.57 71.73
CA THR S 146 -12.49 -22.80 70.61
C THR S 146 -12.89 -21.41 71.08
N LEU S 147 -12.43 -20.39 70.37
CA LEU S 147 -12.78 -19.00 70.69
C LEU S 147 -13.05 -18.22 69.41
N GLY S 148 -13.45 -16.96 69.55
CA GLY S 148 -13.77 -16.15 68.39
C GLY S 148 -13.91 -14.66 68.64
N CYS S 149 -14.05 -13.91 67.54
CA CYS S 149 -14.31 -12.48 67.61
C CYS S 149 -15.72 -12.17 67.16
N LEU S 150 -16.20 -10.98 67.52
CA LEU S 150 -17.54 -10.55 67.09
C LEU S 150 -17.51 -9.12 66.55
N VAL S 151 -18.07 -8.95 65.36
CA VAL S 151 -18.17 -7.63 64.74
C VAL S 151 -19.64 -7.20 64.71
N LYS S 152 -19.97 -6.18 65.50
CA LYS S 152 -21.36 -5.75 65.66
C LYS S 152 -21.60 -4.31 65.21
N GLY S 153 -22.62 -4.12 64.39
CA GLY S 153 -23.03 -2.80 63.94
C GLY S 153 -22.04 -2.10 63.02
N TYR S 154 -22.05 -2.48 61.75
CA TYR S 154 -21.21 -1.85 60.75
C TYR S 154 -21.93 -1.77 59.40
N PHE S 155 -21.43 -0.88 58.53
CA PHE S 155 -22.03 -0.69 57.22
C PHE S 155 -21.10 0.10 56.30
N PRO S 156 -20.95 -0.35 55.05
CA PRO S 156 -21.55 -1.58 54.51
C PRO S 156 -20.55 -2.73 54.39
N GLU S 157 -20.98 -3.82 53.77
CA GLU S 157 -20.13 -4.97 53.52
C GLU S 157 -19.05 -4.63 52.49
N PRO S 158 -17.96 -5.40 52.43
CA PRO S 158 -17.62 -6.55 53.29
C PRO S 158 -16.62 -6.22 54.40
N VAL S 159 -16.28 -7.21 55.19
CA VAL S 159 -15.26 -7.07 56.23
C VAL S 159 -14.34 -8.30 56.23
N THR S 160 -13.04 -8.06 56.07
CA THR S 160 -12.07 -9.14 56.07
C THR S 160 -11.54 -9.39 57.48
N VAL S 161 -11.73 -10.62 57.96
CA VAL S 161 -11.31 -10.97 59.31
C VAL S 161 -10.13 -11.93 59.31
N THR S 162 -8.99 -11.45 59.80
CA THR S 162 -7.82 -12.29 59.96
C THR S 162 -7.47 -12.42 61.44
N TRP S 163 -6.58 -13.35 61.75
CA TRP S 163 -6.18 -13.60 63.13
C TRP S 163 -4.66 -13.54 63.27
N ASN S 164 -4.18 -12.78 64.25
CA ASN S 164 -2.74 -12.60 64.46
C ASN S 164 -2.01 -12.11 63.21
N SER S 165 -2.73 -11.37 62.36
CA SER S 165 -2.24 -10.97 61.04
C SER S 165 -1.76 -12.18 60.25
N GLY S 166 -2.46 -13.30 60.41
CA GLY S 166 -2.04 -14.56 59.82
C GLY S 166 -1.51 -15.50 60.89
N SER S 167 -1.02 -16.66 60.46
CA SER S 167 -0.48 -17.73 61.32
C SER S 167 -1.58 -18.51 62.06
N LEU S 168 -2.82 -18.04 61.98
CA LEU S 168 -3.93 -18.75 62.61
C LEU S 168 -4.93 -19.21 61.56
N SER S 169 -4.57 -19.04 60.29
CA SER S 169 -5.46 -19.33 59.16
C SER S 169 -6.04 -20.75 59.22
N SER S 170 -5.27 -21.69 59.76
CA SER S 170 -5.77 -23.03 60.00
C SER S 170 -6.73 -23.03 61.19
N GLY S 171 -7.97 -23.44 60.94
CA GLY S 171 -8.97 -23.45 61.98
C GLY S 171 -9.85 -22.21 61.98
N VAL S 172 -9.60 -21.32 61.01
CA VAL S 172 -10.40 -20.10 60.89
C VAL S 172 -11.77 -20.38 60.28
N HIS S 173 -12.81 -19.92 60.96
CA HIS S 173 -14.17 -20.00 60.44
C HIS S 173 -14.83 -18.63 60.48
N THR S 174 -15.35 -18.20 59.33
CA THR S 174 -16.04 -16.92 59.25
C THR S 174 -17.47 -17.12 58.78
N PHE S 175 -18.42 -16.88 59.67
CA PHE S 175 -19.84 -17.11 59.39
C PHE S 175 -20.46 -15.96 58.60
N PRO S 176 -21.52 -16.25 57.83
CA PRO S 176 -22.24 -15.23 57.06
C PRO S 176 -22.78 -14.10 57.94
N ALA S 177 -23.03 -12.94 57.35
CA ALA S 177 -23.49 -11.78 58.10
C ALA S 177 -25.01 -11.74 58.22
N VAL S 178 -25.50 -11.01 59.23
CA VAL S 178 -26.93 -10.85 59.44
C VAL S 178 -27.32 -9.39 59.41
N LEU S 179 -28.62 -9.12 59.41
CA LEU S 179 -29.13 -7.75 59.39
C LEU S 179 -29.92 -7.43 60.65
N GLN S 180 -29.31 -6.65 61.54
CA GLN S 180 -30.00 -6.22 62.75
C GLN S 180 -29.89 -4.70 62.93
N SER S 181 -31.05 -4.06 63.15
CA SER S 181 -31.12 -2.62 63.35
C SER S 181 -30.48 -1.85 62.19
N ASP S 182 -30.76 -2.29 60.97
CA ASP S 182 -30.23 -1.67 59.76
C ASP S 182 -28.71 -1.64 59.73
N LEU S 183 -28.09 -2.60 60.40
CA LEU S 183 -26.64 -2.72 60.42
C LEU S 183 -26.20 -4.17 60.34
N TYR S 184 -25.19 -4.45 59.52
CA TYR S 184 -24.66 -5.79 59.36
C TYR S 184 -23.93 -6.25 60.61
N THR S 185 -23.89 -7.56 60.82
CA THR S 185 -23.22 -8.14 61.98
C THR S 185 -22.63 -9.50 61.64
N LEU S 186 -21.32 -9.65 61.87
CA LEU S 186 -20.61 -10.87 61.53
C LEU S 186 -19.72 -11.33 62.68
N SER S 187 -19.56 -12.64 62.81
CA SER S 187 -18.68 -13.20 63.83
C SER S 187 -17.78 -14.29 63.25
N SER S 188 -16.53 -14.30 63.67
CA SER S 188 -15.56 -15.28 63.20
C SER S 188 -14.92 -16.00 64.39
N SER S 189 -14.76 -17.32 64.26
CA SER S 189 -14.22 -18.11 65.36
C SER S 189 -13.08 -19.02 64.89
N VAL S 190 -12.13 -19.26 65.78
CA VAL S 190 -11.00 -20.15 65.47
C VAL S 190 -10.84 -21.22 66.55
N THR S 191 -10.18 -22.32 66.18
CA THR S 191 -9.96 -23.42 67.12
C THR S 191 -8.48 -23.71 67.28
N VAL S 192 -7.95 -23.44 68.47
CA VAL S 192 -6.57 -23.73 68.79
C VAL S 192 -6.49 -24.71 69.96
N PRO S 193 -5.47 -25.59 69.96
CA PRO S 193 -5.32 -26.58 71.03
C PRO S 193 -5.27 -25.96 72.42
N SER S 194 -5.57 -26.77 73.44
CA SER S 194 -5.67 -26.27 74.82
C SER S 194 -4.32 -25.80 75.36
N SER S 195 -3.24 -26.16 74.68
CA SER S 195 -1.90 -25.73 75.08
C SER S 195 -1.59 -24.33 74.55
N THR S 196 -2.45 -23.84 73.67
CA THR S 196 -2.27 -22.51 73.09
C THR S 196 -3.23 -21.51 73.73
N TRP S 197 -3.60 -21.78 74.98
CA TRP S 197 -4.53 -20.92 75.71
C TRP S 197 -4.53 -21.26 77.20
N PRO S 198 -4.47 -20.24 78.06
CA PRO S 198 -4.38 -18.81 77.69
C PRO S 198 -2.94 -18.31 77.69
N SER S 199 -1.98 -19.20 77.48
CA SER S 199 -0.57 -18.85 77.55
C SER S 199 -0.09 -18.06 76.34
N GLU S 200 -0.86 -18.10 75.25
CA GLU S 200 -0.50 -17.39 74.03
C GLU S 200 -1.40 -16.18 73.78
N THR S 201 -0.88 -15.20 73.05
CA THR S 201 -1.61 -13.99 72.75
C THR S 201 -2.43 -14.15 71.46
N VAL S 202 -3.74 -14.17 71.60
CA VAL S 202 -4.63 -14.31 70.45
C VAL S 202 -5.27 -12.98 70.08
N THR S 203 -4.95 -12.49 68.89
CA THR S 203 -5.46 -11.20 68.43
C THR S 203 -6.30 -11.36 67.16
N CYS S 204 -7.53 -10.87 67.20
CA CYS S 204 -8.40 -10.89 66.03
C CYS S 204 -8.27 -9.57 65.26
N ASN S 205 -7.97 -9.67 63.97
CA ASN S 205 -7.81 -8.49 63.14
C ASN S 205 -9.00 -8.26 62.22
N VAL S 206 -9.70 -7.15 62.43
CA VAL S 206 -10.89 -6.84 61.65
C VAL S 206 -10.70 -5.59 60.80
N ALA S 207 -10.83 -5.74 59.48
CA ALA S 207 -10.67 -4.63 58.56
C ALA S 207 -12.00 -4.23 57.93
N HIS S 208 -12.17 -2.94 57.68
CA HIS S 208 -13.37 -2.41 57.07
C HIS S 208 -13.02 -1.31 56.07
N PRO S 209 -12.66 -1.72 54.84
CA PRO S 209 -12.20 -0.81 53.78
C PRO S 209 -13.21 0.28 53.40
N ALA S 210 -14.49 0.04 53.66
CA ALA S 210 -15.53 0.99 53.31
C ALA S 210 -15.51 2.23 54.21
N SER S 211 -14.71 2.16 55.27
CA SER S 211 -14.53 3.30 56.17
C SER S 211 -13.06 3.42 56.57
N SER S 212 -12.22 2.58 55.97
CA SER S 212 -10.79 2.54 56.26
C SER S 212 -10.52 2.37 57.76
N THR S 213 -11.18 1.39 58.35
CA THR S 213 -11.05 1.14 59.78
C THR S 213 -10.41 -0.21 60.06
N LYS S 214 -9.34 -0.20 60.85
CA LYS S 214 -8.64 -1.43 61.21
C LYS S 214 -8.39 -1.47 62.72
N VAL S 215 -9.26 -2.17 63.45
CA VAL S 215 -9.16 -2.24 64.90
C VAL S 215 -8.87 -3.67 65.37
N ASP S 216 -7.90 -3.80 66.25
CA ASP S 216 -7.53 -5.11 66.81
C ASP S 216 -7.96 -5.23 68.27
N LYS S 217 -8.35 -6.43 68.67
CA LYS S 217 -8.76 -6.68 70.05
C LYS S 217 -8.27 -8.05 70.53
N LYS S 218 -7.37 -8.03 71.51
CA LYS S 218 -6.85 -9.27 72.09
C LYS S 218 -7.90 -9.93 72.99
N ILE S 219 -8.08 -11.24 72.82
CA ILE S 219 -9.04 -11.98 73.62
C ILE S 219 -8.46 -12.37 74.97
N VAL S 220 -9.16 -12.00 76.03
CA VAL S 220 -8.74 -12.33 77.39
C VAL S 220 -9.89 -12.93 78.19
N PRO S 221 -9.61 -14.05 78.90
CA PRO S 221 -10.63 -14.75 79.69
C PRO S 221 -10.97 -14.01 80.99
N GLU T 1 -29.12 28.50 -8.60
CA GLU T 1 -29.97 28.99 -7.53
C GLU T 1 -31.41 29.16 -8.00
N VAL T 2 -32.33 29.29 -7.05
CA VAL T 2 -33.73 29.50 -7.39
C VAL T 2 -34.13 30.94 -7.10
N GLN T 3 -35.19 31.39 -7.75
CA GLN T 3 -35.70 32.75 -7.57
C GLN T 3 -37.22 32.79 -7.62
N LEU T 4 -37.81 33.73 -6.89
CA LEU T 4 -39.25 33.92 -6.90
C LEU T 4 -39.59 35.38 -7.17
N GLN T 5 -39.47 35.79 -8.43
CA GLN T 5 -39.74 37.17 -8.81
C GLN T 5 -41.23 37.42 -9.02
N GLN T 6 -41.76 38.38 -8.28
CA GLN T 6 -43.17 38.75 -8.38
C GLN T 6 -43.37 40.00 -9.22
N SER T 7 -44.63 40.38 -9.41
CA SER T 7 -44.96 41.59 -10.16
C SER T 7 -44.56 42.83 -9.37
N GLY T 8 -44.49 43.97 -10.06
CA GLY T 8 -44.17 45.22 -9.42
C GLY T 8 -45.32 45.75 -8.58
N PRO T 9 -45.06 46.80 -7.80
CA PRO T 9 -46.09 47.40 -6.93
C PRO T 9 -47.24 47.99 -7.73
N GLU T 10 -48.45 47.94 -7.18
CA GLU T 10 -49.63 48.43 -7.89
C GLU T 10 -50.44 49.40 -7.05
N LEU T 11 -51.17 50.27 -7.73
CA LEU T 11 -52.04 51.26 -7.11
C LEU T 11 -53.40 51.30 -7.77
N VAL T 12 -54.43 50.88 -7.06
CA VAL T 12 -55.79 50.87 -7.59
C VAL T 12 -56.73 51.47 -6.55
N ARG T 13 -57.98 51.70 -6.94
CA ARG T 13 -58.98 52.28 -6.04
C ARG T 13 -59.98 51.25 -5.53
N PRO T 14 -60.55 51.47 -4.32
CA PRO T 14 -61.51 50.55 -3.71
C PRO T 14 -62.64 50.14 -4.65
N GLY T 15 -63.00 48.85 -4.61
CA GLY T 15 -64.03 48.31 -5.48
C GLY T 15 -63.43 47.55 -6.64
N ALA T 16 -62.24 47.95 -7.05
CA ALA T 16 -61.56 47.32 -8.18
C ALA T 16 -60.95 45.98 -7.80
N SER T 17 -60.21 45.39 -8.73
CA SER T 17 -59.57 44.10 -8.51
C SER T 17 -58.37 43.91 -9.42
N MET T 18 -57.27 43.44 -8.86
CA MET T 18 -56.05 43.20 -9.65
C MET T 18 -55.48 41.82 -9.35
N LYS T 19 -54.43 41.44 -10.10
CA LYS T 19 -53.85 40.11 -9.96
C LYS T 19 -52.32 40.17 -9.85
N ILE T 20 -51.80 39.58 -8.78
CA ILE T 20 -50.36 39.54 -8.53
C ILE T 20 -49.73 38.29 -9.12
N SER T 21 -48.59 38.45 -9.78
CA SER T 21 -47.86 37.31 -10.33
C SER T 21 -46.67 36.93 -9.45
N CYS T 22 -46.11 35.76 -9.71
CA CYS T 22 -44.94 35.27 -8.97
C CYS T 22 -44.21 34.23 -9.80
N LYS T 23 -43.30 34.69 -10.67
CA LYS T 23 -42.62 33.80 -11.59
C LYS T 23 -41.47 33.05 -10.92
N ALA T 24 -41.53 31.72 -10.99
CA ALA T 24 -40.53 30.86 -10.40
C ALA T 24 -39.46 30.45 -11.41
N SER T 25 -38.26 30.15 -10.91
CA SER T 25 -37.15 29.74 -11.76
C SER T 25 -36.06 29.06 -10.94
N GLY T 26 -35.41 28.07 -11.53
CA GLY T 26 -34.32 27.38 -10.85
C GLY T 26 -34.70 26.04 -10.27
N TYR T 27 -35.94 25.62 -10.48
CA TYR T 27 -36.40 24.34 -9.98
C TYR T 27 -37.60 23.81 -10.77
N SER T 28 -37.91 22.53 -10.58
CA SER T 28 -39.10 21.95 -11.19
C SER T 28 -40.35 22.58 -10.58
N PHE T 29 -40.99 23.46 -11.34
CA PHE T 29 -42.07 24.29 -10.82
C PHE T 29 -43.28 23.49 -10.33
N THR T 30 -43.61 22.42 -11.03
CA THR T 30 -44.79 21.63 -10.70
C THR T 30 -44.56 20.72 -9.49
N GLY T 31 -43.35 20.74 -8.95
CA GLY T 31 -42.99 19.86 -7.85
C GLY T 31 -43.17 20.44 -6.46
N TYR T 32 -43.32 21.76 -6.38
CA TYR T 32 -43.42 22.43 -5.09
C TYR T 32 -44.67 23.29 -4.97
N THR T 33 -45.40 23.09 -3.88
CA THR T 33 -46.63 23.82 -3.63
C THR T 33 -46.33 25.26 -3.19
N MET T 34 -47.18 26.20 -3.62
CA MET T 34 -46.96 27.61 -3.34
C MET T 34 -47.93 28.17 -2.30
N ASN T 35 -47.39 28.90 -1.32
CA ASN T 35 -48.22 29.62 -0.35
C ASN T 35 -48.30 31.10 -0.68
N TRP T 36 -49.27 31.78 -0.08
CA TRP T 36 -49.40 33.23 -0.21
C TRP T 36 -49.64 33.86 1.15
N VAL T 37 -48.77 34.79 1.55
CA VAL T 37 -48.87 35.42 2.86
C VAL T 37 -49.09 36.93 2.74
N LYS T 38 -50.02 37.46 3.53
CA LYS T 38 -50.32 38.88 3.52
C LYS T 38 -49.78 39.59 4.76
N GLN T 39 -48.94 40.59 4.55
CA GLN T 39 -48.37 41.36 5.65
C GLN T 39 -48.90 42.79 5.66
N SER T 40 -49.85 43.06 6.55
CA SER T 40 -50.42 44.40 6.67
C SER T 40 -49.77 45.12 7.86
N HIS T 41 -50.01 46.42 7.99
CA HIS T 41 -49.44 47.19 9.09
C HIS T 41 -50.26 46.96 10.37
N GLY T 42 -51.57 47.11 10.26
CA GLY T 42 -52.47 46.97 11.41
C GLY T 42 -52.50 45.56 11.98
N LYS T 43 -52.39 44.57 11.12
CA LYS T 43 -52.47 43.17 11.54
C LYS T 43 -51.18 42.41 11.24
N ASN T 44 -50.99 41.27 11.92
CA ASN T 44 -49.82 40.44 11.72
C ASN T 44 -49.85 39.75 10.36
N LEU T 45 -48.84 38.94 10.08
CA LEU T 45 -48.80 38.17 8.83
C LEU T 45 -49.93 37.16 8.81
N GLU T 46 -50.75 37.23 7.77
CA GLU T 46 -51.86 36.30 7.63
C GLU T 46 -51.72 35.43 6.39
N TRP T 47 -51.66 34.12 6.60
CA TRP T 47 -51.60 33.17 5.50
C TRP T 47 -52.89 33.16 4.70
N ILE T 48 -52.78 33.20 3.38
CA ILE T 48 -53.95 33.29 2.52
C ILE T 48 -54.38 31.91 2.08
N GLY T 49 -53.76 31.41 1.02
CA GLY T 49 -54.05 30.08 0.51
C GLY T 49 -52.81 29.39 -0.01
N LEU T 50 -52.97 28.12 -0.36
CA LEU T 50 -51.90 27.37 -1.02
C LEU T 50 -52.41 26.72 -2.29
N ILE T 51 -51.51 26.42 -3.23
CA ILE T 51 -51.90 25.78 -4.47
C ILE T 51 -50.82 24.85 -5.02
N ASN T 52 -51.21 23.64 -5.39
CA ASN T 52 -50.31 22.67 -6.00
C ASN T 52 -50.31 22.85 -7.51
N PRO T 53 -49.16 23.27 -8.06
CA PRO T 53 -49.01 23.53 -9.49
C PRO T 53 -49.36 22.33 -10.37
N TYR T 54 -49.12 21.12 -9.89
CA TYR T 54 -49.39 19.93 -10.67
C TYR T 54 -50.89 19.68 -10.77
N ASN T 55 -51.50 19.46 -9.62
CA ASN T 55 -52.94 19.17 -9.53
C ASN T 55 -53.81 20.37 -9.90
N GLY T 56 -53.36 21.56 -9.51
CA GLY T 56 -54.18 22.74 -9.63
C GLY T 56 -55.05 22.94 -8.40
N GLY T 57 -54.98 21.98 -7.48
CA GLY T 57 -55.76 22.03 -6.27
C GLY T 57 -55.39 23.20 -5.37
N THR T 58 -56.40 23.77 -4.72
CA THR T 58 -56.19 24.93 -3.87
C THR T 58 -56.79 24.72 -2.48
N SER T 59 -56.27 25.45 -1.50
CA SER T 59 -56.83 25.44 -0.16
C SER T 59 -56.71 26.83 0.46
N TYR T 60 -57.85 27.49 0.65
CA TYR T 60 -57.86 28.87 1.13
C TYR T 60 -58.15 28.96 2.62
N ASN T 61 -57.73 30.07 3.24
CA ASN T 61 -58.15 30.40 4.59
C ASN T 61 -59.61 30.83 4.56
N GLN T 62 -60.35 30.50 5.62
CA GLN T 62 -61.78 30.85 5.69
C GLN T 62 -61.96 32.37 5.69
N LYS T 63 -60.96 33.08 6.19
CA LYS T 63 -61.00 34.54 6.24
C LYS T 63 -60.96 35.14 4.84
N PHE T 64 -60.33 34.43 3.91
CA PHE T 64 -60.13 34.96 2.57
C PHE T 64 -60.91 34.19 1.50
N LYS T 65 -61.97 33.51 1.92
CA LYS T 65 -62.86 32.82 0.99
C LYS T 65 -63.60 33.80 0.10
N GLY T 66 -63.21 33.87 -1.17
CA GLY T 66 -63.85 34.76 -2.11
C GLY T 66 -63.04 36.02 -2.34
N LYS T 67 -62.23 36.39 -1.36
CA LYS T 67 -61.37 37.56 -1.48
C LYS T 67 -60.18 37.28 -2.37
N ALA T 68 -59.68 36.05 -2.33
CA ALA T 68 -58.52 35.66 -3.12
C ALA T 68 -58.80 34.43 -3.99
N THR T 69 -58.08 34.35 -5.11
CA THR T 69 -58.21 33.23 -6.03
C THR T 69 -56.85 32.86 -6.61
N LEU T 70 -56.36 31.67 -6.28
CA LEU T 70 -55.04 31.24 -6.71
C LEU T 70 -55.10 30.42 -8.00
N THR T 71 -54.39 30.88 -9.02
CA THR T 71 -54.26 30.13 -10.27
C THR T 71 -52.79 29.86 -10.56
N VAL T 72 -52.52 29.19 -11.68
CA VAL T 72 -51.15 28.81 -12.00
C VAL T 72 -50.99 28.47 -13.49
N ASP T 73 -49.93 28.99 -14.09
CA ASP T 73 -49.58 28.67 -15.47
C ASP T 73 -48.29 27.86 -15.51
N LYS T 74 -48.41 26.57 -15.78
CA LYS T 74 -47.27 25.66 -15.74
C LYS T 74 -46.21 25.96 -16.79
N SER T 75 -46.64 26.47 -17.94
CA SER T 75 -45.74 26.72 -19.06
C SER T 75 -44.70 27.79 -18.76
N SER T 76 -45.14 28.90 -18.15
CA SER T 76 -44.25 30.01 -17.85
C SER T 76 -43.69 29.93 -16.43
N SER T 77 -44.06 28.87 -15.72
CA SER T 77 -43.62 28.65 -14.33
C SER T 77 -43.97 29.84 -13.44
N THR T 78 -45.24 30.22 -13.42
CA THR T 78 -45.68 31.40 -12.67
C THR T 78 -46.93 31.12 -11.85
N ALA T 79 -46.95 31.63 -10.62
CA ALA T 79 -48.13 31.52 -9.76
C ALA T 79 -48.86 32.87 -9.68
N TYR T 80 -50.18 32.82 -9.71
CA TYR T 80 -50.98 34.04 -9.68
C TYR T 80 -51.93 34.09 -8.49
N MET T 81 -52.18 35.30 -7.99
CA MET T 81 -53.19 35.53 -6.96
C MET T 81 -54.06 36.73 -7.33
N GLU T 82 -55.33 36.48 -7.61
CA GLU T 82 -56.25 37.55 -7.97
C GLU T 82 -57.07 37.97 -6.75
N LEU T 83 -57.05 39.25 -6.43
CA LEU T 83 -57.79 39.78 -5.29
C LEU T 83 -59.00 40.59 -5.74
N LEU T 84 -60.19 40.15 -5.34
CA LEU T 84 -61.43 40.77 -5.78
C LEU T 84 -62.07 41.65 -4.72
N SER T 85 -62.88 42.62 -5.15
CA SER T 85 -63.60 43.53 -4.27
C SER T 85 -62.68 44.21 -3.25
N LEU T 86 -61.61 44.80 -3.75
CA LEU T 86 -60.59 45.43 -2.91
C LEU T 86 -61.13 46.59 -2.08
N THR T 87 -60.71 46.63 -0.81
CA THR T 87 -61.08 47.72 0.09
C THR T 87 -59.82 48.33 0.70
N SER T 88 -59.99 49.27 1.61
CA SER T 88 -58.85 49.93 2.26
C SER T 88 -58.09 48.99 3.20
N GLU T 89 -58.76 47.96 3.68
CA GLU T 89 -58.13 47.01 4.60
C GLU T 89 -57.14 46.09 3.89
N ASP T 90 -57.34 45.92 2.59
CA ASP T 90 -56.52 45.00 1.80
C ASP T 90 -55.19 45.63 1.37
N SER T 91 -54.93 46.85 1.82
CA SER T 91 -53.68 47.53 1.51
C SER T 91 -52.52 46.93 2.28
N ALA T 92 -51.68 46.17 1.58
CA ALA T 92 -50.55 45.49 2.22
C ALA T 92 -49.51 45.04 1.20
N VAL T 93 -48.48 44.35 1.68
CA VAL T 93 -47.49 43.72 0.82
C VAL T 93 -47.71 42.22 0.83
N TYR T 94 -47.78 41.61 -0.35
CA TYR T 94 -48.08 40.19 -0.46
C TYR T 94 -46.87 39.38 -0.89
N TYR T 95 -46.59 38.32 -0.15
CA TYR T 95 -45.47 37.44 -0.45
C TYR T 95 -45.96 36.08 -0.89
N CYS T 96 -45.18 35.42 -1.75
CA CYS T 96 -45.43 34.03 -2.10
C CYS T 96 -44.32 33.16 -1.55
N ALA T 97 -44.69 32.17 -0.73
CA ALA T 97 -43.71 31.32 -0.09
C ALA T 97 -43.83 29.89 -0.59
N ARG T 98 -42.71 29.33 -1.04
CA ARG T 98 -42.70 27.99 -1.60
C ARG T 98 -42.65 26.93 -0.51
N ASP T 99 -43.34 25.81 -0.73
CA ASP T 99 -43.22 24.68 0.16
C ASP T 99 -41.90 23.98 -0.15
N GLY T 100 -41.36 23.24 0.81
CA GLY T 100 -40.00 22.75 0.69
C GLY T 100 -39.81 21.33 0.15
N ASP T 101 -40.87 20.53 0.15
CA ASP T 101 -40.73 19.14 -0.25
C ASP T 101 -41.10 18.90 -1.71
N TYR T 102 -40.46 17.90 -2.30
CA TYR T 102 -40.60 17.61 -3.72
C TYR T 102 -41.80 16.71 -4.00
N TYR T 103 -42.79 17.27 -4.70
CA TYR T 103 -44.03 16.57 -5.05
C TYR T 103 -44.75 15.96 -3.84
N ARG T 104 -44.74 16.71 -2.73
CA ARG T 104 -45.54 16.36 -1.56
C ARG T 104 -45.58 17.56 -0.61
N TYR T 105 -46.70 17.73 0.09
CA TYR T 105 -46.86 18.84 1.01
C TYR T 105 -46.10 18.57 2.30
N GLY T 106 -44.95 19.21 2.47
CA GLY T 106 -44.11 19.00 3.63
C GLY T 106 -44.44 19.93 4.77
N ARG T 107 -45.35 20.86 4.52
CA ARG T 107 -45.80 21.83 5.52
C ARG T 107 -44.65 22.64 6.12
N TYR T 108 -43.77 23.14 5.25
CA TYR T 108 -42.72 24.03 5.70
C TYR T 108 -42.26 25.02 4.63
N PHE T 109 -42.07 26.27 5.05
CA PHE T 109 -41.73 27.35 4.14
C PHE T 109 -40.27 27.33 3.75
N ASP T 110 -40.01 27.41 2.45
CA ASP T 110 -38.65 27.37 1.94
C ASP T 110 -38.19 28.77 1.53
N TYR T 111 -38.43 29.14 0.28
CA TYR T 111 -38.04 30.45 -0.22
C TYR T 111 -39.24 31.38 -0.33
N TRP T 112 -38.98 32.67 -0.24
CA TRP T 112 -40.01 33.69 -0.35
C TRP T 112 -39.71 34.64 -1.52
N GLY T 113 -40.72 35.35 -1.98
CA GLY T 113 -40.51 36.34 -3.02
C GLY T 113 -40.05 37.65 -2.41
N GLN T 114 -39.78 38.65 -3.25
CA GLN T 114 -39.32 39.94 -2.75
C GLN T 114 -40.50 40.75 -2.25
N GLY T 115 -41.72 40.33 -2.60
CA GLY T 115 -42.91 41.00 -2.15
C GLY T 115 -43.49 41.97 -3.17
N THR T 116 -44.81 42.12 -3.14
CA THR T 116 -45.50 43.04 -4.02
C THR T 116 -46.37 43.98 -3.19
N THR T 117 -46.02 45.27 -3.21
CA THR T 117 -46.74 46.27 -2.42
C THR T 117 -48.02 46.74 -3.09
N LEU T 118 -49.15 46.39 -2.52
CA LEU T 118 -50.44 46.85 -3.05
C LEU T 118 -51.02 47.93 -2.14
N THR T 119 -51.08 49.15 -2.65
CA THR T 119 -51.67 50.24 -1.91
C THR T 119 -52.98 50.63 -2.57
N VAL T 120 -54.07 50.52 -1.82
CA VAL T 120 -55.40 50.86 -2.32
C VAL T 120 -56.08 51.94 -1.47
N SER T 121 -55.93 53.20 -1.87
CA SER T 121 -56.49 54.30 -1.11
C SER T 121 -57.22 55.31 -1.99
N SER T 122 -58.41 55.73 -1.56
CA SER T 122 -59.23 56.66 -2.32
C SER T 122 -58.75 58.10 -2.17
N ALA T 123 -57.46 58.32 -2.45
CA ALA T 123 -56.86 59.64 -2.34
C ALA T 123 -56.45 60.17 -3.70
N LYS T 124 -56.93 61.37 -4.05
CA LYS T 124 -56.51 62.02 -5.27
C LYS T 124 -55.06 62.43 -5.13
N THR T 125 -54.32 62.43 -6.24
CA THR T 125 -52.91 62.78 -6.24
C THR T 125 -52.70 64.17 -5.64
N THR T 126 -51.99 64.22 -4.52
CA THR T 126 -51.82 65.46 -3.77
C THR T 126 -50.34 65.83 -3.60
N PRO T 127 -49.98 67.07 -3.98
CA PRO T 127 -48.62 67.58 -3.80
C PRO T 127 -48.29 67.83 -2.33
N PRO T 128 -47.01 67.70 -1.96
CA PRO T 128 -46.55 67.88 -0.58
C PRO T 128 -46.69 69.32 -0.09
N SER T 129 -46.87 69.49 1.22
CA SER T 129 -46.91 70.80 1.83
C SER T 129 -45.74 70.95 2.80
N VAL T 130 -44.58 71.27 2.26
CA VAL T 130 -43.35 71.30 3.04
C VAL T 130 -43.29 72.47 4.03
N TYR T 131 -43.05 72.15 5.30
CA TYR T 131 -42.94 73.16 6.34
C TYR T 131 -41.55 73.12 6.98
N PRO T 132 -40.87 74.26 7.00
CA PRO T 132 -39.54 74.37 7.63
C PRO T 132 -39.62 74.15 9.15
N LEU T 133 -38.65 73.42 9.70
CA LEU T 133 -38.61 73.17 11.13
C LEU T 133 -37.35 73.76 11.77
N ALA T 134 -37.51 74.90 12.43
CA ALA T 134 -36.38 75.54 13.11
C ALA T 134 -36.37 75.15 14.58
N PRO T 135 -35.17 74.99 15.16
CA PRO T 135 -35.05 74.62 16.57
C PRO T 135 -35.49 75.72 17.51
N GLY T 136 -35.99 75.34 18.68
CA GLY T 136 -36.40 76.32 19.69
C GLY T 136 -35.22 77.08 20.25
N SER T 137 -35.50 77.97 21.21
CA SER T 137 -34.45 78.78 21.81
C SER T 137 -33.60 77.99 22.79
N ALA T 138 -34.13 76.86 23.26
CA ALA T 138 -33.45 76.04 24.26
C ALA T 138 -32.77 74.81 23.65
N ALA T 139 -33.19 74.45 22.44
CA ALA T 139 -32.71 73.23 21.81
C ALA T 139 -31.24 73.31 21.38
N GLN T 140 -30.84 74.45 20.82
CA GLN T 140 -29.50 74.58 20.26
C GLN T 140 -28.43 74.64 21.36
N THR T 141 -27.43 73.76 21.20
CA THR T 141 -26.31 73.67 22.13
C THR T 141 -25.24 72.75 21.56
N ASN T 142 -24.22 72.46 22.37
CA ASN T 142 -23.13 71.55 21.98
C ASN T 142 -22.41 71.97 20.69
N SER T 143 -22.52 73.25 20.34
CA SER T 143 -21.91 73.82 19.13
C SER T 143 -22.41 73.15 17.85
N MET T 144 -23.43 72.30 17.97
CA MET T 144 -24.04 71.62 16.83
C MET T 144 -25.54 71.81 16.86
N VAL T 145 -26.10 72.32 15.75
CA VAL T 145 -27.53 72.61 15.70
C VAL T 145 -28.27 71.72 14.72
N THR T 146 -29.40 71.20 15.14
CA THR T 146 -30.19 70.28 14.32
C THR T 146 -31.40 70.98 13.68
N LEU T 147 -31.46 70.92 12.35
CA LEU T 147 -32.59 71.50 11.62
C LEU T 147 -33.50 70.39 11.10
N GLY T 148 -34.68 70.76 10.62
CA GLY T 148 -35.64 69.78 10.16
C GLY T 148 -36.58 70.23 9.05
N CYS T 149 -37.13 69.26 8.34
CA CYS T 149 -38.13 69.51 7.31
C CYS T 149 -39.34 68.60 7.52
N LEU T 150 -40.53 69.18 7.44
CA LEU T 150 -41.75 68.38 7.60
C LEU T 150 -42.55 68.34 6.30
N VAL T 151 -42.50 67.20 5.62
CA VAL T 151 -43.32 66.98 4.45
C VAL T 151 -44.69 66.45 4.89
N LYS T 152 -45.74 67.20 4.62
CA LYS T 152 -47.05 66.88 5.14
C LYS T 152 -48.13 66.85 4.07
N GLY T 153 -48.88 65.74 4.02
CA GLY T 153 -50.03 65.62 3.13
C GLY T 153 -49.69 65.44 1.67
N TYR T 154 -49.18 64.26 1.32
CA TYR T 154 -48.87 63.94 -0.07
C TYR T 154 -49.34 62.54 -0.46
N PHE T 155 -49.52 62.32 -1.75
CA PHE T 155 -50.00 61.04 -2.26
C PHE T 155 -49.76 60.94 -3.76
N PRO T 156 -49.25 59.80 -4.22
CA PRO T 156 -48.79 58.70 -3.36
C PRO T 156 -47.27 58.73 -3.18
N GLU T 157 -46.74 57.74 -2.46
CA GLU T 157 -45.31 57.58 -2.32
C GLU T 157 -44.67 57.29 -3.67
N PRO T 158 -43.35 57.53 -3.82
CA PRO T 158 -42.40 58.02 -2.82
C PRO T 158 -42.18 59.53 -2.85
N VAL T 159 -41.24 59.98 -2.03
CA VAL T 159 -40.82 61.38 -1.99
C VAL T 159 -39.35 61.46 -1.58
N THR T 160 -38.53 62.07 -2.43
CA THR T 160 -37.09 62.16 -2.15
C THR T 160 -36.73 63.51 -1.55
N VAL T 161 -36.26 63.50 -0.31
CA VAL T 161 -35.88 64.72 0.38
C VAL T 161 -34.37 64.83 0.55
N THR T 162 -33.80 65.90 0.01
CA THR T 162 -32.37 66.16 0.15
C THR T 162 -32.13 67.58 0.64
N TRP T 163 -30.92 67.84 1.13
CA TRP T 163 -30.59 69.16 1.67
C TRP T 163 -29.59 69.91 0.79
N ASN T 164 -29.89 71.18 0.53
CA ASN T 164 -29.07 72.04 -0.33
C ASN T 164 -28.82 71.43 -1.70
N SER T 165 -29.85 70.80 -2.26
CA SER T 165 -29.79 70.15 -3.57
C SER T 165 -28.61 69.19 -3.66
N GLY T 166 -28.40 68.41 -2.62
CA GLY T 166 -27.28 67.50 -2.54
C GLY T 166 -26.06 68.18 -1.96
N SER T 167 -24.88 67.80 -2.44
CA SER T 167 -23.59 68.38 -2.03
C SER T 167 -23.25 68.16 -0.55
N LEU T 168 -24.25 67.87 0.26
CA LEU T 168 -24.02 67.50 1.66
C LEU T 168 -24.67 66.15 1.94
N SER T 169 -24.03 65.35 2.78
CA SER T 169 -24.53 64.02 3.07
C SER T 169 -24.49 63.68 4.56
N SER T 170 -23.30 63.71 5.14
CA SER T 170 -23.10 63.32 6.53
C SER T 170 -23.95 64.13 7.50
N GLY T 171 -25.01 63.51 8.01
CA GLY T 171 -25.85 64.13 9.02
C GLY T 171 -27.34 64.15 8.68
N VAL T 172 -27.70 63.60 7.52
CA VAL T 172 -29.09 63.60 7.10
C VAL T 172 -29.82 62.35 7.60
N HIS T 173 -31.06 62.53 8.03
CA HIS T 173 -31.88 61.43 8.51
C HIS T 173 -33.32 61.56 8.02
N THR T 174 -33.70 60.67 7.10
CA THR T 174 -35.05 60.67 6.55
C THR T 174 -35.89 59.55 7.16
N PHE T 175 -36.76 59.92 8.09
CA PHE T 175 -37.60 58.96 8.79
C PHE T 175 -38.70 58.43 7.89
N PRO T 176 -39.15 57.18 8.12
CA PRO T 176 -40.21 56.57 7.32
C PRO T 176 -41.52 57.35 7.41
N ALA T 177 -42.30 57.34 6.33
CA ALA T 177 -43.53 58.10 6.25
C ALA T 177 -44.60 57.59 7.21
N VAL T 178 -45.65 58.37 7.38
CA VAL T 178 -46.76 58.00 8.27
C VAL T 178 -48.12 58.22 7.60
N LEU T 179 -48.90 57.16 7.52
CA LEU T 179 -50.23 57.24 6.92
C LEU T 179 -51.22 57.86 7.89
N GLN T 180 -51.66 59.08 7.59
CA GLN T 180 -52.71 59.74 8.35
C GLN T 180 -53.86 60.11 7.43
N SER T 181 -55.00 59.44 7.62
CA SER T 181 -56.13 59.52 6.70
C SER T 181 -55.70 59.08 5.30
N ASP T 182 -55.98 59.93 4.31
CA ASP T 182 -55.61 59.62 2.93
C ASP T 182 -54.20 60.11 2.61
N LEU T 183 -53.65 60.93 3.50
CA LEU T 183 -52.39 61.62 3.23
C LEU T 183 -51.21 61.03 3.99
N TYR T 184 -50.03 61.13 3.39
CA TYR T 184 -48.79 60.71 4.02
C TYR T 184 -48.05 61.91 4.59
N THR T 185 -47.39 61.71 5.73
CA THR T 185 -46.55 62.76 6.31
C THR T 185 -45.17 62.21 6.64
N LEU T 186 -44.13 62.92 6.20
CA LEU T 186 -42.75 62.48 6.39
C LEU T 186 -41.91 63.65 6.90
N SER T 187 -40.88 63.33 7.68
CA SER T 187 -39.98 64.36 8.17
C SER T 187 -38.52 63.97 7.92
N SER T 188 -37.69 64.99 7.66
CA SER T 188 -36.27 64.77 7.43
C SER T 188 -35.44 65.72 8.28
N SER T 189 -34.38 65.20 8.90
CA SER T 189 -33.58 65.98 9.82
C SER T 189 -32.12 66.07 9.39
N VAL T 190 -31.51 67.22 9.64
CA VAL T 190 -30.11 67.44 9.33
C VAL T 190 -29.39 68.14 10.49
N THR T 191 -28.16 67.72 10.77
CA THR T 191 -27.40 68.31 11.85
C THR T 191 -26.11 68.95 11.35
N VAL T 192 -25.99 70.25 11.52
CA VAL T 192 -24.80 70.99 11.11
C VAL T 192 -24.26 71.81 12.29
N PRO T 193 -22.95 72.09 12.30
CA PRO T 193 -22.35 72.88 13.39
C PRO T 193 -23.01 74.25 13.54
N SER T 194 -23.01 74.78 14.77
CA SER T 194 -23.66 76.04 15.07
C SER T 194 -23.01 77.21 14.35
N SER T 195 -21.74 77.04 13.98
CA SER T 195 -21.00 78.09 13.28
C SER T 195 -21.44 78.21 11.82
N THR T 196 -22.24 77.25 11.35
CA THR T 196 -22.66 77.23 9.96
C THR T 196 -24.15 77.46 9.79
N TRP T 197 -24.78 78.02 10.82
CA TRP T 197 -26.21 78.35 10.76
C TRP T 197 -26.57 79.34 11.86
N PRO T 198 -27.37 80.36 11.54
CA PRO T 198 -27.92 80.62 10.20
C PRO T 198 -27.02 81.54 9.37
N SER T 199 -25.73 81.52 9.65
CA SER T 199 -24.77 82.34 8.90
C SER T 199 -24.70 81.87 7.45
N GLU T 200 -24.77 80.55 7.25
CA GLU T 200 -24.85 79.99 5.90
C GLU T 200 -26.25 79.48 5.64
N THR T 201 -26.67 79.50 4.37
CA THR T 201 -28.01 79.10 4.01
C THR T 201 -28.16 77.58 3.91
N VAL T 202 -29.21 77.06 4.52
CA VAL T 202 -29.54 75.64 4.47
C VAL T 202 -30.97 75.44 4.00
N THR T 203 -31.13 74.86 2.81
CA THR T 203 -32.45 74.74 2.20
C THR T 203 -32.87 73.27 2.06
N CYS T 204 -34.14 73.01 2.36
CA CYS T 204 -34.70 71.67 2.24
C CYS T 204 -35.26 71.43 0.84
N ASN T 205 -34.72 70.44 0.15
CA ASN T 205 -35.18 70.10 -1.20
C ASN T 205 -36.08 68.86 -1.19
N VAL T 206 -37.35 69.07 -1.52
CA VAL T 206 -38.32 67.97 -1.51
C VAL T 206 -38.86 67.70 -2.91
N ALA T 207 -38.81 66.44 -3.34
CA ALA T 207 -39.24 66.07 -4.68
C ALA T 207 -40.33 65.00 -4.65
N HIS T 208 -41.41 65.25 -5.38
CA HIS T 208 -42.52 64.30 -5.48
C HIS T 208 -42.83 64.03 -6.95
N PRO T 209 -42.30 62.91 -7.48
CA PRO T 209 -42.40 62.59 -8.91
C PRO T 209 -43.82 62.22 -9.37
N ALA T 210 -44.71 61.96 -8.44
CA ALA T 210 -46.08 61.54 -8.79
C ALA T 210 -46.95 62.73 -9.18
N SER T 211 -46.48 63.94 -8.87
CA SER T 211 -47.21 65.14 -9.24
C SER T 211 -46.26 66.19 -9.83
N SER T 212 -45.04 65.75 -10.12
CA SER T 212 -43.99 66.62 -10.68
C SER T 212 -43.77 67.86 -9.82
N THR T 213 -43.59 67.64 -8.52
CA THR T 213 -43.45 68.75 -7.58
C THR T 213 -42.03 68.82 -7.01
N LYS T 214 -41.43 70.00 -7.08
CA LYS T 214 -40.11 70.23 -6.51
C LYS T 214 -40.10 71.55 -5.74
N VAL T 215 -40.30 71.47 -4.43
CA VAL T 215 -40.40 72.65 -3.58
C VAL T 215 -39.17 72.81 -2.69
N ASP T 216 -38.66 74.05 -2.62
CA ASP T 216 -37.54 74.36 -1.72
C ASP T 216 -38.01 75.23 -0.56
N LYS T 217 -37.49 74.93 0.63
CA LYS T 217 -37.81 75.71 1.83
C LYS T 217 -36.56 76.02 2.63
N LYS T 218 -36.24 77.31 2.75
CA LYS T 218 -35.08 77.73 3.52
C LYS T 218 -35.40 77.71 5.01
N ILE T 219 -34.47 77.18 5.81
CA ILE T 219 -34.67 77.09 7.25
C ILE T 219 -34.39 78.42 7.94
N VAL T 220 -35.46 79.15 8.24
CA VAL T 220 -35.37 80.43 8.92
C VAL T 220 -35.70 80.27 10.41
N PRO T 221 -34.86 80.83 11.28
CA PRO T 221 -35.07 80.78 12.74
C PRO T 221 -36.46 81.26 13.15
N ARG T 222 -37.07 80.57 14.10
CA ARG T 222 -38.40 80.91 14.57
C ARG T 222 -38.43 82.30 15.21
N ASP T 223 -39.47 83.07 14.90
CA ASP T 223 -39.63 84.40 15.47
C ASP T 223 -40.53 84.37 16.71
N CYS T 224 -39.96 84.74 17.85
CA CYS T 224 -40.67 84.73 19.13
C CYS T 224 -41.26 83.35 19.44
N GLU U 1 -48.19 -66.28 -0.87
CA GLU U 1 -49.41 -66.41 -0.09
C GLU U 1 -49.34 -65.56 1.18
N VAL U 2 -50.50 -65.33 1.80
CA VAL U 2 -50.56 -64.57 3.04
C VAL U 2 -50.87 -65.45 4.23
N GLN U 3 -50.54 -64.96 5.43
CA GLN U 3 -50.81 -65.68 6.66
C GLN U 3 -51.20 -64.72 7.79
N LEU U 4 -52.05 -65.20 8.69
CA LEU U 4 -52.46 -64.41 9.84
C LEU U 4 -52.30 -65.21 11.13
N GLN U 5 -51.07 -65.30 11.62
CA GLN U 5 -50.79 -66.05 12.84
C GLN U 5 -51.09 -65.26 14.10
N GLN U 6 -51.94 -65.82 14.95
CA GLN U 6 -52.33 -65.17 16.20
C GLN U 6 -51.52 -65.74 17.36
N SER U 7 -51.74 -65.20 18.55
CA SER U 7 -51.06 -65.68 19.74
C SER U 7 -51.56 -67.07 20.13
N GLY U 8 -50.79 -67.77 20.96
CA GLY U 8 -51.18 -69.09 21.41
C GLY U 8 -52.31 -69.01 22.41
N PRO U 9 -52.91 -70.17 22.75
CA PRO U 9 -54.01 -70.21 23.72
C PRO U 9 -53.57 -69.78 25.11
N GLU U 10 -54.45 -69.12 25.85
CA GLU U 10 -54.12 -68.65 27.18
C GLU U 10 -55.20 -69.04 28.18
N LEU U 11 -54.82 -69.12 29.45
CA LEU U 11 -55.73 -69.46 30.53
C LEU U 11 -55.57 -68.46 31.67
N VAL U 12 -56.62 -67.67 31.91
CA VAL U 12 -56.56 -66.65 32.94
C VAL U 12 -57.77 -66.70 33.88
N ARG U 13 -57.67 -65.98 34.98
CA ARG U 13 -58.73 -65.99 35.97
C ARG U 13 -59.56 -64.71 35.92
N PRO U 14 -60.85 -64.80 36.27
CA PRO U 14 -61.76 -63.64 36.27
C PRO U 14 -61.18 -62.44 37.00
N GLY U 15 -61.35 -61.25 36.42
CA GLY U 15 -60.81 -60.04 37.00
C GLY U 15 -59.55 -59.59 36.28
N ALA U 16 -58.80 -60.55 35.74
CA ALA U 16 -57.56 -60.26 35.04
C ALA U 16 -57.83 -59.68 33.65
N SER U 17 -56.76 -59.50 32.87
CA SER U 17 -56.86 -58.96 31.53
C SER U 17 -55.67 -59.36 30.68
N MET U 18 -55.94 -59.81 29.47
CA MET U 18 -54.87 -60.24 28.56
C MET U 18 -55.04 -59.63 27.17
N LYS U 19 -54.04 -59.84 26.32
CA LYS U 19 -54.04 -59.25 24.97
C LYS U 19 -53.69 -60.28 23.90
N ILE U 20 -54.56 -60.43 22.91
CA ILE U 20 -54.33 -61.35 21.80
C ILE U 20 -53.63 -60.64 20.63
N SER U 21 -52.61 -61.28 20.06
CA SER U 21 -51.91 -60.71 18.91
C SER U 21 -52.36 -61.38 17.61
N CYS U 22 -51.98 -60.78 16.48
CA CYS U 22 -52.30 -61.32 15.16
C CYS U 22 -51.32 -60.80 14.12
N LYS U 23 -50.20 -61.48 13.95
CA LYS U 23 -49.15 -61.02 13.05
C LYS U 23 -49.46 -61.36 11.59
N ALA U 24 -49.48 -60.33 10.74
CA ALA U 24 -49.76 -60.50 9.33
C ALA U 24 -48.48 -60.62 8.52
N SER U 25 -48.57 -61.28 7.38
CA SER U 25 -47.42 -61.46 6.49
C SER U 25 -47.89 -61.86 5.11
N GLY U 26 -47.19 -61.37 4.09
CA GLY U 26 -47.51 -61.71 2.71
C GLY U 26 -48.27 -60.62 1.98
N TYR U 27 -48.49 -59.49 2.65
CA TYR U 27 -49.17 -58.36 2.03
C TYR U 27 -48.83 -57.04 2.74
N SER U 28 -49.15 -55.93 2.09
CA SER U 28 -48.97 -54.61 2.70
C SER U 28 -49.92 -54.46 3.88
N PHE U 29 -49.37 -54.53 5.09
CA PHE U 29 -50.19 -54.59 6.30
C PHE U 29 -51.06 -53.37 6.52
N THR U 30 -50.54 -52.20 6.18
CA THR U 30 -51.24 -50.95 6.43
C THR U 30 -52.36 -50.70 5.42
N GLY U 31 -52.51 -51.61 4.46
CA GLY U 31 -53.47 -51.42 3.39
C GLY U 31 -54.82 -52.09 3.63
N TYR U 32 -54.87 -53.03 4.58
CA TYR U 32 -56.09 -53.78 4.83
C TYR U 32 -56.52 -53.69 6.30
N THR U 33 -57.77 -53.30 6.53
CA THR U 33 -58.29 -53.19 7.88
C THR U 33 -58.62 -54.56 8.47
N MET U 34 -58.43 -54.70 9.78
CA MET U 34 -58.63 -55.98 10.45
C MET U 34 -59.90 -56.00 11.31
N ASN U 35 -60.67 -57.08 11.18
CA ASN U 35 -61.84 -57.30 12.03
C ASN U 35 -61.50 -58.27 13.17
N TRP U 36 -62.36 -58.30 14.18
CA TRP U 36 -62.21 -59.27 15.27
C TRP U 36 -63.54 -59.94 15.57
N VAL U 37 -63.56 -61.27 15.50
CA VAL U 37 -64.79 -62.03 15.71
C VAL U 37 -64.65 -62.97 16.90
N LYS U 38 -65.67 -62.99 17.75
CA LYS U 38 -65.69 -63.83 18.95
C LYS U 38 -66.63 -65.03 18.78
N GLN U 39 -66.09 -66.23 18.94
CA GLN U 39 -66.88 -67.44 18.82
C GLN U 39 -67.01 -68.12 20.18
N SER U 40 -68.18 -67.95 20.81
CA SER U 40 -68.45 -68.56 22.10
C SER U 40 -69.26 -69.84 21.96
N HIS U 41 -69.39 -70.57 23.05
CA HIS U 41 -70.13 -71.82 23.04
C HIS U 41 -71.62 -71.56 23.07
N GLY U 42 -72.05 -70.74 24.02
CA GLY U 42 -73.45 -70.42 24.19
C GLY U 42 -74.07 -69.57 23.09
N LYS U 43 -73.27 -68.66 22.53
CA LYS U 43 -73.78 -67.72 21.53
C LYS U 43 -73.12 -67.84 20.16
N ASN U 44 -73.77 -67.25 19.16
CA ASN U 44 -73.29 -67.27 17.78
C ASN U 44 -72.03 -66.43 17.61
N LEU U 45 -71.55 -66.34 16.37
CA LEU U 45 -70.39 -65.51 16.06
C LEU U 45 -70.72 -64.05 16.31
N GLU U 46 -69.92 -63.40 17.14
CA GLU U 46 -70.14 -62.00 17.45
C GLU U 46 -68.99 -61.11 16.98
N TRP U 47 -69.29 -60.21 16.05
CA TRP U 47 -68.28 -59.26 15.58
C TRP U 47 -67.93 -58.27 16.68
N ILE U 48 -66.64 -58.06 16.90
CA ILE U 48 -66.18 -57.18 17.97
C ILE U 48 -65.91 -55.78 17.42
N GLY U 49 -64.72 -55.59 16.86
CA GLY U 49 -64.36 -54.30 16.30
C GLY U 49 -63.53 -54.42 15.04
N LEU U 50 -63.31 -53.29 14.38
CA LEU U 50 -62.39 -53.23 13.25
C LEU U 50 -61.39 -52.11 13.48
N ILE U 51 -60.23 -52.21 12.83
CA ILE U 51 -59.21 -51.20 12.97
C ILE U 51 -58.41 -51.00 11.68
N ASN U 52 -58.22 -49.75 11.29
CA ASN U 52 -57.42 -49.42 10.12
C ASN U 52 -55.97 -49.22 10.53
N PRO U 53 -55.08 -50.12 10.07
CA PRO U 53 -53.65 -50.08 10.40
C PRO U 53 -53.01 -48.76 10.02
N TYR U 54 -53.48 -48.15 8.94
CA TYR U 54 -52.94 -46.88 8.46
C TYR U 54 -53.36 -45.74 9.36
N ASN U 55 -54.68 -45.53 9.45
CA ASN U 55 -55.24 -44.44 10.24
C ASN U 55 -55.06 -44.62 11.74
N GLY U 56 -55.17 -45.87 12.18
CA GLY U 56 -55.19 -46.18 13.59
C GLY U 56 -56.61 -46.09 14.11
N GLY U 57 -57.51 -45.67 13.24
CA GLY U 57 -58.91 -45.49 13.57
C GLY U 57 -59.60 -46.80 13.90
N THR U 58 -60.51 -46.75 14.87
CA THR U 58 -61.22 -47.94 15.30
C THR U 58 -62.73 -47.72 15.30
N SER U 59 -63.48 -48.81 15.20
CA SER U 59 -64.93 -48.78 15.30
C SER U 59 -65.40 -50.04 16.01
N TYR U 60 -65.92 -49.88 17.22
CA TYR U 60 -66.31 -51.03 18.03
C TYR U 60 -67.80 -51.32 17.99
N ASN U 61 -68.15 -52.57 18.28
CA ASN U 61 -69.53 -52.95 18.51
C ASN U 61 -69.97 -52.38 19.86
N GLN U 62 -71.24 -51.98 19.96
CA GLN U 62 -71.74 -51.41 21.20
C GLN U 62 -71.67 -52.41 22.35
N LYS U 63 -71.73 -53.70 22.01
CA LYS U 63 -71.67 -54.76 23.01
C LYS U 63 -70.30 -54.83 23.67
N PHE U 64 -69.25 -54.44 22.93
CA PHE U 64 -67.89 -54.59 23.42
C PHE U 64 -67.23 -53.25 23.70
N LYS U 65 -68.03 -52.22 23.91
CA LYS U 65 -67.52 -50.90 24.29
C LYS U 65 -66.88 -50.96 25.67
N GLY U 66 -65.57 -50.92 25.73
CA GLY U 66 -64.86 -50.96 26.99
C GLY U 66 -64.34 -52.35 27.31
N LYS U 67 -65.00 -53.36 26.75
CA LYS U 67 -64.58 -54.75 26.94
C LYS U 67 -63.35 -55.06 26.08
N ALA U 68 -63.29 -54.44 24.91
CA ALA U 68 -62.20 -54.69 23.97
C ALA U 68 -61.50 -53.41 23.56
N THR U 69 -60.22 -53.53 23.22
CA THR U 69 -59.41 -52.40 22.77
C THR U 69 -58.47 -52.81 21.66
N LEU U 70 -58.69 -52.27 20.47
CA LEU U 70 -57.89 -52.62 19.30
C LEU U 70 -56.72 -51.66 19.11
N THR U 71 -55.51 -52.20 19.08
CA THR U 71 -54.31 -51.43 18.78
C THR U 71 -53.62 -52.05 17.58
N VAL U 72 -52.48 -51.48 17.19
CA VAL U 72 -51.79 -51.95 15.99
C VAL U 72 -50.32 -51.52 15.96
N ASP U 73 -49.44 -52.46 15.63
CA ASP U 73 -48.03 -52.15 15.46
C ASP U 73 -47.60 -52.31 14.00
N LYS U 74 -47.42 -51.19 13.32
CA LYS U 74 -47.10 -51.20 11.89
C LYS U 74 -45.74 -51.82 11.61
N SER U 75 -44.80 -51.64 12.53
CA SER U 75 -43.44 -52.10 12.35
C SER U 75 -43.35 -53.63 12.26
N SER U 76 -44.05 -54.31 13.16
CA SER U 76 -44.02 -55.76 13.21
C SER U 76 -45.19 -56.36 12.42
N SER U 77 -46.01 -55.48 11.83
CA SER U 77 -47.18 -55.88 11.06
C SER U 77 -48.10 -56.79 11.86
N THR U 78 -48.53 -56.31 13.03
CA THR U 78 -49.32 -57.11 13.94
C THR U 78 -50.51 -56.34 14.49
N ALA U 79 -51.66 -57.00 14.57
CA ALA U 79 -52.85 -56.42 15.17
C ALA U 79 -53.09 -57.00 16.56
N TYR U 80 -53.48 -56.14 17.50
CA TYR U 80 -53.69 -56.57 18.88
C TYR U 80 -55.11 -56.30 19.34
N MET U 81 -55.62 -57.15 20.22
CA MET U 81 -56.91 -56.93 20.86
C MET U 81 -56.79 -57.19 22.36
N GLU U 82 -56.94 -56.14 23.16
CA GLU U 82 -56.84 -56.26 24.60
C GLU U 82 -58.23 -56.37 25.24
N LEU U 83 -58.43 -57.43 26.03
CA LEU U 83 -59.70 -57.65 26.70
C LEU U 83 -59.60 -57.38 28.20
N LEU U 84 -60.38 -56.42 28.69
CA LEU U 84 -60.30 -56.01 30.09
C LEU U 84 -61.48 -56.53 30.91
N SER U 85 -61.28 -56.63 32.22
CA SER U 85 -62.30 -57.10 33.17
C SER U 85 -62.91 -58.43 32.75
N LEU U 86 -62.03 -59.40 32.50
CA LEU U 86 -62.44 -60.72 32.01
C LEU U 86 -63.35 -61.46 32.98
N THR U 87 -64.40 -62.08 32.43
CA THR U 87 -65.32 -62.90 33.22
C THR U 87 -65.45 -64.28 32.61
N SER U 88 -66.32 -65.10 33.20
CA SER U 88 -66.56 -66.45 32.70
C SER U 88 -67.26 -66.42 31.35
N GLU U 89 -67.95 -65.32 31.08
CA GLU U 89 -68.69 -65.16 29.83
C GLU U 89 -67.73 -64.92 28.66
N ASP U 90 -66.56 -64.37 28.96
CA ASP U 90 -65.59 -64.01 27.93
C ASP U 90 -64.77 -65.20 27.45
N SER U 91 -65.05 -66.38 27.99
CA SER U 91 -64.38 -67.60 27.57
C SER U 91 -64.84 -68.03 26.20
N ALA U 92 -64.00 -67.82 25.19
CA ALA U 92 -64.36 -68.14 23.83
C ALA U 92 -63.13 -68.24 22.93
N VAL U 93 -63.36 -68.44 21.64
CA VAL U 93 -62.28 -68.40 20.66
C VAL U 93 -62.36 -67.13 19.85
N TYR U 94 -61.25 -66.41 19.77
CA TYR U 94 -61.23 -65.12 19.10
C TYR U 94 -60.44 -65.17 17.79
N TYR U 95 -61.07 -64.69 16.72
CA TYR U 95 -60.45 -64.67 15.40
C TYR U 95 -60.16 -63.25 14.95
N CYS U 96 -59.13 -63.08 14.14
CA CYS U 96 -58.90 -61.81 13.48
C CYS U 96 -59.15 -61.99 11.98
N ALA U 97 -60.07 -61.21 11.44
CA ALA U 97 -60.45 -61.35 10.04
C ALA U 97 -60.08 -60.11 9.23
N ARG U 98 -59.35 -60.31 8.14
CA ARG U 98 -58.89 -59.21 7.30
C ARG U 98 -59.97 -58.77 6.31
N ASP U 99 -60.04 -57.48 6.06
CA ASP U 99 -60.88 -56.95 5.00
C ASP U 99 -60.20 -57.20 3.66
N GLY U 100 -60.99 -57.23 2.58
CA GLY U 100 -60.47 -57.68 1.30
C GLY U 100 -59.98 -56.60 0.35
N ASP U 101 -60.36 -55.35 0.59
CA ASP U 101 -60.01 -54.27 -0.34
C ASP U 101 -58.76 -53.50 0.07
N TYR U 102 -58.07 -52.98 -0.94
CA TYR U 102 -56.79 -52.30 -0.75
C TYR U 102 -56.94 -50.82 -0.42
N TYR U 103 -56.56 -50.45 0.79
CA TYR U 103 -56.66 -49.07 1.28
C TYR U 103 -58.06 -48.50 1.16
N ARG U 104 -59.06 -49.33 1.41
CA ARG U 104 -60.44 -48.89 1.49
C ARG U 104 -61.30 -49.98 2.12
N TYR U 105 -62.30 -49.58 2.89
CA TYR U 105 -63.17 -50.54 3.55
C TYR U 105 -64.18 -51.11 2.56
N GLY U 106 -63.93 -52.35 2.13
CA GLY U 106 -64.80 -52.99 1.16
C GLY U 106 -65.92 -53.79 1.81
N ARG U 107 -65.89 -53.87 3.13
CA ARG U 107 -66.90 -54.59 3.90
C ARG U 107 -67.07 -56.04 3.47
N TYR U 108 -65.96 -56.74 3.32
CA TYR U 108 -66.01 -58.16 3.06
C TYR U 108 -64.80 -58.89 3.61
N PHE U 109 -65.05 -60.03 4.24
CA PHE U 109 -63.99 -60.77 4.92
C PHE U 109 -63.12 -61.53 3.95
N ASP U 110 -61.82 -61.38 4.11
CA ASP U 110 -60.85 -62.01 3.22
C ASP U 110 -60.28 -63.24 3.90
N TYR U 111 -59.17 -63.05 4.61
CA TYR U 111 -58.52 -64.16 5.30
C TYR U 111 -58.79 -64.11 6.81
N TRP U 112 -58.76 -65.28 7.44
CA TRP U 112 -58.95 -65.37 8.89
C TRP U 112 -57.72 -66.00 9.52
N GLY U 113 -57.57 -65.80 10.83
CA GLY U 113 -56.47 -66.41 11.56
C GLY U 113 -56.83 -67.83 11.96
N GLN U 114 -55.92 -68.52 12.62
CA GLN U 114 -56.17 -69.89 13.05
C GLN U 114 -57.02 -69.88 14.33
N GLY U 115 -57.10 -68.72 14.97
CA GLY U 115 -57.91 -68.57 16.15
C GLY U 115 -57.13 -68.68 17.44
N THR U 116 -57.60 -67.97 18.47
CA THR U 116 -56.96 -68.03 19.78
C THR U 116 -58.00 -68.37 20.86
N THR U 117 -57.84 -69.54 21.47
CA THR U 117 -58.76 -70.00 22.50
C THR U 117 -58.44 -69.40 23.85
N LEU U 118 -59.33 -68.54 24.34
CA LEU U 118 -59.16 -67.90 25.64
C LEU U 118 -60.07 -68.54 26.68
N THR U 119 -59.47 -69.16 27.68
CA THR U 119 -60.22 -69.80 28.75
C THR U 119 -60.16 -69.01 30.05
N VAL U 120 -61.33 -68.59 30.52
CA VAL U 120 -61.41 -67.85 31.77
C VAL U 120 -62.31 -68.60 32.74
N SER U 121 -61.70 -69.46 33.55
CA SER U 121 -62.44 -70.30 34.48
C SER U 121 -61.99 -70.04 35.92
N SER U 122 -62.91 -70.25 36.86
CA SER U 122 -62.63 -70.06 38.27
C SER U 122 -62.23 -71.38 38.92
N ALA U 123 -61.61 -72.27 38.16
CA ALA U 123 -61.25 -73.59 38.64
C ALA U 123 -59.76 -73.73 38.88
N LYS U 124 -59.41 -74.52 39.89
CA LYS U 124 -58.02 -74.84 40.18
C LYS U 124 -57.63 -76.15 39.50
N THR U 125 -56.33 -76.45 39.49
CA THR U 125 -55.83 -77.67 38.86
C THR U 125 -56.41 -78.90 39.56
N THR U 126 -57.26 -79.64 38.84
CA THR U 126 -57.94 -80.79 39.43
C THR U 126 -57.77 -82.05 38.59
N PRO U 127 -57.31 -83.15 39.23
CA PRO U 127 -57.19 -84.45 38.57
C PRO U 127 -58.56 -85.12 38.39
N PRO U 128 -58.72 -85.90 37.32
CA PRO U 128 -59.98 -86.56 36.98
C PRO U 128 -60.26 -87.80 37.83
N SER U 129 -61.54 -88.09 38.05
CA SER U 129 -61.95 -89.32 38.72
C SER U 129 -62.61 -90.25 37.70
N VAL U 130 -61.87 -91.26 37.27
CA VAL U 130 -62.34 -92.15 36.21
C VAL U 130 -63.27 -93.23 36.73
N TYR U 131 -64.40 -93.42 36.06
CA TYR U 131 -65.37 -94.44 36.43
C TYR U 131 -65.60 -95.41 35.28
N PRO U 132 -65.46 -96.72 35.56
CA PRO U 132 -65.69 -97.77 34.55
C PRO U 132 -67.16 -97.90 34.17
N LEU U 133 -67.41 -98.08 32.88
CA LEU U 133 -68.79 -98.19 32.38
C LEU U 133 -69.03 -99.54 31.70
N ALA U 134 -69.78 -100.40 32.37
CA ALA U 134 -70.11 -101.71 31.81
C ALA U 134 -71.58 -101.78 31.44
N PRO U 135 -71.92 -102.55 30.38
CA PRO U 135 -73.31 -102.73 29.95
C PRO U 135 -74.17 -103.37 31.03
N GLY U 136 -75.38 -102.85 31.21
CA GLY U 136 -76.26 -103.31 32.26
C GLY U 136 -77.20 -104.43 31.84
N SER U 137 -76.67 -105.38 31.09
CA SER U 137 -77.43 -106.56 30.64
C SER U 137 -78.72 -106.21 29.91
N ALA U 138 -78.76 -105.02 29.31
CA ALA U 138 -79.96 -104.55 28.63
C ALA U 138 -79.71 -104.26 27.16
N ALA U 139 -80.42 -104.96 26.30
CA ALA U 139 -80.35 -104.77 24.85
C ALA U 139 -78.94 -104.95 24.28
N GLN U 140 -78.49 -106.19 24.23
CA GLN U 140 -77.21 -106.51 23.59
C GLN U 140 -77.35 -107.74 22.70
N THR U 141 -76.92 -107.61 21.45
CA THR U 141 -76.97 -108.71 20.50
C THR U 141 -75.85 -109.71 20.77
N ASN U 142 -74.93 -109.32 21.66
CA ASN U 142 -73.78 -110.14 22.05
C ASN U 142 -72.90 -110.56 20.88
N SER U 143 -73.01 -109.84 19.77
CA SER U 143 -72.10 -110.03 18.66
C SER U 143 -70.76 -109.39 19.03
N MET U 144 -70.82 -108.11 19.36
CA MET U 144 -69.68 -107.40 19.94
C MET U 144 -70.17 -106.55 21.11
N VAL U 145 -69.27 -106.18 22.00
CA VAL U 145 -69.66 -105.51 23.24
C VAL U 145 -69.02 -104.13 23.40
N THR U 146 -69.84 -103.15 23.76
CA THR U 146 -69.37 -101.79 23.94
C THR U 146 -69.14 -101.47 25.42
N LEU U 147 -67.88 -101.16 25.75
CA LEU U 147 -67.51 -100.77 27.11
C LEU U 147 -67.17 -99.29 27.12
N GLY U 148 -66.91 -98.73 28.30
CA GLY U 148 -66.63 -97.31 28.38
C GLY U 148 -65.99 -96.79 29.65
N CYS U 149 -65.43 -95.58 29.56
CA CYS U 149 -64.88 -94.86 30.70
C CYS U 149 -65.55 -93.50 30.82
N LEU U 150 -65.75 -93.06 32.05
CA LEU U 150 -66.31 -91.72 32.28
C LEU U 150 -65.32 -90.85 33.05
N VAL U 151 -64.56 -90.06 32.31
CA VAL U 151 -63.61 -89.13 32.91
C VAL U 151 -64.36 -87.90 33.40
N LYS U 152 -64.47 -87.74 34.72
CA LYS U 152 -65.30 -86.70 35.30
C LYS U 152 -64.54 -85.77 36.25
N GLY U 153 -64.81 -84.47 36.14
CA GLY U 153 -64.26 -83.49 37.06
C GLY U 153 -62.76 -83.30 36.95
N TYR U 154 -62.30 -82.82 35.80
CA TYR U 154 -60.89 -82.54 35.60
C TYR U 154 -60.69 -81.12 35.06
N PHE U 155 -59.55 -80.52 35.41
CA PHE U 155 -59.24 -79.17 34.96
C PHE U 155 -57.74 -78.90 34.97
N PRO U 156 -57.22 -78.34 33.86
CA PRO U 156 -57.99 -78.09 32.65
C PRO U 156 -57.78 -79.18 31.60
N GLU U 157 -58.25 -78.93 30.38
CA GLU U 157 -58.03 -79.85 29.26
C GLU U 157 -56.56 -79.86 28.87
N PRO U 158 -56.09 -80.91 28.17
CA PRO U 158 -56.82 -82.11 27.75
C PRO U 158 -56.50 -83.36 28.57
N VAL U 159 -57.09 -84.47 28.17
CA VAL U 159 -56.83 -85.77 28.79
C VAL U 159 -56.74 -86.85 27.72
N THR U 160 -55.61 -87.54 27.65
CA THR U 160 -55.41 -88.60 26.67
C THR U 160 -55.89 -89.95 27.20
N VAL U 161 -56.90 -90.50 26.56
CA VAL U 161 -57.48 -91.77 27.00
C VAL U 161 -57.12 -92.91 26.04
N THR U 162 -56.47 -93.94 26.57
CA THR U 162 -56.12 -95.10 25.78
C THR U 162 -56.66 -96.37 26.42
N TRP U 163 -56.82 -97.43 25.62
CA TRP U 163 -57.33 -98.70 26.13
C TRP U 163 -56.26 -99.79 26.02
N ASN U 164 -55.99 -100.44 27.14
CA ASN U 164 -54.92 -101.45 27.24
C ASN U 164 -53.58 -100.91 26.77
N SER U 165 -53.32 -99.63 27.07
CA SER U 165 -52.11 -98.96 26.62
C SER U 165 -51.97 -99.00 25.10
N GLY U 166 -53.10 -98.90 24.41
CA GLY U 166 -53.11 -98.87 22.95
C GLY U 166 -53.02 -100.25 22.31
N SER U 167 -53.19 -101.29 23.11
CA SER U 167 -53.12 -102.67 22.60
C SER U 167 -54.27 -102.97 21.65
N LEU U 168 -55.44 -102.42 21.95
CA LEU U 168 -56.63 -102.64 21.12
C LEU U 168 -56.47 -101.98 19.76
N SER U 169 -56.11 -100.69 19.77
CA SER U 169 -55.82 -99.93 18.55
C SER U 169 -56.93 -99.99 17.51
N SER U 170 -58.18 -100.12 17.98
CA SER U 170 -59.33 -100.22 17.09
C SER U 170 -60.64 -100.02 17.84
N GLY U 171 -61.63 -99.46 17.16
CA GLY U 171 -62.95 -99.28 17.72
C GLY U 171 -62.99 -98.36 18.93
N VAL U 172 -61.99 -97.50 19.05
CA VAL U 172 -61.92 -96.56 20.17
C VAL U 172 -62.53 -95.23 19.78
N HIS U 173 -63.50 -94.77 20.57
CA HIS U 173 -64.17 -93.51 20.30
C HIS U 173 -64.17 -92.58 21.51
N THR U 174 -63.23 -91.64 21.51
CA THR U 174 -63.15 -90.65 22.58
C THR U 174 -63.96 -89.41 22.22
N PHE U 175 -64.98 -89.12 23.03
CA PHE U 175 -65.92 -88.04 22.74
C PHE U 175 -65.42 -86.68 23.23
N PRO U 176 -65.94 -85.59 22.65
CA PRO U 176 -65.57 -84.25 23.08
C PRO U 176 -65.95 -83.96 24.53
N ALA U 177 -65.18 -83.10 25.19
CA ALA U 177 -65.40 -82.79 26.60
C ALA U 177 -66.64 -81.94 26.82
N VAL U 178 -67.09 -81.88 28.07
CA VAL U 178 -68.25 -81.08 28.45
C VAL U 178 -67.98 -80.32 29.74
N LEU U 179 -68.29 -79.03 29.75
CA LEU U 179 -68.12 -78.23 30.96
C LEU U 179 -69.35 -78.33 31.84
N GLN U 180 -69.27 -79.16 32.87
CA GLN U 180 -70.36 -79.31 33.84
C GLN U 180 -70.02 -78.63 35.15
N SER U 181 -70.52 -77.42 35.33
CA SER U 181 -70.27 -76.62 36.53
C SER U 181 -68.78 -76.46 36.79
N ASP U 182 -68.12 -75.70 35.91
CA ASP U 182 -66.71 -75.32 36.08
C ASP U 182 -65.73 -76.50 35.97
N LEU U 183 -66.26 -77.70 35.78
CA LEU U 183 -65.40 -78.88 35.64
C LEU U 183 -65.65 -79.61 34.32
N TYR U 184 -64.56 -80.00 33.66
CA TYR U 184 -64.65 -80.70 32.39
C TYR U 184 -64.99 -82.18 32.58
N THR U 185 -65.65 -82.75 31.58
CA THR U 185 -66.07 -84.15 31.63
C THR U 185 -66.26 -84.73 30.24
N LEU U 186 -65.50 -85.77 29.93
CA LEU U 186 -65.68 -86.49 28.67
C LEU U 186 -65.88 -87.98 28.93
N SER U 187 -66.00 -88.75 27.86
CA SER U 187 -66.13 -90.20 27.98
C SER U 187 -65.54 -90.88 26.76
N SER U 188 -65.09 -92.12 26.93
CA SER U 188 -64.50 -92.89 25.85
C SER U 188 -65.05 -94.31 25.85
N SER U 189 -65.41 -94.80 24.67
CA SER U 189 -65.96 -96.14 24.55
C SER U 189 -65.15 -96.99 23.57
N VAL U 190 -65.24 -98.31 23.73
CA VAL U 190 -64.55 -99.23 22.84
C VAL U 190 -65.44 -100.45 22.55
N THR U 191 -65.42 -100.91 21.30
CA THR U 191 -66.23 -102.04 20.90
C THR U 191 -65.36 -103.26 20.59
N VAL U 192 -65.44 -104.26 21.46
CA VAL U 192 -64.67 -105.48 21.31
C VAL U 192 -65.60 -106.70 21.26
N PRO U 193 -65.16 -107.79 20.61
CA PRO U 193 -65.97 -109.00 20.52
C PRO U 193 -66.42 -109.54 21.89
N SER U 194 -67.63 -110.10 21.95
CA SER U 194 -68.16 -110.64 23.19
C SER U 194 -67.36 -111.85 23.65
N SER U 195 -66.65 -112.47 22.71
CA SER U 195 -65.81 -113.63 23.02
C SER U 195 -64.51 -113.19 23.67
N THR U 196 -64.30 -111.88 23.75
CA THR U 196 -63.06 -111.35 24.33
C THR U 196 -63.33 -110.54 25.60
N TRP U 197 -64.52 -110.68 26.16
CA TRP U 197 -64.89 -109.99 27.39
C TRP U 197 -66.07 -110.67 28.07
N PRO U 198 -66.03 -110.76 29.41
CA PRO U 198 -64.95 -110.32 30.28
C PRO U 198 -63.89 -111.39 30.53
N SER U 199 -63.84 -112.38 29.63
CA SER U 199 -62.87 -113.46 29.77
C SER U 199 -61.44 -112.94 29.64
N GLU U 200 -61.27 -111.87 28.86
CA GLU U 200 -59.99 -111.18 28.78
C GLU U 200 -60.07 -109.84 29.49
N THR U 201 -58.94 -109.38 30.03
CA THR U 201 -58.93 -108.15 30.81
C THR U 201 -58.74 -106.92 29.93
N VAL U 202 -59.69 -106.00 29.99
CA VAL U 202 -59.58 -104.72 29.30
C VAL U 202 -59.46 -103.59 30.32
N THR U 203 -58.57 -102.64 30.05
CA THR U 203 -58.29 -101.58 31.02
C THR U 203 -58.32 -100.20 30.36
N CYS U 204 -58.96 -99.25 31.03
CA CYS U 204 -59.01 -97.88 30.57
C CYS U 204 -57.82 -97.08 31.12
N ASN U 205 -57.03 -96.50 30.23
CA ASN U 205 -55.88 -95.71 30.64
C ASN U 205 -56.13 -94.23 30.42
N VAL U 206 -56.06 -93.46 31.50
CA VAL U 206 -56.38 -92.03 31.46
C VAL U 206 -55.22 -91.19 31.98
N ALA U 207 -54.72 -90.28 31.14
CA ALA U 207 -53.58 -89.45 31.50
C ALA U 207 -53.94 -87.97 31.54
N HIS U 208 -53.66 -87.33 32.66
CA HIS U 208 -53.92 -85.92 32.85
C HIS U 208 -52.63 -85.16 33.12
N PRO U 209 -51.94 -84.72 32.04
CA PRO U 209 -50.61 -84.11 32.09
C PRO U 209 -50.54 -82.85 32.96
N ALA U 210 -51.67 -82.18 33.16
CA ALA U 210 -51.70 -80.95 33.93
C ALA U 210 -51.51 -81.20 35.43
N SER U 211 -51.64 -82.46 35.84
CA SER U 211 -51.45 -82.82 37.24
C SER U 211 -50.62 -84.09 37.38
N SER U 212 -50.00 -84.50 36.28
CA SER U 212 -49.17 -85.71 36.22
C SER U 212 -49.92 -86.93 36.75
N THR U 213 -51.17 -87.06 36.33
CA THR U 213 -52.03 -88.15 36.78
C THR U 213 -52.19 -89.23 35.72
N LYS U 214 -51.88 -90.47 36.09
CA LYS U 214 -52.08 -91.59 35.19
C LYS U 214 -52.74 -92.74 35.94
N VAL U 215 -54.06 -92.80 35.86
CA VAL U 215 -54.82 -93.83 36.56
C VAL U 215 -55.35 -94.90 35.60
N ASP U 216 -55.45 -96.13 36.10
CA ASP U 216 -55.94 -97.25 35.31
C ASP U 216 -57.22 -97.83 35.91
N LYS U 217 -58.17 -98.15 35.06
CA LYS U 217 -59.43 -98.74 35.51
C LYS U 217 -59.80 -99.97 34.70
N LYS U 218 -59.99 -101.10 35.37
CA LYS U 218 -60.41 -102.32 34.71
C LYS U 218 -61.93 -102.39 34.62
N ILE U 219 -62.44 -102.60 33.41
CA ILE U 219 -63.88 -102.69 33.20
C ILE U 219 -64.44 -104.00 33.71
N VAL U 220 -65.16 -103.94 34.82
CA VAL U 220 -65.74 -105.14 35.43
C VAL U 220 -67.24 -105.00 35.64
N PRO U 221 -68.00 -106.07 35.38
CA PRO U 221 -69.46 -106.10 35.47
C PRO U 221 -69.97 -105.72 36.86
N ARG U 222 -70.73 -104.62 36.94
CA ARG U 222 -71.23 -104.14 38.22
C ARG U 222 -72.33 -105.06 38.75
N ASP U 223 -72.31 -105.30 40.06
CA ASP U 223 -73.31 -106.17 40.68
C ASP U 223 -74.63 -105.44 40.90
N CYS U 224 -75.71 -106.05 40.41
CA CYS U 224 -77.05 -105.51 40.54
C CYS U 224 -77.15 -104.08 39.98
N GLU V 1 -64.90 12.99 -53.22
CA GLU V 1 -66.01 13.66 -52.57
C GLU V 1 -67.13 12.68 -52.25
N VAL V 2 -68.06 13.10 -51.40
CA VAL V 2 -69.20 12.27 -51.03
C VAL V 2 -70.47 12.79 -51.68
N GLN V 3 -71.47 11.92 -51.79
CA GLN V 3 -72.74 12.30 -52.39
C GLN V 3 -73.92 11.66 -51.66
N LEU V 4 -75.04 12.37 -51.64
CA LEU V 4 -76.26 11.84 -51.05
C LEU V 4 -77.41 12.02 -52.02
N GLN V 5 -77.49 11.15 -53.02
CA GLN V 5 -78.54 11.23 -54.03
C GLN V 5 -79.82 10.58 -53.54
N GLN V 6 -80.90 11.35 -53.54
CA GLN V 6 -82.20 10.85 -53.10
C GLN V 6 -83.05 10.48 -54.30
N SER V 7 -84.24 9.95 -54.02
CA SER V 7 -85.18 9.58 -55.09
C SER V 7 -85.75 10.84 -55.74
N GLY V 8 -86.33 10.68 -56.92
CA GLY V 8 -86.94 11.79 -57.63
C GLY V 8 -88.22 12.25 -56.97
N PRO V 9 -88.75 13.40 -57.41
CA PRO V 9 -89.99 13.97 -56.87
C PRO V 9 -91.18 13.06 -57.15
N GLU V 10 -92.14 13.02 -56.24
CA GLU V 10 -93.28 12.15 -56.39
C GLU V 10 -94.61 12.86 -56.16
N LEU V 11 -95.67 12.33 -56.77
CA LEU V 11 -97.01 12.89 -56.66
C LEU V 11 -98.01 11.78 -56.33
N VAL V 12 -98.60 11.85 -55.15
CA VAL V 12 -99.55 10.82 -54.71
C VAL V 12 -100.84 11.43 -54.17
N ARG V 13 -101.83 10.57 -53.96
CA ARG V 13 -103.14 11.00 -53.50
C ARG V 13 -103.30 10.70 -52.02
N PRO V 14 -104.08 11.53 -51.31
CA PRO V 14 -104.33 11.36 -49.87
C PRO V 14 -104.78 9.94 -49.51
N GLY V 15 -104.24 9.39 -48.43
CA GLY V 15 -104.57 8.05 -48.00
C GLY V 15 -103.51 7.03 -48.37
N ALA V 16 -102.81 7.29 -49.47
CA ALA V 16 -101.78 6.39 -49.96
C ALA V 16 -100.50 6.48 -49.13
N SER V 17 -99.46 5.78 -49.57
CA SER V 17 -98.18 5.77 -48.86
C SER V 17 -97.02 5.43 -49.79
N MET V 18 -95.95 6.20 -49.69
CA MET V 18 -94.78 5.99 -50.53
C MET V 18 -93.48 6.00 -49.70
N LYS V 19 -92.37 5.67 -50.36
CA LYS V 19 -91.08 5.56 -49.67
C LYS V 19 -89.97 6.29 -50.42
N ILE V 20 -89.30 7.20 -49.73
CA ILE V 20 -88.18 7.96 -50.31
C ILE V 20 -86.85 7.24 -50.08
N SER V 21 -86.01 7.19 -51.10
CA SER V 21 -84.69 6.58 -50.96
C SER V 21 -83.61 7.66 -50.81
N CYS V 22 -82.42 7.23 -50.42
CA CYS V 22 -81.29 8.14 -50.25
C CYS V 22 -79.98 7.40 -50.36
N LYS V 23 -79.47 7.25 -51.58
CA LYS V 23 -78.26 6.47 -51.81
C LYS V 23 -77.00 7.25 -51.47
N ALA V 24 -76.19 6.68 -50.58
CA ALA V 24 -74.94 7.31 -50.16
C ALA V 24 -73.77 6.78 -50.98
N SER V 25 -72.72 7.59 -51.08
CA SER V 25 -71.53 7.21 -51.84
C SER V 25 -70.34 8.07 -51.47
N GLY V 26 -69.15 7.48 -51.46
CA GLY V 26 -67.94 8.22 -51.20
C GLY V 26 -67.41 8.02 -49.80
N TYR V 27 -68.09 7.18 -49.01
CA TYR V 27 -67.67 6.90 -47.65
C TYR V 27 -68.21 5.58 -47.14
N SER V 28 -67.66 5.11 -46.02
CA SER V 28 -68.14 3.91 -45.36
C SER V 28 -69.55 4.15 -44.81
N PHE V 29 -70.53 3.58 -45.48
CA PHE V 29 -71.93 3.89 -45.21
C PHE V 29 -72.38 3.53 -43.80
N THR V 30 -71.89 2.42 -43.27
CA THR V 30 -72.32 1.93 -41.97
C THR V 30 -71.72 2.71 -40.81
N GLY V 31 -70.88 3.70 -41.13
CA GLY V 31 -70.18 4.45 -40.11
C GLY V 31 -70.87 5.74 -39.69
N TYR V 32 -71.82 6.20 -40.50
CA TYR V 32 -72.48 7.47 -40.22
C TYR V 32 -74.00 7.33 -40.17
N THR V 33 -74.60 7.77 -39.08
CA THR V 33 -76.06 7.72 -38.94
C THR V 33 -76.73 8.82 -39.76
N MET V 34 -77.91 8.52 -40.29
CA MET V 34 -78.62 9.45 -41.16
C MET V 34 -79.81 10.11 -40.48
N ASN V 35 -79.92 11.43 -40.65
CA ASN V 35 -81.08 12.17 -40.18
C ASN V 35 -82.07 12.38 -41.33
N TRP V 36 -83.29 12.74 -41.00
CA TRP V 36 -84.29 13.10 -42.00
C TRP V 36 -85.02 14.38 -41.61
N VAL V 37 -84.99 15.38 -42.48
CA VAL V 37 -85.61 16.66 -42.19
C VAL V 37 -86.71 16.97 -43.19
N LYS V 38 -87.85 17.43 -42.68
CA LYS V 38 -89.00 17.80 -43.51
C LYS V 38 -89.15 19.31 -43.62
N GLN V 39 -89.14 19.83 -44.83
CA GLN V 39 -89.29 21.27 -45.05
C GLN V 39 -90.62 21.59 -45.72
N SER V 40 -91.59 22.05 -44.93
CA SER V 40 -92.90 22.43 -45.44
C SER V 40 -93.03 23.94 -45.65
N HIS V 41 -94.11 24.35 -46.30
CA HIS V 41 -94.35 25.75 -46.56
C HIS V 41 -94.90 26.49 -45.34
N GLY V 42 -95.97 25.95 -44.77
CA GLY V 42 -96.62 26.58 -43.63
C GLY V 42 -95.81 26.58 -42.35
N LYS V 43 -95.06 25.51 -42.13
CA LYS V 43 -94.27 25.35 -40.92
C LYS V 43 -92.79 25.29 -41.27
N ASN V 44 -91.92 25.53 -40.30
CA ASN V 44 -90.48 25.48 -40.58
C ASN V 44 -90.00 24.06 -40.83
N LEU V 45 -88.71 23.92 -41.11
CA LEU V 45 -88.14 22.57 -41.29
C LEU V 45 -88.15 21.81 -39.95
N GLU V 46 -88.73 20.62 -39.97
CA GLU V 46 -88.89 19.78 -38.79
C GLU V 46 -88.10 18.47 -38.88
N TRP V 47 -87.25 18.23 -37.89
CA TRP V 47 -86.48 17.00 -37.80
C TRP V 47 -87.42 15.82 -37.59
N ILE V 48 -87.20 14.77 -38.37
CA ILE V 48 -88.06 13.59 -38.33
C ILE V 48 -87.45 12.53 -37.43
N GLY V 49 -86.54 11.75 -37.98
CA GLY V 49 -85.89 10.70 -37.23
C GLY V 49 -84.43 10.53 -37.60
N LEU V 50 -83.73 9.69 -36.84
CA LEU V 50 -82.36 9.30 -37.20
C LEU V 50 -82.26 7.78 -37.18
N ILE V 51 -81.30 7.24 -37.92
CA ILE V 51 -81.11 5.79 -37.97
C ILE V 51 -79.65 5.41 -38.14
N ASN V 52 -79.19 4.46 -37.34
CA ASN V 52 -77.83 3.95 -37.43
C ASN V 52 -77.76 2.77 -38.39
N PRO V 53 -77.05 2.96 -39.51
CA PRO V 53 -76.91 1.92 -40.55
C PRO V 53 -76.33 0.61 -40.02
N TYR V 54 -75.44 0.71 -39.04
CA TYR V 54 -74.80 -0.47 -38.48
C TYR V 54 -75.79 -1.22 -37.58
N ASN V 55 -76.25 -0.52 -36.54
CA ASN V 55 -77.16 -1.12 -35.56
C ASN V 55 -78.53 -1.42 -36.11
N GLY V 56 -79.02 -0.54 -36.98
CA GLY V 56 -80.40 -0.63 -37.45
C GLY V 56 -81.29 0.14 -36.49
N GLY V 57 -80.68 0.65 -35.42
CA GLY V 57 -81.39 1.38 -34.40
C GLY V 57 -81.98 2.67 -34.92
N THR V 58 -83.16 3.02 -34.42
CA THR V 58 -83.85 4.22 -34.86
C THR V 58 -84.27 5.10 -33.69
N SER V 59 -84.44 6.39 -33.95
CA SER V 59 -84.96 7.33 -32.97
C SER V 59 -85.81 8.37 -33.66
N TYR V 60 -87.12 8.33 -33.43
CA TYR V 60 -88.06 9.21 -34.13
C TYR V 60 -88.46 10.41 -33.27
N ASN V 61 -88.91 11.47 -33.93
CA ASN V 61 -89.56 12.58 -33.25
C ASN V 61 -90.93 12.11 -32.79
N GLN V 62 -91.37 12.59 -31.63
CA GLN V 62 -92.67 12.21 -31.09
C GLN V 62 -93.79 12.65 -32.03
N LYS V 63 -93.53 13.71 -32.78
CA LYS V 63 -94.48 14.25 -33.73
C LYS V 63 -94.75 13.30 -34.89
N PHE V 64 -93.75 12.49 -35.25
CA PHE V 64 -93.85 11.63 -36.42
C PHE V 64 -93.86 10.14 -36.08
N LYS V 65 -94.25 9.80 -34.86
CA LYS V 65 -94.40 8.42 -34.45
C LYS V 65 -95.52 7.74 -35.23
N GLY V 66 -95.14 6.86 -36.15
CA GLY V 66 -96.12 6.16 -36.97
C GLY V 66 -96.28 6.77 -38.34
N LYS V 67 -95.96 8.06 -38.44
CA LYS V 67 -96.04 8.76 -39.72
C LYS V 67 -94.85 8.36 -40.60
N ALA V 68 -93.70 8.12 -39.98
CA ALA V 68 -92.50 7.76 -40.71
C ALA V 68 -91.88 6.47 -40.20
N THR V 69 -91.17 5.78 -41.09
CA THR V 69 -90.49 4.54 -40.75
C THR V 69 -89.16 4.46 -41.48
N LEU V 70 -88.07 4.52 -40.73
CA LEU V 70 -86.73 4.54 -41.32
C LEU V 70 -86.13 3.14 -41.43
N THR V 71 -85.77 2.76 -42.64
CA THR V 71 -85.08 1.50 -42.86
C THR V 71 -83.74 1.76 -43.55
N VAL V 72 -83.00 0.70 -43.83
CA VAL V 72 -81.67 0.85 -44.41
C VAL V 72 -81.19 -0.45 -45.05
N ASP V 73 -80.64 -0.34 -46.25
CA ASP V 73 -80.06 -1.48 -46.93
C ASP V 73 -78.54 -1.30 -47.05
N LYS V 74 -77.80 -2.07 -46.23
CA LYS V 74 -76.36 -1.92 -46.15
C LYS V 74 -75.65 -2.27 -47.45
N SER V 75 -76.21 -3.23 -48.19
CA SER V 75 -75.57 -3.72 -49.41
C SER V 75 -75.50 -2.64 -50.49
N SER V 76 -76.59 -1.91 -50.67
CA SER V 76 -76.66 -0.88 -51.69
C SER V 76 -76.30 0.50 -51.14
N SER V 77 -75.98 0.53 -49.84
CA SER V 77 -75.63 1.77 -49.15
C SER V 77 -76.70 2.83 -49.31
N THR V 78 -77.93 2.49 -48.93
CA THR V 78 -79.07 3.37 -49.12
C THR V 78 -79.95 3.46 -47.88
N ALA V 79 -80.40 4.67 -47.56
CA ALA V 79 -81.34 4.88 -46.47
C ALA V 79 -82.74 5.16 -47.02
N TYR V 80 -83.74 4.59 -46.38
CA TYR V 80 -85.12 4.73 -46.85
C TYR V 80 -86.01 5.38 -45.78
N MET V 81 -87.01 6.14 -46.23
CA MET V 81 -88.02 6.68 -45.32
C MET V 81 -89.42 6.49 -45.89
N GLU V 82 -90.21 5.66 -45.23
CA GLU V 82 -91.58 5.39 -45.66
C GLU V 82 -92.57 6.25 -44.89
N LEU V 83 -93.42 6.98 -45.61
CA LEU V 83 -94.44 7.82 -45.01
C LEU V 83 -95.82 7.21 -45.21
N LEU V 84 -96.51 6.92 -44.11
CA LEU V 84 -97.79 6.23 -44.16
C LEU V 84 -98.97 7.17 -43.92
N SER V 85 -100.13 6.78 -44.44
CA SER V 85 -101.37 7.55 -44.28
C SER V 85 -101.19 9.01 -44.68
N LEU V 86 -100.66 9.21 -45.89
CA LEU V 86 -100.34 10.54 -46.38
C LEU V 86 -101.56 11.44 -46.51
N THR V 87 -101.38 12.68 -46.07
CA THR V 87 -102.42 13.70 -46.18
C THR V 87 -101.87 14.95 -46.85
N SER V 88 -102.68 16.00 -46.92
CA SER V 88 -102.25 17.24 -47.54
C SER V 88 -101.18 17.93 -46.69
N GLU V 89 -101.15 17.58 -45.41
CA GLU V 89 -100.19 18.17 -44.47
C GLU V 89 -98.79 17.64 -44.72
N ASP V 90 -98.70 16.43 -45.28
CA ASP V 90 -97.42 15.77 -45.49
C ASP V 90 -96.76 16.24 -46.79
N SER V 91 -97.41 17.18 -47.48
CA SER V 91 -96.85 17.75 -48.70
C SER V 91 -95.70 18.69 -48.36
N ALA V 92 -94.49 18.25 -48.63
CA ALA V 92 -93.29 19.04 -48.29
C ALA V 92 -92.06 18.55 -49.04
N VAL V 93 -90.92 19.15 -48.72
CA VAL V 93 -89.64 18.70 -49.27
C VAL V 93 -88.87 17.96 -48.17
N TYR V 94 -88.43 16.74 -48.48
CA TYR V 94 -87.77 15.92 -47.48
C TYR V 94 -86.28 15.74 -47.79
N TYR V 95 -85.45 16.03 -46.79
CA TYR V 95 -84.01 15.89 -46.94
C TYR V 95 -83.46 14.79 -46.05
N CYS V 96 -82.36 14.18 -46.48
CA CYS V 96 -81.63 13.27 -45.61
C CYS V 96 -80.27 13.88 -45.27
N ALA V 97 -80.03 14.07 -43.98
CA ALA V 97 -78.80 14.72 -43.52
C ALA V 97 -77.92 13.76 -42.73
N ARG V 98 -76.66 13.67 -43.14
CA ARG V 98 -75.71 12.76 -42.49
C ARG V 98 -75.12 13.36 -41.23
N ASP V 99 -74.90 12.53 -40.21
CA ASP V 99 -74.18 12.95 -39.02
C ASP V 99 -72.69 12.98 -39.36
N GLY V 100 -71.92 13.74 -38.58
CA GLY V 100 -70.55 14.02 -38.94
C GLY V 100 -69.48 13.12 -38.35
N ASP V 101 -69.82 12.35 -37.32
CA ASP V 101 -68.82 11.53 -36.64
C ASP V 101 -68.80 10.08 -37.11
N TYR V 102 -67.62 9.47 -37.02
CA TYR V 102 -67.38 8.11 -37.51
C TYR V 102 -67.70 7.06 -36.46
N TYR V 103 -68.73 6.26 -36.74
CA TYR V 103 -69.20 5.20 -35.84
C TYR V 103 -69.50 5.71 -34.43
N ARG V 104 -70.06 6.91 -34.35
CA ARG V 104 -70.56 7.47 -33.11
C ARG V 104 -71.44 8.69 -33.40
N TYR V 105 -72.47 8.88 -32.58
CA TYR V 105 -73.39 9.99 -32.77
C TYR V 105 -72.78 11.30 -32.25
N GLY V 106 -72.33 12.15 -33.16
CA GLY V 106 -71.70 13.40 -32.79
C GLY V 106 -72.66 14.57 -32.66
N ARG V 107 -73.93 14.32 -33.00
CA ARG V 107 -74.98 15.33 -32.95
C ARG V 107 -74.66 16.58 -33.77
N TYR V 108 -74.18 16.39 -34.99
CA TYR V 108 -73.98 17.53 -35.87
C TYR V 108 -74.11 17.17 -37.34
N PHE V 109 -74.80 18.04 -38.08
CA PHE V 109 -75.13 17.78 -39.47
C PHE V 109 -73.95 18.00 -40.40
N ASP V 110 -73.71 17.02 -41.26
CA ASP V 110 -72.60 17.05 -42.19
C ASP V 110 -73.08 17.40 -43.59
N TYR V 111 -73.39 16.36 -44.38
CA TYR V 111 -73.86 16.54 -45.74
C TYR V 111 -75.37 16.35 -45.86
N TRP V 112 -75.98 17.01 -46.85
CA TRP V 112 -77.41 16.88 -47.12
C TRP V 112 -77.64 16.39 -48.54
N GLY V 113 -78.84 15.87 -48.78
CA GLY V 113 -79.22 15.45 -50.12
C GLY V 113 -79.74 16.63 -50.92
N GLN V 114 -80.11 16.39 -52.18
CA GLN V 114 -80.63 17.47 -53.01
C GLN V 114 -82.09 17.75 -52.68
N GLY V 115 -82.72 16.82 -51.96
CA GLY V 115 -84.09 16.99 -51.55
C GLY V 115 -85.08 16.27 -52.45
N THR V 116 -86.20 15.85 -51.87
CA THR V 116 -87.26 15.21 -52.63
C THR V 116 -88.58 15.91 -52.36
N THR V 117 -89.13 16.55 -53.40
CA THR V 117 -90.38 17.28 -53.26
C THR V 117 -91.57 16.34 -53.36
N LEU V 118 -92.27 16.17 -52.24
CA LEU V 118 -93.46 15.31 -52.21
C LEU V 118 -94.75 16.14 -52.17
N THR V 119 -95.54 16.03 -53.22
CA THR V 119 -96.82 16.74 -53.30
C THR V 119 -97.99 15.78 -53.17
N VAL V 120 -98.83 16.01 -52.15
CA VAL V 120 -100.01 15.19 -51.92
C VAL V 120 -101.28 16.03 -52.01
N SER V 121 -101.87 16.05 -53.20
CA SER V 121 -103.08 16.83 -53.44
C SER V 121 -104.18 15.98 -54.06
N SER V 122 -105.42 16.33 -53.77
CA SER V 122 -106.57 15.56 -54.25
C SER V 122 -107.00 16.00 -55.65
N ALA V 123 -106.52 17.18 -56.07
CA ALA V 123 -106.94 17.77 -57.34
C ALA V 123 -106.49 16.95 -58.54
N LYS V 124 -107.33 16.91 -59.57
CA LYS V 124 -107.01 16.21 -60.80
C LYS V 124 -106.22 17.11 -61.75
N THR V 125 -105.71 16.53 -62.82
CA THR V 125 -104.96 17.28 -63.82
C THR V 125 -105.83 18.37 -64.45
N THR V 126 -105.38 19.62 -64.34
CA THR V 126 -106.16 20.75 -64.84
C THR V 126 -105.33 21.71 -65.68
N PRO V 127 -105.77 21.97 -66.92
CA PRO V 127 -105.15 22.96 -67.79
C PRO V 127 -105.31 24.37 -67.24
N PRO V 128 -104.32 25.25 -67.47
CA PRO V 128 -104.33 26.60 -66.93
C PRO V 128 -105.23 27.57 -67.69
N SER V 129 -105.92 28.43 -66.96
CA SER V 129 -106.70 29.50 -67.57
C SER V 129 -105.85 30.76 -67.65
N VAL V 130 -105.41 31.11 -68.85
CA VAL V 130 -104.49 32.23 -69.05
C VAL V 130 -105.24 33.55 -69.30
N TYR V 131 -104.90 34.55 -68.50
CA TYR V 131 -105.52 35.87 -68.62
C TYR V 131 -104.48 36.95 -68.92
N PRO V 132 -104.75 37.78 -69.94
CA PRO V 132 -103.88 38.90 -70.31
C PRO V 132 -104.01 40.07 -69.33
N LEU V 133 -102.88 40.67 -68.95
CA LEU V 133 -102.90 41.81 -68.03
C LEU V 133 -102.16 43.01 -68.61
N ALA V 134 -102.86 44.14 -68.70
CA ALA V 134 -102.26 45.36 -69.25
C ALA V 134 -102.62 46.59 -68.42
N PRO V 135 -101.71 47.57 -68.37
CA PRO V 135 -101.98 48.85 -67.72
C PRO V 135 -102.36 49.94 -68.72
N GLY V 136 -103.47 50.63 -68.47
CA GLY V 136 -103.91 51.69 -69.34
C GLY V 136 -104.02 53.01 -68.58
N SER V 137 -103.38 54.05 -69.12
CA SER V 137 -103.33 55.37 -68.50
C SER V 137 -102.83 55.30 -67.06
N ALA V 138 -101.85 54.43 -66.83
CA ALA V 138 -101.31 54.23 -65.49
C ALA V 138 -99.79 54.16 -65.51
N ALA V 139 -99.18 54.55 -64.40
CA ALA V 139 -97.73 54.49 -64.20
C ALA V 139 -96.95 55.25 -65.28
N GLN V 140 -95.92 54.61 -65.81
CA GLN V 140 -95.00 55.24 -66.74
C GLN V 140 -95.67 55.65 -68.05
N THR V 141 -95.25 56.81 -68.56
CA THR V 141 -95.74 57.32 -69.84
C THR V 141 -94.57 57.67 -70.75
N ASN V 142 -94.65 57.25 -72.00
CA ASN V 142 -93.58 57.42 -72.98
C ASN V 142 -92.26 56.86 -72.48
N SER V 143 -92.35 55.83 -71.64
CA SER V 143 -91.19 55.12 -71.13
C SER V 143 -91.35 53.65 -71.46
N MET V 144 -90.69 52.79 -70.70
CA MET V 144 -90.90 51.36 -70.84
C MET V 144 -92.27 50.99 -70.27
N VAL V 145 -93.06 50.24 -71.03
CA VAL V 145 -94.35 49.79 -70.53
C VAL V 145 -94.26 48.32 -70.10
N THR V 146 -94.79 48.03 -68.91
CA THR V 146 -94.72 46.69 -68.36
C THR V 146 -96.01 45.92 -68.61
N LEU V 147 -95.91 44.81 -69.32
CA LEU V 147 -97.06 43.97 -69.63
C LEU V 147 -97.03 42.69 -68.80
N GLY V 148 -98.19 42.10 -68.58
CA GLY V 148 -98.29 40.93 -67.73
C GLY V 148 -99.16 39.81 -68.28
N CYS V 149 -99.02 38.64 -67.68
CA CYS V 149 -99.79 37.47 -68.09
C CYS V 149 -100.04 36.56 -66.88
N LEU V 150 -101.31 36.33 -66.58
CA LEU V 150 -101.68 35.56 -65.39
C LEU V 150 -102.06 34.12 -65.72
N VAL V 151 -101.26 33.18 -65.20
CA VAL V 151 -101.55 31.76 -65.34
C VAL V 151 -102.26 31.26 -64.10
N LYS V 152 -103.58 31.09 -64.18
CA LYS V 152 -104.39 30.83 -62.99
C LYS V 152 -105.04 29.45 -62.98
N GLY V 153 -104.97 28.80 -61.82
CA GLY V 153 -105.66 27.54 -61.58
C GLY V 153 -105.23 26.39 -62.47
N TYR V 154 -104.06 25.83 -62.17
CA TYR V 154 -103.56 24.67 -62.92
C TYR V 154 -102.92 23.66 -61.97
N PHE V 155 -102.76 22.43 -62.47
CA PHE V 155 -102.20 21.34 -61.68
C PHE V 155 -101.80 20.17 -62.57
N PRO V 156 -100.59 19.64 -62.36
CA PRO V 156 -99.60 20.15 -61.41
C PRO V 156 -98.52 20.99 -62.08
N GLU V 157 -97.50 21.36 -61.31
CA GLU V 157 -96.35 22.07 -61.84
C GLU V 157 -95.58 21.19 -62.83
N PRO V 158 -94.79 21.80 -63.73
CA PRO V 158 -94.58 23.24 -63.93
C PRO V 158 -95.30 23.79 -65.16
N VAL V 159 -95.04 25.06 -65.47
CA VAL V 159 -95.53 25.67 -66.70
C VAL V 159 -94.45 26.56 -67.29
N THR V 160 -94.14 26.34 -68.58
CA THR V 160 -93.12 27.14 -69.24
C THR V 160 -93.73 28.34 -69.94
N VAL V 161 -93.37 29.53 -69.47
CA VAL V 161 -93.91 30.77 -70.04
C VAL V 161 -92.87 31.52 -70.87
N THR V 162 -93.23 31.80 -72.13
CA THR V 162 -92.38 32.57 -73.01
C THR V 162 -93.18 33.70 -73.64
N TRP V 163 -92.47 34.66 -74.22
CA TRP V 163 -93.13 35.81 -74.85
C TRP V 163 -92.83 35.88 -76.35
N ASN V 164 -93.87 36.13 -77.13
CA ASN V 164 -93.80 36.14 -78.59
C ASN V 164 -93.25 34.84 -79.16
N SER V 165 -93.55 33.73 -78.48
CA SER V 165 -93.09 32.40 -78.88
C SER V 165 -91.58 32.35 -79.09
N GLY V 166 -90.85 32.94 -78.14
CA GLY V 166 -89.42 33.11 -78.29
C GLY V 166 -89.14 34.38 -79.07
N SER V 167 -87.95 34.45 -79.66
CA SER V 167 -87.53 35.61 -80.48
C SER V 167 -87.60 36.94 -79.72
N LEU V 168 -87.73 36.86 -78.39
CA LEU V 168 -87.77 38.05 -77.55
C LEU V 168 -86.82 37.87 -76.36
N SER V 169 -85.76 38.68 -76.35
CA SER V 169 -84.70 38.54 -75.36
C SER V 169 -84.84 39.51 -74.20
N SER V 170 -84.53 39.03 -72.99
CA SER V 170 -84.48 39.85 -71.78
C SER V 170 -85.81 40.51 -71.42
N GLY V 171 -85.79 41.26 -70.33
CA GLY V 171 -86.96 41.99 -69.87
C GLY V 171 -88.12 41.10 -69.47
N VAL V 172 -87.81 39.87 -69.08
CA VAL V 172 -88.84 38.91 -68.73
C VAL V 172 -88.72 38.42 -67.29
N HIS V 173 -89.82 38.46 -66.56
CA HIS V 173 -89.85 38.00 -65.17
C HIS V 173 -90.99 37.02 -64.92
N THR V 174 -90.65 35.81 -64.49
CA THR V 174 -91.65 34.80 -64.16
C THR V 174 -91.61 34.47 -62.68
N PHE V 175 -92.65 34.86 -61.97
CA PHE V 175 -92.70 34.72 -60.52
C PHE V 175 -93.14 33.33 -60.09
N PRO V 176 -92.61 32.84 -58.95
CA PRO V 176 -92.98 31.53 -58.38
C PRO V 176 -94.47 31.41 -58.13
N ALA V 177 -95.01 30.19 -58.26
CA ALA V 177 -96.44 29.97 -58.14
C ALA V 177 -96.89 29.93 -56.68
N VAL V 178 -98.20 30.10 -56.48
CA VAL V 178 -98.80 29.95 -55.16
C VAL V 178 -99.99 28.99 -55.26
N LEU V 179 -100.42 28.44 -54.12
CA LEU V 179 -101.53 27.51 -54.13
C LEU V 179 -102.79 28.10 -53.51
N GLN V 180 -103.65 28.67 -54.36
CA GLN V 180 -104.96 29.14 -53.93
C GLN V 180 -106.02 28.16 -54.39
N SER V 181 -106.88 27.75 -53.46
CA SER V 181 -107.94 26.78 -53.74
C SER V 181 -107.40 25.48 -54.34
N ASP V 182 -106.32 24.97 -53.75
CA ASP V 182 -105.73 23.69 -54.12
C ASP V 182 -105.27 23.63 -55.59
N LEU V 183 -104.95 24.78 -56.15
CA LEU V 183 -104.46 24.86 -57.52
C LEU V 183 -103.34 25.90 -57.64
N TYR V 184 -102.34 25.60 -58.47
CA TYR V 184 -101.21 26.49 -58.66
C TYR V 184 -101.59 27.70 -59.50
N THR V 185 -100.88 28.81 -59.29
CA THR V 185 -101.14 30.05 -60.01
C THR V 185 -99.92 30.97 -59.99
N LEU V 186 -99.39 31.28 -61.17
CA LEU V 186 -98.29 32.23 -61.28
C LEU V 186 -98.56 33.28 -62.34
N SER V 187 -97.84 34.39 -62.26
CA SER V 187 -97.98 35.45 -63.26
C SER V 187 -96.62 35.83 -63.83
N SER V 188 -96.59 36.13 -65.12
CA SER V 188 -95.37 36.53 -65.79
C SER V 188 -95.40 38.01 -66.15
N SER V 189 -94.23 38.58 -66.39
CA SER V 189 -94.14 40.01 -66.67
C SER V 189 -93.04 40.30 -67.69
N VAL V 190 -93.39 41.12 -68.69
CA VAL V 190 -92.42 41.54 -69.69
C VAL V 190 -92.44 43.05 -69.82
N THR V 191 -91.27 43.66 -70.02
CA THR V 191 -91.17 45.10 -70.15
C THR V 191 -90.59 45.49 -71.50
N VAL V 192 -91.46 46.01 -72.37
CA VAL V 192 -91.06 46.42 -73.71
C VAL V 192 -91.24 47.92 -73.89
N PRO V 193 -90.47 48.53 -74.80
CA PRO V 193 -90.62 49.96 -75.10
C PRO V 193 -92.04 50.33 -75.51
N SER V 194 -92.51 51.50 -75.09
CA SER V 194 -93.86 51.95 -75.41
C SER V 194 -94.03 52.23 -76.89
N SER V 195 -92.92 52.38 -77.59
CA SER V 195 -92.94 52.59 -79.03
C SER V 195 -93.15 51.28 -79.77
N THR V 196 -93.15 50.17 -79.03
CA THR V 196 -93.30 48.85 -79.61
C THR V 196 -94.58 48.15 -79.12
N TRP V 197 -95.43 48.89 -78.43
CA TRP V 197 -96.69 48.36 -77.94
C TRP V 197 -97.66 49.49 -77.60
N PRO V 198 -98.94 49.33 -77.98
CA PRO V 198 -99.48 48.20 -78.72
C PRO V 198 -99.38 48.34 -80.23
N SER V 199 -98.41 49.13 -80.69
CA SER V 199 -98.18 49.30 -82.12
C SER V 199 -97.79 47.96 -82.74
N GLU V 200 -97.01 47.18 -81.99
CA GLU V 200 -96.66 45.83 -82.39
C GLU V 200 -97.23 44.83 -81.41
N THR V 201 -97.60 43.65 -81.92
CA THR V 201 -98.28 42.64 -81.11
C THR V 201 -97.33 41.93 -80.15
N VAL V 202 -97.75 41.84 -78.89
CA VAL V 202 -96.99 41.11 -77.87
C VAL V 202 -97.80 39.94 -77.34
N THR V 203 -97.26 38.73 -77.47
CA THR V 203 -98.02 37.53 -77.14
C THR V 203 -97.43 36.77 -75.95
N CYS V 204 -98.32 36.29 -75.09
CA CYS V 204 -97.93 35.48 -73.94
C CYS V 204 -98.11 34.00 -74.24
N ASN V 205 -97.01 33.24 -74.19
CA ASN V 205 -97.04 31.81 -74.48
C ASN V 205 -96.97 30.96 -73.23
N VAL V 206 -98.00 30.17 -72.98
CA VAL V 206 -98.04 29.32 -71.79
C VAL V 206 -98.21 27.85 -72.15
N ALA V 207 -97.25 27.04 -71.73
CA ALA V 207 -97.29 25.60 -72.01
C ALA V 207 -97.42 24.79 -70.72
N HIS V 208 -98.34 23.83 -70.73
CA HIS V 208 -98.58 22.96 -69.58
C HIS V 208 -98.39 21.51 -69.97
N PRO V 209 -97.15 21.00 -69.82
CA PRO V 209 -96.74 19.66 -70.27
C PRO V 209 -97.58 18.52 -69.69
N ALA V 210 -98.23 18.76 -68.55
CA ALA V 210 -98.99 17.71 -67.87
C ALA V 210 -100.36 17.49 -68.51
N SER V 211 -100.64 18.23 -69.59
CA SER V 211 -101.90 18.07 -70.31
C SER V 211 -101.74 18.41 -71.79
N SER V 212 -100.47 18.54 -72.21
CA SER V 212 -100.14 18.87 -73.60
C SER V 212 -100.85 20.13 -74.08
N THR V 213 -100.92 21.13 -73.21
CA THR V 213 -101.62 22.38 -73.51
C THR V 213 -100.64 23.47 -73.91
N LYS V 214 -100.84 24.04 -75.09
CA LYS V 214 -100.03 25.16 -75.54
C LYS V 214 -100.94 26.30 -76.02
N VAL V 215 -101.13 27.30 -75.16
CA VAL V 215 -102.03 28.40 -75.47
C VAL V 215 -101.28 29.72 -75.62
N ASP V 216 -101.64 30.48 -76.65
CA ASP V 216 -101.08 31.80 -76.87
C ASP V 216 -102.07 32.89 -76.47
N LYS V 217 -101.58 33.92 -75.79
CA LYS V 217 -102.44 35.01 -75.36
C LYS V 217 -101.87 36.38 -75.76
N LYS V 218 -102.58 37.05 -76.65
CA LYS V 218 -102.20 38.39 -77.10
C LYS V 218 -102.39 39.40 -75.98
N ILE V 219 -101.46 40.35 -75.87
CA ILE V 219 -101.57 41.40 -74.86
C ILE V 219 -102.01 42.70 -75.51
N VAL V 220 -103.16 43.20 -75.09
CA VAL V 220 -103.76 44.38 -75.69
C VAL V 220 -104.20 45.39 -74.64
N PRO V 221 -104.32 46.67 -75.04
CA PRO V 221 -104.85 47.67 -74.11
C PRO V 221 -106.29 47.36 -73.70
N ARG V 222 -106.67 47.76 -72.50
CA ARG V 222 -108.00 47.49 -72.00
C ARG V 222 -108.93 48.66 -72.29
N ASP V 223 -110.20 48.37 -72.56
CA ASP V 223 -111.18 49.43 -72.75
C ASP V 223 -112.12 49.53 -71.56
N CYS V 224 -112.40 50.77 -71.15
CA CYS V 224 -113.29 51.07 -70.04
C CYS V 224 -114.57 50.23 -70.05
N GLU W 1 -77.86 -44.86 -48.24
CA GLU W 1 -79.23 -44.65 -47.74
C GLU W 1 -79.41 -45.26 -46.36
N VAL W 2 -80.47 -44.85 -45.68
CA VAL W 2 -80.79 -45.38 -44.35
C VAL W 2 -82.00 -46.31 -44.39
N GLN W 3 -82.13 -47.15 -43.38
CA GLN W 3 -83.26 -48.08 -43.30
C GLN W 3 -83.74 -48.23 -41.86
N LEU W 4 -85.04 -48.47 -41.71
CA LEU W 4 -85.63 -48.70 -40.40
C LEU W 4 -86.51 -49.94 -40.42
N GLN W 5 -85.88 -51.12 -40.33
CA GLN W 5 -86.63 -52.37 -40.37
C GLN W 5 -87.21 -52.73 -39.00
N GLN W 6 -88.53 -52.90 -38.98
CA GLN W 6 -89.25 -53.25 -37.76
C GLN W 6 -89.57 -54.74 -37.71
N SER W 7 -90.20 -55.17 -36.62
CA SER W 7 -90.60 -56.57 -36.47
C SER W 7 -91.74 -56.92 -37.42
N GLY W 8 -91.95 -58.21 -37.64
CA GLY W 8 -93.05 -58.67 -38.48
C GLY W 8 -94.38 -58.53 -37.78
N PRO W 9 -95.49 -58.71 -38.52
CA PRO W 9 -96.82 -58.59 -37.93
C PRO W 9 -97.05 -59.68 -36.89
N GLU W 10 -97.79 -59.38 -35.83
CA GLU W 10 -98.05 -60.34 -34.77
C GLU W 10 -99.52 -60.44 -34.40
N LEU W 11 -99.90 -61.60 -33.85
CA LEU W 11 -101.26 -61.85 -33.43
C LEU W 11 -101.24 -62.44 -32.02
N VAL W 12 -101.74 -61.68 -31.05
CA VAL W 12 -101.72 -62.11 -29.65
C VAL W 12 -103.09 -61.92 -28.99
N ARG W 13 -103.23 -62.45 -27.77
CA ARG W 13 -104.49 -62.37 -27.04
C ARG W 13 -104.51 -61.28 -25.99
N PRO W 14 -105.70 -60.69 -25.76
CA PRO W 14 -105.93 -59.64 -24.75
C PRO W 14 -105.36 -60.00 -23.38
N GLY W 15 -104.72 -59.04 -22.73
CA GLY W 15 -104.14 -59.27 -21.42
C GLY W 15 -102.63 -59.50 -21.51
N ALA W 16 -102.19 -60.04 -22.63
CA ALA W 16 -100.78 -60.32 -22.85
C ALA W 16 -99.99 -59.03 -23.15
N SER W 17 -98.72 -59.20 -23.47
CA SER W 17 -97.86 -58.07 -23.77
C SER W 17 -96.69 -58.50 -24.65
N MET W 18 -96.42 -57.72 -25.69
CA MET W 18 -95.33 -58.02 -26.61
C MET W 18 -94.47 -56.79 -26.87
N LYS W 19 -93.37 -56.98 -27.57
CA LYS W 19 -92.41 -55.91 -27.82
C LYS W 19 -92.00 -55.81 -29.28
N ILE W 20 -92.19 -54.64 -29.87
CA ILE W 20 -91.83 -54.39 -31.26
C ILE W 20 -90.41 -53.83 -31.37
N SER W 21 -89.64 -54.35 -32.33
CA SER W 21 -88.28 -53.86 -32.55
C SER W 21 -88.24 -52.91 -33.74
N CYS W 22 -87.11 -52.22 -33.90
CA CYS W 22 -86.92 -51.29 -35.01
C CYS W 22 -85.43 -51.09 -35.27
N LYS W 23 -84.85 -51.96 -36.09
CA LYS W 23 -83.42 -51.92 -36.34
C LYS W 23 -83.04 -50.84 -37.33
N ALA W 24 -82.15 -49.96 -36.91
CA ALA W 24 -81.69 -48.86 -37.73
C ALA W 24 -80.40 -49.22 -38.47
N SER W 25 -80.19 -48.57 -39.62
CA SER W 25 -79.01 -48.82 -40.43
C SER W 25 -78.80 -47.70 -41.44
N GLY W 26 -77.55 -47.36 -41.72
CA GLY W 26 -77.23 -46.34 -42.70
C GLY W 26 -76.87 -45.01 -42.10
N TYR W 27 -76.84 -44.95 -40.76
CA TYR W 27 -76.46 -43.73 -40.05
C TYR W 27 -75.99 -44.01 -38.62
N SER W 28 -75.38 -43.00 -38.03
CA SER W 28 -74.97 -43.06 -36.63
C SER W 28 -76.22 -43.12 -35.74
N PHE W 29 -76.49 -44.30 -35.19
CA PHE W 29 -77.74 -44.56 -34.49
C PHE W 29 -77.98 -43.68 -33.27
N THR W 30 -76.92 -43.39 -32.51
CA THR W 30 -77.04 -42.64 -31.27
C THR W 30 -77.22 -41.14 -31.51
N GLY W 31 -77.21 -40.74 -32.77
CA GLY W 31 -77.27 -39.33 -33.11
C GLY W 31 -78.66 -38.82 -33.40
N TYR W 32 -79.60 -39.74 -33.63
CA TYR W 32 -80.96 -39.36 -33.98
C TYR W 32 -81.97 -40.02 -33.05
N THR W 33 -82.82 -39.21 -32.43
CA THR W 33 -83.85 -39.72 -31.53
C THR W 33 -85.00 -40.34 -32.30
N MET W 34 -85.60 -41.39 -31.74
CA MET W 34 -86.67 -42.12 -32.40
C MET W 34 -88.04 -41.82 -31.83
N ASN W 35 -89.01 -41.57 -32.71
CA ASN W 35 -90.39 -41.43 -32.31
C ASN W 35 -91.13 -42.74 -32.56
N TRP W 36 -92.31 -42.88 -31.95
CA TRP W 36 -93.18 -44.02 -32.20
C TRP W 36 -94.60 -43.56 -32.44
N VAL W 37 -95.16 -43.94 -33.58
CA VAL W 37 -96.51 -43.50 -33.94
C VAL W 37 -97.45 -44.69 -34.10
N LYS W 38 -98.63 -44.58 -33.52
CA LYS W 38 -99.65 -45.62 -33.62
C LYS W 38 -100.76 -45.20 -34.56
N GLN W 39 -101.01 -46.00 -35.59
CA GLN W 39 -102.05 -45.70 -36.56
C GLN W 39 -103.21 -46.69 -36.45
N SER W 40 -104.30 -46.27 -35.82
CA SER W 40 -105.46 -47.11 -35.67
C SER W 40 -106.49 -46.81 -36.76
N HIS W 41 -107.50 -47.67 -36.85
CA HIS W 41 -108.54 -47.49 -37.86
C HIS W 41 -109.59 -46.46 -37.46
N GLY W 42 -110.15 -46.62 -36.26
CA GLY W 42 -111.20 -45.74 -35.78
C GLY W 42 -110.75 -44.32 -35.53
N LYS W 43 -109.51 -44.17 -35.05
CA LYS W 43 -108.95 -42.86 -34.73
C LYS W 43 -107.73 -42.63 -35.62
N ASN W 44 -107.32 -41.38 -35.77
CA ASN W 44 -106.15 -41.09 -36.60
C ASN W 44 -104.85 -41.58 -35.96
N LEU W 45 -103.73 -41.37 -36.64
CA LEU W 45 -102.42 -41.73 -36.07
C LEU W 45 -102.09 -40.87 -34.86
N GLU W 46 -101.75 -41.53 -33.76
CA GLU W 46 -101.45 -40.89 -32.48
C GLU W 46 -100.00 -41.08 -32.04
N TRP W 47 -99.30 -39.98 -31.79
CA TRP W 47 -97.93 -40.04 -31.31
C TRP W 47 -97.83 -40.69 -29.94
N ILE W 48 -96.88 -41.62 -29.81
CA ILE W 48 -96.73 -42.38 -28.58
C ILE W 48 -95.70 -41.74 -27.69
N GLY W 49 -94.43 -42.07 -27.94
CA GLY W 49 -93.32 -41.53 -27.20
C GLY W 49 -92.10 -41.34 -28.08
N LEU W 50 -91.09 -40.68 -27.53
CA LEU W 50 -89.81 -40.58 -28.20
C LEU W 50 -88.70 -40.99 -27.25
N ILE W 51 -87.56 -41.41 -27.80
CA ILE W 51 -86.44 -41.82 -26.97
C ILE W 51 -85.10 -41.46 -27.62
N ASN W 52 -84.22 -40.86 -26.81
CA ASN W 52 -82.87 -40.50 -27.25
C ASN W 52 -81.91 -41.66 -26.98
N PRO W 53 -81.39 -42.27 -28.05
CA PRO W 53 -80.48 -43.41 -27.97
C PRO W 53 -79.23 -43.16 -27.14
N TYR W 54 -78.72 -41.93 -27.16
CA TYR W 54 -77.51 -41.59 -26.41
C TYR W 54 -77.79 -41.54 -24.90
N ASN W 55 -78.69 -40.64 -24.52
CA ASN W 55 -79.05 -40.44 -23.11
C ASN W 55 -79.82 -41.61 -22.53
N GLY W 56 -80.68 -42.20 -23.35
CA GLY W 56 -81.61 -43.21 -22.86
C GLY W 56 -82.88 -42.52 -22.40
N GLY W 57 -82.87 -41.19 -22.45
CA GLY W 57 -84.00 -40.39 -22.01
C GLY W 57 -85.24 -40.61 -22.85
N THR W 58 -86.40 -40.57 -22.19
CA THR W 58 -87.67 -40.82 -22.86
C THR W 58 -88.68 -39.72 -22.56
N SER W 59 -89.65 -39.57 -23.46
CA SER W 59 -90.75 -38.64 -23.25
C SER W 59 -92.03 -39.22 -23.83
N TYR W 60 -92.97 -39.58 -22.96
CA TYR W 60 -94.19 -40.27 -23.37
C TYR W 60 -95.38 -39.33 -23.49
N ASN W 61 -96.35 -39.74 -24.30
CA ASN W 61 -97.65 -39.10 -24.34
C ASN W 61 -98.45 -39.45 -23.09
N GLN W 62 -99.25 -38.51 -22.60
CA GLN W 62 -100.06 -38.74 -21.40
C GLN W 62 -101.06 -39.87 -21.66
N LYS W 63 -101.44 -40.04 -22.92
CA LYS W 63 -102.38 -41.09 -23.30
C LYS W 63 -101.77 -42.48 -23.14
N PHE W 64 -100.45 -42.57 -23.31
CA PHE W 64 -99.78 -43.87 -23.29
C PHE W 64 -98.83 -44.02 -22.10
N LYS W 65 -99.08 -43.24 -21.05
CA LYS W 65 -98.32 -43.37 -19.82
C LYS W 65 -98.62 -44.72 -19.17
N GLY W 66 -97.67 -45.64 -19.25
CA GLY W 66 -97.84 -46.97 -18.68
C GLY W 66 -98.23 -48.01 -19.72
N LYS W 67 -98.84 -47.56 -20.81
CA LYS W 67 -99.22 -48.46 -21.90
C LYS W 67 -98.01 -48.87 -22.74
N ALA W 68 -97.06 -47.95 -22.89
CA ALA W 68 -95.87 -48.21 -23.69
C ALA W 68 -94.59 -47.94 -22.92
N THR W 69 -93.52 -48.64 -23.30
CA THR W 69 -92.22 -48.48 -22.67
C THR W 69 -91.12 -48.58 -23.72
N LEU W 70 -90.42 -47.48 -23.94
CA LEU W 70 -89.37 -47.44 -24.97
C LEU W 70 -87.99 -47.74 -24.40
N THR W 71 -87.35 -48.74 -24.97
CA THR W 71 -85.97 -49.07 -24.61
C THR W 71 -85.09 -48.99 -25.85
N VAL W 72 -83.81 -49.28 -25.70
CA VAL W 72 -82.86 -49.14 -26.81
C VAL W 72 -81.58 -49.94 -26.59
N ASP W 73 -81.16 -50.66 -27.62
CA ASP W 73 -79.88 -51.38 -27.57
C ASP W 73 -78.90 -50.77 -28.55
N LYS W 74 -77.92 -50.04 -28.01
CA LYS W 74 -76.95 -49.32 -28.84
C LYS W 74 -76.07 -50.25 -29.67
N SER W 75 -75.80 -51.44 -29.13
CA SER W 75 -74.91 -52.38 -29.78
C SER W 75 -75.46 -52.88 -31.11
N SER W 76 -76.73 -53.22 -31.14
CA SER W 76 -77.37 -53.75 -32.34
C SER W 76 -78.05 -52.66 -33.15
N SER W 77 -77.97 -51.42 -32.66
CA SER W 77 -78.60 -50.26 -33.30
C SER W 77 -80.09 -50.49 -33.51
N THR W 78 -80.79 -50.81 -32.42
CA THR W 78 -82.22 -51.14 -32.50
C THR W 78 -83.01 -50.44 -31.39
N ALA W 79 -84.18 -49.92 -31.75
CA ALA W 79 -85.09 -49.32 -30.80
C ALA W 79 -86.25 -50.26 -30.52
N TYR W 80 -86.67 -50.34 -29.27
CA TYR W 80 -87.74 -51.26 -28.89
C TYR W 80 -88.92 -50.53 -28.25
N MET W 81 -90.12 -51.07 -28.49
CA MET W 81 -91.33 -50.59 -27.84
C MET W 81 -92.14 -51.75 -27.29
N GLU W 82 -92.25 -51.82 -25.97
CA GLU W 82 -93.01 -52.87 -25.33
C GLU W 82 -94.41 -52.37 -24.98
N LEU W 83 -95.43 -53.09 -25.43
CA LEU W 83 -96.80 -52.72 -25.15
C LEU W 83 -97.41 -53.67 -24.12
N LEU W 84 -97.85 -53.12 -22.99
CA LEU W 84 -98.35 -53.92 -21.88
C LEU W 84 -99.87 -53.85 -21.78
N SER W 85 -100.46 -54.87 -21.16
CA SER W 85 -101.90 -54.95 -20.94
C SER W 85 -102.69 -54.74 -22.24
N LEU W 86 -102.34 -55.52 -23.26
CA LEU W 86 -102.94 -55.39 -24.58
C LEU W 86 -104.44 -55.65 -24.57
N THR W 87 -105.19 -54.80 -25.26
CA THR W 87 -106.64 -54.96 -25.40
C THR W 87 -107.02 -54.92 -26.86
N SER W 88 -108.32 -54.97 -27.14
CA SER W 88 -108.82 -54.92 -28.51
C SER W 88 -108.61 -53.54 -29.12
N GLU W 89 -108.48 -52.53 -28.27
CA GLU W 89 -108.28 -51.16 -28.71
C GLU W 89 -106.87 -50.93 -29.24
N ASP W 90 -105.91 -51.72 -28.77
CA ASP W 90 -104.52 -51.53 -29.13
C ASP W 90 -104.19 -52.19 -30.48
N SER W 91 -105.20 -52.75 -31.12
CA SER W 91 -105.02 -53.37 -32.44
C SER W 91 -104.85 -52.30 -33.51
N ALA W 92 -103.61 -52.13 -33.97
CA ALA W 92 -103.29 -51.12 -34.96
C ALA W 92 -101.95 -51.40 -35.63
N VAL W 93 -101.53 -50.48 -36.50
CA VAL W 93 -100.20 -50.55 -37.10
C VAL W 93 -99.29 -49.51 -36.47
N TYR W 94 -98.11 -49.95 -36.02
CA TYR W 94 -97.19 -49.09 -35.30
C TYR W 94 -95.96 -48.75 -36.12
N TYR W 95 -95.65 -47.47 -36.21
CA TYR W 95 -94.48 -47.01 -36.95
C TYR W 95 -93.45 -46.40 -36.01
N CYS W 96 -92.18 -46.51 -36.39
CA CYS W 96 -91.14 -45.77 -35.69
C CYS W 96 -90.57 -44.71 -36.63
N ALA W 97 -90.65 -43.45 -36.20
CA ALA W 97 -90.22 -42.33 -37.02
C ALA W 97 -89.01 -41.63 -36.44
N ARG W 98 -87.97 -41.47 -37.26
CA ARG W 98 -86.72 -40.87 -36.82
C ARG W 98 -86.79 -39.35 -36.83
N ASP W 99 -86.16 -38.72 -35.85
CA ASP W 99 -86.01 -37.27 -35.85
C ASP W 99 -84.91 -36.91 -36.86
N GLY W 100 -84.94 -35.69 -37.36
CA GLY W 100 -84.09 -35.31 -38.47
C GLY W 100 -82.76 -34.67 -38.15
N ASP W 101 -82.61 -34.17 -36.92
CA ASP W 101 -81.38 -33.44 -36.57
C ASP W 101 -80.34 -34.31 -35.87
N TYR W 102 -79.08 -33.95 -36.06
CA TYR W 102 -77.95 -34.73 -35.57
C TYR W 102 -77.58 -34.34 -34.14
N TYR W 103 -77.77 -35.28 -33.22
CA TYR W 103 -77.48 -35.09 -31.80
C TYR W 103 -78.16 -33.85 -31.21
N ARG W 104 -79.39 -33.60 -31.66
CA ARG W 104 -80.25 -32.58 -31.07
C ARG W 104 -81.67 -32.76 -31.57
N TYR W 105 -82.64 -32.46 -30.71
CA TYR W 105 -84.04 -32.64 -31.07
C TYR W 105 -84.48 -31.50 -31.98
N GLY W 106 -84.60 -31.79 -33.27
CA GLY W 106 -84.98 -30.78 -34.25
C GLY W 106 -86.47 -30.70 -34.43
N ARG W 107 -87.19 -31.61 -33.77
CA ARG W 107 -88.65 -31.66 -33.81
C ARG W 107 -89.19 -31.77 -35.23
N TYR W 108 -88.61 -32.66 -36.02
CA TYR W 108 -89.13 -32.93 -37.34
C TYR W 108 -88.87 -34.35 -37.81
N PHE W 109 -89.91 -34.96 -38.39
CA PHE W 109 -89.85 -36.36 -38.79
C PHE W 109 -89.06 -36.55 -40.08
N ASP W 110 -88.14 -37.50 -40.04
CA ASP W 110 -87.28 -37.78 -41.18
C ASP W 110 -87.74 -39.04 -41.90
N TYR W 111 -87.20 -40.18 -41.48
CA TYR W 111 -87.53 -41.45 -42.10
C TYR W 111 -88.51 -42.25 -41.24
N TRP W 112 -89.31 -43.09 -41.88
CA TRP W 112 -90.26 -43.94 -41.16
C TRP W 112 -90.00 -45.41 -41.44
N GLY W 113 -90.53 -46.27 -40.59
CA GLY W 113 -90.42 -47.71 -40.80
C GLY W 113 -91.50 -48.21 -41.74
N GLN W 114 -91.48 -49.50 -42.05
CA GLN W 114 -92.47 -50.07 -42.96
C GLN W 114 -93.78 -50.32 -42.22
N GLY W 115 -93.71 -50.29 -40.90
CA GLY W 115 -94.89 -50.49 -40.07
C GLY W 115 -95.02 -51.92 -39.56
N THR W 116 -95.60 -52.07 -38.38
CA THR W 116 -95.85 -53.37 -37.80
C THR W 116 -97.31 -53.52 -37.40
N THR W 117 -98.02 -54.42 -38.07
CA THR W 117 -99.44 -54.61 -37.81
C THR W 117 -99.65 -55.53 -36.60
N LEU W 118 -100.16 -54.96 -35.52
CA LEU W 118 -100.46 -55.74 -34.32
C LEU W 118 -101.96 -55.94 -34.16
N THR W 119 -102.41 -57.19 -34.28
CA THR W 119 -103.82 -57.52 -34.11
C THR W 119 -104.02 -58.28 -32.80
N VAL W 120 -104.84 -57.72 -31.92
CA VAL W 120 -105.12 -58.36 -30.64
C VAL W 120 -106.61 -58.67 -30.50
N SER W 121 -106.98 -59.91 -30.81
CA SER W 121 -108.36 -60.36 -30.69
C SER W 121 -108.43 -61.72 -30.03
N SER W 122 -109.43 -61.92 -29.18
CA SER W 122 -109.57 -63.16 -28.42
C SER W 122 -110.39 -64.21 -29.14
N ALA W 123 -110.33 -64.21 -30.47
CA ALA W 123 -111.08 -65.17 -31.26
C ALA W 123 -110.18 -66.32 -31.75
N LYS W 124 -110.74 -67.51 -31.82
CA LYS W 124 -110.01 -68.67 -32.33
C LYS W 124 -109.96 -68.64 -33.85
N THR W 125 -109.11 -69.48 -34.43
CA THR W 125 -108.99 -69.58 -35.88
C THR W 125 -110.29 -70.12 -36.49
N THR W 126 -110.83 -69.39 -37.45
CA THR W 126 -112.10 -69.76 -38.07
C THR W 126 -111.99 -69.84 -39.59
N PRO W 127 -112.30 -71.03 -40.16
CA PRO W 127 -112.35 -71.21 -41.61
C PRO W 127 -113.40 -70.32 -42.26
N PRO W 128 -113.13 -69.83 -43.47
CA PRO W 128 -114.02 -68.93 -44.20
C PRO W 128 -115.19 -69.64 -44.86
N SER W 129 -116.28 -68.91 -45.09
CA SER W 129 -117.43 -69.46 -45.81
C SER W 129 -117.65 -68.68 -47.10
N VAL W 130 -117.61 -69.38 -48.22
CA VAL W 130 -117.71 -68.74 -49.53
C VAL W 130 -119.13 -68.78 -50.09
N TYR W 131 -119.66 -67.61 -50.39
CA TYR W 131 -121.00 -67.50 -50.96
C TYR W 131 -120.96 -66.82 -52.32
N PRO W 132 -121.60 -67.43 -53.33
CA PRO W 132 -121.65 -66.90 -54.69
C PRO W 132 -122.39 -65.57 -54.77
N LEU W 133 -121.95 -64.70 -55.67
CA LEU W 133 -122.62 -63.42 -55.90
C LEU W 133 -123.03 -63.27 -57.36
N ALA W 134 -124.19 -63.82 -57.70
CA ALA W 134 -124.72 -63.73 -59.06
C ALA W 134 -125.96 -62.85 -59.10
N PRO W 135 -126.23 -62.22 -60.25
CA PRO W 135 -127.47 -61.45 -60.43
C PRO W 135 -128.71 -62.32 -60.24
N GLY W 136 -129.51 -61.99 -59.23
CA GLY W 136 -130.68 -62.77 -58.89
C GLY W 136 -131.72 -62.86 -59.99
N SER W 137 -132.45 -63.98 -60.03
CA SER W 137 -133.47 -64.25 -61.03
C SER W 137 -132.93 -64.10 -62.45
N ALA W 138 -133.70 -63.44 -63.32
CA ALA W 138 -133.31 -63.24 -64.70
C ALA W 138 -133.54 -61.80 -65.14
N ALA W 139 -132.45 -61.07 -65.38
CA ALA W 139 -132.54 -59.68 -65.81
C ALA W 139 -131.24 -59.21 -66.45
N GLN W 140 -131.30 -58.05 -67.10
CA GLN W 140 -130.15 -57.42 -67.75
C GLN W 140 -129.47 -58.33 -68.78
N THR W 141 -128.18 -58.59 -68.54
CA THR W 141 -127.33 -59.34 -69.48
C THR W 141 -127.35 -58.68 -70.85
N ASN W 142 -126.72 -57.51 -70.95
CA ASN W 142 -126.72 -56.74 -72.18
C ASN W 142 -125.43 -56.93 -72.97
N SER W 143 -124.30 -56.61 -72.35
CA SER W 143 -123.01 -56.72 -73.02
C SER W 143 -122.05 -57.60 -72.23
N MET W 144 -121.70 -57.17 -71.02
CA MET W 144 -120.79 -57.91 -70.16
C MET W 144 -121.30 -57.96 -68.73
N VAL W 145 -121.32 -59.16 -68.16
CA VAL W 145 -121.80 -59.35 -66.79
C VAL W 145 -120.65 -59.45 -65.80
N THR W 146 -120.84 -58.88 -64.62
CA THR W 146 -119.82 -58.93 -63.57
C THR W 146 -120.33 -59.72 -62.37
N LEU W 147 -119.57 -60.74 -61.97
CA LEU W 147 -119.97 -61.59 -60.85
C LEU W 147 -118.81 -61.74 -59.86
N GLY W 148 -119.12 -62.21 -58.67
CA GLY W 148 -118.10 -62.32 -57.63
C GLY W 148 -118.32 -63.35 -56.55
N CYS W 149 -117.33 -63.46 -55.65
CA CYS W 149 -117.41 -64.34 -54.49
C CYS W 149 -117.45 -63.52 -53.21
N LEU W 150 -118.02 -64.09 -52.16
CA LEU W 150 -118.06 -63.42 -50.87
C LEU W 150 -117.45 -64.30 -49.77
N VAL W 151 -116.32 -63.85 -49.24
CA VAL W 151 -115.65 -64.57 -48.16
C VAL W 151 -116.08 -64.01 -46.80
N LYS W 152 -117.00 -64.72 -46.13
CA LYS W 152 -117.62 -64.21 -44.92
C LYS W 152 -117.26 -65.00 -43.67
N GLY W 153 -116.89 -64.30 -42.60
CA GLY W 153 -116.63 -64.91 -41.31
C GLY W 153 -115.39 -65.76 -41.26
N TYR W 154 -114.23 -65.12 -41.18
CA TYR W 154 -112.96 -65.83 -41.10
C TYR W 154 -111.96 -65.10 -40.21
N PHE W 155 -111.00 -65.85 -39.68
CA PHE W 155 -109.98 -65.31 -38.79
C PHE W 155 -108.82 -66.30 -38.65
N PRO W 156 -107.59 -65.81 -38.71
CA PRO W 156 -107.24 -64.40 -38.95
C PRO W 156 -106.87 -64.12 -40.41
N GLU W 157 -106.26 -62.96 -40.64
CA GLU W 157 -105.76 -62.58 -41.96
C GLU W 157 -104.55 -63.42 -42.34
N PRO W 158 -104.28 -63.55 -43.66
CA PRO W 158 -105.06 -63.05 -44.79
C PRO W 158 -105.82 -64.13 -45.53
N VAL W 159 -106.48 -63.75 -46.62
CA VAL W 159 -107.14 -64.70 -47.51
C VAL W 159 -106.84 -64.36 -48.96
N THR W 160 -106.50 -65.36 -49.75
CA THR W 160 -106.20 -65.15 -51.16
C THR W 160 -107.33 -65.68 -52.05
N VAL W 161 -107.81 -64.84 -52.95
CA VAL W 161 -108.92 -65.19 -53.82
C VAL W 161 -108.54 -65.12 -55.30
N THR W 162 -108.57 -66.26 -55.98
CA THR W 162 -108.28 -66.32 -57.40
C THR W 162 -109.46 -66.90 -58.16
N TRP W 163 -109.45 -66.74 -59.48
CA TRP W 163 -110.54 -67.22 -60.32
C TRP W 163 -110.04 -68.19 -61.38
N ASN W 164 -110.63 -69.38 -61.40
CA ASN W 164 -110.22 -70.46 -62.30
C ASN W 164 -108.73 -70.77 -62.18
N SER W 165 -108.22 -70.67 -60.95
CA SER W 165 -106.82 -70.96 -60.64
C SER W 165 -105.85 -70.13 -61.48
N GLY W 166 -106.13 -68.84 -61.60
CA GLY W 166 -105.24 -67.93 -62.28
C GLY W 166 -105.49 -67.79 -63.77
N SER W 167 -106.46 -68.54 -64.28
CA SER W 167 -106.80 -68.49 -65.70
C SER W 167 -107.36 -67.13 -66.08
N LEU W 168 -108.04 -66.49 -65.13
CA LEU W 168 -108.64 -65.17 -65.35
C LEU W 168 -107.93 -64.12 -64.51
N SER W 169 -107.37 -63.11 -65.17
CA SER W 169 -106.70 -62.02 -64.49
C SER W 169 -107.07 -60.68 -65.10
N SER W 170 -106.61 -59.60 -64.46
CA SER W 170 -106.85 -58.23 -64.91
C SER W 170 -108.33 -57.84 -64.94
N GLY W 171 -109.21 -58.80 -64.71
CA GLY W 171 -110.63 -58.55 -64.59
C GLY W 171 -111.06 -58.76 -63.16
N VAL W 172 -110.11 -59.24 -62.34
CA VAL W 172 -110.37 -59.49 -60.93
C VAL W 172 -110.24 -58.21 -60.11
N HIS W 173 -111.12 -58.06 -59.14
CA HIS W 173 -111.09 -56.90 -58.24
C HIS W 173 -111.36 -57.35 -56.81
N THR W 174 -110.30 -57.47 -56.01
CA THR W 174 -110.42 -57.90 -54.63
C THR W 174 -110.41 -56.72 -53.67
N PHE W 175 -111.57 -56.45 -53.08
CA PHE W 175 -111.75 -55.29 -52.20
C PHE W 175 -111.19 -55.56 -50.80
N PRO W 176 -110.80 -54.47 -50.10
CA PRO W 176 -110.30 -54.59 -48.72
C PRO W 176 -111.30 -55.27 -47.78
N ALA W 177 -110.78 -56.00 -46.81
CA ALA W 177 -111.63 -56.75 -45.88
C ALA W 177 -112.13 -55.87 -44.74
N VAL W 178 -113.27 -56.24 -44.18
CA VAL W 178 -113.83 -55.54 -43.03
C VAL W 178 -114.19 -56.52 -41.93
N LEU W 179 -114.05 -56.09 -40.67
CA LEU W 179 -114.33 -56.95 -39.55
C LEU W 179 -115.76 -56.74 -39.03
N GLN W 180 -116.44 -57.86 -38.75
CA GLN W 180 -117.79 -57.81 -38.19
C GLN W 180 -117.94 -58.91 -37.15
N SER W 181 -118.11 -58.50 -35.89
CA SER W 181 -118.18 -59.42 -34.76
C SER W 181 -116.94 -60.30 -34.68
N ASP W 182 -115.77 -59.66 -34.63
CA ASP W 182 -114.48 -60.34 -34.52
C ASP W 182 -114.21 -61.30 -35.67
N LEU W 183 -114.85 -61.06 -36.80
CA LEU W 183 -114.63 -61.87 -38.00
C LEU W 183 -114.54 -60.98 -39.24
N TYR W 184 -113.54 -61.25 -40.08
CA TYR W 184 -113.34 -60.47 -41.29
C TYR W 184 -114.28 -60.94 -42.40
N THR W 185 -114.51 -60.06 -43.37
CA THR W 185 -115.37 -60.36 -44.51
C THR W 185 -114.87 -59.66 -45.76
N LEU W 186 -114.66 -60.42 -46.83
CA LEU W 186 -114.07 -59.89 -48.05
C LEU W 186 -114.80 -60.38 -49.30
N SER W 187 -114.81 -59.55 -50.34
CA SER W 187 -115.46 -59.92 -51.59
C SER W 187 -114.60 -59.57 -52.81
N SER W 188 -114.54 -60.50 -53.75
CA SER W 188 -113.77 -60.30 -54.98
C SER W 188 -114.64 -60.57 -56.20
N SER W 189 -114.55 -59.72 -57.21
CA SER W 189 -115.41 -59.82 -58.39
C SER W 189 -114.62 -59.93 -59.69
N VAL W 190 -115.26 -60.50 -60.70
CA VAL W 190 -114.67 -60.61 -62.03
C VAL W 190 -115.61 -60.06 -63.10
N THR W 191 -115.06 -59.79 -64.28
CA THR W 191 -115.85 -59.28 -65.39
C THR W 191 -115.59 -60.07 -66.66
N VAL W 192 -116.55 -60.93 -67.02
CA VAL W 192 -116.45 -61.72 -68.24
C VAL W 192 -117.57 -61.31 -69.20
N PRO W 193 -117.32 -61.48 -70.52
CA PRO W 193 -118.36 -61.20 -71.52
C PRO W 193 -119.63 -62.02 -71.28
N SER W 194 -120.77 -61.48 -71.67
CA SER W 194 -122.05 -62.17 -71.50
C SER W 194 -122.17 -63.36 -72.45
N SER W 195 -121.33 -63.38 -73.48
CA SER W 195 -121.32 -64.48 -74.43
C SER W 195 -120.57 -65.69 -73.86
N THR W 196 -119.88 -65.47 -72.75
CA THR W 196 -119.14 -66.54 -72.09
C THR W 196 -119.77 -66.88 -70.75
N TRP W 197 -121.05 -66.56 -70.61
CA TRP W 197 -121.78 -66.81 -69.36
C TRP W 197 -123.27 -66.96 -69.62
N PRO W 198 -123.90 -67.98 -69.02
CA PRO W 198 -123.27 -68.98 -68.15
C PRO W 198 -122.76 -70.20 -68.93
N SER W 199 -122.47 -70.01 -70.21
CA SER W 199 -122.01 -71.10 -71.07
C SER W 199 -120.74 -71.74 -70.54
N GLU W 200 -119.76 -70.91 -70.19
CA GLU W 200 -118.49 -71.40 -69.65
C GLU W 200 -118.50 -71.33 -68.13
N THR W 201 -117.96 -72.36 -67.49
CA THR W 201 -117.94 -72.45 -66.03
C THR W 201 -116.97 -71.45 -65.42
N VAL W 202 -117.47 -70.68 -64.44
CA VAL W 202 -116.64 -69.72 -63.71
C VAL W 202 -116.62 -70.09 -62.23
N THR W 203 -115.44 -70.44 -61.73
CA THR W 203 -115.30 -70.91 -60.36
C THR W 203 -114.44 -69.97 -59.52
N CYS W 204 -114.84 -69.76 -58.28
CA CYS W 204 -114.10 -68.90 -57.35
C CYS W 204 -113.21 -69.74 -56.44
N ASN W 205 -111.93 -69.38 -56.37
CA ASN W 205 -110.97 -70.11 -55.55
C ASN W 205 -110.51 -69.31 -54.34
N VAL W 206 -110.94 -69.72 -53.15
CA VAL W 206 -110.61 -69.00 -51.93
C VAL W 206 -109.72 -69.82 -51.00
N ALA W 207 -108.59 -69.24 -50.61
CA ALA W 207 -107.63 -69.92 -49.73
C ALA W 207 -107.51 -69.23 -48.38
N HIS W 208 -107.32 -70.03 -47.33
CA HIS W 208 -107.11 -69.51 -45.99
C HIS W 208 -106.01 -70.32 -45.31
N PRO W 209 -104.74 -69.93 -45.55
CA PRO W 209 -103.55 -70.65 -45.09
C PRO W 209 -103.49 -70.89 -43.58
N ALA W 210 -104.13 -70.03 -42.80
CA ALA W 210 -104.09 -70.13 -41.35
C ALA W 210 -104.86 -71.36 -40.85
N SER W 211 -105.80 -71.84 -41.66
CA SER W 211 -106.58 -73.02 -41.30
C SER W 211 -106.47 -74.10 -42.38
N SER W 212 -105.60 -73.86 -43.35
CA SER W 212 -105.38 -74.78 -44.46
C SER W 212 -106.68 -75.10 -45.19
N THR W 213 -107.42 -74.06 -45.59
CA THR W 213 -108.70 -74.24 -46.25
C THR W 213 -108.69 -73.66 -47.66
N LYS W 214 -108.99 -74.51 -48.64
CA LYS W 214 -109.05 -74.10 -50.03
C LYS W 214 -110.33 -74.61 -50.68
N VAL W 215 -111.38 -73.80 -50.63
CA VAL W 215 -112.69 -74.20 -51.14
C VAL W 215 -113.01 -73.50 -52.46
N ASP W 216 -113.48 -74.28 -53.44
CA ASP W 216 -113.94 -73.73 -54.71
C ASP W 216 -115.45 -73.63 -54.71
N LYS W 217 -115.97 -72.61 -55.40
CA LYS W 217 -117.42 -72.41 -55.45
C LYS W 217 -117.87 -71.92 -56.83
N LYS W 218 -118.49 -72.81 -57.58
CA LYS W 218 -119.02 -72.48 -58.91
C LYS W 218 -120.18 -71.50 -58.78
N ILE W 219 -120.25 -70.54 -59.70
CA ILE W 219 -121.34 -69.57 -59.69
C ILE W 219 -122.48 -70.02 -60.59
N VAL W 220 -123.71 -69.89 -60.10
CA VAL W 220 -124.89 -70.25 -60.88
C VAL W 220 -125.95 -69.16 -60.83
N PRO W 221 -126.44 -68.73 -62.01
CA PRO W 221 -127.46 -67.68 -62.11
C PRO W 221 -128.83 -68.14 -61.63
N GLN X 1 -59.99 33.22 16.56
CA GLN X 1 -60.13 31.83 16.95
C GLN X 1 -58.99 31.34 17.83
N ALA X 2 -57.79 31.83 17.55
CA ALA X 2 -56.59 31.42 18.27
C ALA X 2 -55.46 32.39 17.99
N VAL X 3 -54.68 32.71 19.03
CA VAL X 3 -53.59 33.64 18.87
C VAL X 3 -52.26 33.01 19.27
N VAL X 4 -51.26 33.19 18.41
CA VAL X 4 -49.91 32.70 18.67
C VAL X 4 -49.08 33.82 19.29
N THR X 5 -48.46 33.53 20.42
CA THR X 5 -47.72 34.55 21.16
C THR X 5 -46.22 34.30 21.17
N GLN X 6 -45.46 35.32 20.77
CA GLN X 6 -44.02 35.27 20.84
C GLN X 6 -43.52 36.36 21.78
N GLU X 7 -42.23 36.38 22.06
CA GLU X 7 -41.63 37.45 22.84
C GLU X 7 -41.57 38.73 22.01
N SER X 8 -41.65 39.87 22.68
CA SER X 8 -41.57 41.16 22.01
C SER X 8 -40.24 41.30 21.27
N ALA X 9 -39.15 41.24 22.04
CA ALA X 9 -37.81 41.31 21.48
C ALA X 9 -36.79 40.72 22.44
N LEU X 10 -35.73 40.13 21.90
CA LEU X 10 -34.68 39.56 22.74
C LEU X 10 -33.31 40.05 22.28
N THR X 11 -32.39 40.17 23.23
CA THR X 11 -31.05 40.64 22.95
C THR X 11 -30.02 39.60 23.37
N THR X 12 -29.04 39.35 22.51
CA THR X 12 -27.98 38.39 22.82
C THR X 12 -26.65 38.82 22.22
N SER X 13 -25.56 38.24 22.71
CA SER X 13 -24.23 38.58 22.24
C SER X 13 -23.71 37.49 21.30
N PRO X 14 -22.87 37.86 20.32
CA PRO X 14 -22.29 36.92 19.37
C PRO X 14 -21.55 35.77 20.06
N GLY X 15 -21.78 34.55 19.57
CA GLY X 15 -21.13 33.38 20.12
C GLY X 15 -21.98 32.69 21.18
N GLU X 16 -22.92 33.43 21.76
CA GLU X 16 -23.76 32.89 22.82
C GLU X 16 -24.96 32.13 22.26
N THR X 17 -25.80 31.62 23.17
CA THR X 17 -26.95 30.83 22.77
C THR X 17 -28.26 31.47 23.24
N VAL X 18 -29.18 31.66 22.31
CA VAL X 18 -30.48 32.28 22.62
C VAL X 18 -31.62 31.37 22.17
N THR X 19 -32.72 31.38 22.93
CA THR X 19 -33.87 30.55 22.61
C THR X 19 -35.17 31.37 22.54
N LEU X 20 -35.80 31.35 21.37
CA LEU X 20 -37.08 32.02 21.16
C LEU X 20 -38.23 31.04 21.33
N THR X 21 -39.26 31.43 22.08
CA THR X 21 -40.39 30.55 22.35
C THR X 21 -41.61 30.93 21.52
N CYS X 22 -42.59 30.04 21.46
CA CYS X 22 -43.79 30.25 20.65
C CYS X 22 -45.00 29.56 21.28
N ARG X 23 -45.82 30.32 22.00
CA ARG X 23 -46.93 29.75 22.75
C ARG X 23 -48.27 29.81 22.01
N SER X 24 -49.02 28.71 22.11
CA SER X 24 -50.36 28.64 21.54
C SER X 24 -51.41 28.93 22.62
N SER X 25 -52.54 29.50 22.21
CA SER X 25 -53.59 29.85 23.15
C SER X 25 -54.59 28.72 23.39
N THR X 26 -54.62 27.75 22.49
CA THR X 26 -55.56 26.63 22.61
C THR X 26 -55.01 25.53 23.51
N GLY X 27 -53.74 25.64 23.85
CA GLY X 27 -53.10 24.66 24.72
C GLY X 27 -51.65 24.40 24.36
N ALA X 28 -51.20 23.18 24.63
CA ALA X 28 -49.82 22.78 24.37
C ALA X 28 -49.57 22.61 22.87
N VAL X 29 -48.38 23.04 22.43
CA VAL X 29 -47.99 22.89 21.04
C VAL X 29 -47.55 21.46 20.75
N THR X 30 -48.40 20.70 20.09
CA THR X 30 -48.09 19.31 19.76
C THR X 30 -47.37 19.23 18.42
N THR X 31 -47.13 18.01 17.96
CA THR X 31 -46.40 17.81 16.72
C THR X 31 -47.29 18.05 15.50
N ILE X 32 -48.59 18.01 15.71
CA ILE X 32 -49.54 18.25 14.62
C ILE X 32 -49.78 19.74 14.43
N ASN X 33 -49.00 20.55 15.15
CA ASN X 33 -49.03 21.99 14.96
C ASN X 33 -47.97 22.42 13.97
N PHE X 34 -47.01 21.55 13.72
CA PHE X 34 -45.97 21.74 12.71
C PHE X 34 -45.31 23.12 12.82
N ALA X 35 -44.67 23.35 13.96
CA ALA X 35 -44.07 24.65 14.26
C ALA X 35 -43.11 25.11 13.17
N ASN X 36 -43.45 26.23 12.54
CA ASN X 36 -42.60 26.83 11.52
C ASN X 36 -41.94 28.11 11.99
N TRP X 37 -40.68 28.29 11.63
CA TRP X 37 -39.96 29.50 11.98
C TRP X 37 -39.45 30.21 10.73
N VAL X 38 -39.88 31.46 10.57
CA VAL X 38 -39.49 32.26 9.42
C VAL X 38 -38.73 33.50 9.88
N GLN X 39 -37.59 33.75 9.25
CA GLN X 39 -36.76 34.91 9.59
C GLN X 39 -36.99 36.07 8.63
N GLU X 40 -37.17 37.26 9.17
CA GLU X 40 -37.36 38.46 8.36
C GLU X 40 -36.22 39.45 8.50
N LYS X 41 -35.34 39.47 7.51
CA LYS X 41 -34.31 40.48 7.41
C LYS X 41 -34.96 41.83 7.10
N PRO X 42 -34.26 42.94 7.41
CA PRO X 42 -34.80 44.25 7.03
C PRO X 42 -34.98 44.39 5.51
N ASP X 43 -35.77 45.37 5.09
CA ASP X 43 -36.06 45.62 3.67
C ASP X 43 -36.88 44.49 3.05
N HIS X 44 -37.76 43.92 3.86
CA HIS X 44 -38.72 42.90 3.41
C HIS X 44 -38.04 41.66 2.82
N LEU X 45 -37.01 41.15 3.50
CA LEU X 45 -36.39 39.90 3.07
C LEU X 45 -36.88 38.76 3.96
N PHE X 46 -37.29 37.65 3.34
CA PHE X 46 -37.84 36.52 4.08
C PHE X 46 -37.15 35.20 3.70
N THR X 47 -37.08 34.29 4.67
CA THR X 47 -36.51 32.97 4.44
C THR X 47 -37.06 31.98 5.46
N GLY X 48 -37.25 30.73 5.05
CA GLY X 48 -37.76 29.72 5.96
C GLY X 48 -36.60 29.10 6.71
N LEU X 49 -36.86 28.70 7.95
CA LEU X 49 -35.82 28.14 8.80
C LEU X 49 -36.12 26.70 9.18
N ILE X 50 -37.08 26.54 10.08
CA ILE X 50 -37.47 25.21 10.56
C ILE X 50 -38.92 24.97 10.25
N GLY X 51 -39.23 23.78 9.75
CA GLY X 51 -40.58 23.46 9.36
C GLY X 51 -41.09 22.09 9.72
N GLY X 52 -42.37 21.88 9.47
CA GLY X 52 -43.07 20.61 9.65
C GLY X 52 -42.56 19.68 10.74
N ILE X 53 -42.33 18.43 10.36
CA ILE X 53 -41.96 17.41 11.33
C ILE X 53 -40.49 17.50 11.71
N ASN X 54 -39.61 17.45 10.72
CA ASN X 54 -38.19 17.66 10.99
C ASN X 54 -37.47 18.25 9.79
N ASN X 55 -38.21 18.93 8.92
CA ASN X 55 -37.61 19.47 7.71
C ASN X 55 -37.02 20.85 7.95
N ARG X 56 -35.95 21.16 7.23
CA ARG X 56 -35.30 22.46 7.31
C ARG X 56 -35.01 22.96 5.90
N ALA X 57 -35.13 24.26 5.69
CA ALA X 57 -34.88 24.85 4.38
C ALA X 57 -33.40 24.79 4.03
N PRO X 58 -33.08 24.60 2.73
CA PRO X 58 -31.72 24.53 2.21
C PRO X 58 -30.86 25.73 2.57
N GLY X 59 -29.68 25.48 3.12
CA GLY X 59 -28.73 26.54 3.43
C GLY X 59 -28.83 27.10 4.84
N VAL X 60 -29.79 26.61 5.62
CA VAL X 60 -29.93 27.06 7.00
C VAL X 60 -28.78 26.53 7.85
N PRO X 61 -28.02 27.44 8.48
CA PRO X 61 -26.86 27.11 9.32
C PRO X 61 -27.18 26.09 10.40
N ALA X 62 -26.18 25.33 10.82
CA ALA X 62 -26.36 24.27 11.80
C ALA X 62 -26.67 24.82 13.19
N ARG X 63 -26.36 26.10 13.41
CA ARG X 63 -26.59 26.73 14.71
C ARG X 63 -28.08 26.86 15.01
N PHE X 64 -28.89 26.87 13.97
CA PHE X 64 -30.34 26.91 14.13
C PHE X 64 -30.88 25.52 14.45
N SER X 65 -31.70 25.42 15.48
CA SER X 65 -32.24 24.12 15.90
C SER X 65 -33.58 24.28 16.61
N GLY X 66 -34.54 23.43 16.24
CA GLY X 66 -35.86 23.48 16.83
C GLY X 66 -36.13 22.42 17.88
N SER X 67 -37.11 22.68 18.74
CA SER X 67 -37.49 21.75 19.79
C SER X 67 -38.87 22.10 20.35
N LEU X 68 -39.31 21.34 21.34
CA LEU X 68 -40.59 21.61 22.00
C LEU X 68 -40.42 21.67 23.52
N ILE X 69 -39.66 22.66 23.98
CA ILE X 69 -39.43 22.84 25.41
C ILE X 69 -40.71 23.24 26.13
N GLY X 70 -41.07 22.50 27.17
CA GLY X 70 -42.28 22.76 27.91
C GLY X 70 -43.50 22.40 27.11
N ASP X 71 -44.42 23.34 26.98
CA ASP X 71 -45.64 23.13 26.21
C ASP X 71 -45.74 24.10 25.03
N LYS X 72 -44.59 24.61 24.60
CA LYS X 72 -44.56 25.53 23.47
C LYS X 72 -43.35 25.26 22.56
N ALA X 73 -43.39 25.80 21.36
CA ALA X 73 -42.33 25.61 20.38
C ALA X 73 -41.12 26.48 20.70
N ALA X 74 -39.95 26.04 20.26
CA ALA X 74 -38.72 26.76 20.57
C ALA X 74 -37.78 26.82 19.37
N LEU X 75 -37.16 27.99 19.19
CA LEU X 75 -36.15 28.18 18.15
C LEU X 75 -34.83 28.56 18.82
N THR X 76 -33.89 27.63 18.83
CA THR X 76 -32.63 27.84 19.54
C THR X 76 -31.47 28.15 18.59
N ILE X 77 -30.82 29.28 18.82
CA ILE X 77 -29.65 29.66 18.05
C ILE X 77 -28.39 29.49 18.90
N THR X 78 -27.65 28.41 18.65
CA THR X 78 -26.44 28.14 19.42
C THR X 78 -25.21 28.70 18.71
N GLY X 79 -24.70 29.80 19.25
CA GLY X 79 -23.58 30.50 18.65
C GLY X 79 -24.09 31.56 17.70
N ALA X 80 -24.80 32.54 18.24
CA ALA X 80 -25.42 33.60 17.45
C ALA X 80 -24.38 34.42 16.69
N GLN X 81 -24.77 34.91 15.51
CA GLN X 81 -23.87 35.73 14.69
C GLN X 81 -24.49 37.11 14.49
N THR X 82 -23.71 38.03 13.95
CA THR X 82 -24.17 39.40 13.72
C THR X 82 -25.30 39.44 12.70
N GLU X 83 -25.21 38.58 11.68
CA GLU X 83 -26.20 38.55 10.61
C GLU X 83 -27.47 37.81 11.03
N ASP X 84 -27.47 37.28 12.25
CA ASP X 84 -28.64 36.59 12.78
C ASP X 84 -29.59 37.58 13.44
N GLU X 85 -29.28 38.86 13.32
CA GLU X 85 -30.10 39.92 13.89
C GLU X 85 -31.22 40.29 12.92
N ALA X 86 -32.43 39.84 13.23
CA ALA X 86 -33.60 40.11 12.40
C ALA X 86 -34.88 39.86 13.18
N ILE X 87 -36.01 39.82 12.46
CA ILE X 87 -37.28 39.50 13.09
C ILE X 87 -37.66 38.05 12.78
N TYR X 88 -37.93 37.28 13.83
CA TYR X 88 -38.23 35.86 13.68
C TYR X 88 -39.70 35.57 13.96
N PHE X 89 -40.40 35.09 12.94
CA PHE X 89 -41.81 34.76 13.10
C PHE X 89 -42.02 33.27 13.30
N CYS X 90 -42.93 32.93 14.20
CA CYS X 90 -43.30 31.55 14.42
C CYS X 90 -44.70 31.31 13.87
N ALA X 91 -44.86 30.20 13.16
CA ALA X 91 -46.15 29.84 12.59
C ALA X 91 -46.60 28.49 13.11
N LEU X 92 -47.87 28.41 13.51
CA LEU X 92 -48.42 27.15 13.98
C LEU X 92 -49.51 26.70 13.03
N TRP X 93 -49.59 25.40 12.81
CA TRP X 93 -50.59 24.84 11.92
C TRP X 93 -51.77 24.29 12.70
N TYR X 94 -52.90 24.97 12.60
CA TYR X 94 -54.13 24.42 13.12
C TYR X 94 -54.67 23.66 11.93
N SER X 95 -55.64 22.79 12.17
CA SER X 95 -56.23 22.03 11.09
C SER X 95 -56.75 23.02 10.06
N ASN X 96 -56.51 22.70 8.79
CA ASN X 96 -56.85 23.45 7.57
C ASN X 96 -56.15 24.82 7.39
N HIS X 97 -55.64 25.46 8.46
CA HIS X 97 -55.00 26.78 8.24
C HIS X 97 -53.75 27.05 9.10
N TRP X 98 -53.00 28.07 8.69
CA TRP X 98 -51.81 28.56 9.41
C TRP X 98 -52.08 29.79 10.27
N VAL X 99 -51.34 29.93 11.37
CA VAL X 99 -51.42 31.14 12.19
C VAL X 99 -50.03 31.65 12.61
N PHE X 100 -49.71 32.88 12.23
CA PHE X 100 -48.43 33.48 12.59
C PHE X 100 -48.48 34.18 13.95
N GLY X 101 -47.31 34.43 14.52
CA GLY X 101 -47.19 35.13 15.78
C GLY X 101 -46.80 36.59 15.60
N GLY X 102 -46.64 37.30 16.70
CA GLY X 102 -46.27 38.71 16.68
C GLY X 102 -44.88 38.95 16.12
N GLY X 103 -44.01 37.95 16.24
CA GLY X 103 -42.63 38.07 15.78
C GLY X 103 -41.71 38.61 16.86
N THR X 104 -40.51 38.04 16.94
CA THR X 104 -39.52 38.46 17.92
C THR X 104 -38.39 39.24 17.26
N LYS X 105 -38.08 40.41 17.80
CA LYS X 105 -37.01 41.23 17.27
C LYS X 105 -35.70 40.90 17.98
N LEU X 106 -34.95 39.96 17.40
CA LEU X 106 -33.70 39.50 17.99
C LEU X 106 -32.57 40.48 17.71
N THR X 107 -31.86 40.88 18.77
CA THR X 107 -30.74 41.81 18.62
C THR X 107 -29.41 41.15 18.97
N VAL X 108 -28.52 41.08 17.98
CA VAL X 108 -27.16 40.62 18.21
C VAL X 108 -26.21 41.81 18.18
N LEU X 109 -25.64 42.13 19.34
CA LEU X 109 -24.79 43.32 19.47
C LEU X 109 -23.53 43.22 18.62
N GLY X 110 -23.46 44.06 17.59
CA GLY X 110 -22.25 44.19 16.78
C GLY X 110 -21.52 45.45 17.19
N GLN X 111 -22.14 46.21 18.08
CA GLN X 111 -21.56 47.46 18.58
C GLN X 111 -22.13 47.76 19.98
N PRO X 112 -21.39 48.53 20.79
CA PRO X 112 -21.86 48.87 22.13
C PRO X 112 -23.17 49.67 22.11
N LYS X 113 -23.94 49.58 23.19
CA LYS X 113 -25.23 50.26 23.28
C LYS X 113 -25.07 51.77 23.43
N SER X 114 -25.81 52.51 22.62
CA SER X 114 -25.76 53.97 22.67
C SER X 114 -27.11 54.56 23.04
N SER X 115 -27.09 55.63 23.83
CA SER X 115 -28.30 56.29 24.27
C SER X 115 -28.94 57.07 23.12
N PRO X 116 -30.28 57.12 23.09
CA PRO X 116 -31.03 57.82 22.04
C PRO X 116 -30.78 59.32 22.00
N SER X 117 -30.50 59.85 20.82
CA SER X 117 -30.39 61.29 20.63
C SER X 117 -31.75 61.86 20.25
N VAL X 118 -32.34 62.63 21.16
CA VAL X 118 -33.70 63.11 20.96
C VAL X 118 -33.76 64.62 20.73
N THR X 119 -34.44 65.01 19.65
CA THR X 119 -34.63 66.41 19.33
C THR X 119 -36.12 66.70 19.14
N LEU X 120 -36.61 67.74 19.80
CA LEU X 120 -38.02 68.09 19.73
C LEU X 120 -38.24 69.41 18.99
N PHE X 121 -39.18 69.39 18.05
CA PHE X 121 -39.49 70.58 17.26
C PHE X 121 -40.89 71.09 17.53
N PRO X 122 -41.03 72.40 17.76
CA PRO X 122 -42.33 73.05 17.87
C PRO X 122 -42.95 73.27 16.49
N PRO X 123 -44.28 73.37 16.41
CA PRO X 123 -44.96 73.54 15.11
C PRO X 123 -44.60 74.85 14.43
N SER X 124 -44.37 74.81 13.13
CA SER X 124 -43.99 75.99 12.36
C SER X 124 -45.13 77.01 12.33
N SER X 125 -44.79 78.27 12.05
CA SER X 125 -45.77 79.34 11.99
C SER X 125 -46.73 79.15 10.82
N GLU X 126 -46.25 78.46 9.78
CA GLU X 126 -47.09 78.16 8.63
C GLU X 126 -48.20 77.18 8.99
N GLU X 127 -47.87 76.24 9.88
CA GLU X 127 -48.85 75.27 10.36
C GLU X 127 -49.91 75.93 11.22
N LEU X 128 -49.51 76.95 11.98
CA LEU X 128 -50.43 77.68 12.84
C LEU X 128 -51.47 78.41 12.00
N GLU X 129 -51.11 78.78 10.78
CA GLU X 129 -52.02 79.42 9.86
C GLU X 129 -52.98 78.41 9.24
N THR X 130 -52.56 77.15 9.22
CA THR X 130 -53.36 76.06 8.66
C THR X 130 -54.39 75.59 9.68
N ASN X 131 -54.30 76.13 10.88
CA ASN X 131 -55.13 75.72 12.02
C ASN X 131 -54.87 74.26 12.40
N LYS X 132 -53.66 73.80 12.11
CA LYS X 132 -53.24 72.44 12.46
C LYS X 132 -51.79 72.43 12.95
N ALA X 133 -51.60 72.23 14.25
CA ALA X 133 -50.26 72.23 14.84
C ALA X 133 -49.72 70.81 14.99
N THR X 134 -48.42 70.65 14.76
CA THR X 134 -47.78 69.34 14.86
C THR X 134 -46.37 69.44 15.42
N LEU X 135 -46.12 68.77 16.54
CA LEU X 135 -44.79 68.69 17.11
C LEU X 135 -44.07 67.46 16.56
N VAL X 136 -42.76 67.57 16.39
CA VAL X 136 -41.96 66.46 15.88
C VAL X 136 -40.85 66.10 16.85
N CYS X 137 -40.78 64.81 17.19
CA CYS X 137 -39.78 64.31 18.12
C CYS X 137 -38.87 63.30 17.43
N THR X 138 -37.70 63.75 17.00
CA THR X 138 -36.77 62.88 16.28
C THR X 138 -35.87 62.11 17.22
N ILE X 139 -35.84 60.79 17.06
CA ILE X 139 -34.96 59.94 17.85
C ILE X 139 -33.97 59.22 16.94
N THR X 140 -32.69 59.52 17.09
CA THR X 140 -31.66 58.93 16.24
C THR X 140 -30.50 58.37 17.07
N ASP X 141 -29.71 57.49 16.44
CA ASP X 141 -28.51 56.92 17.04
C ASP X 141 -28.77 56.22 18.37
N PHE X 142 -29.66 55.23 18.36
CA PHE X 142 -29.87 54.40 19.54
C PHE X 142 -29.75 52.92 19.18
N TYR X 143 -29.38 52.12 20.17
CA TYR X 143 -29.11 50.70 19.96
C TYR X 143 -29.24 49.93 21.27
N PRO X 144 -30.04 48.86 21.28
CA PRO X 144 -30.83 48.28 20.18
C PRO X 144 -32.03 49.13 19.77
N GLY X 145 -32.71 48.71 18.71
CA GLY X 145 -33.83 49.46 18.17
C GLY X 145 -35.16 49.17 18.86
N VAL X 146 -35.20 49.39 20.17
CA VAL X 146 -36.43 49.22 20.93
C VAL X 146 -36.67 50.45 21.79
N VAL X 147 -37.73 51.20 21.48
CA VAL X 147 -38.02 52.44 22.19
C VAL X 147 -39.52 52.64 22.43
N THR X 148 -39.86 53.17 23.60
CA THR X 148 -41.25 53.52 23.91
C THR X 148 -41.37 55.03 24.07
N VAL X 149 -42.12 55.66 23.17
CA VAL X 149 -42.23 57.11 23.14
C VAL X 149 -43.46 57.60 23.90
N ASP X 150 -43.23 58.50 24.86
CA ASP X 150 -44.33 59.13 25.58
C ASP X 150 -44.26 60.64 25.43
N TRP X 151 -45.43 61.27 25.30
CA TRP X 151 -45.51 62.72 25.25
C TRP X 151 -46.00 63.23 26.60
N LYS X 152 -46.24 64.54 26.68
CA LYS X 152 -46.73 65.17 27.91
C LYS X 152 -47.12 66.62 27.66
N VAL X 153 -48.42 66.90 27.67
CA VAL X 153 -48.91 68.27 27.53
C VAL X 153 -48.68 69.01 28.83
N ASP X 154 -49.48 68.68 29.85
CA ASP X 154 -49.26 69.20 31.19
C ASP X 154 -49.21 68.05 32.19
N GLY X 155 -50.28 67.25 32.21
CA GLY X 155 -50.27 66.01 32.95
C GLY X 155 -49.92 64.87 32.01
N THR X 156 -50.18 63.64 32.45
CA THR X 156 -50.02 62.46 31.60
C THR X 156 -50.80 62.69 30.31
N PRO X 157 -50.14 62.53 29.15
CA PRO X 157 -50.69 62.88 27.84
C PRO X 157 -52.08 62.34 27.56
N VAL X 158 -52.77 62.95 26.61
CA VAL X 158 -54.13 62.55 26.26
C VAL X 158 -54.16 61.12 25.70
N THR X 159 -52.98 60.62 25.35
CA THR X 159 -52.83 59.29 24.75
C THR X 159 -53.70 59.17 23.51
N GLN X 160 -53.83 60.28 22.78
CA GLN X 160 -54.74 60.36 21.66
C GLN X 160 -54.23 61.35 20.62
N GLY X 161 -53.97 60.86 19.42
CA GLY X 161 -53.44 61.70 18.35
C GLY X 161 -51.94 61.59 18.23
N MET X 162 -51.38 60.54 18.82
CA MET X 162 -49.94 60.30 18.76
C MET X 162 -49.62 59.21 17.74
N GLU X 163 -48.41 59.25 17.20
CA GLU X 163 -47.97 58.25 16.25
C GLU X 163 -46.44 58.20 16.15
N THR X 164 -45.89 56.99 16.26
CA THR X 164 -44.44 56.80 16.19
C THR X 164 -44.10 55.87 15.03
N THR X 165 -42.99 56.15 14.36
CA THR X 165 -42.52 55.29 13.28
C THR X 165 -41.85 54.03 13.82
N GLN X 166 -41.72 53.02 12.97
CA GLN X 166 -41.00 51.81 13.34
C GLN X 166 -39.50 52.03 13.20
N PRO X 167 -38.75 51.85 14.30
CA PRO X 167 -37.30 52.06 14.35
C PRO X 167 -36.55 51.32 13.26
N SER X 168 -35.99 52.06 12.31
CA SER X 168 -35.30 51.47 11.17
C SER X 168 -33.79 51.68 11.26
N LYS X 169 -33.03 50.86 10.55
CA LYS X 169 -31.58 50.96 10.54
C LYS X 169 -31.11 52.18 9.77
N GLN X 170 -30.05 52.81 10.25
CA GLN X 170 -29.43 53.93 9.54
C GLN X 170 -28.13 53.48 8.89
N SER X 171 -27.30 54.44 8.48
CA SER X 171 -26.08 54.14 7.75
C SER X 171 -25.06 53.36 8.56
N ASN X 172 -25.01 53.63 9.88
CA ASN X 172 -24.03 53.01 10.75
C ASN X 172 -24.61 51.94 11.66
N ASN X 173 -25.50 51.13 11.11
CA ASN X 173 -26.09 49.98 11.81
C ASN X 173 -26.86 50.32 13.09
N LYS X 174 -26.98 51.61 13.41
CA LYS X 174 -27.81 52.03 14.54
C LYS X 174 -29.25 52.19 14.07
N TYR X 175 -30.14 52.49 15.00
CA TYR X 175 -31.56 52.61 14.67
C TYR X 175 -32.07 54.03 14.87
N MET X 176 -33.10 54.39 14.10
CA MET X 176 -33.69 55.72 14.17
C MET X 176 -35.21 55.65 14.01
N ALA X 177 -35.91 56.53 14.70
CA ALA X 177 -37.36 56.59 14.63
C ALA X 177 -37.87 57.99 14.99
N SER X 178 -39.05 58.34 14.47
CA SER X 178 -39.63 59.64 14.75
C SER X 178 -41.06 59.52 15.26
N SER X 179 -41.50 60.51 16.03
CA SER X 179 -42.86 60.53 16.55
C SER X 179 -43.49 61.91 16.35
N TYR X 180 -44.75 61.91 15.91
CA TYR X 180 -45.46 63.15 15.69
C TYR X 180 -46.60 63.32 16.71
N LEU X 181 -46.85 64.57 17.10
CA LEU X 181 -47.97 64.88 17.97
C LEU X 181 -48.91 65.87 17.28
N THR X 182 -49.99 65.34 16.71
CA THR X 182 -50.92 66.16 15.94
C THR X 182 -51.95 66.84 16.84
N LEU X 183 -51.96 68.17 16.80
CA LEU X 183 -52.88 68.96 17.61
C LEU X 183 -53.63 69.98 16.77
N THR X 184 -54.77 70.46 17.27
CA THR X 184 -55.43 71.60 16.66
C THR X 184 -54.66 72.85 17.09
N ALA X 185 -54.71 73.89 16.26
CA ALA X 185 -53.94 75.10 16.53
C ALA X 185 -54.34 75.74 17.86
N ARG X 186 -55.64 75.68 18.17
CA ARG X 186 -56.14 76.26 19.41
C ARG X 186 -55.61 75.48 20.61
N ALA X 187 -55.48 74.17 20.45
CA ALA X 187 -54.97 73.32 21.51
C ALA X 187 -53.54 73.70 21.86
N TRP X 188 -52.72 73.92 20.85
CA TRP X 188 -51.31 74.25 21.06
C TRP X 188 -51.16 75.64 21.68
N GLU X 189 -52.15 76.51 21.45
CA GLU X 189 -52.09 77.88 21.93
C GLU X 189 -52.73 78.06 23.30
N ARG X 190 -53.17 76.96 23.91
CA ARG X 190 -53.79 77.03 25.23
C ARG X 190 -52.84 76.52 26.31
N HIS X 191 -52.07 75.49 25.98
CA HIS X 191 -51.18 74.87 26.95
C HIS X 191 -49.75 75.40 26.81
N SER X 192 -49.15 75.76 27.93
CA SER X 192 -47.84 76.41 27.93
C SER X 192 -46.69 75.42 27.67
N SER X 193 -46.49 74.50 28.60
CA SER X 193 -45.35 73.59 28.52
C SER X 193 -45.65 72.33 27.69
N TYR X 194 -44.59 71.70 27.21
CA TYR X 194 -44.69 70.44 26.46
C TYR X 194 -43.49 69.56 26.77
N SER X 195 -43.63 68.25 26.52
CA SER X 195 -42.55 67.31 26.80
C SER X 195 -42.59 66.11 25.87
N CYS X 196 -41.44 65.45 25.72
CA CYS X 196 -41.32 64.28 24.88
C CYS X 196 -40.44 63.23 25.56
N GLN X 197 -41.08 62.24 26.18
CA GLN X 197 -40.35 61.21 26.91
C GLN X 197 -40.00 60.00 26.04
N VAL X 198 -38.72 59.78 25.84
CA VAL X 198 -38.23 58.60 25.15
C VAL X 198 -37.54 57.67 26.14
N THR X 199 -38.01 56.43 26.21
CA THR X 199 -37.49 55.47 27.19
C THR X 199 -36.68 54.36 26.52
N HIS X 200 -35.40 54.28 26.88
CA HIS X 200 -34.54 53.20 26.44
C HIS X 200 -34.33 52.24 27.62
N GLU X 201 -33.96 51.00 27.33
CA GLU X 201 -33.78 50.01 28.39
C GLU X 201 -32.70 50.43 29.37
N GLY X 202 -33.13 50.94 30.53
CA GLY X 202 -32.21 51.36 31.57
C GLY X 202 -32.14 52.87 31.73
N HIS X 203 -32.68 53.59 30.74
CA HIS X 203 -32.61 55.05 30.76
C HIS X 203 -33.92 55.69 30.29
N THR X 204 -33.90 57.02 30.20
CA THR X 204 -35.04 57.78 29.70
C THR X 204 -34.60 59.21 29.36
N VAL X 205 -34.81 59.60 28.11
CA VAL X 205 -34.41 60.93 27.65
C VAL X 205 -35.60 61.89 27.66
N GLU X 206 -35.37 63.11 28.16
CA GLU X 206 -36.43 64.09 28.27
C GLU X 206 -36.13 65.35 27.45
N LYS X 207 -37.11 65.78 26.65
CA LYS X 207 -36.98 67.01 25.88
C LYS X 207 -38.26 67.85 26.01
N SER X 208 -38.10 69.11 26.37
CA SER X 208 -39.24 69.98 26.64
C SER X 208 -39.16 71.30 25.89
N LEU X 209 -40.32 71.87 25.58
CA LEU X 209 -40.39 73.21 25.01
C LEU X 209 -41.72 73.88 25.37
N SER X 210 -41.67 75.18 25.59
CA SER X 210 -42.88 75.94 25.89
C SER X 210 -43.09 77.02 24.84
N ARG X 211 -44.34 77.22 24.43
CA ARG X 211 -44.67 78.22 23.43
C ARG X 211 -44.47 79.63 23.99
N ALA X 212 -44.60 80.63 23.14
CA ALA X 212 -44.32 82.01 23.55
C ALA X 212 -45.35 82.99 23.00
N ASP X 213 -45.37 84.19 23.59
CA ASP X 213 -46.21 85.27 23.12
C ASP X 213 -45.42 86.57 23.02
N CYS X 214 -45.82 87.42 22.09
CA CYS X 214 -45.18 88.73 21.92
C CYS X 214 -46.23 89.80 21.67
N SER X 215 -47.28 89.79 22.49
CA SER X 215 -48.38 90.74 22.36
C SER X 215 -48.38 91.75 23.50
N GLN Y 1 -81.63 -56.60 19.34
CA GLN Y 1 -81.99 -55.56 18.36
C GLN Y 1 -82.32 -56.13 16.98
N ALA Y 2 -81.62 -57.19 16.58
CA ALA Y 2 -81.84 -57.80 15.28
C ALA Y 2 -81.21 -59.18 15.22
N VAL Y 3 -81.92 -60.14 14.65
CA VAL Y 3 -81.42 -61.51 14.56
C VAL Y 3 -81.37 -62.00 13.12
N VAL Y 4 -80.25 -62.58 12.74
CA VAL Y 4 -80.09 -63.17 11.41
C VAL Y 4 -80.39 -64.66 11.45
N THR Y 5 -81.28 -65.11 10.58
CA THR Y 5 -81.75 -66.49 10.59
C THR Y 5 -81.31 -67.28 9.35
N GLN Y 6 -80.70 -68.44 9.58
CA GLN Y 6 -80.36 -69.36 8.50
C GLN Y 6 -81.07 -70.69 8.70
N GLU Y 7 -80.94 -71.59 7.73
CA GLU Y 7 -81.46 -72.93 7.87
C GLU Y 7 -80.59 -73.69 8.87
N SER Y 8 -81.18 -74.63 9.58
CA SER Y 8 -80.45 -75.46 10.54
C SER Y 8 -79.34 -76.22 9.82
N ALA Y 9 -79.73 -77.05 8.86
CA ALA Y 9 -78.78 -77.81 8.06
C ALA Y 9 -79.41 -78.27 6.75
N LEU Y 10 -78.60 -78.40 5.71
CA LEU Y 10 -79.09 -78.84 4.41
C LEU Y 10 -78.22 -79.98 3.87
N THR Y 11 -78.84 -80.86 3.11
CA THR Y 11 -78.13 -82.01 2.55
C THR Y 11 -78.22 -81.97 1.02
N THR Y 12 -77.09 -82.24 0.36
CA THR Y 12 -77.04 -82.25 -1.09
C THR Y 12 -76.07 -83.29 -1.62
N SER Y 13 -76.22 -83.63 -2.89
CA SER Y 13 -75.36 -84.63 -3.53
C SER Y 13 -74.32 -83.92 -4.41
N PRO Y 14 -73.13 -84.54 -4.55
CA PRO Y 14 -72.05 -83.99 -5.39
C PRO Y 14 -72.51 -83.71 -6.82
N GLY Y 15 -72.14 -82.55 -7.35
CA GLY Y 15 -72.48 -82.19 -8.71
C GLY Y 15 -73.77 -81.40 -8.82
N GLU Y 16 -74.61 -81.50 -7.80
CA GLU Y 16 -75.91 -80.83 -7.81
C GLU Y 16 -75.80 -79.38 -7.36
N THR Y 17 -76.95 -78.70 -7.29
CA THR Y 17 -76.98 -77.29 -6.93
C THR Y 17 -77.81 -77.07 -5.66
N VAL Y 18 -77.21 -76.40 -4.68
CA VAL Y 18 -77.88 -76.13 -3.41
C VAL Y 18 -77.84 -74.62 -3.12
N THR Y 19 -78.88 -74.10 -2.47
CA THR Y 19 -78.95 -72.68 -2.15
C THR Y 19 -79.19 -72.44 -0.66
N LEU Y 20 -78.26 -71.75 -0.02
CA LEU Y 20 -78.39 -71.39 1.39
C LEU Y 20 -78.94 -69.97 1.54
N THR Y 21 -79.92 -69.80 2.41
CA THR Y 21 -80.55 -68.50 2.60
C THR Y 21 -80.11 -67.78 3.87
N CYS Y 22 -80.44 -66.49 3.95
CA CYS Y 22 -80.05 -65.64 5.07
C CYS Y 22 -81.09 -64.56 5.30
N ARG Y 23 -82.00 -64.79 6.24
CA ARG Y 23 -83.13 -63.90 6.47
C ARG Y 23 -82.90 -62.88 7.59
N SER Y 24 -83.33 -61.64 7.34
CA SER Y 24 -83.25 -60.58 8.35
C SER Y 24 -84.59 -60.42 9.09
N SER Y 25 -84.51 -60.01 10.35
CA SER Y 25 -85.71 -59.86 11.17
C SER Y 25 -86.32 -58.46 11.04
N THR Y 26 -85.52 -57.50 10.56
CA THR Y 26 -85.99 -56.13 10.44
C THR Y 26 -86.75 -55.90 9.14
N GLY Y 27 -86.67 -56.87 8.23
CA GLY Y 27 -87.35 -56.78 6.96
C GLY Y 27 -86.55 -57.40 5.84
N ALA Y 28 -86.70 -56.88 4.63
CA ALA Y 28 -85.99 -57.40 3.47
C ALA Y 28 -84.51 -57.04 3.52
N VAL Y 29 -83.67 -57.98 3.09
CA VAL Y 29 -82.23 -57.75 3.04
C VAL Y 29 -81.86 -56.93 1.81
N THR Y 30 -81.57 -55.65 2.03
CA THR Y 30 -81.22 -54.76 0.94
C THR Y 30 -79.73 -54.79 0.65
N THR Y 31 -79.29 -53.92 -0.25
CA THR Y 31 -77.88 -53.88 -0.66
C THR Y 31 -77.01 -53.21 0.39
N ILE Y 32 -77.64 -52.43 1.27
CA ILE Y 32 -76.90 -51.76 2.34
C ILE Y 32 -76.71 -52.69 3.53
N ASN Y 33 -77.08 -53.95 3.35
CA ASN Y 33 -76.83 -54.98 4.35
C ASN Y 33 -75.52 -55.69 4.09
N PHE Y 34 -75.02 -55.58 2.86
CA PHE Y 34 -73.72 -56.11 2.47
C PHE Y 34 -73.53 -57.57 2.89
N ALA Y 35 -74.37 -58.45 2.35
CA ALA Y 35 -74.38 -59.85 2.73
C ALA Y 35 -73.01 -60.51 2.61
N ASN Y 36 -72.50 -60.98 3.73
CA ASN Y 36 -71.23 -61.70 3.75
C ASN Y 36 -71.44 -63.18 4.04
N TRP Y 37 -70.69 -64.03 3.34
CA TRP Y 37 -70.78 -65.47 3.56
C TRP Y 37 -69.42 -66.03 3.96
N VAL Y 38 -69.36 -66.67 5.13
CA VAL Y 38 -68.12 -67.22 5.64
C VAL Y 38 -68.22 -68.74 5.83
N GLN Y 39 -67.22 -69.46 5.34
CA GLN Y 39 -67.17 -70.92 5.45
C GLN Y 39 -66.32 -71.36 6.62
N GLU Y 40 -66.84 -72.29 7.42
CA GLU Y 40 -66.08 -72.83 8.55
C GLU Y 40 -65.79 -74.31 8.38
N LYS Y 41 -64.56 -74.61 7.96
CA LYS Y 41 -64.06 -75.98 7.92
C LYS Y 41 -63.88 -76.47 9.36
N PRO Y 42 -63.82 -77.80 9.55
CA PRO Y 42 -63.54 -78.31 10.91
C PRO Y 42 -62.17 -77.86 11.42
N ASP Y 43 -61.97 -77.95 12.73
CA ASP Y 43 -60.73 -77.54 13.40
C ASP Y 43 -60.57 -76.02 13.35
N HIS Y 44 -61.70 -75.31 13.37
CA HIS Y 44 -61.73 -73.84 13.43
C HIS Y 44 -60.97 -73.16 12.29
N LEU Y 45 -61.18 -73.63 11.06
CA LEU Y 45 -60.61 -72.97 9.90
C LEU Y 45 -61.65 -72.12 9.19
N PHE Y 46 -61.54 -70.81 9.32
CA PHE Y 46 -62.49 -69.89 8.72
C PHE Y 46 -61.93 -69.30 7.43
N THR Y 47 -62.81 -69.01 6.49
CA THR Y 47 -62.41 -68.42 5.20
C THR Y 47 -63.58 -67.63 4.63
N GLY Y 48 -63.28 -66.53 3.94
CA GLY Y 48 -64.31 -65.70 3.37
C GLY Y 48 -64.70 -66.13 1.97
N LEU Y 49 -65.96 -65.94 1.62
CA LEU Y 49 -66.46 -66.33 0.31
C LEU Y 49 -66.99 -65.14 -0.49
N ILE Y 50 -68.17 -64.66 -0.13
CA ILE Y 50 -68.80 -63.55 -0.85
C ILE Y 50 -69.07 -62.41 0.11
N GLY Y 51 -68.76 -61.19 -0.31
CA GLY Y 51 -68.91 -60.04 0.55
C GLY Y 51 -69.45 -58.78 -0.11
N GLY Y 52 -69.66 -57.76 0.72
CA GLY Y 52 -70.07 -56.43 0.31
C GLY Y 52 -70.94 -56.28 -0.92
N ILE Y 53 -70.51 -55.44 -1.85
CA ILE Y 53 -71.33 -55.12 -3.01
C ILE Y 53 -71.33 -56.23 -4.05
N ASN Y 54 -70.15 -56.59 -4.52
CA ASN Y 54 -70.01 -57.72 -5.45
C ASN Y 54 -68.64 -58.38 -5.33
N ASN Y 55 -68.03 -58.26 -4.15
CA ASN Y 55 -66.67 -58.73 -3.95
C ASN Y 55 -66.57 -60.22 -3.64
N ARG Y 56 -65.44 -60.80 -4.02
CA ARG Y 56 -65.14 -62.20 -3.79
C ARG Y 56 -63.76 -62.32 -3.20
N ALA Y 57 -63.58 -63.23 -2.24
CA ALA Y 57 -62.26 -63.45 -1.65
C ALA Y 57 -61.37 -64.14 -2.68
N PRO Y 58 -60.07 -63.81 -2.67
CA PRO Y 58 -59.10 -64.44 -3.58
C PRO Y 58 -59.08 -65.96 -3.48
N GLY Y 59 -59.25 -66.63 -4.61
CA GLY Y 59 -59.17 -68.08 -4.65
C GLY Y 59 -60.50 -68.80 -4.48
N VAL Y 60 -61.56 -68.03 -4.27
CA VAL Y 60 -62.89 -68.61 -4.13
C VAL Y 60 -63.39 -69.18 -5.46
N PRO Y 61 -63.71 -70.48 -5.49
CA PRO Y 61 -64.19 -71.19 -6.68
C PRO Y 61 -65.36 -70.51 -7.36
N ALA Y 62 -65.49 -70.71 -8.67
CA ALA Y 62 -66.55 -70.06 -9.44
C ALA Y 62 -67.93 -70.60 -9.10
N ARG Y 63 -67.96 -71.80 -8.50
CA ARG Y 63 -69.23 -72.44 -8.15
C ARG Y 63 -69.97 -71.68 -7.05
N PHE Y 64 -69.21 -70.94 -6.24
CA PHE Y 64 -69.81 -70.09 -5.21
C PHE Y 64 -70.28 -68.76 -5.81
N SER Y 65 -71.52 -68.39 -5.52
CA SER Y 65 -72.09 -67.16 -6.07
C SER Y 65 -73.20 -66.62 -5.18
N GLY Y 66 -73.19 -65.31 -4.94
CA GLY Y 66 -74.18 -64.69 -4.09
C GLY Y 66 -75.29 -63.99 -4.87
N SER Y 67 -76.43 -63.81 -4.22
CA SER Y 67 -77.58 -63.17 -4.84
C SER Y 67 -78.60 -62.72 -3.79
N LEU Y 68 -79.71 -62.15 -4.25
CA LEU Y 68 -80.77 -61.70 -3.35
C LEU Y 68 -82.13 -62.26 -3.78
N ILE Y 69 -82.28 -63.59 -3.71
CA ILE Y 69 -83.53 -64.23 -4.06
C ILE Y 69 -84.61 -63.90 -3.03
N GLY Y 70 -85.74 -63.39 -3.50
CA GLY Y 70 -86.84 -63.01 -2.62
C GLY Y 70 -86.52 -61.78 -1.80
N ASP Y 71 -86.68 -61.88 -0.49
CA ASP Y 71 -86.40 -60.76 0.41
C ASP Y 71 -85.28 -61.10 1.39
N LYS Y 72 -84.44 -62.06 1.02
CA LYS Y 72 -83.31 -62.44 1.87
C LYS Y 72 -82.07 -62.74 1.04
N ALA Y 73 -80.91 -62.77 1.71
CA ALA Y 73 -79.65 -63.05 1.03
C ALA Y 73 -79.53 -64.54 0.73
N ALA Y 74 -78.77 -64.88 -0.32
CA ALA Y 74 -78.65 -66.26 -0.75
C ALA Y 74 -77.23 -66.63 -1.17
N LEU Y 75 -76.81 -67.82 -0.79
CA LEU Y 75 -75.52 -68.36 -1.22
C LEU Y 75 -75.74 -69.63 -2.03
N THR Y 76 -75.53 -69.53 -3.34
CA THR Y 76 -75.82 -70.65 -4.24
C THR Y 76 -74.56 -71.38 -4.66
N ILE Y 77 -74.54 -72.68 -4.43
CA ILE Y 77 -73.42 -73.52 -4.85
C ILE Y 77 -73.79 -74.36 -6.07
N THR Y 78 -73.31 -73.94 -7.24
CA THR Y 78 -73.62 -74.65 -8.48
C THR Y 78 -72.53 -75.66 -8.81
N GLY Y 79 -72.81 -76.94 -8.58
CA GLY Y 79 -71.83 -77.98 -8.79
C GLY Y 79 -71.07 -78.27 -7.50
N ALA Y 80 -71.79 -78.73 -6.49
CA ALA Y 80 -71.22 -78.96 -5.17
C ALA Y 80 -70.10 -80.01 -5.21
N GLN Y 81 -69.13 -79.85 -4.33
CA GLN Y 81 -68.00 -80.77 -4.24
C GLN Y 81 -67.93 -81.40 -2.86
N THR Y 82 -67.07 -82.41 -2.72
CA THR Y 82 -66.93 -83.11 -1.44
C THR Y 82 -66.36 -82.19 -0.37
N GLU Y 83 -65.44 -81.31 -0.78
CA GLU Y 83 -64.78 -80.40 0.15
C GLU Y 83 -65.66 -79.20 0.49
N ASP Y 84 -66.84 -79.11 -0.13
CA ASP Y 84 -67.76 -78.02 0.14
C ASP Y 84 -68.64 -78.32 1.35
N GLU Y 85 -68.34 -79.45 2.02
CA GLU Y 85 -69.08 -79.83 3.21
C GLU Y 85 -68.49 -79.15 4.44
N ALA Y 86 -69.17 -78.12 4.92
CA ALA Y 86 -68.74 -77.38 6.10
C ALA Y 86 -69.88 -76.58 6.69
N ILE Y 87 -69.57 -75.67 7.61
CA ILE Y 87 -70.58 -74.79 8.17
C ILE Y 87 -70.47 -73.41 7.53
N TYR Y 88 -71.58 -72.93 6.99
CA TYR Y 88 -71.58 -71.65 6.30
C TYR Y 88 -72.32 -70.58 7.09
N PHE Y 89 -71.60 -69.54 7.50
CA PHE Y 89 -72.19 -68.44 8.24
C PHE Y 89 -72.45 -67.27 7.31
N CYS Y 90 -73.62 -66.63 7.47
CA CYS Y 90 -73.89 -65.42 6.73
C CYS Y 90 -73.91 -64.24 7.71
N ALA Y 91 -73.28 -63.15 7.32
CA ALA Y 91 -73.24 -61.97 8.16
C ALA Y 91 -73.90 -60.79 7.44
N LEU Y 92 -74.73 -60.07 8.17
CA LEU Y 92 -75.43 -58.92 7.62
C LEU Y 92 -74.96 -57.65 8.32
N TRP Y 93 -74.88 -56.56 7.56
CA TRP Y 93 -74.42 -55.29 8.11
C TRP Y 93 -75.57 -54.38 8.49
N TYR Y 94 -75.82 -54.24 9.78
CA TYR Y 94 -76.74 -53.22 10.26
C TYR Y 94 -75.91 -52.00 10.64
N SER Y 95 -76.15 -50.88 9.96
CA SER Y 95 -75.52 -49.58 10.24
C SER Y 95 -74.75 -49.51 11.56
N ASN Y 96 -73.42 -49.49 11.46
CA ASN Y 96 -72.45 -49.40 12.58
C ASN Y 96 -71.88 -50.76 13.05
N HIS Y 97 -72.61 -51.85 12.88
CA HIS Y 97 -72.11 -53.14 13.38
C HIS Y 97 -72.47 -54.35 12.52
N TRP Y 98 -71.79 -55.46 12.77
CA TRP Y 98 -72.06 -56.73 12.09
C TRP Y 98 -72.94 -57.66 12.92
N VAL Y 99 -73.76 -58.48 12.24
CA VAL Y 99 -74.55 -59.50 12.91
C VAL Y 99 -74.49 -60.81 12.14
N PHE Y 100 -74.00 -61.86 12.78
CA PHE Y 100 -73.91 -63.19 12.16
C PHE Y 100 -75.19 -63.99 12.35
N GLY Y 101 -75.34 -65.03 11.54
CA GLY Y 101 -76.48 -65.91 11.64
C GLY Y 101 -76.13 -67.19 12.38
N GLY Y 102 -77.11 -68.10 12.49
CA GLY Y 102 -76.92 -69.35 13.19
C GLY Y 102 -75.93 -70.27 12.50
N GLY Y 103 -75.80 -70.12 11.19
CA GLY Y 103 -74.91 -70.96 10.42
C GLY Y 103 -75.63 -72.19 9.90
N THR Y 104 -75.33 -72.57 8.66
CA THR Y 104 -75.95 -73.74 8.05
C THR Y 104 -74.95 -74.87 7.95
N LYS Y 105 -75.35 -76.06 8.43
CA LYS Y 105 -74.50 -77.23 8.37
C LYS Y 105 -74.72 -77.99 7.07
N LEU Y 106 -73.96 -77.64 6.04
CA LEU Y 106 -74.11 -78.26 4.73
C LEU Y 106 -73.44 -79.62 4.66
N THR Y 107 -74.19 -80.63 4.23
CA THR Y 107 -73.65 -81.97 4.09
C THR Y 107 -73.62 -82.40 2.62
N VAL Y 108 -72.43 -82.67 2.11
CA VAL Y 108 -72.28 -83.20 0.77
C VAL Y 108 -71.98 -84.70 0.84
N LEU Y 109 -72.95 -85.50 0.42
CA LEU Y 109 -72.88 -86.95 0.56
C LEU Y 109 -71.72 -87.56 -0.23
N GLY Y 110 -70.65 -87.90 0.46
CA GLY Y 110 -69.52 -88.58 -0.16
C GLY Y 110 -69.56 -90.07 0.13
N GLN Y 111 -70.60 -90.48 0.85
CA GLN Y 111 -70.79 -91.89 1.21
C GLN Y 111 -72.25 -92.13 1.59
N PRO Y 112 -72.72 -93.38 1.46
CA PRO Y 112 -74.11 -93.69 1.77
C PRO Y 112 -74.51 -93.35 3.21
N LYS Y 113 -75.77 -92.99 3.41
CA LYS Y 113 -76.28 -92.63 4.73
C LYS Y 113 -76.16 -93.78 5.71
N SER Y 114 -75.72 -93.47 6.93
CA SER Y 114 -75.53 -94.49 7.97
C SER Y 114 -76.37 -94.20 9.20
N SER Y 115 -77.08 -95.22 9.68
CA SER Y 115 -77.90 -95.10 10.88
C SER Y 115 -77.02 -95.13 12.13
N PRO Y 116 -77.36 -94.29 13.12
CA PRO Y 116 -76.57 -94.14 14.35
C PRO Y 116 -76.56 -95.39 15.24
N SER Y 117 -75.38 -95.73 15.75
CA SER Y 117 -75.24 -96.81 16.71
C SER Y 117 -75.18 -96.23 18.12
N VAL Y 118 -76.25 -96.43 18.88
CA VAL Y 118 -76.34 -95.86 20.22
C VAL Y 118 -76.28 -96.91 21.32
N THR Y 119 -75.47 -96.64 22.34
CA THR Y 119 -75.40 -97.50 23.52
C THR Y 119 -75.57 -96.65 24.79
N LEU Y 120 -76.28 -97.18 25.77
CA LEU Y 120 -76.56 -96.45 27.01
C LEU Y 120 -75.84 -97.09 28.19
N PHE Y 121 -75.09 -96.29 28.93
CA PHE Y 121 -74.38 -96.77 30.11
C PHE Y 121 -75.03 -96.27 31.41
N PRO Y 122 -75.41 -97.20 32.29
CA PRO Y 122 -75.91 -96.86 33.63
C PRO Y 122 -74.79 -96.28 34.50
N PRO Y 123 -75.16 -95.51 35.53
CA PRO Y 123 -74.15 -94.91 36.42
C PRO Y 123 -73.34 -95.97 37.14
N SER Y 124 -72.02 -95.80 37.18
CA SER Y 124 -71.14 -96.77 37.83
C SER Y 124 -71.39 -96.81 39.33
N SER Y 125 -71.14 -97.96 39.94
CA SER Y 125 -71.33 -98.14 41.37
C SER Y 125 -70.36 -97.26 42.16
N GLU Y 126 -69.20 -97.01 41.58
CA GLU Y 126 -68.20 -96.14 42.20
C GLU Y 126 -68.71 -94.70 42.26
N GLU Y 127 -69.46 -94.31 41.23
CA GLU Y 127 -70.01 -92.96 41.15
C GLU Y 127 -71.20 -92.80 42.09
N LEU Y 128 -71.79 -93.92 42.48
CA LEU Y 128 -72.90 -93.91 43.43
C LEU Y 128 -72.41 -93.57 44.83
N GLU Y 129 -71.14 -93.88 45.10
CA GLU Y 129 -70.52 -93.50 46.37
C GLU Y 129 -70.27 -92.00 46.41
N THR Y 130 -70.25 -91.38 45.23
CA THR Y 130 -70.11 -89.93 45.12
C THR Y 130 -71.47 -89.28 45.36
N ASN Y 131 -72.51 -90.10 45.41
CA ASN Y 131 -73.89 -89.65 45.59
C ASN Y 131 -74.34 -88.73 44.46
N LYS Y 132 -73.81 -88.96 43.27
CA LYS Y 132 -74.22 -88.25 42.07
C LYS Y 132 -74.21 -89.21 40.88
N ALA Y 133 -75.36 -89.34 40.21
CA ALA Y 133 -75.50 -90.31 39.13
C ALA Y 133 -75.42 -89.66 37.76
N THR Y 134 -74.78 -90.34 36.82
CA THR Y 134 -74.66 -89.84 35.45
C THR Y 134 -74.82 -90.96 34.43
N LEU Y 135 -75.79 -90.81 33.55
CA LEU Y 135 -76.02 -91.76 32.47
C LEU Y 135 -75.36 -91.26 31.20
N VAL Y 136 -74.65 -92.16 30.50
CA VAL Y 136 -73.95 -91.79 29.29
C VAL Y 136 -74.60 -92.43 28.06
N CYS Y 137 -74.82 -91.62 27.03
CA CYS Y 137 -75.43 -92.08 25.79
C CYS Y 137 -74.49 -91.80 24.62
N THR Y 138 -73.85 -92.85 24.11
CA THR Y 138 -72.88 -92.69 23.03
C THR Y 138 -73.54 -92.88 21.67
N ILE Y 139 -73.31 -91.93 20.76
CA ILE Y 139 -73.84 -92.01 19.41
C ILE Y 139 -72.71 -92.09 18.40
N THR Y 140 -72.56 -93.22 17.73
CA THR Y 140 -71.46 -93.40 16.79
C THR Y 140 -71.93 -93.88 15.41
N ASP Y 141 -71.08 -93.63 14.41
CA ASP Y 141 -71.29 -94.13 13.05
C ASP Y 141 -72.61 -93.69 12.43
N PHE Y 142 -72.88 -92.39 12.39
CA PHE Y 142 -74.05 -91.87 11.71
C PHE Y 142 -73.68 -90.80 10.68
N TYR Y 143 -74.55 -90.62 9.70
CA TYR Y 143 -74.28 -89.72 8.58
C TYR Y 143 -75.59 -89.38 7.87
N PRO Y 144 -75.89 -88.08 7.70
CA PRO Y 144 -75.12 -86.88 8.07
C PRO Y 144 -75.01 -86.64 9.57
N GLY Y 145 -74.14 -85.72 9.95
CA GLY Y 145 -73.91 -85.41 11.36
C GLY Y 145 -74.96 -84.51 11.96
N VAL Y 146 -76.21 -84.96 11.93
CA VAL Y 146 -77.31 -84.22 12.55
C VAL Y 146 -78.19 -85.17 13.35
N VAL Y 147 -78.19 -84.99 14.67
CA VAL Y 147 -78.98 -85.84 15.56
C VAL Y 147 -79.70 -85.02 16.64
N THR Y 148 -80.82 -85.55 17.12
CA THR Y 148 -81.56 -84.92 18.20
C THR Y 148 -81.73 -85.90 19.36
N VAL Y 149 -81.04 -85.64 20.46
CA VAL Y 149 -81.08 -86.55 21.61
C VAL Y 149 -82.12 -86.12 22.63
N ASP Y 150 -83.04 -87.04 22.94
CA ASP Y 150 -84.05 -86.81 23.96
C ASP Y 150 -83.99 -87.89 25.03
N TRP Y 151 -84.13 -87.47 26.29
CA TRP Y 151 -84.13 -88.41 27.39
C TRP Y 151 -85.53 -88.56 27.97
N LYS Y 152 -85.81 -89.72 28.54
CA LYS Y 152 -87.12 -89.99 29.12
C LYS Y 152 -87.03 -90.77 30.44
N VAL Y 153 -87.58 -90.18 31.49
CA VAL Y 153 -87.85 -90.92 32.72
C VAL Y 153 -89.25 -91.53 32.54
N ASP Y 154 -89.43 -92.73 33.09
CA ASP Y 154 -90.64 -93.54 32.90
C ASP Y 154 -91.95 -92.75 32.81
N GLY Y 155 -92.07 -91.71 33.63
CA GLY Y 155 -93.29 -90.91 33.65
C GLY Y 155 -93.39 -89.91 32.51
N THR Y 156 -92.34 -89.10 32.34
CA THR Y 156 -92.35 -88.02 31.37
C THR Y 156 -90.94 -87.76 30.86
N PRO Y 157 -90.80 -87.43 29.56
CA PRO Y 157 -89.50 -86.98 29.04
C PRO Y 157 -88.95 -85.81 29.83
N VAL Y 158 -87.66 -85.85 30.14
CA VAL Y 158 -87.05 -84.83 30.99
C VAL Y 158 -86.85 -83.51 30.25
N THR Y 159 -86.78 -82.43 31.02
CA THR Y 159 -86.61 -81.09 30.46
C THR Y 159 -85.29 -80.48 30.91
N GLN Y 160 -84.79 -80.94 32.05
CA GLN Y 160 -83.55 -80.43 32.61
C GLN Y 160 -82.61 -81.55 33.07
N GLY Y 161 -81.31 -81.25 33.10
CA GLY Y 161 -80.33 -82.21 33.55
C GLY Y 161 -79.57 -82.87 32.43
N MET Y 162 -80.05 -82.71 31.20
CA MET Y 162 -79.44 -83.32 30.04
C MET Y 162 -78.43 -82.40 29.36
N GLU Y 163 -77.49 -82.99 28.63
CA GLU Y 163 -76.43 -82.25 27.96
C GLU Y 163 -75.85 -83.05 26.80
N THR Y 164 -75.93 -82.48 25.59
CA THR Y 164 -75.48 -83.16 24.39
C THR Y 164 -74.30 -82.44 23.74
N THR Y 165 -73.33 -83.20 23.25
CA THR Y 165 -72.18 -82.63 22.55
C THR Y 165 -72.50 -82.32 21.10
N GLN Y 166 -71.64 -81.52 20.47
CA GLN Y 166 -71.76 -81.26 19.04
C GLN Y 166 -71.09 -82.39 18.27
N PRO Y 167 -71.79 -82.92 17.25
CA PRO Y 167 -71.31 -84.05 16.45
C PRO Y 167 -69.91 -83.83 15.89
N SER Y 168 -68.99 -84.73 16.20
CA SER Y 168 -67.62 -84.62 15.74
C SER Y 168 -67.30 -85.65 14.66
N LYS Y 169 -66.43 -85.27 13.73
CA LYS Y 169 -66.04 -86.14 12.63
C LYS Y 169 -65.18 -87.30 13.13
N GLN Y 170 -65.48 -88.51 12.64
CA GLN Y 170 -64.70 -89.69 12.99
C GLN Y 170 -63.52 -89.86 12.05
N SER Y 171 -62.90 -91.04 12.09
CA SER Y 171 -61.79 -91.35 11.20
C SER Y 171 -62.31 -91.76 9.83
N ASN Y 172 -63.51 -92.34 9.80
CA ASN Y 172 -64.12 -92.79 8.56
C ASN Y 172 -65.20 -91.84 8.05
N ASN Y 173 -64.96 -90.54 8.23
CA ASN Y 173 -65.82 -89.47 7.70
C ASN Y 173 -67.26 -89.48 8.23
N LYS Y 174 -67.57 -90.42 9.12
CA LYS Y 174 -68.86 -90.40 9.79
C LYS Y 174 -68.75 -89.53 11.03
N TYR Y 175 -69.86 -89.33 11.73
CA TYR Y 175 -69.86 -88.44 12.89
C TYR Y 175 -70.17 -89.18 14.18
N MET Y 176 -69.78 -88.57 15.29
CA MET Y 176 -70.00 -89.14 16.62
C MET Y 176 -70.35 -88.06 17.64
N ALA Y 177 -71.22 -88.41 18.59
CA ALA Y 177 -71.63 -87.47 19.62
C ALA Y 177 -72.04 -88.21 20.89
N SER Y 178 -71.92 -87.54 22.03
CA SER Y 178 -72.31 -88.13 23.31
C SER Y 178 -73.36 -87.28 24.00
N SER Y 179 -74.06 -87.89 24.96
CA SER Y 179 -75.08 -87.20 25.72
C SER Y 179 -75.06 -87.66 27.17
N TYR Y 180 -75.23 -86.71 28.10
CA TYR Y 180 -75.18 -87.04 29.52
C TYR Y 180 -76.46 -86.66 30.24
N LEU Y 181 -76.96 -87.57 31.07
CA LEU Y 181 -78.12 -87.27 31.92
C LEU Y 181 -77.68 -87.22 33.38
N THR Y 182 -77.40 -86.02 33.86
CA THR Y 182 -76.90 -85.84 35.22
C THR Y 182 -78.02 -85.82 36.25
N LEU Y 183 -77.97 -86.79 37.17
CA LEU Y 183 -78.97 -86.90 38.23
C LEU Y 183 -78.32 -86.98 39.59
N THR Y 184 -79.12 -86.83 40.64
CA THR Y 184 -78.65 -87.10 41.99
C THR Y 184 -78.79 -88.60 42.26
N ALA Y 185 -78.05 -89.10 43.23
CA ALA Y 185 -78.14 -90.51 43.59
C ALA Y 185 -79.55 -90.86 44.01
N ARG Y 186 -80.16 -89.96 44.78
CA ARG Y 186 -81.53 -90.13 45.25
C ARG Y 186 -82.50 -90.26 44.08
N ALA Y 187 -82.31 -89.44 43.05
CA ALA Y 187 -83.16 -89.48 41.88
C ALA Y 187 -83.02 -90.80 41.12
N TRP Y 188 -81.80 -91.33 41.10
CA TRP Y 188 -81.51 -92.58 40.41
C TRP Y 188 -82.10 -93.78 41.14
N GLU Y 189 -82.04 -93.75 42.47
CA GLU Y 189 -82.53 -94.85 43.29
C GLU Y 189 -84.05 -94.98 43.23
N ARG Y 190 -84.72 -93.91 42.84
CA ARG Y 190 -86.18 -93.89 42.84
C ARG Y 190 -86.77 -94.39 41.52
N HIS Y 191 -86.66 -93.56 40.48
CA HIS Y 191 -87.24 -93.88 39.19
C HIS Y 191 -86.63 -95.16 38.60
N SER Y 192 -87.48 -96.04 38.09
CA SER Y 192 -87.05 -97.36 37.66
C SER Y 192 -86.36 -97.36 36.29
N SER Y 193 -87.08 -96.93 35.26
CA SER Y 193 -86.56 -97.00 33.89
C SER Y 193 -86.06 -95.67 33.36
N TYR Y 194 -85.12 -95.74 32.44
CA TYR Y 194 -84.56 -94.54 31.81
C TYR Y 194 -84.40 -94.76 30.31
N SER Y 195 -84.72 -93.73 29.53
CA SER Y 195 -84.69 -93.85 28.08
C SER Y 195 -83.82 -92.78 27.40
N CYS Y 196 -83.22 -93.16 26.28
CA CYS Y 196 -82.38 -92.26 25.51
C CYS Y 196 -82.82 -92.23 24.05
N GLN Y 197 -83.68 -91.29 23.70
CA GLN Y 197 -84.22 -91.19 22.35
C GLN Y 197 -83.28 -90.43 21.41
N VAL Y 198 -82.78 -91.13 20.39
CA VAL Y 198 -81.94 -90.51 19.38
C VAL Y 198 -82.63 -90.57 18.03
N THR Y 199 -82.85 -89.40 17.43
CA THR Y 199 -83.59 -89.34 16.17
C THR Y 199 -82.74 -88.92 14.98
N HIS Y 200 -82.76 -89.75 13.95
CA HIS Y 200 -82.09 -89.46 12.69
C HIS Y 200 -83.17 -89.28 11.62
N GLU Y 201 -82.84 -88.57 10.54
CA GLU Y 201 -83.83 -88.30 9.51
C GLU Y 201 -84.37 -89.58 8.88
N GLY Y 202 -85.61 -89.92 9.21
CA GLY Y 202 -86.26 -91.09 8.65
C GLY Y 202 -86.33 -92.27 9.60
N HIS Y 203 -85.67 -92.14 10.75
CA HIS Y 203 -85.64 -93.24 11.72
C HIS Y 203 -85.70 -92.71 13.16
N THR Y 204 -86.05 -93.59 14.08
CA THR Y 204 -86.01 -93.27 15.50
C THR Y 204 -85.37 -94.44 16.26
N VAL Y 205 -84.30 -94.16 16.99
CA VAL Y 205 -83.55 -95.20 17.68
C VAL Y 205 -83.63 -95.04 19.19
N GLU Y 206 -83.92 -96.13 19.88
CA GLU Y 206 -84.18 -96.10 21.32
C GLU Y 206 -83.34 -97.11 22.09
N LYS Y 207 -82.82 -96.69 23.24
CA LYS Y 207 -82.08 -97.57 24.13
C LYS Y 207 -82.59 -97.42 25.56
N SER Y 208 -83.03 -98.51 26.17
CA SER Y 208 -83.63 -98.45 27.50
C SER Y 208 -82.87 -99.28 28.52
N LEU Y 209 -83.09 -98.97 29.79
CA LEU Y 209 -82.47 -99.71 30.91
C LEU Y 209 -83.21 -99.45 32.21
N SER Y 210 -82.77 -100.09 33.29
CA SER Y 210 -83.37 -99.89 34.61
C SER Y 210 -82.31 -99.89 35.71
N ARG Y 211 -82.70 -99.44 36.90
CA ARG Y 211 -81.76 -99.30 38.01
C ARG Y 211 -81.48 -100.63 38.70
N ALA Y 212 -82.43 -101.55 38.60
CA ALA Y 212 -82.36 -102.87 39.23
C ALA Y 212 -82.36 -102.79 40.75
N ASP Y 213 -82.79 -103.87 41.40
CA ASP Y 213 -82.86 -103.93 42.85
C ASP Y 213 -82.41 -105.30 43.36
N CYS Y 214 -81.81 -105.32 44.55
CA CYS Y 214 -81.32 -106.57 45.12
C CYS Y 214 -81.79 -106.73 46.56
N SER Y 215 -82.61 -107.75 46.80
CA SER Y 215 -83.13 -108.04 48.13
C SER Y 215 -83.46 -109.52 48.28
N GLN Z 1 -107.44 -32.84 -25.66
CA GLN Z 1 -108.25 -31.66 -25.36
C GLN Z 1 -108.07 -30.67 -26.52
N ALA Z 2 -107.60 -31.18 -27.65
CA ALA Z 2 -107.36 -30.35 -28.82
C ALA Z 2 -107.27 -31.19 -30.07
N VAL Z 3 -107.91 -30.71 -31.14
CA VAL Z 3 -107.97 -31.43 -32.40
C VAL Z 3 -107.40 -30.63 -33.57
N VAL Z 4 -106.57 -31.29 -34.37
CA VAL Z 4 -106.02 -30.67 -35.57
C VAL Z 4 -106.88 -31.02 -36.78
N THR Z 5 -107.33 -30.01 -37.51
CA THR Z 5 -108.24 -30.19 -38.62
C THR Z 5 -107.61 -29.87 -39.97
N GLN Z 6 -107.70 -30.81 -40.91
CA GLN Z 6 -107.26 -30.59 -42.27
C GLN Z 6 -108.43 -30.71 -43.23
N GLU Z 7 -108.19 -30.42 -44.50
CA GLU Z 7 -109.21 -30.61 -45.52
C GLU Z 7 -109.46 -32.09 -45.77
N SER Z 8 -110.68 -32.44 -46.15
CA SER Z 8 -111.03 -33.82 -46.46
C SER Z 8 -110.17 -34.37 -47.59
N ALA Z 9 -110.28 -33.74 -48.76
CA ALA Z 9 -109.49 -34.13 -49.92
C ALA Z 9 -109.45 -32.99 -50.93
N LEU Z 10 -108.36 -32.89 -51.67
CA LEU Z 10 -108.22 -31.86 -52.69
C LEU Z 10 -107.77 -32.45 -54.02
N THR Z 11 -108.20 -31.83 -55.11
CA THR Z 11 -107.86 -32.29 -56.45
C THR Z 11 -107.14 -31.18 -57.21
N THR Z 12 -106.05 -31.54 -57.89
CA THR Z 12 -105.29 -30.57 -58.67
C THR Z 12 -104.69 -31.20 -59.92
N SER Z 13 -104.30 -30.35 -60.87
CA SER Z 13 -103.73 -30.81 -62.13
C SER Z 13 -102.21 -30.64 -62.12
N PRO Z 14 -101.50 -31.53 -62.83
CA PRO Z 14 -100.03 -31.49 -62.94
C PRO Z 14 -99.51 -30.14 -63.45
N GLY Z 15 -98.46 -29.64 -62.81
CA GLY Z 15 -97.86 -28.38 -63.21
C GLY Z 15 -98.40 -27.20 -62.42
N GLU Z 16 -99.59 -27.37 -61.85
CA GLU Z 16 -100.24 -26.30 -61.10
C GLU Z 16 -99.75 -26.23 -59.66
N THR Z 17 -100.33 -25.31 -58.90
CA THR Z 17 -99.93 -25.10 -57.52
C THR Z 17 -101.11 -25.37 -56.58
N VAL Z 18 -100.89 -26.20 -55.58
CA VAL Z 18 -101.93 -26.54 -54.62
C VAL Z 18 -101.46 -26.25 -53.18
N THR Z 19 -102.39 -25.83 -52.33
CA THR Z 19 -102.05 -25.50 -50.95
C THR Z 19 -102.94 -26.25 -49.95
N LEU Z 20 -102.31 -27.07 -49.10
CA LEU Z 20 -103.01 -27.77 -48.04
C LEU Z 20 -102.87 -27.01 -46.72
N THR Z 21 -103.97 -26.82 -46.01
CA THR Z 21 -103.94 -26.06 -44.77
C THR Z 21 -104.04 -26.96 -43.54
N CYS Z 22 -103.74 -26.39 -42.38
CA CYS Z 22 -103.73 -27.16 -41.13
C CYS Z 22 -104.11 -26.28 -39.93
N ARG Z 23 -105.37 -26.35 -39.52
CA ARG Z 23 -105.90 -25.48 -38.48
C ARG Z 23 -105.85 -26.12 -37.10
N SER Z 24 -105.48 -25.31 -36.10
CA SER Z 24 -105.48 -25.75 -34.71
C SER Z 24 -106.76 -25.33 -34.01
N SER Z 25 -107.19 -26.12 -33.04
CA SER Z 25 -108.44 -25.83 -32.32
C SER Z 25 -108.23 -24.90 -31.13
N THR Z 26 -106.99 -24.79 -30.68
CA THR Z 26 -106.68 -23.95 -29.52
C THR Z 26 -106.48 -22.50 -29.92
N GLY Z 27 -106.38 -22.25 -31.22
CA GLY Z 27 -106.18 -20.90 -31.72
C GLY Z 27 -105.28 -20.84 -32.94
N ALA Z 28 -104.58 -19.72 -33.08
CA ALA Z 28 -103.69 -19.53 -34.22
C ALA Z 28 -102.44 -20.40 -34.09
N VAL Z 29 -101.99 -20.96 -35.22
CA VAL Z 29 -100.80 -21.78 -35.25
C VAL Z 29 -99.53 -20.92 -35.24
N THR Z 30 -98.87 -20.86 -34.10
CA THR Z 30 -97.64 -20.06 -33.97
C THR Z 30 -96.42 -20.90 -34.35
N THR Z 31 -95.24 -20.33 -34.17
CA THR Z 31 -94.00 -21.02 -34.54
C THR Z 31 -93.63 -22.08 -33.51
N ILE Z 32 -94.18 -21.96 -32.30
CA ILE Z 32 -93.89 -22.93 -31.25
C ILE Z 32 -94.80 -24.14 -31.38
N ASN Z 33 -95.55 -24.20 -32.48
CA ASN Z 33 -96.36 -25.36 -32.79
C ASN Z 33 -95.59 -26.34 -33.66
N PHE Z 34 -94.52 -25.85 -34.28
CA PHE Z 34 -93.62 -26.67 -35.07
C PHE Z 34 -94.37 -27.53 -36.09
N ALA Z 35 -95.04 -26.87 -37.03
CA ALA Z 35 -95.86 -27.56 -38.01
C ALA Z 35 -95.07 -28.62 -38.77
N ASN Z 36 -95.50 -29.87 -38.62
CA ASN Z 36 -94.89 -30.98 -39.34
C ASN Z 36 -95.82 -31.54 -40.40
N TRP Z 37 -95.27 -31.85 -41.55
CA TRP Z 37 -96.04 -32.44 -42.63
C TRP Z 37 -95.48 -33.80 -43.03
N VAL Z 38 -96.32 -34.83 -42.95
CA VAL Z 38 -95.90 -36.17 -43.28
C VAL Z 38 -96.71 -36.69 -44.46
N GLN Z 39 -96.01 -37.24 -45.45
CA GLN Z 39 -96.66 -37.77 -46.64
C GLN Z 39 -96.82 -39.29 -46.55
N GLU Z 40 -98.01 -39.78 -46.87
CA GLU Z 40 -98.27 -41.21 -46.85
C GLU Z 40 -98.59 -41.78 -48.22
N LYS Z 41 -97.59 -42.42 -48.82
CA LYS Z 41 -97.79 -43.19 -50.04
C LYS Z 41 -98.65 -44.39 -49.72
N PRO Z 42 -99.29 -44.99 -50.74
CA PRO Z 42 -100.06 -46.21 -50.51
C PRO Z 42 -99.19 -47.36 -50.00
N ASP Z 43 -99.82 -48.40 -49.45
CA ASP Z 43 -99.14 -49.57 -48.90
C ASP Z 43 -98.37 -49.20 -47.64
N HIS Z 44 -98.93 -48.26 -46.87
CA HIS Z 44 -98.38 -47.85 -45.58
C HIS Z 44 -96.94 -47.36 -45.69
N LEU Z 45 -96.68 -46.52 -46.70
CA LEU Z 45 -95.36 -45.92 -46.81
C LEU Z 45 -95.41 -44.50 -46.27
N PHE Z 46 -94.45 -44.16 -45.41
CA PHE Z 46 -94.42 -42.85 -44.78
C PHE Z 46 -93.05 -42.20 -44.95
N THR Z 47 -93.06 -40.87 -45.06
CA THR Z 47 -91.83 -40.11 -45.19
C THR Z 47 -92.06 -38.70 -44.67
N GLY Z 48 -91.00 -38.09 -44.15
CA GLY Z 48 -91.12 -36.75 -43.62
C GLY Z 48 -90.89 -35.73 -44.71
N LEU Z 49 -91.58 -34.60 -44.60
CA LEU Z 49 -91.49 -33.54 -45.60
C LEU Z 49 -90.96 -32.24 -45.00
N ILE Z 50 -91.81 -31.57 -44.24
CA ILE Z 50 -91.46 -30.29 -43.63
C ILE Z 50 -91.60 -30.38 -42.12
N GLY Z 51 -90.61 -29.85 -41.41
CA GLY Z 51 -90.63 -29.93 -39.97
C GLY Z 51 -90.20 -28.70 -39.20
N GLY Z 52 -90.34 -28.80 -37.89
CA GLY Z 52 -89.93 -27.78 -36.92
C GLY Z 52 -89.93 -26.33 -37.36
N ILE Z 53 -88.81 -25.65 -37.13
CA ILE Z 53 -88.71 -24.22 -37.35
C ILE Z 53 -88.50 -23.87 -38.82
N ASN Z 54 -87.49 -24.45 -39.45
CA ASN Z 54 -87.27 -24.26 -40.88
C ASN Z 54 -86.54 -25.44 -41.50
N ASN Z 55 -86.81 -26.62 -40.96
CA ASN Z 55 -86.18 -27.86 -41.38
C ASN Z 55 -86.86 -28.60 -42.56
N ARG Z 56 -86.06 -29.31 -43.34
CA ARG Z 56 -86.57 -30.14 -44.44
C ARG Z 56 -85.93 -31.53 -44.37
N ALA Z 57 -86.72 -32.55 -44.65
CA ALA Z 57 -86.20 -33.92 -44.66
C ALA Z 57 -85.33 -34.15 -45.89
N PRO Z 58 -84.27 -34.96 -45.75
CA PRO Z 58 -83.38 -35.28 -46.86
C PRO Z 58 -84.11 -35.87 -48.07
N GLY Z 59 -83.92 -35.27 -49.24
CA GLY Z 59 -84.49 -35.77 -50.46
C GLY Z 59 -85.84 -35.19 -50.83
N VAL Z 60 -86.37 -34.33 -49.99
CA VAL Z 60 -87.64 -33.67 -50.25
C VAL Z 60 -87.50 -32.65 -51.39
N PRO Z 61 -88.28 -32.83 -52.47
CA PRO Z 61 -88.26 -31.97 -53.66
C PRO Z 61 -88.43 -30.49 -53.33
N ALA Z 62 -87.88 -29.63 -54.20
CA ALA Z 62 -87.92 -28.19 -53.97
C ALA Z 62 -89.31 -27.61 -54.10
N ARG Z 63 -90.20 -28.35 -54.76
CA ARG Z 63 -91.57 -27.88 -54.98
C ARG Z 63 -92.36 -27.81 -53.68
N PHE Z 64 -91.94 -28.60 -52.69
CA PHE Z 64 -92.55 -28.57 -51.37
C PHE Z 64 -92.02 -27.40 -50.54
N SER Z 65 -92.94 -26.65 -49.94
CA SER Z 65 -92.58 -25.48 -49.14
C SER Z 65 -93.64 -25.19 -48.09
N GLY Z 66 -93.18 -24.93 -46.87
CA GLY Z 66 -94.09 -24.66 -45.76
C GLY Z 66 -94.22 -23.17 -45.46
N SER Z 67 -95.31 -22.81 -44.82
CA SER Z 67 -95.58 -21.42 -44.46
C SER Z 67 -96.68 -21.33 -43.40
N LEU Z 68 -97.04 -20.11 -43.03
CA LEU Z 68 -98.09 -19.88 -42.06
C LEU Z 68 -99.12 -18.89 -42.59
N ILE Z 69 -99.82 -19.30 -43.65
CA ILE Z 69 -100.85 -18.47 -44.26
C ILE Z 69 -102.04 -18.29 -43.33
N GLY Z 70 -102.41 -17.04 -43.07
CA GLY Z 70 -103.50 -16.74 -42.18
C GLY Z 70 -103.09 -17.04 -40.74
N ASP Z 71 -103.90 -17.83 -40.05
CA ASP Z 71 -103.59 -18.21 -38.68
C ASP Z 71 -103.42 -19.72 -38.55
N LYS Z 72 -103.09 -20.37 -39.66
CA LYS Z 72 -102.88 -21.82 -39.67
C LYS Z 72 -101.70 -22.21 -40.56
N ALA Z 73 -101.22 -23.44 -40.38
CA ALA Z 73 -100.09 -23.93 -41.15
C ALA Z 73 -100.52 -24.31 -42.56
N ALA Z 74 -99.58 -24.22 -43.49
CA ALA Z 74 -99.87 -24.48 -44.90
C ALA Z 74 -98.74 -25.26 -45.56
N LEU Z 75 -99.11 -26.21 -46.42
CA LEU Z 75 -98.13 -26.95 -47.21
C LEU Z 75 -98.39 -26.71 -48.69
N THR Z 76 -97.50 -25.94 -49.32
CA THR Z 76 -97.70 -25.54 -50.70
C THR Z 76 -96.81 -26.32 -51.67
N ILE Z 77 -97.43 -26.96 -52.66
CA ILE Z 77 -96.70 -27.69 -53.69
C ILE Z 77 -96.74 -26.92 -55.01
N THR Z 78 -95.64 -26.27 -55.35
CA THR Z 78 -95.56 -25.49 -56.58
C THR Z 78 -94.99 -26.34 -57.71
N GLY Z 79 -95.86 -26.76 -58.62
CA GLY Z 79 -95.46 -27.64 -59.70
C GLY Z 79 -95.69 -29.09 -59.32
N ALA Z 80 -96.96 -29.44 -59.10
CA ALA Z 80 -97.34 -30.77 -58.66
C ALA Z 80 -96.95 -31.84 -59.68
N GLN Z 81 -96.64 -33.04 -59.19
CA GLN Z 81 -96.27 -34.15 -60.05
C GLN Z 81 -97.24 -35.32 -59.90
N THR Z 82 -97.12 -36.30 -60.79
CA THR Z 82 -98.00 -37.47 -60.76
C THR Z 82 -97.81 -38.29 -59.49
N GLU Z 83 -96.57 -38.38 -59.03
CA GLU Z 83 -96.25 -39.17 -57.84
C GLU Z 83 -96.58 -38.44 -56.55
N ASP Z 84 -97.08 -37.20 -56.68
CA ASP Z 84 -97.46 -36.42 -55.51
C ASP Z 84 -98.87 -36.75 -55.04
N GLU Z 85 -99.49 -37.75 -55.66
CA GLU Z 85 -100.83 -38.16 -55.27
C GLU Z 85 -100.76 -39.13 -54.10
N ALA Z 86 -101.06 -38.63 -52.92
CA ALA Z 86 -101.05 -39.42 -51.69
C ALA Z 86 -101.84 -38.74 -50.60
N ILE Z 87 -101.71 -39.24 -49.37
CA ILE Z 87 -102.35 -38.62 -48.23
C ILE Z 87 -101.33 -37.81 -47.41
N TYR Z 88 -101.64 -36.54 -47.18
CA TYR Z 88 -100.73 -35.66 -46.47
C TYR Z 88 -101.24 -35.34 -45.07
N PHE Z 89 -100.49 -35.76 -44.06
CA PHE Z 89 -100.85 -35.52 -42.68
C PHE Z 89 -100.09 -34.33 -42.09
N CYS Z 90 -100.81 -33.52 -41.32
CA CYS Z 90 -100.19 -32.41 -40.61
C CYS Z 90 -100.14 -32.71 -39.12
N ALA Z 91 -98.98 -32.46 -38.51
CA ALA Z 91 -98.81 -32.69 -37.09
C ALA Z 91 -98.43 -31.40 -36.39
N LEU Z 92 -99.06 -31.12 -35.26
CA LEU Z 92 -98.74 -29.92 -34.50
C LEU Z 92 -98.17 -30.28 -33.14
N TRP Z 93 -97.20 -29.49 -32.70
CA TRP Z 93 -96.56 -29.70 -31.41
C TRP Z 93 -97.17 -28.77 -30.39
N TYR Z 94 -97.97 -29.32 -29.49
CA TYR Z 94 -98.45 -28.55 -28.37
C TYR Z 94 -97.43 -28.78 -27.26
N SER Z 95 -97.45 -27.93 -26.24
CA SER Z 95 -96.51 -28.07 -25.14
C SER Z 95 -96.56 -29.48 -24.56
N ASN Z 96 -95.48 -30.24 -24.81
CA ASN Z 96 -95.22 -31.63 -24.35
C ASN Z 96 -95.59 -32.77 -25.31
N HIS Z 97 -96.54 -32.57 -26.23
CA HIS Z 97 -96.93 -33.67 -27.12
C HIS Z 97 -97.23 -33.23 -28.55
N TRP Z 98 -97.30 -34.22 -29.44
CA TRP Z 98 -97.66 -34.04 -30.83
C TRP Z 98 -99.13 -34.38 -31.08
N VAL Z 99 -99.76 -33.70 -32.03
CA VAL Z 99 -101.13 -34.01 -32.42
C VAL Z 99 -101.27 -33.98 -33.94
N PHE Z 100 -101.67 -35.11 -34.51
CA PHE Z 100 -101.84 -35.22 -35.96
C PHE Z 100 -103.25 -34.79 -36.39
N GLY Z 101 -103.40 -34.50 -37.68
CA GLY Z 101 -104.68 -34.13 -38.26
C GLY Z 101 -105.33 -35.29 -38.98
N GLY Z 102 -106.50 -35.03 -39.57
CA GLY Z 102 -107.24 -36.05 -40.29
C GLY Z 102 -106.54 -36.52 -41.56
N GLY Z 103 -105.72 -35.65 -42.13
CA GLY Z 103 -105.02 -35.95 -43.36
C GLY Z 103 -105.84 -35.58 -44.58
N THR Z 104 -105.16 -35.01 -45.59
CA THR Z 104 -105.81 -34.61 -46.82
C THR Z 104 -105.42 -35.54 -47.96
N LYS Z 105 -106.41 -36.06 -48.67
CA LYS Z 105 -106.14 -36.94 -49.81
C LYS Z 105 -105.99 -36.14 -51.09
N LEU Z 106 -104.75 -35.77 -51.40
CA LEU Z 106 -104.46 -34.96 -52.58
C LEU Z 106 -104.49 -35.81 -53.84
N THR Z 107 -105.24 -35.35 -54.83
CA THR Z 107 -105.35 -36.07 -56.10
C THR Z 107 -104.73 -35.28 -57.25
N VAL Z 108 -103.72 -35.87 -57.87
CA VAL Z 108 -103.11 -35.29 -59.06
C VAL Z 108 -103.59 -36.03 -60.30
N LEU Z 109 -104.18 -35.30 -61.22
CA LEU Z 109 -104.81 -35.89 -62.40
C LEU Z 109 -103.79 -36.50 -63.36
N GLY Z 110 -103.68 -37.82 -63.34
CA GLY Z 110 -102.82 -38.54 -64.26
C GLY Z 110 -103.62 -39.06 -65.43
N GLN Z 111 -104.94 -39.07 -65.28
CA GLN Z 111 -105.85 -39.55 -66.30
C GLN Z 111 -107.20 -38.85 -66.18
N PRO Z 112 -107.94 -38.73 -67.29
CA PRO Z 112 -109.28 -38.13 -67.27
C PRO Z 112 -110.21 -38.81 -66.26
N LYS Z 113 -111.07 -38.03 -65.62
CA LYS Z 113 -111.98 -38.55 -64.60
C LYS Z 113 -112.95 -39.58 -65.17
N SER Z 114 -113.21 -40.63 -64.39
CA SER Z 114 -114.07 -41.71 -64.84
C SER Z 114 -115.20 -41.98 -63.85
N SER Z 115 -116.43 -42.08 -64.37
CA SER Z 115 -117.60 -42.39 -63.55
C SER Z 115 -117.50 -43.82 -63.03
N PRO Z 116 -118.00 -44.05 -61.80
CA PRO Z 116 -117.89 -45.36 -61.14
C PRO Z 116 -118.75 -46.45 -61.76
N SER Z 117 -118.19 -47.65 -61.88
CA SER Z 117 -118.92 -48.82 -62.35
C SER Z 117 -119.48 -49.60 -61.17
N VAL Z 118 -120.76 -49.38 -60.87
CA VAL Z 118 -121.38 -49.96 -59.69
C VAL Z 118 -122.26 -51.17 -60.04
N THR Z 119 -122.14 -52.23 -59.25
CA THR Z 119 -123.01 -53.40 -59.39
C THR Z 119 -123.52 -53.85 -58.02
N LEU Z 120 -124.81 -54.18 -57.96
CA LEU Z 120 -125.42 -54.62 -56.70
C LEU Z 120 -125.72 -56.11 -56.73
N PHE Z 121 -125.39 -56.80 -55.63
CA PHE Z 121 -125.57 -58.24 -55.56
C PHE Z 121 -126.50 -58.66 -54.44
N PRO Z 122 -127.43 -59.59 -54.74
CA PRO Z 122 -128.35 -60.16 -53.75
C PRO Z 122 -127.66 -61.14 -52.82
N PRO Z 123 -128.26 -61.42 -51.65
CA PRO Z 123 -127.75 -62.45 -50.75
C PRO Z 123 -127.78 -63.83 -51.40
N SER Z 124 -126.85 -64.69 -51.03
CA SER Z 124 -126.77 -66.04 -51.60
C SER Z 124 -127.90 -66.92 -51.07
N SER Z 125 -128.13 -68.03 -51.76
CA SER Z 125 -129.18 -68.97 -51.36
C SER Z 125 -128.79 -69.70 -50.08
N GLU Z 126 -127.49 -69.87 -49.87
CA GLU Z 126 -126.99 -70.52 -48.67
C GLU Z 126 -127.06 -69.57 -47.47
N GLU Z 127 -127.13 -68.28 -47.76
CA GLU Z 127 -127.21 -67.28 -46.70
C GLU Z 127 -128.62 -67.21 -46.14
N LEU Z 128 -129.61 -67.35 -47.01
CA LEU Z 128 -131.01 -67.39 -46.59
C LEU Z 128 -131.26 -68.59 -45.67
N GLU Z 129 -130.44 -69.63 -45.85
CA GLU Z 129 -130.50 -70.82 -45.01
C GLU Z 129 -129.92 -70.54 -43.63
N THR Z 130 -128.94 -69.63 -43.58
CA THR Z 130 -128.28 -69.26 -42.33
C THR Z 130 -129.13 -68.24 -41.56
N ASN Z 131 -130.28 -67.88 -42.13
CA ASN Z 131 -131.20 -66.91 -41.55
C ASN Z 131 -130.58 -65.51 -41.39
N LYS Z 132 -129.41 -65.32 -41.99
CA LYS Z 132 -128.76 -64.01 -42.04
C LYS Z 132 -128.69 -63.54 -43.49
N ALA Z 133 -128.63 -62.23 -43.69
CA ALA Z 133 -128.63 -61.68 -45.05
C ALA Z 133 -127.55 -60.63 -45.22
N THR Z 134 -126.93 -60.60 -46.41
CA THR Z 134 -125.88 -59.64 -46.71
C THR Z 134 -125.90 -59.23 -48.18
N LEU Z 135 -126.10 -57.93 -48.42
CA LEU Z 135 -126.02 -57.38 -49.77
C LEU Z 135 -124.62 -56.85 -50.04
N VAL Z 136 -124.15 -57.01 -51.26
CA VAL Z 136 -122.82 -56.55 -51.65
C VAL Z 136 -122.87 -55.57 -52.81
N CYS Z 137 -122.40 -54.35 -52.58
CA CYS Z 137 -122.39 -53.32 -53.60
C CYS Z 137 -120.95 -52.95 -53.97
N THR Z 138 -120.50 -53.45 -55.13
CA THR Z 138 -119.12 -53.26 -55.55
C THR Z 138 -118.96 -52.06 -56.49
N ILE Z 139 -118.11 -51.11 -56.10
CA ILE Z 139 -117.86 -49.92 -56.90
C ILE Z 139 -116.44 -49.97 -57.47
N THR Z 140 -116.34 -50.01 -58.80
CA THR Z 140 -115.03 -50.13 -59.45
C THR Z 140 -114.79 -49.07 -60.52
N ASP Z 141 -113.53 -48.86 -60.84
CA ASP Z 141 -113.10 -47.99 -61.93
C ASP Z 141 -113.63 -46.56 -61.82
N PHE Z 142 -113.26 -45.87 -60.75
CA PHE Z 142 -113.62 -44.46 -60.61
C PHE Z 142 -112.39 -43.63 -60.22
N TYR Z 143 -112.41 -42.36 -60.63
CA TYR Z 143 -111.27 -41.48 -60.41
C TYR Z 143 -111.74 -40.02 -60.37
N PRO Z 144 -111.41 -39.30 -59.28
CA PRO Z 144 -110.61 -39.70 -58.12
C PRO Z 144 -111.33 -40.68 -57.19
N GLY Z 145 -110.64 -41.14 -56.15
CA GLY Z 145 -111.17 -42.12 -55.23
C GLY Z 145 -111.95 -41.52 -54.07
N VAL Z 146 -112.94 -40.69 -54.39
CA VAL Z 146 -113.80 -40.09 -53.38
C VAL Z 146 -115.26 -40.42 -53.69
N VAL Z 147 -115.81 -41.40 -52.98
CA VAL Z 147 -117.18 -41.82 -53.23
C VAL Z 147 -117.99 -41.99 -51.95
N THR Z 148 -119.24 -41.57 -51.98
CA THR Z 148 -120.14 -41.72 -50.85
C THR Z 148 -121.34 -42.58 -51.25
N VAL Z 149 -121.39 -43.79 -50.71
CA VAL Z 149 -122.46 -44.72 -51.05
C VAL Z 149 -123.55 -44.74 -49.97
N ASP Z 150 -124.79 -44.52 -50.40
CA ASP Z 150 -125.93 -44.57 -49.50
C ASP Z 150 -126.89 -45.68 -49.89
N TRP Z 151 -127.61 -46.21 -48.91
CA TRP Z 151 -128.55 -47.30 -49.15
C TRP Z 151 -130.00 -46.86 -48.93
N LYS Z 152 -130.90 -47.37 -49.75
CA LYS Z 152 -132.33 -47.11 -49.59
C LYS Z 152 -133.13 -48.39 -49.74
N VAL Z 153 -133.88 -48.75 -48.71
CA VAL Z 153 -134.75 -49.91 -48.78
C VAL Z 153 -136.21 -49.48 -48.90
N ASP Z 154 -136.84 -49.88 -50.00
CA ASP Z 154 -138.22 -49.49 -50.31
C ASP Z 154 -138.39 -47.97 -50.35
N GLY Z 155 -137.30 -47.26 -50.64
CA GLY Z 155 -137.34 -45.81 -50.71
C GLY Z 155 -136.74 -45.13 -49.49
N THR Z 156 -136.82 -45.79 -48.34
CA THR Z 156 -136.32 -45.22 -47.09
C THR Z 156 -134.85 -45.54 -46.87
N PRO Z 157 -134.05 -44.50 -46.55
CA PRO Z 157 -132.61 -44.63 -46.30
C PRO Z 157 -132.28 -45.53 -45.12
N VAL Z 158 -131.26 -46.37 -45.27
CA VAL Z 158 -130.84 -47.29 -44.21
C VAL Z 158 -129.72 -46.68 -43.39
N THR Z 159 -130.05 -46.21 -42.19
CA THR Z 159 -129.07 -45.57 -41.32
C THR Z 159 -128.15 -46.57 -40.64
N GLN Z 160 -128.72 -47.72 -40.26
CA GLN Z 160 -127.96 -48.74 -39.54
C GLN Z 160 -127.81 -50.03 -40.34
N GLY Z 161 -126.65 -50.68 -40.19
CA GLY Z 161 -126.41 -51.96 -40.81
C GLY Z 161 -125.50 -51.92 -42.02
N MET Z 162 -125.11 -50.73 -42.43
CA MET Z 162 -124.25 -50.56 -43.61
C MET Z 162 -122.81 -50.25 -43.25
N GLU Z 163 -121.89 -50.75 -44.06
CA GLU Z 163 -120.46 -50.49 -43.86
C GLU Z 163 -119.75 -50.43 -45.21
N THR Z 164 -118.82 -49.49 -45.35
CA THR Z 164 -118.13 -49.29 -46.62
C THR Z 164 -116.62 -49.15 -46.43
N THR Z 165 -115.86 -49.90 -47.22
CA THR Z 165 -114.40 -49.81 -47.20
C THR Z 165 -113.93 -48.50 -47.80
N GLN Z 166 -112.75 -48.06 -47.37
CA GLN Z 166 -112.14 -46.87 -47.96
C GLN Z 166 -111.59 -47.18 -49.35
N PRO Z 167 -111.81 -46.27 -50.31
CA PRO Z 167 -111.42 -46.45 -51.72
C PRO Z 167 -109.97 -46.88 -51.90
N SER Z 168 -109.77 -48.13 -52.29
CA SER Z 168 -108.44 -48.66 -52.55
C SER Z 168 -108.06 -48.49 -54.01
N LYS Z 169 -106.77 -48.33 -54.27
CA LYS Z 169 -106.28 -48.09 -55.63
C LYS Z 169 -106.24 -49.37 -56.45
N GLN Z 170 -106.55 -49.26 -57.73
CA GLN Z 170 -106.54 -50.41 -58.64
C GLN Z 170 -105.23 -50.47 -59.42
N SER Z 171 -105.12 -51.47 -60.30
CA SER Z 171 -103.91 -51.67 -61.08
C SER Z 171 -103.72 -50.57 -62.12
N ASN Z 172 -104.83 -50.04 -62.63
CA ASN Z 172 -104.77 -49.03 -63.67
C ASN Z 172 -105.02 -47.61 -63.12
N ASN Z 173 -104.46 -47.34 -61.94
CA ASN Z 173 -104.53 -46.03 -61.30
C ASN Z 173 -105.95 -45.54 -61.01
N LYS Z 174 -106.94 -46.40 -61.22
CA LYS Z 174 -108.30 -46.10 -60.82
C LYS Z 174 -108.51 -46.59 -59.39
N TYR Z 175 -109.67 -46.32 -58.82
CA TYR Z 175 -109.91 -46.71 -57.44
C TYR Z 175 -111.12 -47.64 -57.33
N MET Z 176 -111.15 -48.43 -56.26
CA MET Z 176 -112.22 -49.39 -56.02
C MET Z 176 -112.66 -49.37 -54.56
N ALA Z 177 -113.93 -49.69 -54.33
CA ALA Z 177 -114.47 -49.74 -52.97
C ALA Z 177 -115.69 -50.65 -52.92
N SER Z 178 -115.97 -51.20 -51.75
CA SER Z 178 -117.12 -52.10 -51.59
C SER Z 178 -117.99 -51.67 -50.41
N SER Z 179 -119.29 -51.88 -50.54
CA SER Z 179 -120.24 -51.55 -49.49
C SER Z 179 -121.07 -52.77 -49.12
N TYR Z 180 -121.13 -53.08 -47.82
CA TYR Z 180 -121.85 -54.25 -47.35
C TYR Z 180 -123.09 -53.85 -46.55
N LEU Z 181 -124.17 -54.61 -46.71
CA LEU Z 181 -125.42 -54.33 -46.02
C LEU Z 181 -125.90 -55.55 -45.24
N THR Z 182 -125.69 -55.53 -43.92
CA THR Z 182 -126.04 -56.67 -43.08
C THR Z 182 -127.51 -56.67 -42.69
N LEU Z 183 -128.23 -57.71 -43.12
CA LEU Z 183 -129.64 -57.87 -42.81
C LEU Z 183 -129.94 -59.23 -42.20
N THR Z 184 -131.18 -59.40 -41.72
CA THR Z 184 -131.65 -60.72 -41.34
C THR Z 184 -132.50 -61.26 -42.49
N ALA Z 185 -132.56 -62.59 -42.62
CA ALA Z 185 -133.23 -63.23 -43.74
C ALA Z 185 -134.69 -62.77 -43.88
N ARG Z 186 -135.42 -62.82 -42.77
CA ARG Z 186 -136.82 -62.42 -42.79
C ARG Z 186 -136.97 -60.96 -43.18
N ALA Z 187 -136.09 -60.11 -42.68
CA ALA Z 187 -136.11 -58.69 -43.01
C ALA Z 187 -135.87 -58.48 -44.51
N TRP Z 188 -135.03 -59.33 -45.08
CA TRP Z 188 -134.76 -59.27 -46.52
C TRP Z 188 -135.97 -59.74 -47.31
N GLU Z 189 -136.71 -60.69 -46.75
CA GLU Z 189 -137.90 -61.22 -47.40
C GLU Z 189 -139.02 -60.18 -47.45
N ARG Z 190 -139.21 -59.48 -46.33
CA ARG Z 190 -140.30 -58.52 -46.19
C ARG Z 190 -140.21 -57.37 -47.18
N HIS Z 191 -139.00 -56.93 -47.47
CA HIS Z 191 -138.80 -55.78 -48.36
C HIS Z 191 -138.55 -56.22 -49.80
N SER Z 192 -139.31 -55.65 -50.72
CA SER Z 192 -139.24 -56.06 -52.12
C SER Z 192 -138.21 -55.27 -52.91
N SER Z 193 -138.02 -54.00 -52.56
CA SER Z 193 -137.11 -53.13 -53.29
C SER Z 193 -135.84 -52.81 -52.51
N TYR Z 194 -134.74 -52.66 -53.24
CA TYR Z 194 -133.46 -52.30 -52.65
C TYR Z 194 -132.67 -51.38 -53.59
N SER Z 195 -131.92 -50.45 -53.01
CA SER Z 195 -131.16 -49.50 -53.80
C SER Z 195 -129.76 -49.29 -53.27
N CYS Z 196 -128.85 -48.89 -54.14
CA CYS Z 196 -127.46 -48.61 -53.76
C CYS Z 196 -126.95 -47.41 -54.55
N GLN Z 197 -127.08 -46.23 -53.95
CA GLN Z 197 -126.71 -45.00 -54.64
C GLN Z 197 -125.29 -44.54 -54.31
N VAL Z 198 -124.43 -44.53 -55.32
CA VAL Z 198 -123.06 -44.09 -55.17
C VAL Z 198 -122.86 -42.72 -55.83
N THR Z 199 -122.33 -41.77 -55.09
CA THR Z 199 -122.12 -40.42 -55.60
C THR Z 199 -120.64 -40.13 -55.84
N HIS Z 200 -120.33 -39.73 -57.07
CA HIS Z 200 -118.96 -39.47 -57.47
C HIS Z 200 -118.85 -38.23 -58.35
N GLU Z 201 -118.09 -37.24 -57.89
CA GLU Z 201 -117.85 -36.00 -58.63
C GLU Z 201 -119.15 -35.27 -58.97
N GLY Z 202 -120.11 -35.30 -58.06
CA GLY Z 202 -121.37 -34.62 -58.27
C GLY Z 202 -122.37 -35.41 -59.09
N HIS Z 203 -121.95 -36.58 -59.57
CA HIS Z 203 -122.82 -37.45 -60.33
C HIS Z 203 -123.29 -38.63 -59.49
N THR Z 204 -124.52 -39.07 -59.72
CA THR Z 204 -125.09 -40.17 -58.95
C THR Z 204 -125.44 -41.35 -59.85
N VAL Z 205 -125.05 -42.54 -59.43
CA VAL Z 205 -125.39 -43.77 -60.14
C VAL Z 205 -126.24 -44.68 -59.24
N GLU Z 206 -127.24 -45.31 -59.83
CA GLU Z 206 -128.19 -46.10 -59.05
C GLU Z 206 -128.36 -47.52 -59.58
N LYS Z 207 -128.36 -48.48 -58.65
CA LYS Z 207 -128.64 -49.88 -58.98
C LYS Z 207 -129.74 -50.41 -58.06
N SER Z 208 -130.73 -51.08 -58.66
CA SER Z 208 -131.87 -51.57 -57.89
C SER Z 208 -132.03 -53.09 -58.01
N LEU Z 209 -132.56 -53.70 -56.96
CA LEU Z 209 -132.76 -55.15 -56.91
C LEU Z 209 -134.17 -55.51 -56.46
N SER Z 210 -134.87 -56.31 -57.27
CA SER Z 210 -136.21 -56.77 -56.93
C SER Z 210 -136.26 -58.29 -56.84
N ARG Z 211 -136.88 -58.80 -55.79
CA ARG Z 211 -136.95 -60.24 -55.56
C ARG Z 211 -137.81 -60.93 -56.61
N GLN AA 1 -51.29 -15.76 45.53
CA GLN AA 1 -52.17 -16.29 44.51
C GLN AA 1 -51.87 -17.76 44.25
N ALA AA 2 -50.60 -18.12 44.38
CA ALA AA 2 -50.15 -19.49 44.15
C ALA AA 2 -48.78 -19.74 44.77
N VAL AA 3 -48.63 -20.88 45.43
CA VAL AA 3 -47.38 -21.24 46.07
C VAL AA 3 -46.88 -22.60 45.58
N VAL AA 4 -45.61 -22.64 45.21
CA VAL AA 4 -44.98 -23.88 44.78
C VAL AA 4 -44.26 -24.53 45.95
N THR AA 5 -44.56 -25.80 46.20
CA THR AA 5 -44.00 -26.48 47.36
C THR AA 5 -43.05 -27.60 46.96
N GLN AA 6 -41.84 -27.56 47.51
CA GLN AA 6 -40.86 -28.62 47.33
C GLN AA 6 -40.48 -29.22 48.68
N GLU AA 7 -39.70 -30.29 48.66
CA GLU AA 7 -39.19 -30.85 49.90
C GLU AA 7 -38.12 -29.92 50.47
N SER AA 8 -37.98 -29.93 51.79
CA SER AA 8 -36.98 -29.11 52.46
C SER AA 8 -35.57 -29.47 51.97
N ALA AA 9 -35.19 -30.73 52.19
CA ALA AA 9 -33.89 -31.22 51.76
C ALA AA 9 -33.91 -32.75 51.66
N LEU AA 10 -33.12 -33.29 50.73
CA LEU AA 10 -33.02 -34.74 50.58
C LEU AA 10 -31.57 -35.21 50.54
N THR AA 11 -31.34 -36.43 51.03
CA THR AA 11 -30.01 -37.01 51.07
C THR AA 11 -29.95 -38.32 50.30
N THR AA 12 -28.90 -38.48 49.50
CA THR AA 12 -28.71 -39.71 48.73
C THR AA 12 -27.22 -40.02 48.57
N SER AA 13 -26.92 -41.26 48.20
CA SER AA 13 -25.53 -41.69 48.01
C SER AA 13 -25.19 -41.74 46.53
N PRO AA 14 -23.91 -41.50 46.19
CA PRO AA 14 -23.42 -41.52 44.81
C PRO AA 14 -23.75 -42.82 44.07
N GLY AA 15 -24.21 -42.71 42.83
CA GLY AA 15 -24.54 -43.87 42.03
C GLY AA 15 -26.00 -44.25 42.14
N GLU AA 16 -26.65 -43.80 43.21
CA GLU AA 16 -28.04 -44.14 43.46
C GLU AA 16 -28.99 -43.22 42.73
N THR AA 17 -30.29 -43.41 42.94
CA THR AA 17 -31.31 -42.63 42.25
C THR AA 17 -32.17 -41.85 43.24
N VAL AA 18 -32.29 -40.54 43.01
CA VAL AA 18 -33.09 -39.69 43.87
C VAL AA 18 -34.11 -38.92 43.03
N THR AA 19 -35.29 -38.67 43.60
CA THR AA 19 -36.34 -37.96 42.88
C THR AA 19 -36.84 -36.75 43.67
N LEU AA 20 -36.70 -35.57 43.08
CA LEU AA 20 -37.19 -34.34 43.69
C LEU AA 20 -38.57 -34.01 43.13
N THR AA 21 -39.52 -33.70 44.01
CA THR AA 21 -40.88 -33.42 43.58
C THR AA 21 -41.20 -31.92 43.63
N CYS AA 22 -42.31 -31.55 43.01
CA CYS AA 22 -42.71 -30.16 42.91
C CYS AA 22 -44.23 -30.05 42.88
N ARG AA 23 -44.82 -29.75 44.03
CA ARG AA 23 -46.27 -29.76 44.17
C ARG AA 23 -46.90 -28.39 43.95
N SER AA 24 -48.03 -28.39 43.26
CA SER AA 24 -48.80 -27.18 43.01
C SER AA 24 -49.93 -27.01 44.01
N SER AA 25 -50.24 -25.76 44.33
CA SER AA 25 -51.30 -25.46 45.29
C SER AA 25 -52.65 -25.32 44.59
N THR AA 26 -52.61 -25.08 43.29
CA THR AA 26 -53.83 -24.88 42.51
C THR AA 26 -54.42 -26.21 42.04
N GLY AA 27 -53.64 -27.28 42.16
CA GLY AA 27 -54.08 -28.59 41.75
C GLY AA 27 -52.96 -29.41 41.14
N ALA AA 28 -53.32 -30.29 40.21
CA ALA AA 28 -52.35 -31.15 39.55
C ALA AA 28 -51.48 -30.36 38.58
N VAL AA 29 -50.20 -30.70 38.51
CA VAL AA 29 -49.28 -30.05 37.58
C VAL AA 29 -49.44 -30.64 36.19
N THR AA 30 -50.11 -29.88 35.31
CA THR AA 30 -50.34 -30.33 33.94
C THR AA 30 -49.18 -29.94 33.03
N THR AA 31 -49.34 -30.20 31.73
CA THR AA 31 -48.28 -29.92 30.77
C THR AA 31 -48.22 -28.44 30.41
N ILE AA 32 -49.30 -27.71 30.68
CA ILE AA 32 -49.33 -26.27 30.39
C ILE AA 32 -48.72 -25.45 31.51
N ASN AA 33 -48.14 -26.13 32.49
CA ASN AA 33 -47.42 -25.45 33.57
C ASN AA 33 -45.94 -25.32 33.25
N PHE AA 34 -45.47 -26.10 32.28
CA PHE AA 34 -44.10 -26.03 31.79
C PHE AA 34 -43.09 -26.09 32.94
N ALA AA 35 -43.10 -27.22 33.64
CA ALA AA 35 -42.24 -27.42 34.81
C ALA AA 35 -40.78 -27.18 34.48
N ASN AA 36 -40.19 -26.19 35.14
CA ASN AA 36 -38.77 -25.90 34.99
C ASN AA 36 -37.96 -26.27 36.23
N TRP AA 37 -36.78 -26.84 36.01
CA TRP AA 37 -35.90 -27.18 37.12
C TRP AA 37 -34.55 -26.47 36.99
N VAL AA 38 -34.20 -25.68 38.01
CA VAL AA 38 -32.97 -24.90 38.00
C VAL AA 38 -32.04 -25.34 39.12
N GLN AA 39 -30.77 -25.56 38.80
CA GLN AA 39 -29.80 -26.00 39.80
C GLN AA 39 -28.99 -24.81 40.30
N GLU AA 40 -28.84 -24.68 41.62
CA GLU AA 40 -28.04 -23.58 42.16
C GLU AA 40 -26.80 -24.06 42.90
N LYS AA 41 -25.65 -23.95 42.26
CA LYS AA 41 -24.39 -24.18 42.95
C LYS AA 41 -24.17 -23.04 43.95
N PRO AA 42 -23.32 -23.28 44.97
CA PRO AA 42 -23.01 -22.20 45.91
C PRO AA 42 -22.31 -21.01 45.25
N ASP AA 43 -22.33 -19.88 45.94
CA ASP AA 43 -21.71 -18.63 45.50
C ASP AA 43 -22.44 -18.08 44.27
N HIS AA 44 -23.76 -18.29 44.24
CA HIS AA 44 -24.63 -17.71 43.22
C HIS AA 44 -24.33 -18.09 41.78
N LEU AA 45 -24.07 -19.38 41.53
CA LEU AA 45 -23.98 -19.85 40.16
C LEU AA 45 -25.29 -20.56 39.83
N PHE AA 46 -25.85 -20.24 38.67
CA PHE AA 46 -27.12 -20.79 38.29
C PHE AA 46 -27.03 -21.40 36.90
N THR AA 47 -27.81 -22.45 36.67
CA THR AA 47 -27.87 -23.08 35.37
C THR AA 47 -29.22 -23.75 35.25
N GLY AA 48 -29.78 -23.74 34.05
CA GLY AA 48 -31.06 -24.37 33.82
C GLY AA 48 -30.78 -25.81 33.50
N LEU AA 49 -31.72 -26.69 33.86
CA LEU AA 49 -31.50 -28.11 33.64
C LEU AA 49 -32.52 -28.59 32.62
N ILE AA 50 -33.75 -28.79 33.07
CA ILE AA 50 -34.81 -29.21 32.18
C ILE AA 50 -35.98 -28.23 32.27
N GLY AA 51 -36.54 -27.87 31.12
CA GLY AA 51 -37.60 -26.88 31.08
C GLY AA 51 -38.74 -27.22 30.13
N GLY AA 52 -39.74 -26.33 30.11
CA GLY AA 52 -40.90 -26.41 29.25
C GLY AA 52 -41.44 -27.78 28.84
N ILE AA 53 -41.58 -28.00 27.53
CA ILE AA 53 -42.27 -29.19 27.05
C ILE AA 53 -41.42 -30.45 27.18
N ASN AA 54 -40.25 -30.46 26.54
CA ASN AA 54 -39.28 -31.54 26.71
C ASN AA 54 -37.87 -31.02 26.44
N ASN AA 55 -37.69 -29.73 26.67
CA ASN AA 55 -36.43 -29.08 26.34
C ASN AA 55 -35.39 -29.26 27.44
N ARG AA 56 -34.13 -29.29 27.04
CA ARG AA 56 -33.03 -29.42 27.98
C ARG AA 56 -31.96 -28.40 27.63
N ALA AA 57 -31.34 -27.82 28.65
CA ALA AA 57 -30.27 -26.86 28.43
C ALA AA 57 -29.02 -27.57 27.92
N PRO AA 58 -28.26 -26.90 27.05
CA PRO AA 58 -27.03 -27.47 26.49
C PRO AA 58 -26.04 -27.92 27.58
N GLY AA 59 -25.59 -29.16 27.49
CA GLY AA 59 -24.58 -29.66 28.41
C GLY AA 59 -25.13 -30.37 29.63
N VAL AA 60 -26.45 -30.42 29.76
CA VAL AA 60 -27.08 -31.10 30.88
C VAL AA 60 -26.90 -32.62 30.76
N PRO AA 61 -26.27 -33.22 31.79
CA PRO AA 61 -25.97 -34.66 31.85
C PRO AA 61 -27.20 -35.55 31.60
N ALA AA 62 -26.97 -36.75 31.09
CA ALA AA 62 -28.04 -37.65 30.73
C ALA AA 62 -28.77 -38.19 31.97
N ARG AA 63 -28.11 -38.12 33.12
CA ARG AA 63 -28.68 -38.62 34.36
C ARG AA 63 -29.88 -37.78 34.81
N PHE AA 64 -29.92 -36.54 34.35
CA PHE AA 64 -31.05 -35.66 34.65
C PHE AA 64 -32.22 -35.94 33.71
N SER AA 65 -33.41 -36.11 34.27
CA SER AA 65 -34.60 -36.40 33.49
C SER AA 65 -35.87 -35.95 34.20
N GLY AA 66 -36.75 -35.31 33.46
CA GLY AA 66 -37.99 -34.81 34.02
C GLY AA 66 -39.19 -35.70 33.72
N SER AA 67 -40.23 -35.59 34.53
CA SER AA 67 -41.44 -36.39 34.35
C SER AA 67 -42.60 -35.78 35.14
N LEU AA 68 -43.75 -36.45 35.09
CA LEU AA 68 -44.93 -36.00 35.83
C LEU AA 68 -45.52 -37.13 36.66
N ILE AA 69 -44.75 -37.60 37.65
CA ILE AA 69 -45.21 -38.65 38.54
C ILE AA 69 -46.32 -38.15 39.45
N GLY AA 70 -47.45 -38.86 39.45
CA GLY AA 70 -48.59 -38.47 40.27
C GLY AA 70 -49.27 -37.23 39.73
N ASP AA 71 -49.45 -36.24 40.60
CA ASP AA 71 -50.06 -34.98 40.20
C ASP AA 71 -49.12 -33.80 40.39
N LYS AA 72 -47.82 -34.09 40.41
CA LYS AA 72 -46.80 -33.05 40.56
C LYS AA 72 -45.58 -33.32 39.70
N ALA AA 73 -44.77 -32.29 39.50
CA ALA AA 73 -43.56 -32.39 38.67
C ALA AA 73 -42.43 -33.11 39.41
N ALA AA 74 -41.55 -33.75 38.66
CA ALA AA 74 -40.46 -34.52 39.25
C ALA AA 74 -39.14 -34.35 38.50
N LEU AA 75 -38.05 -34.24 39.26
CA LEU AA 75 -36.71 -34.19 38.69
C LEU AA 75 -35.92 -35.39 39.19
N THR AA 76 -35.68 -36.35 38.30
CA THR AA 76 -35.03 -37.60 38.70
C THR AA 76 -33.57 -37.67 38.28
N ILE AA 77 -32.69 -37.91 39.24
CA ILE AA 77 -31.27 -38.06 38.97
C ILE AA 77 -30.88 -39.53 39.09
N THR AA 78 -30.70 -40.19 37.95
CA THR AA 78 -30.34 -41.60 37.93
C THR AA 78 -28.83 -41.77 37.83
N GLY AA 79 -28.21 -42.14 38.95
CA GLY AA 79 -26.76 -42.26 39.00
C GLY AA 79 -26.15 -40.96 39.48
N ALA AA 80 -26.47 -40.58 40.72
CA ALA AA 80 -26.02 -39.32 41.29
C ALA AA 80 -24.50 -39.22 41.34
N GLN AA 81 -23.99 -38.01 41.21
CA GLN AA 81 -22.55 -37.76 41.25
C GLN AA 81 -22.20 -36.81 42.39
N THR AA 82 -20.91 -36.66 42.65
CA THR AA 82 -20.44 -35.79 43.74
C THR AA 82 -20.81 -34.33 43.47
N GLU AA 83 -20.71 -33.92 42.21
CA GLU AA 83 -20.98 -32.53 41.83
C GLU AA 83 -22.46 -32.22 41.70
N ASP AA 84 -23.30 -33.22 41.92
CA ASP AA 84 -24.75 -33.02 41.84
C ASP AA 84 -25.34 -32.49 43.14
N GLU AA 85 -24.47 -32.18 44.10
CA GLU AA 85 -24.91 -31.64 45.38
C GLU AA 85 -25.10 -30.13 45.33
N ALA AA 86 -26.35 -29.70 45.27
CA ALA AA 86 -26.69 -28.27 45.22
C ALA AA 86 -28.15 -28.03 45.60
N ILE AA 87 -28.63 -26.82 45.35
CA ILE AA 87 -30.02 -26.48 45.60
C ILE AA 87 -30.82 -26.49 44.30
N TYR AA 88 -31.91 -27.24 44.28
CA TYR AA 88 -32.71 -27.39 43.07
C TYR AA 88 -34.05 -26.67 43.17
N PHE AA 89 -34.26 -25.68 42.31
CA PHE AA 89 -35.50 -24.92 42.29
C PHE AA 89 -36.44 -25.39 41.19
N CYS AA 90 -37.72 -25.45 41.52
CA CYS AA 90 -38.75 -25.78 40.54
C CYS AA 90 -39.59 -24.55 40.20
N ALA AA 91 -39.82 -24.32 38.91
CA ALA AA 91 -40.62 -23.19 38.48
C ALA AA 91 -41.83 -23.66 37.67
N LEU AA 92 -43.00 -23.09 37.99
CA LEU AA 92 -44.22 -23.42 37.30
C LEU AA 92 -44.77 -22.19 36.57
N TRP AA 93 -45.37 -22.39 35.40
CA TRP AA 93 -45.91 -21.26 34.65
C TRP AA 93 -47.42 -21.16 34.88
N TYR AA 94 -47.81 -20.21 35.73
CA TYR AA 94 -49.22 -19.90 35.93
C TYR AA 94 -49.62 -18.67 35.11
N SER AA 95 -50.64 -18.85 34.27
CA SER AA 95 -51.16 -17.78 33.42
C SER AA 95 -50.08 -17.07 32.58
N ASN AA 96 -49.66 -15.89 33.04
CA ASN AA 96 -48.69 -15.06 32.35
C ASN AA 96 -47.36 -14.97 33.08
N HIS AA 97 -47.34 -15.28 34.36
CA HIS AA 97 -46.13 -15.13 35.16
C HIS AA 97 -45.51 -16.47 35.61
N TRP AA 98 -44.27 -16.42 36.07
CA TRP AA 98 -43.56 -17.57 36.61
C TRP AA 98 -43.61 -17.59 38.14
N VAL AA 99 -43.63 -18.78 38.73
CA VAL AA 99 -43.58 -18.90 40.18
C VAL AA 99 -42.60 -19.99 40.61
N PHE AA 100 -41.59 -19.60 41.38
CA PHE AA 100 -40.58 -20.53 41.88
C PHE AA 100 -41.00 -21.17 43.20
N GLY AA 101 -40.35 -22.28 43.54
CA GLY AA 101 -40.60 -22.96 44.80
C GLY AA 101 -39.55 -22.65 45.84
N GLY AA 102 -39.68 -23.27 47.01
CA GLY AA 102 -38.75 -23.05 48.10
C GLY AA 102 -37.36 -23.58 47.78
N GLY AA 103 -37.31 -24.59 46.92
CA GLY AA 103 -36.04 -25.20 46.55
C GLY AA 103 -35.69 -26.36 47.46
N THR AA 104 -35.14 -27.42 46.87
CA THR AA 104 -34.73 -28.59 47.64
C THR AA 104 -33.22 -28.67 47.74
N LYS AA 105 -32.71 -28.83 48.96
CA LYS AA 105 -31.28 -28.92 49.20
C LYS AA 105 -30.80 -30.37 49.14
N LEU AA 106 -30.39 -30.80 47.95
CA LEU AA 106 -29.93 -32.17 47.76
C LEU AA 106 -28.49 -32.36 48.23
N THR AA 107 -28.28 -33.36 49.07
CA THR AA 107 -26.95 -33.67 49.58
C THR AA 107 -26.48 -35.03 49.09
N VAL AA 108 -25.39 -35.06 48.34
CA VAL AA 108 -24.79 -36.30 47.90
C VAL AA 108 -23.57 -36.64 48.76
N LEU AA 109 -23.67 -37.74 49.49
CA LEU AA 109 -22.64 -38.12 50.48
C LEU AA 109 -21.29 -38.42 49.85
N GLY AA 110 -20.37 -37.47 49.94
CA GLY AA 110 -19.01 -37.67 49.46
C GLY AA 110 -18.08 -38.01 50.59
N GLN AA 111 -18.57 -37.87 51.81
CA GLN AA 111 -17.80 -38.15 53.02
C GLN AA 111 -18.74 -38.60 54.13
N PRO AA 112 -18.22 -39.41 55.08
CA PRO AA 112 -19.02 -39.89 56.21
C PRO AA 112 -19.70 -38.77 56.99
N LYS AA 113 -20.88 -39.05 57.53
CA LYS AA 113 -21.64 -38.06 58.29
C LYS AA 113 -20.90 -37.61 59.55
N SER AA 114 -21.00 -36.33 59.87
CA SER AA 114 -20.33 -35.78 61.04
C SER AA 114 -21.28 -34.97 61.91
N SER AA 115 -21.16 -35.12 63.22
CA SER AA 115 -21.99 -34.39 64.17
C SER AA 115 -21.51 -32.95 64.33
N PRO AA 116 -22.44 -32.01 64.55
CA PRO AA 116 -22.11 -30.60 64.68
C PRO AA 116 -21.31 -30.26 65.94
N SER AA 117 -20.29 -29.43 65.79
CA SER AA 117 -19.49 -28.97 66.92
C SER AA 117 -19.96 -27.59 67.37
N VAL AA 118 -20.84 -27.58 68.38
CA VAL AA 118 -21.46 -26.35 68.85
C VAL AA 118 -20.77 -25.80 70.10
N THR AA 119 -20.50 -24.50 70.10
CA THR AA 119 -19.92 -23.84 71.26
C THR AA 119 -20.66 -22.53 71.58
N LEU AA 120 -21.20 -22.44 72.78
CA LEU AA 120 -21.96 -21.26 73.20
C LEU AA 120 -21.02 -20.21 73.79
N PHE AA 121 -21.26 -18.95 73.44
CA PHE AA 121 -20.44 -17.85 73.96
C PHE AA 121 -21.29 -16.79 74.66
N PRO AA 122 -20.82 -16.32 75.83
CA PRO AA 122 -21.48 -15.27 76.61
C PRO AA 122 -21.26 -13.89 76.01
N PRO AA 123 -22.13 -12.93 76.34
CA PRO AA 123 -21.94 -11.55 75.89
C PRO AA 123 -20.75 -10.88 76.60
N SER AA 124 -19.90 -10.21 75.83
CA SER AA 124 -18.71 -9.57 76.39
C SER AA 124 -19.07 -8.42 77.32
N SER AA 125 -18.18 -8.13 78.27
CA SER AA 125 -18.41 -7.06 79.23
C SER AA 125 -18.44 -5.70 78.53
N GLU AA 126 -17.67 -5.56 77.47
CA GLU AA 126 -17.63 -4.33 76.70
C GLU AA 126 -18.97 -4.10 75.99
N GLU AA 127 -19.64 -5.19 75.63
CA GLU AA 127 -20.93 -5.10 74.96
C GLU AA 127 -22.04 -4.89 75.99
N LEU AA 128 -21.81 -5.30 77.22
CA LEU AA 128 -22.78 -5.09 78.29
C LEU AA 128 -22.79 -3.62 78.73
N GLU AA 129 -21.81 -2.86 78.24
CA GLU AA 129 -21.70 -1.45 78.59
C GLU AA 129 -22.62 -0.59 77.73
N THR AA 130 -23.03 -1.10 76.57
CA THR AA 130 -23.96 -0.38 75.71
C THR AA 130 -25.39 -0.83 75.97
N ASN AA 131 -25.58 -1.55 77.07
CA ASN AA 131 -26.89 -2.05 77.49
C ASN AA 131 -27.55 -2.95 76.45
N LYS AA 132 -26.73 -3.68 75.71
CA LYS AA 132 -27.22 -4.65 74.74
C LYS AA 132 -26.37 -5.92 74.77
N ALA AA 133 -27.00 -7.05 75.07
CA ALA AA 133 -26.28 -8.32 75.15
C ALA AA 133 -26.56 -9.19 73.94
N THR AA 134 -25.54 -9.95 73.51
CA THR AA 134 -25.68 -10.83 72.36
C THR AA 134 -24.94 -12.15 72.58
N LEU AA 135 -25.70 -13.24 72.58
CA LEU AA 135 -25.12 -14.57 72.77
C LEU AA 135 -24.84 -15.23 71.43
N VAL AA 136 -23.59 -15.64 71.24
CA VAL AA 136 -23.18 -16.26 69.98
C VAL AA 136 -23.12 -17.78 70.11
N CYS AA 137 -23.68 -18.47 69.12
CA CYS AA 137 -23.69 -19.93 69.11
C CYS AA 137 -23.14 -20.45 67.79
N THR AA 138 -21.83 -20.72 67.77
CA THR AA 138 -21.15 -21.15 66.55
C THR AA 138 -21.31 -22.65 66.28
N ILE AA 139 -21.69 -22.99 65.06
CA ILE AA 139 -21.86 -24.38 64.66
C ILE AA 139 -20.90 -24.71 63.51
N THR AA 140 -19.97 -25.63 63.75
CA THR AA 140 -18.97 -25.97 62.74
C THR AA 140 -18.87 -27.47 62.50
N ASP AA 141 -18.46 -27.83 61.29
CA ASP AA 141 -18.13 -29.22 60.93
C ASP AA 141 -19.31 -30.18 61.09
N PHE AA 142 -20.38 -29.94 60.34
CA PHE AA 142 -21.51 -30.88 60.31
C PHE AA 142 -21.91 -31.20 58.87
N TYR AA 143 -22.47 -32.39 58.68
CA TYR AA 143 -22.78 -32.89 57.35
C TYR AA 143 -23.90 -33.92 57.41
N PRO AA 144 -24.99 -33.71 56.66
CA PRO AA 144 -25.23 -32.61 55.71
C PRO AA 144 -25.54 -31.27 56.38
N GLY AA 145 -25.77 -30.24 55.57
CA GLY AA 145 -26.05 -28.91 56.07
C GLY AA 145 -27.50 -28.70 56.45
N VAL AA 146 -28.01 -29.60 57.29
CA VAL AA 146 -29.39 -29.51 57.78
C VAL AA 146 -29.41 -29.47 59.30
N VAL AA 147 -29.69 -28.31 59.87
CA VAL AA 147 -29.71 -28.14 61.32
C VAL AA 147 -30.91 -27.34 61.79
N THR AA 148 -31.38 -27.64 62.98
CA THR AA 148 -32.49 -26.91 63.59
C THR AA 148 -32.08 -26.36 64.95
N VAL AA 149 -31.63 -25.11 64.97
CA VAL AA 149 -31.13 -24.49 66.20
C VAL AA 149 -32.26 -23.85 67.01
N ASP AA 150 -32.43 -24.30 68.24
CA ASP AA 150 -33.45 -23.78 69.14
C ASP AA 150 -32.80 -23.09 70.34
N TRP AA 151 -33.56 -22.20 70.99
CA TRP AA 151 -33.07 -21.51 72.17
C TRP AA 151 -34.03 -21.68 73.34
N LYS AA 152 -33.47 -21.69 74.56
CA LYS AA 152 -34.26 -21.93 75.76
C LYS AA 152 -33.67 -21.18 76.96
N VAL AA 153 -34.41 -20.22 77.48
CA VAL AA 153 -33.93 -19.39 78.59
C VAL AA 153 -34.73 -19.62 79.87
N ASP AA 154 -34.01 -19.99 80.93
CA ASP AA 154 -34.61 -20.23 82.25
C ASP AA 154 -35.73 -21.28 82.19
N GLY AA 155 -35.63 -22.19 81.23
CA GLY AA 155 -36.61 -23.26 81.11
C GLY AA 155 -37.71 -22.97 80.11
N THR AA 156 -37.67 -21.78 79.51
CA THR AA 156 -38.71 -21.39 78.56
C THR AA 156 -38.12 -21.19 77.16
N PRO AA 157 -38.80 -21.73 76.14
CA PRO AA 157 -38.37 -21.59 74.75
C PRO AA 157 -38.48 -20.15 74.26
N VAL AA 158 -37.52 -19.71 73.44
CA VAL AA 158 -37.48 -18.33 72.98
C VAL AA 158 -38.03 -18.21 71.56
N THR AA 159 -39.27 -17.73 71.46
CA THR AA 159 -39.94 -17.59 70.17
C THR AA 159 -39.34 -16.46 69.33
N GLN AA 160 -39.11 -15.32 69.97
CA GLN AA 160 -38.61 -14.15 69.27
C GLN AA 160 -37.27 -13.65 69.84
N GLY AA 161 -36.43 -13.12 68.97
CA GLY AA 161 -35.15 -12.56 69.39
C GLY AA 161 -33.96 -13.29 68.80
N MET AA 162 -34.20 -14.44 68.19
CA MET AA 162 -33.12 -15.26 67.65
C MET AA 162 -32.93 -15.05 66.16
N GLU AA 163 -31.71 -15.31 65.69
CA GLU AA 163 -31.36 -15.18 64.27
C GLU AA 163 -30.30 -16.21 63.89
N THR AA 164 -30.50 -16.87 62.75
CA THR AA 164 -29.58 -17.92 62.32
C THR AA 164 -29.21 -17.81 60.85
N THR AA 165 -27.91 -17.84 60.57
CA THR AA 165 -27.42 -17.79 59.20
C THR AA 165 -27.62 -19.14 58.50
N GLN AA 166 -27.63 -19.11 57.17
CA GLN AA 166 -27.73 -20.33 56.39
C GLN AA 166 -26.39 -21.05 56.36
N PRO AA 167 -26.41 -22.39 56.39
CA PRO AA 167 -25.19 -23.21 56.42
C PRO AA 167 -24.27 -22.95 55.22
N SER AA 168 -23.12 -22.33 55.49
CA SER AA 168 -22.15 -22.04 54.45
C SER AA 168 -21.14 -23.19 54.30
N LYS AA 169 -20.52 -23.26 53.12
CA LYS AA 169 -19.52 -24.29 52.86
C LYS AA 169 -18.16 -23.90 53.41
N GLN AA 170 -17.45 -24.86 54.00
CA GLN AA 170 -16.14 -24.60 54.57
C GLN AA 170 -15.02 -25.03 53.63
N SER AA 171 -13.82 -25.20 54.18
CA SER AA 171 -12.65 -25.59 53.40
C SER AA 171 -12.71 -27.05 52.96
N ASN AA 172 -13.10 -27.93 53.87
CA ASN AA 172 -13.12 -29.37 53.57
C ASN AA 172 -14.53 -29.94 53.46
N ASN AA 173 -15.33 -29.34 52.59
CA ASN AA 173 -16.60 -29.91 52.12
C ASN AA 173 -17.69 -30.15 53.16
N LYS AA 174 -17.47 -29.71 54.40
CA LYS AA 174 -18.53 -29.76 55.39
C LYS AA 174 -19.22 -28.40 55.45
N TYR AA 175 -20.10 -28.20 56.42
CA TYR AA 175 -20.87 -26.97 56.51
C TYR AA 175 -20.71 -26.27 57.86
N MET AA 176 -21.10 -25.00 57.89
CA MET AA 176 -20.97 -24.18 59.10
C MET AA 176 -22.07 -23.12 59.15
N ALA AA 177 -22.62 -22.91 60.34
CA ALA AA 177 -23.66 -21.91 60.54
C ALA AA 177 -23.54 -21.27 61.93
N SER AA 178 -24.11 -20.07 62.07
CA SER AA 178 -24.05 -19.37 63.35
C SER AA 178 -25.42 -18.88 63.78
N SER AA 179 -25.61 -18.76 65.09
CA SER AA 179 -26.87 -18.28 65.65
C SER AA 179 -26.63 -17.08 66.56
N TYR AA 180 -27.59 -16.16 66.59
CA TYR AA 180 -27.46 -14.97 67.42
C TYR AA 180 -28.72 -14.75 68.26
N LEU AA 181 -28.51 -14.49 69.55
CA LEU AA 181 -29.61 -14.17 70.45
C LEU AA 181 -29.47 -12.74 70.95
N THR AA 182 -30.47 -11.92 70.66
CA THR AA 182 -30.42 -10.51 71.01
C THR AA 182 -31.26 -10.19 72.25
N LEU AA 183 -30.61 -9.59 73.24
CA LEU AA 183 -31.27 -9.16 74.47
C LEU AA 183 -30.71 -7.84 74.97
N THR AA 184 -31.42 -7.21 75.90
CA THR AA 184 -30.90 -6.03 76.57
C THR AA 184 -30.11 -6.47 77.80
N ALA AA 185 -29.31 -5.56 78.35
CA ALA AA 185 -28.50 -5.88 79.52
C ALA AA 185 -29.38 -6.17 80.73
N ARG AA 186 -30.50 -5.47 80.83
CA ARG AA 186 -31.45 -5.68 81.92
C ARG AA 186 -32.09 -7.07 81.81
N ALA AA 187 -32.25 -7.54 80.57
CA ALA AA 187 -32.83 -8.86 80.33
C ALA AA 187 -31.82 -9.96 80.60
N TRP AA 188 -30.55 -9.69 80.30
CA TRP AA 188 -29.49 -10.66 80.53
C TRP AA 188 -29.24 -10.86 82.03
N GLU AA 189 -29.24 -9.76 82.77
CA GLU AA 189 -29.07 -9.82 84.21
C GLU AA 189 -30.31 -10.40 84.89
N ARG AA 190 -31.42 -10.37 84.16
CA ARG AA 190 -32.69 -10.89 84.67
C ARG AA 190 -32.69 -12.40 84.81
N HIS AA 191 -32.17 -13.09 83.79
CA HIS AA 191 -32.18 -14.55 83.78
C HIS AA 191 -30.80 -15.11 84.13
N SER AA 192 -30.78 -16.35 84.62
CA SER AA 192 -29.54 -16.96 85.08
C SER AA 192 -28.98 -18.00 84.10
N SER AA 193 -29.84 -18.88 83.61
CA SER AA 193 -29.39 -19.98 82.76
C SER AA 193 -29.85 -19.84 81.31
N TYR AA 194 -28.92 -20.05 80.39
CA TYR AA 194 -29.19 -19.96 78.96
C TYR AA 194 -28.69 -21.20 78.24
N SER AA 195 -29.36 -21.59 77.16
CA SER AA 195 -29.00 -22.80 76.44
C SER AA 195 -29.18 -22.68 74.92
N CYS AA 196 -28.33 -23.38 74.19
CA CYS AA 196 -28.37 -23.39 72.73
C CYS AA 196 -28.45 -24.82 72.20
N GLN AA 197 -29.66 -25.26 71.88
CA GLN AA 197 -29.87 -26.64 71.43
C GLN AA 197 -29.95 -26.76 69.91
N VAL AA 198 -28.94 -27.41 69.33
CA VAL AA 198 -28.89 -27.63 67.89
C VAL AA 198 -29.08 -29.11 67.58
N THR AA 199 -29.95 -29.41 66.63
CA THR AA 199 -30.29 -30.79 66.33
C THR AA 199 -29.92 -31.23 64.92
N HIS AA 200 -29.14 -32.30 64.84
CA HIS AA 200 -28.85 -32.96 63.57
C HIS AA 200 -29.76 -34.17 63.45
N GLU AA 201 -29.90 -34.73 62.25
CA GLU AA 201 -30.83 -35.83 62.03
C GLU AA 201 -30.50 -37.05 62.90
N GLY AA 202 -31.38 -37.32 63.85
CA GLY AA 202 -31.21 -38.47 64.74
C GLY AA 202 -30.36 -38.17 65.97
N HIS AA 203 -29.85 -36.94 66.04
CA HIS AA 203 -28.99 -36.55 67.15
C HIS AA 203 -29.47 -35.28 67.85
N THR AA 204 -29.17 -35.18 69.14
CA THR AA 204 -29.51 -33.98 69.92
C THR AA 204 -28.27 -33.46 70.63
N VAL AA 205 -27.85 -32.25 70.27
CA VAL AA 205 -26.67 -31.65 70.88
C VAL AA 205 -27.05 -30.38 71.65
N GLU AA 206 -26.60 -30.28 72.89
CA GLU AA 206 -26.97 -29.18 73.76
C GLU AA 206 -25.77 -28.52 74.42
N LYS AA 207 -25.76 -27.19 74.45
CA LYS AA 207 -24.76 -26.42 75.17
C LYS AA 207 -25.43 -25.43 76.11
N SER AA 208 -25.04 -25.47 77.38
CA SER AA 208 -25.66 -24.62 78.40
C SER AA 208 -24.70 -23.55 78.91
N LEU AA 209 -25.25 -22.61 79.67
CA LEU AA 209 -24.45 -21.51 80.22
C LEU AA 209 -25.20 -20.82 81.36
N SER AA 210 -24.52 -20.67 82.50
CA SER AA 210 -25.12 -19.99 83.65
C SER AA 210 -24.26 -18.82 84.11
N ARG AA 211 -24.90 -17.68 84.32
CA ARG AA 211 -24.21 -16.47 84.76
C ARG AA 211 -24.21 -16.35 86.28
N GLN BA 1 -94.22 23.04 -27.40
CA GLN BA 1 -93.41 22.64 -26.25
C GLN BA 1 -92.17 23.52 -26.08
N ALA BA 2 -91.61 23.97 -27.21
CA ALA BA 2 -90.42 24.80 -27.21
C ALA BA 2 -90.24 25.47 -28.56
N VAL BA 3 -89.89 26.75 -28.54
CA VAL BA 3 -89.71 27.49 -29.80
C VAL BA 3 -88.31 28.09 -29.91
N VAL BA 4 -87.66 27.86 -31.04
CA VAL BA 4 -86.35 28.43 -31.33
C VAL BA 4 -86.50 29.70 -32.16
N THR BA 5 -85.91 30.80 -31.67
CA THR BA 5 -86.06 32.10 -32.32
C THR BA 5 -84.75 32.63 -32.89
N GLN BA 6 -84.77 33.01 -34.16
CA GLN BA 6 -83.63 33.65 -34.79
C GLN BA 6 -84.01 35.05 -35.26
N GLU BA 7 -83.04 35.81 -35.75
CA GLU BA 7 -83.33 37.12 -36.34
C GLU BA 7 -84.03 36.95 -37.68
N SER BA 8 -84.88 37.91 -38.04
CA SER BA 8 -85.58 37.88 -39.32
C SER BA 8 -84.60 37.84 -40.49
N ALA BA 9 -83.79 38.90 -40.59
CA ALA BA 9 -82.76 38.98 -41.63
C ALA BA 9 -81.70 40.00 -41.21
N LEU BA 10 -80.47 39.77 -41.63
CA LEU BA 10 -79.38 40.68 -41.31
C LEU BA 10 -78.58 41.04 -42.56
N THR BA 11 -78.04 42.26 -42.56
CA THR BA 11 -77.28 42.76 -43.71
C THR BA 11 -75.86 43.11 -43.28
N THR BA 12 -74.89 42.72 -44.11
CA THR BA 12 -73.49 43.00 -43.82
C THR BA 12 -72.70 43.23 -45.10
N SER BA 13 -71.53 43.86 -44.95
CA SER BA 13 -70.65 44.14 -46.08
C SER BA 13 -69.50 43.14 -46.13
N PRO BA 14 -69.01 42.83 -47.33
CA PRO BA 14 -67.89 41.90 -47.50
C PRO BA 14 -66.66 42.31 -46.68
N GLY BA 15 -66.05 41.34 -46.01
CA GLY BA 15 -64.87 41.61 -45.21
C GLY BA 15 -65.17 41.91 -43.75
N GLU BA 16 -66.40 42.31 -43.47
CA GLU BA 16 -66.78 42.67 -42.11
C GLU BA 16 -67.18 41.45 -41.30
N THR BA 17 -67.57 41.69 -40.05
CA THR BA 17 -67.92 40.61 -39.14
C THR BA 17 -69.38 40.74 -38.68
N VAL BA 18 -70.14 39.66 -38.86
CA VAL BA 18 -71.54 39.64 -38.45
C VAL BA 18 -71.79 38.44 -37.54
N THR BA 19 -72.71 38.59 -36.59
CA THR BA 19 -73.02 37.52 -35.65
C THR BA 19 -74.51 37.21 -35.64
N LEU BA 20 -74.86 35.97 -35.96
CA LEU BA 20 -76.24 35.51 -35.94
C LEU BA 20 -76.53 34.79 -34.63
N THR BA 21 -77.64 35.15 -33.98
CA THR BA 21 -77.99 34.56 -32.70
C THR BA 21 -79.12 33.54 -32.80
N CYS BA 22 -79.31 32.78 -31.73
CA CYS BA 22 -80.30 31.71 -31.69
C CYS BA 22 -80.85 31.50 -30.29
N ARG BA 23 -82.02 32.06 -30.01
CA ARG BA 23 -82.58 32.05 -28.66
C ARG BA 23 -83.57 30.91 -28.41
N SER BA 24 -83.46 30.30 -27.24
CA SER BA 24 -84.38 29.26 -26.81
C SER BA 24 -85.46 29.85 -25.90
N SER BA 25 -86.66 29.26 -25.93
CA SER BA 25 -87.78 29.76 -25.15
C SER BA 25 -87.82 29.16 -23.74
N THR BA 26 -87.11 28.04 -23.56
CA THR BA 26 -87.10 27.36 -22.27
C THR BA 26 -86.09 27.98 -21.32
N GLY BA 27 -85.24 28.85 -21.86
CA GLY BA 27 -84.23 29.50 -21.05
C GLY BA 27 -82.93 29.70 -21.81
N ALA BA 28 -81.82 29.69 -21.08
CA ALA BA 28 -80.50 29.87 -21.67
C ALA BA 28 -80.09 28.64 -22.47
N VAL BA 29 -79.41 28.87 -23.60
CA VAL BA 29 -78.93 27.78 -24.43
C VAL BA 29 -77.64 27.21 -23.83
N THR BA 30 -77.76 26.05 -23.19
CA THR BA 30 -76.61 25.40 -22.57
C THR BA 30 -75.87 24.52 -23.57
N THR BA 31 -74.87 23.79 -23.08
CA THR BA 31 -74.05 22.95 -23.95
C THR BA 31 -74.75 21.65 -24.31
N ILE BA 32 -75.76 21.27 -23.52
CA ILE BA 32 -76.51 20.05 -23.80
C ILE BA 32 -77.62 20.31 -24.81
N ASN BA 33 -77.63 21.51 -25.38
CA ASN BA 33 -78.55 21.85 -26.46
C ASN BA 33 -77.92 21.58 -27.82
N PHE BA 34 -76.59 21.45 -27.82
CA PHE BA 34 -75.83 21.07 -29.01
C PHE BA 34 -76.19 21.93 -30.22
N ALA BA 35 -75.95 23.23 -30.11
CA ALA BA 35 -76.32 24.19 -31.14
C ALA BA 35 -75.77 23.84 -32.52
N ASN BA 36 -76.68 23.61 -33.46
CA ASN BA 36 -76.28 23.34 -34.84
C ASN BA 36 -76.64 24.49 -35.78
N TRP BA 37 -75.73 24.79 -36.71
CA TRP BA 37 -75.98 25.84 -37.69
C TRP BA 37 -75.91 25.29 -39.11
N VAL BA 38 -77.02 25.45 -39.84
CA VAL BA 38 -77.13 24.94 -41.20
C VAL BA 38 -77.38 26.07 -42.20
N GLN BA 39 -76.64 26.05 -43.30
CA GLN BA 39 -76.75 27.05 -44.35
C GLN BA 39 -77.64 26.58 -45.49
N GLU BA 40 -78.57 27.43 -45.94
CA GLU BA 40 -79.40 27.07 -47.07
C GLU BA 40 -79.17 27.99 -48.26
N LYS BA 41 -78.40 27.49 -49.22
CA LYS BA 41 -78.23 28.15 -50.51
C LYS BA 41 -79.53 28.05 -51.32
N PRO BA 42 -79.70 28.92 -52.33
CA PRO BA 42 -80.87 28.82 -53.20
C PRO BA 42 -80.92 27.49 -53.95
N ASP BA 43 -82.08 27.16 -54.49
CA ASP BA 43 -82.33 25.92 -55.25
C ASP BA 43 -82.27 24.72 -54.29
N HIS BA 44 -82.71 24.94 -53.06
CA HIS BA 44 -82.82 23.88 -52.06
C HIS BA 44 -81.51 23.14 -51.78
N LEU BA 45 -80.42 23.89 -51.63
CA LEU BA 45 -79.15 23.30 -51.22
C LEU BA 45 -78.90 23.50 -49.73
N PHE BA 46 -78.47 22.43 -49.07
CA PHE BA 46 -78.20 22.47 -47.65
C PHE BA 46 -76.83 21.88 -47.36
N THR BA 47 -76.17 22.42 -46.36
CA THR BA 47 -74.87 21.93 -45.95
C THR BA 47 -74.72 22.31 -44.48
N GLY BA 48 -74.02 21.48 -43.73
CA GLY BA 48 -73.82 21.75 -42.32
C GLY BA 48 -72.58 22.61 -42.18
N LEU BA 49 -72.58 23.45 -41.15
CA LEU BA 49 -71.45 24.34 -40.90
C LEU BA 49 -70.80 23.97 -39.59
N ILE BA 50 -71.45 24.34 -38.49
CA ILE BA 50 -70.93 24.01 -37.17
C ILE BA 50 -72.02 23.28 -36.39
N GLY BA 51 -71.62 22.24 -35.68
CA GLY BA 51 -72.56 21.43 -34.95
C GLY BA 51 -72.13 21.02 -33.56
N GLY BA 52 -73.03 20.32 -32.87
CA GLY BA 52 -72.83 19.79 -31.54
C GLY BA 52 -71.91 20.52 -30.58
N ILE BA 53 -70.94 19.81 -30.02
CA ILE BA 53 -70.12 20.37 -28.95
C ILE BA 53 -69.05 21.35 -29.43
N ASN BA 54 -68.17 20.89 -30.32
CA ASN BA 54 -67.19 21.77 -30.94
C ASN BA 54 -66.79 21.26 -32.31
N ASN BA 55 -67.71 20.51 -32.92
CA ASN BA 55 -67.45 19.84 -34.19
C ASN BA 55 -67.69 20.75 -35.38
N ARG BA 56 -66.98 20.50 -36.46
CA ARG BA 56 -67.12 21.29 -37.69
C ARG BA 56 -67.24 20.36 -38.88
N ALA BA 57 -68.11 20.73 -39.83
CA ALA BA 57 -68.28 19.94 -41.03
C ALA BA 57 -67.07 20.10 -41.95
N PRO BA 58 -66.70 19.03 -42.67
CA PRO BA 58 -65.58 19.05 -43.61
C PRO BA 58 -65.72 20.13 -44.69
N GLY BA 59 -64.70 20.97 -44.83
CA GLY BA 59 -64.69 21.97 -45.87
C GLY BA 59 -65.26 23.32 -45.45
N VAL BA 60 -65.73 23.41 -44.22
CA VAL BA 60 -66.25 24.67 -43.69
C VAL BA 60 -65.14 25.67 -43.46
N PRO BA 61 -65.25 26.85 -44.10
CA PRO BA 61 -64.25 27.93 -44.01
C PRO BA 61 -63.91 28.33 -42.57
N ALA BA 62 -62.69 28.82 -42.37
CA ALA BA 62 -62.20 29.18 -41.03
C ALA BA 62 -62.92 30.39 -40.46
N ARG BA 63 -63.53 31.19 -41.32
CA ARG BA 63 -64.22 32.40 -40.89
C ARG BA 63 -65.46 32.09 -40.05
N PHE BA 64 -66.01 30.89 -40.24
CA PHE BA 64 -67.16 30.45 -39.48
C PHE BA 64 -66.74 29.94 -38.10
N SER BA 65 -67.41 30.44 -37.06
CA SER BA 65 -67.09 30.06 -35.68
C SER BA 65 -68.29 30.21 -34.76
N GLY BA 66 -68.52 29.20 -33.93
CA GLY BA 66 -69.64 29.21 -33.01
C GLY BA 66 -69.25 29.58 -31.59
N SER BA 67 -70.22 30.03 -30.82
CA SER BA 67 -69.99 30.43 -29.43
C SER BA 67 -71.31 30.50 -28.67
N LEU BA 68 -71.22 30.90 -27.40
CA LEU BA 68 -72.42 31.07 -26.58
C LEU BA 68 -72.46 32.45 -25.93
N ILE BA 69 -72.57 33.48 -26.77
CA ILE BA 69 -72.64 34.86 -26.30
C ILE BA 69 -73.97 35.09 -25.57
N GLY BA 70 -73.88 35.59 -24.34
CA GLY BA 70 -75.05 35.84 -23.53
C GLY BA 70 -75.69 34.53 -23.06
N ASP BA 71 -76.98 34.38 -23.33
CA ASP BA 71 -77.70 33.18 -22.95
C ASP BA 71 -78.27 32.44 -24.15
N LYS BA 72 -77.67 32.69 -25.32
CA LYS BA 72 -78.11 32.02 -26.54
C LYS BA 72 -76.95 31.64 -27.46
N ALA BA 73 -77.24 30.77 -28.42
CA ALA BA 73 -76.21 30.30 -29.36
C ALA BA 73 -75.90 31.36 -30.39
N ALA BA 74 -74.68 31.32 -30.93
CA ALA BA 74 -74.23 32.34 -31.87
C ALA BA 74 -73.42 31.75 -33.02
N LEU BA 75 -73.66 32.27 -34.22
CA LEU BA 75 -72.89 31.89 -35.40
C LEU BA 75 -72.18 33.15 -35.93
N THR BA 76 -70.87 33.21 -35.73
CA THR BA 76 -70.10 34.40 -36.07
C THR BA 76 -69.28 34.22 -37.35
N ILE BA 77 -69.49 35.12 -38.30
CA ILE BA 77 -68.71 35.09 -39.54
C ILE BA 77 -67.70 36.22 -39.55
N THR BA 78 -66.44 35.89 -39.31
CA THR BA 78 -65.37 36.89 -39.27
C THR BA 78 -64.71 37.01 -40.64
N GLY BA 79 -65.03 38.08 -41.36
CA GLY BA 79 -64.54 38.27 -42.71
C GLY BA 79 -65.50 37.69 -43.73
N ALA BA 80 -66.71 38.24 -43.78
CA ALA BA 80 -67.77 37.74 -44.65
C ALA BA 80 -67.38 37.82 -46.12
N GLN BA 81 -67.90 36.87 -46.91
CA GLN BA 81 -67.64 36.83 -48.34
C GLN BA 81 -68.93 36.94 -49.13
N THR BA 82 -68.80 37.12 -50.45
CA THR BA 82 -69.95 37.28 -51.32
C THR BA 82 -70.84 36.04 -51.35
N GLU BA 83 -70.21 34.87 -51.31
CA GLU BA 83 -70.95 33.61 -51.37
C GLU BA 83 -71.58 33.23 -50.03
N ASP BA 84 -71.37 34.06 -49.01
CA ASP BA 84 -71.94 33.79 -47.70
C ASP BA 84 -73.37 34.32 -47.58
N GLU BA 85 -73.91 34.80 -48.70
CA GLU BA 85 -75.28 35.30 -48.71
C GLU BA 85 -76.27 34.18 -48.93
N ALA BA 86 -76.91 33.75 -47.85
CA ALA BA 86 -77.89 32.67 -47.89
C ALA BA 86 -78.76 32.69 -46.65
N ILE BA 87 -79.52 31.62 -46.44
CA ILE BA 87 -80.35 31.49 -45.24
C ILE BA 87 -79.67 30.56 -44.24
N TYR BA 88 -79.49 31.04 -43.02
CA TYR BA 88 -78.80 30.27 -41.99
C TYR BA 88 -79.78 29.81 -40.91
N PHE BA 89 -79.92 28.49 -40.78
CA PHE BA 89 -80.81 27.90 -39.80
C PHE BA 89 -80.07 27.44 -38.55
N CYS BA 90 -80.68 27.68 -37.39
CA CYS BA 90 -80.16 27.20 -36.13
C CYS BA 90 -81.02 26.06 -35.59
N ALA BA 91 -80.37 24.99 -35.14
CA ALA BA 91 -81.08 23.86 -34.57
C ALA BA 91 -80.63 23.62 -33.13
N LEU BA 92 -81.60 23.40 -32.25
CA LEU BA 92 -81.29 23.13 -30.86
C LEU BA 92 -81.76 21.73 -30.46
N TRP BA 93 -80.98 21.07 -29.63
CA TRP BA 93 -81.31 19.71 -29.19
C TRP BA 93 -81.97 19.66 -27.82
N TYR BA 94 -83.26 19.37 -27.83
CA TYR BA 94 -84.01 19.05 -26.63
C TYR BA 94 -84.00 17.54 -26.51
N SER BA 95 -83.56 17.02 -25.37
CA SER BA 95 -83.56 15.57 -25.06
C SER BA 95 -84.37 14.68 -26.03
N ASN BA 96 -85.67 14.96 -26.15
CA ASN BA 96 -86.55 14.18 -27.03
C ASN BA 96 -86.20 14.28 -28.52
N HIS BA 97 -86.21 15.50 -29.04
CA HIS BA 97 -86.07 15.76 -30.48
C HIS BA 97 -85.24 17.01 -30.83
N TRP BA 98 -84.97 17.19 -32.12
CA TRP BA 98 -84.28 18.39 -32.61
C TRP BA 98 -85.33 19.45 -32.90
N VAL BA 99 -84.97 20.72 -32.71
CA VAL BA 99 -85.88 21.81 -33.04
C VAL BA 99 -85.13 22.92 -33.79
N PHE BA 100 -85.60 23.21 -35.00
CA PHE BA 100 -85.00 24.26 -35.82
C PHE BA 100 -85.62 25.62 -35.53
N GLY BA 101 -84.92 26.68 -35.95
CA GLY BA 101 -85.43 28.03 -35.81
C GLY BA 101 -86.02 28.52 -37.13
N GLY BA 102 -86.49 29.76 -37.13
CA GLY BA 102 -87.09 30.34 -38.33
C GLY BA 102 -86.09 30.54 -39.45
N GLY BA 103 -84.82 30.70 -39.08
CA GLY BA 103 -83.78 30.93 -40.06
C GLY BA 103 -83.59 32.40 -40.35
N THR BA 104 -82.33 32.82 -40.47
CA THR BA 104 -82.00 34.21 -40.76
C THR BA 104 -81.50 34.37 -42.19
N LYS BA 105 -82.06 35.32 -42.92
CA LYS BA 105 -81.65 35.57 -44.29
C LYS BA 105 -80.53 36.60 -44.36
N LEU BA 106 -79.29 36.11 -44.33
CA LEU BA 106 -78.12 36.96 -44.34
C LEU BA 106 -77.81 37.51 -45.73
N THR BA 107 -77.65 38.82 -45.82
CA THR BA 107 -77.32 39.46 -47.09
C THR BA 107 -75.93 40.08 -47.09
N VAL BA 108 -75.07 39.58 -47.97
CA VAL BA 108 -73.76 40.17 -48.16
C VAL BA 108 -73.76 41.00 -49.44
N LEU BA 109 -73.60 42.31 -49.28
CA LEU BA 109 -73.75 43.26 -50.36
C LEU BA 109 -72.70 43.07 -51.47
N GLY BA 110 -73.14 42.51 -52.59
CA GLY BA 110 -72.28 42.34 -53.74
C GLY BA 110 -72.57 43.39 -54.81
N GLN BA 111 -73.54 44.25 -54.51
CA GLN BA 111 -73.95 45.32 -55.42
C GLN BA 111 -74.70 46.39 -54.63
N PRO BA 112 -74.68 47.64 -55.14
CA PRO BA 112 -75.39 48.75 -54.48
C PRO BA 112 -76.87 48.46 -54.27
N LYS BA 113 -77.43 48.99 -53.18
CA LYS BA 113 -78.84 48.78 -52.87
C LYS BA 113 -79.75 49.35 -53.95
N SER BA 114 -80.87 48.68 -54.19
CA SER BA 114 -81.78 49.09 -55.27
C SER BA 114 -83.23 49.16 -54.83
N SER BA 115 -83.93 50.20 -55.29
CA SER BA 115 -85.35 50.37 -55.00
C SER BA 115 -86.18 49.46 -55.89
N PRO BA 116 -87.27 48.90 -55.34
CA PRO BA 116 -88.17 47.99 -56.06
C PRO BA 116 -88.94 48.67 -57.19
N SER BA 117 -88.97 48.03 -58.35
CA SER BA 117 -89.79 48.50 -59.46
C SER BA 117 -91.13 47.77 -59.43
N VAL BA 118 -92.11 48.38 -58.77
CA VAL BA 118 -93.41 47.74 -58.56
C VAL BA 118 -94.47 48.25 -59.52
N THR BA 119 -95.16 47.32 -60.18
CA THR BA 119 -96.27 47.65 -61.07
C THR BA 119 -97.52 46.87 -60.66
N LEU BA 120 -98.66 47.54 -60.69
CA LEU BA 120 -99.92 46.91 -60.27
C LEU BA 120 -100.86 46.71 -61.43
N PHE BA 121 -101.42 45.50 -61.55
CA PHE BA 121 -102.32 45.17 -62.64
C PHE BA 121 -103.75 44.99 -62.16
N PRO BA 122 -104.70 45.64 -62.85
CA PRO BA 122 -106.12 45.44 -62.61
C PRO BA 122 -106.57 44.08 -63.15
N PRO BA 123 -107.67 43.53 -62.63
CA PRO BA 123 -108.15 42.22 -63.08
C PRO BA 123 -108.58 42.26 -64.54
N SER BA 124 -108.32 41.19 -65.28
CA SER BA 124 -108.71 41.10 -66.68
C SER BA 124 -110.22 41.09 -66.83
N SER BA 125 -110.71 41.51 -67.99
CA SER BA 125 -112.15 41.54 -68.25
C SER BA 125 -112.72 40.13 -68.38
N GLU BA 126 -111.84 39.15 -68.60
CA GLU BA 126 -112.25 37.75 -68.65
C GLU BA 126 -112.45 37.21 -67.23
N GLU BA 127 -111.67 37.71 -66.30
CA GLU BA 127 -111.79 37.31 -64.90
C GLU BA 127 -113.10 37.80 -64.29
N LEU BA 128 -113.53 38.99 -64.70
CA LEU BA 128 -114.79 39.55 -64.21
C LEU BA 128 -115.98 38.73 -64.70
N GLU BA 129 -115.78 38.04 -65.82
CA GLU BA 129 -116.80 37.14 -66.36
C GLU BA 129 -116.83 35.84 -65.56
N THR BA 130 -115.73 35.56 -64.87
CA THR BA 130 -115.61 34.36 -64.05
C THR BA 130 -116.09 34.63 -62.63
N ASN BA 131 -116.51 35.88 -62.39
CA ASN BA 131 -116.91 36.35 -61.07
C ASN BA 131 -115.80 36.17 -60.03
N LYS BA 132 -114.56 36.25 -60.50
CA LYS BA 132 -113.39 36.18 -59.64
C LYS BA 132 -112.33 37.19 -60.07
N ALA BA 133 -112.12 38.21 -59.26
CA ALA BA 133 -111.14 39.25 -59.58
C ALA BA 133 -109.81 39.01 -58.86
N THR BA 134 -108.72 39.23 -59.56
CA THR BA 134 -107.39 39.04 -58.98
C THR BA 134 -106.43 40.18 -59.31
N LEU BA 135 -106.02 40.91 -58.28
CA LEU BA 135 -105.05 41.98 -58.44
C LEU BA 135 -103.64 41.40 -58.37
N VAL BA 136 -102.80 41.74 -59.34
CA VAL BA 136 -101.42 41.25 -59.35
C VAL BA 136 -100.45 42.40 -59.14
N CYS BA 137 -99.57 42.25 -58.16
CA CYS BA 137 -98.60 43.28 -57.82
C CYS BA 137 -97.18 42.76 -58.00
N THR BA 138 -96.58 43.04 -59.15
CA THR BA 138 -95.25 42.56 -59.46
C THR BA 138 -94.18 43.49 -58.90
N ILE BA 139 -93.24 42.91 -58.14
CA ILE BA 139 -92.15 43.68 -57.54
C ILE BA 139 -90.82 43.11 -58.04
N THR BA 140 -90.02 43.94 -58.71
CA THR BA 140 -88.79 43.47 -59.32
C THR BA 140 -87.58 44.35 -59.04
N ASP BA 141 -86.40 43.78 -59.21
CA ASP BA 141 -85.12 44.50 -59.16
C ASP BA 141 -84.91 45.28 -57.87
N PHE BA 142 -84.88 44.59 -56.74
CA PHE BA 142 -84.55 45.22 -55.47
C PHE BA 142 -83.47 44.44 -54.73
N TYR BA 143 -82.77 45.12 -53.84
CA TYR BA 143 -81.64 44.54 -53.13
C TYR BA 143 -81.37 45.32 -51.84
N PRO BA 144 -81.35 44.62 -50.69
CA PRO BA 144 -81.51 43.18 -50.51
C PRO BA 144 -82.94 42.68 -50.69
N GLY BA 145 -83.09 41.36 -50.80
CA GLY BA 145 -84.38 40.76 -51.06
C GLY BA 145 -85.28 40.63 -49.84
N VAL BA 146 -85.60 41.75 -49.23
CA VAL BA 146 -86.54 41.78 -48.11
C VAL BA 146 -87.57 42.89 -48.33
N VAL BA 147 -88.82 42.50 -48.57
CA VAL BA 147 -89.88 43.46 -48.81
C VAL BA 147 -91.15 43.13 -48.04
N THR BA 148 -91.86 44.16 -47.61
CA THR BA 148 -93.14 43.98 -46.93
C THR BA 148 -94.25 44.66 -47.74
N VAL BA 149 -95.11 43.85 -48.33
CA VAL BA 149 -96.18 44.37 -49.19
C VAL BA 149 -97.50 44.45 -48.43
N ASP BA 150 -98.12 45.63 -48.45
CA ASP BA 150 -99.40 45.83 -47.78
C ASP BA 150 -100.45 46.33 -48.76
N TRP BA 151 -101.67 45.80 -48.64
CA TRP BA 151 -102.76 46.18 -49.53
C TRP BA 151 -103.76 47.09 -48.83
N LYS BA 152 -104.34 48.01 -49.60
CA LYS BA 152 -105.37 48.90 -49.08
C LYS BA 152 -106.50 49.06 -50.10
N VAL BA 153 -107.73 48.92 -49.64
CA VAL BA 153 -108.89 49.16 -50.51
C VAL BA 153 -109.76 50.26 -49.90
N ASP BA 154 -110.06 51.27 -50.71
CA ASP BA 154 -110.78 52.46 -50.26
C ASP BA 154 -110.09 53.11 -49.07
N GLY BA 155 -108.77 53.02 -49.03
CA GLY BA 155 -107.99 53.60 -47.95
C GLY BA 155 -107.76 52.63 -46.80
N THR BA 156 -108.80 51.90 -46.42
CA THR BA 156 -108.72 50.94 -45.32
C THR BA 156 -107.85 49.75 -45.71
N PRO BA 157 -106.83 49.45 -44.88
CA PRO BA 157 -105.91 48.33 -45.10
C PRO BA 157 -106.63 46.98 -45.13
N VAL BA 158 -106.14 46.07 -45.97
CA VAL BA 158 -106.72 44.75 -46.09
C VAL BA 158 -105.93 43.73 -45.29
N THR BA 159 -106.64 42.86 -44.58
CA THR BA 159 -105.98 41.84 -43.75
C THR BA 159 -106.09 40.46 -44.37
N GLN BA 160 -107.25 40.14 -44.94
CA GLN BA 160 -107.50 38.82 -45.51
C GLN BA 160 -107.64 38.87 -47.02
N GLY BA 161 -107.34 37.75 -47.67
CA GLY BA 161 -107.51 37.64 -49.11
C GLY BA 161 -106.24 37.91 -49.90
N MET BA 162 -105.15 38.22 -49.19
CA MET BA 162 -103.89 38.55 -49.85
C MET BA 162 -102.88 37.41 -49.75
N GLU BA 163 -101.97 37.37 -50.71
CA GLU BA 163 -100.97 36.31 -50.80
C GLU BA 163 -99.71 36.83 -51.49
N THR BA 164 -98.54 36.50 -50.94
CA THR BA 164 -97.29 37.00 -51.49
C THR BA 164 -96.23 35.90 -51.59
N THR BA 165 -95.56 35.84 -52.73
CA THR BA 165 -94.47 34.89 -52.93
C THR BA 165 -93.22 35.34 -52.17
N GLN BA 166 -92.36 34.37 -51.85
CA GLN BA 166 -91.09 34.67 -51.24
C GLN BA 166 -90.15 35.29 -52.26
N PRO BA 167 -89.39 36.32 -51.86
CA PRO BA 167 -88.44 37.02 -52.73
C PRO BA 167 -87.49 36.07 -53.44
N SER BA 168 -87.65 35.93 -54.75
CA SER BA 168 -86.81 35.05 -55.55
C SER BA 168 -85.65 35.81 -56.18
N LYS BA 169 -84.52 35.12 -56.34
CA LYS BA 169 -83.34 35.72 -56.95
C LYS BA 169 -83.43 35.67 -58.47
N GLN BA 170 -83.19 36.79 -59.13
CA GLN BA 170 -83.28 36.86 -60.59
C GLN BA 170 -81.91 36.71 -61.24
N SER BA 171 -81.82 37.06 -62.51
CA SER BA 171 -80.60 36.85 -63.30
C SER BA 171 -79.43 37.71 -62.85
N ASN BA 172 -79.71 38.97 -62.52
CA ASN BA 172 -78.67 39.91 -62.15
C ASN BA 172 -78.51 40.06 -60.64
N ASN BA 173 -78.66 38.94 -59.93
CA ASN BA 173 -78.43 38.86 -58.49
C ASN BA 173 -79.30 39.78 -57.63
N LYS BA 174 -80.25 40.46 -58.26
CA LYS BA 174 -81.26 41.21 -57.52
C LYS BA 174 -82.43 40.28 -57.20
N TYR BA 175 -83.46 40.81 -56.56
CA TYR BA 175 -84.57 39.95 -56.13
C TYR BA 175 -85.91 40.39 -56.72
N MET BA 176 -86.84 39.46 -56.76
CA MET BA 176 -88.18 39.71 -57.30
C MET BA 176 -89.24 38.92 -56.54
N ALA BA 177 -90.45 39.47 -56.48
CA ALA BA 177 -91.56 38.80 -55.80
C ALA BA 177 -92.88 39.36 -56.27
N SER BA 178 -93.94 38.56 -56.15
CA SER BA 178 -95.27 38.99 -56.59
C SER BA 178 -96.30 38.86 -55.46
N SER BA 179 -97.26 39.76 -55.45
CA SER BA 179 -98.32 39.74 -54.45
C SER BA 179 -99.69 39.74 -55.12
N TYR BA 180 -100.55 38.81 -54.71
CA TYR BA 180 -101.88 38.67 -55.29
C TYR BA 180 -102.96 39.09 -54.30
N LEU BA 181 -103.96 39.81 -54.79
CA LEU BA 181 -105.13 40.15 -53.99
C LEU BA 181 -106.40 39.68 -54.68
N THR BA 182 -106.91 38.53 -54.27
CA THR BA 182 -108.07 37.93 -54.91
C THR BA 182 -109.38 38.35 -54.26
N LEU BA 183 -110.30 38.84 -55.08
CA LEU BA 183 -111.63 39.24 -54.63
C LEU BA 183 -112.72 38.51 -55.41
N THR BA 184 -113.96 38.72 -55.00
CA THR BA 184 -115.10 38.36 -55.84
C THR BA 184 -115.36 39.54 -56.77
N ALA BA 185 -116.01 39.29 -57.90
CA ALA BA 185 -116.31 40.35 -58.84
C ALA BA 185 -117.21 41.40 -58.18
N ARG BA 186 -118.10 40.93 -57.32
CA ARG BA 186 -118.98 41.83 -56.58
C ARG BA 186 -118.17 42.78 -55.70
N ALA BA 187 -117.16 42.23 -55.03
CA ALA BA 187 -116.30 43.03 -54.16
C ALA BA 187 -115.48 44.01 -54.98
N TRP BA 188 -115.12 43.61 -56.19
CA TRP BA 188 -114.33 44.47 -57.08
C TRP BA 188 -115.17 45.64 -57.61
N GLU BA 189 -116.38 45.32 -58.04
CA GLU BA 189 -117.28 46.33 -58.61
C GLU BA 189 -117.91 47.21 -57.55
N ARG BA 190 -117.55 46.98 -56.30
CA ARG BA 190 -118.17 47.68 -55.18
C ARG BA 190 -117.29 48.82 -54.66
N HIS BA 191 -116.00 48.54 -54.51
CA HIS BA 191 -115.07 49.53 -53.98
C HIS BA 191 -114.32 50.24 -55.11
N SER BA 192 -114.12 51.53 -54.96
CA SER BA 192 -113.57 52.36 -56.03
C SER BA 192 -112.05 52.26 -56.16
N SER BA 193 -111.34 52.48 -55.06
CA SER BA 193 -109.89 52.60 -55.10
C SER BA 193 -109.16 51.36 -54.57
N TYR BA 194 -108.03 51.04 -55.20
CA TYR BA 194 -107.19 49.92 -54.79
C TYR BA 194 -105.72 50.30 -54.79
N SER BA 195 -104.98 49.87 -53.78
CA SER BA 195 -103.57 50.24 -53.67
C SER BA 195 -102.70 49.10 -53.17
N CYS BA 196 -101.48 49.03 -53.70
CA CYS BA 196 -100.50 48.02 -53.32
C CYS BA 196 -99.16 48.68 -52.99
N GLN BA 197 -98.89 48.84 -51.69
CA GLN BA 197 -97.66 49.50 -51.28
C GLN BA 197 -96.62 48.52 -50.72
N VAL BA 198 -95.40 48.66 -51.21
CA VAL BA 198 -94.30 47.78 -50.82
C VAL BA 198 -93.21 48.58 -50.10
N THR BA 199 -92.77 48.07 -48.95
CA THR BA 199 -91.72 48.74 -48.20
C THR BA 199 -90.39 48.01 -48.36
N HIS BA 200 -89.32 48.76 -48.56
CA HIS BA 200 -87.99 48.19 -48.75
C HIS BA 200 -86.92 49.11 -48.20
N GLU BA 201 -86.18 48.62 -47.20
CA GLU BA 201 -85.15 49.39 -46.52
C GLU BA 201 -85.70 50.69 -45.93
N GLY BA 202 -86.88 50.59 -45.31
CA GLY BA 202 -87.47 51.72 -44.63
C GLY BA 202 -88.18 52.71 -45.54
N HIS BA 203 -88.22 52.41 -46.83
CA HIS BA 203 -88.86 53.29 -47.80
C HIS BA 203 -90.01 52.57 -48.52
N THR BA 204 -91.16 53.25 -48.61
CA THR BA 204 -92.36 52.67 -49.17
C THR BA 204 -92.62 53.16 -50.59
N VAL BA 205 -92.91 52.23 -51.50
CA VAL BA 205 -93.30 52.58 -52.87
C VAL BA 205 -94.75 52.15 -53.11
N GLU BA 206 -95.60 53.14 -53.37
CA GLU BA 206 -97.04 52.89 -53.49
C GLU BA 206 -97.52 52.91 -54.93
N LYS BA 207 -98.41 51.97 -55.26
CA LYS BA 207 -99.03 51.90 -56.57
C LYS BA 207 -100.55 51.77 -56.41
N SER BA 208 -101.30 52.68 -57.01
CA SER BA 208 -102.74 52.69 -56.85
C SER BA 208 -103.48 52.71 -58.19
N LEU BA 209 -104.71 52.21 -58.18
CA LEU BA 209 -105.58 52.27 -59.36
C LEU BA 209 -107.04 52.33 -58.94
N SER BA 210 -107.87 52.90 -59.80
CA SER BA 210 -109.31 52.93 -59.57
C SER BA 210 -110.02 52.23 -60.72
N ARG BA 211 -111.10 51.52 -60.40
CA ARG BA 211 -111.87 50.83 -61.43
C ARG BA 211 -112.56 51.86 -62.32
N ALA BA 212 -112.92 51.45 -63.53
CA ALA BA 212 -113.48 52.38 -64.50
C ALA BA 212 -114.83 51.90 -65.04
N ASP BA 213 -115.65 52.85 -65.50
CA ASP BA 213 -116.96 52.54 -66.03
C ASP BA 213 -117.48 53.66 -66.93
N CYS BA 214 -118.15 53.28 -68.02
CA CYS BA 214 -118.70 54.26 -68.96
C CYS BA 214 -120.07 53.81 -69.48
N GLU CA 1 42.50 62.38 -7.58
CA GLU CA 1 43.51 62.30 -8.64
C GLU CA 1 44.91 62.24 -8.05
N VAL CA 2 45.87 61.85 -8.88
CA VAL CA 2 47.26 61.80 -8.47
C VAL CA 2 48.06 62.91 -9.12
N GLN CA 3 49.20 63.25 -8.53
CA GLN CA 3 50.07 64.28 -9.09
C GLN CA 3 51.54 63.92 -8.89
N LEU CA 4 52.37 64.37 -9.82
CA LEU CA 4 53.81 64.16 -9.73
C LEU CA 4 54.54 65.49 -9.95
N GLN CA 5 54.56 66.32 -8.91
CA GLN CA 5 55.20 67.63 -9.01
C GLN CA 5 56.72 67.53 -8.83
N GLN CA 6 57.44 68.01 -9.82
CA GLN CA 6 58.90 68.00 -9.79
C GLN CA 6 59.45 69.36 -9.36
N SER CA 7 60.77 69.45 -9.23
CA SER CA 7 61.44 70.69 -8.86
C SER CA 7 61.41 71.69 -10.02
N GLY CA 8 61.68 72.95 -9.71
CA GLY CA 8 61.72 74.00 -10.71
C GLY CA 8 62.92 73.91 -11.63
N PRO CA 9 62.94 74.72 -12.70
CA PRO CA 9 64.01 74.76 -13.70
C PRO CA 9 65.33 75.23 -13.09
N GLU CA 10 66.46 74.69 -13.58
CA GLU CA 10 67.76 75.05 -13.01
C GLU CA 10 68.79 75.45 -14.04
N LEU CA 11 69.74 76.25 -13.59
CA LEU CA 11 70.84 76.68 -14.43
C LEU CA 11 72.19 76.50 -13.71
N VAL CA 12 73.03 75.60 -14.21
CA VAL CA 12 74.34 75.35 -13.57
C VAL CA 12 75.51 75.35 -14.56
N ARG CA 13 76.73 75.34 -14.02
CA ARG CA 13 77.94 75.35 -14.85
C ARG CA 13 78.57 73.96 -14.90
N PRO CA 14 79.21 73.62 -16.03
CA PRO CA 14 79.89 72.33 -16.23
C PRO CA 14 80.83 71.97 -15.07
N GLY CA 15 80.80 70.70 -14.66
CA GLY CA 15 81.63 70.25 -13.56
C GLY CA 15 80.85 70.13 -12.27
N ALA CA 16 79.82 70.96 -12.13
CA ALA CA 16 78.98 70.97 -10.94
C ALA CA 16 78.03 69.78 -10.93
N SER CA 17 77.14 69.75 -9.94
CA SER CA 17 76.17 68.68 -9.80
C SER CA 17 74.94 69.10 -9.00
N MET CA 18 73.77 68.73 -9.50
CA MET CA 18 72.50 69.03 -8.87
C MET CA 18 71.58 67.82 -8.77
N LYS CA 19 70.46 67.99 -8.08
CA LYS CA 19 69.52 66.90 -7.87
C LYS CA 19 68.07 67.35 -8.11
N ILE CA 20 67.36 66.65 -8.99
CA ILE CA 20 65.95 66.96 -9.28
C ILE CA 20 65.04 66.20 -8.34
N SER CA 21 64.01 66.87 -7.84
CA SER CA 21 63.03 66.22 -6.97
C SER CA 21 61.76 65.87 -7.74
N CYS CA 22 60.92 65.03 -7.13
CA CYS CA 22 59.65 64.63 -7.73
C CYS CA 22 58.68 64.17 -6.66
N LYS CA 23 57.91 65.11 -6.10
CA LYS CA 23 57.01 64.80 -5.00
C LYS CA 23 55.72 64.12 -5.48
N ALA CA 24 55.45 62.94 -4.94
CA ALA CA 24 54.27 62.19 -5.33
C ALA CA 24 53.11 62.46 -4.36
N SER CA 25 51.89 62.31 -4.86
CA SER CA 25 50.69 62.54 -4.06
C SER CA 25 49.46 61.95 -4.76
N GLY CA 26 48.52 61.44 -3.96
CA GLY CA 26 47.29 60.90 -4.50
C GLY CA 26 47.25 59.39 -4.57
N TYR CA 27 48.32 58.76 -4.10
CA TYR CA 27 48.42 57.30 -4.07
C TYR CA 27 49.44 56.80 -3.04
N SER CA 28 49.37 55.50 -2.76
CA SER CA 28 50.34 54.85 -1.90
C SER CA 28 51.71 54.84 -2.58
N PHE CA 29 52.60 55.70 -2.11
CA PHE CA 29 53.87 55.96 -2.79
C PHE CA 29 54.80 54.75 -2.90
N THR CA 30 54.82 53.90 -1.87
CA THR CA 30 55.74 52.77 -1.83
C THR CA 30 55.30 51.61 -2.71
N GLY CA 31 54.15 51.77 -3.36
CA GLY CA 31 53.58 50.69 -4.16
C GLY CA 31 53.92 50.75 -5.64
N TYR CA 32 54.37 51.90 -6.12
CA TYR CA 32 54.63 52.07 -7.54
C TYR CA 32 56.06 52.54 -7.79
N THR CA 33 56.78 51.81 -8.65
CA THR CA 33 58.16 52.16 -8.99
C THR CA 33 58.21 53.35 -9.95
N MET CA 34 59.25 54.16 -9.83
CA MET CA 34 59.37 55.37 -10.63
C MET CA 34 60.42 55.26 -11.72
N ASN CA 35 60.08 55.69 -12.92
CA ASN CA 35 61.03 55.78 -14.02
C ASN CA 35 61.53 57.22 -14.15
N TRP CA 36 62.63 57.41 -14.87
CA TRP CA 36 63.14 58.74 -15.18
C TRP CA 36 63.51 58.83 -16.65
N VAL CA 37 62.92 59.79 -17.35
CA VAL CA 37 63.17 59.92 -18.78
C VAL CA 37 63.82 61.25 -19.12
N LYS CA 38 64.84 61.19 -19.97
CA LYS CA 38 65.58 62.37 -20.38
C LYS CA 38 65.22 62.78 -21.81
N GLN CA 39 64.76 64.02 -21.98
CA GLN CA 39 64.41 64.51 -23.31
C GLN CA 39 65.35 65.62 -23.77
N SER CA 40 66.30 65.26 -24.63
CA SER CA 40 67.22 66.25 -25.18
C SER CA 40 66.76 66.64 -26.59
N HIS CA 41 67.34 67.70 -27.13
CA HIS CA 41 67.00 68.15 -28.47
C HIS CA 41 67.73 67.33 -29.54
N GLY CA 42 69.04 67.19 -29.38
CA GLY CA 42 69.84 66.48 -30.36
C GLY CA 42 69.51 65.00 -30.44
N LYS CA 43 69.19 64.40 -29.31
CA LYS CA 43 68.87 62.99 -29.27
C LYS CA 43 67.44 62.76 -28.78
N ASN CA 44 66.89 61.60 -29.09
CA ASN CA 44 65.54 61.23 -28.67
C ASN CA 44 65.46 61.00 -27.17
N LEU CA 45 64.29 60.54 -26.70
CA LEU CA 45 64.09 60.26 -25.29
C LEU CA 45 65.06 59.19 -24.81
N GLU CA 46 65.82 59.51 -23.77
CA GLU CA 46 66.78 58.58 -23.25
C GLU CA 46 66.29 58.21 -21.86
N TRP CA 47 65.84 56.97 -21.72
CA TRP CA 47 65.38 56.42 -20.47
C TRP CA 47 66.55 56.19 -19.52
N ILE CA 48 66.43 56.61 -18.26
CA ILE CA 48 67.58 56.47 -17.37
C ILE CA 48 67.53 55.20 -16.54
N GLY CA 49 66.86 55.25 -15.40
CA GLY CA 49 66.76 54.11 -14.51
C GLY CA 49 65.42 54.08 -13.83
N LEU CA 50 65.16 53.01 -13.09
CA LEU CA 50 63.97 52.95 -12.27
C LEU CA 50 64.34 52.59 -10.83
N ILE CA 51 63.46 52.93 -9.90
CA ILE CA 51 63.70 52.68 -8.49
C ILE CA 51 62.40 52.33 -7.76
N ASN CA 52 62.46 51.26 -6.97
CA ASN CA 52 61.33 50.82 -6.16
C ASN CA 52 61.39 51.50 -4.80
N PRO CA 53 60.41 52.37 -4.51
CA PRO CA 53 60.39 53.08 -3.23
C PRO CA 53 60.37 52.12 -2.03
N TYR CA 54 59.73 50.97 -2.20
CA TYR CA 54 59.65 50.00 -1.11
C TYR CA 54 60.98 49.29 -0.90
N ASN CA 55 61.45 48.60 -1.93
CA ASN CA 55 62.69 47.83 -1.86
C ASN CA 55 63.90 48.73 -1.71
N GLY CA 56 63.86 49.87 -2.39
CA GLY CA 56 65.00 50.76 -2.47
C GLY CA 56 65.90 50.35 -3.61
N GLY CA 57 65.57 49.22 -4.22
CA GLY CA 57 66.35 48.67 -5.32
C GLY CA 57 66.34 49.56 -6.53
N THR CA 58 67.48 49.62 -7.21
CA THR CA 58 67.61 50.45 -8.41
C THR CA 58 68.20 49.65 -9.55
N SER CA 59 67.88 50.08 -10.78
CA SER CA 59 68.46 49.50 -11.99
C SER CA 59 68.62 50.60 -13.02
N TYR CA 60 69.87 50.93 -13.34
CA TYR CA 60 70.15 52.06 -14.23
C TYR CA 60 70.40 51.59 -15.66
N ASN CA 61 70.24 52.52 -16.61
CA ASN CA 61 70.65 52.26 -17.98
C ASN CA 61 72.17 52.22 -18.02
N GLN CA 62 72.72 51.34 -18.86
CA GLN CA 62 74.17 51.19 -18.95
C GLN CA 62 74.85 52.46 -19.45
N LYS CA 63 74.13 53.26 -20.23
CA LYS CA 63 74.67 54.50 -20.76
C LYS CA 63 74.89 55.53 -19.65
N PHE CA 64 74.08 55.44 -18.60
CA PHE CA 64 74.10 56.44 -17.53
C PHE CA 64 74.59 55.87 -16.20
N LYS CA 65 75.36 54.79 -16.25
CA LYS CA 65 75.95 54.23 -15.05
C LYS CA 65 76.94 55.21 -14.44
N GLY CA 66 76.57 55.82 -13.33
CA GLY CA 66 77.43 56.79 -12.67
C GLY CA 66 77.02 58.23 -12.94
N LYS CA 67 76.35 58.44 -14.07
CA LYS CA 67 75.88 59.77 -14.43
C LYS CA 67 74.69 60.20 -13.58
N ALA CA 68 73.85 59.22 -13.23
CA ALA CA 68 72.65 59.50 -12.44
C ALA CA 68 72.61 58.62 -11.19
N THR CA 69 71.94 59.11 -10.15
CA THR CA 69 71.80 58.37 -8.91
C THR CA 69 70.41 58.57 -8.30
N LEU CA 70 69.62 57.50 -8.27
CA LEU CA 70 68.25 57.56 -7.78
C LEU CA 70 68.14 57.20 -6.29
N THR CA 71 67.59 58.13 -5.52
CA THR CA 71 67.30 57.88 -4.11
C THR CA 71 65.81 58.10 -3.86
N VAL CA 72 65.37 57.93 -2.62
CA VAL CA 72 63.96 58.05 -2.31
C VAL CA 72 63.71 58.27 -0.82
N ASP CA 73 62.84 59.23 -0.52
CA ASP CA 73 62.42 59.48 0.86
C ASP CA 73 60.94 59.11 1.04
N LYS CA 74 60.70 58.00 1.70
CA LYS CA 74 59.34 57.47 1.85
C LYS CA 74 58.44 58.38 2.67
N SER CA 75 59.03 59.11 3.63
CA SER CA 75 58.26 59.96 4.52
C SER CA 75 57.58 61.10 3.79
N SER CA 76 58.31 61.74 2.88
CA SER CA 76 57.78 62.87 2.12
C SER CA 76 57.19 62.43 0.78
N SER CA 77 57.25 61.13 0.52
CA SER CA 77 56.77 60.54 -0.74
C SER CA 77 57.42 61.22 -1.95
N THR CA 78 58.74 61.22 -1.98
CA THR CA 78 59.48 61.91 -3.03
C THR CA 78 60.62 61.07 -3.62
N ALA CA 79 60.76 61.12 -4.93
CA ALA CA 79 61.88 60.47 -5.60
C ALA CA 79 62.88 61.53 -6.04
N TYR CA 80 64.17 61.20 -5.90
CA TYR CA 80 65.22 62.16 -6.22
C TYR CA 80 66.14 61.60 -7.31
N MET CA 81 66.68 62.47 -8.15
CA MET CA 81 67.68 62.07 -9.13
C MET CA 81 68.86 63.04 -9.16
N GLU CA 82 70.02 62.53 -8.76
CA GLU CA 82 71.23 63.34 -8.74
C GLU CA 82 72.08 63.10 -9.99
N LEU CA 83 72.44 64.19 -10.67
CA LEU CA 83 73.26 64.11 -11.86
C LEU CA 83 74.67 64.62 -11.56
N LEU CA 84 75.68 63.76 -11.76
CA LEU CA 84 77.04 64.10 -11.39
C LEU CA 84 77.89 64.43 -12.62
N SER CA 85 78.93 65.23 -12.42
CA SER CA 85 79.86 65.62 -13.48
C SER CA 85 79.14 66.17 -14.70
N LEU CA 86 78.26 67.16 -14.47
CA LEU CA 86 77.45 67.72 -15.55
C LEU CA 86 78.28 68.36 -16.65
N THR CA 87 77.91 68.06 -17.88
CA THR CA 87 78.56 68.64 -19.05
C THR CA 87 77.50 69.25 -19.96
N SER CA 88 77.91 69.73 -21.13
CA SER CA 88 76.99 70.34 -22.08
C SER CA 88 76.01 69.31 -22.66
N GLU CA 89 76.40 68.04 -22.60
CA GLU CA 89 75.58 66.96 -23.13
C GLU CA 89 74.35 66.70 -22.26
N ASP CA 90 74.47 67.03 -20.98
CA ASP CA 90 73.40 66.75 -20.02
C ASP CA 90 72.29 67.81 -20.04
N SER CA 91 72.39 68.78 -20.94
CA SER CA 91 71.37 69.80 -21.08
C SER CA 91 70.11 69.24 -21.73
N ALA CA 92 69.07 69.05 -20.91
CA ALA CA 92 67.82 68.47 -21.40
C ALA CA 92 66.66 68.72 -20.43
N VAL CA 93 65.50 68.16 -20.76
CA VAL CA 93 64.35 68.20 -19.88
C VAL CA 93 64.13 66.83 -19.26
N TYR CA 94 64.04 66.77 -17.93
CA TYR CA 94 63.93 65.50 -17.24
C TYR CA 94 62.54 65.25 -16.63
N TYR CA 95 61.98 64.09 -16.93
CA TYR CA 95 60.67 63.70 -16.42
C TYR CA 95 60.77 62.50 -15.50
N CYS CA 96 59.85 62.39 -14.55
CA CYS CA 96 59.70 61.18 -13.76
C CYS CA 96 58.38 60.51 -14.12
N ALA CA 97 58.45 59.27 -14.58
CA ALA CA 97 57.26 58.54 -15.03
C ALA CA 97 56.97 57.34 -14.13
N ARG CA 98 55.74 57.26 -13.64
CA ARG CA 98 55.35 56.20 -12.72
C ARG CA 98 54.99 54.91 -13.44
N ASP CA 99 55.34 53.78 -12.85
CA ASP CA 99 54.88 52.49 -13.33
C ASP CA 99 53.43 52.31 -12.91
N GLY CA 100 52.70 51.45 -13.61
CA GLY CA 100 51.25 51.38 -13.44
C GLY CA 100 50.70 50.33 -12.50
N ASP CA 101 51.52 49.33 -12.14
CA ASP CA 101 51.02 48.23 -11.32
C ASP CA 101 51.31 48.39 -9.83
N TYR CA 102 50.43 47.83 -9.02
CA TYR CA 102 50.48 47.96 -7.56
C TYR CA 102 51.39 46.92 -6.92
N TYR CA 103 52.50 47.38 -6.35
CA TYR CA 103 53.49 46.53 -5.71
C TYR CA 103 53.98 45.39 -6.60
N ARG CA 104 54.16 45.70 -7.88
CA ARG CA 104 54.77 44.80 -8.84
C ARG CA 104 55.14 45.56 -10.11
N TYR CA 105 56.24 45.19 -10.73
CA TYR CA 105 56.70 45.85 -11.96
C TYR CA 105 55.92 45.38 -13.18
N GLY CA 106 55.00 46.21 -13.65
CA GLY CA 106 54.16 45.88 -14.79
C GLY CA 106 54.75 46.29 -16.13
N ARG CA 107 55.89 46.98 -16.09
CA ARG CA 107 56.57 47.46 -17.29
C ARG CA 107 55.68 48.35 -18.15
N TYR CA 108 54.97 49.29 -17.54
CA TYR CA 108 54.20 50.23 -18.33
C TYR CA 108 54.03 51.59 -17.65
N PHE CA 109 54.15 52.65 -18.45
CA PHE CA 109 54.12 54.00 -17.93
C PHE CA 109 52.71 54.45 -17.60
N ASP CA 110 52.56 55.01 -16.40
CA ASP CA 110 51.27 55.47 -15.93
C ASP CA 110 51.19 56.98 -16.00
N TYR CA 111 51.59 57.64 -14.91
CA TYR CA 111 51.55 59.10 -14.84
C TYR CA 111 52.94 59.70 -15.01
N TRP CA 112 52.99 60.93 -15.52
CA TRP CA 112 54.25 61.64 -15.69
C TRP CA 112 54.24 62.95 -14.92
N GLY CA 113 55.42 63.51 -14.68
CA GLY CA 113 55.53 64.81 -14.04
C GLY CA 113 55.40 65.91 -15.08
N GLN CA 114 55.47 67.17 -14.63
CA GLN CA 114 55.35 68.28 -15.56
C GLN CA 114 56.69 68.52 -16.26
N GLY CA 115 57.75 67.93 -15.73
CA GLY CA 115 59.08 68.05 -16.32
C GLY CA 115 59.95 69.10 -15.67
N THR CA 116 61.26 68.86 -15.68
CA THR CA 116 62.22 69.81 -15.13
C THR CA 116 63.30 70.14 -16.15
N THR CA 117 63.33 71.40 -16.59
CA THR CA 117 64.30 71.85 -17.58
C THR CA 117 65.64 72.22 -16.95
N LEU CA 118 66.66 71.41 -17.23
CA LEU CA 118 68.01 71.68 -16.73
C LEU CA 118 68.93 72.20 -17.83
N THR CA 119 69.36 73.45 -17.69
CA THR CA 119 70.29 74.04 -18.65
C THR CA 119 71.67 74.26 -18.06
N VAL CA 120 72.69 73.61 -18.63
CA VAL CA 120 74.06 73.78 -18.17
C VAL CA 120 74.95 74.24 -19.32
N SER CA 121 75.62 75.37 -19.12
CA SER CA 121 76.48 75.95 -20.15
C SER CA 121 77.47 76.95 -19.55
N SER CA 122 78.73 76.87 -19.99
CA SER CA 122 79.79 77.72 -19.45
C SER CA 122 79.79 79.13 -20.04
N ALA CA 123 78.61 79.63 -20.39
CA ALA CA 123 78.47 80.97 -20.94
C ALA CA 123 78.03 81.95 -19.87
N LYS CA 124 78.50 83.19 -19.97
CA LYS CA 124 78.16 84.23 -19.00
C LYS CA 124 76.89 84.96 -19.43
N THR CA 125 76.38 85.81 -18.54
CA THR CA 125 75.20 86.61 -18.86
C THR CA 125 75.53 87.66 -19.92
N THR CA 126 74.84 87.57 -21.05
CA THR CA 126 75.11 88.45 -22.18
C THR CA 126 73.85 89.13 -22.70
N PRO CA 127 73.83 90.47 -22.69
CA PRO CA 127 72.74 91.27 -23.24
C PRO CA 127 72.53 91.02 -24.73
N PRO CA 128 71.28 91.07 -25.21
CA PRO CA 128 70.95 90.76 -26.61
C PRO CA 128 71.35 91.86 -27.58
N SER CA 129 71.84 91.46 -28.75
CA SER CA 129 72.17 92.41 -29.80
C SER CA 129 71.05 92.44 -30.85
N VAL CA 130 70.25 93.49 -30.82
CA VAL CA 130 69.06 93.57 -31.67
C VAL CA 130 69.35 94.27 -32.99
N TYR CA 131 69.05 93.60 -34.09
CA TYR CA 131 69.20 94.17 -35.42
C TYR CA 131 67.88 94.09 -36.19
N PRO CA 132 67.42 95.24 -36.73
CA PRO CA 132 66.17 95.31 -37.50
C PRO CA 132 66.18 94.41 -38.73
N LEU CA 133 65.31 93.40 -38.75
CA LEU CA 133 65.15 92.52 -39.89
C LEU CA 133 64.10 93.11 -40.83
N ALA CA 134 64.46 93.31 -42.10
CA ALA CA 134 63.61 94.03 -43.03
C ALA CA 134 63.67 93.47 -44.45
N PRO CA 135 62.58 93.64 -45.22
CA PRO CA 135 62.55 93.20 -46.62
C PRO CA 135 63.49 94.00 -47.51
N GLY CA 136 64.15 93.33 -48.45
CA GLY CA 136 65.05 93.97 -49.37
C GLY CA 136 64.78 93.55 -50.80
N SER CA 137 64.83 94.52 -51.72
CA SER CA 137 64.55 94.28 -53.14
C SER CA 137 63.22 93.59 -53.35
N ALA CA 138 62.19 94.08 -52.67
CA ALA CA 138 60.84 93.52 -52.80
C ALA CA 138 60.30 93.76 -54.20
N ALA CA 139 59.76 92.71 -54.81
CA ALA CA 139 59.25 92.78 -56.17
C ALA CA 139 58.02 93.66 -56.27
N GLN CA 140 57.09 93.50 -55.33
CA GLN CA 140 55.84 94.25 -55.35
C GLN CA 140 55.18 94.29 -53.98
N THR CA 141 54.32 95.29 -53.78
CA THR CA 141 53.56 95.41 -52.54
C THR CA 141 52.06 95.23 -52.83
N ASN CA 142 51.46 94.24 -52.19
CA ASN CA 142 50.06 93.93 -52.44
C ASN CA 142 49.22 93.94 -51.16
N SER CA 143 48.98 95.13 -50.62
CA SER CA 143 48.13 95.33 -49.45
C SER CA 143 48.56 94.52 -48.22
N MET CA 144 49.84 94.17 -48.16
CA MET CA 144 50.38 93.41 -47.03
C MET CA 144 51.90 93.49 -47.01
N VAL CA 145 52.46 93.52 -45.80
CA VAL CA 145 53.92 93.52 -45.63
C VAL CA 145 54.29 92.86 -44.31
N THR CA 146 55.43 92.19 -44.29
CA THR CA 146 55.93 91.55 -43.07
C THR CA 146 57.24 92.18 -42.63
N LEU CA 147 57.37 92.43 -41.33
CA LEU CA 147 58.57 93.05 -40.79
C LEU CA 147 59.19 92.18 -39.69
N GLY CA 148 60.52 92.13 -39.67
CA GLY CA 148 61.22 91.28 -38.73
C GLY CA 148 62.00 92.03 -37.68
N CYS CA 149 62.60 91.28 -36.75
CA CYS CA 149 63.42 91.83 -35.69
C CYS CA 149 64.27 90.72 -35.08
N LEU CA 150 65.50 90.59 -35.56
CA LEU CA 150 66.37 89.50 -35.14
C LEU CA 150 67.08 89.80 -33.81
N VAL CA 151 66.71 89.05 -32.78
CA VAL CA 151 67.37 89.16 -31.49
C VAL CA 151 68.48 88.11 -31.39
N LYS CA 152 69.71 88.53 -31.65
CA LYS CA 152 70.83 87.59 -31.77
C LYS CA 152 71.83 87.70 -30.62
N GLY CA 153 72.17 86.56 -30.03
CA GLY CA 153 73.22 86.48 -29.03
C GLY CA 153 72.84 87.00 -27.65
N TYR CA 154 72.13 86.17 -26.88
CA TYR CA 154 71.80 86.52 -25.51
C TYR CA 154 71.81 85.28 -24.63
N PHE CA 155 71.99 85.48 -23.32
CA PHE CA 155 72.07 84.38 -22.37
C PHE CA 155 71.89 84.89 -20.95
N PRO CA 156 71.05 84.20 -20.15
CA PRO CA 156 70.26 83.05 -20.58
C PRO CA 156 68.87 83.42 -21.07
N GLU CA 157 68.06 82.41 -21.36
CA GLU CA 157 66.68 82.60 -21.81
C GLU CA 157 65.79 83.04 -20.64
N PRO CA 158 64.64 83.66 -20.94
CA PRO CA 158 64.11 84.05 -22.26
C PRO CA 158 64.11 85.56 -22.50
N VAL CA 159 63.41 85.97 -23.54
CA VAL CA 159 63.23 87.40 -23.84
C VAL CA 159 61.77 87.68 -24.17
N THR CA 160 61.31 88.89 -23.84
CA THR CA 160 59.94 89.28 -24.13
C THR CA 160 59.90 90.32 -25.24
N VAL CA 161 59.49 89.89 -26.43
CA VAL CA 161 59.48 90.76 -27.60
C VAL CA 161 58.08 91.29 -27.91
N THR CA 162 57.93 92.60 -27.91
CA THR CA 162 56.68 93.25 -28.25
C THR CA 162 56.88 94.32 -29.31
N TRP CA 163 55.79 94.80 -29.89
CA TRP CA 163 55.86 95.84 -30.91
C TRP CA 163 55.12 97.10 -30.48
N ASN CA 164 55.83 98.23 -30.50
CA ASN CA 164 55.28 99.52 -30.11
C ASN CA 164 54.68 99.52 -28.70
N SER CA 165 55.44 98.97 -27.75
CA SER CA 165 55.04 98.91 -26.35
C SER CA 165 53.71 98.19 -26.12
N GLY CA 166 53.45 97.18 -26.94
CA GLY CA 166 52.24 96.38 -26.78
C GLY CA 166 51.03 96.92 -27.52
N SER CA 167 51.25 97.92 -28.38
CA SER CA 167 50.17 98.48 -29.17
C SER CA 167 49.71 97.51 -30.25
N LEU CA 168 50.69 96.91 -30.94
CA LEU CA 168 50.42 95.92 -31.97
C LEU CA 168 50.27 94.53 -31.33
N SER CA 169 49.02 94.11 -31.14
CA SER CA 169 48.75 92.85 -30.44
C SER CA 169 48.07 91.82 -31.34
N SER CA 170 48.09 92.08 -32.65
CA SER CA 170 47.44 91.17 -33.60
C SER CA 170 48.39 90.76 -34.72
N GLY CA 171 48.59 89.46 -34.89
CA GLY CA 171 49.41 88.94 -35.96
C GLY CA 171 50.90 88.99 -35.65
N VAL CA 172 51.23 89.16 -34.37
CA VAL CA 172 52.62 89.18 -33.95
C VAL CA 172 53.18 87.77 -33.82
N HIS CA 173 54.21 87.48 -34.59
CA HIS CA 173 54.81 86.15 -34.59
C HIS CA 173 56.14 86.14 -33.85
N THR CA 174 56.27 85.24 -32.88
CA THR CA 174 57.51 85.09 -32.14
C THR CA 174 57.99 83.64 -32.21
N PHE CA 175 59.06 83.42 -32.97
CA PHE CA 175 59.57 82.08 -33.22
C PHE CA 175 60.35 81.53 -32.03
N PRO CA 176 60.27 80.21 -31.81
CA PRO CA 176 61.06 79.55 -30.77
C PRO CA 176 62.56 79.77 -30.98
N ALA CA 177 63.29 79.96 -29.89
CA ALA CA 177 64.71 80.28 -29.97
C ALA CA 177 65.54 79.12 -30.51
N VAL CA 178 66.30 79.42 -31.57
CA VAL CA 178 67.29 78.48 -32.08
C VAL CA 178 68.68 79.01 -31.80
N LEU CA 179 69.49 78.23 -31.11
CA LEU CA 179 70.76 78.73 -30.58
C LEU CA 179 71.98 78.23 -31.33
N GLN CA 180 72.91 79.13 -31.60
CA GLN CA 180 74.25 78.76 -32.05
C GLN CA 180 75.03 78.31 -30.83
N SER CA 181 76.26 77.86 -31.03
CA SER CA 181 77.09 77.43 -29.90
C SER CA 181 77.39 78.64 -29.00
N ASP CA 182 77.13 78.47 -27.71
CA ASP CA 182 77.41 79.47 -26.67
C ASP CA 182 76.47 80.69 -26.71
N LEU CA 183 75.67 80.80 -27.77
CA LEU CA 183 74.77 81.95 -27.91
C LEU CA 183 73.33 81.53 -28.26
N TYR CA 184 72.36 82.12 -27.58
CA TYR CA 184 70.95 81.87 -27.87
C TYR CA 184 70.41 82.97 -28.78
N THR CA 185 69.46 82.62 -29.65
CA THR CA 185 68.99 83.55 -30.68
C THR CA 185 67.57 83.26 -31.16
N LEU CA 186 66.78 84.32 -31.34
CA LEU CA 186 65.47 84.21 -31.97
C LEU CA 186 65.12 85.47 -32.76
N SER CA 187 64.08 85.39 -33.58
CA SER CA 187 63.57 86.55 -34.31
C SER CA 187 62.06 86.65 -34.17
N SER CA 188 61.48 87.71 -34.73
CA SER CA 188 60.04 87.94 -34.61
C SER CA 188 59.46 88.55 -35.89
N SER CA 189 58.16 88.36 -36.08
CA SER CA 189 57.46 88.92 -37.23
C SER CA 189 56.22 89.71 -36.81
N VAL CA 190 55.60 90.39 -37.77
CA VAL CA 190 54.44 91.21 -37.49
C VAL CA 190 53.62 91.46 -38.76
N THR CA 191 52.30 91.58 -38.61
CA THR CA 191 51.42 91.84 -39.73
C THR CA 191 50.66 93.15 -39.57
N VAL CA 192 50.83 94.05 -40.54
CA VAL CA 192 50.21 95.37 -40.49
C VAL CA 192 49.71 95.78 -41.88
N PRO CA 193 48.78 96.76 -41.93
CA PRO CA 193 48.42 97.33 -43.24
C PRO CA 193 49.63 97.96 -43.92
N SER CA 194 49.70 97.83 -45.24
CA SER CA 194 50.89 98.25 -45.99
C SER CA 194 51.14 99.76 -45.96
N SER CA 195 50.06 100.54 -45.89
CA SER CA 195 50.18 101.99 -45.98
C SER CA 195 50.77 102.63 -44.73
N THR CA 196 50.56 102.01 -43.57
CA THR CA 196 50.99 102.57 -42.29
C THR CA 196 52.49 102.43 -42.05
N TRP CA 197 53.26 102.30 -43.12
CA TRP CA 197 54.69 102.03 -43.01
C TRP CA 197 55.37 102.10 -44.38
N PRO CA 198 56.51 102.81 -44.47
CA PRO CA 198 57.21 103.51 -43.37
C PRO CA 198 56.65 104.91 -43.10
N SER CA 199 55.38 105.13 -43.41
CA SER CA 199 54.72 106.40 -43.12
C SER CA 199 54.56 106.59 -41.61
N GLU CA 200 54.47 105.47 -40.89
CA GLU CA 200 54.35 105.50 -39.43
C GLU CA 200 55.43 104.62 -38.80
N THR CA 201 56.05 105.14 -37.74
CA THR CA 201 57.17 104.46 -37.11
C THR CA 201 56.77 103.21 -36.34
N VAL CA 202 57.35 102.08 -36.72
CA VAL CA 202 57.19 100.83 -35.98
C VAL CA 202 58.44 100.59 -35.16
N THR CA 203 58.28 100.03 -33.96
CA THR CA 203 59.42 99.80 -33.08
C THR CA 203 59.40 98.40 -32.48
N CYS CA 204 60.54 97.71 -32.56
CA CYS CA 204 60.67 96.38 -31.99
C CYS CA 204 61.18 96.48 -30.55
N ASN CA 205 60.32 96.12 -29.59
CA ASN CA 205 60.67 96.21 -28.18
C ASN CA 205 61.22 94.90 -27.63
N VAL CA 206 62.49 94.90 -27.27
CA VAL CA 206 63.14 93.71 -26.73
C VAL CA 206 63.57 93.92 -25.29
N ALA CA 207 63.14 93.02 -24.41
CA ALA CA 207 63.49 93.10 -23.00
C ALA CA 207 64.19 91.82 -22.54
N HIS CA 208 65.31 92.00 -21.85
CA HIS CA 208 66.08 90.87 -21.34
C HIS CA 208 66.26 90.99 -19.83
N PRO CA 209 65.27 90.48 -19.06
CA PRO CA 209 65.23 90.56 -17.60
C PRO CA 209 66.44 89.93 -16.91
N ALA CA 210 67.16 89.06 -17.62
CA ALA CA 210 68.35 88.42 -17.06
C ALA CA 210 69.51 89.42 -16.94
N SER CA 211 69.47 90.46 -17.77
CA SER CA 211 70.49 91.50 -17.73
C SER CA 211 69.87 92.88 -17.51
N SER CA 212 68.57 92.89 -17.24
CA SER CA 212 67.80 94.12 -17.03
C SER CA 212 67.95 95.08 -18.21
N THR CA 213 68.04 94.52 -19.41
CA THR CA 213 68.20 95.33 -20.61
C THR CA 213 66.88 95.49 -21.35
N LYS CA 214 66.52 96.75 -21.63
CA LYS CA 214 65.29 97.04 -22.36
C LYS CA 214 65.58 97.99 -23.52
N VAL CA 215 65.83 97.42 -24.69
CA VAL CA 215 66.21 98.21 -25.86
C VAL CA 215 65.10 98.25 -26.91
N ASP CA 216 64.75 99.47 -27.33
CA ASP CA 216 63.81 99.66 -28.42
C ASP CA 216 64.55 99.89 -29.73
N LYS CA 217 64.07 99.27 -30.80
CA LYS CA 217 64.74 99.37 -32.09
C LYS CA 217 63.79 99.78 -33.21
N LYS CA 218 64.08 100.93 -33.83
CA LYS CA 218 63.29 101.42 -34.94
C LYS CA 218 63.65 100.67 -36.22
N ILE CA 219 62.89 100.88 -37.28
CA ILE CA 219 63.15 100.23 -38.56
C ILE CA 219 63.42 101.27 -39.64
N VAL CA 220 64.58 101.15 -40.30
CA VAL CA 220 64.97 102.09 -41.34
C VAL CA 220 65.35 101.37 -42.65
N PRO CA 221 64.34 101.13 -43.50
CA PRO CA 221 64.58 100.48 -44.80
C PRO CA 221 64.31 101.39 -45.99
N ARG CA 222 65.10 101.24 -47.04
CA ARG CA 222 64.95 102.04 -48.24
C ARG CA 222 63.94 101.43 -49.19
N GLN DA 1 73.09 49.67 -30.27
CA GLN DA 1 72.67 48.32 -29.93
C GLN DA 1 71.31 47.98 -30.53
N ALA DA 2 70.44 48.97 -30.59
CA ALA DA 2 69.10 48.80 -31.15
C ALA DA 2 68.46 50.15 -31.41
N VAL DA 3 67.80 50.30 -32.55
CA VAL DA 3 67.14 51.55 -32.87
C VAL DA 3 65.66 51.30 -33.13
N VAL DA 4 64.82 52.10 -32.46
CA VAL DA 4 63.39 52.00 -32.65
C VAL DA 4 62.93 53.05 -33.66
N THR DA 5 62.22 52.62 -34.68
CA THR DA 5 61.82 53.52 -35.75
C THR DA 5 60.31 53.71 -35.78
N GLN DA 6 59.89 54.97 -35.78
CA GLN DA 6 58.49 55.31 -35.93
C GLN DA 6 58.29 56.13 -37.20
N GLU DA 7 57.04 56.41 -37.54
CA GLU DA 7 56.75 57.27 -38.67
C GLU DA 7 57.12 58.71 -38.32
N SER DA 8 57.52 59.48 -39.32
CA SER DA 8 57.85 60.88 -39.13
C SER DA 8 56.64 61.63 -38.58
N ALA DA 9 55.56 61.63 -39.35
CA ALA DA 9 54.31 62.25 -38.93
C ALA DA 9 53.15 61.67 -39.75
N LEU DA 10 51.98 61.59 -39.13
CA LEU DA 10 50.79 61.10 -39.81
C LEU DA 10 49.61 62.04 -39.64
N THR DA 11 48.74 62.06 -40.63
CA THR DA 11 47.58 62.95 -40.63
C THR DA 11 46.27 62.17 -40.72
N THR DA 12 45.29 62.56 -39.91
CA THR DA 12 43.98 61.91 -39.94
C THR DA 12 42.86 62.89 -39.65
N SER DA 13 41.64 62.52 -40.05
CA SER DA 13 40.46 63.35 -39.85
C SER DA 13 39.62 62.81 -38.70
N PRO DA 14 38.91 63.69 -37.98
CA PRO DA 14 38.04 63.26 -36.90
C PRO DA 14 37.02 62.20 -37.33
N GLY DA 15 36.87 61.17 -36.52
CA GLY DA 15 35.92 60.10 -36.80
C GLY DA 15 36.54 58.91 -37.53
N GLU DA 16 37.66 59.14 -38.21
CA GLU DA 16 38.31 58.07 -38.95
C GLU DA 16 39.27 57.26 -38.08
N THR DA 17 39.93 56.28 -38.70
CA THR DA 17 40.83 55.38 -37.98
C THR DA 17 42.26 55.48 -38.50
N VAL DA 18 43.20 55.69 -37.58
CA VAL DA 18 44.61 55.80 -37.95
C VAL DA 18 45.43 54.79 -37.13
N THR DA 19 46.48 54.25 -37.74
CA THR DA 19 47.33 53.27 -37.07
C THR DA 19 48.80 53.69 -37.11
N LEU DA 20 49.39 53.86 -35.93
CA LEU DA 20 50.80 54.20 -35.80
C LEU DA 20 51.62 52.95 -35.56
N THR DA 21 52.70 52.79 -36.32
CA THR DA 21 53.54 51.60 -36.17
C THR DA 21 54.83 51.89 -35.43
N CYS DA 22 55.52 50.84 -35.02
CA CYS DA 22 56.74 50.95 -34.24
C CYS DA 22 57.66 49.78 -34.54
N ARG DA 23 58.63 49.99 -35.42
CA ARG DA 23 59.47 48.92 -35.93
C ARG DA 23 60.78 48.76 -35.16
N SER DA 24 61.17 47.51 -34.93
CA SER DA 24 62.43 47.18 -34.27
C SER DA 24 63.55 46.88 -35.26
N SER DA 25 64.77 47.22 -34.87
CA SER DA 25 65.92 46.99 -35.73
C SER DA 25 66.52 45.60 -35.49
N THR DA 26 66.21 45.02 -34.34
CA THR DA 26 66.73 43.72 -33.97
C THR DA 26 65.90 42.58 -34.54
N GLY DA 27 64.73 42.91 -35.06
CA GLY DA 27 63.84 41.91 -35.64
C GLY DA 27 62.37 42.21 -35.35
N ALA DA 28 61.57 41.16 -35.26
CA ALA DA 28 60.15 41.29 -34.99
C ALA DA 28 59.91 41.69 -33.53
N VAL DA 29 58.93 42.55 -33.30
CA VAL DA 29 58.59 42.97 -31.95
C VAL DA 29 57.74 41.90 -31.26
N THR DA 30 58.37 41.16 -30.36
CA THR DA 30 57.69 40.09 -29.64
C THR DA 30 57.02 40.62 -28.37
N THR DA 31 56.47 39.72 -27.56
CA THR DA 31 55.76 40.10 -26.36
C THR DA 31 56.73 40.49 -25.24
N ILE DA 32 57.97 40.03 -25.35
CA ILE DA 32 58.97 40.36 -24.33
C ILE DA 32 59.63 41.71 -24.62
N ASN DA 33 59.11 42.43 -25.60
CA ASN DA 33 59.55 43.79 -25.88
C ASN DA 33 58.67 44.79 -25.16
N PHE DA 34 57.50 44.32 -24.73
CA PHE DA 34 56.58 45.11 -23.90
C PHE DA 34 56.31 46.49 -24.49
N ALA DA 35 55.70 46.51 -25.68
CA ALA DA 35 55.48 47.75 -26.41
C ALA DA 35 54.70 48.79 -25.60
N ASN DA 36 55.37 49.92 -25.35
CA ASN DA 36 54.74 51.04 -24.65
C ASN DA 36 54.48 52.22 -25.57
N TRP DA 37 53.34 52.86 -25.41
CA TRP DA 37 52.99 54.03 -26.19
C TRP DA 37 52.73 55.23 -25.29
N VAL DA 38 53.47 56.31 -25.53
CA VAL DA 38 53.35 57.51 -24.70
C VAL DA 38 52.88 58.69 -25.54
N GLN DA 39 51.88 59.40 -25.04
CA GLN DA 39 51.34 60.56 -25.73
C GLN DA 39 51.93 61.86 -25.18
N GLU DA 40 52.39 62.74 -26.07
CA GLU DA 40 52.93 64.02 -25.64
C GLU DA 40 52.11 65.19 -26.17
N LYS DA 41 51.26 65.75 -25.32
CA LYS DA 41 50.54 66.97 -25.63
C LYS DA 41 51.54 68.13 -25.69
N PRO DA 42 51.17 69.23 -26.36
CA PRO DA 42 52.07 70.40 -26.36
C PRO DA 42 52.30 70.93 -24.95
N ASP DA 43 53.34 71.76 -24.79
CA ASP DA 43 53.71 72.35 -23.50
C ASP DA 43 54.25 71.28 -22.55
N HIS DA 44 54.93 70.28 -23.12
CA HIS DA 44 55.59 69.23 -22.34
C HIS DA 44 54.65 68.45 -21.43
N LEU DA 45 53.51 68.03 -21.96
CA LEU DA 45 52.58 67.17 -21.23
C LEU DA 45 52.76 65.72 -21.67
N PHE DA 46 52.80 64.79 -20.71
CA PHE DA 46 53.02 63.39 -21.03
C PHE DA 46 51.99 62.49 -20.36
N THR DA 47 51.24 61.77 -21.18
CA THR DA 47 50.24 60.84 -20.68
C THR DA 47 50.62 59.42 -21.11
N GLY DA 48 50.35 58.44 -20.27
CA GLY DA 48 50.64 57.06 -20.61
C GLY DA 48 49.44 56.45 -21.30
N LEU DA 49 49.66 55.54 -22.24
CA LEU DA 49 48.55 54.94 -22.96
C LEU DA 49 48.45 53.42 -22.80
N ILE DA 50 49.29 52.71 -23.54
CA ILE DA 50 49.30 51.25 -23.52
C ILE DA 50 50.67 50.71 -23.16
N GLY DA 51 50.71 49.72 -22.28
CA GLY DA 51 51.97 49.17 -21.84
C GLY DA 51 52.03 47.66 -21.71
N GLY DA 52 53.22 47.19 -21.39
CA GLY DA 52 53.52 45.78 -21.11
C GLY DA 52 52.69 44.73 -21.82
N ILE DA 53 52.10 43.83 -21.03
CA ILE DA 53 51.41 42.69 -21.60
C ILE DA 53 50.05 43.04 -22.18
N ASN DA 54 49.20 43.61 -21.33
CA ASN DA 54 47.90 44.08 -21.79
C ASN DA 54 47.37 45.25 -20.98
N ASN DA 55 48.30 46.01 -20.38
CA ASN DA 55 47.94 47.09 -19.47
C ASN DA 55 47.56 48.42 -20.12
N ARG DA 56 46.67 49.14 -19.46
CA ARG DA 56 46.21 50.44 -19.91
C ARG DA 56 46.25 51.43 -18.76
N ALA DA 57 46.65 52.66 -19.03
CA ALA DA 57 46.68 53.69 -18.00
C ALA DA 57 45.26 54.09 -17.64
N PRO DA 58 45.02 54.42 -16.37
CA PRO DA 58 43.68 54.84 -15.92
C PRO DA 58 43.14 56.02 -16.71
N GLY DA 59 41.93 55.89 -17.25
CA GLY DA 59 41.29 56.98 -17.95
C GLY DA 59 41.54 57.01 -19.45
N VAL DA 60 42.33 56.08 -19.95
CA VAL DA 60 42.59 56.00 -21.38
C VAL DA 60 41.35 55.56 -22.14
N PRO DA 61 40.90 56.41 -23.09
CA PRO DA 61 39.69 56.18 -23.90
C PRO DA 61 39.70 54.82 -24.59
N ALA DA 62 38.51 54.28 -24.85
CA ALA DA 62 38.38 52.96 -25.44
C ALA DA 62 38.84 52.92 -26.90
N ARG DA 63 38.90 54.08 -27.53
CA ARG DA 63 39.31 54.16 -28.94
C ARG DA 63 40.77 53.79 -29.12
N PHE DA 64 41.57 53.95 -28.08
CA PHE DA 64 42.97 53.55 -28.10
C PHE DA 64 43.12 52.05 -27.87
N SER DA 65 43.88 51.39 -28.73
CA SER DA 65 44.07 49.94 -28.63
C SER DA 65 45.40 49.53 -29.25
N GLY DA 66 46.12 48.66 -28.56
CA GLY DA 66 47.41 48.19 -29.04
C GLY DA 66 47.33 46.82 -29.69
N SER DA 67 48.31 46.51 -30.53
CA SER DA 67 48.35 45.24 -31.23
C SER DA 67 49.75 44.96 -31.79
N LEU DA 68 49.88 43.82 -32.47
CA LEU DA 68 51.15 43.46 -33.10
C LEU DA 68 50.96 43.10 -34.57
N ILE DA 69 50.55 44.09 -35.36
CA ILE DA 69 50.35 43.89 -36.79
C ILE DA 69 51.69 43.67 -37.49
N GLY DA 70 51.79 42.56 -38.22
CA GLY DA 70 53.02 42.23 -38.93
C GLY DA 70 54.13 41.80 -37.98
N ASP DA 71 55.28 42.47 -38.09
CA ASP DA 71 56.42 42.16 -37.24
C ASP DA 71 56.81 43.38 -36.39
N LYS DA 72 55.85 44.27 -36.19
CA LYS DA 72 56.09 45.46 -35.39
C LYS DA 72 54.88 45.82 -34.53
N ALA DA 73 55.08 46.67 -33.53
CA ALA DA 73 54.02 47.09 -32.64
C ALA DA 73 53.12 48.11 -33.31
N ALA DA 74 51.86 48.17 -32.88
CA ALA DA 74 50.89 49.07 -33.51
C ALA DA 74 49.99 49.76 -32.49
N LEU DA 75 49.73 51.04 -32.71
CA LEU DA 75 48.80 51.80 -31.89
C LEU DA 75 47.65 52.31 -32.76
N THR DA 76 46.48 51.72 -32.60
CA THR DA 76 45.34 52.04 -33.45
C THR DA 76 44.30 52.91 -32.75
N ILE DA 77 43.99 54.05 -33.35
CA ILE DA 77 42.95 54.94 -32.84
C ILE DA 77 41.70 54.85 -33.69
N THR DA 78 40.69 54.14 -33.20
CA THR DA 78 39.44 53.97 -33.93
C THR DA 78 38.41 55.01 -33.51
N GLY DA 79 38.19 55.99 -34.38
CA GLY DA 79 37.30 57.09 -34.07
C GLY DA 79 38.07 58.24 -33.47
N ALA DA 80 39.00 58.80 -34.25
CA ALA DA 80 39.89 59.85 -33.79
C ALA DA 80 39.13 61.10 -33.36
N GLN DA 81 39.69 61.81 -32.38
CA GLN DA 81 39.09 63.04 -31.87
C GLN DA 81 40.05 64.21 -32.07
N THR DA 82 39.55 65.42 -31.86
CA THR DA 82 40.38 66.62 -32.02
C THR DA 82 41.50 66.67 -30.99
N GLU DA 83 41.21 66.23 -29.78
CA GLU DA 83 42.17 66.27 -28.69
C GLU DA 83 43.20 65.15 -28.76
N ASP DA 84 43.08 64.29 -29.76
CA ASP DA 84 44.04 63.21 -29.96
C ASP DA 84 45.24 63.71 -30.76
N GLU DA 85 45.29 65.02 -31.01
CA GLU DA 85 46.38 65.62 -31.76
C GLU DA 85 47.57 65.90 -30.86
N ALA DA 86 48.60 65.07 -30.97
CA ALA DA 86 49.80 65.22 -30.16
C ALA DA 86 50.96 64.43 -30.78
N ILE DA 87 52.04 64.29 -30.03
CA ILE DA 87 53.18 63.50 -30.48
C ILE DA 87 53.16 62.15 -29.76
N TYR DA 88 53.22 61.05 -30.51
CA TYR DA 88 53.14 59.74 -29.89
C TYR DA 88 54.46 59.00 -29.95
N PHE DA 89 55.02 58.70 -28.79
CA PHE DA 89 56.27 57.97 -28.68
C PHE DA 89 56.05 56.50 -28.38
N CYS DA 90 56.82 55.65 -29.05
CA CYS DA 90 56.80 54.21 -28.78
C CYS DA 90 58.08 53.77 -28.09
N ALA DA 91 57.94 52.98 -27.02
CA ALA DA 91 59.11 52.48 -26.31
C ALA DA 91 59.11 50.95 -26.28
N LEU DA 92 60.26 50.36 -26.58
CA LEU DA 92 60.41 48.92 -26.58
C LEU DA 92 61.42 48.46 -25.54
N TRP DA 93 61.17 47.30 -24.93
CA TRP DA 93 62.06 46.78 -23.89
C TRP DA 93 63.01 45.76 -24.50
N TYR DA 94 64.24 46.18 -24.75
CA TYR DA 94 65.29 45.27 -25.18
C TYR DA 94 66.11 44.89 -23.97
N SER DA 95 66.18 43.60 -23.66
CA SER DA 95 66.92 43.12 -22.50
C SER DA 95 66.62 43.94 -21.24
N ASN DA 96 67.67 44.37 -20.55
CA ASN DA 96 67.56 45.16 -19.32
C ASN DA 96 66.94 46.57 -19.40
N HIS DA 97 66.86 47.18 -20.58
CA HIS DA 97 66.43 48.59 -20.65
C HIS DA 97 65.43 48.92 -21.76
N TRP DA 98 64.85 50.12 -21.67
CA TRP DA 98 63.94 50.65 -22.67
C TRP DA 98 64.62 51.58 -23.68
N VAL DA 99 64.07 51.58 -24.89
CA VAL DA 99 64.52 52.44 -25.97
C VAL DA 99 63.32 53.07 -26.65
N PHE DA 100 63.28 54.40 -26.68
CA PHE DA 100 62.18 55.12 -27.32
C PHE DA 100 62.42 55.27 -28.82
N GLY DA 101 61.36 55.59 -29.56
CA GLY DA 101 61.46 55.82 -30.99
C GLY DA 101 61.49 57.29 -31.31
N GLY DA 102 61.52 57.61 -32.60
CA GLY DA 102 61.58 59.00 -33.03
C GLY DA 102 60.32 59.76 -32.67
N GLY DA 103 59.21 59.04 -32.53
CA GLY DA 103 57.94 59.65 -32.20
C GLY DA 103 57.18 60.04 -33.46
N THR DA 104 55.88 59.83 -33.45
CA THR DA 104 55.05 60.17 -34.59
C THR DA 104 54.20 61.40 -34.27
N LYS DA 105 54.25 62.39 -35.16
CA LYS DA 105 53.46 63.60 -34.97
C LYS DA 105 52.08 63.45 -35.61
N LEU DA 106 51.12 62.96 -34.84
CA LEU DA 106 49.78 62.76 -35.38
C LEU DA 106 49.01 64.07 -35.40
N THR DA 107 48.45 64.42 -36.55
CA THR DA 107 47.68 65.64 -36.68
C THR DA 107 46.23 65.34 -36.99
N VAL DA 108 45.33 65.77 -36.10
CA VAL DA 108 43.90 65.64 -36.34
C VAL DA 108 43.34 66.99 -36.79
N LEU DA 109 43.01 67.07 -38.07
CA LEU DA 109 42.57 68.32 -38.69
C LEU DA 109 41.27 68.85 -38.11
N GLY DA 110 41.38 69.94 -37.34
CA GLY DA 110 40.22 70.64 -36.83
C GLY DA 110 39.82 71.74 -37.79
N GLN DA 111 40.74 72.06 -38.70
CA GLN DA 111 40.51 73.06 -39.73
C GLN DA 111 41.20 72.62 -41.01
N PRO DA 112 40.70 73.08 -42.18
CA PRO DA 112 41.28 72.71 -43.47
C PRO DA 112 42.74 73.14 -43.62
N LYS DA 113 43.44 72.52 -44.56
CA LYS DA 113 44.87 72.73 -44.72
C LYS DA 113 45.22 74.11 -45.27
N SER DA 114 46.20 74.76 -44.65
CA SER DA 114 46.60 76.10 -45.06
C SER DA 114 47.96 76.10 -45.75
N SER DA 115 48.06 76.83 -46.85
CA SER DA 115 49.33 76.98 -47.56
C SER DA 115 50.21 78.02 -46.87
N PRO DA 116 51.48 77.66 -46.64
CA PRO DA 116 52.42 78.52 -45.90
C PRO DA 116 52.73 79.83 -46.61
N SER DA 117 52.84 80.91 -45.83
CA SER DA 117 53.24 82.21 -46.37
C SER DA 117 54.70 82.48 -45.99
N VAL DA 118 55.60 82.25 -46.94
CA VAL DA 118 57.03 82.32 -46.69
C VAL DA 118 57.68 83.54 -47.34
N THR DA 119 58.43 84.31 -46.55
CA THR DA 119 59.19 85.45 -47.06
C THR DA 119 60.58 85.47 -46.45
N LEU DA 120 61.61 85.55 -47.30
CA LEU DA 120 62.99 85.62 -46.83
C LEU DA 120 63.38 87.06 -46.51
N PHE DA 121 64.35 87.22 -45.62
CA PHE DA 121 64.76 88.55 -45.17
C PHE DA 121 66.26 88.74 -45.24
N PRO DA 122 66.71 89.75 -46.01
CA PRO DA 122 68.13 90.10 -46.14
C PRO DA 122 68.75 90.51 -44.81
N PRO DA 123 70.04 90.19 -44.62
CA PRO DA 123 70.75 90.55 -43.39
C PRO DA 123 71.01 92.05 -43.27
N SER DA 124 70.66 92.63 -42.13
CA SER DA 124 70.86 94.06 -41.89
C SER DA 124 72.34 94.41 -41.85
N SER DA 125 72.67 95.61 -42.29
CA SER DA 125 74.06 96.06 -42.34
C SER DA 125 74.61 96.34 -40.95
N GLU DA 126 73.73 96.44 -39.97
CA GLU DA 126 74.12 96.70 -38.58
C GLU DA 126 74.95 95.54 -38.01
N GLU DA 127 74.67 94.33 -38.48
CA GLU DA 127 75.39 93.15 -38.00
C GLU DA 127 76.42 92.68 -39.01
N LEU DA 128 76.48 93.34 -40.16
CA LEU DA 128 77.45 93.00 -41.20
C LEU DA 128 78.83 93.54 -40.87
N GLU DA 129 78.88 94.54 -39.97
CA GLU DA 129 80.14 95.10 -39.53
C GLU DA 129 80.79 94.20 -38.48
N THR DA 130 80.04 93.20 -38.03
CA THR DA 130 80.56 92.20 -37.10
C THR DA 130 81.07 91.00 -37.88
N ASN DA 131 81.16 91.15 -39.19
CA ASN DA 131 81.56 90.09 -40.11
C ASN DA 131 80.71 88.84 -39.95
N LYS DA 132 79.42 89.04 -39.66
CA LYS DA 132 78.48 87.93 -39.52
C LYS DA 132 77.29 88.12 -40.45
N ALA DA 133 76.85 87.03 -41.06
CA ALA DA 133 75.71 87.06 -41.97
C ALA DA 133 74.61 86.12 -41.50
N THR DA 134 73.42 86.67 -41.28
CA THR DA 134 72.28 85.87 -40.84
C THR DA 134 71.03 86.19 -41.64
N LEU DA 135 70.71 85.33 -42.60
CA LEU DA 135 69.51 85.49 -43.41
C LEU DA 135 68.37 84.68 -42.83
N VAL DA 136 67.26 85.36 -42.52
CA VAL DA 136 66.12 84.72 -41.87
C VAL DA 136 64.97 84.48 -42.83
N CYS DA 137 64.50 83.23 -42.87
CA CYS DA 137 63.38 82.85 -43.74
C CYS DA 137 62.18 82.43 -42.89
N THR DA 138 61.21 83.34 -42.76
CA THR DA 138 60.07 83.12 -41.87
C THR DA 138 58.92 82.38 -42.58
N ILE DA 139 58.36 81.39 -41.89
CA ILE DA 139 57.25 80.61 -42.41
C ILE DA 139 56.06 80.65 -41.44
N THR DA 140 54.99 81.31 -41.86
CA THR DA 140 53.83 81.49 -40.99
C THR DA 140 52.54 80.91 -41.58
N ASP DA 141 51.65 80.47 -40.69
CA ASP DA 141 50.31 80.03 -41.06
C ASP DA 141 50.28 78.87 -42.06
N PHE DA 142 50.66 77.69 -41.60
CA PHE DA 142 50.51 76.48 -42.41
C PHE DA 142 49.91 75.36 -41.57
N TYR DA 143 49.09 74.53 -42.21
CA TYR DA 143 48.38 73.47 -41.52
C TYR DA 143 48.33 72.21 -42.38
N PRO DA 144 48.84 71.08 -41.86
CA PRO DA 144 49.45 70.90 -40.53
C PRO DA 144 50.88 71.42 -40.44
N GLY DA 145 51.61 70.98 -39.42
CA GLY DA 145 52.95 71.46 -39.16
C GLY DA 145 54.07 70.53 -39.58
N VAL DA 146 54.13 70.24 -40.87
CA VAL DA 146 55.23 69.45 -41.42
C VAL DA 146 55.87 70.21 -42.58
N VAL DA 147 57.00 70.87 -42.30
CA VAL DA 147 57.64 71.69 -43.31
C VAL DA 147 59.12 71.34 -43.47
N THR DA 148 59.48 70.92 -44.68
CA THR DA 148 60.88 70.72 -45.04
C THR DA 148 61.41 72.04 -45.60
N VAL DA 149 62.71 72.29 -45.44
CA VAL DA 149 63.27 73.54 -45.91
C VAL DA 149 64.65 73.35 -46.56
N ASP DA 150 64.74 73.71 -47.84
CA ASP DA 150 65.99 73.64 -48.58
C ASP DA 150 66.38 75.03 -49.06
N TRP DA 151 67.69 75.28 -49.19
CA TRP DA 151 68.18 76.56 -49.69
C TRP DA 151 69.02 76.37 -50.95
N LYS DA 152 68.84 77.26 -51.91
CA LYS DA 152 69.61 77.19 -53.16
C LYS DA 152 70.48 78.43 -53.33
N VAL DA 153 71.00 78.93 -52.22
CA VAL DA 153 71.89 80.09 -52.23
C VAL DA 153 73.18 79.75 -52.97
N ASP DA 154 73.69 80.71 -53.74
CA ASP DA 154 74.88 80.51 -54.58
C ASP DA 154 74.64 79.36 -55.55
N GLY DA 155 75.44 78.30 -55.42
CA GLY DA 155 75.22 77.10 -56.19
C GLY DA 155 73.93 76.43 -55.73
N THR DA 156 73.21 75.82 -56.67
CA THR DA 156 71.91 75.24 -56.37
C THR DA 156 71.91 74.19 -55.25
N PRO DA 157 72.97 73.37 -55.11
CA PRO DA 157 72.89 72.47 -53.96
C PRO DA 157 73.42 73.11 -52.68
N VAL DA 158 72.83 72.75 -51.55
CA VAL DA 158 73.32 73.20 -50.25
C VAL DA 158 73.74 71.99 -49.43
N THR DA 159 74.80 72.14 -48.64
CA THR DA 159 75.31 71.03 -47.85
C THR DA 159 75.09 71.25 -46.36
N GLN DA 160 75.67 72.32 -45.82
CA GLN DA 160 75.59 72.60 -44.40
C GLN DA 160 75.55 74.09 -44.10
N GLY DA 161 75.26 74.43 -42.85
CA GLY DA 161 75.22 75.82 -42.42
C GLY DA 161 73.81 76.36 -42.30
N MET DA 162 72.88 75.51 -41.89
CA MET DA 162 71.48 75.92 -41.77
C MET DA 162 70.81 75.27 -40.56
N GLU DA 163 69.99 76.06 -39.85
CA GLU DA 163 69.26 75.58 -38.69
C GLU DA 163 67.79 75.99 -38.76
N THR DA 164 66.90 75.07 -38.42
CA THR DA 164 65.46 75.32 -38.53
C THR DA 164 64.73 74.95 -37.25
N THR DA 165 63.83 75.83 -36.82
CA THR DA 165 63.05 75.60 -35.60
C THR DA 165 61.80 74.78 -35.89
N GLN DA 166 61.30 74.09 -34.85
CA GLN DA 166 60.09 73.28 -34.98
C GLN DA 166 58.85 74.17 -35.09
N PRO DA 167 57.79 73.65 -35.73
CA PRO DA 167 56.54 74.42 -35.87
C PRO DA 167 55.91 74.78 -34.53
N SER DA 168 55.59 76.06 -34.36
CA SER DA 168 55.00 76.55 -33.12
C SER DA 168 53.53 76.88 -33.28
N LYS DA 169 52.71 76.36 -32.39
CA LYS DA 169 51.26 76.58 -32.45
C LYS DA 169 50.90 78.03 -32.17
N GLN DA 170 50.21 78.66 -33.12
CA GLN DA 170 49.78 80.05 -32.96
C GLN DA 170 48.44 80.13 -32.24
N SER DA 171 47.88 81.33 -32.17
CA SER DA 171 46.59 81.54 -31.55
C SER DA 171 45.47 81.00 -32.42
N ASN DA 172 45.65 81.08 -33.74
CA ASN DA 172 44.65 80.60 -34.69
C ASN DA 172 44.84 79.13 -35.05
N ASN DA 173 45.51 78.40 -34.17
CA ASN DA 173 45.73 76.96 -34.31
C ASN DA 173 46.50 76.53 -35.56
N LYS DA 174 47.01 77.51 -36.29
CA LYS DA 174 47.88 77.23 -37.43
C LYS DA 174 49.33 77.27 -36.97
N TYR DA 175 50.18 76.43 -37.56
CA TYR DA 175 51.55 76.29 -37.08
C TYR DA 175 52.51 77.22 -37.82
N MET DA 176 53.68 77.43 -37.24
CA MET DA 176 54.61 78.45 -37.70
C MET DA 176 56.07 78.11 -37.36
N ALA DA 177 56.96 78.31 -38.33
CA ALA DA 177 58.38 78.03 -38.12
C ALA DA 177 59.28 79.01 -38.86
N SER DA 178 60.59 78.87 -38.68
CA SER DA 178 61.56 79.74 -39.34
C SER DA 178 62.87 78.98 -39.59
N SER DA 179 63.61 79.43 -40.60
CA SER DA 179 64.89 78.79 -40.94
C SER DA 179 65.98 79.84 -41.13
N TYR DA 180 67.07 79.69 -40.38
CA TYR DA 180 68.15 80.67 -40.42
C TYR DA 180 69.31 80.17 -41.29
N LEU DA 181 70.30 81.05 -41.50
CA LEU DA 181 71.48 80.70 -42.29
C LEU DA 181 72.75 81.21 -41.62
N THR DA 182 73.76 80.35 -41.54
CA THR DA 182 75.03 80.72 -40.91
C THR DA 182 76.15 80.86 -41.92
N LEU DA 183 76.52 82.10 -42.21
CA LEU DA 183 77.61 82.37 -43.16
C LEU DA 183 78.53 83.48 -42.65
N THR DA 184 79.64 83.67 -43.34
CA THR DA 184 80.56 84.76 -43.04
C THR DA 184 80.16 85.98 -43.87
N ALA DA 185 80.80 87.12 -43.59
CA ALA DA 185 80.52 88.35 -44.34
C ALA DA 185 81.02 88.25 -45.77
N ARG DA 186 82.01 87.39 -45.97
CA ARG DA 186 82.61 87.20 -47.29
C ARG DA 186 81.64 86.50 -48.25
N ALA DA 187 80.71 85.74 -47.68
CA ALA DA 187 79.77 84.95 -48.49
C ALA DA 187 78.68 85.81 -49.10
N TRP DA 188 78.31 86.89 -48.43
CA TRP DA 188 77.21 87.74 -48.88
C TRP DA 188 77.49 88.38 -50.24
N GLU DA 189 78.70 88.91 -50.40
CA GLU DA 189 79.07 89.64 -51.62
C GLU DA 189 79.43 88.70 -52.77
N ARG DA 190 80.11 87.61 -52.45
CA ARG DA 190 80.58 86.67 -53.47
C ARG DA 190 79.44 85.87 -54.09
N HIS DA 191 78.53 85.38 -53.25
CA HIS DA 191 77.43 84.54 -53.73
C HIS DA 191 76.45 85.33 -54.58
N SER DA 192 75.97 84.71 -55.65
CA SER DA 192 75.02 85.33 -56.55
C SER DA 192 73.59 84.84 -56.26
N SER DA 193 72.69 85.81 -56.04
CA SER DA 193 71.27 85.53 -55.77
C SER DA 193 71.05 84.71 -54.50
N TYR DA 194 69.78 84.54 -54.13
CA TYR DA 194 69.42 83.76 -52.96
C TYR DA 194 68.15 82.95 -53.23
N SER DA 195 67.94 81.91 -52.44
CA SER DA 195 66.75 81.07 -52.58
C SER DA 195 66.43 80.31 -51.30
N CYS DA 196 65.21 80.51 -50.80
CA CYS DA 196 64.74 79.81 -49.61
C CYS DA 196 63.41 79.11 -49.90
N GLN DA 197 63.47 77.84 -50.25
CA GLN DA 197 62.27 77.10 -50.61
C GLN DA 197 61.83 76.17 -49.48
N VAL DA 198 60.51 76.08 -49.28
CA VAL DA 198 59.94 75.19 -48.29
C VAL DA 198 58.85 74.32 -48.91
N THR DA 199 58.84 73.05 -48.56
CA THR DA 199 57.85 72.12 -49.10
C THR DA 199 56.85 71.71 -48.04
N HIS DA 200 55.57 71.98 -48.31
CA HIS DA 200 54.51 71.64 -47.38
C HIS DA 200 53.36 70.94 -48.10
N GLU DA 201 52.96 69.78 -47.56
CA GLU DA 201 51.88 68.97 -48.13
C GLU DA 201 52.19 68.59 -49.58
N GLY DA 202 53.47 68.43 -49.87
CA GLY DA 202 53.91 68.06 -51.21
C GLY DA 202 53.96 69.25 -52.17
N HIS DA 203 53.67 70.44 -51.67
CA HIS DA 203 53.71 71.65 -52.47
C HIS DA 203 54.92 72.51 -52.12
N THR DA 204 55.82 72.67 -53.08
CA THR DA 204 57.03 73.45 -52.86
C THR DA 204 56.84 74.92 -53.26
N VAL DA 205 57.39 75.82 -52.45
CA VAL DA 205 57.28 77.26 -52.71
C VAL DA 205 58.65 77.93 -52.55
N GLU DA 206 59.09 78.63 -53.60
CA GLU DA 206 60.39 79.27 -53.59
C GLU DA 206 60.30 80.79 -53.57
N LYS DA 207 61.33 81.44 -53.02
CA LYS DA 207 61.41 82.89 -52.99
C LYS DA 207 62.74 83.36 -53.58
N SER DA 208 62.79 84.60 -54.05
CA SER DA 208 63.99 85.12 -54.70
C SER DA 208 64.59 86.32 -53.95
N LEU DA 209 65.87 86.56 -54.18
CA LEU DA 209 66.59 87.67 -53.54
C LEU DA 209 67.92 87.94 -54.24
N SER DA 210 68.38 89.18 -54.17
CA SER DA 210 69.66 89.56 -54.77
C SER DA 210 70.45 90.49 -53.86
C1 NAG EA . 60.95 50.73 19.14
C2 NAG EA . 62.10 50.60 20.13
C3 NAG EA . 62.14 51.90 20.92
C4 NAG EA . 62.19 53.10 19.97
C5 NAG EA . 61.15 53.00 18.86
C6 NAG EA . 61.29 54.15 17.86
C7 NAG EA . 62.86 48.81 21.60
C8 NAG EA . 62.72 47.31 21.65
N2 NAG EA . 61.87 49.46 21.01
O3 NAG EA . 63.28 51.91 21.78
O4 NAG EA . 61.93 54.29 20.73
O5 NAG EA . 61.24 51.75 18.18
O6 NAG EA . 62.49 53.97 17.10
O7 NAG EA . 63.83 49.38 22.08
N POV FA . 33.65 33.42 22.65
P POV FA . 29.37 34.72 24.64
C1 POV FA . 29.20 37.34 24.31
C2 POV FA . 28.58 38.59 24.94
C3 POV FA . 29.14 39.82 24.25
C11 POV FA . 31.72 33.63 24.15
O11 POV FA . 29.04 36.21 25.17
C12 POV FA . 33.17 34.03 23.90
O12 POV FA . 30.95 34.82 24.34
C13 POV FA . 32.75 33.76 21.54
O13 POV FA . 29.19 33.75 25.79
C14 POV FA . 35.00 33.91 22.35
O14 POV FA . 28.63 34.49 23.35
C15 POV FA . 33.68 31.96 22.83
C21 POV FA . 27.65 38.67 27.13
O21 POV FA . 28.86 38.70 26.33
C22 POV FA . 27.17 39.92 27.83
O22 POV FA . 27.04 37.62 27.25
C23 POV FA . 25.65 39.87 27.95
C24 POV FA . 25.13 40.92 28.92
C25 POV FA . 25.57 42.33 28.54
C26 POV FA . 25.13 43.34 29.58
O31 POV FA . 28.32 40.96 24.55
CL CL GA . 24.50 25.10 32.38
C1 GOL HA . 36.98 31.27 39.24
O1 GOL HA . 37.39 30.81 37.97
C2 GOL HA . 38.13 31.14 40.23
O2 GOL HA . 39.36 31.23 39.54
C3 GOL HA . 38.05 32.24 41.27
O3 GOL HA . 36.82 32.15 41.95
C1 NAG IA . 69.49 19.06 43.99
C2 NAG IA . 70.02 18.13 45.08
C3 NAG IA . 68.87 17.29 45.60
C4 NAG IA . 67.76 18.20 46.12
C5 NAG IA . 67.38 19.25 45.08
C6 NAG IA . 66.42 20.28 45.68
C7 NAG IA . 72.31 17.37 45.18
C8 NAG IA . 73.29 16.30 44.75
N2 NAG IA . 71.11 17.31 44.61
O3 NAG IA . 69.34 16.45 46.67
O4 NAG IA . 66.61 17.40 46.41
O5 NAG IA . 68.53 19.94 44.57
O6 NAG IA . 66.07 21.25 44.67
O7 NAG IA . 72.61 18.22 45.98
C1B LMT JA . 57.87 21.45 48.14
C2B LMT JA . 58.19 20.29 47.24
C3B LMT JA . 57.58 18.99 47.65
C4B LMT JA . 57.73 18.69 49.10
C5B LMT JA . 57.42 19.85 50.01
C6B LMT JA . 57.96 19.54 51.38
O1B LMT JA . 56.59 21.96 47.83
O2B LMT JA . 57.74 20.59 45.90
O3B LMT JA . 58.21 17.92 46.89
O4' LMT JA . 56.84 17.61 49.42
O5B LMT JA . 57.98 21.14 49.59
O6B LMT JA . 59.36 19.81 51.40
C1' LMT JA . 54.56 25.38 49.13
C2' LMT JA . 56.05 25.37 49.37
C3' LMT JA . 56.79 24.19 48.82
C4' LMT JA . 56.07 22.89 48.83
C5' LMT JA . 54.58 23.03 48.53
C6' LMT JA . 53.89 21.72 48.75
O1' LMT JA . 53.97 26.31 50.00
O2' LMT JA . 56.60 26.56 48.80
O3' LMT JA . 58.01 24.08 49.63
O5' LMT JA . 53.94 24.05 49.35
O6' LMT JA . 52.49 21.91 48.65
C1 NAG KA . 51.25 -14.84 28.68
C2 NAG KA . 51.98 -15.94 29.43
C3 NAG KA . 51.40 -17.31 29.05
C4 NAG KA . 49.87 -17.35 29.12
C5 NAG KA . 49.26 -16.16 28.38
C6 NAG KA . 47.75 -16.05 28.61
C7 NAG KA . 54.28 -16.69 29.74
C8 NAG KA . 54.92 -17.73 28.88
N2 NAG KA . 53.40 -15.88 29.14
O3 NAG KA . 51.91 -18.34 29.91
O4 NAG KA . 49.41 -18.56 28.50
O5 NAG KA . 49.85 -14.97 28.90
O6 NAG KA . 47.35 -14.69 28.44
O7 NAG KA . 54.55 -16.58 30.94
C1B LMT LA . 40.04 -6.45 37.95
C2B LMT LA . 38.52 -6.48 38.07
C3B LMT LA . 37.79 -6.37 36.77
C4B LMT LA . 38.52 -6.93 35.60
C5B LMT LA . 39.60 -7.94 35.98
C6B LMT LA . 40.32 -8.36 34.73
O1B LMT LA . 40.61 -6.70 39.21
O2B LMT LA . 38.12 -7.69 38.75
O3B LMT LA . 37.52 -4.97 36.52
O4' LMT LA . 37.57 -7.57 34.74
O5B LMT LA . 40.57 -7.42 36.96
O6B LMT LA . 40.29 -9.77 34.61
C1' LMT LA . 41.12 -6.62 42.56
C2' LMT LA . 39.76 -6.30 41.97
C3' LMT LA . 39.84 -5.22 40.95
C4' LMT LA . 40.91 -5.48 39.94
C5' LMT LA . 42.26 -5.60 40.61
C6' LMT LA . 43.09 -4.40 40.27
O1' LMT LA . 41.02 -6.52 43.96
O2' LMT LA . 39.23 -7.49 41.36
O3' LMT LA . 40.11 -3.95 41.62
O5' LMT LA . 42.17 -5.69 42.08
O6' LMT LA . 42.69 -3.30 41.09
N POV MA . 25.74 20.60 16.75
P POV MA . 21.75 23.09 18.03
C1 POV MA . 19.47 24.33 17.95
C2 POV MA . 18.39 24.73 16.97
C3 POV MA . 18.96 25.05 15.58
C11 POV MA . 24.23 22.43 17.49
O11 POV MA . 20.72 24.09 17.31
C12 POV MA . 24.35 20.98 17.06
O12 POV MA . 22.99 22.95 17.02
C13 POV MA . 26.59 20.81 17.93
O13 POV MA . 22.24 23.73 19.31
C14 POV MA . 25.79 19.19 16.37
O14 POV MA . 21.03 21.76 18.09
C15 POV MA . 26.22 21.42 15.64
C21 POV MA . 16.32 25.62 17.65
O21 POV MA . 17.72 25.89 17.48
C22 POV MA . 15.51 26.40 18.67
O22 POV MA . 15.80 24.74 16.99
C23 POV MA . 14.06 26.48 18.19
C24 POV MA . 13.37 27.68 18.80
C31 POV MA . 17.09 25.60 13.97
O31 POV MA . 17.99 24.65 14.62
C32 POV MA . 16.48 25.27 12.62
O32 POV MA . 16.84 26.66 14.52
C33 POV MA . 15.25 26.15 12.38
C34 POV MA . 14.07 25.66 13.20
C1 NAG NA . 31.32 -3.56 -5.68
C2 NAG NA . 29.89 -4.05 -5.93
C3 NAG NA . 29.52 -3.52 -7.30
C4 NAG NA . 29.70 -2.01 -7.34
C5 NAG NA . 31.06 -1.56 -6.79
C6 NAG NA . 31.14 -0.04 -6.74
C7 NAG NA . 28.94 -6.14 -5.17
C8 NAG NA . 27.97 -7.01 -5.91
N2 NAG NA . 29.83 -5.50 -5.91
O3 NAG NA . 28.16 -3.87 -7.60
O4 NAG NA . 29.58 -1.57 -8.70
O5 NAG NA . 31.33 -2.15 -5.50
O6 NAG NA . 30.87 0.46 -8.05
O7 NAG NA . 28.92 -6.04 -3.95
C1B LMT OA . 21.37 1.20 5.02
C2B LMT OA . 22.64 0.50 4.55
C3B LMT OA . 23.74 1.42 4.12
C4B LMT OA . 23.26 2.46 3.17
C5B LMT OA . 22.10 3.24 3.76
C6B LMT OA . 21.62 4.25 2.76
O1B LMT OA . 21.53 1.60 6.36
O2B LMT OA . 23.12 -0.34 5.62
O3B LMT OA . 24.78 0.65 3.50
O4' LMT OA . 24.34 3.38 2.92
O5B LMT OA . 20.99 2.36 4.17
O6B LMT OA . 21.39 5.48 3.43
C1' LMT OA . 18.59 2.64 9.24
C2' LMT OA . 18.53 1.27 8.60
C3' LMT OA . 19.76 0.88 7.84
C4' LMT OA . 20.26 1.96 6.95
C5' LMT OA . 20.43 3.23 7.76
C6' LMT OA . 20.98 4.30 6.88
O1' LMT OA . 17.30 3.05 9.61
O2' LMT OA . 18.31 0.30 9.63
O3' LMT OA . 19.45 -0.30 7.04
O5' LMT OA . 19.17 3.68 8.37
O6' LMT OA . 22.37 4.13 6.79
C1 NAG PA . 37.77 36.03 -11.88
C2 NAG PA . 38.01 37.06 -12.98
C3 NAG PA . 38.04 38.48 -12.45
C4 NAG PA . 36.81 38.74 -11.61
C5 NAG PA . 36.65 37.67 -10.54
C6 NAG PA . 35.39 37.91 -9.73
C7 NAG PA . 39.35 36.97 -15.00
C8 NAG PA . 40.75 37.13 -15.51
N2 NAG PA . 39.24 36.75 -13.70
O3 NAG PA . 38.08 39.39 -13.54
O4 NAG PA . 36.91 40.03 -11.00
O5 NAG PA . 36.60 36.37 -11.13
O6 NAG PA . 34.24 37.71 -10.56
O7 NAG PA . 38.39 37.03 -15.74
C1B LMT QA . 26.07 36.89 -1.54
C2B LMT QA . 26.77 35.67 -2.11
C3B LMT QA . 28.23 35.66 -1.81
C4B LMT QA . 28.54 36.10 -0.40
C5B LMT QA . 27.97 37.48 -0.11
C6B LMT QA . 29.09 38.47 0.04
O1B LMT QA . 25.41 36.52 -0.37
O2B LMT QA . 26.18 34.48 -1.56
O3B LMT QA . 28.91 36.54 -2.73
O4' LMT QA . 27.95 35.18 0.51
O5B LMT QA . 27.06 37.93 -1.17
O6B LMT QA . 29.93 38.06 1.09
C1' LMT QA . 22.36 37.49 2.11
C2' LMT QA . 21.95 36.76 0.86
C3' LMT QA . 23.15 36.20 0.17
C4' LMT QA . 24.16 37.23 -0.18
C5' LMT QA . 24.38 38.33 0.86
C6' LMT QA . 24.68 39.62 0.16
O1' LMT QA . 21.22 37.99 2.74
O2' LMT QA . 21.06 35.68 1.21
O3' LMT QA . 22.72 35.51 -1.04
O5' LMT QA . 23.26 38.63 1.79
O6' LMT QA . 25.57 40.40 0.94
C1 NAG RA . -62.11 -51.40 -18.97
C2 NAG RA . -61.01 -52.43 -19.28
C3 NAG RA . -61.36 -53.86 -18.88
C4 NAG RA . -61.99 -53.88 -17.50
C5 NAG RA . -63.19 -52.93 -17.49
C6 NAG RA . -63.97 -53.04 -16.19
C7 NAG RA . -59.54 -52.84 -21.18
C8 NAG RA . -59.59 -53.34 -22.59
N2 NAG RA . -60.68 -52.36 -20.69
O3 NAG RA . -60.17 -54.66 -18.86
O4 NAG RA . -62.41 -55.21 -17.17
O5 NAG RA . -62.73 -51.60 -17.70
O6 NAG RA . -65.37 -53.15 -16.49
O7 NAG RA . -58.51 -52.85 -20.52
C1B LMT SA . -49.22 -50.47 -28.68
C2B LMT SA . -48.79 -50.09 -27.28
C3B LMT SA . -47.33 -50.31 -27.05
C4B LMT SA . -46.89 -51.69 -27.44
C5B LMT SA . -47.32 -52.05 -28.85
C6B LMT SA . -47.01 -53.50 -29.11
O1B LMT SA . -48.73 -49.52 -29.59
O2B LMT SA . -49.10 -48.71 -27.03
O3B LMT SA . -47.04 -50.12 -25.64
O4' LMT SA . -45.46 -51.75 -27.37
O5B LMT SA . -48.76 -51.82 -29.09
O6B LMT SA . -47.68 -53.93 -30.28
C1' LMT SA . -49.57 -47.76 -33.13
C2' LMT SA . -50.23 -47.49 -31.79
C3' LMT SA . -50.52 -48.72 -30.99
C4' LMT SA . -49.40 -49.70 -30.88
C5' LMT SA . -48.37 -49.58 -32.00
C6' LMT SA . -47.76 -50.92 -32.25
O1' LMT SA . -50.53 -47.59 -34.14
O2' LMT SA . -49.38 -46.61 -31.02
O3' LMT SA . -51.66 -49.41 -31.59
O5' LMT SA . -48.98 -49.11 -33.25
O6' LMT SA . -48.74 -51.94 -32.13
N POV TA . -39.65 -30.29 -33.84
P POV TA . -38.19 -32.62 -36.85
C1 POV TA . -37.91 -34.66 -38.44
C2 POV TA . -36.98 -35.19 -39.52
C3 POV TA . -37.78 -36.16 -40.40
C310 POV TA . -41.35 -38.30 -46.80
C11 POV TA . -37.60 -30.85 -35.04
O11 POV TA . -37.27 -33.66 -37.66
C311 POV TA . -41.02 -38.99 -48.12
C12 POV TA . -38.53 -31.24 -33.89
O12 POV TA . -37.20 -32.03 -35.73
C312 POV TA . -39.85 -38.33 -48.84
C13 POV TA . -40.41 -30.36 -35.10
O13 POV TA . -38.56 -31.50 -37.79
C313 POV TA . -38.54 -38.48 -48.07
C14 POV TA . -40.53 -30.62 -32.72
O14 POV TA . -39.26 -33.42 -36.17
C314 POV TA . -37.38 -37.90 -48.86
C15 POV TA . -39.12 -28.94 -33.66
C315 POV TA . -37.11 -38.69 -50.14
C316 POV TA . -35.87 -38.19 -50.84
C21 POV TA . -34.77 -35.98 -39.81
O21 POV TA . -35.91 -35.91 -38.92
C22 POV TA . -33.95 -37.25 -39.90
O22 POV TA . -34.48 -35.01 -40.49
C23 POV TA . -33.48 -37.45 -41.33
C24 POV TA . -32.99 -38.88 -41.54
C25 POV TA . -32.62 -39.13 -43.00
C26 POV TA . -32.47 -40.62 -43.26
C27 POV TA . -32.17 -40.89 -44.73
C28 POV TA . -32.45 -42.35 -45.09
C31 POV TA . -39.37 -38.07 -40.21
O31 POV TA . -38.66 -36.95 -39.61
C32 POV TA . -40.69 -38.51 -39.65
O32 POV TA . -38.87 -38.64 -41.17
C33 POV TA . -41.80 -38.26 -40.67
C34 POV TA . -41.71 -36.85 -41.24
C35 POV TA . -43.04 -36.44 -41.87
C36 POV TA . -43.54 -37.50 -42.86
C37 POV TA . -42.77 -37.44 -44.18
C38 POV TA . -43.14 -38.63 -45.05
C39 POV TA . -42.84 -38.38 -46.52
CL CL UA . -21.16 -25.41 -36.63
N POV VA . -31.02 -30.24 -25.53
P POV VA . -28.24 -34.01 -25.77
C1 POV VA . -27.31 -36.14 -24.60
C2 POV VA . -27.04 -36.67 -23.20
C3 POV VA . -25.54 -36.81 -23.03
C210 POV VA . -26.68 -45.34 -23.47
C310 POV VA . -15.52 -44.09 -24.62
C11 POV VA . -29.92 -32.18 -26.57
O11 POV VA . -28.27 -35.08 -24.58
C211 POV VA . -25.80 -46.45 -22.95
C12 POV VA . -31.23 -31.49 -26.27
O12 POV VA . -29.52 -33.07 -25.53
C212 POV VA . -25.76 -47.57 -23.98
C13 POV VA . -30.02 -29.43 -26.24
O13 POV VA . -26.99 -33.16 -25.63
C213 POV VA . -25.55 -46.99 -25.37
C14 POV VA . -32.26 -29.46 -25.45
O14 POV VA . -28.52 -34.75 -27.05
C214 POV VA . -24.39 -47.66 -26.09
C15 POV VA . -30.59 -30.56 -24.17
C215 POV VA . -23.05 -47.23 -25.52
C216 POV VA . -21.92 -47.68 -26.44
C217 POV VA . -22.08 -47.08 -27.83
C218 POV VA . -22.00 -48.14 -28.90
C21 POV VA . -28.53 -38.00 -21.88
O21 POV VA . -27.65 -37.94 -23.03
C22 POV VA . -28.31 -39.07 -20.84
O22 POV VA . -29.43 -37.19 -21.77
C23 POV VA . -27.16 -39.97 -21.31
C24 POV VA . -26.59 -40.77 -20.15
C25 POV VA . -26.68 -42.27 -20.41
C26 POV VA . -28.08 -42.65 -20.88
C27 POV VA . -28.46 -44.07 -20.45
C28 POV VA . -27.69 -45.14 -21.23
C29 POV VA . -27.56 -44.74 -22.67
C31 POV VA . -23.57 -37.96 -24.00
O31 POV VA . -24.94 -37.51 -24.13
C32 POV VA . -22.76 -38.35 -25.22
O32 POV VA . -23.05 -38.00 -22.90
C33 POV VA . -21.35 -38.69 -24.77
C34 POV VA . -20.66 -39.61 -25.78
C35 POV VA . -19.25 -39.95 -25.35
C36 POV VA . -19.25 -40.76 -24.05
C37 POV VA . -17.84 -41.16 -23.64
C38 POV VA . -17.33 -42.35 -24.45
C39 POV VA . -15.97 -42.80 -23.93
C1 NAG WA . -35.24 -35.65 10.79
C2 NAG WA . -34.81 -34.50 11.71
C3 NAG WA . -33.62 -34.95 12.54
C4 NAG WA . -33.99 -36.20 13.31
C5 NAG WA . -34.57 -37.27 12.38
C6 NAG WA . -35.06 -38.47 13.20
C7 NAG WA . -35.39 -32.33 10.76
C8 NAG WA . -34.96 -31.20 9.87
N2 NAG WA . -34.50 -33.31 10.94
O3 NAG WA . -33.24 -33.90 13.44
O4 NAG WA . -32.82 -36.72 13.97
O5 NAG WA . -35.64 -36.76 11.59
O6 NAG WA . -35.47 -39.51 12.30
O7 NAG WA . -36.49 -32.34 11.30
N POV XA . -28.15 -20.91 -19.27
P POV XA . -23.45 -20.70 -18.29
C1 POV XA . -21.26 -19.28 -18.13
C2 POV XA . -20.05 -20.21 -18.01
C3 POV XA . -19.90 -21.08 -19.25
C310 POV XA . -7.76 -19.60 -21.41
C11 POV XA . -26.01 -20.23 -18.30
O11 POV XA . -22.23 -19.88 -18.97
C12 POV XA . -26.85 -20.31 -19.56
O12 POV XA . -24.71 -19.81 -18.71
C13 POV XA . -28.92 -19.98 -18.42
O13 POV XA . -23.57 -22.03 -19.01
C14 POV XA . -28.85 -21.16 -20.54
O14 POV XA . -23.31 -20.64 -16.80
C15 POV XA . -27.97 -22.19 -18.55
C21 POV XA . -19.45 -20.54 -15.77
O21 POV XA . -20.22 -21.05 -16.87
C22 POV XA . -17.95 -20.44 -15.92
O22 POV XA . -20.00 -20.22 -14.73
C23 POV XA . -17.35 -19.55 -14.84
C24 POV XA . -16.16 -18.77 -15.38
C25 POV XA . -14.86 -19.17 -14.69
C26 POV XA . -14.48 -20.62 -14.98
C31 POV XA . -17.70 -20.77 -20.32
O31 POV XA . -19.10 -20.41 -20.21
C32 POV XA . -17.07 -20.99 -21.68
O32 POV XA . -17.05 -20.91 -19.31
C33 POV XA . -15.59 -21.29 -21.53
C34 POV XA . -14.81 -20.01 -21.29
C35 POV XA . -13.34 -20.30 -21.00
C36 POV XA . -12.65 -19.02 -20.55
C37 POV XA . -11.29 -19.31 -19.93
C38 POV XA . -10.24 -19.57 -21.00
C39 POV XA . -8.86 -19.70 -20.35
P POV YA . -25.72 -11.35 -30.63
C1 POV YA . -24.53 -9.66 -32.26
C2 POV YA . -23.98 -8.25 -32.39
C3 POV YA . -22.55 -8.36 -32.91
C210 POV YA . -19.69 -1.39 -27.97
O11 POV YA . -25.28 -9.87 -31.06
C211 POV YA . -19.15 -1.69 -29.35
O12 POV YA . -27.07 -11.10 -29.79
C212 POV YA . -17.64 -1.48 -29.37
O13 POV YA . -26.06 -12.13 -31.88
C213 POV YA . -17.05 -1.90 -30.70
O14 POV YA . -24.70 -11.92 -29.67
C214 POV YA . -15.53 -1.97 -30.62
C215 POV YA . -14.94 -2.62 -31.87
C216 POV YA . -13.47 -2.97 -31.67
C21 POV YA . -25.00 -6.57 -31.05
O21 POV YA . -23.94 -7.56 -31.14
C22 POV YA . -24.68 -5.11 -30.81
O22 POV YA . -26.16 -6.93 -31.15
C23 POV YA . -23.77 -4.58 -31.92
C24 POV YA . -23.68 -3.06 -31.87
C25 POV YA . -23.14 -2.58 -30.53
C26 POV YA . -23.64 -1.18 -30.21
C27 POV YA . -23.08 -0.70 -28.87
C28 POV YA . -21.62 -0.27 -29.01
C29 POV YA . -20.83 -0.73 -27.80
C31 POV YA . -21.77 -8.71 -35.24
O31 POV YA . -22.50 -7.92 -34.27
C32 POV YA . -21.14 -8.05 -36.44
O32 POV YA . -21.66 -9.91 -35.05
C33 POV YA . -20.20 -6.95 -35.98
C34 POV YA . -19.50 -6.31 -37.16
C35 POV YA . -18.33 -5.45 -36.69
C36 POV YA . -17.71 -4.67 -37.84
C37 POV YA . -17.24 -5.61 -38.94
C1 NAG ZA . -52.80 14.28 -29.86
C2 NAG ZA . -52.31 15.70 -29.65
C3 NAG ZA . -51.91 16.38 -30.95
C4 NAG ZA . -51.10 15.44 -31.83
C5 NAG ZA . -51.85 14.17 -32.14
C6 NAG ZA . -50.89 12.98 -32.08
C7 NAG ZA . -53.49 16.75 -27.77
C8 NAG ZA . -54.85 17.15 -27.29
N2 NAG ZA . -53.39 16.48 -29.07
O3 NAG ZA . -51.13 17.54 -30.66
O4 NAG ZA . -50.80 16.11 -33.06
O5 NAG ZA . -52.95 13.94 -31.25
O6 NAG ZA . -51.47 11.84 -32.71
O7 NAG ZA . -52.53 16.67 -27.01
C1B LMT AB . -39.26 9.44 -35.65
C2B LMT AB . -40.10 9.60 -34.40
C3B LMT AB . -40.50 8.31 -33.76
C4B LMT AB . -40.92 7.25 -34.72
C5B LMT AB . -40.02 7.11 -35.93
C6B LMT AB . -40.68 6.19 -36.92
O1B LMT AB . -37.93 9.16 -35.29
O2B LMT AB . -39.35 10.37 -33.44
O3B LMT AB . -41.61 8.59 -32.88
O4' LMT AB . -40.91 6.00 -34.02
O5B LMT AB . -39.76 8.40 -36.58
O6B LMT AB . -39.75 5.85 -37.93
C1' LMT AB . -34.44 10.21 -37.47
C2' LMT AB . -35.48 11.26 -37.18
C3' LMT AB . -36.41 10.86 -36.07
C4' LMT AB . -37.05 9.56 -36.38
C5' LMT AB . -35.98 8.49 -36.58
C6' LMT AB . -36.64 7.19 -36.96
O1' LMT AB . -33.77 10.55 -38.65
O2' LMT AB . -34.82 12.49 -36.81
O3' LMT AB . -37.41 11.91 -35.92
O5' LMT AB . -35.01 8.86 -37.62
O6' LMT AB . -35.68 6.34 -37.58
N POV BB . -37.70 -17.08 -36.02
P POV BB . -36.63 -17.24 -39.91
C1 POV BB . -35.67 -16.58 -42.24
C2 POV BB . -36.01 -16.51 -43.72
C3 POV BB . -37.41 -15.97 -43.93
C310 POV BB . -35.32 -10.68 -50.80
C11 POV BB . -38.36 -16.26 -38.20
O11 POV BB . -36.77 -17.08 -41.49
C311 POV BB . -34.12 -10.02 -51.48
C12 POV BB . -38.74 -17.19 -37.05
O12 POV BB . -38.14 -17.04 -39.37
C312 POV BB . -33.01 -11.06 -51.67
C13 POV BB . -37.63 -15.69 -35.54
O13 POV BB . -36.23 -18.67 -39.61
C313 POV BB . -31.79 -10.49 -52.36
C14 POV BB . -38.02 -17.97 -34.89
O14 POV BB . -35.78 -16.11 -39.39
C314 POV BB . -30.80 -11.60 -52.71
C15 POV BB . -36.40 -17.52 -36.52
C315 POV BB . -29.63 -11.07 -53.53
C316 POV BB . -29.06 -12.16 -54.40
C21 POV BB . -34.68 -17.96 -45.06
O21 POV BB . -35.91 -17.82 -44.31
C22 POV BB . -34.65 -18.78 -46.33
O22 POV BB . -33.67 -17.41 -44.66
C23 POV BB . -33.45 -18.34 -47.15
C24 POV BB . -33.51 -18.93 -48.55
C25 POV BB . -32.47 -18.28 -49.46
C26 POV BB . -32.66 -18.76 -50.90
C27 POV BB . -32.62 -17.58 -51.87
C28 POV BB . -32.76 -18.06 -53.31
C29 POV BB . -31.57 -18.91 -53.66
C31 POV BB . -38.43 -15.57 -46.19
O31 POV BB . -37.40 -15.30 -45.19
C32 POV BB . -38.08 -15.49 -47.65
O32 POV BB . -39.55 -15.87 -45.82
C33 POV BB . -38.90 -14.39 -48.32
C34 POV BB . -38.62 -13.03 -47.68
C35 POV BB . -39.48 -11.96 -48.34
C36 POV BB . -39.15 -10.56 -47.82
C37 POV BB . -38.43 -9.73 -48.88
C38 POV BB . -36.98 -10.19 -49.03
C39 POV BB . -36.33 -9.66 -50.30
C1 NAG CB . -70.68 -20.00 -43.55
C2 NAG CB . -71.51 -20.72 -44.62
C3 NAG CB . -70.74 -21.82 -45.34
C4 NAG CB . -69.41 -21.28 -45.83
C5 NAG CB . -68.66 -20.71 -44.64
C6 NAG CB . -67.27 -20.21 -45.06
C7 NAG CB . -73.90 -20.65 -44.16
C8 NAG CB . -74.55 -20.76 -45.50
N2 NAG CB . -72.72 -21.27 -44.04
O3 NAG CB . -71.51 -22.27 -46.46
O4 NAG CB . -68.65 -22.33 -46.45
O5 NAG CB . -69.40 -19.64 -44.07
O6 NAG CB . -66.59 -21.25 -45.78
O7 NAG CB . -74.40 -20.03 -43.24
C1B LMT DB . -57.09 -19.24 -50.91
C2B LMT DB . -58.15 -18.50 -50.14
C3B LMT DB . -58.05 -18.79 -48.67
C4B LMT DB . -58.07 -20.25 -48.38
C5B LMT DB . -57.13 -21.06 -49.25
C6B LMT DB . -57.44 -22.52 -49.10
O1B LMT DB . -55.84 -18.78 -50.47
O2B LMT DB . -58.01 -17.08 -50.37
O3B LMT DB . -59.16 -18.15 -47.99
O4' LMT DB . -57.67 -20.44 -47.03
O5B LMT DB . -57.18 -20.70 -50.67
O6B LMT DB . -56.26 -23.28 -49.26
C1' LMT DB . -52.41 -18.69 -52.89
C2' LMT DB . -53.35 -17.49 -52.83
C3' LMT DB . -54.73 -17.81 -52.34
C4' LMT DB . -54.82 -19.02 -51.47
C5' LMT DB . -53.53 -19.36 -50.75
C6' LMT DB . -53.72 -20.68 -50.07
O1' LMT DB . -52.83 -19.56 -53.91
O2' LMT DB . -52.77 -16.49 -51.97
O3' LMT DB . -55.58 -18.02 -53.50
O5' LMT DB . -52.35 -19.45 -51.62
O6' LMT DB . -54.32 -21.61 -50.95
#